data_8ARI
#
_entry.id   8ARI
#
_cell.length_a   1.00
_cell.length_b   1.00
_cell.length_c   1.00
_cell.angle_alpha   90.00
_cell.angle_beta   90.00
_cell.angle_gamma   90.00
#
_symmetry.space_group_name_H-M   'P 1'
#
loop_
_entity.id
_entity.type
_entity.pdbx_description
1 polymer 'C-terminal-binding protein 1'
2 polymer 'Retinoic acid-induced protein 2'
3 non-polymer NICOTINAMIDE-ADENINE-DINUCLEOTIDE
#
loop_
_entity_poly.entity_id
_entity_poly.type
_entity_poly.pdbx_seq_one_letter_code
_entity_poly.pdbx_strand_id
1 'polypeptide(L)'
;HHHHHHSAGLEVLFQGPMGSSHLLNKGLPLGVRPPIMNGPLHPRPLVALLDGRDCTVEMPILKDVATVAFCDAQSTQEIH
EKVLNEAVGALMYHTITLTREDLEKFKALRIIVRIGSGFDNIDIKSAGDLGIAVCNVPAASVEETADSTLCHILNLYRRA
TWLHQALREGTRVQSVEQIREVASGAARIRGETLGIIGLGRVGQAVALRAKAFGFNVLFYDPYLSDGVERALGLQRVSTL
QDLLFHSDCVTLHCGLNEHNHHLINDFTVKQMRQGAFLVNTARGGLVDEKALAQALKEGRIRGAALDVHESEPFSFSQGP
LKDAPNLICTPHAAWYSEQASIEMREEAAREIRRAITGRIPDSLKNCVNKDHLTAATHWASMDPAVVHPELNGAAYRYPP
GVVGVAPTGIPAAVEGIVPSAMSLSHGLPPVAHPPHAPSPGQTVKPEADRDHASDQL
;
A,B,C,D,E,F,G,H,I,J,K,L,M,N,O,P,Q,R,S,T,U,V,W,X
2 'polypeptide(L)'
;HHHHHHPMKQYKLILNGKTLKGETTTEAVDAATAEKVFKQYANDNGVDGEWTYDDATKTFTVTEGSGSGSENLYFQGAMD
SRHTVIKMGSENEALDLSMKSVPWLKAGALDLSVAAHRKSEPPPETLYD
;
a,b,c,d,e,f,g,h,i,j
#
# COMPACT_ATOMS: atom_id res chain seq x y z
N ARG A 44 40.63 12.83 -96.23
CA ARG A 44 41.31 11.57 -96.51
C ARG A 44 41.59 11.42 -98.00
N PRO A 45 42.83 11.02 -98.33
CA PRO A 45 43.16 10.75 -99.73
C PRO A 45 42.37 9.59 -100.30
N LEU A 46 42.48 9.40 -101.60
CA LEU A 46 41.74 8.38 -102.33
C LEU A 46 42.69 7.35 -102.90
N VAL A 47 42.38 6.07 -102.69
CA VAL A 47 43.14 4.95 -103.23
C VAL A 47 42.19 4.12 -104.09
N ALA A 48 42.61 3.80 -105.31
CA ALA A 48 41.76 3.14 -106.29
C ALA A 48 42.35 1.81 -106.72
N LEU A 49 41.49 0.80 -106.85
CA LEU A 49 41.85 -0.50 -107.40
C LEU A 49 41.46 -0.51 -108.87
N LEU A 50 42.46 -0.52 -109.76
CA LEU A 50 42.20 -0.31 -111.17
C LEU A 50 41.38 -1.44 -111.78
N ASP A 51 41.78 -2.69 -111.53
CA ASP A 51 41.11 -3.85 -112.13
C ASP A 51 40.74 -4.82 -111.01
N GLY A 52 39.54 -4.65 -110.48
CA GLY A 52 39.06 -5.53 -109.41
C GLY A 52 37.72 -5.04 -108.90
N ARG A 53 37.08 -5.91 -108.13
CA ARG A 53 35.77 -5.60 -107.56
C ARG A 53 35.73 -5.93 -106.08
N ASP A 54 36.53 -6.88 -105.65
CA ASP A 54 36.54 -7.35 -104.28
C ASP A 54 37.65 -6.65 -103.49
N CYS A 55 37.27 -6.03 -102.38
CA CYS A 55 38.21 -5.30 -101.53
C CYS A 55 37.96 -5.61 -100.06
N THR A 56 37.64 -6.87 -99.76
CA THR A 56 37.31 -7.25 -98.39
C THR A 56 38.55 -7.34 -97.49
N VAL A 57 39.73 -7.49 -98.08
CA VAL A 57 40.95 -7.63 -97.28
C VAL A 57 41.64 -6.29 -97.09
N GLU A 58 41.70 -5.46 -98.14
CA GLU A 58 42.37 -4.18 -98.04
C GLU A 58 41.59 -3.15 -97.25
N MET A 59 40.26 -3.28 -97.21
CA MET A 59 39.43 -2.28 -96.55
C MET A 59 39.71 -2.13 -95.06
N PRO A 60 39.79 -3.19 -94.26
CA PRO A 60 40.05 -2.99 -92.82
C PRO A 60 41.40 -2.37 -92.51
N ILE A 61 42.36 -2.44 -93.43
CA ILE A 61 43.66 -1.83 -93.18
C ILE A 61 43.65 -0.36 -93.54
N LEU A 62 43.23 -0.03 -94.76
CA LEU A 62 43.21 1.35 -95.25
C LEU A 62 41.84 2.00 -95.04
N LYS A 63 41.33 1.99 -93.81
CA LYS A 63 40.05 2.62 -93.52
C LYS A 63 40.17 3.88 -92.69
N ASP A 64 41.21 4.01 -91.88
CA ASP A 64 41.41 5.18 -91.04
C ASP A 64 42.52 6.09 -91.56
N VAL A 65 43.03 5.83 -92.75
CA VAL A 65 44.08 6.66 -93.33
C VAL A 65 43.79 7.10 -94.75
N ALA A 66 42.82 6.49 -95.45
CA ALA A 66 42.55 6.83 -96.84
C ALA A 66 41.13 6.37 -97.19
N THR A 67 40.73 6.64 -98.43
CA THR A 67 39.42 6.23 -98.94
C THR A 67 39.63 5.25 -100.08
N VAL A 68 38.97 4.10 -99.99
CA VAL A 68 39.17 3.00 -100.94
C VAL A 68 38.07 3.03 -101.99
N ALA A 69 38.44 2.73 -103.23
CA ALA A 69 37.48 2.67 -104.33
C ALA A 69 38.00 1.68 -105.36
N PHE A 70 37.10 1.19 -106.21
CA PHE A 70 37.46 0.27 -107.27
C PHE A 70 36.82 0.70 -108.58
N CYS A 71 37.45 0.29 -109.68
CA CYS A 71 36.99 0.66 -111.01
C CYS A 71 36.57 -0.51 -111.88
N ASP A 72 37.14 -1.69 -111.66
CA ASP A 72 36.82 -2.89 -112.45
C ASP A 72 37.01 -2.63 -113.94
N ALA A 73 38.11 -1.98 -114.29
CA ALA A 73 38.38 -1.60 -115.67
C ALA A 73 39.14 -2.71 -116.39
N GLN A 74 38.92 -2.78 -117.70
CA GLN A 74 39.63 -3.72 -118.56
C GLN A 74 40.58 -3.04 -119.53
N SER A 75 40.57 -1.71 -119.59
CA SER A 75 41.45 -0.96 -120.47
C SER A 75 41.66 0.43 -119.88
N THR A 76 42.67 1.12 -120.39
CA THR A 76 42.99 2.46 -119.89
C THR A 76 41.89 3.47 -120.22
N GLN A 77 41.00 3.15 -121.15
CA GLN A 77 39.92 4.05 -121.54
C GLN A 77 38.69 3.90 -120.68
N GLU A 78 38.68 2.98 -119.71
CA GLU A 78 37.53 2.74 -118.85
C GLU A 78 37.76 3.24 -117.43
N ILE A 79 38.70 4.15 -117.24
CA ILE A 79 39.01 4.70 -115.92
C ILE A 79 38.19 5.97 -115.73
N HIS A 80 37.53 6.08 -114.58
CA HIS A 80 36.66 7.21 -114.30
C HIS A 80 37.46 8.50 -114.22
N GLU A 81 36.81 9.61 -114.57
CA GLU A 81 37.49 10.90 -114.59
C GLU A 81 37.93 11.34 -113.20
N LYS A 82 37.16 10.98 -112.16
CA LYS A 82 37.52 11.35 -110.80
C LYS A 82 38.84 10.71 -110.39
N VAL A 83 39.08 9.47 -110.81
CA VAL A 83 40.32 8.78 -110.47
C VAL A 83 41.51 9.50 -111.09
N LEU A 84 41.39 9.94 -112.35
CA LEU A 84 42.50 10.57 -113.05
C LEU A 84 42.90 11.90 -112.43
N ASN A 85 42.07 12.49 -111.57
CA ASN A 85 42.36 13.79 -110.99
C ASN A 85 42.64 13.76 -109.49
N GLU A 86 42.11 12.79 -108.76
CA GLU A 86 42.17 12.77 -107.30
C GLU A 86 42.59 11.41 -106.78
N ALA A 87 43.64 10.83 -107.36
CA ALA A 87 44.17 9.55 -106.91
C ALA A 87 45.61 9.71 -106.45
N VAL A 88 45.92 9.19 -105.28
CA VAL A 88 47.27 9.23 -104.74
C VAL A 88 48.01 7.91 -104.98
N GLY A 89 47.34 6.77 -104.77
CA GLY A 89 47.93 5.48 -105.01
C GLY A 89 46.97 4.59 -105.79
N ALA A 90 47.53 3.50 -106.32
CA ALA A 90 46.74 2.58 -107.13
C ALA A 90 47.25 1.15 -106.93
N LEU A 91 46.35 0.20 -107.11
CA LEU A 91 46.65 -1.22 -107.07
C LEU A 91 46.18 -1.87 -108.36
N MET A 92 47.00 -2.75 -108.93
CA MET A 92 46.68 -3.34 -110.21
C MET A 92 47.21 -4.77 -110.30
N TYR A 93 46.49 -5.61 -111.03
CA TYR A 93 46.91 -6.96 -111.35
C TYR A 93 47.62 -6.96 -112.71
N HIS A 94 47.79 -8.15 -113.29
CA HIS A 94 48.49 -8.32 -114.55
C HIS A 94 47.59 -8.15 -115.77
N THR A 95 46.32 -7.85 -115.59
CA THR A 95 45.36 -7.83 -116.70
C THR A 95 45.28 -6.48 -117.41
N ILE A 96 46.02 -5.47 -116.96
CA ILE A 96 45.96 -4.14 -117.55
C ILE A 96 47.39 -3.64 -117.76
N THR A 97 47.62 -2.96 -118.88
CA THR A 97 48.92 -2.46 -119.26
C THR A 97 48.90 -0.94 -119.30
N LEU A 98 49.93 -0.32 -118.73
CA LEU A 98 50.08 1.13 -118.68
C LEU A 98 51.30 1.55 -119.46
N THR A 99 51.13 2.54 -120.34
CA THR A 99 52.21 3.10 -121.13
C THR A 99 52.51 4.53 -120.67
N ARG A 100 53.45 5.17 -121.35
CA ARG A 100 53.83 6.53 -120.97
C ARG A 100 52.68 7.51 -121.19
N GLU A 101 51.94 7.35 -122.28
CA GLU A 101 50.80 8.22 -122.54
C GLU A 101 49.73 8.08 -121.45
N ASP A 102 49.50 6.85 -120.99
CA ASP A 102 48.53 6.63 -119.93
C ASP A 102 48.98 7.26 -118.62
N LEU A 103 50.28 7.21 -118.32
CA LEU A 103 50.77 7.76 -117.07
C LEU A 103 50.64 9.28 -117.03
N GLU A 104 50.81 9.94 -118.19
CA GLU A 104 50.73 11.39 -118.21
C GLU A 104 49.33 11.91 -117.93
N LYS A 105 48.30 11.07 -118.05
CA LYS A 105 46.94 11.51 -117.79
C LYS A 105 46.65 11.65 -116.29
N PHE A 106 47.44 11.03 -115.43
CA PHE A 106 47.28 11.18 -114.00
C PHE A 106 47.87 12.50 -113.53
N LYS A 107 47.18 13.16 -112.60
CA LYS A 107 47.60 14.48 -112.12
C LYS A 107 48.05 14.48 -110.66
N ALA A 108 47.76 13.44 -109.90
CA ALA A 108 48.17 13.40 -108.50
C ALA A 108 48.72 12.06 -108.07
N LEU A 109 48.97 11.13 -109.00
CA LEU A 109 49.49 9.82 -108.64
C LEU A 109 50.92 9.95 -108.11
N ARG A 110 51.23 9.15 -107.08
CA ARG A 110 52.53 9.23 -106.45
C ARG A 110 53.18 7.86 -106.28
N ILE A 111 52.38 6.81 -106.20
CA ILE A 111 52.91 5.47 -105.98
C ILE A 111 52.00 4.45 -106.66
N ILE A 112 52.60 3.41 -107.22
CA ILE A 112 51.89 2.29 -107.82
C ILE A 112 52.42 1.01 -107.18
N VAL A 113 51.51 0.17 -106.69
CA VAL A 113 51.87 -1.10 -106.07
C VAL A 113 51.29 -2.24 -106.89
N ARG A 114 52.16 -3.16 -107.32
CA ARG A 114 51.77 -4.29 -108.14
C ARG A 114 51.61 -5.52 -107.27
N ILE A 115 50.43 -6.12 -107.29
CA ILE A 115 50.15 -7.32 -106.48
C ILE A 115 50.69 -8.54 -107.21
N GLY A 116 51.93 -8.88 -106.95
CA GLY A 116 52.58 -9.99 -107.63
C GLY A 116 54.07 -9.73 -107.72
N SER A 117 54.72 -10.54 -108.55
CA SER A 117 56.17 -10.47 -108.72
C SER A 117 56.63 -9.88 -110.04
N GLY A 118 55.77 -9.86 -111.05
CA GLY A 118 56.13 -9.35 -112.37
C GLY A 118 55.64 -7.92 -112.56
N PHE A 119 56.48 -7.11 -113.20
CA PHE A 119 56.14 -5.71 -113.46
C PHE A 119 56.48 -5.32 -114.89
N ASP A 120 56.43 -6.26 -115.82
CA ASP A 120 56.75 -5.98 -117.22
C ASP A 120 55.64 -5.24 -117.95
N ASN A 121 54.47 -5.09 -117.34
CA ASN A 121 53.35 -4.38 -117.96
C ASN A 121 53.31 -2.91 -117.58
N ILE A 122 54.33 -2.41 -116.87
CA ILE A 122 54.42 -1.02 -116.47
C ILE A 122 55.73 -0.46 -117.00
N ASP A 123 55.67 0.72 -117.61
CA ASP A 123 56.88 1.39 -118.10
C ASP A 123 57.64 1.95 -116.90
N ILE A 124 58.68 1.24 -116.47
CA ILE A 124 59.39 1.59 -115.25
C ILE A 124 60.15 2.90 -115.44
N LYS A 125 60.88 3.02 -116.55
CA LYS A 125 61.73 4.19 -116.76
C LYS A 125 60.91 5.47 -116.89
N SER A 126 59.79 5.41 -117.62
CA SER A 126 58.97 6.59 -117.82
C SER A 126 58.35 7.07 -116.51
N ALA A 127 57.92 6.14 -115.66
CA ALA A 127 57.32 6.53 -114.38
C ALA A 127 58.32 7.21 -113.47
N GLY A 128 59.61 6.85 -113.58
CA GLY A 128 60.62 7.49 -112.76
C GLY A 128 60.79 8.97 -113.08
N ASP A 129 60.76 9.32 -114.37
CA ASP A 129 60.90 10.71 -114.77
C ASP A 129 59.75 11.56 -114.25
N LEU A 130 58.53 11.03 -114.31
CA LEU A 130 57.37 11.77 -113.83
C LEU A 130 57.30 11.86 -112.31
N GLY A 131 58.09 11.07 -111.59
CA GLY A 131 58.10 11.12 -110.14
C GLY A 131 57.11 10.17 -109.51
N ILE A 132 57.04 8.94 -110.01
CA ILE A 132 56.12 7.93 -109.50
C ILE A 132 56.93 6.70 -109.11
N ALA A 133 56.67 6.17 -107.93
CA ALA A 133 57.37 5.01 -107.41
C ALA A 133 56.57 3.74 -107.68
N VAL A 134 57.26 2.66 -108.00
CA VAL A 134 56.64 1.38 -108.33
C VAL A 134 57.15 0.34 -107.35
N CYS A 135 56.22 -0.43 -106.77
CA CYS A 135 56.53 -1.47 -105.80
C CYS A 135 55.86 -2.77 -106.21
N ASN A 136 56.30 -3.87 -105.58
CA ASN A 136 55.73 -5.18 -105.86
C ASN A 136 55.94 -6.07 -104.65
N VAL A 137 55.37 -7.27 -104.72
CA VAL A 137 55.53 -8.30 -103.69
C VAL A 137 56.49 -9.35 -104.24
N PRO A 138 57.74 -9.40 -103.76
CA PRO A 138 58.76 -10.23 -104.43
C PRO A 138 58.51 -11.72 -104.35
N ALA A 139 58.24 -12.23 -103.15
CA ALA A 139 58.17 -13.68 -102.93
C ALA A 139 57.00 -13.99 -102.00
N ALA A 140 55.89 -14.43 -102.59
CA ALA A 140 54.76 -14.89 -101.80
C ALA A 140 54.23 -16.21 -102.35
N SER A 141 54.59 -16.55 -103.59
CA SER A 141 54.15 -17.78 -104.24
C SER A 141 55.33 -18.47 -104.91
N VAL A 142 56.48 -18.49 -104.24
CA VAL A 142 57.64 -19.17 -104.80
C VAL A 142 57.41 -20.68 -104.83
N GLU A 143 56.93 -21.24 -103.73
CA GLU A 143 56.77 -22.69 -103.64
C GLU A 143 55.54 -23.18 -104.41
N GLU A 144 54.49 -22.36 -104.49
CA GLU A 144 53.32 -22.75 -105.29
C GLU A 144 53.68 -22.90 -106.76
N THR A 145 54.47 -21.97 -107.30
CA THR A 145 54.83 -22.04 -108.71
C THR A 145 55.79 -23.19 -108.97
N ALA A 146 56.69 -23.47 -108.02
CA ALA A 146 57.64 -24.58 -108.20
C ALA A 146 56.92 -25.92 -108.23
N ASP A 147 55.90 -26.10 -107.38
CA ASP A 147 55.15 -27.35 -107.37
C ASP A 147 54.36 -27.52 -108.66
N SER A 148 53.80 -26.44 -109.19
CA SER A 148 53.04 -26.53 -110.44
C SER A 148 53.95 -26.88 -111.61
N THR A 149 55.19 -26.39 -111.62
CA THR A 149 56.12 -26.74 -112.68
C THR A 149 56.44 -28.22 -112.67
N LEU A 150 56.64 -28.80 -111.48
CA LEU A 150 56.93 -30.23 -111.39
C LEU A 150 55.73 -31.08 -111.82
N CYS A 151 54.51 -30.59 -111.56
CA CYS A 151 53.33 -31.33 -111.97
C CYS A 151 53.24 -31.45 -113.49
N HIS A 152 53.57 -30.37 -114.21
CA HIS A 152 53.52 -30.41 -115.66
C HIS A 152 54.60 -31.33 -116.23
N ILE A 153 55.78 -31.36 -115.61
CA ILE A 153 56.85 -32.21 -116.10
C ILE A 153 56.47 -33.69 -115.99
N LEU A 154 55.86 -34.08 -114.87
CA LEU A 154 55.48 -35.47 -114.68
C LEU A 154 54.36 -35.89 -115.63
N ASN A 155 53.45 -34.97 -115.96
CA ASN A 155 52.37 -35.31 -116.88
C ASN A 155 52.89 -35.64 -118.27
N LEU A 156 53.99 -35.02 -118.69
CA LEU A 156 54.53 -35.30 -120.02
C LEU A 156 55.20 -36.67 -120.08
N TYR A 157 55.95 -37.03 -119.03
CA TYR A 157 56.62 -38.33 -119.01
C TYR A 157 55.64 -39.45 -118.69
N ARG A 158 55.02 -39.40 -117.51
CA ARG A 158 54.00 -40.37 -117.12
C ARG A 158 52.65 -39.79 -117.52
N ARG A 159 52.20 -40.12 -118.73
CA ARG A 159 50.98 -39.56 -119.28
C ARG A 159 49.79 -39.85 -118.38
N ALA A 160 49.24 -38.82 -117.74
CA ALA A 160 48.13 -38.98 -116.81
C ALA A 160 46.92 -38.16 -117.18
N THR A 161 47.11 -36.91 -117.63
CA THR A 161 45.99 -36.10 -118.09
C THR A 161 45.38 -36.68 -119.36
N TRP A 162 46.22 -37.15 -120.27
CA TRP A 162 45.72 -37.69 -121.53
C TRP A 162 44.99 -39.01 -121.33
N LEU A 163 45.48 -39.84 -120.40
CA LEU A 163 44.79 -41.10 -120.11
C LEU A 163 43.43 -40.86 -119.47
N HIS A 164 43.35 -39.90 -118.54
CA HIS A 164 42.07 -39.57 -117.93
C HIS A 164 41.10 -38.99 -118.95
N GLN A 165 41.60 -38.17 -119.88
CA GLN A 165 40.74 -37.59 -120.91
C GLN A 165 40.18 -38.66 -121.82
N ALA A 166 40.97 -39.68 -122.13
CA ALA A 166 40.52 -40.72 -123.05
C ALA A 166 39.35 -41.52 -122.46
N LEU A 167 39.38 -41.78 -121.15
CA LEU A 167 38.31 -42.56 -120.53
C LEU A 167 36.98 -41.82 -120.59
N ARG A 168 37.00 -40.50 -120.40
CA ARG A 168 35.75 -39.74 -120.44
C ARG A 168 35.15 -39.71 -121.84
N GLU A 169 35.97 -39.84 -122.89
CA GLU A 169 35.46 -39.88 -124.24
C GLU A 169 34.81 -41.20 -124.59
N GLY A 170 34.92 -42.22 -123.74
CA GLY A 170 34.29 -43.50 -123.98
C GLY A 170 35.22 -44.61 -124.42
N THR A 171 36.53 -44.38 -124.43
CA THR A 171 37.47 -45.41 -124.84
C THR A 171 37.48 -46.55 -123.82
N ARG A 172 37.49 -47.78 -124.33
CA ARG A 172 37.49 -48.98 -123.51
C ARG A 172 38.74 -49.80 -123.81
N VAL A 173 39.49 -50.14 -122.78
CA VAL A 173 40.71 -50.93 -122.91
C VAL A 173 40.62 -52.12 -121.96
N GLN A 174 40.80 -53.33 -122.50
CA GLN A 174 40.67 -54.55 -121.72
C GLN A 174 41.94 -55.38 -121.73
N SER A 175 42.51 -55.64 -122.90
CA SER A 175 43.69 -56.50 -123.00
C SER A 175 44.97 -55.70 -122.74
N VAL A 176 46.06 -56.43 -122.54
CA VAL A 176 47.35 -55.79 -122.29
C VAL A 176 47.84 -55.07 -123.54
N GLU A 177 47.59 -55.65 -124.72
CA GLU A 177 48.02 -55.01 -125.96
C GLU A 177 47.36 -53.65 -126.14
N GLN A 178 46.09 -53.53 -125.73
CA GLN A 178 45.42 -52.23 -125.80
C GLN A 178 46.04 -51.24 -124.84
N ILE A 179 46.49 -51.70 -123.67
CA ILE A 179 47.12 -50.80 -122.70
C ILE A 179 48.42 -50.23 -123.26
N ARG A 180 49.23 -51.06 -123.91
CA ARG A 180 50.48 -50.59 -124.47
C ARG A 180 50.28 -49.57 -125.59
N GLU A 181 49.11 -49.56 -126.22
CA GLU A 181 48.86 -48.67 -127.35
C GLU A 181 48.32 -47.31 -126.91
N VAL A 182 47.37 -47.30 -125.97
CA VAL A 182 46.79 -46.04 -125.51
C VAL A 182 47.83 -45.22 -124.75
N ALA A 183 48.69 -45.88 -123.98
CA ALA A 183 49.72 -45.21 -123.20
C ALA A 183 51.09 -45.27 -123.87
N SER A 184 51.12 -45.30 -125.20
CA SER A 184 52.40 -45.37 -125.90
C SER A 184 53.08 -44.01 -125.87
N GLY A 185 54.36 -44.01 -125.49
CA GLY A 185 55.16 -42.81 -125.40
C GLY A 185 55.75 -42.52 -124.04
N ALA A 186 55.33 -43.23 -123.00
CA ALA A 186 55.90 -43.02 -121.67
C ALA A 186 57.36 -43.42 -121.63
N ALA A 187 58.14 -42.70 -120.83
CA ALA A 187 59.58 -42.89 -120.77
C ALA A 187 60.03 -43.02 -119.31
N ARG A 188 61.32 -43.32 -119.14
CA ARG A 188 61.92 -43.48 -117.83
C ARG A 188 62.67 -42.20 -117.46
N ILE A 189 62.35 -41.66 -116.27
CA ILE A 189 62.86 -40.35 -115.89
C ILE A 189 64.35 -40.41 -115.59
N ARG A 190 64.80 -41.44 -114.88
CA ARG A 190 66.20 -41.49 -114.45
C ARG A 190 67.14 -41.56 -115.64
N GLY A 191 68.18 -40.72 -115.61
CA GLY A 191 69.15 -40.64 -116.67
C GLY A 191 68.94 -39.51 -117.66
N GLU A 192 67.82 -38.81 -117.57
CA GLU A 192 67.53 -37.72 -118.50
C GLU A 192 68.21 -36.44 -118.05
N THR A 193 68.24 -35.45 -118.95
CA THR A 193 68.87 -34.17 -118.70
C THR A 193 67.81 -33.08 -118.70
N LEU A 194 67.84 -32.20 -117.70
CA LEU A 194 66.89 -31.11 -117.57
C LEU A 194 67.63 -29.78 -117.73
N GLY A 195 67.12 -28.92 -118.59
CA GLY A 195 67.70 -27.61 -118.85
C GLY A 195 66.81 -26.51 -118.32
N ILE A 196 67.43 -25.57 -117.61
CA ILE A 196 66.73 -24.46 -116.96
C ILE A 196 67.31 -23.16 -117.48
N ILE A 197 66.44 -22.23 -117.85
CA ILE A 197 66.84 -20.91 -118.35
C ILE A 197 66.44 -19.89 -117.29
N GLY A 198 67.42 -19.38 -116.55
CA GLY A 198 67.16 -18.42 -115.50
C GLY A 198 67.09 -19.05 -114.13
N LEU A 199 68.13 -18.86 -113.32
CA LEU A 199 68.20 -19.45 -111.99
C LEU A 199 67.90 -18.36 -110.95
N GLY A 200 66.61 -18.12 -110.75
CA GLY A 200 66.13 -17.17 -109.77
C GLY A 200 65.59 -17.84 -108.53
N ARG A 201 64.58 -17.21 -107.93
CA ARG A 201 63.92 -17.81 -106.77
C ARG A 201 63.20 -19.10 -107.17
N VAL A 202 62.40 -19.04 -108.23
CA VAL A 202 61.68 -20.23 -108.68
C VAL A 202 62.65 -21.24 -109.30
N GLY A 203 63.65 -20.76 -110.03
CA GLY A 203 64.57 -21.67 -110.68
C GLY A 203 65.34 -22.53 -109.71
N GLN A 204 65.76 -21.95 -108.58
CA GLN A 204 66.49 -22.73 -107.58
C GLN A 204 65.59 -23.76 -106.92
N ALA A 205 64.32 -23.41 -106.68
CA ALA A 205 63.40 -24.35 -106.05
C ALA A 205 63.15 -25.56 -106.93
N VAL A 206 63.03 -25.35 -108.24
CA VAL A 206 62.78 -26.46 -109.16
C VAL A 206 63.99 -27.39 -109.22
N ALA A 207 65.21 -26.83 -109.18
CA ALA A 207 66.41 -27.64 -109.31
C ALA A 207 66.54 -28.62 -108.15
N LEU A 208 66.23 -28.18 -106.93
CA LEU A 208 66.37 -29.06 -105.77
C LEU A 208 65.40 -30.23 -105.84
N ARG A 209 64.15 -29.97 -106.26
CA ARG A 209 63.17 -31.03 -106.33
C ARG A 209 63.43 -32.00 -107.47
N ALA A 210 64.05 -31.52 -108.55
CA ALA A 210 64.29 -32.38 -109.71
C ALA A 210 65.39 -33.40 -109.48
N LYS A 211 66.29 -33.15 -108.52
CA LYS A 211 67.38 -34.09 -108.28
C LYS A 211 66.92 -35.34 -107.55
N ALA A 212 65.79 -35.29 -106.84
CA ALA A 212 65.29 -36.45 -106.13
C ALA A 212 64.75 -37.52 -107.07
N PHE A 213 64.39 -37.15 -108.30
CA PHE A 213 63.86 -38.09 -109.28
C PHE A 213 64.93 -38.68 -110.18
N GLY A 214 66.17 -38.25 -110.06
CA GLY A 214 67.25 -38.77 -110.89
C GLY A 214 67.61 -37.92 -112.09
N PHE A 215 67.11 -36.70 -112.18
CA PHE A 215 67.43 -35.84 -113.32
C PHE A 215 68.88 -35.36 -113.24
N ASN A 216 69.40 -34.95 -114.40
CA ASN A 216 70.69 -34.28 -114.52
C ASN A 216 70.40 -32.84 -114.92
N VAL A 217 70.86 -31.88 -114.11
CA VAL A 217 70.40 -30.50 -114.19
C VAL A 217 71.51 -29.62 -114.74
N LEU A 218 71.18 -28.82 -115.76
CA LEU A 218 72.01 -27.76 -116.28
C LEU A 218 71.24 -26.46 -116.23
N PHE A 219 71.96 -25.34 -116.25
CA PHE A 219 71.28 -24.04 -116.26
C PHE A 219 72.12 -23.02 -117.01
N TYR A 220 71.45 -21.95 -117.44
CA TYR A 220 72.09 -20.88 -118.19
C TYR A 220 71.59 -19.55 -117.65
N ASP A 221 72.51 -18.71 -117.17
CA ASP A 221 72.17 -17.40 -116.64
C ASP A 221 73.36 -16.47 -116.78
N PRO A 222 73.26 -15.43 -117.62
CA PRO A 222 74.40 -14.54 -117.86
C PRO A 222 74.55 -13.38 -116.88
N TYR A 223 73.63 -13.21 -115.93
CA TYR A 223 73.67 -12.08 -115.01
C TYR A 223 74.06 -12.50 -113.59
N LEU A 224 74.50 -13.73 -113.40
CA LEU A 224 74.90 -14.22 -112.09
C LEU A 224 76.41 -14.13 -111.90
N SER A 225 76.84 -14.21 -110.64
CA SER A 225 78.25 -14.14 -110.30
C SER A 225 78.87 -15.53 -110.47
N ASP A 226 80.11 -15.69 -110.01
CA ASP A 226 80.85 -16.93 -110.15
C ASP A 226 80.75 -17.77 -108.89
N GLY A 227 80.59 -19.07 -109.06
CA GLY A 227 80.55 -20.00 -107.95
C GLY A 227 79.17 -20.28 -107.38
N VAL A 228 78.11 -19.77 -107.99
CA VAL A 228 76.77 -20.07 -107.50
C VAL A 228 76.45 -21.55 -107.69
N GLU A 229 76.93 -22.14 -108.79
CA GLU A 229 76.69 -23.56 -109.03
C GLU A 229 77.49 -24.44 -108.09
N ARG A 230 78.61 -23.96 -107.56
CA ARG A 230 79.40 -24.75 -106.62
C ARG A 230 78.63 -25.03 -105.34
N ALA A 231 77.90 -24.03 -104.85
CA ALA A 231 77.16 -24.21 -103.61
C ALA A 231 76.05 -25.24 -103.76
N LEU A 232 75.33 -25.21 -104.88
CA LEU A 232 74.21 -26.11 -105.10
C LEU A 232 74.61 -27.41 -105.81
N GLY A 233 75.86 -27.52 -106.24
CA GLY A 233 76.31 -28.73 -106.93
C GLY A 233 75.65 -28.96 -108.28
N LEU A 234 75.52 -27.92 -109.09
CA LEU A 234 74.93 -28.01 -110.41
C LEU A 234 76.01 -27.80 -111.47
N GLN A 235 75.58 -27.79 -112.73
CA GLN A 235 76.47 -27.59 -113.87
C GLN A 235 75.98 -26.39 -114.67
N ARG A 236 76.94 -25.58 -115.14
CA ARG A 236 76.63 -24.30 -115.78
C ARG A 236 77.23 -24.25 -117.17
N VAL A 237 76.45 -23.73 -118.12
CA VAL A 237 76.92 -23.49 -119.48
C VAL A 237 77.01 -22.00 -119.72
N SER A 238 77.63 -21.62 -120.83
CA SER A 238 77.91 -20.22 -121.13
C SER A 238 77.10 -19.64 -122.27
N THR A 239 76.52 -20.48 -123.13
CA THR A 239 75.76 -20.01 -124.28
C THR A 239 74.41 -20.71 -124.32
N LEU A 240 73.42 -20.02 -124.90
CA LEU A 240 72.09 -20.61 -125.03
C LEU A 240 72.09 -21.78 -126.00
N GLN A 241 72.88 -21.69 -127.07
CA GLN A 241 72.92 -22.77 -128.05
C GLN A 241 73.44 -24.06 -127.44
N ASP A 242 74.43 -23.97 -126.56
CA ASP A 242 74.98 -25.17 -125.93
C ASP A 242 73.95 -25.85 -125.02
N LEU A 243 73.09 -25.07 -124.37
CA LEU A 243 72.07 -25.65 -123.51
C LEU A 243 71.05 -26.44 -124.32
N LEU A 244 70.66 -25.92 -125.49
CA LEU A 244 69.63 -26.60 -126.29
C LEU A 244 70.17 -27.88 -126.92
N PHE A 245 71.47 -27.97 -127.16
CA PHE A 245 72.03 -29.14 -127.82
C PHE A 245 72.00 -30.37 -126.91
N HIS A 246 72.12 -30.17 -125.60
CA HIS A 246 72.30 -31.28 -124.66
C HIS A 246 71.16 -31.39 -123.65
N SER A 247 69.95 -31.01 -124.04
CA SER A 247 68.80 -31.01 -123.15
C SER A 247 67.69 -31.87 -123.72
N ASP A 248 67.02 -32.62 -122.85
CA ASP A 248 65.84 -33.39 -123.22
C ASP A 248 64.53 -32.75 -122.76
N CYS A 249 64.60 -31.73 -121.90
CA CYS A 249 63.42 -31.01 -121.44
C CYS A 249 63.85 -29.60 -121.07
N VAL A 250 63.15 -28.60 -121.59
CA VAL A 250 63.51 -27.20 -121.41
C VAL A 250 62.40 -26.49 -120.65
N THR A 251 62.77 -25.76 -119.61
CA THR A 251 61.84 -24.97 -118.81
C THR A 251 62.32 -23.54 -118.77
N LEU A 252 61.38 -22.60 -118.85
CA LEU A 252 61.68 -21.17 -118.87
C LEU A 252 61.32 -20.55 -117.52
N HIS A 253 62.29 -19.86 -116.92
CA HIS A 253 62.06 -19.20 -115.64
C HIS A 253 62.68 -17.80 -115.58
N CYS A 254 62.89 -17.16 -116.73
CA CYS A 254 63.53 -15.86 -116.78
C CYS A 254 62.48 -14.75 -116.76
N GLY A 255 62.94 -13.51 -116.77
CA GLY A 255 62.08 -12.36 -116.83
C GLY A 255 61.96 -11.81 -118.23
N LEU A 256 60.91 -11.00 -118.45
CA LEU A 256 60.62 -10.46 -119.78
C LEU A 256 61.13 -9.02 -119.84
N ASN A 257 62.41 -8.87 -120.16
CA ASN A 257 62.99 -7.57 -120.43
C ASN A 257 62.92 -7.29 -121.93
N GLU A 258 63.61 -6.25 -122.39
CA GLU A 258 63.55 -5.85 -123.78
C GLU A 258 64.61 -6.54 -124.65
N HIS A 259 65.44 -7.40 -124.08
CA HIS A 259 66.48 -8.08 -124.83
C HIS A 259 66.18 -9.56 -125.06
N ASN A 260 65.01 -10.04 -124.65
CA ASN A 260 64.69 -11.46 -124.80
C ASN A 260 63.26 -11.67 -125.28
N HIS A 261 62.72 -10.73 -126.05
CA HIS A 261 61.40 -10.93 -126.63
C HIS A 261 61.47 -11.98 -127.73
N HIS A 262 60.54 -12.92 -127.71
CA HIS A 262 60.53 -14.06 -128.62
C HIS A 262 61.86 -14.80 -128.58
N LEU A 263 62.23 -15.24 -127.36
CA LEU A 263 63.48 -15.96 -127.18
C LEU A 263 63.47 -17.28 -127.94
N ILE A 264 62.36 -18.01 -127.87
CA ILE A 264 62.20 -19.26 -128.63
C ILE A 264 61.54 -18.87 -129.94
N ASN A 265 62.35 -18.49 -130.92
CA ASN A 265 61.87 -18.08 -132.22
C ASN A 265 62.01 -19.23 -133.21
N ASP A 266 61.79 -18.94 -134.49
CA ASP A 266 61.86 -19.98 -135.52
C ASP A 266 63.26 -20.54 -135.66
N PHE A 267 64.27 -19.67 -135.61
CA PHE A 267 65.65 -20.13 -135.81
C PHE A 267 66.12 -21.01 -134.66
N THR A 268 65.80 -20.63 -133.42
CA THR A 268 66.28 -21.37 -132.26
C THR A 268 65.54 -22.69 -132.06
N VAL A 269 64.29 -22.78 -132.51
CA VAL A 269 63.52 -24.00 -132.29
C VAL A 269 64.05 -25.16 -133.11
N LYS A 270 64.87 -24.89 -134.13
CA LYS A 270 65.48 -25.95 -134.94
C LYS A 270 66.79 -26.45 -134.36
N GLN A 271 67.28 -25.85 -133.28
CA GLN A 271 68.50 -26.29 -132.63
C GLN A 271 68.26 -27.28 -131.51
N MET A 272 67.00 -27.56 -131.16
CA MET A 272 66.69 -28.50 -130.11
C MET A 272 66.82 -29.93 -130.62
N ARG A 273 66.84 -30.88 -129.68
CA ARG A 273 66.99 -32.28 -130.03
C ARG A 273 65.73 -32.81 -130.71
N GLN A 274 65.84 -34.02 -131.24
CA GLN A 274 64.72 -34.70 -131.89
C GLN A 274 63.84 -35.35 -130.83
N GLY A 275 62.65 -34.79 -130.63
CA GLY A 275 61.72 -35.35 -129.67
C GLY A 275 61.95 -34.86 -128.25
N ALA A 276 61.95 -33.54 -128.07
CA ALA A 276 62.13 -32.92 -126.76
C ALA A 276 60.82 -32.34 -126.27
N PHE A 277 60.80 -31.96 -124.99
CA PHE A 277 59.64 -31.34 -124.37
C PHE A 277 59.91 -29.86 -124.14
N LEU A 278 58.85 -29.14 -123.75
CA LEU A 278 58.94 -27.72 -123.50
C LEU A 278 57.88 -27.31 -122.49
N VAL A 279 58.31 -26.64 -121.43
CA VAL A 279 57.41 -26.16 -120.38
C VAL A 279 57.63 -24.66 -120.22
N ASN A 280 56.54 -23.89 -120.20
CA ASN A 280 56.59 -22.45 -120.06
C ASN A 280 55.59 -22.01 -119.00
N THR A 281 56.09 -21.39 -117.94
CA THR A 281 55.23 -20.86 -116.88
C THR A 281 55.63 -19.47 -116.44
N ALA A 282 56.51 -18.78 -117.17
CA ALA A 282 56.99 -17.47 -116.77
C ALA A 282 56.18 -16.35 -117.43
N ARG A 283 56.26 -16.24 -118.76
CA ARG A 283 55.56 -15.20 -119.49
C ARG A 283 55.24 -15.69 -120.88
N GLY A 284 54.25 -15.06 -121.50
CA GLY A 284 53.77 -15.49 -122.81
C GLY A 284 54.57 -14.94 -123.97
N GLY A 285 55.29 -13.84 -123.75
CA GLY A 285 56.05 -13.21 -124.81
C GLY A 285 57.38 -13.83 -125.12
N LEU A 286 57.78 -14.87 -124.39
CA LEU A 286 59.06 -15.52 -124.60
C LEU A 286 59.02 -16.60 -125.67
N VAL A 287 57.84 -17.00 -126.14
CA VAL A 287 57.68 -18.10 -127.09
C VAL A 287 56.87 -17.60 -128.27
N ASP A 288 57.34 -17.91 -129.48
CA ASP A 288 56.62 -17.62 -130.72
C ASP A 288 55.68 -18.79 -131.00
N GLU A 289 54.38 -18.58 -130.79
CA GLU A 289 53.42 -19.67 -130.91
C GLU A 289 53.26 -20.14 -132.35
N LYS A 290 53.50 -19.25 -133.32
CA LYS A 290 53.37 -19.65 -134.72
C LYS A 290 54.40 -20.71 -135.10
N ALA A 291 55.63 -20.54 -134.63
CA ALA A 291 56.68 -21.52 -134.93
C ALA A 291 56.51 -22.80 -134.11
N LEU A 292 55.97 -22.68 -132.90
CA LEU A 292 55.78 -23.86 -132.06
C LEU A 292 54.76 -24.82 -132.66
N ALA A 293 53.70 -24.27 -133.27
CA ALA A 293 52.65 -25.12 -133.83
C ALA A 293 53.18 -26.01 -134.95
N GLN A 294 54.04 -25.47 -135.81
CA GLN A 294 54.59 -26.26 -136.90
C GLN A 294 55.47 -27.39 -136.38
N ALA A 295 56.23 -27.14 -135.31
CA ALA A 295 57.10 -28.17 -134.76
C ALA A 295 56.30 -29.35 -134.21
N LEU A 296 55.17 -29.07 -133.55
CA LEU A 296 54.35 -30.14 -133.00
C LEU A 296 53.78 -31.02 -134.10
N LYS A 297 53.33 -30.41 -135.20
CA LYS A 297 52.72 -31.20 -136.28
C LYS A 297 53.74 -32.10 -136.96
N GLU A 298 54.94 -31.57 -137.26
CA GLU A 298 55.95 -32.37 -137.94
C GLU A 298 56.54 -33.45 -137.05
N GLY A 299 56.45 -33.29 -135.73
CA GLY A 299 56.96 -34.28 -134.81
C GLY A 299 58.33 -34.01 -134.22
N ARG A 300 58.90 -32.83 -134.48
CA ARG A 300 60.20 -32.50 -133.89
C ARG A 300 60.11 -32.28 -132.39
N ILE A 301 58.94 -31.94 -131.86
CA ILE A 301 58.72 -31.74 -130.43
C ILE A 301 57.64 -32.72 -130.00
N ARG A 302 57.94 -33.54 -129.00
CA ARG A 302 57.00 -34.58 -128.59
C ARG A 302 55.78 -34.00 -127.87
N GLY A 303 55.97 -32.96 -127.07
CA GLY A 303 54.85 -32.36 -126.37
C GLY A 303 55.25 -31.03 -125.77
N ALA A 304 54.24 -30.32 -125.28
CA ALA A 304 54.45 -29.01 -124.69
C ALA A 304 53.33 -28.72 -123.69
N ALA A 305 53.71 -28.17 -122.53
CA ALA A 305 52.77 -27.75 -121.51
C ALA A 305 52.93 -26.25 -121.30
N LEU A 306 51.84 -25.52 -121.42
CA LEU A 306 51.86 -24.06 -121.36
C LEU A 306 50.88 -23.57 -120.30
N ASP A 307 51.32 -22.57 -119.53
CA ASP A 307 50.46 -21.91 -118.55
C ASP A 307 50.20 -20.45 -118.88
N VAL A 308 51.02 -19.82 -119.71
CA VAL A 308 50.86 -18.44 -120.11
C VAL A 308 50.96 -18.35 -121.63
N HIS A 309 50.15 -17.48 -122.23
CA HIS A 309 50.07 -17.37 -123.68
C HIS A 309 50.20 -15.91 -124.09
N GLU A 310 50.49 -15.69 -125.37
CA GLU A 310 50.65 -14.33 -125.89
C GLU A 310 49.35 -13.56 -125.79
N SER A 311 48.23 -14.18 -126.17
CA SER A 311 46.93 -13.54 -126.13
C SER A 311 46.06 -14.24 -125.09
N GLU A 312 45.50 -13.47 -124.17
CA GLU A 312 44.66 -14.00 -123.11
C GLU A 312 43.33 -13.26 -123.09
N PRO A 313 42.23 -13.95 -122.73
CA PRO A 313 42.15 -15.36 -122.31
C PRO A 313 42.34 -16.35 -123.46
N PHE A 314 42.71 -17.58 -123.11
CA PHE A 314 43.04 -18.61 -124.08
C PHE A 314 41.82 -19.45 -124.41
N SER A 315 41.70 -19.83 -125.68
CA SER A 315 40.62 -20.70 -126.15
C SER A 315 41.18 -21.70 -127.14
N PHE A 316 40.74 -22.96 -127.03
CA PHE A 316 41.24 -24.00 -127.92
C PHE A 316 40.76 -23.84 -129.35
N SER A 317 39.71 -23.07 -129.58
CA SER A 317 39.12 -22.92 -130.91
C SER A 317 39.68 -21.72 -131.68
N GLN A 318 40.58 -20.95 -131.10
CA GLN A 318 41.12 -19.77 -131.74
C GLN A 318 42.63 -19.71 -131.56
N GLY A 319 43.31 -19.05 -132.48
CA GLY A 319 44.73 -18.84 -132.39
C GLY A 319 45.53 -19.78 -133.26
N PRO A 320 46.85 -19.57 -133.31
CA PRO A 320 47.71 -20.47 -134.11
C PRO A 320 47.72 -21.90 -133.62
N LEU A 321 47.37 -22.14 -132.36
CA LEU A 321 47.36 -23.49 -131.78
C LEU A 321 45.97 -24.11 -131.82
N LYS A 322 45.17 -23.79 -132.85
CA LYS A 322 43.81 -24.30 -132.92
C LYS A 322 43.78 -25.82 -133.02
N ASP A 323 44.67 -26.40 -133.83
CA ASP A 323 44.72 -27.85 -134.04
C ASP A 323 46.18 -28.28 -133.97
N ALA A 324 46.66 -28.58 -132.77
CA ALA A 324 48.02 -29.04 -132.57
C ALA A 324 48.02 -30.20 -131.59
N PRO A 325 48.59 -31.34 -131.97
CA PRO A 325 48.57 -32.50 -131.07
C PRO A 325 49.52 -32.35 -129.90
N ASN A 326 49.23 -33.10 -128.84
CA ASN A 326 50.09 -33.19 -127.65
C ASN A 326 50.29 -31.82 -127.01
N LEU A 327 49.18 -31.26 -126.52
CA LEU A 327 49.19 -29.93 -125.92
C LEU A 327 48.43 -29.95 -124.60
N ILE A 328 49.00 -29.31 -123.58
CA ILE A 328 48.37 -29.15 -122.28
C ILE A 328 48.39 -27.67 -121.93
N CYS A 329 47.23 -27.13 -121.56
CA CYS A 329 47.10 -25.72 -121.25
C CYS A 329 46.31 -25.51 -119.97
N THR A 330 46.69 -24.48 -119.22
CA THR A 330 46.02 -24.06 -118.00
C THR A 330 45.75 -22.57 -118.04
N PRO A 331 44.69 -22.09 -117.36
CA PRO A 331 44.27 -20.69 -117.46
C PRO A 331 45.02 -19.72 -116.55
N HIS A 332 46.36 -19.77 -116.60
CA HIS A 332 47.22 -18.82 -115.88
C HIS A 332 46.90 -18.81 -114.39
N ALA A 333 47.00 -19.99 -113.78
CA ALA A 333 46.66 -20.17 -112.37
C ALA A 333 47.72 -21.00 -111.66
N ALA A 334 48.99 -20.77 -111.97
CA ALA A 334 50.09 -21.48 -111.34
C ALA A 334 50.54 -20.85 -110.03
N TRP A 335 49.86 -19.80 -109.59
CA TRP A 335 50.23 -19.08 -108.37
C TRP A 335 49.19 -19.17 -107.27
N TYR A 336 47.96 -19.60 -107.58
CA TYR A 336 46.87 -19.49 -106.62
C TYR A 336 47.00 -20.50 -105.50
N SER A 337 46.69 -20.04 -104.29
CA SER A 337 46.59 -20.89 -103.12
C SER A 337 45.77 -20.14 -102.08
N GLU A 338 45.16 -20.90 -101.17
CA GLU A 338 44.35 -20.27 -100.13
C GLU A 338 45.18 -19.38 -99.23
N GLN A 339 46.37 -19.85 -98.83
CA GLN A 339 47.25 -19.06 -97.97
C GLN A 339 47.98 -17.98 -98.76
N ALA A 340 48.39 -18.29 -100.00
CA ALA A 340 49.16 -17.33 -100.78
C ALA A 340 48.33 -16.11 -101.16
N SER A 341 47.04 -16.32 -101.47
CA SER A 341 46.19 -15.20 -101.89
C SER A 341 46.04 -14.17 -100.77
N ILE A 342 45.84 -14.63 -99.54
CA ILE A 342 45.66 -13.71 -98.42
C ILE A 342 46.96 -12.98 -98.11
N GLU A 343 48.09 -13.68 -98.19
CA GLU A 343 49.37 -13.10 -97.81
C GLU A 343 49.76 -11.94 -98.73
N MET A 344 49.56 -12.10 -100.04
CA MET A 344 49.99 -11.06 -100.97
C MET A 344 49.09 -9.84 -100.92
N ARG A 345 47.81 -10.02 -100.59
CA ARG A 345 46.89 -8.88 -100.55
C ARG A 345 47.13 -8.02 -99.32
N GLU A 346 47.46 -8.65 -98.19
CA GLU A 346 47.73 -7.88 -96.97
C GLU A 346 49.03 -7.09 -97.09
N GLU A 347 50.05 -7.70 -97.70
CA GLU A 347 51.34 -7.02 -97.82
C GLU A 347 51.24 -5.79 -98.71
N ALA A 348 50.49 -5.88 -99.81
CA ALA A 348 50.34 -4.74 -100.69
C ALA A 348 49.61 -3.58 -100.02
N ALA A 349 48.60 -3.90 -99.20
CA ALA A 349 47.85 -2.85 -98.51
C ALA A 349 48.73 -2.11 -97.52
N ARG A 350 49.59 -2.82 -96.80
CA ARG A 350 50.45 -2.18 -95.82
C ARG A 350 51.55 -1.35 -96.47
N GLU A 351 51.92 -1.66 -97.72
CA GLU A 351 52.89 -0.83 -98.43
C GLU A 351 52.33 0.55 -98.73
N ILE A 352 51.04 0.62 -99.06
CA ILE A 352 50.40 1.92 -99.31
C ILE A 352 50.38 2.76 -98.05
N ARG A 353 50.06 2.15 -96.91
CA ARG A 353 49.92 2.91 -95.67
C ARG A 353 51.24 3.54 -95.24
N ARG A 354 52.35 2.82 -95.43
CA ARG A 354 53.65 3.38 -95.07
C ARG A 354 54.00 4.58 -95.93
N ALA A 355 53.66 4.54 -97.22
CA ALA A 355 53.96 5.66 -98.11
C ALA A 355 53.17 6.90 -97.73
N ILE A 356 51.90 6.75 -97.36
CA ILE A 356 51.08 7.89 -97.00
C ILE A 356 51.57 8.52 -95.70
N THR A 357 51.90 7.69 -94.70
CA THR A 357 52.32 8.18 -93.39
C THR A 357 53.84 8.14 -93.22
N GLY A 358 54.58 8.37 -94.29
CA GLY A 358 56.03 8.36 -94.24
C GLY A 358 56.60 9.22 -95.33
N ARG A 359 57.77 8.84 -95.84
CA ARG A 359 58.43 9.56 -96.91
C ARG A 359 58.87 8.59 -98.00
N ILE A 360 58.86 9.08 -99.23
CA ILE A 360 59.15 8.29 -100.42
C ILE A 360 60.54 8.69 -100.92
N PRO A 361 61.43 7.73 -101.24
CA PRO A 361 61.24 6.28 -101.10
C PRO A 361 61.96 5.69 -99.89
N ASP A 362 62.16 6.50 -98.85
CA ASP A 362 62.91 6.03 -97.68
C ASP A 362 62.15 4.95 -96.92
N SER A 363 60.82 5.08 -96.83
CA SER A 363 60.01 4.14 -96.06
C SER A 363 59.60 2.91 -96.85
N LEU A 364 59.89 2.85 -98.14
CA LEU A 364 59.49 1.71 -98.96
C LEU A 364 60.51 0.59 -98.85
N LYS A 365 60.02 -0.65 -98.81
CA LYS A 365 60.87 -1.82 -98.69
C LYS A 365 61.22 -2.44 -100.04
N ASN A 366 60.27 -2.53 -100.96
CA ASN A 366 60.48 -3.14 -102.27
C ASN A 366 60.18 -2.10 -103.34
N CYS A 367 61.20 -1.33 -103.72
CA CYS A 367 61.09 -0.36 -104.79
C CYS A 367 61.96 -0.79 -105.96
N VAL A 368 61.41 -0.74 -107.17
CA VAL A 368 62.09 -1.25 -108.35
C VAL A 368 62.58 -0.17 -109.29
N ASN A 369 62.18 1.08 -109.09
CA ASN A 369 62.61 2.18 -109.95
C ASN A 369 63.31 3.26 -109.13
N LYS A 370 64.06 2.83 -108.11
CA LYS A 370 64.74 3.79 -107.25
C LYS A 370 65.82 4.56 -108.01
N ASP A 371 66.55 3.88 -108.91
CA ASP A 371 67.58 4.56 -109.68
C ASP A 371 66.99 5.61 -110.62
N HIS A 372 65.88 5.28 -111.28
CA HIS A 372 65.26 6.20 -112.22
C HIS A 372 64.47 7.30 -111.53
N LEU A 373 64.14 7.13 -110.25
CA LEU A 373 63.34 8.13 -109.56
C LEU A 373 64.15 9.40 -109.33
N THR A 374 63.50 10.54 -109.53
CA THR A 374 64.15 11.84 -109.36
C THR A 374 63.51 12.65 -108.24
N PRO B 45 59.33 -79.73 -125.92
CA PRO B 45 58.14 -79.44 -125.09
C PRO B 45 57.39 -78.23 -125.61
N LEU B 46 56.20 -78.01 -125.04
CA LEU B 46 55.31 -76.94 -125.46
C LEU B 46 55.15 -75.94 -124.33
N VAL B 47 55.29 -74.65 -124.67
CA VAL B 47 55.08 -73.54 -123.74
C VAL B 47 53.99 -72.65 -124.30
N ALA B 48 53.01 -72.32 -123.47
CA ALA B 48 51.82 -71.60 -123.91
C ALA B 48 51.68 -70.29 -123.17
N LEU B 49 51.30 -69.24 -123.89
CA LEU B 49 50.96 -67.94 -123.33
C LEU B 49 49.45 -67.88 -123.18
N LEU B 50 48.96 -67.80 -121.93
CA LEU B 50 47.55 -68.05 -121.63
C LEU B 50 46.63 -66.86 -121.93
N ASP B 51 47.15 -65.63 -121.89
CA ASP B 51 46.41 -64.43 -122.27
C ASP B 51 47.36 -63.48 -123.00
N GLY B 52 47.43 -63.62 -124.31
CA GLY B 52 48.29 -62.75 -125.11
C GLY B 52 48.28 -63.20 -126.54
N ARG B 53 48.81 -62.33 -127.41
CA ARG B 53 48.86 -62.61 -128.83
C ARG B 53 50.24 -62.32 -129.39
N ASP B 54 50.98 -61.40 -128.76
CA ASP B 54 52.28 -60.98 -129.22
C ASP B 54 53.38 -61.75 -128.49
N CYS B 55 54.27 -62.38 -129.25
CA CYS B 55 55.36 -63.18 -128.68
C CYS B 55 56.66 -62.89 -129.42
N THR B 56 56.88 -61.62 -129.80
CA THR B 56 58.06 -61.27 -130.58
C THR B 56 59.33 -61.25 -129.73
N VAL B 57 59.22 -61.13 -128.42
CA VAL B 57 60.39 -61.06 -127.55
C VAL B 57 60.75 -62.43 -127.01
N GLU B 58 59.77 -63.23 -126.61
CA GLU B 58 60.04 -64.55 -126.04
C GLU B 58 60.47 -65.56 -127.09
N MET B 59 60.04 -65.38 -128.33
CA MET B 59 60.33 -66.37 -129.38
C MET B 59 61.81 -66.57 -129.64
N PRO B 60 62.64 -65.53 -129.82
CA PRO B 60 64.06 -65.78 -130.09
C PRO B 60 64.80 -66.47 -128.94
N ILE B 61 64.29 -66.40 -127.72
CA ILE B 61 64.95 -67.07 -126.61
C ILE B 61 64.55 -68.53 -126.54
N LEU B 62 63.25 -68.81 -126.51
CA LEU B 62 62.72 -70.17 -126.39
C LEU B 62 62.42 -70.78 -127.76
N LYS B 63 63.39 -70.78 -128.67
CA LYS B 63 63.18 -71.37 -129.99
C LYS B 63 63.95 -72.66 -130.20
N ASP B 64 65.08 -72.85 -129.52
CA ASP B 64 65.89 -74.05 -129.66
C ASP B 64 65.75 -74.98 -128.46
N VAL B 65 64.82 -74.71 -127.56
CA VAL B 65 64.61 -75.57 -126.39
C VAL B 65 63.16 -75.95 -126.17
N ALA B 66 62.20 -75.28 -126.81
CA ALA B 66 60.79 -75.58 -126.58
C ALA B 66 59.99 -75.06 -127.78
N THR B 67 58.68 -75.28 -127.73
CA THR B 67 57.75 -74.81 -128.76
C THR B 67 56.79 -73.80 -128.13
N VAL B 68 56.69 -72.62 -128.75
CA VAL B 68 55.93 -71.52 -128.21
C VAL B 68 54.55 -71.48 -128.87
N ALA B 69 53.53 -71.15 -128.09
CA ALA B 69 52.17 -71.02 -128.58
C ALA B 69 51.42 -70.03 -127.71
N PHE B 70 50.33 -69.48 -128.24
CA PHE B 70 49.51 -68.53 -127.51
C PHE B 70 48.04 -68.91 -127.65
N CYS B 71 47.24 -68.49 -126.67
CA CYS B 71 45.82 -68.82 -126.64
C CYS B 71 44.91 -67.61 -126.68
N ASP B 72 45.37 -66.44 -126.21
CA ASP B 72 44.56 -65.21 -126.20
C ASP B 72 43.22 -65.45 -125.51
N ALA B 73 43.26 -66.13 -124.37
CA ALA B 73 42.05 -66.48 -123.64
C ALA B 73 41.68 -65.38 -122.65
N GLN B 74 40.37 -65.26 -122.39
CA GLN B 74 39.86 -64.32 -121.40
C GLN B 74 39.26 -65.01 -120.19
N SER B 75 39.15 -66.34 -120.20
CA SER B 75 38.60 -67.09 -119.09
C SER B 75 39.17 -68.50 -119.15
N THR B 76 39.03 -69.22 -118.03
CA THR B 76 39.55 -70.58 -117.95
C THR B 76 38.81 -71.54 -118.87
N GLN B 77 37.65 -71.16 -119.38
CA GLN B 77 36.87 -72.01 -120.28
C GLN B 77 37.25 -71.84 -121.74
N GLU B 78 38.19 -70.95 -122.05
CA GLU B 78 38.60 -70.69 -123.42
C GLU B 78 39.99 -71.24 -123.73
N ILE B 79 40.46 -72.19 -122.93
CA ILE B 79 41.78 -72.80 -123.13
C ILE B 79 41.63 -74.04 -124.00
N HIS B 80 42.46 -74.14 -125.03
CA HIS B 80 42.37 -75.25 -125.96
C HIS B 80 42.69 -76.57 -125.26
N GLU B 81 42.08 -77.64 -125.78
CA GLU B 81 42.25 -78.96 -125.17
C GLU B 81 43.69 -79.45 -125.27
N LYS B 82 44.40 -79.10 -126.34
CA LYS B 82 45.78 -79.52 -126.49
C LYS B 82 46.66 -78.94 -125.39
N VAL B 83 46.40 -77.70 -124.99
CA VAL B 83 47.18 -77.07 -123.93
C VAL B 83 46.99 -77.82 -122.61
N LEU B 84 45.75 -78.20 -122.30
CA LEU B 84 45.47 -78.86 -121.03
C LEU B 84 46.12 -80.24 -120.90
N ASN B 85 46.63 -80.80 -121.99
CA ASN B 85 47.21 -82.13 -121.96
C ASN B 85 48.72 -82.15 -122.23
N GLU B 86 49.25 -81.18 -122.96
CA GLU B 86 50.64 -81.21 -123.42
C GLU B 86 51.33 -79.88 -123.17
N ALA B 87 51.18 -79.32 -121.97
CA ALA B 87 51.83 -78.07 -121.60
C ALA B 87 52.75 -78.32 -120.41
N VAL B 88 53.98 -77.83 -120.52
CA VAL B 88 54.96 -77.93 -119.45
C VAL B 88 55.05 -76.64 -118.64
N GLY B 89 55.05 -75.49 -119.31
CA GLY B 89 55.08 -74.21 -118.64
C GLY B 89 54.06 -73.25 -119.24
N ALA B 90 53.79 -72.18 -118.50
CA ALA B 90 52.80 -71.20 -118.93
C ALA B 90 53.23 -69.80 -118.49
N LEU B 91 52.77 -68.81 -119.25
CA LEU B 91 52.98 -67.40 -118.94
C LEU B 91 51.63 -66.71 -118.91
N MET B 92 51.42 -65.84 -117.91
CA MET B 92 50.13 -65.21 -117.76
C MET B 92 50.29 -63.80 -117.18
N TYR B 93 49.39 -62.91 -117.59
CA TYR B 93 49.29 -61.57 -117.04
C TYR B 93 48.27 -61.55 -115.90
N HIS B 94 47.83 -60.36 -115.52
CA HIS B 94 46.90 -60.18 -114.40
C HIS B 94 45.44 -60.27 -114.81
N THR B 95 45.15 -60.54 -116.09
CA THR B 95 43.78 -60.49 -116.59
C THR B 95 43.03 -61.81 -116.44
N ILE B 96 43.67 -62.86 -115.94
CA ILE B 96 43.06 -64.18 -115.82
C ILE B 96 43.33 -64.73 -114.42
N THR B 97 42.33 -65.38 -113.83
CA THR B 97 42.42 -65.92 -112.49
C THR B 97 42.32 -67.44 -112.53
N LEU B 98 43.19 -68.11 -111.78
CA LEU B 98 43.22 -69.56 -111.72
C LEU B 98 42.90 -70.01 -110.30
N THR B 99 41.99 -70.97 -110.17
CA THR B 99 41.60 -71.55 -108.90
C THR B 99 42.09 -72.99 -108.82
N ARG B 100 41.75 -73.66 -107.71
CA ARG B 100 42.19 -75.04 -107.53
C ARG B 100 41.54 -75.97 -108.55
N GLU B 101 40.26 -75.75 -108.86
CA GLU B 101 39.58 -76.57 -109.86
C GLU B 101 40.23 -76.41 -111.23
N ASP B 102 40.63 -75.19 -111.58
CA ASP B 102 41.29 -74.96 -112.86
C ASP B 102 42.65 -75.65 -112.91
N LEU B 103 43.38 -75.65 -111.80
CA LEU B 103 44.71 -76.25 -111.79
C LEU B 103 44.64 -77.77 -111.97
N GLU B 104 43.60 -78.40 -111.42
CA GLU B 104 43.49 -79.85 -111.52
C GLU B 104 43.24 -80.33 -112.95
N LYS B 105 42.80 -79.45 -113.85
CA LYS B 105 42.55 -79.83 -115.23
C LYS B 105 43.84 -80.01 -116.03
N PHE B 106 44.95 -79.44 -115.57
CA PHE B 106 46.23 -79.63 -116.24
C PHE B 106 46.82 -80.98 -115.88
N LYS B 107 47.42 -81.64 -116.87
CA LYS B 107 47.97 -82.98 -116.68
C LYS B 107 49.48 -83.05 -116.77
N ALA B 108 50.14 -82.01 -117.28
CA ALA B 108 51.60 -82.04 -117.40
C ALA B 108 52.25 -80.72 -116.99
N LEU B 109 51.50 -79.78 -116.40
CA LEU B 109 52.07 -78.51 -116.01
C LEU B 109 53.06 -78.69 -114.88
N ARG B 110 54.17 -77.95 -114.92
CA ARG B 110 55.21 -78.09 -113.93
C ARG B 110 55.65 -76.75 -113.34
N ILE B 111 55.48 -75.67 -114.10
CA ILE B 111 55.93 -74.35 -113.64
C ILE B 111 55.01 -73.29 -114.23
N ILE B 112 54.74 -72.26 -113.44
CA ILE B 112 53.98 -71.09 -113.86
C ILE B 112 54.81 -69.85 -113.56
N VAL B 113 54.98 -68.98 -114.56
CA VAL B 113 55.75 -67.75 -114.41
C VAL B 113 54.80 -66.57 -114.63
N ARG B 114 54.75 -65.68 -113.66
CA ARG B 114 53.88 -64.51 -113.70
C ARG B 114 54.71 -63.29 -114.11
N ILE B 115 54.29 -62.65 -115.21
CA ILE B 115 55.00 -61.47 -115.71
C ILE B 115 54.55 -60.26 -114.92
N GLY B 116 55.24 -59.96 -113.84
CA GLY B 116 54.87 -58.87 -112.97
C GLY B 116 55.30 -59.17 -111.55
N SER B 117 54.79 -58.36 -110.62
CA SER B 117 55.15 -58.49 -109.21
C SER B 117 54.05 -59.05 -108.33
N GLY B 118 52.79 -59.01 -108.78
CA GLY B 118 51.67 -59.50 -108.00
C GLY B 118 51.26 -60.90 -108.43
N PHE B 119 50.93 -61.74 -107.44
CA PHE B 119 50.51 -63.11 -107.70
C PHE B 119 49.27 -63.47 -106.89
N ASP B 120 48.42 -62.50 -106.59
CA ASP B 120 47.22 -62.75 -105.81
C ASP B 120 46.11 -63.43 -106.60
N ASN B 121 46.26 -63.55 -107.92
CA ASN B 121 45.26 -64.21 -108.75
C ASN B 121 45.55 -65.68 -108.96
N ILE B 122 46.55 -66.23 -108.28
CA ILE B 122 46.90 -67.65 -108.37
C ILE B 122 46.85 -68.24 -106.97
N ASP B 123 46.21 -69.40 -106.84
CA ASP B 123 46.15 -70.10 -105.55
C ASP B 123 47.51 -70.72 -105.28
N ILE B 124 48.30 -70.05 -104.45
CA ILE B 124 49.68 -70.48 -104.21
C ILE B 124 49.72 -71.80 -103.46
N LYS B 125 48.93 -71.92 -102.39
CA LYS B 125 48.99 -73.12 -101.56
C LYS B 125 48.52 -74.36 -102.32
N SER B 126 47.45 -74.23 -103.10
CA SER B 126 46.93 -75.39 -103.84
C SER B 126 47.93 -75.88 -104.88
N ALA B 127 48.60 -74.95 -105.57
CA ALA B 127 49.57 -75.35 -106.58
C ALA B 127 50.75 -76.09 -105.98
N GLY B 128 51.12 -75.78 -104.73
CA GLY B 128 52.21 -76.49 -104.09
C GLY B 128 51.91 -77.96 -103.86
N ASP B 129 50.68 -78.27 -103.45
CA ASP B 129 50.30 -79.66 -103.20
C ASP B 129 50.36 -80.48 -104.48
N LEU B 130 49.89 -79.90 -105.60
CA LEU B 130 49.90 -80.61 -106.88
C LEU B 130 51.30 -80.73 -107.47
N GLY B 131 52.28 -79.99 -106.95
CA GLY B 131 53.63 -80.09 -107.46
C GLY B 131 53.92 -79.12 -108.59
N ILE B 132 53.47 -77.88 -108.45
CA ILE B 132 53.66 -76.84 -109.46
C ILE B 132 54.36 -75.66 -108.81
N ALA B 133 55.41 -75.15 -109.45
CA ALA B 133 56.18 -74.02 -108.95
C ALA B 133 55.68 -72.73 -109.58
N VAL B 134 55.68 -71.66 -108.78
CA VAL B 134 55.20 -70.35 -109.21
C VAL B 134 56.34 -69.35 -109.06
N CYS B 135 56.57 -68.56 -110.12
CA CYS B 135 57.64 -67.57 -110.14
C CYS B 135 57.07 -66.23 -110.59
N ASN B 136 57.85 -65.18 -110.37
CA ASN B 136 57.45 -63.84 -110.77
C ASN B 136 58.69 -62.98 -110.98
N VAL B 137 58.47 -61.76 -111.46
CA VAL B 137 59.53 -60.77 -111.64
C VAL B 137 59.40 -59.75 -110.52
N PRO B 138 60.29 -59.75 -109.52
CA PRO B 138 60.05 -58.95 -108.31
C PRO B 138 60.10 -57.45 -108.53
N ALA B 139 61.15 -56.96 -109.20
CA ALA B 139 61.38 -55.52 -109.30
C ALA B 139 61.86 -55.19 -110.71
N ALA B 140 60.94 -54.70 -111.54
CA ALA B 140 61.29 -54.20 -112.87
C ALA B 140 60.65 -52.85 -113.12
N SER B 141 59.62 -52.50 -112.34
CA SER B 141 58.91 -51.23 -112.49
C SER B 141 58.72 -50.57 -111.13
N VAL B 142 59.75 -50.62 -110.29
CA VAL B 142 59.67 -49.95 -108.99
C VAL B 142 59.61 -48.45 -109.16
N GLU B 143 60.50 -47.89 -109.99
CA GLU B 143 60.58 -46.45 -110.13
C GLU B 143 59.45 -45.89 -110.99
N GLU B 144 58.97 -46.66 -111.97
CA GLU B 144 57.84 -46.20 -112.77
C GLU B 144 56.59 -46.03 -111.92
N THR B 145 56.33 -46.97 -111.02
CA THR B 145 55.13 -46.88 -110.18
C THR B 145 55.27 -45.76 -109.15
N ALA B 146 56.49 -45.54 -108.64
CA ALA B 146 56.69 -44.47 -107.66
C ALA B 146 56.47 -43.09 -108.29
N ASP B 147 56.93 -42.91 -109.53
CA ASP B 147 56.71 -41.63 -110.21
C ASP B 147 55.23 -41.39 -110.48
N SER B 148 54.49 -42.43 -110.86
CA SER B 148 53.06 -42.28 -111.12
C SER B 148 52.30 -41.93 -109.85
N THR B 149 52.72 -42.47 -108.71
CA THR B 149 52.06 -42.13 -107.45
C THR B 149 52.24 -40.65 -107.11
N LEU B 150 53.45 -40.11 -107.33
CA LEU B 150 53.69 -38.70 -107.06
C LEU B 150 52.90 -37.80 -108.00
N CYS B 151 52.70 -38.24 -109.24
CA CYS B 151 51.92 -37.45 -110.20
C CYS B 151 50.48 -37.29 -109.74
N HIS B 152 49.88 -38.35 -109.21
CA HIS B 152 48.50 -38.28 -108.73
C HIS B 152 48.39 -37.38 -107.51
N ILE B 153 49.38 -37.41 -106.62
CA ILE B 153 49.33 -36.58 -105.42
C ILE B 153 49.35 -35.10 -105.78
N LEU B 154 50.21 -34.72 -106.73
CA LEU B 154 50.31 -33.32 -107.12
C LEU B 154 49.05 -32.83 -107.82
N ASN B 155 48.37 -33.71 -108.58
CA ASN B 155 47.15 -33.30 -109.26
C ASN B 155 46.04 -32.95 -108.27
N LEU B 156 46.01 -33.59 -107.11
CA LEU B 156 44.97 -33.31 -106.14
C LEU B 156 45.21 -31.96 -105.45
N TYR B 157 46.47 -31.66 -105.11
CA TYR B 157 46.78 -30.40 -104.46
C TYR B 157 46.77 -29.24 -105.45
N ARG B 158 47.66 -29.30 -106.45
CA ARG B 158 47.70 -28.30 -107.52
C ARG B 158 46.82 -28.83 -108.65
N ARG B 159 45.55 -28.44 -108.64
CA ARG B 159 44.58 -28.95 -109.60
C ARG B 159 45.01 -28.63 -111.03
N ALA B 160 45.39 -29.65 -111.79
CA ALA B 160 45.87 -29.48 -113.15
C ALA B 160 45.06 -30.24 -114.17
N THR B 161 44.66 -31.48 -113.86
CA THR B 161 43.81 -32.23 -114.79
C THR B 161 42.43 -31.60 -114.89
N TRP B 162 41.89 -31.14 -113.76
CA TRP B 162 40.56 -30.55 -113.77
C TRP B 162 40.55 -29.20 -114.49
N LEU B 163 41.62 -28.42 -114.36
CA LEU B 163 41.69 -27.15 -115.06
C LEU B 163 41.82 -27.35 -116.57
N HIS B 164 42.60 -28.33 -116.99
CA HIS B 164 42.72 -28.63 -118.42
C HIS B 164 41.40 -29.14 -118.98
N GLN B 165 40.68 -29.95 -118.21
CA GLN B 165 39.40 -30.48 -118.66
C GLN B 165 38.37 -29.35 -118.84
N ALA B 166 38.41 -28.36 -117.96
CA ALA B 166 37.43 -27.26 -118.04
C ALA B 166 37.60 -26.45 -119.32
N LEU B 167 38.85 -26.23 -119.73
CA LEU B 167 39.08 -25.43 -120.93
C LEU B 167 38.53 -26.10 -122.18
N ARG B 168 38.66 -27.44 -122.27
CA ARG B 168 38.16 -28.14 -123.44
C ARG B 168 36.63 -28.11 -123.52
N GLU B 169 35.96 -27.98 -122.37
CA GLU B 169 34.51 -27.90 -122.37
C GLU B 169 34.00 -26.53 -122.83
N GLY B 170 34.88 -25.55 -123.00
CA GLY B 170 34.49 -24.24 -123.46
C GLY B 170 34.45 -23.15 -122.41
N THR B 171 34.89 -23.43 -121.18
CA THR B 171 34.88 -22.42 -120.13
C THR B 171 35.87 -21.31 -120.46
N ARG B 172 35.45 -20.07 -120.24
CA ARG B 172 36.26 -18.89 -120.49
C ARG B 172 36.45 -18.11 -119.19
N VAL B 173 37.70 -17.83 -118.85
CA VAL B 173 38.04 -17.08 -117.64
C VAL B 173 38.94 -15.92 -118.03
N GLN B 174 38.53 -14.71 -117.64
CA GLN B 174 39.28 -13.50 -117.99
C GLN B 174 39.75 -12.72 -116.78
N SER B 175 38.86 -12.45 -115.83
CA SER B 175 39.22 -11.64 -114.67
C SER B 175 39.87 -12.49 -113.60
N VAL B 176 40.48 -11.80 -112.62
CA VAL B 176 41.14 -12.50 -111.52
C VAL B 176 40.12 -13.21 -110.63
N GLU B 177 38.95 -12.59 -110.45
CA GLU B 177 37.91 -13.20 -109.62
C GLU B 177 37.46 -14.54 -110.22
N GLN B 178 37.38 -14.62 -111.55
CA GLN B 178 37.03 -15.89 -112.19
C GLN B 178 38.11 -16.93 -111.96
N ILE B 179 39.38 -16.52 -111.94
CA ILE B 179 40.47 -17.47 -111.72
C ILE B 179 40.38 -18.07 -110.32
N ARG B 180 40.09 -17.26 -109.32
CA ARG B 180 39.99 -17.76 -107.95
C ARG B 180 38.83 -18.73 -107.78
N GLU B 181 37.83 -18.68 -108.65
CA GLU B 181 36.66 -19.53 -108.51
C GLU B 181 36.82 -20.88 -109.21
N VAL B 182 37.37 -20.88 -110.43
CA VAL B 182 37.54 -22.13 -111.16
C VAL B 182 38.58 -23.02 -110.47
N ALA B 183 39.63 -22.41 -109.92
CA ALA B 183 40.70 -23.13 -109.25
C ALA B 183 40.56 -23.12 -107.74
N SER B 184 39.33 -23.05 -107.23
CA SER B 184 39.11 -23.01 -105.80
C SER B 184 39.33 -24.39 -105.19
N GLY B 185 40.14 -24.44 -104.14
CA GLY B 185 40.45 -25.69 -103.46
C GLY B 185 41.93 -26.02 -103.39
N ALA B 186 42.78 -25.33 -104.13
CA ALA B 186 44.22 -25.60 -104.08
C ALA B 186 44.77 -25.25 -102.70
N ALA B 187 45.78 -26.02 -102.28
CA ALA B 187 46.35 -25.89 -100.95
C ALA B 187 47.87 -25.83 -101.04
N ARG B 188 48.49 -25.57 -99.89
CA ARG B 188 49.94 -25.48 -99.77
C ARG B 188 50.49 -26.79 -99.24
N ILE B 189 51.47 -27.35 -99.96
CA ILE B 189 51.96 -28.69 -99.66
C ILE B 189 52.77 -28.70 -98.37
N ARG B 190 53.63 -27.71 -98.17
CA ARG B 190 54.52 -27.72 -97.01
C ARG B 190 53.74 -27.66 -95.71
N GLY B 191 54.10 -28.53 -94.77
CA GLY B 191 53.45 -28.62 -93.49
C GLY B 191 52.41 -29.71 -93.37
N GLU B 192 52.06 -30.38 -94.47
CA GLU B 192 51.05 -31.43 -94.44
C GLU B 192 51.66 -32.75 -93.99
N THR B 193 50.79 -33.70 -93.67
CA THR B 193 51.20 -35.02 -93.21
C THR B 193 50.77 -36.07 -94.23
N LEU B 194 51.68 -36.97 -94.57
CA LEU B 194 51.44 -38.03 -95.54
C LEU B 194 51.50 -39.39 -94.83
N GLY B 195 50.47 -40.20 -95.02
CA GLY B 195 50.38 -41.52 -94.42
C GLY B 195 50.53 -42.60 -95.47
N ILE B 196 51.38 -43.59 -95.16
CA ILE B 196 51.69 -44.68 -96.07
C ILE B 196 51.36 -46.00 -95.38
N ILE B 197 50.66 -46.87 -96.08
CA ILE B 197 50.29 -48.19 -95.57
C ILE B 197 51.09 -49.22 -96.34
N GLY B 198 52.10 -49.79 -95.70
CA GLY B 198 52.96 -50.77 -96.33
C GLY B 198 54.25 -50.17 -96.87
N LEU B 199 55.37 -50.43 -96.18
CA LEU B 199 56.66 -49.88 -96.58
C LEU B 199 57.48 -50.98 -97.25
N GLY B 200 57.21 -51.18 -98.53
CA GLY B 200 57.92 -52.15 -99.35
C GLY B 200 58.91 -51.48 -100.28
N ARG B 201 59.10 -52.10 -101.46
CA ARG B 201 59.97 -51.51 -102.46
C ARG B 201 59.40 -50.18 -102.97
N VAL B 202 58.12 -50.17 -103.34
CA VAL B 202 57.49 -48.95 -103.81
C VAL B 202 57.29 -47.96 -102.68
N GLY B 203 56.94 -48.45 -101.49
CA GLY B 203 56.69 -47.57 -100.37
C GLY B 203 57.91 -46.76 -99.97
N GLN B 204 59.08 -47.38 -99.99
CA GLN B 204 60.31 -46.66 -99.64
C GLN B 204 60.66 -45.62 -100.70
N ALA B 205 60.42 -45.93 -101.98
CA ALA B 205 60.72 -44.97 -103.04
C ALA B 205 59.85 -43.72 -102.93
N VAL B 206 58.58 -43.89 -102.58
CA VAL B 206 57.68 -42.75 -102.45
C VAL B 206 58.09 -41.87 -101.29
N ALA B 207 58.52 -42.48 -100.19
CA ALA B 207 58.86 -41.71 -98.99
C ALA B 207 60.03 -40.77 -99.24
N LEU B 208 61.05 -41.23 -99.96
CA LEU B 208 62.21 -40.39 -100.23
C LEU B 208 61.85 -39.18 -101.09
N ARG B 209 61.01 -39.38 -102.10
CA ARG B 209 60.64 -38.27 -102.99
C ARG B 209 59.70 -37.29 -102.31
N ALA B 210 58.89 -37.76 -101.36
CA ALA B 210 57.93 -36.89 -100.71
C ALA B 210 58.57 -35.90 -99.74
N LYS B 211 59.76 -36.21 -99.23
CA LYS B 211 60.41 -35.33 -98.28
C LYS B 211 60.99 -34.08 -98.93
N ALA B 212 61.26 -34.12 -100.24
CA ALA B 212 61.79 -32.95 -100.92
C ALA B 212 60.75 -31.84 -101.07
N PHE B 213 59.47 -32.16 -100.98
CA PHE B 213 58.40 -31.18 -101.11
C PHE B 213 57.96 -30.59 -99.78
N GLY B 214 58.49 -31.07 -98.67
CA GLY B 214 58.11 -30.59 -97.36
C GLY B 214 57.09 -31.41 -96.61
N PHE B 215 56.77 -32.61 -97.08
CA PHE B 215 55.80 -33.45 -96.40
C PHE B 215 56.35 -33.98 -95.08
N ASN B 216 55.44 -34.37 -94.20
CA ASN B 216 55.75 -35.10 -92.98
C ASN B 216 55.21 -36.52 -93.14
N VAL B 217 56.09 -37.51 -93.02
CA VAL B 217 55.81 -38.87 -93.46
C VAL B 217 55.64 -39.77 -92.24
N LEU B 218 54.54 -40.53 -92.22
CA LEU B 218 54.30 -41.60 -91.28
C LEU B 218 54.03 -42.88 -92.07
N PHE B 219 54.22 -44.03 -91.41
CA PHE B 219 53.93 -45.29 -92.07
C PHE B 219 53.47 -46.32 -91.05
N TYR B 220 52.79 -47.35 -91.54
CA TYR B 220 52.27 -48.44 -90.71
C TYR B 220 52.56 -49.75 -91.41
N ASP B 221 53.30 -50.64 -90.74
CA ASP B 221 53.62 -51.95 -91.29
C ASP B 221 53.86 -52.93 -90.14
N PRO B 222 53.01 -53.93 -89.97
CA PRO B 222 53.15 -54.85 -88.83
C PRO B 222 54.07 -56.05 -89.07
N TYR B 223 54.63 -56.21 -90.27
CA TYR B 223 55.45 -57.36 -90.58
C TYR B 223 56.94 -57.01 -90.71
N LEU B 224 57.33 -55.80 -90.33
CA LEU B 224 58.71 -55.36 -90.41
C LEU B 224 59.41 -55.51 -89.07
N SER B 225 60.73 -55.49 -89.10
CA SER B 225 61.55 -55.60 -87.90
C SER B 225 61.67 -54.24 -87.23
N ASP B 226 62.53 -54.14 -86.23
CA ASP B 226 62.72 -52.93 -85.45
C ASP B 226 63.90 -52.13 -85.98
N GLY B 227 63.73 -50.81 -86.03
CA GLY B 227 64.79 -49.92 -86.44
C GLY B 227 64.87 -49.60 -87.91
N VAL B 228 63.89 -50.05 -88.70
CA VAL B 228 63.89 -49.72 -90.12
C VAL B 228 63.65 -48.23 -90.32
N GLU B 229 62.81 -47.61 -89.47
CA GLU B 229 62.57 -46.19 -89.56
C GLU B 229 63.76 -45.35 -89.12
N ARG B 230 64.63 -45.90 -88.27
CA ARG B 230 65.82 -45.16 -87.85
C ARG B 230 66.75 -44.89 -89.02
N ALA B 231 66.93 -45.88 -89.90
CA ALA B 231 67.83 -45.70 -91.03
C ALA B 231 67.34 -44.63 -91.98
N LEU B 232 66.04 -44.60 -92.26
CA LEU B 232 65.47 -43.64 -93.20
C LEU B 232 65.00 -42.36 -92.55
N GLY B 233 65.04 -42.26 -91.22
CA GLY B 233 64.60 -41.06 -90.54
C GLY B 233 63.12 -40.77 -90.67
N LEU B 234 62.27 -41.78 -90.53
CA LEU B 234 60.83 -41.64 -90.61
C LEU B 234 60.21 -41.85 -89.24
N GLN B 235 58.88 -41.81 -89.19
CA GLN B 235 58.12 -42.02 -87.97
C GLN B 235 57.15 -43.17 -88.17
N ARG B 236 57.02 -44.01 -87.15
CA ARG B 236 56.26 -45.25 -87.23
C ARG B 236 55.16 -45.28 -86.18
N VAL B 237 53.99 -45.75 -86.58
CA VAL B 237 52.87 -45.96 -85.67
C VAL B 237 52.61 -47.46 -85.55
N SER B 238 51.78 -47.83 -84.58
CA SER B 238 51.55 -49.23 -84.25
C SER B 238 50.17 -49.74 -84.62
N THR B 239 49.20 -48.86 -84.85
CA THR B 239 47.83 -49.27 -85.17
C THR B 239 47.34 -48.51 -86.40
N LEU B 240 46.44 -49.15 -87.14
CA LEU B 240 45.86 -48.51 -88.32
C LEU B 240 45.00 -47.31 -87.95
N GLN B 241 44.28 -47.40 -86.82
CA GLN B 241 43.41 -46.30 -86.41
C GLN B 241 44.22 -45.04 -86.11
N ASP B 242 45.39 -45.20 -85.50
CA ASP B 242 46.22 -44.04 -85.18
C ASP B 242 46.73 -43.35 -86.44
N LEU B 243 47.01 -44.11 -87.49
CA LEU B 243 47.48 -43.52 -88.74
C LEU B 243 46.40 -42.66 -89.38
N LEU B 244 45.14 -43.13 -89.36
CA LEU B 244 44.07 -42.40 -90.01
C LEU B 244 43.71 -41.12 -89.27
N PHE B 245 43.95 -41.08 -87.95
CA PHE B 245 43.57 -39.91 -87.18
C PHE B 245 44.46 -38.70 -87.48
N HIS B 246 45.72 -38.93 -87.84
CA HIS B 246 46.71 -37.87 -87.97
C HIS B 246 47.25 -37.75 -89.39
N SER B 247 46.44 -38.07 -90.39
CA SER B 247 46.88 -38.04 -91.79
C SER B 247 45.98 -37.13 -92.60
N ASP B 248 46.60 -36.38 -93.52
CA ASP B 248 45.87 -35.56 -94.47
C ASP B 248 45.82 -36.16 -95.87
N CYS B 249 46.61 -37.20 -96.14
CA CYS B 249 46.59 -37.89 -97.43
C CYS B 249 47.04 -39.33 -97.19
N VAL B 250 46.27 -40.28 -97.68
CA VAL B 250 46.50 -41.69 -97.44
C VAL B 250 46.78 -42.39 -98.77
N THR B 251 47.87 -43.16 -98.81
CA THR B 251 48.26 -43.93 -99.98
C THR B 251 48.41 -45.39 -99.58
N LEU B 252 47.96 -46.29 -100.46
CA LEU B 252 47.99 -47.72 -100.22
C LEU B 252 49.11 -48.37 -101.03
N HIS B 253 49.99 -49.11 -100.35
CA HIS B 253 51.08 -49.80 -101.04
C HIS B 253 51.29 -51.21 -100.52
N CYS B 254 50.27 -51.83 -99.93
CA CYS B 254 50.40 -53.16 -99.36
C CYS B 254 50.00 -54.22 -100.37
N GLY B 255 50.10 -55.49 -99.96
CA GLY B 255 49.71 -56.60 -100.79
C GLY B 255 48.32 -57.11 -100.41
N LEU B 256 47.72 -57.86 -101.34
CA LEU B 256 46.35 -58.36 -101.16
C LEU B 256 46.42 -59.81 -100.70
N ASN B 257 46.56 -59.99 -99.39
CA ASN B 257 46.47 -61.32 -98.79
C ASN B 257 45.02 -61.55 -98.33
N GLU B 258 44.80 -62.60 -97.55
CA GLU B 258 43.45 -62.96 -97.12
C GLU B 258 43.04 -62.30 -95.82
N HIS B 259 43.90 -61.48 -95.22
CA HIS B 259 43.59 -60.82 -93.96
C HIS B 259 43.33 -59.32 -94.12
N ASN B 260 43.32 -58.81 -95.36
CA ASN B 260 43.13 -57.38 -95.55
C ASN B 260 42.19 -57.10 -96.72
N HIS B 261 41.23 -57.99 -96.98
CA HIS B 261 40.24 -57.73 -98.00
C HIS B 261 39.27 -56.66 -97.52
N HIS B 262 39.00 -55.67 -98.38
CA HIS B 262 38.19 -54.50 -98.04
C HIS B 262 38.73 -53.82 -96.79
N LEU B 263 40.01 -53.44 -96.86
CA LEU B 263 40.65 -52.77 -95.73
C LEU B 263 40.00 -51.43 -95.44
N ILE B 264 39.70 -50.65 -96.48
CA ILE B 264 38.98 -49.38 -96.33
C ILE B 264 37.49 -49.70 -96.50
N ASN B 265 36.86 -50.09 -95.41
CA ASN B 265 35.45 -50.44 -95.41
C ASN B 265 34.62 -49.27 -94.91
N ASP B 266 33.33 -49.52 -94.67
CA ASP B 266 32.43 -48.46 -94.23
C ASP B 266 32.82 -47.95 -92.83
N PHE B 267 33.19 -48.85 -91.93
CA PHE B 267 33.50 -48.45 -90.56
C PHE B 267 34.78 -47.62 -90.49
N THR B 268 35.81 -48.02 -91.25
CA THR B 268 37.09 -47.32 -91.18
C THR B 268 37.08 -45.98 -91.91
N VAL B 269 36.22 -45.84 -92.92
CA VAL B 269 36.20 -44.60 -93.70
C VAL B 269 35.66 -43.43 -92.87
N LYS B 270 34.99 -43.71 -91.76
CA LYS B 270 34.49 -42.65 -90.88
C LYS B 270 35.51 -42.21 -89.85
N GLN B 271 36.66 -42.87 -89.78
CA GLN B 271 37.71 -42.49 -88.84
C GLN B 271 38.73 -41.52 -89.45
N MET B 272 38.62 -41.21 -90.74
CA MET B 272 39.53 -40.28 -91.37
C MET B 272 39.16 -38.84 -91.03
N ARG B 273 40.08 -37.93 -91.33
CA ARG B 273 39.87 -36.52 -91.03
C ARG B 273 38.81 -35.92 -91.95
N GLN B 274 38.40 -34.70 -91.63
CA GLN B 274 37.41 -33.96 -92.43
C GLN B 274 38.13 -33.32 -93.61
N GLY B 275 37.88 -33.83 -94.80
CA GLY B 275 38.47 -33.27 -96.00
C GLY B 275 39.85 -33.80 -96.30
N ALA B 276 39.97 -35.13 -96.40
CA ALA B 276 41.24 -35.79 -96.70
C ALA B 276 41.21 -36.34 -98.13
N PHE B 277 42.39 -36.74 -98.60
CA PHE B 277 42.54 -37.34 -99.92
C PHE B 277 42.78 -38.83 -99.79
N LEU B 278 42.75 -39.51 -100.94
CA LEU B 278 42.96 -40.96 -100.97
C LEU B 278 43.52 -41.34 -102.33
N VAL B 279 44.64 -42.07 -102.32
CA VAL B 279 45.29 -42.54 -103.55
C VAL B 279 45.45 -44.04 -103.44
N ASN B 280 45.05 -44.77 -104.48
CA ASN B 280 45.15 -46.22 -104.51
C ASN B 280 45.77 -46.65 -105.84
N THR B 281 46.92 -47.32 -105.77
CA THR B 281 47.58 -47.84 -106.95
C THR B 281 48.09 -49.27 -106.77
N ALA B 282 47.68 -49.95 -105.70
CA ALA B 282 48.17 -51.30 -105.43
C ALA B 282 47.23 -52.37 -105.98
N ARG B 283 46.02 -52.44 -105.45
CA ARG B 283 45.04 -53.44 -105.87
C ARG B 283 43.63 -52.90 -105.66
N GLY B 284 42.68 -53.47 -106.39
CA GLY B 284 41.32 -52.98 -106.36
C GLY B 284 40.48 -53.54 -105.23
N GLY B 285 40.90 -54.67 -104.66
CA GLY B 285 40.15 -55.29 -103.60
C GLY B 285 40.36 -54.72 -102.21
N LEU B 286 41.22 -53.71 -102.08
CA LEU B 286 41.50 -53.11 -100.79
C LEU B 286 40.52 -52.00 -100.42
N VAL B 287 39.69 -51.55 -101.35
CA VAL B 287 38.79 -50.42 -101.14
C VAL B 287 37.37 -50.84 -101.49
N ASP B 288 36.42 -50.52 -100.61
CA ASP B 288 35.00 -50.75 -100.87
C ASP B 288 34.45 -49.53 -101.62
N GLU B 289 34.18 -49.71 -102.91
CA GLU B 289 33.77 -48.57 -103.73
C GLU B 289 32.39 -48.05 -103.37
N LYS B 290 31.53 -48.92 -102.82
CA LYS B 290 30.19 -48.49 -102.45
C LYS B 290 30.24 -47.46 -101.32
N ALA B 291 31.11 -47.68 -100.33
CA ALA B 291 31.23 -46.73 -99.23
C ALA B 291 31.99 -45.48 -99.64
N LEU B 292 32.93 -45.60 -100.57
CA LEU B 292 33.70 -44.45 -101.02
C LEU B 292 32.80 -43.44 -101.73
N ALA B 293 31.84 -43.92 -102.52
CA ALA B 293 30.99 -43.02 -103.29
C ALA B 293 30.17 -42.12 -102.38
N GLN B 294 29.64 -42.67 -101.28
CA GLN B 294 28.84 -41.86 -100.36
C GLN B 294 29.69 -40.78 -99.69
N ALA B 295 30.94 -41.09 -99.37
CA ALA B 295 31.80 -40.12 -98.72
C ALA B 295 32.08 -38.93 -99.63
N LEU B 296 32.29 -39.18 -100.92
CA LEU B 296 32.56 -38.10 -101.86
C LEU B 296 31.36 -37.16 -101.99
N LYS B 297 30.16 -37.71 -102.04
CA LYS B 297 28.97 -36.88 -102.20
C LYS B 297 28.72 -36.00 -100.99
N GLU B 298 28.84 -36.56 -99.78
CA GLU B 298 28.59 -35.78 -98.58
C GLU B 298 29.67 -34.76 -98.30
N GLY B 299 30.87 -34.95 -98.84
CA GLY B 299 31.95 -33.99 -98.68
C GLY B 299 32.96 -34.34 -97.61
N ARG B 300 32.89 -35.54 -97.01
CA ARG B 300 33.87 -35.92 -96.02
C ARG B 300 35.24 -36.19 -96.63
N ILE B 301 35.31 -36.50 -97.92
CA ILE B 301 36.55 -36.72 -98.63
C ILE B 301 36.62 -35.73 -99.78
N ARG B 302 37.70 -34.94 -99.83
CA ARG B 302 37.79 -33.88 -100.82
C ARG B 302 38.01 -34.43 -102.23
N GLY B 303 38.79 -35.50 -102.36
CA GLY B 303 39.03 -36.07 -103.67
C GLY B 303 39.67 -37.44 -103.55
N ALA B 304 39.75 -38.12 -104.68
CA ALA B 304 40.32 -39.46 -104.73
C ALA B 304 40.85 -39.73 -106.13
N ALA B 305 42.05 -40.32 -106.19
CA ALA B 305 42.67 -40.74 -107.45
C ALA B 305 42.86 -42.25 -107.41
N LEU B 306 42.32 -42.94 -108.41
CA LEU B 306 42.34 -44.39 -108.45
C LEU B 306 42.97 -44.88 -109.74
N ASP B 307 43.79 -45.91 -109.63
CA ASP B 307 44.39 -46.56 -110.79
C ASP B 307 43.93 -48.01 -110.97
N VAL B 308 43.41 -48.63 -109.91
CA VAL B 308 42.93 -50.01 -109.96
C VAL B 308 41.54 -50.06 -109.33
N HIS B 309 40.67 -50.88 -109.91
CA HIS B 309 39.28 -50.95 -109.47
C HIS B 309 38.87 -52.40 -109.25
N GLU B 310 37.78 -52.59 -108.52
CA GLU B 310 37.29 -53.94 -108.24
C GLU B 310 36.89 -54.66 -109.51
N SER B 311 36.17 -54.00 -110.40
CA SER B 311 35.73 -54.58 -111.65
C SER B 311 36.43 -53.87 -112.81
N GLU B 312 37.06 -54.66 -113.68
CA GLU B 312 37.77 -54.12 -114.83
C GLU B 312 37.29 -54.81 -116.10
N PRO B 313 37.27 -54.09 -117.24
CA PRO B 313 37.69 -52.69 -117.42
C PRO B 313 36.73 -51.68 -116.81
N PHE B 314 37.24 -50.47 -116.56
CA PHE B 314 36.48 -49.43 -115.89
C PHE B 314 35.78 -48.53 -116.89
N SER B 315 34.56 -48.11 -116.55
CA SER B 315 33.79 -47.19 -117.36
C SER B 315 33.09 -46.18 -116.46
N PHE B 316 33.08 -44.92 -116.88
CA PHE B 316 32.47 -43.87 -116.07
C PHE B 316 30.95 -43.97 -116.02
N SER B 317 30.34 -44.70 -116.95
CA SER B 317 28.89 -44.78 -117.03
C SER B 317 28.31 -45.98 -116.28
N GLN B 318 29.15 -46.80 -115.66
CA GLN B 318 28.68 -47.99 -114.95
C GLN B 318 29.39 -48.11 -113.61
N GLY B 319 28.73 -48.77 -112.66
CA GLY B 319 29.31 -49.02 -111.37
C GLY B 319 28.81 -48.09 -110.28
N PRO B 320 29.21 -48.35 -109.04
CA PRO B 320 28.80 -47.47 -107.94
C PRO B 320 29.33 -46.06 -108.06
N LEU B 321 30.39 -45.83 -108.82
CA LEU B 321 30.98 -44.50 -109.00
C LEU B 321 30.49 -43.83 -110.27
N LYS B 322 29.23 -44.08 -110.66
CA LYS B 322 28.71 -43.53 -111.90
C LYS B 322 28.67 -42.01 -111.85
N ASP B 323 28.24 -41.44 -110.73
CA ASP B 323 28.12 -39.99 -110.56
C ASP B 323 28.70 -39.62 -109.21
N ALA B 324 30.01 -39.37 -109.17
CA ALA B 324 30.70 -38.96 -107.96
C ALA B 324 31.67 -37.83 -108.27
N PRO B 325 31.55 -36.69 -107.58
CA PRO B 325 32.43 -35.56 -107.88
C PRO B 325 33.86 -35.78 -107.41
N ASN B 326 34.78 -35.05 -108.03
CA ASN B 326 36.18 -35.03 -107.65
C ASN B 326 36.81 -36.42 -107.73
N LEU B 327 36.85 -36.96 -108.94
CA LEU B 327 37.36 -38.30 -109.19
C LEU B 327 38.33 -38.29 -110.36
N ILE B 328 39.45 -38.98 -110.20
CA ILE B 328 40.46 -39.15 -111.25
C ILE B 328 40.73 -40.64 -111.39
N CYS B 329 40.66 -41.15 -112.63
CA CYS B 329 40.83 -42.57 -112.89
C CYS B 329 41.75 -42.77 -114.09
N THR B 330 42.53 -43.84 -114.03
CA THR B 330 43.43 -44.26 -115.10
C THR B 330 43.24 -45.75 -115.36
N PRO B 331 43.49 -46.20 -116.61
CA PRO B 331 43.19 -47.58 -117.00
C PRO B 331 44.28 -48.60 -116.65
N HIS B 332 44.69 -48.61 -115.38
CA HIS B 332 45.63 -49.60 -114.85
C HIS B 332 46.91 -49.64 -115.68
N ALA B 333 47.57 -48.49 -115.77
CA ALA B 333 48.78 -48.33 -116.58
C ALA B 333 49.84 -47.56 -115.81
N ALA B 334 49.99 -47.84 -114.52
CA ALA B 334 50.99 -47.18 -113.69
C ALA B 334 52.34 -47.87 -113.76
N TRP B 335 52.48 -48.91 -114.57
CA TRP B 335 53.71 -49.67 -114.67
C TRP B 335 54.38 -49.56 -116.03
N TYR B 336 53.67 -49.08 -117.06
CA TYR B 336 54.19 -49.19 -118.42
C TYR B 336 55.33 -48.21 -118.66
N SER B 337 56.33 -48.68 -119.39
CA SER B 337 57.43 -47.86 -119.89
C SER B 337 58.08 -48.61 -121.03
N GLU B 338 58.75 -47.86 -121.91
CA GLU B 338 59.41 -48.49 -123.05
C GLU B 338 60.52 -49.43 -122.60
N GLN B 339 61.33 -49.01 -121.62
CA GLN B 339 62.39 -49.86 -121.12
C GLN B 339 61.88 -50.94 -120.19
N ALA B 340 60.87 -50.63 -119.37
CA ALA B 340 60.37 -51.59 -118.39
C ALA B 340 59.68 -52.76 -119.07
N SER B 341 58.95 -52.51 -120.16
CA SER B 341 58.22 -53.57 -120.82
C SER B 341 59.16 -54.63 -121.40
N ILE B 342 60.26 -54.19 -122.01
CA ILE B 342 61.21 -55.14 -122.60
C ILE B 342 61.94 -55.92 -121.51
N GLU B 343 62.27 -55.26 -120.40
CA GLU B 343 63.06 -55.91 -119.36
C GLU B 343 62.30 -57.05 -118.70
N MET B 344 61.01 -56.85 -118.42
CA MET B 344 60.25 -57.87 -117.71
C MET B 344 59.93 -59.07 -118.61
N ARG B 345 59.79 -58.84 -119.91
CA ARG B 345 59.46 -59.95 -120.81
C ARG B 345 60.66 -60.85 -121.05
N GLU B 346 61.86 -60.27 -121.13
CA GLU B 346 63.06 -61.08 -121.31
C GLU B 346 63.38 -61.91 -120.08
N GLU B 347 63.20 -61.32 -118.89
CA GLU B 347 63.51 -62.04 -117.66
C GLU B 347 62.59 -63.25 -117.47
N ALA B 348 61.30 -63.10 -117.79
CA ALA B 348 60.37 -64.21 -117.64
C ALA B 348 60.71 -65.35 -118.59
N ALA B 349 61.12 -65.02 -119.82
CA ALA B 349 61.46 -66.06 -120.79
C ALA B 349 62.68 -66.87 -120.33
N ARG B 350 63.68 -66.20 -119.77
CA ARG B 350 64.87 -66.91 -119.32
C ARG B 350 64.62 -67.76 -118.09
N GLU B 351 63.59 -67.44 -117.30
CA GLU B 351 63.24 -68.28 -116.15
C GLU B 351 62.70 -69.62 -116.60
N ILE B 352 61.94 -69.65 -117.70
CA ILE B 352 61.42 -70.89 -118.24
C ILE B 352 62.56 -71.78 -118.73
N ARG B 353 63.54 -71.18 -119.42
CA ARG B 353 64.62 -71.97 -120.00
C ARG B 353 65.46 -72.66 -118.93
N ARG B 354 65.70 -71.98 -117.81
CA ARG B 354 66.48 -72.60 -116.74
C ARG B 354 65.75 -73.80 -116.14
N ALA B 355 64.42 -73.70 -115.99
CA ALA B 355 63.65 -74.80 -115.43
C ALA B 355 63.69 -76.03 -116.34
N ILE B 356 63.58 -75.84 -117.65
CA ILE B 356 63.59 -76.97 -118.58
C ILE B 356 64.95 -77.64 -118.59
N THR B 357 66.04 -76.86 -118.62
CA THR B 357 67.39 -77.39 -118.69
C THR B 357 68.09 -77.42 -117.33
N GLY B 358 67.34 -77.63 -116.27
CA GLY B 358 67.90 -77.68 -114.93
C GLY B 358 67.04 -78.55 -114.03
N ARG B 359 66.99 -78.19 -112.75
CA ARG B 359 66.19 -78.91 -111.77
C ARG B 359 65.36 -77.93 -110.97
N ILE B 360 64.20 -78.38 -110.54
CA ILE B 360 63.22 -77.56 -109.82
C ILE B 360 63.21 -78.01 -108.37
N PRO B 361 63.27 -77.08 -107.40
CA PRO B 361 63.38 -75.63 -107.58
C PRO B 361 64.79 -75.09 -107.31
N ASP B 362 65.81 -75.93 -107.53
CA ASP B 362 67.17 -75.53 -107.22
C ASP B 362 67.67 -74.44 -108.18
N SER B 363 67.28 -74.52 -109.45
CA SER B 363 67.75 -73.59 -110.45
C SER B 363 66.92 -72.31 -110.54
N LEU B 364 65.81 -72.22 -109.80
CA LEU B 364 64.95 -71.05 -109.86
C LEU B 364 65.46 -69.97 -108.92
N LYS B 365 65.36 -68.72 -109.36
CA LYS B 365 65.82 -67.59 -108.57
C LYS B 365 64.71 -66.94 -107.75
N ASN B 366 63.52 -66.79 -108.32
CA ASN B 366 62.40 -66.15 -107.65
C ASN B 366 61.25 -67.14 -107.57
N CYS B 367 61.22 -67.94 -106.51
CA CYS B 367 60.15 -68.89 -106.25
C CYS B 367 59.37 -68.45 -105.02
N VAL B 368 58.05 -68.45 -105.10
CA VAL B 368 57.19 -67.92 -104.04
C VAL B 368 56.44 -69.00 -103.28
N ASN B 369 56.43 -70.24 -103.76
CA ASN B 369 55.75 -71.33 -103.09
C ASN B 369 56.72 -72.46 -102.74
N LYS B 370 57.95 -72.09 -102.39
CA LYS B 370 58.96 -73.09 -102.07
C LYS B 370 58.60 -73.89 -100.82
N ASP B 371 58.05 -73.21 -99.81
CA ASP B 371 57.65 -73.90 -98.58
C ASP B 371 56.53 -74.90 -98.85
N HIS B 372 55.53 -74.51 -99.64
CA HIS B 372 54.40 -75.39 -99.90
C HIS B 372 54.72 -76.47 -100.92
N LEU B 373 55.80 -76.33 -101.68
CA LEU B 373 56.14 -77.31 -102.69
C LEU B 373 56.59 -78.62 -102.05
N THR B 374 56.12 -79.73 -102.62
CA THR B 374 56.46 -81.05 -102.10
C THR B 374 57.25 -81.86 -103.11
N PRO C 45 107.36 -5.39 -119.06
CA PRO C 45 107.06 -4.93 -117.70
C PRO C 45 107.46 -5.96 -116.65
N LEU C 46 107.39 -5.54 -115.39
CA LEU C 46 107.80 -6.36 -114.26
C LEU C 46 106.59 -6.67 -113.38
N VAL C 47 106.45 -7.94 -113.02
CA VAL C 47 105.40 -8.41 -112.13
C VAL C 47 106.08 -9.09 -110.93
N ALA C 48 105.67 -8.71 -109.73
CA ALA C 48 106.32 -9.16 -108.51
C ALA C 48 105.35 -9.91 -107.62
N LEU C 49 105.82 -11.00 -107.02
CA LEU C 49 105.09 -11.76 -106.01
C LEU C 49 105.56 -11.28 -104.64
N LEU C 50 104.69 -10.61 -103.90
CA LEU C 50 105.11 -9.92 -102.68
C LEU C 50 105.55 -10.91 -101.61
N ASP C 51 104.73 -11.93 -101.34
CA ASP C 51 105.02 -12.90 -100.28
C ASP C 51 104.96 -14.30 -100.87
N GLY C 52 106.11 -14.79 -101.34
CA GLY C 52 106.16 -16.12 -101.91
C GLY C 52 107.55 -16.38 -102.47
N ARG C 53 107.80 -17.65 -102.77
CA ARG C 53 109.09 -18.05 -103.31
C ARG C 53 108.91 -18.97 -104.52
N ASP C 54 107.78 -19.68 -104.58
CA ASP C 54 107.52 -20.64 -105.64
C ASP C 54 106.66 -19.98 -106.72
N CYS C 55 107.13 -20.05 -107.96
CA CYS C 55 106.44 -19.46 -109.11
C CYS C 55 106.44 -20.42 -110.29
N THR C 56 106.30 -21.71 -110.02
CA THR C 56 106.38 -22.71 -111.08
C THR C 56 105.12 -22.73 -111.95
N VAL C 57 104.00 -22.21 -111.44
CA VAL C 57 102.75 -22.25 -112.20
C VAL C 57 102.53 -20.96 -112.98
N GLU C 58 102.85 -19.81 -112.37
CA GLU C 58 102.63 -18.53 -113.04
C GLU C 58 103.66 -18.26 -114.12
N MET C 59 104.86 -18.83 -114.00
CA MET C 59 105.93 -18.54 -114.95
C MET C 59 105.59 -18.92 -116.39
N PRO C 60 105.10 -20.13 -116.70
CA PRO C 60 104.81 -20.46 -118.10
C PRO C 60 103.74 -19.60 -118.72
N ILE C 61 102.87 -18.96 -117.94
CA ILE C 61 101.84 -18.10 -118.51
C ILE C 61 102.38 -16.71 -118.78
N LEU C 62 102.97 -16.09 -117.78
CA LEU C 62 103.50 -14.72 -117.91
C LEU C 62 104.98 -14.72 -118.26
N LYS C 63 105.36 -15.40 -119.34
CA LYS C 63 106.76 -15.42 -119.77
C LYS C 63 107.01 -14.66 -121.06
N ASP C 64 106.01 -14.53 -121.92
CA ASP C 64 106.15 -13.81 -123.18
C ASP C 64 105.47 -12.46 -123.16
N VAL C 65 104.98 -12.01 -122.00
CA VAL C 65 104.33 -10.71 -121.90
C VAL C 65 104.86 -9.85 -120.75
N ALA C 66 105.61 -10.41 -119.81
CA ALA C 66 106.10 -9.65 -118.66
C ALA C 66 107.29 -10.38 -118.06
N THR C 67 107.86 -9.78 -117.01
CA THR C 67 108.98 -10.34 -116.28
C THR C 67 108.55 -10.65 -114.86
N VAL C 68 108.77 -11.87 -114.41
CA VAL C 68 108.29 -12.35 -113.12
C VAL C 68 109.41 -12.27 -112.10
N ALA C 69 109.07 -11.89 -110.87
CA ALA C 69 110.02 -11.81 -109.78
C ALA C 69 109.28 -12.04 -108.47
N PHE C 70 110.02 -12.41 -107.44
CA PHE C 70 109.45 -12.65 -106.12
C PHE C 70 110.31 -11.96 -105.07
N CYS C 71 109.66 -11.64 -103.94
CA CYS C 71 110.30 -10.92 -102.85
C CYS C 71 110.39 -11.72 -101.56
N ASP C 72 109.43 -12.61 -101.29
CA ASP C 72 109.39 -13.41 -100.07
C ASP C 72 109.42 -12.51 -98.83
N ALA C 73 108.64 -11.44 -98.87
CA ALA C 73 108.62 -10.47 -97.79
C ALA C 73 107.59 -10.85 -96.73
N GLN C 74 107.87 -10.45 -95.49
CA GLN C 74 106.96 -10.65 -94.37
C GLN C 74 106.36 -9.35 -93.84
N SER C 75 106.82 -8.21 -94.34
CA SER C 75 106.32 -6.91 -93.90
C SER C 75 106.55 -5.91 -95.03
N THR C 76 105.87 -4.76 -94.93
CA THR C 76 105.99 -3.74 -95.95
C THR C 76 107.38 -3.11 -95.99
N GLN C 77 108.18 -3.32 -94.95
CA GLN C 77 109.53 -2.75 -94.88
C GLN C 77 110.58 -3.66 -95.52
N GLU C 78 110.19 -4.83 -96.02
CA GLU C 78 111.12 -5.77 -96.62
C GLU C 78 110.96 -5.85 -98.13
N ILE C 79 110.37 -4.83 -98.75
CA ILE C 79 110.18 -4.81 -100.19
C ILE C 79 111.35 -4.09 -100.83
N HIS C 80 111.92 -4.70 -101.87
CA HIS C 80 113.10 -4.16 -102.53
C HIS C 80 112.77 -2.82 -103.19
N GLU C 81 113.78 -1.96 -103.28
CA GLU C 81 113.58 -0.62 -103.85
C GLU C 81 113.21 -0.68 -105.33
N LYS C 82 113.73 -1.66 -106.06
CA LYS C 82 113.41 -1.78 -107.47
C LYS C 82 111.93 -2.05 -107.68
N VAL C 83 111.32 -2.85 -106.81
CA VAL C 83 109.90 -3.15 -106.92
C VAL C 83 109.07 -1.88 -106.74
N LEU C 84 109.43 -1.04 -105.77
CA LEU C 84 108.66 0.15 -105.47
C LEU C 84 108.68 1.18 -106.61
N ASN C 85 109.58 1.03 -107.58
CA ASN C 85 109.71 1.99 -108.67
C ASN C 85 109.33 1.45 -110.03
N GLU C 86 109.43 0.15 -110.26
CA GLU C 86 109.26 -0.45 -111.58
C GLU C 86 108.36 -1.68 -111.52
N ALA C 87 107.23 -1.57 -110.83
CA ALA C 87 106.27 -2.66 -110.75
C ALA C 87 104.93 -2.22 -111.34
N VAL C 88 104.37 -3.05 -112.21
CA VAL C 88 103.08 -2.78 -112.82
C VAL C 88 101.96 -3.54 -112.11
N GLY C 89 102.20 -4.81 -111.78
CA GLY C 89 101.22 -5.62 -111.07
C GLY C 89 101.87 -6.38 -109.94
N ALA C 90 101.03 -6.90 -109.04
CA ALA C 90 101.52 -7.61 -107.87
C ALA C 90 100.55 -8.72 -107.51
N LEU C 91 101.09 -9.76 -106.87
CA LEU C 91 100.32 -10.88 -106.36
C LEU C 91 100.64 -11.06 -104.88
N MET C 92 99.62 -11.30 -104.06
CA MET C 92 99.82 -11.38 -102.63
C MET C 92 98.84 -12.36 -102.01
N TYR C 93 99.30 -13.02 -100.95
CA TYR C 93 98.47 -13.89 -100.13
C TYR C 93 97.91 -13.10 -98.95
N HIS C 94 97.40 -13.81 -97.94
CA HIS C 94 96.78 -13.19 -96.78
C HIS C 94 97.77 -12.86 -95.67
N THR C 95 99.06 -13.11 -95.86
CA THR C 95 100.04 -12.95 -94.80
C THR C 95 100.63 -11.55 -94.70
N ILE C 96 100.25 -10.63 -95.59
CA ILE C 96 100.78 -9.28 -95.59
C ILE C 96 99.64 -8.29 -95.71
N THR C 97 99.74 -7.18 -94.98
CA THR C 97 98.71 -6.15 -94.94
C THR C 97 99.25 -4.85 -95.53
N LEU C 98 98.44 -4.22 -96.38
CA LEU C 98 98.79 -2.96 -97.03
C LEU C 98 97.85 -1.87 -96.57
N THR C 99 98.41 -0.73 -96.17
CA THR C 99 97.65 0.44 -95.76
C THR C 99 97.81 1.55 -96.79
N ARG C 100 97.20 2.70 -96.51
CA ARG C 100 97.27 3.82 -97.45
C ARG C 100 98.70 4.35 -97.56
N GLU C 101 99.43 4.41 -96.45
CA GLU C 101 100.81 4.88 -96.50
C GLU C 101 101.68 3.94 -97.34
N ASP C 102 101.44 2.64 -97.23
CA ASP C 102 102.20 1.68 -98.04
C ASP C 102 101.89 1.84 -99.52
N LEU C 103 100.63 2.10 -99.86
CA LEU C 103 100.25 2.22 -101.27
C LEU C 103 100.89 3.45 -101.91
N GLU C 104 101.04 4.54 -101.16
CA GLU C 104 101.61 5.76 -101.71
C GLU C 104 103.07 5.62 -102.09
N LYS C 105 103.76 4.60 -101.56
CA LYS C 105 105.17 4.40 -101.89
C LYS C 105 105.38 3.81 -103.28
N PHE C 106 104.35 3.20 -103.86
CA PHE C 106 104.46 2.68 -105.21
C PHE C 106 104.30 3.81 -106.22
N LYS C 107 105.10 3.74 -107.29
CA LYS C 107 105.12 4.80 -108.29
C LYS C 107 104.58 4.37 -109.65
N ALA C 108 104.44 3.06 -109.90
CA ALA C 108 103.94 2.60 -111.19
C ALA C 108 102.93 1.47 -111.06
N LEU C 109 102.46 1.16 -109.85
CA LEU C 109 101.50 0.08 -109.68
C LEU C 109 100.16 0.44 -110.32
N ARG C 110 99.53 -0.55 -110.95
CA ARG C 110 98.27 -0.29 -111.66
C ARG C 110 97.20 -1.30 -111.28
N ILE C 111 97.59 -2.50 -110.87
CA ILE C 111 96.62 -3.55 -110.56
C ILE C 111 97.19 -4.44 -109.46
N ILE C 112 96.31 -4.88 -108.56
CA ILE C 112 96.64 -5.83 -107.51
C ILE C 112 95.67 -6.99 -107.59
N VAL C 113 96.19 -8.22 -107.62
CA VAL C 113 95.38 -9.42 -107.70
C VAL C 113 95.61 -10.24 -106.44
N ARG C 114 94.52 -10.55 -105.74
CA ARG C 114 94.57 -11.30 -104.49
C ARG C 114 94.23 -12.76 -104.77
N ILE C 115 95.14 -13.67 -104.42
CA ILE C 115 94.94 -15.09 -104.64
C ILE C 115 94.08 -15.64 -103.52
N GLY C 116 92.77 -15.62 -103.70
CA GLY C 116 91.85 -16.06 -102.67
C GLY C 116 90.54 -15.31 -102.80
N SER C 117 89.71 -15.43 -101.76
CA SER C 117 88.39 -14.81 -101.76
C SER C 117 88.26 -13.62 -100.82
N GLY C 118 89.16 -13.48 -99.85
CA GLY C 118 89.10 -12.38 -98.90
C GLY C 118 90.05 -11.25 -99.27
N PHE C 119 89.59 -10.02 -99.08
CA PHE C 119 90.40 -8.85 -99.40
C PHE C 119 90.32 -7.81 -98.29
N ASP C 120 90.12 -8.25 -97.05
CA ASP C 120 90.03 -7.33 -95.92
C ASP C 120 91.37 -6.78 -95.48
N ASN C 121 92.48 -7.30 -96.00
CA ASN C 121 93.81 -6.82 -95.65
C ASN C 121 94.31 -5.74 -96.61
N ILE C 122 93.47 -5.27 -97.53
CA ILE C 122 93.83 -4.22 -98.46
C ILE C 122 92.83 -3.08 -98.32
N ASP C 123 93.32 -1.85 -98.24
CA ASP C 123 92.45 -0.68 -98.15
C ASP C 123 91.84 -0.44 -99.52
N ILE C 124 90.60 -0.87 -99.70
CA ILE C 124 89.95 -0.83 -101.01
C ILE C 124 89.68 0.62 -101.43
N LYS C 125 89.13 1.42 -100.53
CA LYS C 125 88.75 2.79 -100.88
C LYS C 125 89.96 3.64 -101.22
N SER C 126 91.04 3.51 -100.46
CA SER C 126 92.23 4.32 -100.71
C SER C 126 92.86 3.98 -102.05
N ALA C 127 92.90 2.70 -102.41
CA ALA C 127 93.49 2.30 -103.68
C ALA C 127 92.70 2.84 -104.86
N GLY C 128 91.38 3.01 -104.71
CA GLY C 128 90.60 3.56 -105.80
C GLY C 128 90.95 5.00 -106.12
N ASP C 129 91.20 5.82 -105.09
CA ASP C 129 91.57 7.21 -105.31
C ASP C 129 92.90 7.32 -106.06
N LEU C 130 93.87 6.48 -105.69
CA LEU C 130 95.18 6.52 -106.34
C LEU C 130 95.14 5.95 -107.75
N GLY C 131 94.08 5.26 -108.13
CA GLY C 131 93.97 4.70 -109.47
C GLY C 131 94.54 3.31 -109.60
N ILE C 132 94.23 2.45 -108.63
CA ILE C 132 94.71 1.07 -108.59
C ILE C 132 93.50 0.15 -108.51
N ALA C 133 93.48 -0.87 -109.35
CA ALA C 133 92.39 -1.84 -109.39
C ALA C 133 92.74 -3.07 -108.57
N VAL C 134 91.74 -3.62 -107.88
CA VAL C 134 91.92 -4.78 -107.01
C VAL C 134 91.02 -5.90 -107.51
N CYS C 135 91.59 -7.10 -107.65
CA CYS C 135 90.87 -8.27 -108.13
C CYS C 135 91.09 -9.43 -107.17
N ASN C 136 90.26 -10.46 -107.32
CA ASN C 136 90.38 -11.65 -106.49
C ASN C 136 89.78 -12.84 -107.23
N VAL C 137 89.92 -14.02 -106.63
CA VAL C 137 89.34 -15.26 -107.16
C VAL C 137 88.12 -15.59 -106.30
N PRO C 138 86.90 -15.41 -106.81
CA PRO C 138 85.72 -15.49 -105.93
C PRO C 138 85.44 -16.88 -105.38
N ALA C 139 85.43 -17.89 -106.24
CA ALA C 139 84.99 -19.22 -105.84
C ALA C 139 85.92 -20.27 -106.47
N ALA C 140 86.85 -20.77 -105.68
CA ALA C 140 87.70 -21.88 -106.11
C ALA C 140 87.78 -22.95 -105.03
N SER C 141 87.43 -22.59 -103.80
CA SER C 141 87.48 -23.51 -102.67
C SER C 141 86.19 -23.44 -101.85
N VAL C 142 85.06 -23.33 -102.54
CA VAL C 142 83.78 -23.29 -101.84
C VAL C 142 83.49 -24.63 -101.16
N GLU C 143 83.67 -25.72 -101.91
CA GLU C 143 83.33 -27.05 -101.38
C GLU C 143 84.37 -27.55 -100.40
N GLU C 144 85.64 -27.18 -100.57
CA GLU C 144 86.66 -27.59 -99.61
C GLU C 144 86.40 -26.99 -98.23
N THR C 145 86.01 -25.71 -98.18
CA THR C 145 85.75 -25.06 -96.90
C THR C 145 84.48 -25.60 -96.25
N ALA C 146 83.47 -25.93 -97.07
CA ALA C 146 82.23 -26.47 -96.53
C ALA C 146 82.45 -27.84 -95.89
N ASP C 147 83.27 -28.69 -96.52
CA ASP C 147 83.56 -30.00 -95.96
C ASP C 147 84.33 -29.88 -94.65
N SER C 148 85.28 -28.94 -94.58
CA SER C 148 86.04 -28.77 -93.35
C SER C 148 85.17 -28.26 -92.20
N THR C 149 84.17 -27.44 -92.50
CA THR C 149 83.26 -26.98 -91.46
C THR C 149 82.46 -28.13 -90.87
N LEU C 150 81.99 -29.04 -91.73
CA LEU C 150 81.23 -30.20 -91.24
C LEU C 150 82.10 -31.14 -90.43
N CYS C 151 83.39 -31.24 -90.77
CA CYS C 151 84.28 -32.11 -90.01
C CYS C 151 84.44 -31.61 -88.58
N HIS C 152 84.56 -30.30 -88.39
CA HIS C 152 84.69 -29.74 -87.05
C HIS C 152 83.42 -29.92 -86.23
N ILE C 153 82.26 -29.81 -86.87
CA ILE C 153 81.00 -29.96 -86.15
C ILE C 153 80.86 -31.39 -85.61
N LEU C 154 81.21 -32.38 -86.42
CA LEU C 154 81.07 -33.77 -85.99
C LEU C 154 82.06 -34.11 -84.89
N ASN C 155 83.25 -33.51 -84.88
CA ASN C 155 84.22 -33.78 -83.84
C ASN C 155 83.72 -33.32 -82.47
N LEU C 156 82.93 -32.25 -82.43
CA LEU C 156 82.44 -31.76 -81.14
C LEU C 156 81.35 -32.66 -80.59
N TYR C 157 80.44 -33.15 -81.44
CA TYR C 157 79.38 -34.03 -80.98
C TYR C 157 79.89 -35.43 -80.73
N ARG C 158 80.40 -36.10 -81.78
CA ARG C 158 81.00 -37.42 -81.66
C ARG C 158 82.50 -37.22 -81.44
N ARG C 159 82.90 -37.16 -80.16
CA ARG C 159 84.28 -36.86 -79.81
C ARG C 159 85.23 -37.88 -80.42
N ALA C 160 86.03 -37.46 -81.39
CA ALA C 160 86.95 -38.35 -82.08
C ALA C 160 88.40 -37.91 -81.99
N THR C 161 88.67 -36.61 -82.12
CA THR C 161 90.03 -36.12 -81.95
C THR C 161 90.50 -36.28 -80.52
N TRP C 162 89.64 -36.02 -79.55
CA TRP C 162 90.01 -36.13 -78.15
C TRP C 162 90.24 -37.58 -77.74
N LEU C 163 89.43 -38.51 -78.27
CA LEU C 163 89.63 -39.92 -77.96
C LEU C 163 90.93 -40.44 -78.56
N HIS C 164 91.26 -40.04 -79.78
CA HIS C 164 92.53 -40.44 -80.39
C HIS C 164 93.72 -39.86 -79.62
N GLN C 165 93.59 -38.62 -79.16
CA GLN C 165 94.68 -37.99 -78.41
C GLN C 165 94.92 -38.72 -77.08
N ALA C 166 93.85 -39.18 -76.43
CA ALA C 166 93.99 -39.84 -75.14
C ALA C 166 94.78 -41.15 -75.26
N LEU C 167 94.55 -41.90 -76.35
CA LEU C 167 95.24 -43.17 -76.51
C LEU C 167 96.75 -42.98 -76.66
N ARG C 168 97.17 -41.93 -77.38
CA ARG C 168 98.59 -41.69 -77.57
C ARG C 168 99.28 -41.30 -76.26
N GLU C 169 98.54 -40.71 -75.32
CA GLU C 169 99.12 -40.34 -74.04
C GLU C 169 99.31 -41.55 -73.12
N GLY C 170 98.80 -42.72 -73.49
CA GLY C 170 98.96 -43.92 -72.70
C GLY C 170 97.75 -44.36 -71.91
N THR C 171 96.61 -43.72 -72.10
CA THR C 171 95.41 -44.11 -71.37
C THR C 171 94.94 -45.49 -71.82
N ARG C 172 94.55 -46.31 -70.85
CA ARG C 172 94.08 -47.67 -71.10
C ARG C 172 92.66 -47.82 -70.57
N VAL C 173 91.76 -48.28 -71.44
CA VAL C 173 90.36 -48.48 -71.09
C VAL C 173 89.97 -49.91 -71.45
N GLN C 174 89.44 -50.65 -70.48
CA GLN C 174 89.08 -52.05 -70.68
C GLN C 174 87.61 -52.32 -70.41
N SER C 175 87.07 -51.86 -69.29
CA SER C 175 85.69 -52.15 -68.93
C SER C 175 84.74 -51.15 -69.59
N VAL C 176 83.45 -51.48 -69.55
CA VAL C 176 82.44 -50.60 -70.13
C VAL C 176 82.31 -49.32 -69.33
N GLU C 177 82.45 -49.41 -68.01
CA GLU C 177 82.36 -48.20 -67.17
C GLU C 177 83.45 -47.21 -67.53
N GLN C 178 84.65 -47.70 -67.85
CA GLN C 178 85.72 -46.80 -68.27
C GLN C 178 85.40 -46.13 -69.60
N ILE C 179 84.73 -46.86 -70.50
CA ILE C 179 84.38 -46.29 -71.80
C ILE C 179 83.39 -45.13 -71.62
N ARG C 180 82.39 -45.31 -70.74
CA ARG C 180 81.42 -44.24 -70.52
C ARG C 180 82.04 -42.99 -69.90
N GLU C 181 83.19 -43.12 -69.25
CA GLU C 181 83.82 -41.99 -68.58
C GLU C 181 84.75 -41.20 -69.50
N VAL C 182 85.57 -41.90 -70.28
CA VAL C 182 86.50 -41.21 -71.17
C VAL C 182 85.75 -40.48 -72.28
N ALA C 183 84.66 -41.06 -72.77
CA ALA C 183 83.85 -40.47 -73.84
C ALA C 183 82.60 -39.77 -73.30
N SER C 184 82.66 -39.24 -72.09
CA SER C 184 81.50 -38.58 -71.51
C SER C 184 81.30 -37.22 -72.15
N GLY C 185 80.08 -36.95 -72.58
CA GLY C 185 79.74 -35.69 -73.22
C GLY C 185 79.17 -35.81 -74.61
N ALA C 186 79.23 -36.98 -75.24
CA ALA C 186 78.68 -37.16 -76.58
C ALA C 186 77.17 -37.01 -76.55
N ALA C 187 76.61 -36.48 -77.63
CA ALA C 187 75.20 -36.18 -77.72
C ALA C 187 74.62 -36.71 -79.02
N ARG C 188 73.29 -36.62 -79.14
CA ARG C 188 72.57 -37.08 -80.31
C ARG C 188 72.28 -35.90 -81.23
N ILE C 189 72.66 -36.04 -82.50
CA ILE C 189 72.59 -34.91 -83.43
C ILE C 189 71.15 -34.58 -83.79
N ARG C 190 70.33 -35.59 -84.04
CA ARG C 190 68.97 -35.33 -84.51
C ARG C 190 68.16 -34.58 -83.47
N GLY C 191 67.46 -33.54 -83.92
CA GLY C 191 66.66 -32.71 -83.06
C GLY C 191 67.31 -31.42 -82.61
N GLU C 192 68.60 -31.24 -82.89
CA GLU C 192 69.30 -30.03 -82.48
C GLU C 192 69.06 -28.90 -83.47
N THR C 193 69.44 -27.69 -83.06
CA THR C 193 69.27 -26.48 -83.86
C THR C 193 70.63 -25.92 -84.22
N LEU C 194 70.81 -25.58 -85.49
CA LEU C 194 72.06 -25.03 -86.00
C LEU C 194 71.83 -23.59 -86.46
N GLY C 195 72.68 -22.67 -85.99
CA GLY C 195 72.58 -21.27 -86.33
C GLY C 195 73.75 -20.85 -87.21
N ILE C 196 73.42 -20.14 -88.28
CA ILE C 196 74.41 -19.71 -89.27
C ILE C 196 74.34 -18.19 -89.38
N ILE C 197 75.50 -17.55 -89.35
CA ILE C 197 75.61 -16.10 -89.48
C ILE C 197 76.25 -15.79 -90.83
N GLY C 198 75.45 -15.34 -91.78
CA GLY C 198 75.93 -15.04 -93.12
C GLY C 198 75.67 -16.16 -94.10
N LEU C 199 74.70 -15.98 -94.99
CA LEU C 199 74.33 -17.00 -95.97
C LEU C 199 74.90 -16.62 -97.32
N GLY C 200 76.17 -16.93 -97.52
CA GLY C 200 76.87 -16.68 -98.76
C GLY C 200 77.07 -17.95 -99.58
N ARG C 201 78.18 -18.00 -100.31
CA ARG C 201 78.50 -19.20 -101.06
C ARG C 201 78.78 -20.38 -100.12
N VAL C 202 79.63 -20.17 -99.12
CA VAL C 202 79.93 -21.23 -98.16
C VAL C 202 78.74 -21.50 -97.27
N GLY C 203 78.02 -20.46 -96.86
CA GLY C 203 76.89 -20.64 -95.97
C GLY C 203 75.80 -21.52 -96.56
N GLN C 204 75.51 -21.34 -97.85
CA GLN C 204 74.49 -22.17 -98.49
C GLN C 204 74.94 -23.63 -98.61
N ALA C 205 76.23 -23.85 -98.88
CA ALA C 205 76.73 -25.22 -98.99
C ALA C 205 76.62 -25.97 -97.67
N VAL C 206 76.91 -25.29 -96.56
CA VAL C 206 76.83 -25.94 -95.25
C VAL C 206 75.39 -26.29 -94.91
N ALA C 207 74.44 -25.42 -95.26
CA ALA C 207 73.05 -25.65 -94.90
C ALA C 207 72.50 -26.91 -95.56
N LEU C 208 72.84 -27.14 -96.82
CA LEU C 208 72.33 -28.32 -97.53
C LEU C 208 72.86 -29.61 -96.91
N ARG C 209 74.14 -29.63 -96.54
CA ARG C 209 74.72 -30.85 -95.98
C ARG C 209 74.23 -31.10 -94.55
N ALA C 210 73.89 -30.04 -93.81
CA ALA C 210 73.48 -30.21 -92.42
C ALA C 210 72.08 -30.81 -92.30
N LYS C 211 71.24 -30.68 -93.33
CA LYS C 211 69.88 -31.21 -93.25
C LYS C 211 69.84 -32.73 -93.36
N ALA C 212 70.86 -33.34 -93.95
CA ALA C 212 70.87 -34.79 -94.08
C ALA C 212 71.10 -35.49 -92.75
N PHE C 213 71.66 -34.80 -91.75
CA PHE C 213 71.91 -35.37 -90.44
C PHE C 213 70.78 -35.14 -89.45
N GLY C 214 69.74 -34.41 -89.83
CA GLY C 214 68.63 -34.13 -88.95
C GLY C 214 68.66 -32.81 -88.23
N PHE C 215 69.55 -31.90 -88.61
CA PHE C 215 69.63 -30.59 -87.96
C PHE C 215 68.42 -29.74 -88.33
N ASN C 216 68.17 -28.74 -87.47
CA ASN C 216 67.21 -27.69 -87.75
C ASN C 216 67.98 -26.39 -87.95
N VAL C 217 67.82 -25.76 -89.11
CA VAL C 217 68.71 -24.71 -89.58
C VAL C 217 68.01 -23.36 -89.51
N LEU C 218 68.67 -22.39 -88.90
CA LEU C 218 68.28 -20.99 -88.92
C LEU C 218 69.46 -20.17 -89.45
N PHE C 219 69.16 -18.97 -89.94
CA PHE C 219 70.23 -18.10 -90.42
C PHE C 219 69.84 -16.64 -90.21
N TYR C 220 70.85 -15.79 -90.21
CA TYR C 220 70.68 -14.35 -90.02
C TYR C 220 71.56 -13.62 -91.03
N ASP C 221 70.94 -12.80 -91.87
CA ASP C 221 71.67 -12.02 -92.87
C ASP C 221 70.87 -10.76 -93.21
N PRO C 222 71.38 -9.58 -92.88
CA PRO C 222 70.63 -8.34 -93.10
C PRO C 222 70.79 -7.71 -94.48
N TYR C 223 71.65 -8.27 -95.34
CA TYR C 223 71.92 -7.68 -96.65
C TYR C 223 71.30 -8.47 -97.80
N LEU C 224 70.46 -9.45 -97.50
CA LEU C 224 69.83 -10.27 -98.51
C LEU C 224 68.42 -9.76 -98.83
N SER C 225 67.89 -10.20 -99.96
CA SER C 225 66.57 -9.81 -100.41
C SER C 225 65.52 -10.71 -99.73
N ASP C 226 64.27 -10.61 -100.17
CA ASP C 226 63.17 -11.35 -99.58
C ASP C 226 62.89 -12.62 -100.39
N GLY C 227 62.61 -13.70 -99.67
CA GLY C 227 62.26 -14.95 -100.31
C GLY C 227 63.40 -15.89 -100.62
N VAL C 228 64.62 -15.56 -100.19
CA VAL C 228 65.74 -16.48 -100.41
C VAL C 228 65.56 -17.76 -99.60
N GLU C 229 65.00 -17.64 -98.39
CA GLU C 229 64.76 -18.82 -97.58
C GLU C 229 63.63 -19.69 -98.12
N ARG C 230 62.71 -19.11 -98.89
CA ARG C 230 61.62 -19.90 -99.47
C ARG C 230 62.15 -20.93 -100.46
N ALA C 231 63.14 -20.54 -101.27
CA ALA C 231 63.68 -21.44 -102.27
C ALA C 231 64.38 -22.63 -101.62
N LEU C 232 65.15 -22.40 -100.57
CA LEU C 232 65.91 -23.45 -99.92
C LEU C 232 65.16 -24.11 -98.77
N GLY C 233 63.98 -23.61 -98.42
CA GLY C 233 63.21 -24.20 -97.33
C GLY C 233 63.84 -24.07 -95.96
N LEU C 234 64.39 -22.90 -95.65
CA LEU C 234 65.01 -22.63 -94.36
C LEU C 234 64.15 -21.66 -93.56
N GLN C 235 64.65 -21.27 -92.39
CA GLN C 235 63.98 -20.33 -91.51
C GLN C 235 64.89 -19.14 -91.24
N ARG C 236 64.32 -17.95 -91.22
CA ARG C 236 65.09 -16.71 -91.15
C ARG C 236 64.64 -15.89 -89.93
N VAL C 237 65.62 -15.32 -89.24
CA VAL C 237 65.36 -14.42 -88.13
C VAL C 237 65.82 -13.01 -88.53
N SER C 238 65.44 -12.02 -87.71
CA SER C 238 65.68 -10.62 -88.05
C SER C 238 66.72 -9.94 -87.18
N THR C 239 67.05 -10.49 -86.02
CA THR C 239 68.01 -9.89 -85.12
C THR C 239 69.04 -10.91 -84.69
N LEU C 240 70.25 -10.43 -84.38
CA LEU C 240 71.31 -11.32 -83.91
C LEU C 240 70.99 -11.91 -82.55
N GLN C 241 70.35 -11.12 -81.68
CA GLN C 241 70.02 -11.62 -80.34
C GLN C 241 69.06 -12.80 -80.40
N ASP C 242 68.09 -12.74 -81.32
CA ASP C 242 67.12 -13.83 -81.43
C ASP C 242 67.79 -15.12 -81.90
N LEU C 243 68.80 -15.02 -82.76
CA LEU C 243 69.51 -16.22 -83.23
C LEU C 243 70.25 -16.90 -82.09
N LEU C 244 70.90 -16.12 -81.21
CA LEU C 244 71.68 -16.70 -80.13
C LEU C 244 70.80 -17.35 -79.07
N PHE C 245 69.57 -16.89 -78.91
CA PHE C 245 68.70 -17.42 -77.87
C PHE C 245 68.24 -18.84 -78.19
N HIS C 246 68.09 -19.18 -79.47
CA HIS C 246 67.47 -20.44 -79.88
C HIS C 246 68.43 -21.32 -80.67
N SER C 247 69.73 -21.25 -80.38
CA SER C 247 70.73 -22.02 -81.11
C SER C 247 71.54 -22.88 -80.15
N ASP C 248 71.85 -24.10 -80.59
CA ASP C 248 72.72 -25.00 -79.86
C ASP C 248 74.12 -25.09 -80.44
N CYS C 249 74.34 -24.55 -81.65
CA CYS C 249 75.65 -24.54 -82.27
C CYS C 249 75.69 -23.34 -83.22
N VAL C 250 76.73 -22.52 -83.10
CA VAL C 250 76.85 -21.29 -83.87
C VAL C 250 78.08 -21.38 -84.76
N THR C 251 77.89 -21.07 -86.04
CA THR C 251 78.97 -21.03 -87.02
C THR C 251 79.01 -19.67 -87.69
N LEU C 252 80.21 -19.16 -87.93
CA LEU C 252 80.41 -17.85 -88.53
C LEU C 252 80.84 -18.00 -89.98
N HIS C 253 80.12 -17.33 -90.88
CA HIS C 253 80.46 -17.37 -92.30
C HIS C 253 80.35 -16.00 -92.97
N CYS C 254 80.45 -14.92 -92.21
CA CYS C 254 80.30 -13.58 -92.75
C CYS C 254 81.66 -13.01 -93.15
N GLY C 255 81.64 -11.78 -93.67
CA GLY C 255 82.85 -11.08 -94.04
C GLY C 255 83.26 -10.08 -92.98
N LEU C 256 84.52 -9.67 -93.03
CA LEU C 256 85.08 -8.76 -92.03
C LEU C 256 85.09 -7.34 -92.60
N ASN C 257 83.97 -6.65 -92.47
CA ASN C 257 83.88 -5.24 -92.80
C ASN C 257 84.16 -4.42 -91.54
N GLU C 258 83.90 -3.11 -91.60
CA GLU C 258 84.19 -2.22 -90.49
C GLU C 258 83.04 -2.08 -89.51
N HIS C 259 81.92 -2.77 -89.73
CA HIS C 259 80.77 -2.69 -88.84
C HIS C 259 80.57 -3.94 -88.01
N ASN C 260 81.49 -4.92 -88.10
CA ASN C 260 81.32 -6.16 -87.35
C ASN C 260 82.62 -6.64 -86.73
N HIS C 261 83.50 -5.71 -86.38
CA HIS C 261 84.73 -6.08 -85.67
C HIS C 261 84.39 -6.48 -84.24
N HIS C 262 84.94 -7.61 -83.80
CA HIS C 262 84.63 -8.22 -82.51
C HIS C 262 83.13 -8.40 -82.34
N LEU C 263 82.55 -9.14 -83.29
CA LEU C 263 81.11 -9.41 -83.26
C LEU C 263 80.74 -10.22 -82.02
N ILE C 264 81.52 -11.24 -81.70
CA ILE C 264 81.31 -12.04 -80.48
C ILE C 264 82.17 -11.40 -79.40
N ASN C 265 81.61 -10.40 -78.74
CA ASN C 265 82.31 -9.68 -77.68
C ASN C 265 81.86 -10.21 -76.32
N ASP C 266 82.27 -9.50 -75.25
CA ASP C 266 81.94 -9.94 -73.90
C ASP C 266 80.43 -9.88 -73.65
N PHE C 267 79.77 -8.82 -74.11
CA PHE C 267 78.35 -8.66 -73.86
C PHE C 267 77.51 -9.72 -74.57
N THR C 268 77.85 -10.01 -75.83
CA THR C 268 77.05 -10.96 -76.61
C THR C 268 77.29 -12.40 -76.20
N VAL C 269 78.47 -12.72 -75.66
CA VAL C 269 78.77 -14.10 -75.30
C VAL C 269 77.93 -14.57 -74.12
N LYS C 270 77.34 -13.65 -73.36
CA LYS C 270 76.48 -14.01 -72.24
C LYS C 270 75.03 -14.23 -72.66
N GLN C 271 74.70 -14.00 -73.92
CA GLN C 271 73.35 -14.22 -74.41
C GLN C 271 73.15 -15.60 -75.01
N MET C 272 74.20 -16.40 -75.12
CA MET C 272 74.10 -17.74 -75.67
C MET C 272 73.52 -18.70 -74.62
N ARG C 273 73.13 -19.88 -75.08
CA ARG C 273 72.54 -20.87 -74.21
C ARG C 273 73.59 -21.48 -73.28
N GLN C 274 73.12 -22.25 -72.30
CA GLN C 274 73.99 -22.92 -71.35
C GLN C 274 74.52 -24.19 -71.98
N GLY C 275 75.80 -24.22 -72.31
CA GLY C 275 76.42 -25.40 -72.89
C GLY C 275 76.26 -25.49 -74.39
N ALA C 276 76.69 -24.45 -75.10
CA ALA C 276 76.63 -24.40 -76.56
C ALA C 276 78.03 -24.55 -77.15
N PHE C 277 78.06 -24.77 -78.46
CA PHE C 277 79.31 -24.88 -79.20
C PHE C 277 79.55 -23.64 -80.03
N LEU C 278 80.75 -23.55 -80.60
CA LEU C 278 81.12 -22.41 -81.42
C LEU C 278 82.17 -22.84 -82.44
N VAL C 279 81.92 -22.57 -83.71
CA VAL C 279 82.84 -22.89 -84.79
C VAL C 279 83.14 -21.61 -85.57
N ASN C 280 84.42 -21.35 -85.82
CA ASN C 280 84.83 -20.16 -86.55
C ASN C 280 85.84 -20.56 -87.61
N THR C 281 85.50 -20.31 -88.88
CA THR C 281 86.40 -20.58 -89.98
C THR C 281 86.46 -19.44 -90.99
N ALA C 282 85.92 -18.27 -90.67
CA ALA C 282 85.89 -17.15 -91.62
C ALA C 282 87.08 -16.21 -91.42
N ARG C 283 87.14 -15.55 -90.26
CA ARG C 283 88.20 -14.60 -89.98
C ARG C 283 88.45 -14.56 -88.48
N GLY C 284 89.64 -14.10 -88.11
CA GLY C 284 90.04 -14.10 -86.71
C GLY C 284 89.57 -12.88 -85.93
N GLY C 285 89.25 -11.79 -86.64
CA GLY C 285 88.84 -10.57 -85.99
C GLY C 285 87.40 -10.52 -85.56
N LEU C 286 86.62 -11.56 -85.82
CA LEU C 286 85.21 -11.60 -85.45
C LEU C 286 84.97 -12.08 -84.03
N VAL C 287 85.98 -12.62 -83.36
CA VAL C 287 85.82 -13.21 -82.04
C VAL C 287 86.85 -12.58 -81.10
N ASP C 288 86.39 -12.19 -79.91
CA ASP C 288 87.27 -11.69 -78.85
C ASP C 288 87.77 -12.88 -78.05
N GLU C 289 89.05 -13.23 -78.23
CA GLU C 289 89.59 -14.43 -77.61
C GLU C 289 89.70 -14.28 -76.09
N LYS C 290 89.84 -13.06 -75.58
CA LYS C 290 89.95 -12.87 -74.14
C LYS C 290 88.65 -13.25 -73.44
N ALA C 291 87.50 -12.88 -74.03
CA ALA C 291 86.23 -13.24 -73.42
C ALA C 291 85.89 -14.71 -73.64
N LEU C 292 86.34 -15.30 -74.74
CA LEU C 292 86.05 -16.71 -75.00
C LEU C 292 86.74 -17.61 -73.99
N ALA C 293 87.96 -17.25 -73.58
CA ALA C 293 88.71 -18.10 -72.65
C ALA C 293 88.00 -18.22 -71.31
N GLN C 294 87.43 -17.12 -70.82
CA GLN C 294 86.74 -17.15 -69.53
C GLN C 294 85.48 -18.03 -69.60
N ALA C 295 84.78 -18.00 -70.73
CA ALA C 295 83.57 -18.80 -70.87
C ALA C 295 83.88 -20.29 -70.84
N LEU C 296 84.98 -20.70 -71.47
CA LEU C 296 85.35 -22.11 -71.47
C LEU C 296 85.68 -22.61 -70.06
N LYS C 297 86.38 -21.80 -69.28
CA LYS C 297 86.77 -22.22 -67.93
C LYS C 297 85.57 -22.36 -67.02
N GLU C 298 84.65 -21.39 -67.05
CA GLU C 298 83.49 -21.45 -66.17
C GLU C 298 82.50 -22.52 -66.58
N GLY C 299 82.52 -22.95 -67.84
CA GLY C 299 81.64 -24.00 -68.30
C GLY C 299 80.41 -23.55 -69.05
N ARG C 300 80.29 -22.25 -69.35
CA ARG C 300 79.14 -21.77 -70.11
C ARG C 300 79.18 -22.23 -71.56
N ILE C 301 80.35 -22.56 -72.09
CA ILE C 301 80.51 -23.06 -73.45
C ILE C 301 81.17 -24.42 -73.37
N ARG C 302 80.54 -25.42 -73.97
CA ARG C 302 81.03 -26.79 -73.84
C ARG C 302 82.30 -27.00 -74.63
N GLY C 303 82.42 -26.38 -75.80
CA GLY C 303 83.61 -26.55 -76.62
C GLY C 303 83.65 -25.53 -77.73
N ALA C 304 84.80 -25.48 -78.39
CA ALA C 304 85.00 -24.53 -79.50
C ALA C 304 86.06 -25.07 -80.44
N ALA C 305 85.81 -24.96 -81.73
CA ALA C 305 86.74 -25.35 -82.77
C ALA C 305 87.08 -24.11 -83.59
N LEU C 306 88.37 -23.80 -83.70
CA LEU C 306 88.84 -22.60 -84.35
C LEU C 306 89.84 -22.94 -85.45
N ASP C 307 89.71 -22.26 -86.58
CA ASP C 307 90.65 -22.39 -87.69
C ASP C 307 91.42 -21.11 -87.98
N VAL C 308 90.93 -19.96 -87.54
CA VAL C 308 91.57 -18.68 -87.73
C VAL C 308 91.62 -17.95 -86.40
N HIS C 309 92.72 -17.24 -86.16
CA HIS C 309 92.94 -16.57 -84.88
C HIS C 309 93.36 -15.13 -85.12
N GLU C 310 93.25 -14.32 -84.05
CA GLU C 310 93.60 -12.91 -84.15
C GLU C 310 95.08 -12.73 -84.47
N SER C 311 95.94 -13.47 -83.80
CA SER C 311 97.39 -13.39 -84.00
C SER C 311 97.88 -14.71 -84.58
N GLU C 312 98.59 -14.62 -85.70
CA GLU C 312 99.12 -15.79 -86.38
C GLU C 312 100.61 -15.62 -86.61
N PRO C 313 101.38 -16.72 -86.57
CA PRO C 313 100.95 -18.12 -86.36
C PRO C 313 100.54 -18.42 -84.93
N PHE C 314 99.74 -19.48 -84.77
CA PHE C 314 99.17 -19.83 -83.48
C PHE C 314 100.05 -20.84 -82.75
N SER C 315 100.14 -20.68 -81.43
CA SER C 315 100.89 -21.58 -80.57
C SER C 315 100.09 -21.83 -79.30
N PHE C 316 100.08 -23.08 -78.85
CA PHE C 316 99.33 -23.44 -77.65
C PHE C 316 99.94 -22.87 -76.38
N SER C 317 101.21 -22.49 -76.41
CA SER C 317 101.91 -22.01 -75.22
C SER C 317 101.86 -20.50 -75.06
N GLN C 318 101.22 -19.78 -75.98
CA GLN C 318 101.16 -18.32 -75.92
C GLN C 318 99.75 -17.84 -76.21
N GLY C 319 99.42 -16.67 -75.69
CA GLY C 319 98.14 -16.06 -75.97
C GLY C 319 97.14 -16.22 -74.84
N PRO C 320 95.98 -15.58 -74.98
CA PRO C 320 94.94 -15.72 -73.95
C PRO C 320 94.40 -17.13 -73.80
N LEU C 321 94.55 -17.98 -74.83
CA LEU C 321 94.06 -19.35 -74.80
C LEU C 321 95.16 -20.33 -74.41
N LYS C 322 96.09 -19.91 -73.54
CA LYS C 322 97.20 -20.77 -73.17
C LYS C 322 96.73 -22.02 -72.45
N ASP C 323 95.77 -21.89 -71.54
CA ASP C 323 95.24 -23.00 -70.76
C ASP C 323 93.72 -22.91 -70.74
N ALA C 324 93.08 -23.49 -71.76
CA ALA C 324 91.62 -23.50 -71.85
C ALA C 324 91.15 -24.89 -72.26
N PRO C 325 90.26 -25.51 -71.49
CA PRO C 325 89.82 -26.87 -71.82
C PRO C 325 88.90 -26.89 -73.02
N ASN C 326 88.83 -28.06 -73.65
CA ASN C 326 87.91 -28.33 -74.75
C ASN C 326 88.13 -27.37 -75.93
N LEU C 327 89.32 -27.47 -76.52
CA LEU C 327 89.71 -26.59 -77.60
C LEU C 327 90.32 -27.41 -78.74
N ILE C 328 89.92 -27.09 -79.97
CA ILE C 328 90.46 -27.70 -81.18
C ILE C 328 90.92 -26.58 -82.10
N CYS C 329 92.16 -26.67 -82.58
CA CYS C 329 92.73 -25.64 -83.43
C CYS C 329 93.44 -26.27 -84.62
N THR C 330 93.39 -25.57 -85.75
CA THR C 330 94.06 -25.95 -86.99
C THR C 330 94.81 -24.75 -87.54
N PRO C 331 95.91 -24.99 -88.28
CA PRO C 331 96.79 -23.89 -88.73
C PRO C 331 96.34 -23.21 -90.02
N HIS C 332 95.08 -22.77 -90.05
CA HIS C 332 94.54 -21.97 -91.15
C HIS C 332 94.71 -22.69 -92.49
N ALA C 333 94.18 -23.90 -92.57
CA ALA C 333 94.33 -24.74 -93.75
C ALA C 333 93.00 -25.39 -94.13
N ALA C 334 91.91 -24.63 -94.04
CA ALA C 334 90.59 -25.11 -94.40
C ALA C 334 90.28 -24.96 -95.88
N TRP C 335 91.24 -24.48 -96.66
CA TRP C 335 91.04 -24.25 -98.09
C TRP C 335 91.90 -25.14 -98.96
N TYR C 336 92.93 -25.78 -98.43
CA TYR C 336 93.92 -26.45 -99.27
C TYR C 336 93.36 -27.72 -99.88
N SER C 337 93.72 -27.94 -101.14
CA SER C 337 93.43 -29.18 -101.85
C SER C 337 94.38 -29.25 -103.04
N GLU C 338 94.63 -30.47 -103.52
CA GLU C 338 95.52 -30.64 -104.66
C GLU C 338 94.96 -29.97 -105.91
N GLN C 339 93.66 -30.14 -106.16
CA GLN C 339 93.04 -29.51 -107.33
C GLN C 339 92.78 -28.03 -107.10
N ALA C 340 92.40 -27.65 -105.89
CA ALA C 340 92.05 -26.26 -105.62
C ALA C 340 93.27 -25.34 -105.72
N SER C 341 94.43 -25.82 -105.26
CA SER C 341 95.63 -24.99 -105.29
C SER C 341 96.04 -24.63 -106.71
N ILE C 342 95.98 -25.60 -107.63
CA ILE C 342 96.37 -25.34 -109.01
C ILE C 342 95.37 -24.41 -109.69
N GLU C 343 94.08 -24.59 -109.40
CA GLU C 343 93.06 -23.82 -110.09
C GLU C 343 93.15 -22.33 -109.76
N MET C 344 93.38 -21.99 -108.49
CA MET C 344 93.39 -20.59 -108.10
C MET C 344 94.65 -19.88 -108.58
N ARG C 345 95.77 -20.59 -108.71
CA ARG C 345 97.00 -19.96 -109.15
C ARG C 345 96.98 -19.65 -110.64
N GLU C 346 96.38 -20.55 -111.44
CA GLU C 346 96.28 -20.30 -112.87
C GLU C 346 95.33 -19.14 -113.18
N GLU C 347 94.22 -19.06 -112.46
CA GLU C 347 93.25 -18.00 -112.71
C GLU C 347 93.82 -16.63 -112.42
N ALA C 348 94.59 -16.51 -111.32
CA ALA C 348 95.18 -15.23 -110.96
C ALA C 348 96.20 -14.78 -112.01
N ALA C 349 96.98 -15.71 -112.54
CA ALA C 349 97.98 -15.36 -113.54
C ALA C 349 97.33 -14.85 -114.82
N ARG C 350 96.23 -15.45 -115.24
CA ARG C 350 95.56 -15.02 -116.47
C ARG C 350 94.85 -13.68 -116.29
N GLU C 351 94.51 -13.30 -115.06
CA GLU C 351 93.92 -11.98 -114.83
C GLU C 351 94.94 -10.88 -115.08
N ILE C 352 96.20 -11.12 -114.72
CA ILE C 352 97.25 -10.14 -114.97
C ILE C 352 97.46 -9.94 -116.47
N ARG C 353 97.47 -11.04 -117.23
CA ARG C 353 97.76 -10.96 -118.65
C ARG C 353 96.70 -10.16 -119.39
N ARG C 354 95.44 -10.31 -119.00
CA ARG C 354 94.37 -9.54 -119.66
C ARG C 354 94.52 -8.06 -119.40
N ALA C 355 94.92 -7.68 -118.18
CA ALA C 355 95.09 -6.25 -117.86
C ALA C 355 96.21 -5.63 -118.67
N ILE C 356 97.32 -6.34 -118.83
CA ILE C 356 98.46 -5.80 -119.58
C ILE C 356 98.10 -5.62 -121.06
N THR C 357 97.45 -6.63 -121.64
CA THR C 357 97.11 -6.62 -123.06
C THR C 357 95.67 -6.21 -123.32
N GLY C 358 95.13 -5.33 -122.49
CA GLY C 358 93.75 -4.86 -122.63
C GLY C 358 93.60 -3.48 -122.05
N ARG C 359 92.41 -3.21 -121.51
CA ARG C 359 92.12 -1.93 -120.89
C ARG C 359 91.46 -2.16 -119.53
N ILE C 360 91.73 -1.24 -118.61
CA ILE C 360 91.28 -1.33 -117.22
C ILE C 360 90.15 -0.31 -117.04
N PRO C 361 89.02 -0.69 -116.42
CA PRO C 361 88.70 -2.03 -115.94
C PRO C 361 87.73 -2.79 -116.84
N ASP C 362 87.74 -2.47 -118.14
CA ASP C 362 86.78 -3.09 -119.06
C ASP C 362 87.08 -4.58 -119.24
N SER C 363 88.35 -4.95 -119.28
CA SER C 363 88.74 -6.34 -119.54
C SER C 363 88.77 -7.20 -118.29
N LEU C 364 88.58 -6.62 -117.11
CA LEU C 364 88.64 -7.38 -115.86
C LEU C 364 87.29 -8.04 -115.58
N LYS C 365 87.33 -9.26 -115.07
CA LYS C 365 86.13 -10.01 -114.76
C LYS C 365 85.69 -9.86 -113.31
N ASN C 366 86.63 -9.89 -112.37
CA ASN C 366 86.33 -9.80 -110.94
C ASN C 366 87.04 -8.58 -110.37
N CYS C 367 86.37 -7.43 -110.40
CA CYS C 367 86.88 -6.19 -109.84
C CYS C 367 86.01 -5.79 -108.66
N VAL C 368 86.64 -5.43 -107.54
CA VAL C 368 85.92 -5.16 -106.30
C VAL C 368 85.90 -3.69 -105.93
N ASN C 369 86.69 -2.85 -106.58
CA ASN C 369 86.72 -1.41 -106.31
C ASN C 369 86.36 -0.61 -107.55
N LYS C 370 85.43 -1.12 -108.35
CA LYS C 370 85.05 -0.45 -109.58
C LYS C 370 84.35 0.89 -109.28
N ASP C 371 83.51 0.92 -108.24
CA ASP C 371 82.83 2.17 -107.89
C ASP C 371 83.81 3.24 -107.43
N HIS C 372 84.79 2.85 -106.61
CA HIS C 372 85.76 3.81 -106.08
C HIS C 372 86.81 4.20 -107.11
N LEU C 373 86.98 3.42 -108.17
CA LEU C 373 88.00 3.70 -109.16
C LEU C 373 87.66 4.96 -109.94
N THR C 374 88.67 5.79 -110.19
CA THR C 374 88.48 7.04 -110.91
C THR C 374 89.26 7.05 -112.22
N ARG D 44 62.15 -65.24 -54.45
CA ARG D 44 62.27 -64.61 -55.77
C ARG D 44 63.52 -65.09 -56.49
N PRO D 45 63.41 -65.27 -57.81
CA PRO D 45 64.57 -65.76 -58.59
C PRO D 45 65.72 -64.77 -58.56
N LEU D 46 66.86 -65.23 -59.09
CA LEU D 46 68.09 -64.46 -59.09
C LEU D 46 68.49 -64.12 -60.52
N VAL D 47 68.84 -62.86 -60.74
CA VAL D 47 69.32 -62.37 -62.03
C VAL D 47 70.69 -61.76 -61.81
N ALA D 48 71.66 -62.15 -62.63
CA ALA D 48 73.04 -61.76 -62.44
C ALA D 48 73.57 -61.00 -63.65
N LEU D 49 74.34 -59.94 -63.39
CA LEU D 49 75.05 -59.20 -64.42
C LEU D 49 76.49 -59.72 -64.47
N LEU D 50 76.83 -60.39 -65.58
CA LEU D 50 78.09 -61.11 -65.62
C LEU D 50 79.29 -60.18 -65.57
N ASP D 51 79.29 -59.13 -66.40
CA ASP D 51 80.42 -58.20 -66.50
C ASP D 51 79.90 -56.78 -66.30
N GLY D 52 79.89 -56.33 -65.05
CA GLY D 52 79.44 -54.98 -64.76
C GLY D 52 79.41 -54.77 -63.26
N ARG D 53 79.28 -53.50 -62.88
CA ARG D 53 79.24 -53.13 -61.48
C ARG D 53 78.09 -52.18 -61.19
N ASP D 54 77.66 -51.42 -62.20
CA ASP D 54 76.62 -50.43 -62.04
C ASP D 54 75.28 -51.01 -62.48
N CYS D 55 74.28 -50.93 -61.58
CA CYS D 55 72.96 -51.46 -61.85
C CYS D 55 71.89 -50.48 -61.39
N THR D 56 72.14 -49.18 -61.59
CA THR D 56 71.21 -48.17 -61.11
C THR D 56 69.95 -48.06 -61.98
N VAL D 57 70.01 -48.55 -63.22
CA VAL D 57 68.86 -48.44 -64.11
C VAL D 57 68.01 -49.70 -64.07
N GLU D 58 68.64 -50.88 -64.02
CA GLU D 58 67.89 -52.13 -64.02
C GLU D 58 67.24 -52.41 -62.68
N MET D 59 67.79 -51.89 -61.59
CA MET D 59 67.27 -52.20 -60.27
C MET D 59 65.82 -51.76 -60.05
N PRO D 60 65.42 -50.53 -60.37
CA PRO D 60 64.02 -50.14 -60.13
C PRO D 60 63.01 -50.95 -60.93
N ILE D 61 63.41 -51.57 -62.04
CA ILE D 61 62.48 -52.37 -62.82
C ILE D 61 62.36 -53.77 -62.26
N LEU D 62 63.48 -54.46 -62.07
CA LEU D 62 63.50 -55.83 -61.57
C LEU D 62 63.69 -55.88 -60.06
N LYS D 63 62.85 -55.18 -59.30
CA LYS D 63 62.95 -55.20 -57.85
C LYS D 63 61.80 -55.94 -57.17
N ASP D 64 60.63 -56.01 -57.80
CA ASP D 64 59.48 -56.69 -57.24
C ASP D 64 59.20 -58.02 -57.92
N VAL D 65 60.10 -58.48 -58.80
CA VAL D 65 59.90 -59.75 -59.49
C VAL D 65 61.12 -60.66 -59.42
N ALA D 66 62.29 -60.17 -59.05
CA ALA D 66 63.51 -60.98 -59.02
C ALA D 66 64.52 -60.32 -58.10
N THR D 67 65.68 -60.97 -57.95
CA THR D 67 66.78 -60.46 -57.15
C THR D 67 67.96 -60.19 -58.06
N VAL D 68 68.51 -58.98 -57.98
CA VAL D 68 69.57 -58.52 -58.88
C VAL D 68 70.91 -58.69 -58.19
N ALA D 69 71.93 -59.08 -58.96
CA ALA D 69 73.29 -59.22 -58.46
C ALA D 69 74.25 -59.00 -59.62
N PHE D 70 75.49 -58.69 -59.28
CA PHE D 70 76.54 -58.47 -60.27
C PHE D 70 77.79 -59.23 -59.87
N CYS D 71 78.61 -59.54 -60.88
CA CYS D 71 79.83 -60.31 -60.67
C CYS D 71 81.10 -59.57 -61.07
N ASP D 72 81.02 -58.65 -62.02
CA ASP D 72 82.19 -57.88 -62.47
C ASP D 72 83.32 -58.81 -62.92
N ALA D 73 82.96 -59.84 -63.66
CA ALA D 73 83.93 -60.85 -64.09
C ALA D 73 84.56 -60.45 -65.41
N GLN D 74 85.81 -60.90 -65.61
CA GLN D 74 86.53 -60.69 -66.85
C GLN D 74 86.77 -61.98 -67.63
N SER D 75 86.42 -63.14 -67.05
CA SER D 75 86.59 -64.42 -67.72
C SER D 75 85.59 -65.39 -67.13
N THR D 76 85.39 -66.51 -67.83
CA THR D 76 84.43 -67.51 -67.38
C THR D 76 84.87 -68.19 -66.09
N GLN D 77 86.14 -68.06 -65.70
CA GLN D 77 86.66 -68.67 -64.48
C GLN D 77 86.47 -67.79 -63.25
N GLU D 78 85.91 -66.59 -63.41
CA GLU D 78 85.72 -65.68 -62.30
C GLU D 78 84.25 -65.54 -61.90
N ILE D 79 83.43 -66.52 -62.26
CA ILE D 79 82.00 -66.50 -61.92
C ILE D 79 81.80 -67.23 -60.61
N HIS D 80 81.06 -66.62 -59.69
CA HIS D 80 80.84 -67.20 -58.38
C HIS D 80 80.05 -68.50 -58.48
N GLU D 81 80.29 -69.39 -57.53
CA GLU D 81 79.64 -70.71 -57.55
C GLU D 81 78.13 -70.59 -57.37
N LYS D 82 77.67 -69.62 -56.59
CA LYS D 82 76.24 -69.44 -56.38
C LYS D 82 75.52 -69.10 -57.69
N VAL D 83 76.16 -68.31 -58.55
CA VAL D 83 75.57 -67.96 -59.83
C VAL D 83 75.38 -69.20 -60.70
N LEU D 84 76.38 -70.06 -60.73
CA LEU D 84 76.33 -71.24 -61.59
C LEU D 84 75.25 -72.23 -61.19
N ASN D 85 74.67 -72.09 -60.00
CA ASN D 85 73.66 -73.02 -59.52
C ASN D 85 72.27 -72.43 -59.38
N GLU D 86 72.15 -71.12 -59.16
CA GLU D 86 70.87 -70.50 -58.83
C GLU D 86 70.66 -69.23 -59.66
N ALA D 87 70.89 -69.31 -60.97
CA ALA D 87 70.68 -68.19 -61.87
C ALA D 87 69.64 -68.56 -62.91
N VAL D 88 68.65 -67.68 -63.11
CA VAL D 88 67.62 -67.88 -64.11
C VAL D 88 67.91 -67.10 -65.37
N GLY D 89 68.35 -65.85 -65.24
CA GLY D 89 68.70 -65.03 -66.38
C GLY D 89 70.02 -64.32 -66.16
N ALA D 90 70.57 -63.80 -67.25
CA ALA D 90 71.88 -63.14 -67.20
C ALA D 90 71.91 -62.00 -68.20
N LEU D 91 72.74 -61.00 -67.90
CA LEU D 91 72.99 -59.87 -68.78
C LEU D 91 74.49 -59.75 -68.99
N MET D 92 74.90 -59.49 -70.24
CA MET D 92 76.32 -59.46 -70.55
C MET D 92 76.59 -58.46 -71.66
N TYR D 93 77.77 -57.85 -71.60
CA TYR D 93 78.27 -56.97 -72.64
C TYR D 93 79.15 -57.77 -73.61
N HIS D 94 79.93 -57.06 -74.41
CA HIS D 94 80.77 -57.70 -75.43
C HIS D 94 82.15 -58.10 -74.91
N THR D 95 82.43 -57.90 -73.63
CA THR D 95 83.77 -58.12 -73.09
C THR D 95 84.02 -59.54 -72.62
N ILE D 96 83.02 -60.42 -72.70
CA ILE D 96 83.15 -61.79 -72.22
C ILE D 96 82.59 -62.74 -73.27
N THR D 97 83.27 -63.87 -73.47
CA THR D 97 82.89 -64.86 -74.47
C THR D 97 82.47 -66.15 -73.79
N LEU D 98 81.37 -66.73 -74.26
CA LEU D 98 80.84 -67.98 -73.73
C LEU D 98 80.88 -69.05 -74.81
N THR D 99 81.41 -70.21 -74.46
CA THR D 99 81.48 -71.37 -75.35
C THR D 99 80.53 -72.46 -74.85
N ARG D 100 80.53 -73.59 -75.55
CA ARG D 100 79.64 -74.69 -75.18
C ARG D 100 80.01 -75.27 -73.83
N GLU D 101 81.31 -75.39 -73.54
CA GLU D 101 81.74 -75.90 -72.25
C GLU D 101 81.30 -74.98 -71.12
N ASP D 102 81.37 -73.67 -71.33
CA ASP D 102 80.93 -72.72 -70.32
C ASP D 102 79.42 -72.83 -70.07
N LEU D 103 78.64 -73.04 -71.14
CA LEU D 103 77.19 -73.11 -71.00
C LEU D 103 76.76 -74.33 -70.20
N GLU D 104 77.48 -75.45 -70.36
CA GLU D 104 77.11 -76.67 -69.67
C GLU D 104 77.30 -76.57 -68.16
N LYS D 105 78.07 -75.60 -67.68
CA LYS D 105 78.28 -75.44 -66.24
C LYS D 105 77.08 -74.83 -65.54
N PHE D 106 76.20 -74.16 -66.27
CA PHE D 106 74.98 -73.60 -65.68
C PHE D 106 73.94 -74.70 -65.49
N LYS D 107 73.23 -74.64 -64.36
CA LYS D 107 72.25 -75.66 -64.02
C LYS D 107 70.81 -75.18 -64.02
N ALA D 108 70.58 -73.86 -64.03
CA ALA D 108 69.23 -73.34 -64.02
C ALA D 108 69.03 -72.18 -64.99
N LEU D 109 70.00 -71.88 -65.84
CA LEU D 109 69.87 -70.77 -66.77
C LEU D 109 68.78 -71.06 -67.80
N ARG D 110 68.00 -70.04 -68.14
CA ARG D 110 66.89 -70.22 -69.07
C ARG D 110 66.90 -69.18 -70.19
N ILE D 111 67.47 -68.00 -69.94
CA ILE D 111 67.46 -66.93 -70.92
C ILE D 111 68.72 -66.09 -70.76
N ILE D 112 69.27 -65.64 -71.89
CA ILE D 112 70.42 -64.74 -71.93
C ILE D 112 70.03 -63.54 -72.77
N VAL D 113 70.23 -62.33 -72.25
CA VAL D 113 69.92 -61.10 -72.94
C VAL D 113 71.22 -60.32 -73.16
N ARG D 114 71.49 -59.98 -74.41
CA ARG D 114 72.71 -59.27 -74.80
C ARG D 114 72.38 -57.79 -74.98
N ILE D 115 73.07 -56.94 -74.22
CA ILE D 115 72.85 -55.50 -74.30
C ILE D 115 73.62 -54.95 -75.48
N GLY D 116 72.99 -54.91 -76.64
CA GLY D 116 73.63 -54.46 -77.85
C GLY D 116 73.01 -55.17 -79.05
N SER D 117 73.69 -55.04 -80.19
CA SER D 117 73.21 -55.61 -81.44
C SER D 117 73.99 -56.82 -81.92
N GLY D 118 75.20 -57.02 -81.44
CA GLY D 118 76.03 -58.14 -81.87
C GLY D 118 75.97 -59.28 -80.88
N PHE D 119 75.92 -60.51 -81.40
CA PHE D 119 75.88 -61.71 -80.57
C PHE D 119 76.85 -62.77 -81.06
N ASP D 120 77.95 -62.36 -81.68
CA ASP D 120 78.93 -63.31 -82.20
C ASP D 120 79.80 -63.92 -81.12
N ASN D 121 79.73 -63.43 -79.89
CA ASN D 121 80.51 -63.98 -78.78
C ASN D 121 79.76 -65.05 -78.00
N ILE D 122 78.58 -65.45 -78.46
CA ILE D 122 77.78 -66.49 -77.82
C ILE D 122 77.52 -67.59 -78.84
N ASP D 123 77.71 -68.83 -78.44
CA ASP D 123 77.44 -69.98 -79.31
C ASP D 123 75.93 -70.16 -79.40
N ILE D 124 75.35 -69.67 -80.49
CA ILE D 124 73.89 -69.65 -80.63
C ILE D 124 73.34 -71.07 -80.76
N LYS D 125 73.96 -71.88 -81.63
CA LYS D 125 73.44 -73.21 -81.89
C LYS D 125 73.51 -74.11 -80.66
N SER D 126 74.63 -74.04 -79.92
CA SER D 126 74.78 -74.89 -78.74
C SER D 126 73.77 -74.54 -77.67
N ALA D 127 73.50 -73.25 -77.47
CA ALA D 127 72.54 -72.84 -76.45
C ALA D 127 71.13 -73.32 -76.78
N GLY D 128 70.80 -73.44 -78.07
CA GLY D 128 69.48 -73.93 -78.43
C GLY D 128 69.25 -75.37 -78.03
N ASP D 129 70.27 -76.22 -78.18
CA ASP D 129 70.13 -77.62 -77.79
C ASP D 129 69.91 -77.77 -76.29
N LEU D 130 70.62 -76.98 -75.49
CA LEU D 130 70.47 -77.05 -74.04
C LEU D 130 69.18 -76.43 -73.55
N GLY D 131 68.46 -75.70 -74.39
CA GLY D 131 67.20 -75.10 -74.00
C GLY D 131 67.34 -73.72 -73.39
N ILE D 132 68.18 -72.88 -74.00
CA ILE D 132 68.43 -71.52 -73.53
C ILE D 132 68.11 -70.55 -74.66
N ALA D 133 67.36 -69.51 -74.35
CA ALA D 133 66.97 -68.51 -75.33
C ALA D 133 67.92 -67.31 -75.26
N VAL D 134 68.22 -66.74 -76.42
CA VAL D 134 69.15 -65.62 -76.54
C VAL D 134 68.40 -64.45 -77.17
N CYS D 135 68.53 -63.27 -76.56
CA CYS D 135 67.87 -62.06 -77.03
C CYS D 135 68.89 -60.93 -77.14
N ASN D 136 68.50 -59.86 -77.83
CA ASN D 136 69.37 -58.70 -77.98
C ASN D 136 68.51 -57.48 -78.24
N VAL D 137 69.16 -56.32 -78.30
CA VAL D 137 68.51 -55.05 -78.62
C VAL D 137 68.90 -54.69 -80.05
N PRO D 138 67.99 -54.81 -81.02
CA PRO D 138 68.39 -54.70 -82.43
C PRO D 138 68.86 -53.32 -82.85
N ALA D 139 68.09 -52.29 -82.53
CA ALA D 139 68.37 -50.94 -83.05
C ALA D 139 68.14 -49.92 -81.94
N ALA D 140 69.24 -49.48 -81.32
CA ALA D 140 69.18 -48.40 -80.35
C ALA D 140 70.25 -47.36 -80.63
N SER D 141 71.27 -47.73 -81.41
CA SER D 141 72.38 -46.85 -81.74
C SER D 141 72.68 -46.90 -83.23
N VAL D 142 71.63 -46.94 -84.05
CA VAL D 142 71.83 -46.95 -85.50
C VAL D 142 72.41 -45.62 -85.97
N GLU D 143 71.82 -44.51 -85.51
CA GLU D 143 72.25 -43.20 -85.98
C GLU D 143 73.56 -42.76 -85.35
N GLU D 144 73.84 -43.17 -84.11
CA GLU D 144 75.11 -42.83 -83.49
C GLU D 144 76.28 -43.46 -84.24
N THR D 145 76.14 -44.73 -84.65
CA THR D 145 77.22 -45.39 -85.37
C THR D 145 77.38 -44.82 -86.78
N ALA D 146 76.29 -44.43 -87.42
CA ALA D 146 76.37 -43.86 -88.76
C ALA D 146 77.09 -42.52 -88.73
N ASP D 147 76.83 -41.69 -87.72
CA ASP D 147 77.51 -40.41 -87.62
C ASP D 147 79.01 -40.58 -87.36
N SER D 148 79.38 -41.57 -86.54
CA SER D 148 80.79 -41.82 -86.26
C SER D 148 81.53 -42.31 -87.50
N THR D 149 80.86 -43.09 -88.35
CA THR D 149 81.49 -43.54 -89.58
C THR D 149 81.80 -42.37 -90.50
N LEU D 150 80.86 -41.43 -90.62
CA LEU D 150 81.09 -40.26 -91.48
C LEU D 150 82.21 -39.37 -90.93
N CYS D 151 82.35 -39.30 -89.60
CA CYS D 151 83.41 -38.50 -89.01
C CYS D 151 84.78 -39.04 -89.39
N HIS D 152 84.94 -40.37 -89.39
CA HIS D 152 86.23 -40.96 -89.75
C HIS D 152 86.55 -40.75 -91.22
N ILE D 153 85.54 -40.80 -92.09
CA ILE D 153 85.77 -40.61 -93.52
C ILE D 153 86.28 -39.21 -93.80
N LEU D 154 85.67 -38.20 -93.15
CA LEU D 154 86.09 -36.82 -93.39
C LEU D 154 87.48 -36.55 -92.86
N ASN D 155 87.88 -37.20 -91.77
CA ASN D 155 89.22 -37.00 -91.22
C ASN D 155 90.30 -37.48 -92.18
N LEU D 156 90.02 -38.51 -92.97
CA LEU D 156 91.02 -39.03 -93.90
C LEU D 156 91.19 -38.09 -95.10
N TYR D 157 90.09 -37.56 -95.62
CA TYR D 157 90.18 -36.65 -96.76
C TYR D 157 90.64 -35.26 -96.33
N ARG D 158 89.88 -34.60 -95.47
CA ARG D 158 90.25 -33.31 -94.91
C ARG D 158 90.99 -33.57 -93.60
N ARG D 159 92.31 -33.68 -93.68
CA ARG D 159 93.12 -34.04 -92.53
C ARG D 159 92.94 -33.04 -91.40
N ALA D 160 92.30 -33.47 -90.32
CA ALA D 160 92.02 -32.59 -89.19
C ALA D 160 92.60 -33.10 -87.88
N THR D 161 92.52 -34.40 -87.61
CA THR D 161 93.14 -34.95 -86.41
C THR D 161 94.65 -34.83 -86.48
N TRP D 162 95.24 -35.10 -87.65
CA TRP D 162 96.69 -35.04 -87.79
C TRP D 162 97.20 -33.61 -87.68
N LEU D 163 96.45 -32.64 -88.22
CA LEU D 163 96.87 -31.24 -88.11
C LEU D 163 96.81 -30.75 -86.67
N HIS D 164 95.76 -31.14 -85.94
CA HIS D 164 95.66 -30.77 -84.52
C HIS D 164 96.77 -31.42 -83.70
N GLN D 165 97.12 -32.67 -84.02
CA GLN D 165 98.18 -33.36 -83.29
C GLN D 165 99.53 -32.68 -83.52
N ALA D 166 99.77 -32.19 -84.74
CA ALA D 166 101.05 -31.57 -85.04
C ALA D 166 101.28 -30.30 -84.24
N LEU D 167 100.22 -29.51 -84.04
CA LEU D 167 100.36 -28.26 -83.29
C LEU D 167 100.74 -28.50 -81.84
N ARG D 168 100.18 -29.55 -81.23
CA ARG D 168 100.51 -29.84 -79.83
C ARG D 168 101.94 -30.30 -79.67
N GLU D 169 102.54 -30.88 -80.71
CA GLU D 169 103.93 -31.30 -80.64
C GLU D 169 104.91 -30.14 -80.76
N GLY D 170 104.42 -28.94 -81.08
CA GLY D 170 105.27 -27.77 -81.16
C GLY D 170 105.59 -27.30 -82.56
N THR D 171 105.00 -27.89 -83.59
CA THR D 171 105.26 -27.47 -84.95
C THR D 171 104.73 -26.06 -85.20
N ARG D 172 105.52 -25.25 -85.89
CA ARG D 172 105.17 -23.87 -86.20
C ARG D 172 105.16 -23.68 -87.71
N VAL D 173 104.06 -23.16 -88.24
CA VAL D 173 103.90 -22.92 -89.65
C VAL D 173 103.48 -21.46 -89.85
N GLN D 174 104.24 -20.73 -90.67
CA GLN D 174 103.98 -19.32 -90.90
C GLN D 174 103.71 -19.00 -92.36
N SER D 175 104.55 -19.46 -93.27
CA SER D 175 104.40 -19.13 -94.69
C SER D 175 103.41 -20.08 -95.36
N VAL D 176 103.00 -19.70 -96.58
CA VAL D 176 102.06 -20.51 -97.33
C VAL D 176 102.71 -21.82 -97.77
N GLU D 177 104.01 -21.78 -98.11
CA GLU D 177 104.70 -22.99 -98.53
C GLU D 177 104.73 -24.02 -97.41
N GLN D 178 104.87 -23.56 -96.16
CA GLN D 178 104.82 -24.49 -95.03
C GLN D 178 103.44 -25.11 -94.88
N ILE D 179 102.38 -24.33 -95.16
CA ILE D 179 101.02 -24.85 -95.05
C ILE D 179 100.79 -25.97 -96.06
N ARG D 180 101.26 -25.79 -97.30
CA ARG D 180 101.08 -26.81 -98.32
C ARG D 180 101.82 -28.11 -97.99
N GLU D 181 102.85 -28.04 -97.14
CA GLU D 181 103.65 -29.22 -96.83
C GLU D 181 103.09 -30.01 -95.65
N VAL D 182 102.68 -29.32 -94.58
CA VAL D 182 102.15 -30.02 -93.42
C VAL D 182 100.83 -30.70 -93.75
N ALA D 183 100.01 -30.06 -94.57
CA ALA D 183 98.70 -30.59 -94.96
C ALA D 183 98.72 -31.24 -96.33
N SER D 184 99.86 -31.81 -96.73
CA SER D 184 99.96 -32.44 -98.03
C SER D 184 99.24 -33.78 -98.03
N GLY D 185 98.39 -33.99 -99.03
CA GLY D 185 97.62 -35.22 -99.15
C GLY D 185 96.11 -35.03 -99.18
N ALA D 186 95.60 -33.85 -98.86
CA ALA D 186 94.16 -33.61 -98.90
C ALA D 186 93.65 -33.70 -100.33
N ALA D 187 92.42 -34.18 -100.47
CA ALA D 187 91.82 -34.43 -101.77
C ALA D 187 90.42 -33.83 -101.84
N ARG D 188 89.83 -33.88 -103.03
CA ARG D 188 88.51 -33.35 -103.28
C ARG D 188 87.49 -34.49 -103.25
N ILE D 189 86.45 -34.34 -102.44
CA ILE D 189 85.51 -35.43 -102.19
C ILE D 189 84.65 -35.69 -103.43
N ARG D 190 84.16 -34.64 -104.07
CA ARG D 190 83.23 -34.83 -105.19
C ARG D 190 83.88 -35.58 -106.34
N GLY D 191 83.17 -36.58 -106.86
CA GLY D 191 83.66 -37.41 -107.94
C GLY D 191 84.25 -38.73 -107.51
N GLU D 192 84.44 -38.95 -106.22
CA GLU D 192 85.03 -40.20 -105.75
C GLU D 192 83.98 -41.29 -105.64
N THR D 193 84.44 -42.53 -105.47
CA THR D 193 83.58 -43.69 -105.38
C THR D 193 83.71 -44.30 -103.98
N LEU D 194 82.57 -44.63 -103.38
CA LEU D 194 82.52 -45.20 -102.04
C LEU D 194 81.95 -46.62 -102.14
N GLY D 195 82.66 -47.58 -101.54
CA GLY D 195 82.24 -48.97 -101.55
C GLY D 195 81.83 -49.40 -100.15
N ILE D 196 80.68 -50.07 -100.08
CA ILE D 196 80.09 -50.52 -98.83
C ILE D 196 79.90 -52.03 -98.88
N ILE D 197 80.31 -52.71 -97.83
CA ILE D 197 80.17 -54.17 -97.73
C ILE D 197 79.13 -54.45 -96.65
N GLY D 198 77.93 -54.85 -97.08
CA GLY D 198 76.85 -55.13 -96.16
C GLY D 198 75.89 -53.97 -96.02
N LEU D 199 74.70 -54.09 -96.61
CA LEU D 199 73.70 -53.02 -96.58
C LEU D 199 72.62 -53.40 -95.57
N GLY D 200 72.90 -53.13 -94.31
CA GLY D 200 71.97 -53.37 -93.22
C GLY D 200 71.35 -52.09 -92.72
N ARG D 201 71.05 -52.06 -91.42
CA ARG D 201 70.51 -50.85 -90.81
C ARG D 201 71.53 -49.72 -90.86
N VAL D 202 72.77 -49.99 -90.43
CA VAL D 202 73.81 -48.96 -90.45
C VAL D 202 74.24 -48.66 -91.89
N GLY D 203 74.31 -49.69 -92.73
CA GLY D 203 74.76 -49.48 -94.09
C GLY D 203 73.85 -48.56 -94.88
N GLN D 204 72.54 -48.68 -94.70
CA GLN D 204 71.60 -47.81 -95.39
C GLN D 204 71.72 -46.36 -94.89
N ALA D 205 71.94 -46.18 -93.59
CA ALA D 205 72.05 -44.83 -93.05
C ALA D 205 73.28 -44.11 -93.59
N VAL D 206 74.39 -44.83 -93.74
CA VAL D 206 75.62 -44.23 -94.27
C VAL D 206 75.44 -43.82 -95.72
N ALA D 207 74.74 -44.64 -96.51
CA ALA D 207 74.59 -44.37 -97.93
C ALA D 207 73.83 -43.07 -98.18
N LEU D 208 72.78 -42.82 -97.40
CA LEU D 208 71.99 -41.61 -97.59
C LEU D 208 72.80 -40.35 -97.29
N ARG D 209 73.61 -40.39 -96.22
CA ARG D 209 74.39 -39.22 -95.84
C ARG D 209 75.55 -38.99 -96.81
N ALA D 210 76.08 -40.05 -97.41
CA ALA D 210 77.23 -39.90 -98.30
C ALA D 210 76.88 -39.25 -99.63
N LYS D 211 75.62 -39.32 -100.04
CA LYS D 211 75.23 -38.74 -101.33
C LYS D 211 75.17 -37.23 -101.29
N ALA D 212 75.01 -36.62 -100.10
CA ALA D 212 74.95 -35.18 -100.01
C ALA D 212 76.31 -34.52 -100.26
N PHE D 213 77.40 -35.27 -100.11
CA PHE D 213 78.74 -34.74 -100.32
C PHE D 213 79.25 -34.95 -101.74
N GLY D 214 78.50 -35.64 -102.59
CA GLY D 214 78.92 -35.89 -103.95
C GLY D 214 79.55 -37.24 -104.21
N PHE D 215 79.47 -38.17 -103.27
CA PHE D 215 80.05 -39.49 -103.47
C PHE D 215 79.25 -40.30 -104.49
N ASN D 216 79.91 -41.30 -105.06
CA ASN D 216 79.27 -42.32 -105.89
C ASN D 216 79.30 -43.63 -105.11
N VAL D 217 78.13 -44.21 -104.88
CA VAL D 217 77.98 -45.28 -103.91
C VAL D 217 77.74 -46.61 -104.62
N LEU D 218 78.51 -47.62 -104.24
CA LEU D 218 78.29 -49.01 -104.64
C LEU D 218 78.18 -49.85 -103.38
N PHE D 219 77.57 -51.03 -103.51
CA PHE D 219 77.46 -51.93 -102.37
C PHE D 219 77.46 -53.37 -102.84
N TYR D 220 77.79 -54.26 -101.91
CA TYR D 220 77.84 -55.70 -102.18
C TYR D 220 77.19 -56.43 -101.03
N ASP D 221 76.15 -57.21 -101.32
CA ASP D 221 75.45 -57.99 -100.31
C ASP D 221 74.80 -59.20 -100.96
N PRO D 222 75.24 -60.41 -100.64
CA PRO D 222 74.71 -61.61 -101.30
C PRO D 222 73.46 -62.21 -100.66
N TYR D 223 72.98 -61.66 -99.54
CA TYR D 223 71.83 -62.23 -98.84
C TYR D 223 70.58 -61.38 -98.98
N LEU D 224 70.59 -60.37 -99.85
CA LEU D 224 69.45 -59.51 -100.06
C LEU D 224 68.63 -59.95 -101.27
N SER D 225 67.40 -59.46 -101.34
CA SER D 225 66.50 -59.77 -102.44
C SER D 225 66.79 -58.86 -103.63
N ASP D 226 65.93 -58.90 -104.64
CA ASP D 226 66.12 -58.13 -105.86
C ASP D 226 65.33 -56.83 -105.81
N GLY D 227 65.93 -55.75 -106.29
CA GLY D 227 65.27 -54.48 -106.36
C GLY D 227 65.43 -53.58 -105.16
N VAL D 228 66.25 -53.95 -104.18
CA VAL D 228 66.47 -53.09 -103.03
C VAL D 228 67.21 -51.83 -103.46
N GLU D 229 68.14 -51.95 -104.42
CA GLU D 229 68.86 -50.79 -104.90
C GLU D 229 67.99 -49.86 -105.74
N ARG D 230 66.92 -50.38 -106.34
CA ARG D 230 66.03 -49.53 -107.13
C ARG D 230 65.33 -48.50 -106.25
N ALA D 231 64.90 -48.91 -105.05
CA ALA D 231 64.20 -48.00 -104.16
C ALA D 231 65.10 -46.86 -103.70
N LEU D 232 66.35 -47.15 -103.37
CA LEU D 232 67.27 -46.15 -102.86
C LEU D 232 68.11 -45.49 -103.95
N GLY D 233 67.99 -45.95 -105.20
CA GLY D 233 68.76 -45.37 -106.29
C GLY D 233 70.26 -45.56 -106.19
N LEU D 234 70.70 -46.76 -105.83
CA LEU D 234 72.11 -47.09 -105.71
C LEU D 234 72.52 -48.05 -106.83
N GLN D 235 73.76 -48.49 -106.78
CA GLN D 235 74.32 -49.42 -107.75
C GLN D 235 74.85 -50.65 -107.03
N ARG D 236 74.61 -51.83 -107.60
CA ARG D 236 74.90 -53.09 -106.95
C ARG D 236 75.84 -53.93 -107.80
N VAL D 237 76.82 -54.56 -107.16
CA VAL D 237 77.73 -55.48 -107.82
C VAL D 237 77.46 -56.89 -107.29
N SER D 238 78.04 -57.89 -107.95
CA SER D 238 77.75 -59.28 -107.66
C SER D 238 78.91 -60.03 -107.02
N THR D 239 80.13 -59.52 -107.11
CA THR D 239 81.30 -60.20 -106.55
C THR D 239 82.11 -59.22 -105.70
N LEU D 240 82.81 -59.76 -104.70
CA LEU D 240 83.65 -58.93 -103.85
C LEU D 240 84.83 -58.36 -104.62
N GLN D 241 85.39 -59.15 -105.55
CA GLN D 241 86.54 -58.67 -106.31
C GLN D 241 86.19 -57.46 -107.16
N ASP D 242 84.99 -57.45 -107.75
CA ASP D 242 84.58 -56.32 -108.58
C ASP D 242 84.43 -55.04 -107.75
N LEU D 243 83.99 -55.17 -106.50
CA LEU D 243 83.86 -53.99 -105.66
C LEU D 243 85.21 -53.36 -105.34
N LEU D 244 86.22 -54.19 -105.08
CA LEU D 244 87.53 -53.68 -104.71
C LEU D 244 88.24 -53.02 -105.89
N PHE D 245 87.93 -53.45 -107.11
CA PHE D 245 88.61 -52.89 -108.28
C PHE D 245 88.20 -51.45 -108.56
N HIS D 246 86.97 -51.07 -108.23
CA HIS D 246 86.42 -49.78 -108.63
C HIS D 246 86.06 -48.92 -107.43
N SER D 247 86.79 -49.05 -106.33
CA SER D 247 86.49 -48.30 -105.11
C SER D 247 87.71 -47.50 -104.67
N ASP D 248 87.46 -46.27 -104.20
CA ASP D 248 88.50 -45.43 -103.62
C ASP D 248 88.44 -45.38 -102.10
N CYS D 249 87.38 -45.89 -101.49
CA CYS D 249 87.26 -45.95 -100.04
C CYS D 249 86.34 -47.10 -99.69
N VAL D 250 86.79 -47.97 -98.78
CA VAL D 250 86.06 -49.19 -98.44
C VAL D 250 85.66 -49.12 -96.97
N THR D 251 84.40 -49.39 -96.69
CA THR D 251 83.86 -49.44 -95.34
C THR D 251 83.19 -50.78 -95.10
N LEU D 252 83.38 -51.33 -93.90
CA LEU D 252 82.85 -52.63 -93.54
C LEU D 252 81.65 -52.46 -92.61
N HIS D 253 80.52 -53.07 -92.98
CA HIS D 253 79.32 -53.00 -92.16
C HIS D 253 78.60 -54.34 -92.05
N CYS D 254 79.30 -55.45 -92.26
CA CYS D 254 78.69 -56.77 -92.25
C CYS D 254 78.78 -57.39 -90.85
N GLY D 255 78.22 -58.59 -90.71
CA GLY D 255 78.29 -59.33 -89.48
C GLY D 255 79.39 -60.38 -89.50
N LEU D 256 79.77 -60.84 -88.31
CA LEU D 256 80.87 -61.80 -88.16
C LEU D 256 80.28 -63.19 -87.98
N ASN D 257 79.98 -63.84 -89.11
CA ASN D 257 79.58 -65.23 -89.11
C ASN D 257 80.81 -66.11 -89.32
N GLU D 258 80.61 -67.40 -89.58
CA GLU D 258 81.71 -68.34 -89.72
C GLU D 258 82.22 -68.45 -91.14
N HIS D 259 81.64 -67.72 -92.10
CA HIS D 259 82.06 -67.78 -93.49
C HIS D 259 82.82 -66.54 -93.93
N ASN D 260 83.11 -65.60 -93.03
CA ASN D 260 83.78 -64.36 -93.42
C ASN D 260 84.86 -63.97 -92.42
N HIS D 261 85.46 -64.94 -91.75
CA HIS D 261 86.57 -64.64 -90.84
C HIS D 261 87.80 -64.25 -91.66
N HIS D 262 88.45 -63.16 -91.26
CA HIS D 262 89.58 -62.59 -92.00
C HIS D 262 89.21 -62.35 -93.46
N LEU D 263 88.14 -61.56 -93.64
CA LEU D 263 87.68 -61.23 -94.99
C LEU D 263 88.72 -60.45 -95.76
N ILE D 264 89.35 -59.46 -95.11
CA ILE D 264 90.43 -58.70 -95.72
C ILE D 264 91.73 -59.40 -95.32
N ASN D 265 92.11 -60.40 -96.11
CA ASN D 265 93.32 -61.18 -95.85
C ASN D 265 94.45 -60.67 -96.74
N ASP D 266 95.56 -61.41 -96.76
CA ASP D 266 96.72 -61.00 -97.54
C ASP D 266 96.42 -61.01 -99.04
N PHE D 267 95.70 -62.03 -99.51
CA PHE D 267 95.44 -62.15 -100.94
C PHE D 267 94.52 -61.04 -101.44
N THR D 268 93.47 -60.71 -100.66
CA THR D 268 92.49 -59.72 -101.11
C THR D 268 93.02 -58.30 -100.99
N VAL D 269 93.96 -58.04 -100.08
CA VAL D 269 94.45 -56.68 -99.89
C VAL D 269 95.28 -56.21 -101.07
N LYS D 270 95.75 -57.13 -101.92
CA LYS D 270 96.50 -56.78 -103.12
C LYS D 270 95.61 -56.49 -104.32
N GLN D 271 94.30 -56.67 -104.19
CA GLN D 271 93.36 -56.38 -105.27
C GLN D 271 92.78 -54.97 -105.20
N MET D 272 93.10 -54.21 -104.16
CA MET D 272 92.60 -52.86 -104.03
C MET D 272 93.41 -51.91 -104.90
N ARG D 273 92.88 -50.70 -105.07
CA ARG D 273 93.54 -49.70 -105.92
C ARG D 273 94.80 -49.18 -105.24
N GLN D 274 95.57 -48.42 -106.01
CA GLN D 274 96.80 -47.79 -105.52
C GLN D 274 96.45 -46.52 -104.77
N GLY D 275 96.61 -46.55 -103.45
CA GLY D 275 96.33 -45.38 -102.64
C GLY D 275 94.88 -45.23 -102.25
N ALA D 276 94.32 -46.27 -101.62
CA ALA D 276 92.95 -46.27 -101.17
C ALA D 276 92.89 -46.16 -99.65
N PHE D 277 91.70 -45.92 -99.13
CA PHE D 277 91.44 -45.82 -97.70
C PHE D 277 90.70 -47.05 -97.22
N LEU D 278 90.59 -47.17 -95.90
CA LEU D 278 89.91 -48.31 -95.28
C LEU D 278 89.36 -47.88 -93.92
N VAL D 279 88.07 -48.12 -93.71
CA VAL D 279 87.39 -47.80 -92.46
C VAL D 279 86.73 -49.06 -91.95
N ASN D 280 86.93 -49.37 -90.67
CA ASN D 280 86.36 -50.56 -90.04
C ASN D 280 85.74 -50.16 -88.71
N THR D 281 84.42 -50.38 -88.59
CA THR D 281 83.72 -50.09 -87.34
C THR D 281 82.75 -51.21 -86.96
N ALA D 282 82.81 -52.36 -87.61
CA ALA D 282 81.89 -53.45 -87.34
C ALA D 282 82.45 -54.45 -86.32
N ARG D 283 83.53 -55.14 -86.69
CA ARG D 283 84.14 -56.14 -85.83
C ARG D 283 85.61 -56.23 -86.14
N GLY D 284 86.37 -56.75 -85.17
CA GLY D 284 87.82 -56.82 -85.29
C GLY D 284 88.32 -58.03 -86.04
N GLY D 285 87.50 -59.08 -86.12
CA GLY D 285 87.91 -60.29 -86.76
C GLY D 285 87.81 -60.32 -88.27
N LEU D 286 87.33 -59.23 -88.88
CA LEU D 286 87.17 -59.15 -90.32
C LEU D 286 88.43 -58.70 -91.04
N VAL D 287 89.44 -58.22 -90.32
CA VAL D 287 90.64 -57.66 -90.92
C VAL D 287 91.85 -58.35 -90.32
N ASP D 288 92.79 -58.75 -91.18
CA ASP D 288 94.06 -59.33 -90.74
C ASP D 288 95.04 -58.18 -90.53
N GLU D 289 95.34 -57.87 -89.27
CA GLU D 289 96.17 -56.72 -88.95
C GLU D 289 97.62 -56.91 -89.40
N LYS D 290 98.08 -58.15 -89.47
CA LYS D 290 99.46 -58.39 -89.90
C LYS D 290 99.67 -57.97 -91.34
N ALA D 291 98.71 -58.27 -92.21
CA ALA D 291 98.82 -57.89 -93.62
C ALA D 291 98.57 -56.40 -93.82
N LEU D 292 97.72 -55.80 -92.99
CA LEU D 292 97.43 -54.38 -93.13
C LEU D 292 98.66 -53.53 -92.82
N ALA D 293 99.46 -53.94 -91.84
CA ALA D 293 100.63 -53.15 -91.45
C ALA D 293 101.64 -53.05 -92.59
N GLN D 294 101.85 -54.14 -93.32
CA GLN D 294 102.80 -54.12 -94.43
C GLN D 294 102.33 -53.19 -95.54
N ALA D 295 101.02 -53.16 -95.80
CA ALA D 295 100.49 -52.31 -96.86
C ALA D 295 100.69 -50.83 -96.54
N LEU D 296 100.51 -50.44 -95.28
CA LEU D 296 100.70 -49.05 -94.90
C LEU D 296 102.15 -48.60 -95.08
N LYS D 297 103.10 -49.46 -94.72
CA LYS D 297 104.51 -49.10 -94.82
C LYS D 297 104.94 -48.94 -96.27
N GLU D 298 104.55 -49.86 -97.15
CA GLU D 298 104.96 -49.79 -98.54
C GLU D 298 104.26 -48.67 -99.30
N GLY D 299 103.12 -48.19 -98.81
CA GLY D 299 102.41 -47.10 -99.44
C GLY D 299 101.26 -47.49 -100.33
N ARG D 300 100.88 -48.76 -100.38
CA ARG D 300 99.75 -49.18 -101.18
C ARG D 300 98.41 -48.68 -100.63
N ILE D 301 98.36 -48.39 -99.33
CA ILE D 301 97.16 -47.86 -98.68
C ILE D 301 97.53 -46.52 -98.06
N ARG D 302 96.79 -45.48 -98.41
CA ARG D 302 97.14 -44.14 -97.96
C ARG D 302 96.86 -43.95 -96.47
N GLY D 303 95.79 -44.54 -95.98
CA GLY D 303 95.46 -44.40 -94.56
C GLY D 303 94.39 -45.39 -94.15
N ALA D 304 94.17 -45.47 -92.85
CA ALA D 304 93.19 -46.39 -92.30
C ALA D 304 92.70 -45.86 -90.96
N ALA D 305 91.39 -45.93 -90.73
CA ALA D 305 90.77 -45.55 -89.48
C ALA D 305 90.08 -46.78 -88.90
N LEU D 306 90.42 -47.13 -87.66
CA LEU D 306 89.93 -48.34 -87.03
C LEU D 306 89.28 -48.00 -85.70
N ASP D 307 88.13 -48.65 -85.42
CA ASP D 307 87.45 -48.52 -84.16
C ASP D 307 87.39 -49.82 -83.37
N VAL D 308 87.59 -50.96 -84.02
CA VAL D 308 87.59 -52.27 -83.38
C VAL D 308 88.82 -53.03 -83.82
N HIS D 309 89.42 -53.79 -82.90
CA HIS D 309 90.66 -54.50 -83.17
C HIS D 309 90.52 -55.96 -82.73
N GLU D 310 91.44 -56.78 -83.24
CA GLU D 310 91.42 -58.21 -82.91
C GLU D 310 91.64 -58.44 -81.42
N SER D 311 92.61 -57.75 -80.84
CA SER D 311 92.93 -57.87 -79.42
C SER D 311 92.61 -56.57 -78.72
N GLU D 312 91.82 -56.65 -77.65
CA GLU D 312 91.42 -55.48 -76.89
C GLU D 312 91.73 -55.70 -75.42
N PRO D 313 92.08 -54.64 -74.68
CA PRO D 313 92.18 -53.23 -75.11
C PRO D 313 93.38 -52.95 -76.02
N PHE D 314 93.29 -51.87 -76.78
CA PHE D 314 94.30 -51.53 -77.77
C PHE D 314 95.34 -50.58 -77.18
N SER D 315 96.59 -50.78 -77.58
CA SER D 315 97.70 -49.93 -77.16
C SER D 315 98.62 -49.69 -78.34
N PHE D 316 99.08 -48.44 -78.48
CA PHE D 316 99.95 -48.09 -79.60
C PHE D 316 101.34 -48.72 -79.50
N SER D 317 101.74 -49.16 -78.32
CA SER D 317 103.07 -49.69 -78.10
C SER D 317 103.16 -51.21 -78.25
N GLN D 318 102.04 -51.88 -78.53
CA GLN D 318 102.02 -53.33 -78.64
C GLN D 318 101.22 -53.74 -79.86
N GLY D 319 101.54 -54.91 -80.41
CA GLY D 319 100.80 -55.47 -81.52
C GLY D 319 101.50 -55.29 -82.84
N PRO D 320 100.94 -55.89 -83.90
CA PRO D 320 101.54 -55.75 -85.24
C PRO D 320 101.54 -54.32 -85.74
N LEU D 321 100.67 -53.45 -85.23
CA LEU D 321 100.58 -52.06 -85.65
C LEU D 321 101.37 -51.12 -84.74
N LYS D 322 102.49 -51.61 -84.19
CA LYS D 322 103.27 -50.80 -83.26
C LYS D 322 103.82 -49.55 -83.93
N ASP D 323 104.33 -49.69 -85.15
CA ASP D 323 104.91 -48.57 -85.89
C ASP D 323 104.38 -48.60 -87.32
N ALA D 324 103.24 -47.96 -87.54
CA ALA D 324 102.64 -47.89 -88.87
C ALA D 324 102.13 -46.48 -89.12
N PRO D 325 102.57 -45.84 -90.20
CA PRO D 325 102.16 -44.46 -90.47
C PRO D 325 100.71 -44.37 -90.90
N ASN D 326 100.14 -43.17 -90.71
CA ASN D 326 98.80 -42.83 -91.17
C ASN D 326 97.74 -43.77 -90.57
N LEU D 327 97.61 -43.71 -89.25
CA LEU D 327 96.70 -44.57 -88.51
C LEU D 327 95.89 -43.75 -87.52
N ILE D 328 94.59 -44.02 -87.47
CA ILE D 328 93.68 -43.39 -86.51
C ILE D 328 92.93 -44.50 -85.79
N CYS D 329 92.92 -44.45 -84.45
CA CYS D 329 92.29 -45.47 -83.64
C CYS D 329 91.46 -44.84 -82.54
N THR D 330 90.36 -45.51 -82.20
CA THR D 330 89.46 -45.12 -81.13
C THR D 330 89.16 -46.33 -80.26
N PRO D 331 88.87 -46.11 -78.96
CA PRO D 331 88.72 -47.22 -78.01
C PRO D 331 87.33 -47.86 -77.98
N HIS D 332 86.84 -48.25 -79.17
CA HIS D 332 85.58 -48.99 -79.30
C HIS D 332 84.42 -48.25 -78.64
N ALA D 333 84.21 -47.01 -79.07
CA ALA D 333 83.19 -46.14 -78.49
C ALA D 333 82.39 -45.44 -79.58
N ALA D 334 82.06 -46.16 -80.65
CA ALA D 334 81.27 -45.61 -81.75
C ALA D 334 79.78 -45.70 -81.51
N TRP D 335 79.37 -46.20 -80.34
CA TRP D 335 77.96 -46.38 -80.02
C TRP D 335 77.47 -45.50 -78.88
N TYR D 336 78.38 -44.92 -78.10
CA TYR D 336 77.98 -44.27 -76.86
C TYR D 336 77.24 -42.95 -77.13
N SER D 337 76.20 -42.71 -76.34
CA SER D 337 75.49 -41.45 -76.32
C SER D 337 74.71 -41.38 -75.02
N GLU D 338 74.41 -40.16 -74.57
CA GLU D 338 73.67 -39.99 -73.33
C GLU D 338 72.28 -40.61 -73.43
N GLN D 339 71.59 -40.38 -74.55
CA GLN D 339 70.25 -40.93 -74.72
C GLN D 339 70.30 -42.42 -75.09
N ALA D 340 71.29 -42.82 -75.89
CA ALA D 340 71.35 -44.21 -76.34
C ALA D 340 71.66 -45.16 -75.19
N SER D 341 72.52 -44.74 -74.26
CA SER D 341 72.89 -45.62 -73.16
C SER D 341 71.69 -45.95 -72.28
N ILE D 342 70.86 -44.96 -71.98
CA ILE D 342 69.70 -45.20 -71.13
C ILE D 342 68.67 -46.07 -71.84
N GLU D 343 68.48 -45.84 -73.14
CA GLU D 343 67.45 -46.56 -73.88
C GLU D 343 67.73 -48.06 -73.95
N MET D 344 68.98 -48.44 -74.20
CA MET D 344 69.30 -49.85 -74.36
C MET D 344 69.27 -50.60 -73.03
N ARG D 345 69.57 -49.92 -71.93
CA ARG D 345 69.58 -50.59 -70.63
C ARG D 345 68.17 -50.85 -70.13
N GLU D 346 67.23 -49.92 -70.38
CA GLU D 346 65.86 -50.12 -69.96
C GLU D 346 65.18 -51.22 -70.77
N GLU D 347 65.45 -51.29 -72.07
CA GLU D 347 64.82 -52.30 -72.92
C GLU D 347 65.27 -53.70 -72.52
N ALA D 348 66.55 -53.88 -72.20
CA ALA D 348 67.03 -55.20 -71.80
C ALA D 348 66.40 -55.66 -70.50
N ALA D 349 66.22 -54.74 -69.55
CA ALA D 349 65.62 -55.09 -68.27
C ALA D 349 64.19 -55.56 -68.43
N ARG D 350 63.42 -54.88 -69.30
CA ARG D 350 62.03 -55.26 -69.50
C ARG D 350 61.88 -56.58 -70.25
N GLU D 351 62.90 -56.98 -71.03
CA GLU D 351 62.86 -58.28 -71.69
C GLU D 351 62.93 -59.41 -70.68
N ILE D 352 63.73 -59.23 -69.62
CA ILE D 352 63.84 -60.24 -68.58
C ILE D 352 62.50 -60.40 -67.86
N ARG D 353 61.84 -59.29 -67.55
CA ARG D 353 60.61 -59.34 -66.77
C ARG D 353 59.51 -60.09 -67.51
N ARG D 354 59.42 -59.89 -68.84
CA ARG D 354 58.40 -60.59 -69.61
C ARG D 354 58.64 -62.11 -69.61
N ALA D 355 59.90 -62.52 -69.67
CA ALA D 355 60.20 -63.96 -69.67
C ALA D 355 59.82 -64.60 -68.35
N ILE D 356 60.10 -63.93 -67.24
CA ILE D 356 59.77 -64.51 -65.92
C ILE D 356 58.27 -64.62 -65.74
N THR D 357 57.52 -63.57 -66.11
CA THR D 357 56.08 -63.53 -65.92
C THR D 357 55.31 -63.87 -67.19
N GLY D 358 55.85 -64.75 -68.01
CA GLY D 358 55.21 -65.16 -69.25
C GLY D 358 55.65 -66.55 -69.64
N ARG D 359 55.72 -66.79 -70.95
CA ARG D 359 56.15 -68.08 -71.49
C ARG D 359 57.20 -67.85 -72.56
N ILE D 360 58.11 -68.81 -72.67
CA ILE D 360 59.24 -68.75 -73.59
C ILE D 360 58.98 -69.72 -74.73
N PRO D 361 59.17 -69.32 -76.00
CA PRO D 361 59.56 -67.97 -76.44
C PRO D 361 58.39 -67.16 -77.00
N ASP D 362 57.17 -67.44 -76.54
CA ASP D 362 56.01 -66.76 -77.09
C ASP D 362 56.00 -65.28 -76.70
N SER D 363 56.43 -64.96 -75.49
CA SER D 363 56.39 -63.58 -74.99
C SER D 363 57.60 -62.76 -75.39
N LEU D 364 58.61 -63.37 -76.01
CA LEU D 364 59.82 -62.64 -76.38
C LEU D 364 59.63 -61.94 -77.72
N LYS D 365 60.18 -60.73 -77.83
CA LYS D 365 60.07 -59.94 -79.05
C LYS D 365 61.26 -60.11 -79.98
N ASN D 366 62.47 -60.16 -79.44
CA ASN D 366 63.69 -60.27 -80.23
C ASN D 366 64.43 -61.54 -79.80
N CYS D 367 64.11 -62.65 -80.44
CA CYS D 367 64.78 -63.93 -80.20
C CYS D 367 65.55 -64.33 -81.45
N VAL D 368 66.79 -64.74 -81.26
CA VAL D 368 67.69 -65.02 -82.38
C VAL D 368 67.97 -66.50 -82.58
N ASN D 369 67.60 -67.35 -81.63
CA ASN D 369 67.82 -68.79 -81.74
C ASN D 369 66.51 -69.55 -81.66
N LYS D 370 65.44 -68.97 -82.22
CA LYS D 370 64.13 -69.61 -82.16
C LYS D 370 64.12 -70.92 -82.94
N ASP D 371 64.78 -70.95 -84.10
CA ASP D 371 64.81 -72.17 -84.90
C ASP D 371 65.55 -73.29 -84.17
N HIS D 372 66.69 -72.97 -83.55
CA HIS D 372 67.47 -73.98 -82.85
C HIS D 372 66.88 -74.38 -81.52
N LEU D 373 65.97 -73.58 -80.97
CA LEU D 373 65.40 -73.87 -79.66
C LEU D 373 64.50 -75.09 -79.73
N THR D 374 64.60 -75.95 -78.72
CA THR D 374 63.80 -77.18 -78.67
C THR D 374 62.86 -77.18 -77.48
N ARG E 44 -3.20 -48.67 -41.50
CA ARG E 44 -1.92 -48.01 -41.69
C ARG E 44 -0.98 -48.92 -42.48
N PRO E 45 -0.54 -48.47 -43.65
CA PRO E 45 0.25 -49.33 -44.55
C PRO E 45 1.57 -49.72 -43.92
N LEU E 46 2.27 -50.64 -44.59
CA LEU E 46 3.52 -51.19 -44.11
C LEU E 46 4.65 -50.80 -45.06
N VAL E 47 5.75 -50.32 -44.50
CA VAL E 47 6.95 -49.98 -45.25
C VAL E 47 8.11 -50.79 -44.68
N ALA E 48 8.85 -51.45 -45.56
CA ALA E 48 9.89 -52.38 -45.14
C ALA E 48 11.26 -51.95 -45.67
N LEU E 49 12.28 -52.08 -44.82
CA LEU E 49 13.67 -51.86 -45.21
C LEU E 49 14.28 -53.22 -45.52
N LEU E 50 14.63 -53.44 -46.79
CA LEU E 50 14.97 -54.78 -47.24
C LEU E 50 16.32 -55.25 -46.67
N ASP E 51 17.33 -54.39 -46.69
CA ASP E 51 18.66 -54.74 -46.19
C ASP E 51 19.12 -53.66 -45.21
N GLY E 52 18.81 -53.85 -43.93
CA GLY E 52 19.22 -52.91 -42.92
C GLY E 52 18.64 -53.32 -41.58
N ARG E 53 19.17 -52.67 -40.53
CA ARG E 53 18.72 -52.96 -39.17
C ARG E 53 18.43 -51.68 -38.40
N ASP E 54 19.10 -50.59 -38.80
CA ASP E 54 18.98 -49.31 -38.10
C ASP E 54 17.96 -48.44 -38.83
N CYS E 55 16.97 -47.94 -38.09
CA CYS E 55 15.92 -47.10 -38.64
C CYS E 55 15.63 -45.93 -37.72
N THR E 56 16.69 -45.37 -37.10
CA THR E 56 16.49 -44.29 -36.15
C THR E 56 16.16 -42.96 -36.81
N VAL E 57 16.47 -42.80 -38.10
CA VAL E 57 16.21 -41.54 -38.79
C VAL E 57 14.87 -41.56 -39.52
N GLU E 58 14.53 -42.68 -40.16
CA GLU E 58 13.28 -42.77 -40.90
C GLU E 58 12.06 -42.89 -39.99
N MET E 59 12.24 -43.44 -38.78
CA MET E 59 11.10 -43.68 -37.90
C MET E 59 10.35 -42.42 -37.51
N PRO E 60 11.01 -41.33 -37.05
CA PRO E 60 10.24 -40.13 -36.66
C PRO E 60 9.47 -39.50 -37.81
N ILE E 61 9.86 -39.74 -39.06
CA ILE E 61 9.14 -39.16 -40.18
C ILE E 61 7.93 -40.00 -40.55
N LEU E 62 8.14 -41.29 -40.77
CA LEU E 62 7.07 -42.21 -41.17
C LEU E 62 6.46 -42.94 -39.97
N LYS E 63 6.01 -42.19 -38.97
CA LYS E 63 5.38 -42.80 -37.81
C LYS E 63 3.88 -42.55 -37.72
N ASP E 64 3.39 -41.45 -38.28
CA ASP E 64 1.97 -41.13 -38.26
C ASP E 64 1.29 -41.36 -39.59
N VAL E 65 1.98 -41.98 -40.55
CA VAL E 65 1.39 -42.25 -41.86
C VAL E 65 1.58 -43.70 -42.31
N ALA E 66 2.46 -44.48 -41.69
CA ALA E 66 2.72 -45.84 -42.11
C ALA E 66 3.35 -46.62 -40.96
N THR E 67 3.62 -47.89 -41.20
CA THR E 67 4.26 -48.78 -40.23
C THR E 67 5.60 -49.21 -40.79
N VAL E 68 6.66 -49.03 -40.00
CA VAL E 68 8.03 -49.28 -40.44
C VAL E 68 8.47 -50.64 -39.94
N ALA E 69 9.22 -51.35 -40.78
CA ALA E 69 9.77 -52.66 -40.43
C ALA E 69 11.06 -52.87 -41.21
N PHE E 70 11.89 -53.79 -40.73
CA PHE E 70 13.15 -54.11 -41.38
C PHE E 70 13.30 -55.62 -41.48
N CYS E 71 14.08 -56.06 -42.46
CA CYS E 71 14.29 -57.49 -42.72
C CYS E 71 15.74 -57.92 -42.56
N ASP E 72 16.71 -57.04 -42.80
CA ASP E 72 18.13 -57.37 -42.70
C ASP E 72 18.48 -58.57 -43.58
N ALA E 73 17.96 -58.58 -44.80
CA ALA E 73 18.15 -59.69 -45.71
C ALA E 73 19.42 -59.50 -46.55
N GLN E 74 20.02 -60.62 -46.93
CA GLN E 74 21.18 -60.62 -47.80
C GLN E 74 20.89 -61.20 -49.18
N SER E 75 19.70 -61.75 -49.40
CA SER E 75 19.32 -62.31 -50.68
C SER E 75 17.80 -62.27 -50.79
N THR E 76 17.32 -62.46 -52.03
CA THR E 76 15.88 -62.41 -52.27
C THR E 76 15.14 -63.57 -51.61
N GLN E 77 15.85 -64.61 -51.20
CA GLN E 77 15.24 -65.77 -50.55
C GLN E 77 15.10 -65.60 -49.05
N GLU E 78 15.55 -64.49 -48.48
CA GLU E 78 15.49 -64.26 -47.04
C GLU E 78 14.45 -63.20 -46.68
N ILE E 79 13.49 -62.95 -47.56
CA ILE E 79 12.45 -61.96 -47.30
C ILE E 79 11.24 -62.66 -46.68
N HIS E 80 10.73 -62.09 -45.59
CA HIS E 80 9.63 -62.70 -44.87
C HIS E 80 8.37 -62.74 -45.73
N GLU E 81 7.53 -63.74 -45.48
CA GLU E 81 6.32 -63.93 -46.28
C GLU E 81 5.34 -62.76 -46.10
N LYS E 82 5.29 -62.18 -44.90
CA LYS E 82 4.39 -61.06 -44.67
C LYS E 82 4.75 -59.86 -45.54
N VAL E 83 6.04 -59.63 -45.76
CA VAL E 83 6.47 -58.52 -46.60
C VAL E 83 5.99 -58.72 -48.04
N LEU E 84 6.11 -59.94 -48.55
CA LEU E 84 5.75 -60.21 -49.94
C LEU E 84 4.26 -60.03 -50.22
N ASN E 85 3.42 -59.94 -49.18
CA ASN E 85 1.98 -59.83 -49.35
C ASN E 85 1.40 -58.50 -48.93
N GLU E 86 2.04 -57.80 -47.99
CA GLU E 86 1.46 -56.60 -47.38
C GLU E 86 2.48 -55.46 -47.31
N ALA E 87 3.19 -55.22 -48.41
CA ALA E 87 4.16 -54.13 -48.49
C ALA E 87 3.74 -53.16 -49.58
N VAL E 88 3.75 -51.88 -49.24
CA VAL E 88 3.43 -50.81 -50.20
C VAL E 88 4.68 -50.18 -50.76
N GLY E 89 5.68 -49.90 -49.90
CA GLY E 89 6.93 -49.33 -50.34
C GLY E 89 8.11 -50.06 -49.73
N ALA E 90 9.29 -49.82 -50.29
CA ALA E 90 10.49 -50.49 -49.83
C ALA E 90 11.69 -49.56 -49.98
N LEU E 91 12.69 -49.78 -49.12
CA LEU E 91 13.95 -49.07 -49.17
C LEU E 91 15.09 -50.08 -49.24
N MET E 92 16.07 -49.81 -50.08
CA MET E 92 17.14 -50.77 -50.30
C MET E 92 18.45 -50.06 -50.61
N TYR E 93 19.55 -50.66 -50.16
CA TYR E 93 20.89 -50.21 -50.49
C TYR E 93 21.41 -50.97 -51.72
N HIS E 94 22.72 -50.91 -51.95
CA HIS E 94 23.34 -51.52 -53.12
C HIS E 94 23.72 -52.98 -52.91
N THR E 95 23.43 -53.55 -51.75
CA THR E 95 23.90 -54.89 -51.41
C THR E 95 22.96 -56.00 -51.86
N ILE E 96 21.82 -55.67 -52.45
CA ILE E 96 20.83 -56.66 -52.86
C ILE E 96 20.39 -56.35 -54.29
N THR E 97 20.20 -57.40 -55.09
CA THR E 97 19.82 -57.27 -56.49
C THR E 97 18.44 -57.88 -56.71
N LEU E 98 17.60 -57.16 -57.45
CA LEU E 98 16.24 -57.60 -57.77
C LEU E 98 16.11 -57.80 -59.26
N THR E 99 15.56 -58.95 -59.65
CA THR E 99 15.30 -59.29 -61.04
C THR E 99 13.80 -59.31 -61.30
N ARG E 100 13.43 -59.64 -62.53
CA ARG E 100 12.01 -59.68 -62.90
C ARG E 100 11.27 -60.76 -62.13
N GLU E 101 11.89 -61.92 -61.95
CA GLU E 101 11.24 -63.00 -61.19
C GLU E 101 11.01 -62.58 -59.74
N ASP E 102 11.96 -61.87 -59.14
CA ASP E 102 11.79 -61.39 -57.77
C ASP E 102 10.66 -60.37 -57.68
N LEU E 103 10.53 -59.50 -58.67
CA LEU E 103 9.50 -58.47 -58.63
C LEU E 103 8.10 -59.07 -58.72
N GLU E 104 7.94 -60.15 -59.48
CA GLU E 104 6.63 -60.76 -59.64
C GLU E 104 6.11 -61.39 -58.35
N LYS E 105 6.98 -61.65 -57.38
CA LYS E 105 6.55 -62.24 -56.12
C LYS E 105 5.83 -61.25 -55.22
N PHE E 106 6.02 -59.95 -55.44
CA PHE E 106 5.31 -58.94 -54.66
C PHE E 106 3.89 -58.78 -55.17
N LYS E 107 2.96 -58.61 -54.24
CA LYS E 107 1.54 -58.51 -54.58
C LYS E 107 0.93 -57.15 -54.33
N ALA E 108 1.60 -56.28 -53.57
CA ALA E 108 1.05 -54.95 -53.28
C ALA E 108 2.08 -53.84 -53.39
N LEU E 109 3.29 -54.14 -53.89
CA LEU E 109 4.32 -53.11 -54.00
C LEU E 109 3.92 -52.06 -55.03
N ARG E 110 4.21 -50.80 -54.72
CA ARG E 110 3.83 -49.70 -55.60
C ARG E 110 4.98 -48.75 -55.90
N ILE E 111 5.96 -48.67 -55.00
CA ILE E 111 7.07 -47.74 -55.16
C ILE E 111 8.31 -48.34 -54.52
N ILE E 112 9.46 -48.12 -55.16
CA ILE E 112 10.76 -48.50 -54.63
C ILE E 112 11.66 -47.27 -54.63
N VAL E 113 12.28 -46.99 -53.48
CA VAL E 113 13.18 -45.85 -53.33
C VAL E 113 14.57 -46.36 -53.02
N ARG E 114 15.54 -45.94 -53.84
CA ARG E 114 16.92 -46.37 -53.71
C ARG E 114 17.71 -45.27 -53.00
N ILE E 115 18.33 -45.62 -51.86
CA ILE E 115 19.11 -44.66 -51.09
C ILE E 115 20.50 -44.54 -51.71
N GLY E 116 20.65 -43.62 -52.63
CA GLY E 116 21.89 -43.45 -53.36
C GLY E 116 21.62 -42.91 -54.75
N SER E 117 22.66 -42.96 -55.58
CA SER E 117 22.58 -42.43 -56.93
C SER E 117 22.55 -43.49 -58.01
N GLY E 118 22.98 -44.71 -57.73
CA GLY E 118 23.01 -45.79 -58.71
C GLY E 118 21.80 -46.70 -58.57
N PHE E 119 21.27 -47.12 -59.71
CA PHE E 119 20.12 -48.01 -59.75
C PHE E 119 20.31 -49.15 -60.75
N ASP E 120 21.55 -49.56 -60.98
CA ASP E 120 21.83 -50.62 -61.93
C ASP E 120 21.50 -52.01 -61.40
N ASN E 121 21.19 -52.14 -60.12
CA ASN E 121 20.84 -53.42 -59.52
C ASN E 121 19.34 -53.68 -59.53
N ILE E 122 18.55 -52.83 -60.17
CA ILE E 122 17.11 -52.98 -60.27
C ILE E 122 16.74 -52.99 -61.75
N ASP E 123 15.90 -53.95 -62.15
CA ASP E 123 15.43 -54.02 -63.53
C ASP E 123 14.39 -52.92 -63.75
N ILE E 124 14.83 -51.82 -64.35
CA ILE E 124 13.98 -50.65 -64.48
C ILE E 124 12.82 -50.92 -65.44
N LYS E 125 13.11 -51.52 -66.60
CA LYS E 125 12.07 -51.72 -67.61
C LYS E 125 11.00 -52.69 -67.13
N SER E 126 11.40 -53.78 -66.47
CA SER E 126 10.43 -54.77 -66.00
C SER E 126 9.51 -54.19 -64.95
N ALA E 127 10.04 -53.37 -64.04
CA ALA E 127 9.22 -52.77 -62.99
C ALA E 127 8.17 -51.82 -63.57
N GLY E 128 8.48 -51.17 -64.69
CA GLY E 128 7.52 -50.28 -65.31
C GLY E 128 6.28 -51.01 -65.82
N ASP E 129 6.48 -52.18 -66.43
CA ASP E 129 5.36 -52.96 -66.94
C ASP E 129 4.43 -53.40 -65.81
N LEU E 130 5.00 -53.82 -64.68
CA LEU E 130 4.19 -54.27 -63.55
C LEU E 130 3.52 -53.12 -62.82
N GLY E 131 3.91 -51.88 -63.09
CA GLY E 131 3.28 -50.73 -62.45
C GLY E 131 3.95 -50.34 -61.14
N ILE E 132 5.28 -50.32 -61.13
CA ILE E 132 6.05 -49.97 -59.94
C ILE E 132 6.98 -48.81 -60.31
N ALA E 133 7.00 -47.79 -59.46
CA ALA E 133 7.83 -46.61 -59.67
C ALA E 133 9.14 -46.74 -58.89
N VAL E 134 10.22 -46.26 -59.49
CA VAL E 134 11.56 -46.33 -58.92
C VAL E 134 12.10 -44.92 -58.75
N CYS E 135 12.62 -44.61 -57.57
CA CYS E 135 13.16 -43.30 -57.26
C CYS E 135 14.56 -43.45 -56.66
N ASN E 136 15.29 -42.34 -56.60
CA ASN E 136 16.62 -42.34 -56.03
C ASN E 136 16.95 -40.94 -55.54
N VAL E 137 18.11 -40.82 -54.89
CA VAL E 137 18.63 -39.53 -54.42
C VAL E 137 19.76 -39.13 -55.36
N PRO E 138 19.55 -38.14 -56.24
CA PRO E 138 20.52 -37.89 -57.31
C PRO E 138 21.87 -37.37 -56.84
N ALA E 139 21.88 -36.35 -55.98
CA ALA E 139 23.11 -35.66 -55.61
C ALA E 139 23.09 -35.36 -54.12
N ALA E 140 23.78 -36.19 -53.34
CA ALA E 140 23.95 -35.93 -51.91
C ALA E 140 25.41 -36.11 -51.51
N SER E 141 26.19 -36.81 -52.34
CA SER E 141 27.60 -37.08 -52.06
C SER E 141 28.44 -36.80 -53.30
N VAL E 142 28.13 -35.72 -54.01
CA VAL E 142 28.92 -35.35 -55.19
C VAL E 142 30.32 -34.94 -54.77
N GLU E 143 30.43 -34.07 -53.77
CA GLU E 143 31.73 -33.53 -53.37
C GLU E 143 32.54 -34.54 -52.57
N GLU E 144 31.88 -35.41 -51.81
CA GLU E 144 32.61 -36.45 -51.07
C GLU E 144 33.32 -37.40 -52.03
N THR E 145 32.64 -37.81 -53.10
CA THR E 145 33.25 -38.73 -54.05
C THR E 145 34.36 -38.06 -54.85
N ALA E 146 34.19 -36.77 -55.17
CA ALA E 146 35.22 -36.06 -55.92
C ALA E 146 36.50 -35.92 -55.11
N ASP E 147 36.38 -35.65 -53.80
CA ASP E 147 37.56 -35.53 -52.95
C ASP E 147 38.27 -36.87 -52.82
N SER E 148 37.53 -37.96 -52.72
CA SER E 148 38.14 -39.29 -52.60
C SER E 148 38.88 -39.67 -53.87
N THR E 149 38.37 -39.26 -55.04
CA THR E 149 39.06 -39.54 -56.30
C THR E 149 40.41 -38.83 -56.35
N LEU E 150 40.45 -37.56 -55.91
CA LEU E 150 41.71 -36.82 -55.91
C LEU E 150 42.71 -37.42 -54.93
N CYS E 151 42.23 -37.97 -53.80
CA CYS E 151 43.14 -38.58 -52.84
C CYS E 151 43.85 -39.78 -53.43
N HIS E 152 43.13 -40.60 -54.21
CA HIS E 152 43.74 -41.77 -54.82
C HIS E 152 44.76 -41.38 -55.88
N ILE E 153 44.48 -40.31 -56.63
CA ILE E 153 45.41 -39.87 -57.67
C ILE E 153 46.74 -39.42 -57.07
N LEU E 154 46.67 -38.67 -55.98
CA LEU E 154 47.90 -38.17 -55.34
C LEU E 154 48.71 -39.30 -54.72
N ASN E 155 48.05 -40.35 -54.22
CA ASN E 155 48.78 -41.46 -53.63
C ASN E 155 49.62 -42.20 -54.66
N LEU E 156 49.16 -42.25 -55.91
CA LEU E 156 49.91 -42.95 -56.94
C LEU E 156 51.15 -42.16 -57.36
N TYR E 157 51.03 -40.85 -57.49
CA TYR E 157 52.17 -40.02 -57.88
C TYR E 157 53.12 -39.81 -56.71
N ARG E 158 52.64 -39.18 -55.64
CA ARG E 158 53.43 -38.99 -54.43
C ARG E 158 53.12 -40.16 -53.51
N ARG E 159 53.94 -41.22 -53.61
CA ARG E 159 53.70 -42.45 -52.87
C ARG E 159 53.68 -42.18 -51.36
N ALA E 160 52.50 -42.30 -50.75
CA ALA E 160 52.34 -42.03 -49.33
C ALA E 160 51.79 -43.21 -48.55
N THR E 161 50.82 -43.93 -49.11
CA THR E 161 50.31 -45.13 -48.44
C THR E 161 51.37 -46.22 -48.39
N TRP E 162 52.13 -46.39 -49.48
CA TRP E 162 53.15 -47.42 -49.53
C TRP E 162 54.32 -47.11 -48.60
N LEU E 163 54.69 -45.83 -48.48
CA LEU E 163 55.77 -45.45 -47.56
C LEU E 163 55.36 -45.67 -46.11
N HIS E 164 54.12 -45.33 -45.77
CA HIS E 164 53.63 -45.56 -44.41
C HIS E 164 53.56 -47.06 -44.10
N GLN E 165 53.15 -47.87 -45.08
CA GLN E 165 53.06 -49.30 -44.87
C GLN E 165 54.45 -49.91 -44.63
N ALA E 166 55.46 -49.40 -45.32
CA ALA E 166 56.81 -49.95 -45.19
C ALA E 166 57.36 -49.74 -43.78
N LEU E 167 57.08 -48.57 -43.17
CA LEU E 167 57.60 -48.30 -41.84
C LEU E 167 57.03 -49.25 -40.80
N ARG E 168 55.73 -49.59 -40.92
CA ARG E 168 55.12 -50.49 -39.96
C ARG E 168 55.68 -51.90 -40.06
N GLU E 169 56.17 -52.29 -41.23
CA GLU E 169 56.78 -53.61 -41.40
C GLU E 169 58.16 -53.70 -40.78
N GLY E 170 58.74 -52.59 -40.35
CA GLY E 170 60.04 -52.59 -39.72
C GLY E 170 61.19 -52.09 -40.57
N THR E 171 60.91 -51.57 -41.76
CA THR E 171 61.97 -51.06 -42.62
C THR E 171 62.62 -49.83 -42.01
N ARG E 172 63.94 -49.77 -42.07
CA ARG E 172 64.71 -48.65 -41.52
C ARG E 172 65.52 -48.01 -42.64
N VAL E 173 65.38 -46.69 -42.78
CA VAL E 173 66.09 -45.92 -43.79
C VAL E 173 66.81 -44.77 -43.11
N GLN E 174 68.12 -44.68 -43.32
CA GLN E 174 68.93 -43.64 -42.69
C GLN E 174 69.63 -42.74 -43.70
N SER E 175 70.31 -43.32 -44.70
CA SER E 175 71.07 -42.52 -45.64
C SER E 175 70.17 -42.01 -46.76
N VAL E 176 70.70 -41.06 -47.53
CA VAL E 176 69.95 -40.48 -48.64
C VAL E 176 69.76 -41.52 -49.75
N GLU E 177 70.78 -42.37 -49.97
CA GLU E 177 70.66 -43.40 -51.00
C GLU E 177 69.52 -44.35 -50.70
N GLN E 178 69.31 -44.67 -49.42
CA GLN E 178 68.20 -45.53 -49.05
C GLN E 178 66.86 -44.85 -49.32
N ILE E 179 66.80 -43.53 -49.11
CA ILE E 179 65.56 -42.79 -49.36
C ILE E 179 65.19 -42.84 -50.84
N ARG E 180 66.17 -42.66 -51.72
CA ARG E 180 65.89 -42.70 -53.16
C ARG E 180 65.42 -44.07 -53.63
N GLU E 181 65.72 -45.12 -52.88
CA GLU E 181 65.36 -46.48 -53.30
C GLU E 181 63.98 -46.89 -52.82
N VAL E 182 63.64 -46.58 -51.56
CA VAL E 182 62.34 -46.98 -51.04
C VAL E 182 61.23 -46.18 -51.73
N ALA E 183 61.48 -44.92 -52.05
CA ALA E 183 60.50 -44.05 -52.69
C ALA E 183 60.75 -43.92 -54.19
N SER E 184 61.30 -44.95 -54.81
CA SER E 184 61.58 -44.89 -56.24
C SER E 184 60.29 -45.04 -57.04
N GLY E 185 60.08 -44.14 -57.99
CA GLY E 185 58.89 -44.15 -58.82
C GLY E 185 58.06 -42.88 -58.78
N ALA E 186 58.31 -41.98 -57.83
CA ALA E 186 57.57 -40.73 -57.76
C ALA E 186 57.84 -39.87 -58.97
N ALA E 187 56.83 -39.12 -59.40
CA ALA E 187 56.91 -38.32 -60.61
C ALA E 187 56.42 -36.90 -60.34
N ARG E 188 56.56 -36.05 -61.35
CA ARG E 188 56.16 -34.66 -61.27
C ARG E 188 54.80 -34.49 -61.94
N ILE E 189 53.85 -33.90 -61.21
CA ILE E 189 52.46 -33.83 -61.67
C ILE E 189 52.32 -32.87 -62.85
N ARG E 190 52.96 -31.71 -62.77
CA ARG E 190 52.77 -30.68 -63.79
C ARG E 190 53.25 -31.17 -65.16
N GLY E 191 52.41 -30.96 -66.17
CA GLY E 191 52.73 -31.38 -67.53
C GLY E 191 52.08 -32.69 -67.95
N GLU E 192 51.46 -33.43 -67.02
CA GLU E 192 50.85 -34.70 -67.35
C GLU E 192 49.47 -34.49 -67.93
N THR E 193 48.92 -35.57 -68.51
CA THR E 193 47.61 -35.55 -69.13
C THR E 193 46.67 -36.47 -68.36
N LEU E 194 45.47 -35.98 -68.08
CA LEU E 194 44.46 -36.73 -67.34
C LEU E 194 43.26 -37.00 -68.25
N GLY E 195 42.85 -38.26 -68.32
CA GLY E 195 41.73 -38.68 -69.14
C GLY E 195 40.55 -39.08 -68.28
N ILE E 196 39.37 -38.57 -68.64
CA ILE E 196 38.15 -38.80 -67.90
C ILE E 196 37.12 -39.43 -68.83
N ILE E 197 36.46 -40.49 -68.37
CA ILE E 197 35.44 -41.19 -69.14
C ILE E 197 34.10 -40.92 -68.47
N GLY E 198 33.29 -40.06 -69.07
CA GLY E 198 32.00 -39.70 -68.51
C GLY E 198 32.05 -38.39 -67.73
N LEU E 199 31.48 -37.34 -68.31
CA LEU E 199 31.49 -36.01 -67.68
C LEU E 199 30.10 -35.74 -67.11
N GLY E 200 29.86 -36.26 -65.92
CA GLY E 200 28.62 -36.07 -65.20
C GLY E 200 28.78 -35.09 -64.06
N ARG E 201 28.00 -35.32 -62.98
CA ARG E 201 28.14 -34.49 -61.80
C ARG E 201 29.50 -34.65 -61.15
N VAL E 202 29.93 -35.91 -60.94
CA VAL E 202 31.23 -36.16 -60.33
C VAL E 202 32.35 -35.82 -61.31
N GLY E 203 32.16 -36.11 -62.60
CA GLY E 203 33.20 -35.85 -63.58
C GLY E 203 33.55 -34.39 -63.69
N GLN E 204 32.56 -33.51 -63.63
CA GLN E 204 32.82 -32.08 -63.70
C GLN E 204 33.55 -31.58 -62.46
N ALA E 205 33.20 -32.12 -61.29
CA ALA E 205 33.86 -31.70 -60.05
C ALA E 205 35.34 -32.07 -60.05
N VAL E 206 35.67 -33.25 -60.57
CA VAL E 206 37.06 -33.69 -60.61
C VAL E 206 37.88 -32.82 -61.56
N ALA E 207 37.29 -32.43 -62.69
CA ALA E 207 38.02 -31.66 -63.68
C ALA E 207 38.44 -30.30 -63.15
N LEU E 208 37.57 -29.64 -62.40
CA LEU E 208 37.92 -28.32 -61.86
C LEU E 208 39.06 -28.40 -60.86
N ARG E 209 39.05 -29.42 -60.00
CA ARG E 209 40.11 -29.53 -58.99
C ARG E 209 41.43 -29.97 -59.60
N ALA E 210 41.40 -30.71 -60.70
CA ALA E 210 42.63 -31.21 -61.31
C ALA E 210 43.42 -30.12 -62.02
N LYS E 211 42.76 -29.03 -62.43
CA LYS E 211 43.47 -27.96 -63.13
C LYS E 211 44.35 -27.13 -62.22
N ALA E 212 44.06 -27.12 -60.91
CA ALA E 212 44.87 -26.35 -59.98
C ALA E 212 46.26 -26.96 -59.77
N PHE E 213 46.43 -28.24 -60.06
CA PHE E 213 47.71 -28.93 -59.90
C PHE E 213 48.56 -28.92 -61.16
N GLY E 214 48.05 -28.40 -62.27
CA GLY E 214 48.79 -28.36 -63.52
C GLY E 214 48.48 -29.47 -64.50
N PHE E 215 47.42 -30.24 -64.28
CA PHE E 215 47.07 -31.31 -65.20
C PHE E 215 46.53 -30.75 -66.51
N ASN E 216 46.59 -31.58 -67.55
CA ASN E 216 45.94 -31.32 -68.83
C ASN E 216 44.80 -32.32 -68.98
N VAL E 217 43.58 -31.81 -69.16
CA VAL E 217 42.37 -32.60 -68.99
C VAL E 217 41.74 -32.85 -70.35
N LEU E 218 41.43 -34.12 -70.63
CA LEU E 218 40.62 -34.54 -71.76
C LEU E 218 39.44 -35.35 -71.24
N PHE E 219 38.39 -35.45 -72.04
CA PHE E 219 37.23 -36.25 -71.64
C PHE E 219 36.56 -36.84 -72.87
N TYR E 220 35.80 -37.90 -72.64
CA TYR E 220 35.07 -38.60 -73.70
C TYR E 220 33.66 -38.90 -73.20
N ASP E 221 32.66 -38.39 -73.92
CA ASP E 221 31.27 -38.63 -73.57
C ASP E 221 30.40 -38.53 -74.82
N PRO E 222 29.79 -39.63 -75.26
CA PRO E 222 29.01 -39.61 -76.51
C PRO E 222 27.56 -39.19 -76.37
N TYR E 223 27.07 -38.94 -75.16
CA TYR E 223 25.67 -38.60 -74.94
C TYR E 223 25.46 -37.14 -74.59
N LEU E 224 26.49 -36.30 -74.71
CA LEU E 224 26.39 -34.89 -74.38
C LEU E 224 26.16 -34.06 -75.65
N SER E 225 25.71 -32.83 -75.45
CA SER E 225 25.45 -31.91 -76.54
C SER E 225 26.75 -31.23 -76.96
N ASP E 226 26.64 -30.22 -77.82
CA ASP E 226 27.80 -29.53 -78.36
C ASP E 226 28.07 -28.25 -77.57
N GLY E 227 29.35 -27.98 -77.32
CA GLY E 227 29.75 -26.76 -76.64
C GLY E 227 29.85 -26.83 -75.14
N VAL E 228 29.68 -28.03 -74.55
CA VAL E 228 29.83 -28.16 -73.11
C VAL E 228 31.27 -27.91 -72.70
N GLU E 229 32.23 -28.34 -73.53
CA GLU E 229 33.64 -28.11 -73.22
C GLU E 229 34.04 -26.65 -73.38
N ARG E 230 33.32 -25.88 -74.19
CA ARG E 230 33.64 -24.46 -74.35
C ARG E 230 33.42 -23.71 -73.05
N ALA E 231 32.34 -24.02 -72.33
CA ALA E 231 32.04 -23.32 -71.09
C ALA E 231 33.12 -23.57 -70.03
N LEU E 232 33.58 -24.82 -69.90
CA LEU E 232 34.55 -25.18 -68.88
C LEU E 232 35.98 -25.08 -69.37
N GLY E 233 36.21 -24.79 -70.65
CA GLY E 233 37.56 -24.68 -71.16
C GLY E 233 38.34 -25.98 -71.17
N LEU E 234 37.72 -27.07 -71.57
CA LEU E 234 38.36 -28.38 -71.64
C LEU E 234 38.54 -28.80 -73.10
N GLN E 235 39.05 -30.01 -73.29
CA GLN E 235 39.27 -30.57 -74.61
C GLN E 235 38.52 -31.88 -74.73
N ARG E 236 37.90 -32.11 -75.89
CA ARG E 236 37.01 -33.25 -76.10
C ARG E 236 37.49 -34.11 -77.26
N VAL E 237 37.43 -35.41 -77.09
CA VAL E 237 37.74 -36.37 -78.15
C VAL E 237 36.45 -37.08 -78.55
N SER E 238 36.52 -37.81 -79.66
CA SER E 238 35.34 -38.44 -80.24
C SER E 238 35.31 -39.96 -80.13
N THR E 239 36.45 -40.60 -79.88
CA THR E 239 36.51 -42.05 -79.79
C THR E 239 37.24 -42.46 -78.52
N LEU E 240 36.89 -43.65 -78.01
CA LEU E 240 37.54 -44.17 -76.81
C LEU E 240 39.00 -44.51 -77.09
N GLN E 241 39.31 -45.01 -78.29
CA GLN E 241 40.69 -45.37 -78.61
C GLN E 241 41.60 -44.16 -78.59
N ASP E 242 41.12 -43.02 -79.08
CA ASP E 242 41.93 -41.81 -79.10
C ASP E 242 42.25 -41.32 -77.70
N LEU E 243 41.31 -41.50 -76.75
CA LEU E 243 41.56 -41.08 -75.38
C LEU E 243 42.66 -41.90 -74.73
N LEU E 244 42.68 -43.21 -74.99
CA LEU E 244 43.66 -44.08 -74.35
C LEU E 244 45.06 -43.86 -74.91
N PHE E 245 45.16 -43.41 -76.16
CA PHE E 245 46.48 -43.22 -76.77
C PHE E 245 47.24 -42.06 -76.16
N HIS E 246 46.54 -41.01 -75.70
CA HIS E 246 47.16 -39.77 -75.28
C HIS E 246 46.92 -39.47 -73.80
N SER E 247 46.79 -40.50 -72.97
CA SER E 247 46.50 -40.31 -71.55
C SER E 247 47.57 -40.98 -70.70
N ASP E 248 47.94 -40.32 -69.61
CA ASP E 248 48.85 -40.88 -68.62
C ASP E 248 48.15 -41.37 -67.36
N CYS E 249 46.87 -41.03 -67.19
CA CYS E 249 46.09 -41.50 -66.05
C CYS E 249 44.63 -41.52 -66.46
N VAL E 250 43.96 -42.64 -66.22
CA VAL E 250 42.59 -42.86 -66.67
C VAL E 250 41.70 -43.04 -65.45
N THR E 251 40.59 -42.29 -65.41
CA THR E 251 39.60 -42.40 -64.35
C THR E 251 38.24 -42.68 -64.96
N LEU E 252 37.46 -43.54 -64.31
CA LEU E 252 36.15 -43.94 -64.79
C LEU E 252 35.07 -43.27 -63.96
N HIS E 253 34.14 -42.58 -64.64
CA HIS E 253 33.03 -41.92 -63.97
C HIS E 253 31.71 -42.11 -64.68
N CYS E 254 31.56 -43.16 -65.49
CA CYS E 254 30.34 -43.38 -66.25
C CYS E 254 29.39 -44.28 -65.49
N GLY E 255 28.23 -44.54 -66.08
CA GLY E 255 27.24 -45.42 -65.52
C GLY E 255 27.30 -46.81 -66.13
N LEU E 256 26.71 -47.77 -65.42
CA LEU E 256 26.76 -49.17 -65.84
C LEU E 256 25.44 -49.52 -66.53
N ASN E 257 25.37 -49.23 -67.82
CA ASN E 257 24.25 -49.65 -68.65
C ASN E 257 24.58 -50.99 -69.31
N GLU E 258 23.78 -51.42 -70.27
CA GLU E 258 23.98 -52.71 -70.91
C GLU E 258 24.89 -52.65 -72.13
N HIS E 259 25.42 -51.48 -72.48
CA HIS E 259 26.29 -51.33 -73.64
C HIS E 259 27.74 -51.10 -73.26
N ASN E 260 28.08 -51.15 -71.97
CA ASN E 260 29.46 -50.89 -71.54
C ASN E 260 29.92 -51.86 -70.47
N HIS E 261 29.40 -53.09 -70.48
CA HIS E 261 29.87 -54.11 -69.56
C HIS E 261 31.26 -54.56 -69.96
N HIS E 262 32.17 -54.63 -68.99
CA HIS E 262 33.58 -54.93 -69.23
C HIS E 262 34.18 -53.98 -70.27
N LEU E 263 34.07 -52.69 -69.99
CA LEU E 263 34.59 -51.67 -70.89
C LEU E 263 36.11 -51.79 -71.04
N ILE E 264 36.80 -51.99 -69.92
CA ILE E 264 38.26 -52.20 -69.94
C ILE E 264 38.47 -53.71 -70.00
N ASN E 265 38.45 -54.25 -71.22
CA ASN E 265 38.62 -55.68 -71.44
C ASN E 265 40.07 -55.96 -71.84
N ASP E 266 40.32 -57.21 -72.27
CA ASP E 266 41.68 -57.60 -72.63
C ASP E 266 42.17 -56.84 -73.86
N PHE E 267 41.30 -56.65 -74.85
CA PHE E 267 41.73 -55.99 -76.08
C PHE E 267 42.05 -54.52 -75.86
N THR E 268 41.23 -53.82 -75.07
CA THR E 268 41.42 -52.39 -74.86
C THR E 268 42.59 -52.09 -73.93
N VAL E 269 42.92 -53.00 -73.01
CA VAL E 269 43.98 -52.73 -72.05
C VAL E 269 45.35 -52.70 -72.73
N LYS E 270 45.47 -53.23 -73.93
CA LYS E 270 46.72 -53.20 -74.68
C LYS E 270 46.88 -51.93 -75.50
N GLN E 271 45.88 -51.07 -75.54
CA GLN E 271 45.96 -49.80 -76.26
C GLN E 271 46.43 -48.64 -75.40
N MET E 272 46.61 -48.86 -74.10
CA MET E 272 47.08 -47.81 -73.20
C MET E 272 48.59 -47.61 -73.35
N ARG E 273 49.07 -46.51 -72.79
CA ARG E 273 50.49 -46.19 -72.88
C ARG E 273 51.31 -47.13 -71.99
N GLN E 274 52.63 -47.05 -72.15
CA GLN E 274 53.56 -47.85 -71.37
C GLN E 274 53.78 -47.17 -70.02
N GLY E 275 53.25 -47.78 -68.96
CA GLY E 275 53.43 -47.24 -67.63
C GLY E 275 52.40 -46.19 -67.26
N ALA E 276 51.12 -46.54 -67.37
CA ALA E 276 50.02 -45.64 -67.03
C ALA E 276 49.37 -46.09 -65.73
N PHE E 277 48.51 -45.22 -65.20
CA PHE E 277 47.76 -45.49 -63.99
C PHE E 277 46.29 -45.73 -64.34
N LEU E 278 45.54 -46.20 -63.34
CA LEU E 278 44.12 -46.48 -63.52
C LEU E 278 43.41 -46.32 -62.18
N VAL E 279 42.34 -45.53 -62.17
CA VAL E 279 41.53 -45.30 -60.99
C VAL E 279 40.09 -45.62 -61.32
N ASN E 280 39.44 -46.41 -60.47
CA ASN E 280 38.06 -46.81 -60.67
C ASN E 280 37.28 -46.61 -59.38
N THR E 281 36.26 -45.75 -59.42
CA THR E 281 35.41 -45.51 -58.26
C THR E 281 33.93 -45.49 -58.63
N ALA E 282 33.55 -45.92 -59.83
CA ALA E 282 32.15 -45.86 -60.26
C ALA E 282 31.43 -47.19 -60.01
N ARG E 283 31.86 -48.25 -60.70
CA ARG E 283 31.24 -49.55 -60.57
C ARG E 283 32.27 -50.63 -60.84
N GLY E 284 31.98 -51.84 -60.34
CA GLY E 284 32.92 -52.93 -60.45
C GLY E 284 32.84 -53.70 -61.75
N GLY E 285 31.71 -53.59 -62.45
CA GLY E 285 31.51 -54.32 -63.69
C GLY E 285 32.14 -53.70 -64.91
N LEU E 286 32.77 -52.54 -64.78
CA LEU E 286 33.39 -51.86 -65.90
C LEU E 286 34.81 -52.34 -66.19
N VAL E 287 35.41 -53.12 -65.31
CA VAL E 287 36.81 -53.54 -65.44
C VAL E 287 36.88 -55.05 -65.33
N ASP E 288 37.61 -55.68 -66.25
CA ASP E 288 37.87 -57.11 -66.20
C ASP E 288 39.11 -57.34 -65.33
N GLU E 289 38.89 -57.87 -64.12
CA GLU E 289 39.99 -58.01 -63.17
C GLU E 289 41.00 -59.06 -63.62
N LYS E 290 40.57 -60.06 -64.40
CA LYS E 290 41.50 -61.09 -64.85
C LYS E 290 42.56 -60.51 -65.78
N ALA E 291 42.16 -59.62 -66.68
CA ALA E 291 43.12 -59.00 -67.59
C ALA E 291 43.97 -57.95 -66.89
N LEU E 292 43.41 -57.27 -65.88
CA LEU E 292 44.17 -56.25 -65.16
C LEU E 292 45.34 -56.86 -64.39
N ALA E 293 45.14 -58.05 -63.82
CA ALA E 293 46.19 -58.67 -63.02
C ALA E 293 47.43 -58.99 -63.86
N GLN E 294 47.23 -59.46 -65.08
CA GLN E 294 48.36 -59.78 -65.94
C GLN E 294 49.14 -58.53 -66.32
N ALA E 295 48.44 -57.41 -66.54
CA ALA E 295 49.12 -56.17 -66.91
C ALA E 295 50.02 -55.67 -65.79
N LEU E 296 49.56 -55.78 -64.54
CA LEU E 296 50.36 -55.32 -63.41
C LEU E 296 51.64 -56.14 -63.27
N LYS E 297 51.55 -57.46 -63.46
CA LYS E 297 52.72 -58.32 -63.29
C LYS E 297 53.77 -58.05 -64.36
N GLU E 298 53.35 -57.91 -65.63
CA GLU E 298 54.30 -57.69 -66.70
C GLU E 298 54.89 -56.29 -66.67
N GLY E 299 54.24 -55.33 -66.03
CA GLY E 299 54.76 -53.99 -65.90
C GLY E 299 54.20 -52.99 -66.89
N ARG E 300 53.18 -53.35 -67.68
CA ARG E 300 52.59 -52.40 -68.60
C ARG E 300 51.79 -51.32 -67.88
N ILE E 301 51.32 -51.59 -66.66
CA ILE E 301 50.59 -50.62 -65.85
C ILE E 301 51.36 -50.42 -64.56
N ARG E 302 51.70 -49.17 -64.25
CA ARG E 302 52.54 -48.89 -63.09
C ARG E 302 51.79 -49.12 -61.78
N GLY E 303 50.51 -48.78 -61.75
CA GLY E 303 49.74 -48.96 -60.52
C GLY E 303 48.26 -48.80 -60.80
N ALA E 304 47.46 -49.15 -59.79
CA ALA E 304 46.01 -49.07 -59.90
C ALA E 304 45.40 -48.91 -58.52
N ALA E 305 44.43 -48.01 -58.41
CA ALA E 305 43.69 -47.79 -57.18
C ALA E 305 42.22 -48.11 -57.44
N LEU E 306 41.65 -49.00 -56.64
CA LEU E 306 40.30 -49.49 -56.85
C LEU E 306 39.47 -49.28 -55.58
N ASP E 307 38.22 -48.84 -55.77
CA ASP E 307 37.28 -48.70 -54.68
C ASP E 307 36.08 -49.63 -54.80
N VAL E 308 35.80 -50.15 -56.00
CA VAL E 308 34.69 -51.06 -56.24
C VAL E 308 35.22 -52.26 -57.02
N HIS E 309 34.70 -53.44 -56.71
CA HIS E 309 35.17 -54.68 -57.31
C HIS E 309 34.00 -55.49 -57.81
N GLU E 310 34.30 -56.46 -58.69
CA GLU E 310 33.25 -57.30 -59.26
C GLU E 310 32.57 -58.13 -58.18
N SER E 311 33.34 -58.73 -57.28
CA SER E 311 32.81 -59.55 -56.21
C SER E 311 33.08 -58.87 -54.87
N GLU E 312 32.03 -58.69 -54.07
CA GLU E 312 32.14 -58.03 -52.78
C GLU E 312 31.53 -58.92 -51.70
N PRO E 313 32.07 -58.90 -50.48
CA PRO E 313 33.20 -58.08 -50.01
C PRO E 313 34.56 -58.53 -50.55
N PHE E 314 35.52 -57.62 -50.53
CA PHE E 314 36.84 -57.85 -51.12
C PHE E 314 37.80 -58.38 -50.06
N SER E 315 38.67 -59.30 -50.47
CA SER E 315 39.70 -59.87 -49.61
C SER E 315 40.98 -60.01 -50.41
N PHE E 316 42.11 -59.67 -49.78
CA PHE E 316 43.39 -59.75 -50.47
C PHE E 316 43.84 -61.18 -50.72
N SER E 317 43.28 -62.15 -50.01
CA SER E 317 43.70 -63.55 -50.12
C SER E 317 42.89 -64.35 -51.13
N GLN E 318 41.90 -63.74 -51.77
CA GLN E 318 41.05 -64.44 -52.71
C GLN E 318 40.85 -63.60 -53.96
N GLY E 319 40.57 -64.27 -55.07
CA GLY E 319 40.27 -63.60 -56.31
C GLY E 319 41.44 -63.57 -57.28
N PRO E 320 41.21 -63.07 -58.49
CA PRO E 320 42.30 -62.97 -59.48
C PRO E 320 43.41 -62.03 -59.06
N LEU E 321 43.15 -61.10 -58.14
CA LEU E 321 44.15 -60.15 -57.68
C LEU E 321 44.80 -60.60 -56.37
N LYS E 322 44.97 -61.91 -56.19
CA LYS E 322 45.53 -62.42 -54.95
C LYS E 322 46.96 -61.94 -54.74
N ASP E 323 47.77 -61.97 -55.80
CA ASP E 323 49.18 -61.56 -55.73
C ASP E 323 49.47 -60.66 -56.93
N ALA E 324 49.24 -59.36 -56.76
CA ALA E 324 49.51 -58.39 -57.80
C ALA E 324 50.19 -57.16 -57.19
N PRO E 325 51.36 -56.77 -57.69
CA PRO E 325 52.07 -55.63 -57.10
C PRO E 325 51.40 -54.30 -57.43
N ASN E 326 51.69 -53.31 -56.59
CA ASN E 326 51.25 -51.94 -56.79
C ASN E 326 49.72 -51.84 -56.88
N LEU E 327 49.07 -52.17 -55.77
CA LEU E 327 47.62 -52.19 -55.70
C LEU E 327 47.15 -51.49 -54.43
N ILE E 328 46.13 -50.65 -54.57
CA ILE E 328 45.50 -49.96 -53.46
C ILE E 328 44.01 -50.22 -53.52
N CYS E 329 43.42 -50.67 -52.41
CA CYS E 329 42.01 -51.02 -52.38
C CYS E 329 41.35 -50.44 -51.13
N THR E 330 40.09 -50.06 -51.27
CA THR E 330 39.26 -49.55 -50.19
C THR E 330 37.92 -50.27 -50.20
N PRO E 331 37.26 -50.41 -49.03
CA PRO E 331 36.05 -51.21 -48.91
C PRO E 331 34.75 -50.48 -49.30
N HIS E 332 34.75 -49.88 -50.49
CA HIS E 332 33.55 -49.25 -51.06
C HIS E 332 32.96 -48.21 -50.11
N ALA E 333 33.80 -47.24 -49.74
CA ALA E 333 33.42 -46.20 -48.79
C ALA E 333 33.84 -44.83 -49.27
N ALA E 334 33.68 -44.56 -50.57
CA ALA E 334 34.03 -43.28 -51.16
C ALA E 334 32.90 -42.26 -51.05
N TRP E 335 31.79 -42.62 -50.41
CA TRP E 335 30.64 -41.74 -50.29
C TRP E 335 30.35 -41.32 -48.86
N TYR E 336 30.92 -41.99 -47.86
CA TYR E 336 30.49 -41.79 -46.48
C TYR E 336 30.96 -40.44 -45.94
N SER E 337 30.08 -39.79 -45.18
CA SER E 337 30.39 -38.59 -44.44
C SER E 337 29.34 -38.42 -43.36
N GLU E 338 29.69 -37.70 -42.30
CA GLU E 338 28.75 -37.49 -41.21
C GLU E 338 27.54 -36.70 -41.68
N GLN E 339 27.75 -35.65 -42.46
CA GLN E 339 26.64 -34.86 -42.97
C GLN E 339 25.93 -35.54 -44.12
N ALA E 340 26.67 -36.22 -45.00
CA ALA E 340 26.08 -36.85 -46.17
C ALA E 340 25.15 -37.99 -45.79
N SER E 341 25.52 -38.77 -44.77
CA SER E 341 24.71 -39.91 -44.37
C SER E 341 23.33 -39.49 -43.89
N ILE E 342 23.28 -38.42 -43.09
CA ILE E 342 21.99 -37.97 -42.56
C ILE E 342 21.13 -37.37 -43.67
N GLU E 343 21.75 -36.64 -44.59
CA GLU E 343 20.99 -35.96 -45.63
C GLU E 343 20.29 -36.93 -46.56
N MET E 344 20.96 -38.01 -46.96
CA MET E 344 20.36 -38.94 -47.91
C MET E 344 19.27 -39.78 -47.27
N ARG E 345 19.37 -40.06 -45.97
CA ARG E 345 18.36 -40.89 -45.31
C ARG E 345 17.07 -40.11 -45.09
N GLU E 346 17.17 -38.81 -44.78
CA GLU E 346 15.97 -38.01 -44.58
C GLU E 346 15.23 -37.78 -45.90
N GLU E 347 15.98 -37.55 -46.98
CA GLU E 347 15.34 -37.30 -48.27
C GLU E 347 14.57 -38.52 -48.76
N ALA E 348 15.13 -39.71 -48.58
CA ALA E 348 14.44 -40.93 -49.02
C ALA E 348 13.16 -41.15 -48.24
N ALA E 349 13.17 -40.87 -46.94
CA ALA E 349 11.97 -41.06 -46.12
C ALA E 349 10.85 -40.13 -46.56
N ARG E 350 11.18 -38.88 -46.88
CA ARG E 350 10.16 -37.93 -47.30
C ARG E 350 9.60 -38.24 -48.68
N GLU E 351 10.35 -38.95 -49.52
CA GLU E 351 9.83 -39.36 -50.82
C GLU E 351 8.72 -40.39 -50.66
N ILE E 352 8.84 -41.29 -49.69
CA ILE E 352 7.80 -42.28 -49.43
C ILE E 352 6.52 -41.60 -48.96
N ARG E 353 6.64 -40.60 -48.08
CA ARG E 353 5.47 -39.96 -47.51
C ARG E 353 4.65 -39.24 -48.57
N ARG E 354 5.33 -38.59 -49.53
CA ARG E 354 4.60 -37.90 -50.59
C ARG E 354 3.82 -38.88 -51.46
N ALA E 355 4.40 -40.05 -51.74
CA ALA E 355 3.70 -41.04 -52.56
C ALA E 355 2.46 -41.56 -51.88
N ILE E 356 2.52 -41.82 -50.58
CA ILE E 356 1.37 -42.34 -49.86
C ILE E 356 0.25 -41.31 -49.80
N THR E 357 0.58 -40.06 -49.51
CA THR E 357 -0.39 -38.98 -49.36
C THR E 357 -0.51 -38.12 -50.61
N GLY E 358 -0.32 -38.70 -51.78
CA GLY E 358 -0.41 -37.98 -53.04
C GLY E 358 -0.81 -38.91 -54.16
N ARG E 359 -0.30 -38.62 -55.36
CA ARG E 359 -0.58 -39.43 -56.54
C ARG E 359 0.72 -39.73 -57.26
N ILE E 360 0.77 -40.90 -57.88
CA ILE E 360 1.96 -41.41 -58.57
C ILE E 360 1.71 -41.31 -60.06
N PRO E 361 2.67 -40.79 -60.85
CA PRO E 361 3.94 -40.22 -60.41
C PRO E 361 3.97 -38.69 -60.42
N ASP E 362 2.80 -38.07 -60.23
CA ASP E 362 2.74 -36.61 -60.30
C ASP E 362 3.46 -35.97 -59.13
N SER E 363 3.38 -36.57 -57.95
CA SER E 363 3.96 -35.99 -56.74
C SER E 363 5.43 -36.35 -56.55
N LEU E 364 5.99 -37.22 -57.39
CA LEU E 364 7.37 -37.63 -57.24
C LEU E 364 8.31 -36.64 -57.92
N LYS E 365 9.46 -36.39 -57.29
CA LYS E 365 10.43 -35.45 -57.82
C LYS E 365 11.51 -36.12 -58.65
N ASN E 366 12.02 -37.27 -58.20
CA ASN E 366 13.09 -37.99 -58.89
C ASN E 366 12.57 -39.38 -59.26
N CYS E 367 11.98 -39.49 -60.44
CA CYS E 367 11.51 -40.76 -60.98
C CYS E 367 12.33 -41.11 -62.21
N VAL E 368 12.79 -42.36 -62.27
CA VAL E 368 13.70 -42.79 -63.32
C VAL E 368 13.05 -43.72 -64.35
N ASN E 369 11.85 -44.22 -64.09
CA ASN E 369 11.16 -45.11 -65.02
C ASN E 369 9.81 -44.52 -65.42
N LYS E 370 9.75 -43.21 -65.56
CA LYS E 370 8.50 -42.55 -65.91
C LYS E 370 8.04 -42.94 -67.31
N ASP E 371 8.98 -43.06 -68.26
CA ASP E 371 8.62 -43.44 -69.61
C ASP E 371 8.06 -44.86 -69.67
N HIS E 372 8.69 -45.79 -68.95
CA HIS E 372 8.25 -47.17 -68.96
C HIS E 372 7.01 -47.41 -68.12
N LEU E 373 6.67 -46.49 -67.22
CA LEU E 373 5.51 -46.67 -66.35
C LEU E 373 4.22 -46.59 -67.14
N THR E 374 3.29 -47.48 -66.83
CA THR E 374 2.00 -47.52 -67.52
C THR E 374 0.85 -47.24 -66.57
N ARG F 44 95.40 -30.24 -59.28
CA ARG F 44 94.08 -29.66 -59.18
C ARG F 44 93.52 -29.79 -57.76
N PRO F 45 92.71 -28.83 -57.34
CA PRO F 45 92.17 -28.84 -55.97
C PRO F 45 91.31 -30.06 -55.72
N LEU F 46 90.94 -30.25 -54.45
CA LEU F 46 90.18 -31.40 -54.01
C LEU F 46 88.81 -30.95 -53.51
N VAL F 47 87.77 -31.64 -53.96
CA VAL F 47 86.40 -31.40 -53.52
C VAL F 47 85.86 -32.70 -52.95
N ALA F 48 85.28 -32.62 -51.76
CA ALA F 48 84.85 -33.81 -51.02
C ALA F 48 83.35 -33.77 -50.76
N LEU F 49 82.70 -34.92 -50.90
CA LEU F 49 81.31 -35.11 -50.54
C LEU F 49 81.27 -35.73 -49.15
N LEU F 50 80.78 -34.97 -48.16
CA LEU F 50 80.92 -35.37 -46.77
C LEU F 50 80.09 -36.61 -46.46
N ASP F 51 78.82 -36.62 -46.87
CA ASP F 51 77.90 -37.74 -46.57
C ASP F 51 77.27 -38.21 -47.88
N GLY F 52 77.92 -39.18 -48.51
CA GLY F 52 77.40 -39.72 -49.75
C GLY F 52 78.38 -40.72 -50.33
N ARG F 53 77.90 -41.48 -51.31
CA ARG F 53 78.72 -42.49 -51.96
C ARG F 53 78.60 -42.39 -53.47
N ASP F 54 77.48 -41.88 -53.96
CA ASP F 54 77.20 -41.79 -55.39
C ASP F 54 77.57 -40.40 -55.90
N CYS F 55 78.40 -40.35 -56.94
CA CYS F 55 78.84 -39.09 -57.53
C CYS F 55 78.80 -39.17 -59.05
N THR F 56 77.79 -39.84 -59.59
CA THR F 56 77.71 -40.03 -61.04
C THR F 56 77.29 -38.77 -61.78
N VAL F 57 76.67 -37.82 -61.10
CA VAL F 57 76.20 -36.60 -61.75
C VAL F 57 77.22 -35.48 -61.62
N GLU F 58 77.85 -35.33 -60.45
CA GLU F 58 78.81 -34.25 -60.25
C GLU F 58 80.14 -34.51 -60.95
N MET F 59 80.49 -35.79 -61.16
CA MET F 59 81.79 -36.11 -61.74
C MET F 59 82.00 -35.54 -63.14
N PRO F 60 81.08 -35.68 -64.10
CA PRO F 60 81.35 -35.12 -65.44
C PRO F 60 81.49 -33.61 -65.47
N ILE F 61 80.96 -32.90 -64.47
CA ILE F 61 81.09 -31.45 -64.45
C ILE F 61 82.43 -31.04 -63.85
N LEU F 62 82.73 -31.52 -62.66
CA LEU F 62 83.97 -31.17 -61.95
C LEU F 62 85.08 -32.18 -62.20
N LYS F 63 85.39 -32.45 -63.47
CA LYS F 63 86.47 -33.37 -63.80
C LYS F 63 87.70 -32.70 -64.39
N ASP F 64 87.54 -31.55 -65.04
CA ASP F 64 88.65 -30.83 -65.64
C ASP F 64 89.04 -29.60 -64.84
N VAL F 65 88.48 -29.41 -63.64
CA VAL F 65 88.81 -28.26 -62.82
C VAL F 65 89.15 -28.63 -61.39
N ALA F 66 88.84 -29.84 -60.92
CA ALA F 66 89.10 -30.23 -59.54
C ALA F 66 89.14 -31.75 -59.45
N THR F 67 89.38 -32.25 -58.24
CA THR F 67 89.41 -33.67 -57.96
C THR F 67 88.28 -34.01 -56.98
N VAL F 68 87.46 -34.99 -57.34
CA VAL F 68 86.27 -35.34 -56.58
C VAL F 68 86.56 -36.52 -55.68
N ALA F 69 86.01 -36.50 -54.48
CA ALA F 69 86.15 -37.59 -53.53
C ALA F 69 84.94 -37.62 -52.62
N PHE F 70 84.70 -38.76 -51.98
CA PHE F 70 83.59 -38.91 -51.06
C PHE F 70 84.07 -39.58 -49.79
N CYS F 71 83.34 -39.34 -48.69
CA CYS F 71 83.69 -39.86 -47.39
C CYS F 71 82.65 -40.77 -46.78
N ASP F 72 81.37 -40.61 -47.13
CA ASP F 72 80.28 -41.44 -46.60
C ASP F 72 80.28 -41.44 -45.08
N ALA F 73 80.46 -40.26 -44.49
CA ALA F 73 80.55 -40.12 -43.05
C ALA F 73 79.17 -39.91 -42.44
N GLN F 74 79.02 -40.36 -41.19
CA GLN F 74 77.80 -40.17 -40.43
C GLN F 74 77.98 -39.22 -39.25
N SER F 75 79.21 -38.80 -38.97
CA SER F 75 79.49 -37.88 -37.88
C SER F 75 80.76 -37.12 -38.19
N THR F 76 81.00 -36.03 -37.45
CA THR F 76 82.18 -35.22 -37.67
C THR F 76 83.47 -35.94 -37.31
N GLN F 77 83.37 -37.05 -36.56
CA GLN F 77 84.55 -37.81 -36.16
C GLN F 77 84.96 -38.87 -37.18
N GLU F 78 84.22 -39.00 -38.28
CA GLU F 78 84.50 -40.01 -39.30
C GLU F 78 85.05 -39.38 -40.58
N ILE F 79 85.59 -38.17 -40.50
CA ILE F 79 86.14 -37.48 -41.65
C ILE F 79 87.64 -37.79 -41.73
N HIS F 80 88.10 -38.16 -42.92
CA HIS F 80 89.49 -38.55 -43.11
C HIS F 80 90.41 -37.35 -42.87
N GLU F 81 91.64 -37.65 -42.41
CA GLU F 81 92.59 -36.59 -42.10
C GLU F 81 93.00 -35.81 -43.32
N LYS F 82 93.07 -36.46 -44.49
CA LYS F 82 93.45 -35.76 -45.71
C LYS F 82 92.43 -34.69 -46.07
N VAL F 83 91.14 -34.95 -45.84
CA VAL F 83 90.10 -33.97 -46.13
C VAL F 83 90.28 -32.73 -45.27
N LEU F 84 90.57 -32.92 -43.98
CA LEU F 84 90.69 -31.79 -43.06
C LEU F 84 91.85 -30.87 -43.37
N ASN F 85 92.79 -31.30 -44.23
CA ASN F 85 93.97 -30.50 -44.54
C ASN F 85 94.01 -29.99 -45.98
N GLU F 86 93.38 -30.68 -46.92
CA GLU F 86 93.53 -30.38 -48.35
C GLU F 86 92.17 -30.36 -49.04
N ALA F 87 91.19 -29.67 -48.45
CA ALA F 87 89.86 -29.54 -49.03
C ALA F 87 89.56 -28.07 -49.28
N VAL F 88 89.09 -27.76 -50.48
CA VAL F 88 88.71 -26.40 -50.84
C VAL F 88 87.21 -26.19 -50.74
N GLY F 89 86.42 -27.16 -51.22
CA GLY F 89 84.98 -27.09 -51.13
C GLY F 89 84.40 -28.40 -50.64
N ALA F 90 83.13 -28.35 -50.23
CA ALA F 90 82.46 -29.51 -49.68
C ALA F 90 80.98 -29.48 -50.07
N LEU F 91 80.39 -30.67 -50.16
CA LEU F 91 78.97 -30.85 -50.41
C LEU F 91 78.39 -31.73 -49.31
N MET F 92 77.22 -31.36 -48.81
CA MET F 92 76.63 -32.07 -47.69
C MET F 92 75.11 -32.07 -47.78
N TYR F 93 74.50 -33.14 -47.29
CA TYR F 93 73.06 -33.25 -47.16
C TYR F 93 72.64 -32.83 -45.75
N HIS F 94 71.42 -33.17 -45.36
CA HIS F 94 70.86 -32.79 -44.08
C HIS F 94 71.18 -33.78 -42.95
N THR F 95 71.95 -34.83 -43.23
CA THR F 95 72.18 -35.90 -42.26
C THR F 95 73.37 -35.65 -41.34
N ILE F 96 74.10 -34.54 -41.53
CA ILE F 96 75.28 -34.25 -40.74
C ILE F 96 75.21 -32.80 -40.27
N THR F 97 75.63 -32.56 -39.03
CA THR F 97 75.59 -31.25 -38.41
C THR F 97 77.01 -30.76 -38.12
N LEU F 98 77.27 -29.50 -38.45
CA LEU F 98 78.58 -28.88 -38.24
C LEU F 98 78.44 -27.74 -37.26
N THR F 99 79.31 -27.72 -36.25
CA THR F 99 79.36 -26.67 -35.25
C THR F 99 80.63 -25.84 -35.43
N ARG F 100 80.82 -24.86 -34.53
CA ARG F 100 81.99 -23.99 -34.63
C ARG F 100 83.28 -24.77 -34.39
N GLU F 101 83.26 -25.70 -33.44
CA GLU F 101 84.46 -26.51 -33.17
C GLU F 101 84.82 -27.36 -34.39
N ASP F 102 83.82 -27.90 -35.07
CA ASP F 102 84.08 -28.71 -36.27
C ASP F 102 84.67 -27.85 -37.38
N LEU F 103 84.18 -26.61 -37.53
CA LEU F 103 84.67 -25.74 -38.61
C LEU F 103 86.13 -25.36 -38.40
N GLU F 104 86.55 -25.18 -37.14
CA GLU F 104 87.93 -24.77 -36.88
C GLU F 104 88.93 -25.85 -37.23
N LYS F 105 88.51 -27.10 -37.38
CA LYS F 105 89.42 -28.17 -37.74
C LYS F 105 89.84 -28.15 -39.20
N PHE F 106 89.07 -27.47 -40.05
CA PHE F 106 89.44 -27.33 -41.45
C PHE F 106 90.51 -26.26 -41.61
N LYS F 107 91.48 -26.52 -42.50
CA LYS F 107 92.60 -25.61 -42.69
C LYS F 107 92.62 -24.94 -44.06
N ALA F 108 91.84 -25.42 -45.03
CA ALA F 108 91.84 -24.82 -46.35
C ALA F 108 90.43 -24.67 -46.93
N LEU F 109 89.38 -24.92 -46.14
CA LEU F 109 88.03 -24.80 -46.65
C LEU F 109 87.69 -23.36 -46.99
N ARG F 110 86.97 -23.16 -48.09
CA ARG F 110 86.66 -21.81 -48.54
C ARG F 110 85.17 -21.64 -48.85
N ILE F 111 84.48 -22.72 -49.21
CA ILE F 111 83.09 -22.63 -49.60
C ILE F 111 82.38 -23.94 -49.21
N ILE F 112 81.14 -23.81 -48.76
CA ILE F 112 80.28 -24.96 -48.45
C ILE F 112 78.98 -24.78 -49.23
N VAL F 113 78.57 -25.82 -49.96
CA VAL F 113 77.35 -25.80 -50.74
C VAL F 113 76.41 -26.86 -50.19
N ARG F 114 75.20 -26.44 -49.84
CA ARG F 114 74.18 -27.32 -49.26
C ARG F 114 73.20 -27.72 -50.35
N ILE F 115 73.06 -29.02 -50.57
CA ILE F 115 72.15 -29.53 -51.59
C ILE F 115 70.75 -29.58 -51.02
N GLY F 116 70.01 -28.49 -51.19
CA GLY F 116 68.68 -28.37 -50.62
C GLY F 116 68.37 -26.92 -50.32
N SER F 117 67.28 -26.73 -49.56
CA SER F 117 66.83 -25.39 -49.23
C SER F 117 67.05 -25.00 -47.77
N GLY F 118 67.26 -25.96 -46.88
CA GLY F 118 67.45 -25.68 -45.47
C GLY F 118 68.93 -25.69 -45.11
N PHE F 119 69.31 -24.75 -44.24
CA PHE F 119 70.69 -24.64 -43.78
C PHE F 119 70.78 -24.44 -42.27
N ASP F 120 69.80 -24.97 -41.53
CA ASP F 120 69.79 -24.82 -40.08
C ASP F 120 70.78 -25.72 -39.37
N ASN F 121 71.41 -26.66 -40.07
CA ASN F 121 72.39 -27.55 -39.49
C ASN F 121 73.81 -27.04 -39.62
N ILE F 122 73.99 -25.82 -40.10
CA ILE F 122 75.30 -25.20 -40.25
C ILE F 122 75.29 -23.88 -39.48
N ASP F 123 76.34 -23.64 -38.69
CA ASP F 123 76.47 -22.39 -37.95
C ASP F 123 76.86 -21.29 -38.93
N ILE F 124 75.88 -20.50 -39.35
CA ILE F 124 76.11 -19.50 -40.40
C ILE F 124 77.02 -18.40 -39.90
N LYS F 125 76.74 -17.86 -38.71
CA LYS F 125 77.51 -16.72 -38.21
C LYS F 125 78.97 -17.09 -37.95
N SER F 126 79.22 -18.26 -37.39
CA SER F 126 80.59 -18.67 -37.09
C SER F 126 81.41 -18.85 -38.36
N ALA F 127 80.80 -19.42 -39.41
CA ALA F 127 81.52 -19.63 -40.66
C ALA F 127 81.90 -18.31 -41.32
N GLY F 128 81.10 -17.26 -41.12
CA GLY F 128 81.44 -15.98 -41.69
C GLY F 128 82.71 -15.38 -41.10
N ASP F 129 82.89 -15.51 -39.78
CA ASP F 129 84.08 -14.98 -39.15
C ASP F 129 85.34 -15.68 -39.65
N LEU F 130 85.28 -17.00 -39.83
CA LEU F 130 86.43 -17.75 -40.31
C LEU F 130 86.71 -17.52 -41.79
N GLY F 131 85.78 -16.92 -42.53
CA GLY F 131 85.99 -16.65 -43.93
C GLY F 131 85.55 -17.78 -44.84
N ILE F 132 84.37 -18.35 -44.56
CA ILE F 132 83.81 -19.44 -45.34
C ILE F 132 82.44 -19.03 -45.83
N ALA F 133 82.18 -19.24 -47.11
CA ALA F 133 80.91 -18.90 -47.73
C ALA F 133 79.99 -20.12 -47.78
N VAL F 134 78.70 -19.88 -47.57
CA VAL F 134 77.70 -20.93 -47.54
C VAL F 134 76.65 -20.65 -48.62
N CYS F 135 76.34 -21.67 -49.41
CA CYS F 135 75.39 -21.55 -50.50
C CYS F 135 74.37 -22.68 -50.42
N ASN F 136 73.27 -22.53 -51.15
CA ASN F 136 72.22 -23.55 -51.17
C ASN F 136 71.46 -23.45 -52.48
N VAL F 137 70.54 -24.39 -52.69
CA VAL F 137 69.65 -24.40 -53.84
C VAL F 137 68.28 -23.94 -53.37
N PRO F 138 67.84 -22.74 -53.69
CA PRO F 138 66.63 -22.17 -53.06
C PRO F 138 65.34 -22.88 -53.43
N ALA F 139 65.10 -23.11 -54.72
CA ALA F 139 63.82 -23.61 -55.19
C ALA F 139 64.05 -24.64 -56.29
N ALA F 140 63.97 -25.92 -55.92
CA ALA F 140 64.03 -26.99 -56.90
C ALA F 140 62.93 -28.01 -56.66
N SER F 141 62.35 -28.00 -55.46
CA SER F 141 61.29 -28.93 -55.08
C SER F 141 60.15 -28.19 -54.40
N VAL F 142 59.80 -27.01 -54.92
CA VAL F 142 58.69 -26.26 -54.35
C VAL F 142 57.37 -26.98 -54.59
N GLU F 143 57.15 -27.43 -55.84
CA GLU F 143 55.87 -28.04 -56.19
C GLU F 143 55.77 -29.47 -55.66
N GLU F 144 56.89 -30.19 -55.56
CA GLU F 144 56.84 -31.54 -55.00
C GLU F 144 56.41 -31.51 -53.54
N THR F 145 56.93 -30.56 -52.76
CA THR F 145 56.57 -30.48 -51.35
C THR F 145 55.13 -30.02 -51.18
N ALA F 146 54.66 -29.12 -52.03
CA ALA F 146 53.29 -28.65 -51.94
C ALA F 146 52.29 -29.76 -52.23
N ASP F 147 52.59 -30.62 -53.21
CA ASP F 147 51.70 -31.73 -53.52
C ASP F 147 51.65 -32.74 -52.38
N SER F 148 52.80 -32.99 -51.75
CA SER F 148 52.83 -33.94 -50.63
C SER F 148 52.06 -33.42 -49.43
N THR F 149 52.07 -32.10 -49.20
CA THR F 149 51.29 -31.53 -48.12
C THR F 149 49.80 -31.73 -48.33
N LEU F 150 49.33 -31.54 -49.56
CA LEU F 150 47.92 -31.73 -49.86
C LEU F 150 47.51 -33.19 -49.73
N CYS F 151 48.42 -34.12 -50.05
CA CYS F 151 48.10 -35.53 -49.91
C CYS F 151 47.84 -35.92 -48.46
N HIS F 152 48.64 -35.38 -47.54
CA HIS F 152 48.46 -35.68 -46.12
C HIS F 152 47.15 -35.09 -45.59
N ILE F 153 46.77 -33.90 -46.06
CA ILE F 153 45.55 -33.27 -45.60
C ILE F 153 44.33 -34.11 -46.00
N LEU F 154 44.32 -34.60 -47.24
CA LEU F 154 43.17 -35.38 -47.71
C LEU F 154 43.08 -36.73 -46.99
N ASN F 155 44.21 -37.31 -46.61
CA ASN F 155 44.17 -38.59 -45.90
C ASN F 155 43.52 -38.46 -44.53
N LEU F 156 43.65 -37.30 -43.88
CA LEU F 156 43.05 -37.13 -42.57
C LEU F 156 41.54 -36.97 -42.67
N TYR F 157 41.06 -36.22 -43.67
CA TYR F 157 39.62 -36.02 -43.82
C TYR F 157 38.97 -37.25 -44.45
N ARG F 158 39.37 -37.60 -45.66
CA ARG F 158 38.88 -38.81 -46.33
C ARG F 158 39.85 -39.93 -45.99
N ARG F 159 39.56 -40.66 -44.92
CA ARG F 159 40.45 -41.70 -44.43
C ARG F 159 40.70 -42.76 -45.50
N ALA F 160 41.93 -42.80 -46.03
CA ALA F 160 42.28 -43.74 -47.10
C ALA F 160 43.44 -44.65 -46.74
N THR F 161 44.47 -44.13 -46.07
CA THR F 161 45.56 -44.97 -45.62
C THR F 161 45.11 -45.95 -44.54
N TRP F 162 44.26 -45.48 -43.62
CA TRP F 162 43.78 -46.34 -42.54
C TRP F 162 42.85 -47.42 -43.07
N LEU F 163 42.01 -47.09 -44.05
CA LEU F 163 41.12 -48.11 -44.62
C LEU F 163 41.90 -49.17 -45.38
N HIS F 164 42.93 -48.77 -46.13
CA HIS F 164 43.76 -49.74 -46.83
C HIS F 164 44.53 -50.62 -45.85
N GLN F 165 45.00 -50.05 -44.75
CA GLN F 165 45.72 -50.82 -43.74
C GLN F 165 44.82 -51.87 -43.09
N ALA F 166 43.55 -51.52 -42.87
CA ALA F 166 42.64 -52.44 -42.21
C ALA F 166 42.39 -53.69 -43.05
N LEU F 167 42.29 -53.53 -44.37
CA LEU F 167 42.02 -54.66 -45.24
C LEU F 167 43.16 -55.67 -45.21
N ARG F 168 44.41 -55.18 -45.18
CA ARG F 168 45.55 -56.08 -45.15
C ARG F 168 45.63 -56.88 -43.85
N GLU F 169 45.09 -56.33 -42.77
CA GLU F 169 45.08 -57.05 -41.50
C GLU F 169 44.04 -58.17 -41.45
N GLY F 170 43.16 -58.25 -42.45
CA GLY F 170 42.17 -59.29 -42.51
C GLY F 170 40.76 -58.88 -42.16
N THR F 171 40.50 -57.59 -41.95
CA THR F 171 39.17 -57.13 -41.61
C THR F 171 38.22 -57.34 -42.79
N ARG F 172 37.02 -57.81 -42.50
CA ARG F 172 36.00 -58.07 -43.51
C ARG F 172 34.76 -57.25 -43.20
N VAL F 173 34.30 -56.48 -44.19
CA VAL F 173 33.12 -55.63 -44.05
C VAL F 173 32.15 -55.97 -45.18
N GLN F 174 30.92 -56.29 -44.84
CA GLN F 174 29.91 -56.68 -45.83
C GLN F 174 28.70 -55.78 -45.80
N SER F 175 28.11 -55.53 -44.63
CA SER F 175 26.89 -54.74 -44.54
C SER F 175 27.20 -53.25 -44.51
N VAL F 176 26.17 -52.44 -44.70
CA VAL F 176 26.33 -50.99 -44.68
C VAL F 176 26.68 -50.51 -43.28
N GLU F 177 26.09 -51.14 -42.25
CA GLU F 177 26.39 -50.74 -40.88
C GLU F 177 27.86 -50.93 -40.55
N GLN F 178 28.48 -52.00 -41.08
CA GLN F 178 29.90 -52.20 -40.88
C GLN F 178 30.72 -51.13 -41.57
N ILE F 179 30.27 -50.66 -42.74
CA ILE F 179 30.99 -49.62 -43.46
C ILE F 179 31.00 -48.32 -42.66
N ARG F 180 29.85 -47.95 -42.07
CA ARG F 180 29.78 -46.73 -41.28
C ARG F 180 30.67 -46.77 -40.05
N GLU F 181 31.02 -47.96 -39.57
CA GLU F 181 31.80 -48.09 -38.35
C GLU F 181 33.31 -48.07 -38.61
N VAL F 182 33.76 -48.78 -39.64
CA VAL F 182 35.19 -48.82 -39.94
C VAL F 182 35.68 -47.45 -40.42
N ALA F 183 34.85 -46.74 -41.18
CA ALA F 183 35.20 -45.43 -41.71
C ALA F 183 34.58 -44.29 -40.91
N SER F 184 34.38 -44.50 -39.61
CA SER F 184 33.79 -43.47 -38.77
C SER F 184 34.80 -42.37 -38.49
N GLY F 185 34.39 -41.12 -38.72
CA GLY F 185 35.24 -39.96 -38.50
C GLY F 185 35.44 -39.09 -39.71
N ALA F 186 35.06 -39.53 -40.91
CA ALA F 186 35.21 -38.71 -42.10
C ALA F 186 34.32 -37.48 -42.03
N ALA F 187 34.81 -36.38 -42.61
CA ALA F 187 34.12 -35.10 -42.52
C ALA F 187 34.02 -34.47 -43.90
N ARG F 188 33.31 -33.35 -43.97
CA ARG F 188 33.10 -32.61 -45.21
C ARG F 188 34.07 -31.44 -45.27
N ILE F 189 34.81 -31.35 -46.37
CA ILE F 189 35.89 -30.38 -46.47
C ILE F 189 35.35 -28.96 -46.59
N ARG F 190 34.31 -28.77 -47.40
CA ARG F 190 33.82 -27.41 -47.68
C ARG F 190 33.29 -26.77 -46.40
N GLY F 191 33.69 -25.53 -46.17
CA GLY F 191 33.30 -24.77 -45.00
C GLY F 191 34.31 -24.76 -43.87
N GLU F 192 35.37 -25.56 -43.96
CA GLU F 192 36.37 -25.62 -42.91
C GLU F 192 37.37 -24.48 -43.05
N THR F 193 38.16 -24.27 -42.00
CA THR F 193 39.17 -23.23 -41.96
C THR F 193 40.55 -23.85 -41.89
N LEU F 194 41.47 -23.35 -42.71
CA LEU F 194 42.84 -23.84 -42.77
C LEU F 194 43.80 -22.75 -42.31
N GLY F 195 44.67 -23.09 -41.37
CA GLY F 195 45.64 -22.15 -40.83
C GLY F 195 47.05 -22.51 -41.27
N ILE F 196 47.78 -21.50 -41.73
CA ILE F 196 49.14 -21.68 -42.26
C ILE F 196 50.07 -20.79 -41.46
N ILE F 197 51.20 -21.35 -41.04
CA ILE F 197 52.22 -20.63 -40.30
C ILE F 197 53.43 -20.48 -41.20
N GLY F 198 53.65 -19.27 -41.71
CA GLY F 198 54.75 -19.01 -42.61
C GLY F 198 54.34 -19.05 -44.07
N LEU F 199 54.26 -17.89 -44.71
CA LEU F 199 53.84 -17.79 -46.11
C LEU F 199 55.07 -17.53 -46.97
N GLY F 200 55.78 -18.60 -47.29
CA GLY F 200 56.95 -18.56 -48.14
C GLY F 200 56.67 -19.09 -49.52
N ARG F 201 57.68 -19.71 -50.13
CA ARG F 201 57.49 -20.32 -51.44
C ARG F 201 56.51 -21.48 -51.36
N VAL F 202 56.72 -22.39 -50.40
CA VAL F 202 55.82 -23.53 -50.24
C VAL F 202 54.47 -23.08 -49.71
N GLY F 203 54.47 -22.11 -48.78
CA GLY F 203 53.23 -21.67 -48.19
C GLY F 203 52.27 -21.07 -49.20
N GLN F 204 52.79 -20.30 -50.15
CA GLN F 204 51.93 -19.72 -51.17
C GLN F 204 51.37 -20.78 -52.11
N ALA F 205 52.17 -21.80 -52.43
CA ALA F 205 51.70 -22.86 -53.32
C ALA F 205 50.56 -23.64 -52.69
N VAL F 206 50.64 -23.91 -51.38
CA VAL F 206 49.59 -24.67 -50.70
C VAL F 206 48.29 -23.86 -50.67
N ALA F 207 48.40 -22.55 -50.46
CA ALA F 207 47.20 -21.72 -50.33
C ALA F 207 46.37 -21.72 -51.61
N LEU F 208 47.04 -21.65 -52.77
CA LEU F 208 46.30 -21.62 -54.03
C LEU F 208 45.56 -22.93 -54.28
N ARG F 209 46.19 -24.07 -53.97
CA ARG F 209 45.55 -25.35 -54.21
C ARG F 209 44.43 -25.63 -53.21
N ALA F 210 44.52 -25.08 -52.00
CA ALA F 210 43.52 -25.34 -50.99
C ALA F 210 42.20 -24.63 -51.26
N LYS F 211 42.21 -23.54 -52.05
CA LYS F 211 40.99 -22.79 -52.31
C LYS F 211 40.08 -23.52 -53.29
N ALA F 212 40.62 -24.42 -54.11
CA ALA F 212 39.79 -25.16 -55.06
C ALA F 212 38.88 -26.16 -54.38
N PHE F 213 39.21 -26.59 -53.17
CA PHE F 213 38.41 -27.56 -52.43
C PHE F 213 37.37 -26.93 -51.52
N GLY F 214 37.35 -25.60 -51.42
CA GLY F 214 36.39 -24.93 -50.57
C GLY F 214 36.91 -24.51 -49.20
N PHE F 215 38.21 -24.59 -48.96
CA PHE F 215 38.76 -24.19 -47.68
C PHE F 215 38.69 -22.67 -47.49
N ASN F 216 38.75 -22.26 -46.23
CA ASN F 216 38.92 -20.86 -45.84
C ASN F 216 40.31 -20.72 -45.24
N VAL F 217 41.11 -19.83 -45.81
CA VAL F 217 42.56 -19.81 -45.56
C VAL F 217 42.90 -18.58 -44.73
N LEU F 218 43.64 -18.81 -43.64
CA LEU F 218 44.28 -17.76 -42.85
C LEU F 218 45.77 -18.04 -42.78
N PHE F 219 46.55 -17.01 -42.48
CA PHE F 219 47.99 -17.20 -42.34
C PHE F 219 48.54 -16.21 -41.33
N TYR F 220 49.72 -16.54 -40.80
CA TYR F 220 50.41 -15.72 -39.81
C TYR F 220 51.88 -15.65 -40.18
N ASP F 221 52.38 -14.44 -40.40
CA ASP F 221 53.79 -14.23 -40.74
C ASP F 221 54.22 -12.84 -40.29
N PRO F 222 55.12 -12.72 -39.31
CA PRO F 222 55.51 -11.41 -38.78
C PRO F 222 56.64 -10.72 -39.53
N TYR F 223 57.24 -11.35 -40.53
CA TYR F 223 58.37 -10.78 -41.24
C TYR F 223 58.02 -10.31 -42.65
N LEU F 224 56.74 -10.28 -42.99
CA LEU F 224 56.30 -9.85 -44.32
C LEU F 224 55.87 -8.39 -44.31
N SER F 225 55.79 -7.81 -45.50
CA SER F 225 55.39 -6.41 -45.65
C SER F 225 53.86 -6.33 -45.65
N ASP F 226 53.33 -5.16 -45.97
CA ASP F 226 51.89 -4.91 -45.96
C ASP F 226 51.31 -5.07 -47.35
N GLY F 227 50.14 -5.68 -47.42
CA GLY F 227 49.42 -5.84 -48.67
C GLY F 227 49.72 -7.10 -49.45
N VAL F 228 50.49 -8.02 -48.88
CA VAL F 228 50.75 -9.28 -49.57
C VAL F 228 49.47 -10.11 -49.67
N GLU F 229 48.62 -10.05 -48.64
CA GLU F 229 47.36 -10.78 -48.67
C GLU F 229 46.36 -10.17 -49.64
N ARG F 230 46.49 -8.88 -49.95
CA ARG F 230 45.58 -8.25 -50.90
C ARG F 230 45.74 -8.84 -52.30
N ALA F 231 46.99 -9.10 -52.71
CA ALA F 231 47.23 -9.63 -54.04
C ALA F 231 46.64 -11.03 -54.20
N LEU F 232 46.80 -11.88 -53.18
CA LEU F 232 46.32 -13.26 -53.25
C LEU F 232 44.91 -13.44 -52.72
N GLY F 233 44.31 -12.39 -52.18
CA GLY F 233 42.95 -12.50 -51.66
C GLY F 233 42.81 -13.42 -50.45
N LEU F 234 43.72 -13.33 -49.51
CA LEU F 234 43.70 -14.14 -48.29
C LEU F 234 43.38 -13.24 -47.09
N GLN F 235 43.39 -13.86 -45.90
CA GLN F 235 43.14 -13.16 -44.66
C GLN F 235 44.32 -13.34 -43.72
N ARG F 236 44.69 -12.27 -43.02
CA ARG F 236 45.90 -12.24 -42.21
C ARG F 236 45.58 -11.91 -40.76
N VAL F 237 46.23 -12.61 -39.84
CA VAL F 237 46.11 -12.34 -38.42
C VAL F 237 47.45 -11.80 -37.92
N SER F 238 47.44 -11.28 -36.69
CA SER F 238 48.60 -10.61 -36.13
C SER F 238 49.30 -11.37 -35.01
N THR F 239 48.62 -12.33 -34.38
CA THR F 239 49.20 -13.08 -33.27
C THR F 239 49.03 -14.57 -33.51
N LEU F 240 49.94 -15.36 -32.95
CA LEU F 240 49.87 -16.81 -33.07
C LEU F 240 48.66 -17.36 -32.32
N GLN F 241 48.33 -16.77 -31.17
CA GLN F 241 47.20 -17.27 -30.38
C GLN F 241 45.89 -17.11 -31.14
N ASP F 242 45.72 -16.01 -31.87
CA ASP F 242 44.49 -15.80 -32.62
C ASP F 242 44.34 -16.82 -33.74
N LEU F 243 45.45 -17.24 -34.35
CA LEU F 243 45.37 -18.24 -35.42
C LEU F 243 44.90 -19.59 -34.88
N LEU F 244 45.38 -19.98 -33.70
CA LEU F 244 45.02 -21.29 -33.15
C LEU F 244 43.58 -21.34 -32.69
N PHE F 245 43.00 -20.19 -32.31
CA PHE F 245 41.63 -20.18 -31.81
C PHE F 245 40.62 -20.46 -32.90
N HIS F 246 40.90 -20.06 -34.14
CA HIS F 246 39.92 -20.10 -35.22
C HIS F 246 40.35 -21.02 -36.36
N SER F 247 41.09 -22.08 -36.05
CA SER F 247 41.58 -23.00 -37.07
C SER F 247 41.13 -24.42 -36.79
N ASP F 248 40.78 -25.14 -37.85
CA ASP F 248 40.44 -26.54 -37.76
C ASP F 248 41.54 -27.47 -38.27
N CYS F 249 42.57 -26.91 -38.92
CA CYS F 249 43.71 -27.69 -39.38
C CYS F 249 44.90 -26.76 -39.46
N VAL F 250 46.02 -27.17 -38.87
CA VAL F 250 47.21 -26.33 -38.75
C VAL F 250 48.35 -27.00 -39.51
N THR F 251 49.02 -26.24 -40.37
CA THR F 251 50.18 -26.70 -41.12
C THR F 251 51.35 -25.77 -40.87
N LEU F 252 52.54 -26.35 -40.74
CA LEU F 252 53.76 -25.59 -40.45
C LEU F 252 54.60 -25.48 -41.70
N HIS F 253 54.98 -24.25 -42.06
CA HIS F 253 55.83 -24.02 -43.22
C HIS F 253 56.90 -22.98 -42.97
N CYS F 254 57.29 -22.76 -41.71
CA CYS F 254 58.26 -21.74 -41.37
C CYS F 254 59.67 -22.35 -41.33
N GLY F 255 60.66 -21.50 -41.04
CA GLY F 255 62.03 -21.94 -40.90
C GLY F 255 62.42 -22.10 -39.44
N LEU F 256 63.50 -22.84 -39.22
CA LEU F 256 63.96 -23.16 -37.87
C LEU F 256 65.11 -22.21 -37.51
N ASN F 257 64.75 -21.03 -37.01
CA ASN F 257 65.72 -20.10 -36.46
C ASN F 257 65.82 -20.34 -34.95
N GLU F 258 66.49 -19.43 -34.24
CA GLU F 258 66.72 -19.59 -32.81
C GLU F 258 65.61 -18.99 -31.96
N HIS F 259 64.58 -18.40 -32.56
CA HIS F 259 63.48 -17.80 -31.82
C HIS F 259 62.20 -18.60 -31.88
N ASN F 260 62.22 -19.78 -32.51
CA ASN F 260 61.00 -20.57 -32.65
C ASN F 260 61.25 -22.05 -32.38
N HIS F 261 62.22 -22.38 -31.53
CA HIS F 261 62.44 -23.77 -31.15
C HIS F 261 61.32 -24.23 -30.24
N HIS F 262 60.77 -25.41 -30.54
CA HIS F 262 59.60 -25.95 -29.84
C HIS F 262 58.46 -24.95 -29.85
N LEU F 263 58.07 -24.56 -31.07
CA LEU F 263 56.97 -23.60 -31.21
C LEU F 263 55.66 -24.19 -30.69
N ILE F 264 55.39 -25.44 -31.02
CA ILE F 264 54.20 -26.13 -30.51
C ILE F 264 54.63 -26.85 -29.24
N ASN F 265 54.59 -26.13 -28.13
CA ASN F 265 54.99 -26.67 -26.84
C ASN F 265 53.76 -27.09 -26.05
N ASP F 266 53.95 -27.42 -24.77
CA ASP F 266 52.85 -27.88 -23.94
C ASP F 266 51.81 -26.79 -23.73
N PHE F 267 52.27 -25.55 -23.49
CA PHE F 267 51.33 -24.46 -23.21
C PHE F 267 50.48 -24.11 -24.44
N THR F 268 51.09 -24.08 -25.62
CA THR F 268 50.36 -23.68 -26.83
C THR F 268 49.43 -24.77 -27.33
N VAL F 269 49.74 -26.04 -27.06
CA VAL F 269 48.90 -27.13 -27.58
C VAL F 269 47.54 -27.16 -26.91
N LYS F 270 47.38 -26.48 -25.76
CA LYS F 270 46.10 -26.41 -25.08
C LYS F 270 45.23 -25.27 -25.58
N GLN F 271 45.75 -24.43 -26.47
CA GLN F 271 44.97 -23.33 -27.03
C GLN F 271 44.27 -23.68 -28.34
N MET F 272 44.50 -24.88 -28.86
CA MET F 272 43.86 -25.31 -30.09
C MET F 272 42.42 -25.74 -29.82
N ARG F 273 41.66 -25.89 -30.89
CA ARG F 273 40.25 -26.27 -30.77
C ARG F 273 40.13 -27.74 -30.36
N GLN F 274 38.90 -28.12 -30.02
CA GLN F 274 38.60 -29.50 -29.63
C GLN F 274 38.44 -30.35 -30.88
N GLY F 275 39.40 -31.24 -31.13
CA GLY F 275 39.33 -32.12 -32.28
C GLY F 275 39.87 -31.50 -33.55
N ALA F 276 41.11 -31.04 -33.51
CA ALA F 276 41.77 -30.44 -34.65
C ALA F 276 42.83 -31.38 -35.20
N PHE F 277 43.33 -31.05 -36.38
CA PHE F 277 44.40 -31.81 -37.03
C PHE F 277 45.71 -31.04 -36.97
N LEU F 278 46.79 -31.69 -37.36
CA LEU F 278 48.12 -31.10 -37.35
C LEU F 278 48.98 -31.77 -38.40
N VAL F 279 49.58 -30.97 -39.28
CA VAL F 279 50.47 -31.47 -40.33
C VAL F 279 51.80 -30.74 -40.19
N ASN F 280 52.90 -31.49 -40.22
CA ASN F 280 54.24 -30.93 -40.10
C ASN F 280 55.12 -31.53 -41.18
N THR F 281 55.65 -30.68 -42.06
CA THR F 281 56.56 -31.12 -43.11
C THR F 281 57.77 -30.20 -43.25
N ALA F 282 57.99 -29.29 -42.32
CA ALA F 282 59.10 -28.34 -42.43
C ALA F 282 60.34 -28.83 -41.70
N ARG F 283 60.26 -28.95 -40.37
CA ARG F 283 61.40 -29.38 -39.56
C ARG F 283 60.88 -30.07 -38.31
N GLY F 284 61.75 -30.89 -37.72
CA GLY F 284 61.37 -31.70 -36.57
C GLY F 284 61.46 -30.97 -35.25
N GLY F 285 62.25 -29.91 -35.19
CA GLY F 285 62.44 -29.17 -33.96
C GLY F 285 61.35 -28.19 -33.60
N LEU F 286 60.34 -28.05 -34.45
CA LEU F 286 59.25 -27.11 -34.19
C LEU F 286 58.14 -27.69 -33.33
N VAL F 287 58.14 -29.00 -33.08
CA VAL F 287 57.07 -29.67 -32.36
C VAL F 287 57.66 -30.47 -31.22
N ASP F 288 57.07 -30.33 -30.03
CA ASP F 288 57.45 -31.13 -28.86
C ASP F 288 56.67 -32.43 -28.89
N GLU F 289 57.35 -33.54 -29.22
CA GLU F 289 56.66 -34.80 -29.41
C GLU F 289 56.11 -35.36 -28.09
N LYS F 290 56.74 -35.01 -26.97
CA LYS F 290 56.25 -35.50 -25.68
C LYS F 290 54.87 -34.96 -25.36
N ALA F 291 54.63 -33.67 -25.65
CA ALA F 291 53.32 -33.10 -25.39
C ALA F 291 52.30 -33.53 -26.43
N LEU F 292 52.72 -33.79 -27.66
CA LEU F 292 51.80 -34.21 -28.70
C LEU F 292 51.21 -35.59 -28.40
N ALA F 293 52.01 -36.48 -27.83
CA ALA F 293 51.54 -37.84 -27.56
C ALA F 293 50.40 -37.84 -26.55
N GLN F 294 50.49 -37.00 -25.52
CA GLN F 294 49.43 -36.95 -24.51
C GLN F 294 48.14 -36.41 -25.11
N ALA F 295 48.23 -35.44 -26.03
CA ALA F 295 47.03 -34.88 -26.63
C ALA F 295 46.29 -35.92 -27.47
N LEU F 296 47.02 -36.77 -28.20
CA LEU F 296 46.38 -37.79 -29.02
C LEU F 296 45.64 -38.81 -28.17
N LYS F 297 46.22 -39.21 -27.04
CA LYS F 297 45.60 -40.21 -26.18
C LYS F 297 44.32 -39.69 -25.55
N GLU F 298 44.35 -38.46 -25.03
CA GLU F 298 43.16 -37.91 -24.38
C GLU F 298 42.06 -37.55 -25.35
N GLY F 299 42.39 -37.36 -26.63
CA GLY F 299 41.39 -37.07 -27.64
C GLY F 299 41.24 -35.61 -28.01
N ARG F 300 42.10 -34.72 -27.49
CA ARG F 300 42.00 -33.31 -27.85
C ARG F 300 42.42 -33.06 -29.29
N ILE F 301 43.22 -33.94 -29.88
CA ILE F 301 43.64 -33.84 -31.28
C ILE F 301 43.18 -35.10 -32.00
N ARG F 302 42.43 -34.92 -33.09
CA ARG F 302 41.84 -36.06 -33.77
C ARG F 302 42.89 -36.87 -34.51
N GLY F 303 43.88 -36.21 -35.10
CA GLY F 303 44.92 -36.92 -35.83
C GLY F 303 46.09 -36.02 -36.13
N ALA F 304 47.16 -36.64 -36.62
CA ALA F 304 48.37 -35.90 -36.94
C ALA F 304 49.15 -36.66 -38.01
N ALA F 305 49.65 -35.93 -38.99
CA ALA F 305 50.50 -36.49 -40.05
C ALA F 305 51.86 -35.81 -39.98
N LEU F 306 52.92 -36.61 -39.86
CA LEU F 306 54.27 -36.09 -39.67
C LEU F 306 55.19 -36.64 -40.74
N ASP F 307 56.06 -35.78 -41.27
CA ASP F 307 57.09 -36.18 -42.22
C ASP F 307 58.49 -35.99 -41.69
N VAL F 308 58.69 -35.17 -40.66
CA VAL F 308 59.98 -34.91 -40.06
C VAL F 308 59.85 -35.06 -38.55
N HIS F 309 60.87 -35.61 -37.91
CA HIS F 309 60.84 -35.90 -36.49
C HIS F 309 62.11 -35.38 -35.82
N GLU F 310 62.04 -35.24 -34.49
CA GLU F 310 63.18 -34.74 -33.74
C GLU F 310 64.38 -35.67 -33.86
N SER F 311 64.16 -36.97 -33.72
CA SER F 311 65.21 -37.97 -33.81
C SER F 311 64.99 -38.82 -35.05
N GLU F 312 66.02 -38.93 -35.89
CA GLU F 312 65.94 -39.70 -37.12
C GLU F 312 67.11 -40.69 -37.17
N PRO F 313 66.90 -41.87 -37.77
CA PRO F 313 65.68 -42.34 -38.42
C PRO F 313 64.55 -42.70 -37.45
N PHE F 314 63.32 -42.70 -37.96
CA PHE F 314 62.14 -42.91 -37.15
C PHE F 314 61.75 -44.38 -37.11
N SER F 315 61.29 -44.84 -35.95
CA SER F 315 60.81 -46.20 -35.77
C SER F 315 59.57 -46.17 -34.89
N PHE F 316 58.58 -46.99 -35.27
CA PHE F 316 57.32 -47.02 -34.52
C PHE F 316 57.47 -47.66 -33.15
N SER F 317 58.54 -48.43 -32.91
CA SER F 317 58.72 -49.14 -31.66
C SER F 317 59.55 -48.37 -30.64
N GLN F 318 60.02 -47.17 -30.97
CA GLN F 318 60.85 -46.38 -30.07
C GLN F 318 60.38 -44.94 -30.07
N GLY F 319 60.65 -44.24 -28.96
CA GLY F 319 60.34 -42.84 -28.86
C GLY F 319 59.08 -42.56 -28.06
N PRO F 320 58.80 -41.28 -27.81
CA PRO F 320 57.58 -40.92 -27.08
C PRO F 320 56.30 -41.30 -27.80
N LEU F 321 56.34 -41.49 -29.13
CA LEU F 321 55.17 -41.85 -29.91
C LEU F 321 55.08 -43.35 -30.16
N LYS F 322 55.54 -44.15 -29.19
CA LYS F 322 55.54 -45.60 -29.37
C LYS F 322 54.14 -46.15 -29.53
N ASP F 323 53.19 -45.67 -28.72
CA ASP F 323 51.80 -46.13 -28.76
C ASP F 323 50.89 -44.91 -28.72
N ALA F 324 50.59 -44.36 -29.90
CA ALA F 324 49.70 -43.21 -30.01
C ALA F 324 48.73 -43.43 -31.16
N PRO F 325 47.42 -43.36 -30.92
CA PRO F 325 46.46 -43.61 -31.99
C PRO F 325 46.41 -42.47 -33.00
N ASN F 326 45.93 -42.81 -34.20
CA ASN F 326 45.68 -41.84 -35.28
C ASN F 326 46.96 -41.09 -35.65
N LEU F 327 47.94 -41.84 -36.17
CA LEU F 327 49.23 -41.29 -36.52
C LEU F 327 49.65 -41.78 -37.91
N ILE F 328 50.15 -40.86 -38.73
CA ILE F 328 50.68 -41.17 -40.05
C ILE F 328 52.08 -40.60 -40.15
N CYS F 329 53.04 -41.43 -40.56
CA CYS F 329 54.43 -41.02 -40.63
C CYS F 329 55.05 -41.47 -41.94
N THR F 330 55.97 -40.65 -42.46
CA THR F 330 56.73 -40.92 -43.66
C THR F 330 58.21 -40.68 -43.40
N PRO F 331 59.10 -41.38 -44.11
CA PRO F 331 60.55 -41.32 -43.82
C PRO F 331 61.29 -40.15 -44.46
N HIS F 332 60.76 -38.94 -44.26
CA HIS F 332 61.41 -37.70 -44.70
C HIS F 332 61.71 -37.74 -46.20
N ALA F 333 60.66 -37.93 -46.98
CA ALA F 333 60.77 -38.07 -48.43
C ALA F 333 59.71 -37.24 -49.14
N ALA F 334 59.44 -36.03 -48.65
CA ALA F 334 58.46 -35.14 -49.24
C ALA F 334 59.04 -34.29 -50.37
N TRP F 335 60.31 -34.49 -50.70
CA TRP F 335 60.99 -33.71 -51.72
C TRP F 335 61.39 -34.52 -52.95
N TYR F 336 61.41 -35.85 -52.86
CA TYR F 336 62.01 -36.66 -53.90
C TYR F 336 61.15 -36.67 -55.17
N SER F 337 61.83 -36.61 -56.31
CA SER F 337 61.21 -36.79 -57.61
C SER F 337 62.32 -37.12 -58.60
N GLU F 338 61.95 -37.78 -59.70
CA GLU F 338 62.93 -38.15 -60.70
C GLU F 338 63.57 -36.91 -61.32
N GLN F 339 62.75 -35.91 -61.66
CA GLN F 339 63.28 -34.69 -62.25
C GLN F 339 63.93 -33.79 -61.21
N ALA F 340 63.36 -33.73 -60.01
CA ALA F 340 63.88 -32.82 -58.98
C ALA F 340 65.27 -33.25 -58.51
N SER F 341 65.49 -34.56 -58.39
CA SER F 341 66.78 -35.04 -57.90
C SER F 341 67.92 -34.66 -58.83
N ILE F 342 67.71 -34.78 -60.14
CA ILE F 342 68.76 -34.46 -61.10
C ILE F 342 69.01 -32.95 -61.12
N GLU F 343 67.95 -32.16 -61.03
CA GLU F 343 68.08 -30.71 -61.15
C GLU F 343 68.91 -30.13 -60.01
N MET F 344 68.67 -30.58 -58.78
CA MET F 344 69.38 -29.99 -57.64
C MET F 344 70.84 -30.42 -57.59
N ARG F 345 71.16 -31.61 -58.09
CA ARG F 345 72.54 -32.07 -58.06
C ARG F 345 73.40 -31.35 -59.08
N GLU F 346 72.84 -31.06 -60.26
CA GLU F 346 73.60 -30.35 -61.29
C GLU F 346 73.84 -28.90 -60.88
N GLU F 347 72.86 -28.25 -60.27
CA GLU F 347 73.01 -26.86 -59.88
C GLU F 347 74.09 -26.70 -58.81
N ALA F 348 74.14 -27.61 -57.84
CA ALA F 348 75.15 -27.52 -56.79
C ALA F 348 76.56 -27.69 -57.35
N ALA F 349 76.72 -28.60 -58.32
CA ALA F 349 78.04 -28.82 -58.91
C ALA F 349 78.53 -27.59 -59.65
N ARG F 350 77.65 -26.91 -60.38
CA ARG F 350 78.06 -25.71 -61.12
C ARG F 350 78.35 -24.54 -60.21
N GLU F 351 77.80 -24.51 -59.00
CA GLU F 351 78.13 -23.45 -58.06
C GLU F 351 79.58 -23.57 -57.58
N ILE F 352 80.07 -24.80 -57.40
CA ILE F 352 81.46 -25.01 -57.02
C ILE F 352 82.40 -24.53 -58.10
N ARG F 353 82.09 -24.83 -59.37
CA ARG F 353 82.98 -24.50 -60.47
C ARG F 353 83.15 -22.99 -60.62
N ARG F 354 82.06 -22.23 -60.43
CA ARG F 354 82.16 -20.77 -60.53
C ARG F 354 83.05 -20.20 -59.43
N ALA F 355 82.98 -20.75 -58.23
CA ALA F 355 83.81 -20.25 -57.13
C ALA F 355 85.29 -20.50 -57.39
N ILE F 356 85.63 -21.67 -57.92
CA ILE F 356 87.04 -21.98 -58.18
C ILE F 356 87.60 -21.09 -59.28
N THR F 357 86.83 -20.90 -60.36
CA THR F 357 87.28 -20.12 -61.51
C THR F 357 86.73 -18.70 -61.51
N GLY F 358 86.54 -18.12 -60.34
CA GLY F 358 86.03 -16.77 -60.21
C GLY F 358 86.51 -16.13 -58.93
N ARG F 359 85.68 -15.27 -58.36
CA ARG F 359 85.98 -14.59 -57.11
C ARG F 359 84.80 -14.70 -56.16
N ILE F 360 85.11 -14.75 -54.87
CA ILE F 360 84.13 -14.95 -53.81
C ILE F 360 83.96 -13.63 -53.08
N PRO F 361 82.72 -13.17 -52.82
CA PRO F 361 81.46 -13.80 -53.23
C PRO F 361 80.79 -13.12 -54.42
N ASP F 362 81.60 -12.49 -55.29
CA ASP F 362 81.03 -11.75 -56.41
C ASP F 362 80.38 -12.69 -57.43
N SER F 363 80.98 -13.87 -57.65
CA SER F 363 80.50 -14.79 -58.66
C SER F 363 79.40 -15.72 -58.15
N LEU F 364 79.09 -15.69 -56.86
CA LEU F 364 78.09 -16.58 -56.31
C LEU F 364 76.70 -15.99 -56.48
N LYS F 365 75.73 -16.87 -56.78
CA LYS F 365 74.35 -16.44 -57.00
C LYS F 365 73.50 -16.54 -55.75
N ASN F 366 73.64 -17.61 -54.97
CA ASN F 366 72.84 -17.85 -53.77
C ASN F 366 73.79 -17.96 -52.59
N CYS F 367 74.09 -16.83 -51.96
CA CYS F 367 74.91 -16.78 -50.76
C CYS F 367 74.06 -16.32 -49.59
N VAL F 368 74.18 -17.02 -48.46
CA VAL F 368 73.31 -16.77 -47.31
C VAL F 368 74.03 -16.11 -46.14
N ASN F 369 75.36 -16.03 -46.17
CA ASN F 369 76.14 -15.42 -45.10
C ASN F 369 76.97 -14.27 -45.64
N LYS F 370 76.43 -13.54 -46.62
CA LYS F 370 77.18 -12.43 -47.22
C LYS F 370 77.42 -11.31 -46.21
N ASP F 371 76.43 -11.02 -45.36
CA ASP F 371 76.60 -9.97 -44.36
C ASP F 371 77.67 -10.33 -43.35
N HIS F 372 77.68 -11.58 -42.88
CA HIS F 372 78.64 -12.01 -41.88
C HIS F 372 80.03 -12.25 -42.46
N LEU F 373 80.14 -12.40 -43.78
CA LEU F 373 81.43 -12.69 -44.39
C LEU F 373 82.35 -11.48 -44.30
N THR F 374 83.62 -11.73 -43.99
CA THR F 374 84.60 -10.67 -43.85
C THR F 374 85.71 -10.80 -44.89
N ARG G 44 19.98 -29.76 -110.30
CA ARG G 44 20.69 -28.90 -109.37
C ARG G 44 19.71 -28.01 -108.60
N PRO G 45 19.37 -28.41 -107.38
CA PRO G 45 18.43 -27.64 -106.57
C PRO G 45 18.93 -26.23 -106.29
N LEU G 46 18.05 -25.41 -105.73
CA LEU G 46 18.33 -24.01 -105.46
C LEU G 46 18.33 -23.76 -103.96
N VAL G 47 19.36 -23.07 -103.48
CA VAL G 47 19.49 -22.67 -102.08
C VAL G 47 19.60 -21.15 -102.04
N ALA G 48 18.80 -20.52 -101.19
CA ALA G 48 18.70 -19.06 -101.15
C ALA G 48 19.08 -18.53 -99.78
N LEU G 49 19.82 -17.43 -99.77
CA LEU G 49 20.14 -16.69 -98.55
C LEU G 49 19.14 -15.55 -98.43
N LEU G 50 18.27 -15.62 -97.42
CA LEU G 50 17.14 -14.70 -97.34
C LEU G 50 17.60 -13.27 -97.09
N ASP G 51 18.47 -13.06 -96.12
CA ASP G 51 18.92 -11.71 -95.74
C ASP G 51 20.45 -11.69 -95.75
N GLY G 52 21.02 -11.35 -96.89
CA GLY G 52 22.46 -11.28 -97.01
C GLY G 52 22.84 -10.98 -98.44
N ARG G 53 24.12 -10.61 -98.62
CA ARG G 53 24.64 -10.29 -99.94
C ARG G 53 25.96 -11.00 -100.19
N ASP G 54 26.70 -11.32 -99.13
CA ASP G 54 28.01 -11.94 -99.23
C ASP G 54 27.88 -13.44 -99.06
N CYS G 55 28.41 -14.19 -100.03
CA CYS G 55 28.36 -15.65 -100.01
C CYS G 55 29.71 -16.24 -100.42
N THR G 56 30.80 -15.60 -99.98
CA THR G 56 32.13 -16.06 -100.38
C THR G 56 32.56 -17.33 -99.66
N VAL G 57 31.95 -17.65 -98.53
CA VAL G 57 32.34 -18.83 -97.77
C VAL G 57 31.47 -20.03 -98.11
N GLU G 58 30.16 -19.82 -98.28
CA GLU G 58 29.27 -20.94 -98.58
C GLU G 58 29.40 -21.42 -100.02
N MET G 59 29.82 -20.55 -100.93
CA MET G 59 29.87 -20.91 -102.35
C MET G 59 30.80 -22.07 -102.64
N PRO G 60 32.06 -22.09 -102.17
CA PRO G 60 32.93 -23.23 -102.50
C PRO G 60 32.45 -24.56 -101.97
N ILE G 61 31.60 -24.57 -100.94
CA ILE G 61 31.09 -25.84 -100.42
C ILE G 61 29.89 -26.32 -101.23
N LEU G 62 28.89 -25.48 -101.39
CA LEU G 62 27.67 -25.83 -102.11
C LEU G 62 27.72 -25.42 -103.57
N LYS G 63 28.76 -25.85 -104.29
CA LYS G 63 28.87 -25.52 -105.71
C LYS G 63 28.67 -26.72 -106.62
N ASP G 64 28.95 -27.93 -106.15
CA ASP G 64 28.79 -29.14 -106.95
C ASP G 64 27.57 -29.95 -106.54
N VAL G 65 26.72 -29.42 -105.66
CA VAL G 65 25.53 -30.13 -105.21
C VAL G 65 24.27 -29.29 -105.30
N ALA G 66 24.36 -27.96 -105.45
CA ALA G 66 23.18 -27.11 -105.47
C ALA G 66 23.55 -25.79 -106.14
N THR G 67 22.55 -24.91 -106.26
CA THR G 67 22.73 -23.58 -106.83
C THR G 67 22.46 -22.54 -105.75
N VAL G 68 23.40 -21.61 -105.57
CA VAL G 68 23.34 -20.64 -104.50
C VAL G 68 22.80 -19.32 -105.04
N ALA G 69 21.99 -18.65 -104.24
CA ALA G 69 21.43 -17.36 -104.59
C ALA G 69 21.17 -16.57 -103.31
N PHE G 70 21.06 -15.25 -103.45
CA PHE G 70 20.78 -14.38 -102.32
C PHE G 70 19.67 -13.40 -102.69
N CYS G 71 18.98 -12.91 -101.67
CA CYS G 71 17.86 -12.00 -101.86
C CYS G 71 18.05 -10.64 -101.19
N ASP G 72 18.83 -10.56 -100.13
CA ASP G 72 19.08 -9.29 -99.41
C ASP G 72 17.77 -8.63 -99.02
N ALA G 73 16.84 -9.42 -98.49
CA ALA G 73 15.52 -8.93 -98.13
C ALA G 73 15.51 -8.43 -96.69
N GLN G 74 14.63 -7.46 -96.43
CA GLN G 74 14.42 -6.93 -95.10
C GLN G 74 13.05 -7.26 -94.53
N SER G 75 12.17 -7.86 -95.33
CA SER G 75 10.84 -8.24 -94.88
C SER G 75 10.36 -9.40 -95.73
N THR G 76 9.30 -10.07 -95.25
CA THR G 76 8.76 -11.22 -95.97
C THR G 76 8.13 -10.82 -97.30
N GLN G 77 7.85 -9.54 -97.51
CA GLN G 77 7.25 -9.06 -98.74
C GLN G 77 8.27 -8.74 -99.83
N GLU G 78 9.56 -8.88 -99.54
CA GLU G 78 10.61 -8.57 -100.49
C GLU G 78 11.30 -9.83 -101.04
N ILE G 79 10.64 -10.98 -100.93
CA ILE G 79 11.21 -12.24 -101.42
C ILE G 79 10.75 -12.45 -102.85
N HIS G 80 11.69 -12.78 -103.73
CA HIS G 80 11.38 -12.96 -105.14
C HIS G 80 10.43 -14.14 -105.35
N GLU G 81 9.63 -14.05 -106.40
CA GLU G 81 8.64 -15.09 -106.67
C GLU G 81 9.30 -16.43 -107.01
N LYS G 82 10.47 -16.41 -107.66
CA LYS G 82 11.15 -17.65 -108.00
C LYS G 82 11.55 -18.42 -106.75
N VAL G 83 11.98 -17.69 -105.71
CA VAL G 83 12.37 -18.35 -104.46
C VAL G 83 11.18 -19.08 -103.83
N LEU G 84 10.00 -18.44 -103.83
CA LEU G 84 8.83 -19.02 -103.20
C LEU G 84 8.35 -20.29 -103.88
N ASN G 85 8.82 -20.58 -105.09
CA ASN G 85 8.36 -21.75 -105.83
C ASN G 85 9.42 -22.83 -106.03
N GLU G 86 10.70 -22.46 -106.04
CA GLU G 86 11.77 -23.38 -106.40
C GLU G 86 12.93 -23.30 -105.40
N ALA G 87 12.62 -23.32 -104.11
CA ALA G 87 13.63 -23.31 -103.06
C ALA G 87 13.53 -24.58 -102.22
N VAL G 88 14.66 -25.22 -102.00
CA VAL G 88 14.73 -26.42 -101.17
C VAL G 88 15.20 -26.10 -99.76
N GLY G 89 16.23 -25.25 -99.64
CA GLY G 89 16.73 -24.85 -98.34
C GLY G 89 16.95 -23.35 -98.29
N ALA G 90 17.10 -22.84 -97.06
CA ALA G 90 17.26 -21.41 -96.86
C ALA G 90 18.19 -21.16 -95.68
N LEU G 91 18.87 -20.01 -95.72
CA LEU G 91 19.73 -19.55 -94.64
C LEU G 91 19.29 -18.15 -94.23
N MET G 92 19.23 -17.89 -92.92
CA MET G 92 18.72 -16.62 -92.45
C MET G 92 19.43 -16.21 -91.16
N TYR G 93 19.59 -14.91 -90.99
CA TYR G 93 20.10 -14.32 -89.76
C TYR G 93 18.94 -13.93 -88.85
N HIS G 94 19.22 -13.11 -87.85
CA HIS G 94 18.23 -12.70 -86.87
C HIS G 94 17.42 -11.47 -87.28
N THR G 95 17.67 -10.93 -88.47
CA THR G 95 17.05 -9.67 -88.88
C THR G 95 15.69 -9.84 -89.55
N ILE G 96 15.23 -11.06 -89.74
CA ILE G 96 13.96 -11.33 -90.42
C ILE G 96 13.16 -12.33 -89.60
N THR G 97 11.84 -12.10 -89.53
CA THR G 97 10.94 -12.94 -88.76
C THR G 97 9.96 -13.65 -89.69
N LEU G 98 9.76 -14.95 -89.46
CA LEU G 98 8.85 -15.77 -90.24
C LEU G 98 7.71 -16.26 -89.36
N THR G 99 6.48 -16.10 -89.84
CA THR G 99 5.29 -16.56 -89.16
C THR G 99 4.67 -17.72 -89.93
N ARG G 100 3.54 -18.21 -89.43
CA ARG G 100 2.87 -19.34 -90.08
C ARG G 100 2.36 -18.96 -91.46
N GLU G 101 1.83 -17.75 -91.62
CA GLU G 101 1.35 -17.30 -92.91
C GLU G 101 2.49 -17.22 -93.93
N ASP G 102 3.65 -16.76 -93.48
CA ASP G 102 4.81 -16.69 -94.37
C ASP G 102 5.27 -18.08 -94.79
N LEU G 103 5.23 -19.05 -93.88
CA LEU G 103 5.70 -20.39 -94.19
C LEU G 103 4.80 -21.07 -95.22
N GLU G 104 3.49 -20.80 -95.18
CA GLU G 104 2.57 -21.43 -96.11
C GLU G 104 2.78 -20.98 -97.55
N LYS G 105 3.46 -19.86 -97.76
CA LYS G 105 3.69 -19.37 -99.12
C LYS G 105 4.77 -20.17 -99.84
N PHE G 106 5.63 -20.88 -99.12
CA PHE G 106 6.63 -21.74 -99.74
C PHE G 106 6.00 -23.03 -100.23
N LYS G 107 6.44 -23.49 -101.41
CA LYS G 107 5.87 -24.67 -102.02
C LYS G 107 6.84 -25.85 -102.10
N ALA G 108 8.13 -25.63 -101.91
CA ALA G 108 9.10 -26.72 -101.98
C ALA G 108 10.14 -26.67 -100.87
N LEU G 109 9.97 -25.82 -99.87
CA LEU G 109 10.94 -25.72 -98.78
C LEU G 109 10.93 -27.00 -97.95
N ARG G 110 12.11 -27.44 -97.53
CA ARG G 110 12.23 -28.69 -96.78
C ARG G 110 13.06 -28.52 -95.52
N ILE G 111 13.98 -27.56 -95.50
CA ILE G 111 14.87 -27.38 -94.36
C ILE G 111 15.21 -25.90 -94.22
N ILE G 112 15.31 -25.43 -92.99
CA ILE G 112 15.75 -24.08 -92.67
C ILE G 112 16.90 -24.18 -91.67
N VAL G 113 18.00 -23.50 -91.97
CA VAL G 113 19.18 -23.49 -91.12
C VAL G 113 19.42 -22.07 -90.63
N ARG G 114 19.48 -21.91 -89.31
CA ARG G 114 19.67 -20.61 -88.68
C ARG G 114 21.13 -20.45 -88.29
N ILE G 115 21.77 -19.40 -88.81
CA ILE G 115 23.19 -19.15 -88.51
C ILE G 115 23.28 -18.44 -87.17
N GLY G 116 23.41 -19.22 -86.11
CA GLY G 116 23.45 -18.67 -84.76
C GLY G 116 22.88 -19.67 -83.79
N SER G 117 22.62 -19.19 -82.57
CA SER G 117 22.12 -20.03 -81.49
C SER G 117 20.66 -19.80 -81.14
N GLY G 118 20.10 -18.65 -81.50
CA GLY G 118 18.72 -18.32 -81.18
C GLY G 118 17.79 -18.59 -82.35
N PHE G 119 16.61 -19.12 -82.04
CA PHE G 119 15.61 -19.43 -83.06
C PHE G 119 14.22 -18.97 -82.65
N ASP G 120 14.15 -17.90 -81.85
CA ASP G 120 12.86 -17.39 -81.39
C ASP G 120 12.11 -16.61 -82.45
N ASN G 121 12.73 -16.31 -83.59
CA ASN G 121 12.09 -15.58 -84.67
C ASN G 121 11.45 -16.50 -85.70
N ILE G 122 11.44 -17.81 -85.45
CA ILE G 122 10.83 -18.79 -86.34
C ILE G 122 9.78 -19.57 -85.55
N ASP G 123 8.60 -19.73 -86.13
CA ASP G 123 7.54 -20.51 -85.50
C ASP G 123 7.88 -21.99 -85.62
N ILE G 124 8.42 -22.55 -84.53
CA ILE G 124 8.93 -23.91 -84.58
C ILE G 124 7.79 -24.92 -84.74
N LYS G 125 6.72 -24.75 -83.95
CA LYS G 125 5.63 -25.73 -83.98
C LYS G 125 4.91 -25.75 -85.33
N SER G 126 4.67 -24.57 -85.91
CA SER G 126 3.97 -24.52 -87.19
C SER G 126 4.78 -25.15 -88.30
N ALA G 127 6.10 -24.95 -88.31
CA ALA G 127 6.94 -25.54 -89.34
C ALA G 127 6.95 -27.07 -89.27
N GLY G 128 6.80 -27.62 -88.07
CA GLY G 128 6.77 -29.07 -87.94
C GLY G 128 5.56 -29.69 -88.61
N ASP G 129 4.40 -29.05 -88.48
CA ASP G 129 3.18 -29.58 -89.11
C ASP G 129 3.31 -29.59 -90.63
N LEU G 130 3.88 -28.53 -91.21
CA LEU G 130 4.04 -28.45 -92.65
C LEU G 130 5.13 -29.38 -93.18
N GLY G 131 5.97 -29.93 -92.31
CA GLY G 131 7.01 -30.84 -92.74
C GLY G 131 8.31 -30.15 -93.09
N ILE G 132 8.72 -29.20 -92.26
CA ILE G 132 9.95 -28.43 -92.47
C ILE G 132 10.83 -28.59 -91.23
N ALA G 133 12.10 -28.90 -91.43
CA ALA G 133 13.05 -29.09 -90.36
C ALA G 133 13.84 -27.80 -90.12
N VAL G 134 14.13 -27.52 -88.85
CA VAL G 134 14.83 -26.31 -88.44
C VAL G 134 16.10 -26.71 -87.71
N CYS G 135 17.22 -26.11 -88.09
CA CYS G 135 18.53 -26.39 -87.51
C CYS G 135 19.20 -25.09 -87.10
N ASN G 136 20.25 -25.21 -86.29
CA ASN G 136 21.01 -24.05 -85.84
C ASN G 136 22.42 -24.49 -85.48
N VAL G 137 23.25 -23.51 -85.16
CA VAL G 137 24.62 -23.75 -84.71
C VAL G 137 24.65 -23.51 -83.20
N PRO G 138 24.75 -24.55 -82.38
CA PRO G 138 24.53 -24.38 -80.94
C PRO G 138 25.60 -23.56 -80.23
N ALA G 139 26.88 -23.87 -80.46
CA ALA G 139 27.97 -23.26 -79.69
C ALA G 139 29.12 -22.94 -80.64
N ALA G 140 29.22 -21.67 -81.04
CA ALA G 140 30.36 -21.21 -81.83
C ALA G 140 30.91 -19.90 -81.25
N SER G 141 30.11 -19.22 -80.43
CA SER G 141 30.51 -17.95 -79.83
C SER G 141 30.17 -17.93 -78.35
N VAL G 142 30.41 -19.05 -77.67
CA VAL G 142 30.16 -19.12 -76.23
C VAL G 142 31.15 -18.22 -75.48
N GLU G 143 32.43 -18.32 -75.82
CA GLU G 143 33.45 -17.57 -75.09
C GLU G 143 33.46 -16.10 -75.48
N GLU G 144 33.13 -15.77 -76.73
CA GLU G 144 33.07 -14.38 -77.13
C GLU G 144 31.98 -13.62 -76.37
N THR G 145 30.81 -14.24 -76.20
CA THR G 145 29.73 -13.58 -75.48
C THR G 145 30.03 -13.46 -73.99
N ALA G 146 30.70 -14.47 -73.42
CA ALA G 146 31.05 -14.43 -72.01
C ALA G 146 32.04 -13.30 -71.71
N ASP G 147 33.03 -13.10 -72.60
CA ASP G 147 33.99 -12.02 -72.40
C ASP G 147 33.33 -10.65 -72.51
N SER G 148 32.39 -10.50 -73.44
CA SER G 148 31.69 -9.23 -73.59
C SER G 148 30.82 -8.91 -72.38
N THR G 149 30.23 -9.93 -71.76
CA THR G 149 29.45 -9.69 -70.55
C THR G 149 30.31 -9.18 -69.41
N LEU G 150 31.51 -9.75 -69.25
CA LEU G 150 32.41 -9.29 -68.19
C LEU G 150 32.90 -7.87 -68.45
N CYS G 151 33.08 -7.49 -69.72
CA CYS G 151 33.52 -6.14 -70.05
C CYS G 151 32.49 -5.10 -69.61
N HIS G 152 31.21 -5.40 -69.81
CA HIS G 152 30.15 -4.47 -69.41
C HIS G 152 30.07 -4.34 -67.90
N ILE G 153 30.28 -5.45 -67.17
CA ILE G 153 30.20 -5.41 -65.71
C ILE G 153 31.29 -4.52 -65.14
N LEU G 154 32.51 -4.64 -65.67
CA LEU G 154 33.62 -3.83 -65.17
C LEU G 154 33.45 -2.35 -65.48
N ASN G 155 32.82 -2.02 -66.62
CA ASN G 155 32.61 -0.62 -66.96
C ASN G 155 31.67 0.06 -65.98
N LEU G 156 30.71 -0.67 -65.41
CA LEU G 156 29.77 -0.07 -64.46
C LEU G 156 30.44 0.20 -63.12
N TYR G 157 31.28 -0.72 -62.65
CA TYR G 157 31.94 -0.53 -61.36
C TYR G 157 33.12 0.43 -61.50
N ARG G 158 34.10 0.08 -62.32
CA ARG G 158 35.24 0.95 -62.61
C ARG G 158 34.89 1.76 -63.85
N ARG G 159 34.31 2.94 -63.64
CA ARG G 159 33.82 3.77 -64.74
C ARG G 159 34.96 4.12 -65.70
N ALA G 160 34.92 3.56 -66.90
CA ALA G 160 35.96 3.78 -67.89
C ALA G 160 35.44 4.36 -69.19
N THR G 161 34.28 3.91 -69.67
CA THR G 161 33.70 4.50 -70.87
C THR G 161 33.26 5.94 -70.62
N TRP G 162 32.68 6.20 -69.45
CA TRP G 162 32.20 7.54 -69.14
C TRP G 162 33.36 8.51 -68.94
N LEU G 163 34.46 8.05 -68.33
CA LEU G 163 35.62 8.91 -68.16
C LEU G 163 36.27 9.26 -69.50
N HIS G 164 36.36 8.28 -70.41
CA HIS G 164 36.91 8.55 -71.74
C HIS G 164 36.01 9.49 -72.51
N GLN G 165 34.70 9.35 -72.37
CA GLN G 165 33.77 10.23 -73.08
C GLN G 165 33.89 11.67 -72.59
N ALA G 166 34.12 11.86 -71.29
CA ALA G 166 34.21 13.20 -70.73
C ALA G 166 35.41 13.96 -71.29
N LEU G 167 36.54 13.27 -71.47
CA LEU G 167 37.74 13.94 -71.98
C LEU G 167 37.54 14.45 -73.39
N ARG G 168 36.84 13.68 -74.23
CA ARG G 168 36.63 14.13 -75.61
C ARG G 168 35.71 15.34 -75.68
N GLU G 169 34.83 15.52 -74.69
CA GLU G 169 33.96 16.69 -74.67
C GLU G 169 34.69 17.96 -74.25
N GLY G 170 35.94 17.85 -73.80
CA GLY G 170 36.71 19.02 -73.42
C GLY G 170 36.87 19.24 -71.93
N THR G 171 36.41 18.32 -71.09
CA THR G 171 36.54 18.47 -69.66
C THR G 171 38.01 18.41 -69.24
N ARG G 172 38.40 19.30 -68.34
CA ARG G 172 39.77 19.38 -67.85
C ARG G 172 39.77 19.18 -66.33
N VAL G 173 40.58 18.24 -65.86
CA VAL G 173 40.70 17.94 -64.44
C VAL G 173 42.18 18.00 -64.06
N GLN G 174 42.49 18.80 -63.05
CA GLN G 174 43.87 18.99 -62.61
C GLN G 174 44.09 18.61 -61.16
N SER G 175 43.25 19.09 -60.25
CA SER G 175 43.44 18.83 -58.83
C SER G 175 42.85 17.48 -58.44
N VAL G 176 43.19 17.02 -57.24
CA VAL G 176 42.67 15.76 -56.74
C VAL G 176 41.18 15.86 -56.46
N GLU G 177 40.73 17.01 -55.96
CA GLU G 177 39.31 17.19 -55.68
C GLU G 177 38.47 17.06 -56.94
N GLN G 178 38.98 17.55 -58.07
CA GLN G 178 38.28 17.38 -59.34
C GLN G 178 38.22 15.92 -59.75
N ILE G 179 39.27 15.15 -59.46
CA ILE G 179 39.28 13.73 -59.82
C ILE G 179 38.21 12.98 -59.04
N ARG G 180 38.06 13.27 -57.75
CA ARG G 180 37.05 12.60 -56.94
C ARG G 180 35.63 12.92 -57.40
N GLU G 181 35.43 14.03 -58.10
CA GLU G 181 34.10 14.44 -58.51
C GLU G 181 33.69 13.85 -59.85
N VAL G 182 34.60 13.87 -60.83
CA VAL G 182 34.28 13.35 -62.16
C VAL G 182 34.07 11.83 -62.10
N ALA G 183 34.86 11.14 -61.27
CA ALA G 183 34.78 9.69 -61.13
C ALA G 183 34.00 9.27 -59.89
N SER G 184 33.03 10.07 -59.48
CA SER G 184 32.25 9.74 -58.29
C SER G 184 31.27 8.62 -58.60
N GLY G 185 31.25 7.60 -57.76
CA GLY G 185 30.37 6.46 -57.93
C GLY G 185 31.07 5.11 -58.04
N ALA G 186 32.39 5.09 -58.22
CA ALA G 186 33.11 3.83 -58.31
C ALA G 186 33.04 3.07 -56.98
N ALA G 187 33.01 1.75 -57.06
CA ALA G 187 32.83 0.90 -55.89
C ALA G 187 33.89 -0.21 -55.90
N ARG G 188 33.90 -0.97 -54.81
CA ARG G 188 34.83 -2.07 -54.62
C ARG G 188 34.13 -3.39 -54.96
N ILE G 189 34.74 -4.16 -55.85
CA ILE G 189 34.09 -5.36 -56.38
C ILE G 189 33.99 -6.45 -55.32
N ARG G 190 35.06 -6.67 -54.55
CA ARG G 190 35.09 -7.77 -53.61
C ARG G 190 34.03 -7.61 -52.54
N GLY G 191 33.29 -8.69 -52.28
CA GLY G 191 32.23 -8.69 -51.30
C GLY G 191 30.83 -8.50 -51.86
N GLU G 192 30.71 -8.18 -53.15
CA GLU G 192 29.41 -7.98 -53.76
C GLU G 192 28.77 -9.31 -54.16
N THR G 193 27.49 -9.25 -54.48
CA THR G 193 26.70 -10.42 -54.87
C THR G 193 26.26 -10.28 -56.32
N LEU G 194 26.44 -11.34 -57.10
CA LEU G 194 26.08 -11.35 -58.51
C LEU G 194 24.95 -12.37 -58.72
N GLY G 195 23.88 -11.93 -59.38
CA GLY G 195 22.73 -12.78 -59.66
C GLY G 195 22.64 -13.07 -61.15
N ILE G 196 22.43 -14.35 -61.46
CA ILE G 196 22.37 -14.84 -62.83
C ILE G 196 21.04 -15.52 -63.05
N ILE G 197 20.38 -15.20 -64.15
CA ILE G 197 19.09 -15.79 -64.51
C ILE G 197 19.31 -16.67 -65.72
N GLY G 198 19.31 -17.99 -65.52
CA GLY G 198 19.54 -18.93 -66.59
C GLY G 198 20.98 -19.42 -66.64
N LEU G 199 21.21 -20.65 -66.22
CA LEU G 199 22.56 -21.23 -66.18
C LEU G 199 22.71 -22.19 -67.35
N GLY G 200 23.01 -21.63 -68.52
CA GLY G 200 23.25 -22.39 -69.73
C GLY G 200 24.71 -22.46 -70.08
N ARG G 201 25.00 -22.52 -71.39
CA ARG G 201 26.38 -22.51 -71.83
C ARG G 201 27.07 -21.19 -71.48
N VAL G 202 26.43 -20.07 -71.81
CA VAL G 202 27.00 -18.77 -71.49
C VAL G 202 26.97 -18.51 -69.99
N GLY G 203 25.89 -18.92 -69.33
CA GLY G 203 25.76 -18.67 -67.90
C GLY G 203 26.86 -19.32 -67.08
N GLN G 204 27.22 -20.56 -67.44
CA GLN G 204 28.29 -21.25 -66.72
C GLN G 204 29.64 -20.58 -66.95
N ALA G 205 29.90 -20.10 -68.17
CA ALA G 205 31.16 -19.46 -68.46
C ALA G 205 31.33 -18.17 -67.66
N VAL G 206 30.26 -17.40 -67.51
CA VAL G 206 30.34 -16.15 -66.76
C VAL G 206 30.60 -16.42 -65.28
N ALA G 207 29.99 -17.48 -64.73
CA ALA G 207 30.12 -17.76 -63.31
C ALA G 207 31.56 -18.08 -62.94
N LEU G 208 32.26 -18.85 -63.78
CA LEU G 208 33.65 -19.21 -63.47
C LEU G 208 34.56 -17.98 -63.47
N ARG G 209 34.37 -17.07 -64.43
CA ARG G 209 35.23 -15.89 -64.50
C ARG G 209 34.92 -14.90 -63.40
N ALA G 210 33.68 -14.86 -62.92
CA ALA G 210 33.30 -13.89 -61.90
C ALA G 210 33.87 -14.22 -60.53
N LYS G 211 34.21 -15.48 -60.28
CA LYS G 211 34.72 -15.87 -58.97
C LYS G 211 36.16 -15.42 -58.76
N ALA G 212 36.91 -15.17 -59.83
CA ALA G 212 38.29 -14.72 -59.69
C ALA G 212 38.39 -13.29 -59.18
N PHE G 213 37.34 -12.50 -59.33
CA PHE G 213 37.32 -11.11 -58.88
C PHE G 213 36.78 -10.94 -57.47
N GLY G 214 36.31 -12.01 -56.83
CA GLY G 214 35.77 -11.93 -55.49
C GLY G 214 34.27 -11.84 -55.39
N PHE G 215 33.54 -12.06 -56.48
CA PHE G 215 32.08 -11.99 -56.44
C PHE G 215 31.50 -13.17 -55.67
N ASN G 216 30.27 -12.98 -55.21
CA ASN G 216 29.45 -14.05 -54.64
C ASN G 216 28.31 -14.33 -55.61
N VAL G 217 28.20 -15.57 -56.07
CA VAL G 217 27.38 -15.90 -57.23
C VAL G 217 26.15 -16.69 -56.77
N LEU G 218 24.99 -16.24 -57.22
CA LEU G 218 23.73 -16.97 -57.10
C LEU G 218 23.13 -17.15 -58.48
N PHE G 219 22.23 -18.13 -58.62
CA PHE G 219 21.58 -18.33 -59.90
C PHE G 219 20.18 -18.88 -59.68
N TYR G 220 19.34 -18.72 -60.70
CA TYR G 220 17.96 -19.19 -60.67
C TYR G 220 17.64 -19.86 -62.01
N ASP G 221 17.25 -21.13 -61.96
CA ASP G 221 16.90 -21.87 -63.17
C ASP G 221 15.93 -22.98 -62.80
N PRO G 222 14.68 -22.92 -63.27
CA PRO G 222 13.67 -23.92 -62.89
C PRO G 222 13.64 -25.17 -63.76
N TYR G 223 14.44 -25.25 -64.81
CA TYR G 223 14.41 -26.39 -65.73
C TYR G 223 15.62 -27.30 -65.58
N LEU G 224 16.44 -27.10 -64.57
CA LEU G 224 17.63 -27.90 -64.35
C LEU G 224 17.36 -29.01 -63.33
N SER G 225 18.25 -30.00 -63.33
CA SER G 225 18.13 -31.13 -62.41
C SER G 225 18.74 -30.74 -61.06
N ASP G 226 18.89 -31.72 -60.17
CA ASP G 226 19.40 -31.49 -58.83
C ASP G 226 20.88 -31.80 -58.76
N GLY G 227 21.61 -30.96 -58.04
CA GLY G 227 23.03 -31.16 -57.82
C GLY G 227 23.95 -30.52 -58.83
N VAL G 228 23.42 -29.72 -59.75
CA VAL G 228 24.28 -29.03 -60.70
C VAL G 228 25.14 -28.00 -60.00
N GLU G 229 24.60 -27.34 -58.98
CA GLU G 229 25.37 -26.36 -58.21
C GLU G 229 26.43 -27.00 -57.34
N ARG G 230 26.26 -28.27 -56.97
CA ARG G 230 27.27 -28.95 -56.16
C ARG G 230 28.57 -29.11 -56.93
N ALA G 231 28.49 -29.45 -58.21
CA ALA G 231 29.68 -29.65 -59.02
C ALA G 231 30.48 -28.35 -59.16
N LEU G 232 29.80 -27.24 -59.39
CA LEU G 232 30.47 -25.97 -59.62
C LEU G 232 30.66 -25.16 -58.34
N GLY G 233 30.12 -25.61 -57.21
CA GLY G 233 30.28 -24.89 -55.96
C GLY G 233 29.58 -23.55 -55.92
N LEU G 234 28.35 -23.47 -56.43
CA LEU G 234 27.56 -22.26 -56.44
C LEU G 234 26.40 -22.38 -55.46
N GLN G 235 25.55 -21.36 -55.42
CA GLN G 235 24.37 -21.33 -54.57
C GLN G 235 23.13 -21.11 -55.43
N ARG G 236 22.06 -21.82 -55.09
CA ARG G 236 20.85 -21.85 -55.91
C ARG G 236 19.65 -21.40 -55.09
N VAL G 237 18.79 -20.59 -55.73
CA VAL G 237 17.54 -20.17 -55.13
C VAL G 237 16.39 -20.80 -55.91
N SER G 238 15.18 -20.70 -55.35
CA SER G 238 14.02 -21.38 -55.92
C SER G 238 13.00 -20.44 -56.54
N THR G 239 13.02 -19.15 -56.23
CA THR G 239 12.05 -18.20 -56.75
C THR G 239 12.77 -16.99 -57.33
N LEU G 240 12.14 -16.35 -58.32
CA LEU G 240 12.72 -15.15 -58.91
C LEU G 240 12.74 -13.99 -57.92
N GLN G 241 11.71 -13.89 -57.08
CA GLN G 241 11.65 -12.78 -56.12
C GLN G 241 12.80 -12.86 -55.13
N ASP G 242 13.16 -14.07 -54.69
CA ASP G 242 14.26 -14.21 -53.75
C ASP G 242 15.59 -13.79 -54.34
N LEU G 243 15.78 -14.03 -55.64
CA LEU G 243 17.03 -13.62 -56.29
C LEU G 243 17.17 -12.10 -56.34
N LEU G 244 16.07 -11.40 -56.62
CA LEU G 244 16.13 -9.94 -56.75
C LEU G 244 16.35 -9.26 -55.40
N PHE G 245 15.92 -9.90 -54.30
CA PHE G 245 16.05 -9.28 -52.99
C PHE G 245 17.50 -9.22 -52.52
N HIS G 246 18.32 -10.19 -52.92
CA HIS G 246 19.68 -10.34 -52.38
C HIS G 246 20.75 -10.19 -53.45
N SER G 247 20.50 -9.37 -54.46
CA SER G 247 21.44 -9.19 -55.57
C SER G 247 21.80 -7.73 -55.72
N ASP G 248 23.09 -7.47 -56.02
CA ASP G 248 23.57 -6.14 -56.31
C ASP G 248 23.82 -5.91 -57.80
N CYS G 249 23.80 -6.97 -58.62
CA CYS G 249 23.95 -6.86 -60.06
C CYS G 249 23.25 -8.04 -60.70
N VAL G 250 22.39 -7.76 -61.68
CA VAL G 250 21.55 -8.78 -62.31
C VAL G 250 21.93 -8.89 -63.78
N THR G 251 22.16 -10.11 -64.24
CA THR G 251 22.46 -10.39 -65.64
C THR G 251 21.47 -11.42 -66.17
N LEU G 252 21.04 -11.23 -67.40
CA LEU G 252 20.06 -12.10 -68.05
C LEU G 252 20.76 -13.00 -69.06
N HIS G 253 20.54 -14.31 -68.94
CA HIS G 253 21.12 -15.28 -69.87
C HIS G 253 20.14 -16.36 -70.27
N CYS G 254 18.84 -16.11 -70.18
CA CYS G 254 17.84 -17.12 -70.48
C CYS G 254 17.40 -17.01 -71.94
N GLY G 255 16.49 -17.90 -72.34
CA GLY G 255 15.93 -17.88 -73.67
C GLY G 255 14.56 -17.21 -73.70
N LEU G 256 14.14 -16.81 -74.89
CA LEU G 256 12.88 -16.08 -75.07
C LEU G 256 11.82 -17.06 -75.54
N ASN G 257 11.19 -17.74 -74.59
CA ASN G 257 10.03 -18.58 -74.88
C ASN G 257 8.76 -17.75 -74.67
N GLU G 258 7.61 -18.41 -74.66
CA GLU G 258 6.32 -17.71 -74.55
C GLU G 258 5.87 -17.52 -73.11
N HIS G 259 6.65 -17.97 -72.12
CA HIS G 259 6.28 -17.83 -70.73
C HIS G 259 7.12 -16.79 -69.99
N ASN G 260 7.99 -16.07 -70.69
CA ASN G 260 8.84 -15.10 -70.02
C ASN G 260 8.96 -13.80 -70.82
N HIS G 261 7.93 -13.44 -71.57
CA HIS G 261 7.92 -12.16 -72.27
C HIS G 261 7.74 -11.03 -71.27
N HIS G 262 8.59 -10.01 -71.40
CA HIS G 262 8.63 -8.89 -70.44
C HIS G 262 8.81 -9.40 -69.02
N LEU G 263 9.89 -10.15 -68.83
CA LEU G 263 10.20 -10.70 -67.51
C LEU G 263 10.48 -9.59 -66.50
N ILE G 264 11.24 -8.58 -66.90
CA ILE G 264 11.51 -7.42 -66.06
C ILE G 264 10.44 -6.38 -66.41
N ASN G 265 9.29 -6.49 -65.77
CA ASN G 265 8.18 -5.58 -66.00
C ASN G 265 8.14 -4.51 -64.92
N ASP G 266 7.06 -3.73 -64.90
CA ASP G 266 6.94 -2.65 -63.94
C ASP G 266 6.85 -3.17 -62.51
N PHE G 267 6.11 -4.26 -62.30
CA PHE G 267 5.93 -4.78 -60.94
C PHE G 267 7.22 -5.35 -60.38
N THR G 268 7.98 -6.09 -61.20
CA THR G 268 9.19 -6.74 -60.71
C THR G 268 10.35 -5.76 -60.52
N VAL G 269 10.37 -4.66 -61.27
CA VAL G 269 11.47 -3.71 -61.18
C VAL G 269 11.47 -2.98 -59.84
N LYS G 270 10.37 -3.00 -59.10
CA LYS G 270 10.28 -2.38 -57.79
C LYS G 270 10.73 -3.31 -56.67
N GLN G 271 11.03 -4.57 -56.97
CA GLN G 271 11.50 -5.51 -55.97
C GLN G 271 13.02 -5.58 -55.87
N MET G 272 13.74 -4.86 -56.74
CA MET G 272 15.19 -4.85 -56.69
C MET G 272 15.68 -3.93 -55.58
N ARG G 273 16.97 -4.05 -55.26
CA ARG G 273 17.57 -3.25 -54.20
C ARG G 273 17.69 -1.79 -54.63
N GLN G 274 18.03 -0.95 -53.66
CA GLN G 274 18.23 0.48 -53.89
C GLN G 274 19.62 0.70 -54.46
N GLY G 275 19.70 1.06 -55.74
CA GLY G 275 20.99 1.32 -56.36
C GLY G 275 21.67 0.08 -56.89
N ALA G 276 20.99 -0.67 -57.75
CA ALA G 276 21.51 -1.88 -58.35
C ALA G 276 21.81 -1.64 -59.83
N PHE G 277 22.52 -2.59 -60.43
CA PHE G 277 22.87 -2.55 -61.84
C PHE G 277 22.05 -3.57 -62.60
N LEU G 278 22.13 -3.49 -63.93
CA LEU G 278 21.39 -4.39 -64.80
C LEU G 278 22.13 -4.54 -66.12
N VAL G 279 22.40 -5.78 -66.51
CA VAL G 279 23.08 -6.09 -67.77
C VAL G 279 22.20 -7.05 -68.56
N ASN G 280 21.98 -6.75 -69.83
CA ASN G 280 21.16 -7.57 -70.71
C ASN G 280 21.91 -7.80 -72.02
N THR G 281 22.19 -9.07 -72.32
CA THR G 281 22.84 -9.42 -73.58
C THR G 281 22.19 -10.62 -74.26
N ALA G 282 21.02 -11.06 -73.80
CA ALA G 282 20.38 -12.24 -74.37
C ALA G 282 19.37 -11.87 -75.46
N ARG G 283 18.30 -11.17 -75.09
CA ARG G 283 17.26 -10.79 -76.03
C ARG G 283 16.62 -9.49 -75.58
N GLY G 284 15.98 -8.80 -76.52
CA GLY G 284 15.40 -7.51 -76.25
C GLY G 284 14.01 -7.56 -75.67
N GLY G 285 13.31 -8.68 -75.85
CA GLY G 285 11.95 -8.81 -75.38
C GLY G 285 11.80 -9.16 -73.92
N LEU G 286 12.91 -9.35 -73.20
CA LEU G 286 12.86 -9.71 -71.80
C LEU G 286 12.76 -8.51 -70.87
N VAL G 287 12.94 -7.29 -71.38
CA VAL G 287 12.96 -6.09 -70.55
C VAL G 287 11.96 -5.09 -71.12
N ASP G 288 11.15 -4.50 -70.24
CA ASP G 288 10.23 -3.43 -70.61
C ASP G 288 10.97 -2.11 -70.52
N GLU G 289 11.30 -1.52 -71.67
CA GLU G 289 12.12 -0.32 -71.68
C GLU G 289 11.38 0.89 -71.12
N LYS G 290 10.05 0.90 -71.20
CA LYS G 290 9.29 2.03 -70.67
C LYS G 290 9.44 2.12 -69.15
N ALA G 291 9.40 0.98 -68.46
CA ALA G 291 9.54 0.99 -67.02
C ALA G 291 10.99 1.21 -66.59
N LEU G 292 11.95 0.76 -67.40
CA LEU G 292 13.36 0.94 -67.07
C LEU G 292 13.75 2.41 -67.07
N ALA G 293 13.20 3.18 -68.02
CA ALA G 293 13.57 4.59 -68.13
C ALA G 293 13.18 5.38 -66.88
N GLN G 294 12.00 5.09 -66.33
CA GLN G 294 11.56 5.80 -65.12
C GLN G 294 12.45 5.47 -63.94
N ALA G 295 12.91 4.22 -63.83
CA ALA G 295 13.76 3.84 -62.71
C ALA G 295 15.10 4.58 -62.75
N LEU G 296 15.67 4.76 -63.94
CA LEU G 296 16.95 5.45 -64.06
C LEU G 296 16.82 6.91 -63.64
N LYS G 297 15.73 7.57 -64.03
CA LYS G 297 15.56 8.98 -63.71
C LYS G 297 15.39 9.20 -62.20
N GLU G 298 14.57 8.38 -61.56
CA GLU G 298 14.33 8.55 -60.13
C GLU G 298 15.53 8.15 -59.28
N GLY G 299 16.42 7.33 -59.81
CA GLY G 299 17.61 6.93 -59.10
C GLY G 299 17.56 5.58 -58.41
N ARG G 300 16.50 4.80 -58.63
CA ARG G 300 16.42 3.47 -58.03
C ARG G 300 17.41 2.50 -58.65
N ILE G 301 17.86 2.75 -59.88
CA ILE G 301 18.85 1.92 -60.55
C ILE G 301 20.03 2.82 -60.90
N ARG G 302 21.23 2.41 -60.47
CA ARG G 302 22.40 3.26 -60.64
C ARG G 302 22.85 3.30 -62.10
N GLY G 303 22.74 2.19 -62.82
CA GLY G 303 23.15 2.17 -64.21
C GLY G 303 22.65 0.92 -64.89
N ALA G 304 22.81 0.90 -66.22
CA ALA G 304 22.37 -0.22 -67.03
C ALA G 304 23.18 -0.27 -68.31
N ALA G 305 23.61 -1.47 -68.68
CA ALA G 305 24.32 -1.72 -69.93
C ALA G 305 23.50 -2.67 -70.77
N LEU G 306 23.19 -2.27 -72.00
CA LEU G 306 22.32 -3.02 -72.89
C LEU G 306 23.02 -3.30 -74.21
N ASP G 307 22.85 -4.52 -74.71
CA ASP G 307 23.36 -4.91 -76.01
C ASP G 307 22.27 -5.25 -77.02
N VAL G 308 21.06 -5.56 -76.54
CA VAL G 308 19.93 -5.89 -77.39
C VAL G 308 18.73 -5.07 -76.93
N HIS G 309 17.93 -4.62 -77.90
CA HIS G 309 16.80 -3.74 -77.61
C HIS G 309 15.54 -4.28 -78.29
N GLU G 310 14.40 -3.78 -77.84
CA GLU G 310 13.12 -4.22 -78.40
C GLU G 310 13.00 -3.85 -79.87
N SER G 311 13.36 -2.62 -80.22
CA SER G 311 13.30 -2.13 -81.58
C SER G 311 14.71 -1.88 -82.09
N GLU G 312 15.04 -2.47 -83.24
CA GLU G 312 16.36 -2.32 -83.84
C GLU G 312 16.21 -1.86 -85.28
N PRO G 313 17.17 -1.05 -85.78
CA PRO G 313 18.39 -0.57 -85.11
C PRO G 313 18.12 0.49 -84.04
N PHE G 314 19.07 0.63 -83.12
CA PHE G 314 18.91 1.52 -81.98
C PHE G 314 19.49 2.89 -82.29
N SER G 315 18.82 3.93 -81.79
CA SER G 315 19.27 5.31 -81.93
C SER G 315 19.03 6.04 -80.62
N PHE G 316 20.00 6.87 -80.22
CA PHE G 316 19.89 7.60 -78.96
C PHE G 316 18.84 8.70 -79.01
N SER G 317 18.43 9.13 -80.19
CA SER G 317 17.48 10.23 -80.34
C SER G 317 16.04 9.77 -80.44
N GLN G 318 15.76 8.47 -80.41
CA GLN G 318 14.41 7.95 -80.54
C GLN G 318 14.18 6.87 -79.51
N GLY G 319 12.90 6.69 -79.14
CA GLY G 319 12.52 5.64 -78.23
C GLY G 319 12.28 6.12 -76.82
N PRO G 320 11.80 5.22 -75.95
CA PRO G 320 11.57 5.61 -74.55
C PRO G 320 12.83 6.00 -73.80
N LEU G 321 14.01 5.57 -74.27
CA LEU G 321 15.28 5.87 -73.63
C LEU G 321 15.97 7.07 -74.28
N LYS G 322 15.19 8.03 -74.77
CA LYS G 322 15.78 9.18 -75.46
C LYS G 322 16.67 9.99 -74.53
N ASP G 323 16.23 10.22 -73.29
CA ASP G 323 16.97 11.01 -72.32
C ASP G 323 16.95 10.26 -70.98
N ALA G 324 17.92 9.38 -70.79
CA ALA G 324 18.04 8.62 -69.55
C ALA G 324 19.50 8.59 -69.12
N PRO G 325 19.81 9.02 -67.90
CA PRO G 325 21.21 9.05 -67.47
C PRO G 325 21.76 7.66 -67.19
N ASN G 326 23.08 7.56 -67.25
CA ASN G 326 23.82 6.34 -66.89
C ASN G 326 23.39 5.16 -67.75
N LEU G 327 23.65 5.29 -69.05
CA LEU G 327 23.26 4.27 -70.02
C LEU G 327 24.42 3.95 -70.95
N ILE G 328 24.64 2.66 -71.19
CA ILE G 328 25.66 2.19 -72.14
C ILE G 328 24.98 1.24 -73.11
N CYS G 329 25.19 1.48 -74.41
CA CYS G 329 24.55 0.69 -75.44
C CYS G 329 25.56 0.31 -76.52
N THR G 330 25.36 -0.88 -77.08
CA THR G 330 26.17 -1.41 -78.17
C THR G 330 25.25 -1.94 -79.27
N PRO G 331 25.71 -1.93 -80.54
CA PRO G 331 24.85 -2.27 -81.67
C PRO G 331 24.74 -3.78 -81.96
N HIS G 332 24.42 -4.56 -80.93
CA HIS G 332 24.16 -5.99 -81.06
C HIS G 332 25.33 -6.71 -81.72
N ALA G 333 26.50 -6.58 -81.11
CA ALA G 333 27.74 -7.14 -81.65
C ALA G 333 28.55 -7.82 -80.56
N ALA G 334 27.87 -8.55 -79.68
CA ALA G 334 28.53 -9.28 -78.59
C ALA G 334 28.99 -10.66 -79.02
N TRP G 335 28.82 -11.02 -80.28
CA TRP G 335 29.18 -12.33 -80.79
C TRP G 335 30.30 -12.30 -81.81
N TYR G 336 30.62 -11.14 -82.38
CA TYR G 336 31.50 -11.09 -83.53
C TYR G 336 32.95 -11.38 -83.14
N SER G 337 33.63 -12.13 -83.98
CA SER G 337 35.07 -12.38 -83.88
C SER G 337 35.55 -12.86 -85.23
N GLU G 338 36.85 -12.66 -85.49
CA GLU G 338 37.40 -13.09 -86.77
C GLU G 338 37.32 -14.60 -86.93
N GLN G 339 37.64 -15.36 -85.88
CA GLN G 339 37.57 -16.80 -85.95
C GLN G 339 36.13 -17.31 -85.84
N ALA G 340 35.31 -16.66 -85.01
CA ALA G 340 33.95 -17.13 -84.78
C ALA G 340 33.10 -16.98 -86.04
N SER G 341 33.29 -15.88 -86.79
CA SER G 341 32.48 -15.64 -87.97
C SER G 341 32.69 -16.72 -89.02
N ILE G 342 33.94 -17.12 -89.25
CA ILE G 342 34.23 -18.14 -90.26
C ILE G 342 33.70 -19.50 -89.82
N GLU G 343 33.82 -19.81 -88.54
CA GLU G 343 33.44 -21.13 -88.05
C GLU G 343 31.95 -21.37 -88.20
N MET G 344 31.11 -20.38 -87.88
CA MET G 344 29.67 -20.58 -87.92
C MET G 344 29.15 -20.64 -89.35
N ARG G 345 29.80 -19.95 -90.28
CA ARG G 345 29.32 -19.95 -91.66
C ARG G 345 29.65 -21.27 -92.35
N GLU G 346 30.80 -21.86 -92.06
CA GLU G 346 31.15 -23.15 -92.66
C GLU G 346 30.27 -24.27 -92.13
N GLU G 347 29.96 -24.25 -90.84
CA GLU G 347 29.14 -25.31 -90.25
C GLU G 347 27.73 -25.30 -90.83
N ALA G 348 27.15 -24.12 -91.02
CA ALA G 348 25.80 -24.03 -91.57
C ALA G 348 25.75 -24.56 -93.01
N ALA G 349 26.79 -24.26 -93.79
CA ALA G 349 26.81 -24.72 -95.18
C ALA G 349 26.87 -26.24 -95.26
N ARG G 350 27.66 -26.87 -94.39
CA ARG G 350 27.78 -28.32 -94.41
C ARG G 350 26.52 -29.02 -93.92
N GLU G 351 25.70 -28.34 -93.12
CA GLU G 351 24.43 -28.92 -92.68
C GLU G 351 23.47 -29.05 -93.86
N ILE G 352 23.48 -28.07 -94.77
CA ILE G 352 22.62 -28.15 -95.95
C ILE G 352 23.02 -29.31 -96.84
N ARG G 353 24.33 -29.51 -97.02
CA ARG G 353 24.80 -30.55 -97.94
C ARG G 353 24.42 -31.94 -97.46
N ARG G 354 24.48 -32.17 -96.15
CA ARG G 354 24.09 -33.48 -95.61
C ARG G 354 22.60 -33.76 -95.85
N ALA G 355 21.76 -32.73 -95.71
CA ALA G 355 20.33 -32.93 -95.91
C ALA G 355 20.01 -33.27 -97.36
N ILE G 356 20.68 -32.61 -98.31
CA ILE G 356 20.41 -32.88 -99.72
C ILE G 356 20.86 -34.29 -100.10
N THR G 357 22.05 -34.70 -99.64
CA THR G 357 22.62 -35.99 -99.99
C THR G 357 22.42 -37.03 -98.89
N GLY G 358 21.31 -36.96 -98.17
CA GLY G 358 21.01 -37.89 -97.10
C GLY G 358 19.52 -38.00 -96.90
N ARG G 359 19.12 -38.25 -95.66
CA ARG G 359 17.72 -38.36 -95.30
C ARG G 359 17.42 -37.49 -94.08
N ILE G 360 16.21 -36.97 -94.03
CA ILE G 360 15.76 -36.05 -92.99
C ILE G 360 14.81 -36.81 -92.07
N PRO G 361 14.96 -36.71 -90.74
CA PRO G 361 16.02 -35.99 -90.04
C PRO G 361 17.12 -36.89 -89.48
N ASP G 362 17.35 -38.03 -90.12
CA ASP G 362 18.34 -38.98 -89.61
C ASP G 362 19.75 -38.45 -89.73
N SER G 363 20.04 -37.72 -90.82
CA SER G 363 21.40 -37.23 -91.08
C SER G 363 21.68 -35.89 -90.42
N LEU G 364 20.69 -35.26 -89.80
CA LEU G 364 20.89 -33.96 -89.17
C LEU G 364 21.45 -34.12 -87.76
N LYS G 365 22.37 -33.23 -87.40
CA LYS G 365 23.00 -33.28 -86.07
C LYS G 365 22.31 -32.38 -85.05
N ASN G 366 21.91 -31.17 -85.46
CA ASN G 366 21.28 -30.21 -84.56
C ASN G 366 19.90 -29.88 -85.11
N CYS G 367 18.90 -30.66 -84.70
CA CYS G 367 17.51 -30.41 -85.08
C CYS G 367 16.72 -30.04 -83.83
N VAL G 368 15.92 -28.99 -83.94
CA VAL G 368 15.21 -28.43 -82.79
C VAL G 368 13.71 -28.69 -82.81
N ASN G 369 13.17 -29.16 -83.93
CA ASN G 369 11.73 -29.45 -84.04
C ASN G 369 11.51 -30.92 -84.39
N LYS G 370 12.35 -31.80 -83.87
CA LYS G 370 12.23 -33.21 -84.18
C LYS G 370 10.93 -33.80 -83.63
N ASP G 371 10.52 -33.38 -82.43
CA ASP G 371 9.28 -33.89 -81.85
C ASP G 371 8.07 -33.46 -82.66
N HIS G 372 8.04 -32.19 -83.10
CA HIS G 372 6.91 -31.68 -83.85
C HIS G 372 6.90 -32.15 -85.30
N LEU G 373 8.04 -32.63 -85.81
CA LEU G 373 8.12 -33.04 -87.20
C LEU G 373 7.29 -34.30 -87.43
N THR G 374 6.58 -34.32 -88.55
CA THR G 374 5.73 -35.45 -88.90
C THR G 374 6.19 -36.13 -90.19
N ARG H 44 51.15 24.04 -29.54
CA ARG H 44 50.86 22.93 -30.43
C ARG H 44 51.52 23.12 -31.78
N PRO H 45 52.20 22.08 -32.27
CA PRO H 45 52.91 22.18 -33.56
C PRO H 45 51.93 22.38 -34.71
N LEU H 46 52.50 22.67 -35.89
CA LEU H 46 51.72 22.97 -37.08
C LEU H 46 51.95 21.89 -38.12
N VAL H 47 50.87 21.40 -38.72
CA VAL H 47 50.92 20.42 -39.79
C VAL H 47 50.19 21.01 -40.99
N ALA H 48 50.82 20.97 -42.16
CA ALA H 48 50.32 21.63 -43.35
C ALA H 48 50.08 20.62 -44.47
N LEU H 49 48.96 20.80 -45.18
CA LEU H 49 48.65 20.04 -46.37
C LEU H 49 49.07 20.87 -47.58
N LEU H 50 50.09 20.40 -48.30
CA LEU H 50 50.72 21.23 -49.33
C LEU H 50 49.78 21.49 -50.50
N ASP H 51 49.15 20.43 -51.02
CA ASP H 51 48.27 20.54 -52.19
C ASP H 51 46.92 19.93 -51.85
N GLY H 52 46.02 20.75 -51.35
CA GLY H 52 44.69 20.27 -51.00
C GLY H 52 43.90 21.38 -50.33
N ARG H 53 42.59 21.14 -50.24
CA ARG H 53 41.70 22.11 -49.62
C ARG H 53 40.77 21.44 -48.61
N ASP H 54 40.50 20.15 -48.81
CA ASP H 54 39.58 19.40 -47.95
C ASP H 54 40.36 18.65 -46.88
N CYS H 55 39.99 18.84 -45.62
CA CYS H 55 40.65 18.21 -44.50
C CYS H 55 39.62 17.70 -43.49
N THR H 56 38.50 17.18 -43.99
CA THR H 56 37.43 16.74 -43.11
C THR H 56 37.74 15.42 -42.41
N VAL H 57 38.67 14.64 -42.94
CA VAL H 57 39.00 13.34 -42.35
C VAL H 57 40.18 13.44 -41.41
N GLU H 58 41.22 14.21 -41.77
CA GLU H 58 42.39 14.33 -40.93
C GLU H 58 42.15 15.20 -39.70
N MET H 59 41.21 16.13 -39.77
CA MET H 59 41.00 17.07 -38.67
C MET H 59 40.58 16.39 -37.37
N PRO H 60 39.61 15.47 -37.34
CA PRO H 60 39.24 14.86 -36.04
C PRO H 60 40.35 14.05 -35.41
N ILE H 61 41.33 13.59 -36.18
CA ILE H 61 42.42 12.82 -35.59
C ILE H 61 43.49 13.74 -35.02
N LEU H 62 43.98 14.67 -35.83
CA LEU H 62 45.05 15.59 -35.41
C LEU H 62 44.49 16.91 -34.89
N LYS H 63 43.59 16.86 -33.91
CA LYS H 63 43.03 18.07 -33.34
C LYS H 63 43.50 18.35 -31.92
N ASP H 64 43.87 17.31 -31.16
CA ASP H 64 44.34 17.48 -29.79
C ASP H 64 45.84 17.29 -29.66
N VAL H 65 46.56 17.19 -30.77
CA VAL H 65 48.01 17.02 -30.74
C VAL H 65 48.75 17.99 -31.65
N ALA H 66 48.08 18.66 -32.59
CA ALA H 66 48.75 19.56 -33.52
C ALA H 66 47.73 20.53 -34.09
N THR H 67 48.20 21.42 -34.95
CA THR H 67 47.37 22.41 -35.63
C THR H 67 47.41 22.13 -37.12
N VAL H 68 46.24 22.00 -37.75
CA VAL H 68 46.12 21.62 -39.14
C VAL H 68 45.92 22.87 -40.00
N ALA H 69 46.54 22.88 -41.18
CA ALA H 69 46.41 23.96 -42.13
C ALA H 69 46.60 23.42 -43.53
N PHE H 70 46.11 24.16 -44.52
CA PHE H 70 46.25 23.77 -45.91
C PHE H 70 46.72 24.97 -46.73
N CYS H 71 47.38 24.67 -47.85
CA CYS H 71 47.92 25.70 -48.72
C CYS H 71 47.33 25.71 -50.13
N ASP H 72 46.87 24.57 -50.63
CA ASP H 72 46.28 24.47 -51.98
C ASP H 72 47.25 25.01 -53.03
N ALA H 73 48.51 24.63 -52.91
CA ALA H 73 49.56 25.11 -53.80
C ALA H 73 49.69 24.21 -55.02
N GLN H 74 50.11 24.80 -56.13
CA GLN H 74 50.37 24.07 -57.36
C GLN H 74 51.85 24.05 -57.73
N SER H 75 52.70 24.78 -57.01
CA SER H 75 54.12 24.81 -57.27
C SER H 75 54.84 25.17 -55.97
N THR H 76 56.15 24.94 -55.96
CA THR H 76 56.95 25.22 -54.77
C THR H 76 57.03 26.71 -54.46
N GLN H 77 56.69 27.57 -55.42
CA GLN H 77 56.74 29.01 -55.23
C GLN H 77 55.45 29.58 -54.65
N GLU H 78 54.45 28.75 -54.40
CA GLU H 78 53.17 29.19 -53.86
C GLU H 78 52.96 28.77 -52.41
N ILE H 79 54.05 28.46 -51.70
CA ILE H 79 53.97 28.04 -50.31
C ILE H 79 54.15 29.27 -49.43
N HIS H 80 53.26 29.41 -48.44
CA HIS H 80 53.28 30.58 -47.58
C HIS H 80 54.55 30.61 -46.74
N GLU H 81 54.98 31.82 -46.39
CA GLU H 81 56.22 31.98 -45.63
C GLU H 81 56.13 31.38 -44.24
N LYS H 82 54.95 31.41 -43.63
CA LYS H 82 54.79 30.84 -42.30
C LYS H 82 55.03 29.33 -42.31
N VAL H 83 54.61 28.66 -43.38
CA VAL H 83 54.83 27.21 -43.48
C VAL H 83 56.31 26.90 -43.54
N LEU H 84 57.07 27.67 -44.31
CA LEU H 84 58.50 27.40 -44.48
C LEU H 84 59.30 27.58 -43.20
N ASN H 85 58.73 28.19 -42.17
CA ASN H 85 59.45 28.45 -40.93
C ASN H 85 58.92 27.69 -39.72
N GLU H 86 57.64 27.32 -39.71
CA GLU H 86 57.00 26.74 -38.54
C GLU H 86 56.18 25.51 -38.91
N ALA H 87 56.77 24.60 -39.69
CA ALA H 87 56.10 23.37 -40.07
C ALA H 87 56.92 22.18 -39.58
N VAL H 88 56.25 21.23 -38.93
CA VAL H 88 56.88 20.02 -38.44
C VAL H 88 56.65 18.84 -39.38
N GLY H 89 55.42 18.69 -39.89
CA GLY H 89 55.11 17.65 -40.83
C GLY H 89 54.30 18.19 -42.00
N ALA H 90 54.23 17.38 -43.06
CA ALA H 90 53.53 17.79 -44.27
C ALA H 90 52.88 16.59 -44.92
N LEU H 91 51.80 16.84 -45.66
CA LEU H 91 51.10 15.83 -46.44
C LEU H 91 50.99 16.33 -47.88
N MET H 92 51.23 15.44 -48.83
CA MET H 92 51.26 15.84 -50.23
C MET H 92 50.77 14.71 -51.12
N TYR H 93 50.11 15.09 -52.22
CA TYR H 93 49.70 14.17 -53.26
C TYR H 93 50.76 14.11 -54.35
N HIS H 94 50.41 13.56 -55.51
CA HIS H 94 51.33 13.39 -56.62
C HIS H 94 51.42 14.60 -57.53
N THR H 95 50.71 15.68 -57.24
CA THR H 95 50.63 16.83 -58.13
C THR H 95 51.74 17.85 -57.93
N ILE H 96 52.63 17.65 -56.96
CA ILE H 96 53.69 18.61 -56.66
C ILE H 96 55.01 17.85 -56.51
N THR H 97 56.07 18.44 -57.03
CA THR H 97 57.40 17.84 -57.02
C THR H 97 58.35 18.66 -56.15
N LEU H 98 59.12 17.99 -55.31
CA LEU H 98 60.08 18.62 -54.41
C LEU H 98 61.49 18.18 -54.78
N THR H 99 62.39 19.14 -54.92
CA THR H 99 63.80 18.90 -55.22
C THR H 99 64.65 19.25 -54.00
N ARG H 100 65.96 19.11 -54.15
CA ARG H 100 66.87 19.39 -53.05
C ARG H 100 66.84 20.87 -52.68
N GLU H 101 66.77 21.76 -53.67
CA GLU H 101 66.71 23.19 -53.39
C GLU H 101 65.44 23.54 -52.61
N ASP H 102 64.32 22.91 -52.97
CA ASP H 102 63.07 23.16 -52.26
C ASP H 102 63.15 22.68 -50.81
N LEU H 103 63.80 21.54 -50.58
CA LEU H 103 63.89 20.99 -49.23
C LEU H 103 64.72 21.88 -48.31
N GLU H 104 65.77 22.51 -48.85
CA GLU H 104 66.64 23.35 -48.03
C GLU H 104 65.93 24.60 -47.52
N LYS H 105 64.81 24.98 -48.13
CA LYS H 105 64.09 26.17 -47.69
C LYS H 105 63.31 25.94 -46.40
N PHE H 106 63.03 24.68 -46.05
CA PHE H 106 62.35 24.38 -44.80
C PHE H 106 63.34 24.45 -43.64
N LYS H 107 62.87 24.99 -42.50
CA LYS H 107 63.73 25.19 -41.35
C LYS H 107 63.36 24.31 -40.15
N ALA H 108 62.17 23.71 -40.15
CA ALA H 108 61.76 22.88 -39.02
C ALA H 108 61.09 21.59 -39.45
N LEU H 109 61.10 21.25 -40.74
CA LEU H 109 60.46 20.03 -41.21
C LEU H 109 61.20 18.80 -40.68
N ARG H 110 60.43 17.78 -40.29
CA ARG H 110 61.02 16.58 -39.71
C ARG H 110 60.52 15.31 -40.37
N ILE H 111 59.31 15.34 -40.93
CA ILE H 111 58.72 14.14 -41.53
C ILE H 111 57.83 14.56 -42.68
N ILE H 112 57.83 13.75 -43.74
CA ILE H 112 56.95 13.92 -44.89
C ILE H 112 56.21 12.62 -45.12
N VAL H 113 54.88 12.69 -45.23
CA VAL H 113 54.04 11.52 -45.46
C VAL H 113 53.35 11.67 -46.80
N ARG H 114 53.52 10.68 -47.67
CA ARG H 114 52.96 10.68 -49.01
C ARG H 114 51.69 9.83 -49.02
N ILE H 115 50.57 10.43 -49.40
CA ILE H 115 49.30 9.73 -49.45
C ILE H 115 49.22 8.94 -50.75
N GLY H 116 49.68 7.70 -50.71
CA GLY H 116 49.73 6.87 -51.90
C GLY H 116 50.87 5.89 -51.80
N SER H 117 51.17 5.25 -52.94
CA SER H 117 52.21 4.24 -52.98
C SER H 117 53.47 4.67 -53.72
N GLY H 118 53.41 5.71 -54.54
CA GLY H 118 54.55 6.17 -55.29
C GLY H 118 55.21 7.37 -54.62
N PHE H 119 56.54 7.39 -54.65
CA PHE H 119 57.32 8.47 -54.06
C PHE H 119 58.43 8.94 -54.99
N ASP H 120 58.24 8.81 -56.30
CA ASP H 120 59.26 9.22 -57.25
C ASP H 120 59.35 10.72 -57.44
N ASN H 121 58.42 11.49 -56.89
CA ASN H 121 58.43 12.94 -56.99
C ASN H 121 59.14 13.61 -55.82
N ILE H 122 59.77 12.83 -54.94
CA ILE H 122 60.50 13.36 -53.79
C ILE H 122 61.93 12.82 -53.87
N ASP H 123 62.90 13.70 -53.68
CA ASP H 123 64.31 13.30 -53.67
C ASP H 123 64.59 12.58 -52.35
N ILE H 124 64.61 11.25 -52.40
CA ILE H 124 64.72 10.45 -51.18
C ILE H 124 66.11 10.62 -50.57
N LYS H 125 67.16 10.52 -51.38
CA LYS H 125 68.51 10.55 -50.84
C LYS H 125 68.85 11.92 -50.22
N SER H 126 68.43 13.00 -50.87
CA SER H 126 68.72 14.33 -50.35
C SER H 126 68.03 14.59 -49.03
N ALA H 127 66.78 14.12 -48.88
CA ALA H 127 66.05 14.33 -47.64
C ALA H 127 66.70 13.58 -46.47
N GLY H 128 67.34 12.45 -46.75
CA GLY H 128 68.01 11.71 -45.69
C GLY H 128 69.18 12.47 -45.09
N ASP H 129 69.97 13.14 -45.93
CA ASP H 129 71.11 13.92 -45.44
C ASP H 129 70.65 15.06 -44.54
N LEU H 130 69.57 15.75 -44.92
CA LEU H 130 69.07 16.86 -44.12
C LEU H 130 68.38 16.41 -42.85
N GLY H 131 68.08 15.11 -42.71
CA GLY H 131 67.44 14.61 -41.51
C GLY H 131 65.92 14.65 -41.56
N ILE H 132 65.35 14.25 -42.69
CA ILE H 132 63.91 14.24 -42.88
C ILE H 132 63.49 12.82 -43.27
N ALA H 133 62.45 12.32 -42.62
CA ALA H 133 61.94 10.98 -42.87
C ALA H 133 60.76 11.04 -43.84
N VAL H 134 60.69 10.04 -44.71
CA VAL H 134 59.66 9.97 -45.75
C VAL H 134 58.87 8.67 -45.55
N CYS H 135 57.55 8.78 -45.56
CA CYS H 135 56.65 7.64 -45.37
C CYS H 135 55.61 7.62 -46.47
N ASN H 136 54.93 6.48 -46.59
CA ASN H 136 53.88 6.34 -47.59
C ASN H 136 52.91 5.27 -47.13
N VAL H 137 51.83 5.10 -47.90
CA VAL H 137 50.83 4.07 -47.66
C VAL H 137 51.05 2.96 -48.70
N PRO H 138 51.58 1.80 -48.32
CA PRO H 138 52.04 0.84 -49.33
C PRO H 138 50.91 0.20 -50.13
N ALA H 139 49.87 -0.29 -49.47
CA ALA H 139 48.84 -1.07 -50.13
C ALA H 139 47.46 -0.67 -49.59
N ALA H 140 46.76 0.17 -50.33
CA ALA H 140 45.39 0.51 -50.00
C ALA H 140 44.48 0.42 -51.22
N SER H 141 45.09 0.41 -52.41
CA SER H 141 44.35 0.33 -53.67
C SER H 141 44.98 -0.69 -54.60
N VAL H 142 45.39 -1.83 -54.04
CA VAL H 142 45.96 -2.88 -54.87
C VAL H 142 44.90 -3.49 -55.79
N GLU H 143 43.73 -3.81 -55.22
CA GLU H 143 42.69 -4.47 -56.00
C GLU H 143 41.97 -3.51 -56.94
N GLU H 144 41.84 -2.24 -56.56
CA GLU H 144 41.21 -1.27 -57.44
C GLU H 144 42.04 -1.09 -58.72
N THR H 145 43.36 -1.00 -58.59
CA THR H 145 44.20 -0.81 -59.78
C THR H 145 44.23 -2.07 -60.64
N ALA H 146 44.18 -3.25 -60.02
CA ALA H 146 44.18 -4.49 -60.79
C ALA H 146 42.91 -4.64 -61.61
N ASP H 147 41.76 -4.25 -61.04
CA ASP H 147 40.50 -4.34 -61.78
C ASP H 147 40.49 -3.36 -62.95
N SER H 148 41.04 -2.16 -62.76
CA SER H 148 41.09 -1.18 -63.84
C SER H 148 41.99 -1.63 -64.97
N THR H 149 43.07 -2.33 -64.67
CA THR H 149 43.95 -2.85 -65.72
C THR H 149 43.23 -3.88 -66.57
N LEU H 150 42.46 -4.77 -65.94
CA LEU H 150 41.71 -5.77 -66.69
C LEU H 150 40.63 -5.14 -67.56
N CYS H 151 40.03 -4.05 -67.09
CA CYS H 151 39.00 -3.37 -67.88
C CYS H 151 39.57 -2.82 -69.18
N HIS H 152 40.78 -2.25 -69.12
CA HIS H 152 41.40 -1.71 -70.33
C HIS H 152 41.78 -2.81 -71.31
N ILE H 153 42.22 -3.96 -70.80
CA ILE H 153 42.60 -5.07 -71.68
C ILE H 153 41.39 -5.58 -72.46
N LEU H 154 40.25 -5.72 -71.79
CA LEU H 154 39.06 -6.23 -72.46
C LEU H 154 38.52 -5.24 -73.49
N ASN H 155 38.68 -3.94 -73.24
CA ASN H 155 38.20 -2.95 -74.20
C ASN H 155 38.96 -3.03 -75.52
N LEU H 156 40.24 -3.40 -75.48
CA LEU H 156 41.02 -3.48 -76.70
C LEU H 156 40.63 -4.71 -77.54
N TYR H 157 40.40 -5.84 -76.88
CA TYR H 157 40.01 -7.05 -77.61
C TYR H 157 38.55 -7.00 -78.03
N ARG H 158 37.64 -6.92 -77.05
CA ARG H 158 36.21 -6.79 -77.33
C ARG H 158 35.90 -5.29 -77.34
N ARG H 159 35.97 -4.70 -78.52
CA ARG H 159 35.79 -3.25 -78.67
C ARG H 159 34.43 -2.81 -78.13
N ALA H 160 34.43 -2.09 -77.02
CA ALA H 160 33.20 -1.64 -76.38
C ALA H 160 33.10 -0.14 -76.23
N THR H 161 34.20 0.52 -75.85
CA THR H 161 34.19 1.98 -75.77
C THR H 161 34.03 2.60 -77.15
N TRP H 162 34.71 2.04 -78.16
CA TRP H 162 34.64 2.59 -79.50
C TRP H 162 33.25 2.38 -80.12
N LEU H 163 32.62 1.25 -79.85
CA LEU H 163 31.27 1.01 -80.36
C LEU H 163 30.26 1.95 -79.73
N HIS H 164 30.38 2.18 -78.42
CA HIS H 164 29.48 3.13 -77.75
C HIS H 164 29.69 4.54 -78.27
N GLN H 165 30.95 4.93 -78.52
CA GLN H 165 31.23 6.25 -79.03
C GLN H 165 30.63 6.47 -80.42
N ALA H 166 30.65 5.43 -81.25
CA ALA H 166 30.13 5.55 -82.61
C ALA H 166 28.63 5.82 -82.61
N LEU H 167 27.89 5.19 -81.71
CA LEU H 167 26.44 5.38 -81.68
C LEU H 167 26.07 6.81 -81.33
N ARG H 168 26.82 7.43 -80.40
CA ARG H 168 26.51 8.81 -80.01
C ARG H 168 26.79 9.78 -81.14
N GLU H 169 27.71 9.45 -82.05
CA GLU H 169 27.99 10.32 -83.18
C GLU H 169 26.91 10.26 -84.26
N GLY H 170 25.96 9.34 -84.15
CA GLY H 170 24.88 9.22 -85.11
C GLY H 170 24.99 8.09 -86.09
N THR H 171 25.98 7.20 -85.94
CA THR H 171 26.12 6.08 -86.86
C THR H 171 24.95 5.11 -86.70
N ARG H 172 24.43 4.63 -87.83
CA ARG H 172 23.32 3.70 -87.87
C ARG H 172 23.75 2.43 -88.57
N VAL H 173 23.54 1.29 -87.91
CA VAL H 173 23.88 -0.02 -88.45
C VAL H 173 22.65 -0.91 -88.38
N GLN H 174 22.27 -1.49 -89.52
CA GLN H 174 21.07 -2.32 -89.60
C GLN H 174 21.38 -3.74 -90.08
N SER H 175 22.12 -3.88 -91.17
CA SER H 175 22.39 -5.20 -91.73
C SER H 175 23.57 -5.86 -91.02
N VAL H 176 23.72 -7.17 -91.27
CA VAL H 176 24.83 -7.91 -90.66
C VAL H 176 26.16 -7.46 -91.24
N GLU H 177 26.19 -7.14 -92.54
CA GLU H 177 27.42 -6.69 -93.17
C GLU H 177 27.93 -5.41 -92.53
N GLN H 178 27.01 -4.51 -92.15
CA GLN H 178 27.41 -3.29 -91.46
C GLN H 178 27.98 -3.59 -90.09
N ILE H 179 27.45 -4.60 -89.41
CA ILE H 179 27.96 -4.96 -88.08
C ILE H 179 29.39 -5.46 -88.17
N ARG H 180 29.69 -6.28 -89.17
CA ARG H 180 31.05 -6.81 -89.33
C ARG H 180 32.06 -5.71 -89.65
N GLU H 181 31.61 -4.57 -90.17
CA GLU H 181 32.52 -3.51 -90.57
C GLU H 181 32.80 -2.53 -89.43
N VAL H 182 31.78 -2.14 -88.68
CA VAL H 182 31.98 -1.18 -87.59
C VAL H 182 32.81 -1.83 -86.48
N ALA H 183 32.59 -3.12 -86.21
CA ALA H 183 33.30 -3.84 -85.16
C ALA H 183 34.44 -4.69 -85.72
N SER H 184 35.05 -4.26 -86.81
CA SER H 184 36.15 -5.01 -87.40
C SER H 184 37.41 -4.85 -86.57
N GLY H 185 38.05 -5.97 -86.24
CA GLY H 185 39.26 -5.98 -85.44
C GLY H 185 39.18 -6.79 -84.17
N ALA H 186 37.99 -7.21 -83.73
CA ALA H 186 37.87 -8.00 -82.53
C ALA H 186 38.54 -9.36 -82.70
N ALA H 187 39.11 -9.87 -81.62
CA ALA H 187 39.88 -11.10 -81.65
C ALA H 187 39.43 -12.04 -80.54
N ARG H 188 39.98 -13.25 -80.55
CA ARG H 188 39.67 -14.28 -79.57
C ARG H 188 40.76 -14.31 -78.50
N ILE H 189 40.35 -14.20 -77.24
CA ILE H 189 41.31 -14.05 -76.15
C ILE H 189 42.08 -15.34 -75.90
N ARG H 190 41.41 -16.48 -75.93
CA ARG H 190 42.05 -17.74 -75.58
C ARG H 190 43.17 -18.07 -76.56
N GLY H 191 44.34 -18.44 -76.02
CA GLY H 191 45.49 -18.77 -76.83
C GLY H 191 46.52 -17.66 -76.96
N GLU H 192 46.19 -16.45 -76.52
CA GLU H 192 47.10 -15.33 -76.64
C GLU H 192 48.12 -15.34 -75.50
N THR H 193 49.17 -14.52 -75.66
CA THR H 193 50.24 -14.42 -74.68
C THR H 193 50.25 -13.02 -74.08
N LEU H 194 50.35 -12.95 -72.75
CA LEU H 194 50.36 -11.69 -72.02
C LEU H 194 51.72 -11.50 -71.35
N GLY H 195 52.33 -10.34 -71.57
CA GLY H 195 53.63 -10.01 -71.01
C GLY H 195 53.49 -8.93 -69.95
N ILE H 196 54.14 -9.17 -68.81
CA ILE H 196 54.08 -8.29 -67.66
C ILE H 196 55.50 -7.86 -67.29
N ILE H 197 55.69 -6.57 -67.08
CA ILE H 197 56.98 -6.01 -66.70
C ILE H 197 56.88 -5.54 -65.26
N GLY H 198 57.48 -6.29 -64.34
CA GLY H 198 57.42 -5.97 -62.93
C GLY H 198 56.35 -6.74 -62.19
N LEU H 199 56.76 -7.73 -61.40
CA LEU H 199 55.82 -8.57 -60.66
C LEU H 199 55.83 -8.14 -59.19
N GLY H 200 55.07 -7.10 -58.90
CA GLY H 200 54.90 -6.58 -57.56
C GLY H 200 53.56 -6.96 -56.97
N ARG H 201 53.04 -6.07 -56.12
CA ARG H 201 51.71 -6.29 -55.55
C ARG H 201 50.63 -6.27 -56.63
N VAL H 202 50.65 -5.24 -57.49
CA VAL H 202 49.67 -5.15 -58.57
C VAL H 202 49.94 -6.20 -59.63
N GLY H 203 51.22 -6.46 -59.93
CA GLY H 203 51.55 -7.42 -60.97
C GLY H 203 51.06 -8.82 -60.67
N GLN H 204 51.16 -9.24 -59.41
CA GLN H 204 50.68 -10.57 -59.03
C GLN H 204 49.17 -10.66 -59.12
N ALA H 205 48.47 -9.58 -58.75
CA ALA H 205 47.00 -9.59 -58.80
C ALA H 205 46.50 -9.72 -60.23
N VAL H 206 47.16 -9.04 -61.17
CA VAL H 206 46.75 -9.10 -62.57
C VAL H 206 46.96 -10.51 -63.14
N ALA H 207 48.06 -11.16 -62.75
CA ALA H 207 48.39 -12.47 -63.31
C ALA H 207 47.35 -13.51 -62.94
N LEU H 208 46.85 -13.48 -61.70
CA LEU H 208 45.86 -14.46 -61.27
C LEU H 208 44.54 -14.30 -62.03
N ARG H 209 44.11 -13.06 -62.25
CA ARG H 209 42.85 -12.82 -62.94
C ARG H 209 42.95 -13.12 -64.43
N ALA H 210 44.14 -12.96 -65.01
CA ALA H 210 44.30 -13.18 -66.45
C ALA H 210 44.25 -14.65 -66.83
N LYS H 211 44.55 -15.55 -65.90
CA LYS H 211 44.54 -16.98 -66.22
C LYS H 211 43.14 -17.54 -66.37
N ALA H 212 42.14 -16.90 -65.78
CA ALA H 212 40.76 -17.39 -65.90
C ALA H 212 40.20 -17.19 -67.30
N PHE H 213 40.76 -16.28 -68.09
CA PHE H 213 40.29 -16.01 -69.44
C PHE H 213 41.02 -16.82 -70.50
N GLY H 214 42.02 -17.60 -70.12
CA GLY H 214 42.78 -18.40 -71.07
C GLY H 214 44.08 -17.79 -71.55
N PHE H 215 44.57 -16.73 -70.92
CA PHE H 215 45.82 -16.13 -71.32
C PHE H 215 47.00 -17.02 -70.96
N ASN H 216 48.12 -16.78 -71.65
CA ASN H 216 49.41 -17.37 -71.33
C ASN H 216 50.30 -16.25 -70.82
N VAL H 217 50.82 -16.40 -69.59
CA VAL H 217 51.42 -15.29 -68.86
C VAL H 217 52.92 -15.48 -68.78
N LEU H 218 53.66 -14.44 -69.14
CA LEU H 218 55.10 -14.34 -68.93
C LEU H 218 55.38 -13.07 -68.13
N PHE H 219 56.54 -13.03 -67.48
CA PHE H 219 56.92 -11.83 -66.74
C PHE H 219 58.43 -11.66 -66.75
N TYR H 220 58.87 -10.44 -66.49
CA TYR H 220 60.28 -10.09 -66.45
C TYR H 220 60.53 -9.20 -65.24
N ASP H 221 61.41 -9.64 -64.35
CA ASP H 221 61.76 -8.88 -63.16
C ASP H 221 63.17 -9.25 -62.71
N PRO H 222 64.13 -8.33 -62.78
CA PRO H 222 65.51 -8.66 -62.43
C PRO H 222 65.88 -8.52 -60.96
N TYR H 223 64.96 -8.06 -60.11
CA TYR H 223 65.25 -7.83 -58.70
C TYR H 223 64.61 -8.85 -57.78
N LEU H 224 64.03 -9.92 -58.33
CA LEU H 224 63.37 -10.95 -57.55
C LEU H 224 64.31 -12.14 -57.32
N SER H 225 63.94 -12.96 -56.34
CA SER H 225 64.73 -14.14 -56.00
C SER H 225 64.34 -15.29 -56.93
N ASP H 226 64.83 -16.49 -56.63
CA ASP H 226 64.59 -17.66 -57.46
C ASP H 226 63.43 -18.47 -56.92
N GLY H 227 62.60 -18.97 -57.82
CA GLY H 227 61.49 -19.83 -57.46
C GLY H 227 60.18 -19.14 -57.18
N VAL H 228 60.09 -17.82 -57.41
CA VAL H 228 58.84 -17.12 -57.21
C VAL H 228 57.81 -17.58 -58.24
N GLU H 229 58.25 -17.87 -59.47
CA GLU H 229 57.34 -18.34 -60.50
C GLU H 229 56.87 -19.77 -60.24
N ARG H 230 57.64 -20.57 -59.50
CA ARG H 230 57.22 -21.93 -59.19
C ARG H 230 55.96 -21.93 -58.32
N ALA H 231 55.89 -21.03 -57.34
CA ALA H 231 54.73 -21.00 -56.46
C ALA H 231 53.45 -20.64 -57.21
N LEU H 232 53.53 -19.66 -58.12
CA LEU H 232 52.36 -19.19 -58.85
C LEU H 232 52.15 -19.92 -60.17
N GLY H 233 53.07 -20.79 -60.57
CA GLY H 233 52.93 -21.52 -61.82
C GLY H 233 52.98 -20.66 -63.06
N LEU H 234 53.92 -19.72 -63.12
CA LEU H 234 54.10 -18.83 -64.25
C LEU H 234 55.41 -19.18 -64.97
N GLN H 235 55.72 -18.38 -65.99
CA GLN H 235 56.93 -18.56 -66.78
C GLN H 235 57.74 -17.26 -66.75
N ARG H 236 59.05 -17.39 -66.62
CA ARG H 236 59.94 -16.26 -66.40
C ARG H 236 61.00 -16.18 -67.49
N VAL H 237 61.27 -14.97 -67.97
CA VAL H 237 62.33 -14.73 -68.93
C VAL H 237 63.42 -13.92 -68.24
N SER H 238 64.57 -13.80 -68.93
CA SER H 238 65.74 -13.17 -68.33
C SER H 238 66.12 -11.83 -68.94
N THR H 239 65.63 -11.52 -70.14
CA THR H 239 65.95 -10.26 -70.81
C THR H 239 64.67 -9.58 -71.28
N LEU H 240 64.74 -8.25 -71.36
CA LEU H 240 63.60 -7.48 -71.84
C LEU H 240 63.32 -7.75 -73.31
N GLN H 241 64.38 -7.94 -74.11
CA GLN H 241 64.19 -8.17 -75.54
C GLN H 241 63.43 -9.47 -75.80
N ASP H 242 63.72 -10.51 -75.00
CA ASP H 242 63.03 -11.78 -75.18
C ASP H 242 61.55 -11.68 -74.86
N LEU H 243 61.18 -10.84 -73.89
CA LEU H 243 59.77 -10.66 -73.56
C LEU H 243 59.00 -10.00 -74.70
N LEU H 244 59.61 -9.01 -75.35
CA LEU H 244 58.92 -8.29 -76.41
C LEU H 244 58.74 -9.14 -77.67
N PHE H 245 59.63 -10.11 -77.88
CA PHE H 245 59.56 -10.92 -79.09
C PHE H 245 58.37 -11.87 -79.07
N HIS H 246 57.96 -12.34 -77.89
CA HIS H 246 56.96 -13.40 -77.78
C HIS H 246 55.71 -12.93 -77.04
N SER H 247 55.35 -11.67 -77.16
CA SER H 247 54.20 -11.11 -76.46
C SER H 247 53.23 -10.49 -77.45
N ASP H 248 51.93 -10.67 -77.19
CA ASP H 248 50.88 -10.04 -77.96
C ASP H 248 50.23 -8.87 -77.23
N CYS H 249 50.51 -8.69 -75.95
CA CYS H 249 49.99 -7.57 -75.18
C CYS H 249 50.96 -7.29 -74.04
N VAL H 250 51.37 -6.04 -73.89
CA VAL H 250 52.39 -5.64 -72.93
C VAL H 250 51.77 -4.68 -71.93
N THR H 251 51.97 -4.97 -70.63
CA THR H 251 51.50 -4.12 -69.55
C THR H 251 52.68 -3.75 -68.66
N LEU H 252 52.70 -2.50 -68.20
CA LEU H 252 53.78 -1.98 -67.38
C LEU H 252 53.31 -1.86 -65.94
N HIS H 253 54.08 -2.46 -65.01
CA HIS H 253 53.75 -2.40 -63.60
C HIS H 253 54.98 -2.16 -62.73
N CYS H 254 56.05 -1.58 -63.28
CA CYS H 254 57.27 -1.36 -62.53
C CYS H 254 57.28 0.02 -61.90
N GLY H 255 58.36 0.33 -61.17
CA GLY H 255 58.54 1.62 -60.56
C GLY H 255 59.45 2.50 -61.38
N LEU H 256 59.38 3.81 -61.12
CA LEU H 256 60.14 4.80 -61.88
C LEU H 256 61.38 5.18 -61.08
N ASN H 257 62.44 4.39 -61.22
CA ASN H 257 63.74 4.72 -60.67
C ASN H 257 64.55 5.46 -61.72
N GLU H 258 65.85 5.65 -61.47
CA GLU H 258 66.71 6.40 -62.38
C GLU H 258 67.35 5.54 -63.46
N HIS H 259 67.09 4.24 -63.49
CA HIS H 259 67.68 3.35 -64.47
C HIS H 259 66.68 2.88 -65.52
N ASN H 260 65.45 3.40 -65.49
CA ASN H 260 64.43 2.95 -66.45
C ASN H 260 63.61 4.10 -66.99
N HIS H 261 64.20 5.29 -67.09
CA HIS H 261 63.51 6.42 -67.70
C HIS H 261 63.42 6.21 -69.20
N HIS H 262 62.22 6.43 -69.75
CA HIS H 262 61.93 6.15 -71.16
C HIS H 262 62.30 4.72 -71.53
N LEU H 263 61.71 3.78 -70.79
CA LEU H 263 61.98 2.37 -71.03
C LEU H 263 61.51 1.95 -72.43
N ILE H 264 60.31 2.40 -72.82
CA ILE H 264 59.79 2.13 -74.16
C ILE H 264 60.21 3.32 -75.02
N ASN H 265 61.42 3.25 -75.57
CA ASN H 265 61.96 4.31 -76.40
C ASN H 265 61.79 3.95 -77.88
N ASP H 266 62.42 4.74 -78.74
CA ASP H 266 62.29 4.51 -80.18
C ASP H 266 62.92 3.18 -80.59
N PHE H 267 64.07 2.84 -80.03
CA PHE H 267 64.76 1.62 -80.43
C PHE H 267 63.99 0.38 -80.00
N THR H 268 63.44 0.37 -78.78
CA THR H 268 62.76 -0.81 -78.26
C THR H 268 61.38 -1.00 -78.89
N VAL H 269 60.73 0.07 -79.33
CA VAL H 269 59.38 -0.05 -79.87
C VAL H 269 59.38 -0.78 -81.22
N LYS H 270 60.54 -0.90 -81.87
CA LYS H 270 60.64 -1.62 -83.12
C LYS H 270 60.90 -3.11 -82.93
N GLN H 271 61.09 -3.56 -81.69
CA GLN H 271 61.30 -4.97 -81.40
C GLN H 271 60.02 -5.71 -81.07
N MET H 272 58.89 -5.01 -80.98
CA MET H 272 57.62 -5.65 -80.67
C MET H 272 57.06 -6.32 -81.93
N ARG H 273 56.05 -7.16 -81.72
CA ARG H 273 55.43 -7.89 -82.82
C ARG H 273 54.61 -6.96 -83.70
N GLN H 274 54.19 -7.49 -84.84
CA GLN H 274 53.36 -6.75 -85.79
C GLN H 274 51.91 -6.79 -85.32
N GLY H 275 51.39 -5.66 -84.86
CA GLY H 275 50.02 -5.58 -84.42
C GLY H 275 49.81 -6.01 -82.98
N ALA H 276 50.54 -5.37 -82.06
CA ALA H 276 50.44 -5.66 -80.63
C ALA H 276 49.74 -4.52 -79.93
N PHE H 277 49.37 -4.77 -78.67
CA PHE H 277 48.73 -3.78 -77.82
C PHE H 277 49.71 -3.28 -76.76
N LEU H 278 49.30 -2.23 -76.05
CA LEU H 278 50.12 -1.64 -75.01
C LEU H 278 49.23 -0.98 -73.97
N VAL H 279 49.43 -1.33 -72.71
CA VAL H 279 48.67 -0.77 -71.60
C VAL H 279 49.66 -0.21 -70.59
N ASN H 280 49.44 1.03 -70.15
CA ASN H 280 50.30 1.70 -69.19
C ASN H 280 49.44 2.31 -68.10
N THR H 281 49.66 1.88 -66.85
CA THR H 281 48.94 2.44 -65.72
C THR H 281 49.87 2.71 -64.53
N ALA H 282 51.18 2.64 -64.71
CA ALA H 282 52.12 2.83 -63.59
C ALA H 282 52.59 4.27 -63.50
N ARG H 283 53.32 4.74 -64.51
CA ARG H 283 53.86 6.10 -64.51
C ARG H 283 53.99 6.59 -65.94
N GLY H 284 54.04 7.91 -66.09
CA GLY H 284 54.06 8.51 -67.40
C GLY H 284 55.45 8.62 -68.02
N GLY H 285 56.49 8.56 -67.18
CA GLY H 285 57.84 8.68 -67.66
C GLY H 285 58.46 7.44 -68.25
N LEU H 286 57.73 6.33 -68.25
CA LEU H 286 58.24 5.07 -68.78
C LEU H 286 58.04 4.93 -70.28
N VAL H 287 57.27 5.79 -70.91
CA VAL H 287 56.92 5.68 -72.32
C VAL H 287 57.25 6.99 -73.02
N ASP H 288 57.92 6.90 -74.17
CA ASP H 288 58.20 8.06 -75.01
C ASP H 288 57.01 8.26 -75.94
N GLU H 289 56.22 9.31 -75.68
CA GLU H 289 54.99 9.51 -76.43
C GLU H 289 55.27 9.90 -77.88
N LYS H 290 56.41 10.54 -78.14
CA LYS H 290 56.72 10.94 -79.51
C LYS H 290 56.91 9.72 -80.41
N ALA H 291 57.58 8.69 -79.91
CA ALA H 291 57.77 7.47 -80.71
C ALA H 291 56.50 6.64 -80.79
N LEU H 292 55.67 6.67 -79.75
CA LEU H 292 54.43 5.90 -79.77
C LEU H 292 53.47 6.41 -80.83
N ALA H 293 53.42 7.73 -81.03
CA ALA H 293 52.47 8.29 -82.00
C ALA H 293 52.77 7.82 -83.42
N GLN H 294 54.05 7.75 -83.78
CA GLN H 294 54.43 7.30 -85.12
C GLN H 294 54.04 5.84 -85.34
N ALA H 295 54.18 5.00 -84.31
CA ALA H 295 53.86 3.59 -84.44
C ALA H 295 52.36 3.39 -84.70
N LEU H 296 51.52 4.17 -84.02
CA LEU H 296 50.08 4.04 -84.23
C LEU H 296 49.67 4.42 -85.64
N LYS H 297 50.27 5.47 -86.19
CA LYS H 297 49.90 5.92 -87.53
C LYS H 297 50.30 4.91 -88.59
N GLU H 298 51.52 4.37 -88.51
CA GLU H 298 51.98 3.42 -89.51
C GLU H 298 51.28 2.07 -89.40
N GLY H 299 50.72 1.74 -88.25
CA GLY H 299 50.00 0.50 -88.07
C GLY H 299 50.78 -0.61 -87.40
N ARG H 300 51.98 -0.35 -86.90
CA ARG H 300 52.74 -1.39 -86.22
C ARG H 300 52.14 -1.75 -84.86
N ILE H 301 51.36 -0.85 -84.26
CA ILE H 301 50.68 -1.10 -83.00
C ILE H 301 49.19 -0.93 -83.23
N ARG H 302 48.41 -1.95 -82.89
CA ARG H 302 46.99 -1.93 -83.19
C ARG H 302 46.24 -0.94 -82.30
N GLY H 303 46.64 -0.83 -81.04
CA GLY H 303 45.96 0.10 -80.13
C GLY H 303 46.77 0.28 -78.87
N ALA H 304 46.34 1.25 -78.06
CA ALA H 304 47.00 1.58 -76.82
C ALA H 304 46.02 2.23 -75.86
N ALA H 305 46.07 1.80 -74.60
CA ALA H 305 45.25 2.37 -73.54
C ALA H 305 46.18 2.97 -72.49
N LEU H 306 46.00 4.24 -72.18
CA LEU H 306 46.88 4.97 -71.28
C LEU H 306 46.08 5.59 -70.15
N ASP H 307 46.62 5.51 -68.94
CA ASP H 307 46.04 6.16 -67.78
C ASP H 307 46.92 7.25 -67.18
N VAL H 308 48.21 7.24 -67.49
CA VAL H 308 49.15 8.24 -67.00
C VAL H 308 49.97 8.75 -68.18
N HIS H 309 50.27 10.05 -68.18
CA HIS H 309 50.95 10.69 -69.28
C HIS H 309 52.12 11.52 -68.76
N GLU H 310 53.04 11.86 -69.68
CA GLU H 310 54.21 12.64 -69.30
C GLU H 310 53.82 14.02 -68.79
N SER H 311 52.90 14.70 -69.47
CA SER H 311 52.44 16.01 -69.10
C SER H 311 50.98 15.94 -68.68
N GLU H 312 50.67 16.45 -67.50
CA GLU H 312 49.33 16.43 -66.96
C GLU H 312 48.92 17.84 -66.54
N PRO H 313 47.64 18.20 -66.67
CA PRO H 313 46.52 17.37 -67.15
C PRO H 313 46.54 17.11 -68.66
N PHE H 314 45.87 16.05 -69.09
CA PHE H 314 45.89 15.61 -70.47
C PHE H 314 44.74 16.23 -71.25
N SER H 315 45.01 16.58 -72.51
CA SER H 315 44.01 17.11 -73.42
C SER H 315 44.21 16.51 -74.80
N PHE H 316 43.10 16.16 -75.45
CA PHE H 316 43.18 15.54 -76.77
C PHE H 316 43.64 16.51 -77.85
N SER H 317 43.54 17.81 -77.60
CA SER H 317 43.87 18.82 -78.61
C SER H 317 45.31 19.31 -78.53
N GLN H 318 46.11 18.80 -77.57
CA GLN H 318 47.48 19.24 -77.40
C GLN H 318 48.38 18.03 -77.19
N GLY H 319 49.66 18.20 -77.54
CA GLY H 319 50.65 17.18 -77.31
C GLY H 319 50.98 16.37 -78.56
N PRO H 320 51.97 15.49 -78.46
CA PRO H 320 52.33 14.66 -79.61
C PRO H 320 51.23 13.71 -80.04
N LEU H 321 50.27 13.39 -79.17
CA LEU H 321 49.17 12.49 -79.49
C LEU H 321 47.92 13.25 -79.91
N LYS H 322 48.08 14.39 -80.57
CA LYS H 322 46.93 15.20 -80.96
C LYS H 322 46.02 14.46 -81.92
N ASP H 323 46.60 13.78 -82.91
CA ASP H 323 45.84 13.04 -83.92
C ASP H 323 46.47 11.66 -84.09
N ALA H 324 46.03 10.71 -83.28
CA ALA H 324 46.53 9.34 -83.36
C ALA H 324 45.36 8.37 -83.24
N PRO H 325 45.19 7.47 -84.20
CA PRO H 325 44.04 6.56 -84.16
C PRO H 325 44.21 5.49 -83.10
N ASN H 326 43.07 4.93 -82.69
CA ASN H 326 43.00 3.80 -81.76
C ASN H 326 43.69 4.13 -80.42
N LEU H 327 43.11 5.10 -79.72
CA LEU H 327 43.66 5.58 -78.46
C LEU H 327 42.56 5.68 -77.42
N ILE H 328 42.85 5.21 -76.21
CA ILE H 328 41.94 5.31 -75.06
C ILE H 328 42.71 5.95 -73.92
N CYS H 329 42.13 6.99 -73.32
CA CYS H 329 42.78 7.72 -72.25
C CYS H 329 41.82 7.98 -71.11
N THR H 330 42.35 7.97 -69.89
CA THR H 330 41.62 8.26 -68.67
C THR H 330 42.39 9.26 -67.83
N PRO H 331 41.69 10.08 -67.03
CA PRO H 331 42.34 11.18 -66.30
C PRO H 331 42.99 10.78 -64.97
N HIS H 332 43.84 9.75 -65.02
CA HIS H 332 44.64 9.33 -63.86
C HIS H 332 43.76 9.04 -62.65
N ALA H 333 42.81 8.12 -62.84
CA ALA H 333 41.83 7.77 -61.81
C ALA H 333 41.67 6.27 -61.70
N ALA H 334 42.77 5.53 -61.79
CA ALA H 334 42.74 4.08 -61.68
C ALA H 334 42.81 3.59 -60.24
N TRP H 335 42.83 4.51 -59.27
CA TRP H 335 42.94 4.17 -57.87
C TRP H 335 41.71 4.52 -57.05
N TYR H 336 40.82 5.35 -57.57
CA TYR H 336 39.76 5.91 -56.75
C TYR H 336 38.68 4.87 -56.43
N SER H 337 38.21 4.91 -55.18
CA SER H 337 37.08 4.12 -54.73
C SER H 337 36.55 4.77 -53.47
N GLU H 338 35.27 4.52 -53.18
CA GLU H 338 34.66 5.10 -51.98
C GLU H 338 35.34 4.60 -50.72
N GLN H 339 35.61 3.29 -50.65
CA GLN H 339 36.26 2.73 -49.48
C GLN H 339 37.76 3.01 -49.47
N ALA H 340 38.40 2.99 -50.64
CA ALA H 340 39.84 3.18 -50.71
C ALA H 340 40.25 4.59 -50.31
N SER H 341 39.44 5.59 -50.71
CA SER H 341 39.78 6.97 -50.41
C SER H 341 39.81 7.24 -48.91
N ILE H 342 38.83 6.71 -48.19
CA ILE H 342 38.77 6.93 -46.74
C ILE H 342 39.90 6.20 -46.03
N GLU H 343 40.22 4.99 -46.49
CA GLU H 343 41.22 4.17 -45.81
C GLU H 343 42.61 4.81 -45.87
N MET H 344 42.99 5.35 -47.04
CA MET H 344 44.33 5.90 -47.18
C MET H 344 44.49 7.23 -46.44
N ARG H 345 43.41 8.00 -46.31
CA ARG H 345 43.52 9.28 -45.62
C ARG H 345 43.63 9.11 -44.12
N GLU H 346 42.93 8.12 -43.55
CA GLU H 346 43.02 7.88 -42.11
C GLU H 346 44.39 7.32 -41.74
N GLU H 347 44.95 6.44 -42.55
CA GLU H 347 46.24 5.84 -42.24
C GLU H 347 47.35 6.89 -42.23
N ALA H 348 47.32 7.82 -43.19
CA ALA H 348 48.34 8.86 -43.25
C ALA H 348 48.27 9.78 -42.05
N ALA H 349 47.06 10.10 -41.59
CA ALA H 349 46.92 10.98 -40.43
C ALA H 349 47.48 10.34 -39.17
N ARG H 350 47.25 9.04 -38.99
CA ARG H 350 47.75 8.36 -37.80
C ARG H 350 49.26 8.18 -37.82
N GLU H 351 49.88 8.19 -39.00
CA GLU H 351 51.33 8.13 -39.07
C GLU H 351 51.97 9.40 -38.53
N ILE H 352 51.34 10.55 -38.78
CA ILE H 352 51.86 11.81 -38.25
C ILE H 352 51.79 11.82 -36.73
N ARG H 353 50.68 11.33 -36.17
CA ARG H 353 50.48 11.39 -34.72
C ARG H 353 51.52 10.55 -33.98
N ARG H 354 51.87 9.39 -34.53
CA ARG H 354 52.88 8.55 -33.88
C ARG H 354 54.24 9.23 -33.87
N ALA H 355 54.59 9.92 -34.95
CA ALA H 355 55.88 10.60 -35.02
C ALA H 355 55.97 11.72 -33.98
N ILE H 356 54.90 12.50 -33.81
CA ILE H 356 54.92 13.60 -32.86
C ILE H 356 55.03 13.08 -31.43
N THR H 357 54.26 12.04 -31.10
CA THR H 357 54.22 11.49 -29.75
C THR H 357 55.09 10.24 -29.59
N GLY H 358 56.19 10.17 -30.32
CA GLY H 358 57.09 9.03 -30.25
C GLY H 358 58.50 9.44 -30.62
N ARG H 359 59.23 8.52 -31.24
CA ARG H 359 60.59 8.77 -31.66
C ARG H 359 60.77 8.33 -33.10
N ILE H 360 61.64 9.02 -33.82
CA ILE H 360 61.88 8.80 -35.24
C ILE H 360 63.24 8.13 -35.39
N PRO H 361 63.36 7.06 -36.18
CA PRO H 361 62.29 6.40 -36.92
C PRO H 361 61.83 5.10 -36.28
N ASP H 362 61.97 4.99 -34.95
CA ASP H 362 61.61 3.74 -34.27
C ASP H 362 60.12 3.50 -34.30
N SER H 363 59.31 4.55 -34.18
CA SER H 363 57.86 4.41 -34.11
C SER H 363 57.19 4.36 -35.48
N LEU H 364 57.94 4.57 -36.57
CA LEU H 364 57.36 4.57 -37.89
C LEU H 364 57.26 3.15 -38.45
N LYS H 365 56.16 2.87 -39.15
CA LYS H 365 55.93 1.55 -39.71
C LYS H 365 56.40 1.45 -41.16
N ASN H 366 56.15 2.46 -41.98
CA ASN H 366 56.51 2.45 -43.40
C ASN H 366 57.46 3.61 -43.67
N CYS H 367 58.75 3.36 -43.51
CA CYS H 367 59.79 4.35 -43.80
C CYS H 367 60.61 3.86 -44.99
N VAL H 368 60.85 4.75 -45.95
CA VAL H 368 61.50 4.39 -47.20
C VAL H 368 62.92 4.92 -47.32
N ASN H 369 63.35 5.82 -46.44
CA ASN H 369 64.70 6.38 -46.47
C ASN H 369 65.43 6.10 -45.16
N LYS H 370 65.18 4.93 -44.58
CA LYS H 370 65.81 4.59 -43.30
C LYS H 370 67.33 4.45 -43.45
N ASP H 371 67.78 3.86 -44.55
CA ASP H 371 69.21 3.69 -44.76
C ASP H 371 69.91 5.04 -44.93
N HIS H 372 69.30 5.96 -45.69
CA HIS H 372 69.92 7.26 -45.92
C HIS H 372 69.78 8.20 -44.73
N LEU H 373 68.88 7.91 -43.80
CA LEU H 373 68.66 8.80 -42.67
C LEU H 373 69.86 8.76 -41.73
N THR H 374 70.23 9.94 -41.23
CA THR H 374 71.38 10.05 -40.33
C THR H 374 70.95 10.56 -38.96
N ARG I 44 -40.30 5.19 -21.55
CA ARG I 44 -38.86 5.09 -21.75
C ARG I 44 -38.54 4.28 -23.00
N PRO I 45 -37.43 4.59 -23.65
CA PRO I 45 -37.04 3.84 -24.86
C PRO I 45 -36.72 2.40 -24.56
N LEU I 46 -36.55 1.62 -25.63
CA LEU I 46 -36.30 0.19 -25.53
C LEU I 46 -34.91 -0.13 -26.06
N VAL I 47 -34.17 -0.94 -25.29
CA VAL I 47 -32.85 -1.41 -25.67
C VAL I 47 -32.88 -2.93 -25.67
N ALA I 48 -32.40 -3.55 -26.74
CA ALA I 48 -32.51 -4.99 -26.93
C ALA I 48 -31.13 -5.61 -27.07
N LEU I 49 -30.96 -6.77 -26.45
CA LEU I 49 -29.76 -7.59 -26.60
C LEU I 49 -30.07 -8.67 -27.64
N LEU I 50 -29.39 -8.60 -28.79
CA LEU I 50 -29.80 -9.41 -29.93
C LEU I 50 -29.49 -10.89 -29.73
N ASP I 51 -28.31 -11.21 -29.20
CA ASP I 51 -27.90 -12.60 -28.98
C ASP I 51 -27.39 -12.74 -27.54
N GLY I 52 -28.30 -13.07 -26.63
CA GLY I 52 -27.93 -13.25 -25.24
C GLY I 52 -29.17 -13.50 -24.41
N ARG I 53 -28.93 -13.95 -23.17
CA ARG I 53 -30.02 -14.23 -22.25
C ARG I 53 -29.75 -13.62 -20.88
N ASP I 54 -28.48 -13.42 -20.54
CA ASP I 54 -28.09 -12.90 -19.25
C ASP I 54 -27.86 -11.40 -19.34
N CYS I 55 -28.53 -10.64 -18.47
CA CYS I 55 -28.42 -9.18 -18.44
C CYS I 55 -28.31 -8.69 -17.01
N THR I 56 -27.57 -9.42 -16.17
CA THR I 56 -27.47 -9.05 -14.76
C THR I 56 -26.55 -7.86 -14.54
N VAL I 57 -25.66 -7.55 -15.48
CA VAL I 57 -24.73 -6.44 -15.32
C VAL I 57 -25.27 -5.16 -15.94
N GLU I 58 -25.88 -5.25 -17.12
CA GLU I 58 -26.38 -4.06 -17.79
C GLU I 58 -27.64 -3.52 -17.16
N MET I 59 -28.43 -4.38 -16.50
CA MET I 59 -29.71 -3.95 -15.95
C MET I 59 -29.58 -2.85 -14.90
N PRO I 60 -28.71 -2.94 -13.88
CA PRO I 60 -28.64 -1.85 -12.89
C PRO I 60 -28.21 -0.51 -13.45
N ILE I 61 -27.53 -0.50 -14.61
CA ILE I 61 -27.12 0.77 -15.20
C ILE I 61 -28.25 1.39 -16.01
N LEU I 62 -28.80 0.63 -16.95
CA LEU I 62 -29.86 1.12 -17.82
C LEU I 62 -31.25 0.78 -17.29
N LYS I 63 -31.54 1.15 -16.04
CA LYS I 63 -32.85 0.90 -15.47
C LYS I 63 -33.69 2.15 -15.29
N ASP I 64 -33.07 3.32 -15.12
CA ASP I 64 -33.78 4.57 -14.93
C ASP I 64 -33.74 5.45 -16.17
N VAL I 65 -33.25 4.94 -17.29
CA VAL I 65 -33.19 5.71 -18.52
C VAL I 65 -33.75 4.98 -19.73
N ALA I 66 -33.95 3.67 -19.67
CA ALA I 66 -34.44 2.90 -20.80
C ALA I 66 -35.05 1.60 -20.31
N THR I 67 -35.56 0.81 -21.24
CA THR I 67 -36.14 -0.50 -20.96
C THR I 67 -35.30 -1.57 -21.63
N VAL I 68 -34.87 -2.57 -20.86
CA VAL I 68 -33.96 -3.60 -21.34
C VAL I 68 -34.75 -4.85 -21.73
N ALA I 69 -34.32 -5.50 -22.81
CA ALA I 69 -34.94 -6.73 -23.27
C ALA I 69 -33.89 -7.55 -24.01
N PHE I 70 -34.15 -8.85 -24.14
CA PHE I 70 -33.25 -9.75 -24.83
C PHE I 70 -34.04 -10.63 -25.79
N CYS I 71 -33.36 -11.08 -26.84
CA CYS I 71 -33.93 -11.89 -27.90
C CYS I 71 -33.42 -13.32 -27.92
N ASP I 72 -32.13 -13.53 -27.62
CA ASP I 72 -31.48 -14.84 -27.69
C ASP I 72 -31.60 -15.42 -29.10
N ALA I 73 -31.37 -14.58 -30.11
CA ALA I 73 -31.51 -14.99 -31.50
C ALA I 73 -30.20 -15.57 -32.03
N GLN I 74 -30.33 -16.48 -32.99
CA GLN I 74 -29.19 -17.06 -33.68
C GLN I 74 -29.10 -16.66 -35.14
N SER I 75 -30.10 -15.94 -35.65
CA SER I 75 -30.09 -15.48 -37.04
C SER I 75 -30.97 -14.25 -37.14
N THR I 76 -30.83 -13.53 -38.25
CA THR I 76 -31.60 -12.31 -38.45
C THR I 76 -33.10 -12.59 -38.61
N GLN I 77 -33.48 -13.84 -38.86
CA GLN I 77 -34.88 -14.19 -39.03
C GLN I 77 -35.57 -14.54 -37.72
N GLU I 78 -34.85 -14.51 -36.60
CA GLU I 78 -35.41 -14.86 -35.30
C GLU I 78 -35.60 -13.64 -34.41
N ILE I 79 -35.64 -12.44 -34.99
CA ILE I 79 -35.81 -11.21 -34.24
C ILE I 79 -37.29 -10.88 -34.16
N HIS I 80 -37.77 -10.57 -32.96
CA HIS I 80 -39.18 -10.30 -32.76
C HIS I 80 -39.61 -9.04 -33.50
N GLU I 81 -40.88 -9.01 -33.90
CA GLU I 81 -41.40 -7.88 -34.68
C GLU I 81 -41.39 -6.59 -33.88
N LYS I 82 -41.61 -6.67 -32.56
CA LYS I 82 -41.60 -5.47 -31.74
C LYS I 82 -40.23 -4.81 -31.74
N VAL I 83 -39.16 -5.59 -31.75
CA VAL I 83 -37.80 -5.04 -31.77
C VAL I 83 -37.57 -4.27 -33.06
N LEU I 84 -38.01 -4.82 -34.19
CA LEU I 84 -37.77 -4.18 -35.48
C LEU I 84 -38.48 -2.83 -35.64
N ASN I 85 -39.43 -2.52 -34.76
CA ASN I 85 -40.20 -1.28 -34.87
C ASN I 85 -39.94 -0.29 -33.76
N GLU I 86 -39.55 -0.75 -32.57
CA GLU I 86 -39.45 0.11 -31.39
C GLU I 86 -38.13 -0.11 -30.65
N ALA I 87 -37.02 -0.12 -31.39
CA ALA I 87 -35.70 -0.28 -30.80
C ALA I 87 -34.85 0.94 -31.11
N VAL I 88 -34.21 1.50 -30.09
CA VAL I 88 -33.32 2.64 -30.25
C VAL I 88 -31.86 2.21 -30.30
N GLY I 89 -31.46 1.29 -29.43
CA GLY I 89 -30.11 0.78 -29.43
C GLY I 89 -30.10 -0.74 -29.33
N ALA I 90 -28.94 -1.32 -29.63
CA ALA I 90 -28.80 -2.76 -29.62
C ALA I 90 -27.39 -3.15 -29.16
N LEU I 91 -27.29 -4.34 -28.59
CA LEU I 91 -26.01 -4.92 -28.17
C LEU I 91 -25.89 -6.30 -28.79
N MET I 92 -24.70 -6.62 -29.30
CA MET I 92 -24.52 -7.88 -30.02
C MET I 92 -23.10 -8.40 -29.82
N TYR I 93 -22.98 -9.73 -29.80
CA TYR I 93 -21.70 -10.40 -29.77
C TYR I 93 -21.27 -10.75 -31.20
N HIS I 94 -20.30 -11.64 -31.32
CA HIS I 94 -19.75 -12.03 -32.61
C HIS I 94 -20.49 -13.17 -33.29
N THR I 95 -21.57 -13.66 -32.69
CA THR I 95 -22.25 -14.85 -33.19
C THR I 95 -23.33 -14.54 -34.22
N ILE I 96 -23.58 -13.28 -34.54
CA ILE I 96 -24.63 -12.90 -35.47
C ILE I 96 -24.06 -11.87 -36.45
N THR I 97 -24.45 -11.99 -37.72
CA THR I 97 -23.97 -11.13 -38.78
C THR I 97 -25.13 -10.30 -39.35
N LEU I 98 -24.87 -9.02 -39.55
CA LEU I 98 -25.87 -8.09 -40.08
C LEU I 98 -25.38 -7.55 -41.42
N THR I 99 -26.26 -7.59 -42.42
CA THR I 99 -25.99 -7.07 -43.76
C THR I 99 -26.84 -5.84 -44.01
N ARG I 100 -26.72 -5.28 -45.21
CA ARG I 100 -27.47 -4.08 -45.55
C ARG I 100 -28.97 -4.34 -45.58
N GLU I 101 -29.37 -5.50 -46.10
CA GLU I 101 -30.80 -5.84 -46.12
C GLU I 101 -31.36 -5.96 -44.71
N ASP I 102 -30.59 -6.53 -43.79
CA ASP I 102 -31.03 -6.65 -42.40
C ASP I 102 -31.17 -5.27 -41.75
N LEU I 103 -30.25 -4.35 -42.05
CA LEU I 103 -30.29 -3.03 -41.44
C LEU I 103 -31.51 -2.24 -41.89
N GLU I 104 -31.93 -2.41 -43.15
CA GLU I 104 -33.07 -1.66 -43.66
C GLU I 104 -34.38 -2.05 -42.99
N LYS I 105 -34.44 -3.21 -42.34
CA LYS I 105 -35.66 -3.63 -41.67
C LYS I 105 -35.92 -2.89 -40.37
N PHE I 106 -34.89 -2.27 -39.79
CA PHE I 106 -35.08 -1.49 -38.58
C PHE I 106 -35.65 -0.12 -38.93
N LYS I 107 -36.57 0.36 -38.09
CA LYS I 107 -37.26 1.62 -38.35
C LYS I 107 -36.92 2.72 -37.35
N ALA I 108 -36.30 2.40 -36.22
CA ALA I 108 -35.97 3.41 -35.23
C ALA I 108 -34.58 3.23 -34.64
N LEU I 109 -33.75 2.33 -35.19
CA LEU I 109 -32.42 2.12 -34.66
C LEU I 109 -31.55 3.35 -34.88
N ARG I 110 -30.72 3.67 -33.89
CA ARG I 110 -29.88 4.86 -33.98
C ARG I 110 -28.42 4.58 -33.64
N ILE I 111 -28.18 3.54 -32.83
CA ILE I 111 -26.81 3.23 -32.40
C ILE I 111 -26.69 1.73 -32.20
N ILE I 112 -25.52 1.20 -32.56
CA ILE I 112 -25.18 -0.21 -32.34
C ILE I 112 -23.85 -0.25 -31.59
N VAL I 113 -23.81 -0.99 -30.49
CA VAL I 113 -22.60 -1.13 -29.68
C VAL I 113 -22.18 -2.60 -29.70
N ARG I 114 -20.93 -2.82 -30.09
CA ARG I 114 -20.37 -4.17 -30.22
C ARG I 114 -19.52 -4.46 -28.98
N ILE I 115 -19.86 -5.52 -28.26
CA ILE I 115 -19.14 -5.90 -27.05
C ILE I 115 -17.89 -6.68 -27.46
N GLY I 116 -16.79 -5.97 -27.66
CA GLY I 116 -15.56 -6.60 -28.12
C GLY I 116 -14.76 -5.60 -28.94
N SER I 117 -13.74 -6.13 -29.62
CA SER I 117 -12.85 -5.30 -30.41
C SER I 117 -13.02 -5.45 -31.91
N GLY I 118 -13.64 -6.53 -32.38
CA GLY I 118 -13.82 -6.76 -33.80
C GLY I 118 -15.22 -6.36 -34.25
N PHE I 119 -15.29 -5.75 -35.44
CA PHE I 119 -16.56 -5.32 -36.00
C PHE I 119 -16.67 -5.71 -37.47
N ASP I 120 -16.03 -6.80 -37.88
CA ASP I 120 -16.08 -7.24 -39.27
C ASP I 120 -17.39 -7.89 -39.66
N ASN I 121 -18.26 -8.18 -38.69
CA ASN I 121 -19.55 -8.80 -38.97
C ASN I 121 -20.66 -7.78 -39.16
N ILE I 122 -20.33 -6.49 -39.20
CA ILE I 122 -21.31 -5.43 -39.40
C ILE I 122 -20.86 -4.62 -40.61
N ASP I 123 -21.80 -4.33 -41.52
CA ASP I 123 -21.51 -3.51 -42.69
C ASP I 123 -21.39 -2.06 -42.24
N ILE I 124 -20.15 -1.59 -42.08
CA ILE I 124 -19.91 -0.26 -41.51
C ILE I 124 -20.37 0.83 -42.47
N LYS I 125 -20.02 0.70 -43.75
CA LYS I 125 -20.33 1.76 -44.71
C LYS I 125 -21.84 1.90 -44.91
N SER I 126 -22.56 0.78 -45.00
CA SER I 126 -24.00 0.84 -45.23
C SER I 126 -24.72 1.48 -44.05
N ALA I 127 -24.29 1.17 -42.83
CA ALA I 127 -24.93 1.75 -41.66
C ALA I 127 -24.75 3.26 -41.59
N GLY I 128 -23.63 3.76 -42.11
CA GLY I 128 -23.42 5.21 -42.11
C GLY I 128 -24.41 5.95 -42.97
N ASP I 129 -24.73 5.40 -44.15
CA ASP I 129 -25.69 6.04 -45.04
C ASP I 129 -27.07 6.12 -44.40
N LEU I 130 -27.49 5.05 -43.72
CA LEU I 130 -28.80 5.04 -43.08
C LEU I 130 -28.86 5.91 -41.84
N GLY I 131 -27.72 6.34 -41.31
CA GLY I 131 -27.70 7.19 -40.14
C GLY I 131 -27.64 6.43 -38.83
N ILE I 132 -26.79 5.40 -38.78
CA ILE I 132 -26.62 4.56 -37.61
C ILE I 132 -25.16 4.60 -37.20
N ALA I 133 -24.90 4.80 -35.92
CA ALA I 133 -23.55 4.87 -35.38
C ALA I 133 -23.15 3.51 -34.80
N VAL I 134 -21.89 3.15 -34.98
CA VAL I 134 -21.35 1.87 -34.53
C VAL I 134 -20.21 2.13 -33.56
N CYS I 135 -20.24 1.46 -32.41
CA CYS I 135 -19.22 1.62 -31.37
C CYS I 135 -18.71 0.25 -30.95
N ASN I 136 -17.58 0.25 -30.24
CA ASN I 136 -16.99 -0.98 -29.74
C ASN I 136 -16.15 -0.68 -28.52
N VAL I 137 -15.63 -1.74 -27.90
CA VAL I 137 -14.73 -1.63 -26.76
C VAL I 137 -13.32 -1.95 -27.26
N PRO I 138 -12.45 -0.96 -27.39
CA PRO I 138 -11.17 -1.19 -28.10
C PRO I 138 -10.21 -2.12 -27.39
N ALA I 139 -9.97 -1.90 -26.10
CA ALA I 139 -8.94 -2.63 -25.37
C ALA I 139 -9.46 -2.99 -23.98
N ALA I 140 -9.89 -4.24 -23.82
CA ALA I 140 -10.27 -4.75 -22.51
C ALA I 140 -9.64 -6.11 -22.26
N SER I 141 -9.20 -6.77 -23.32
CA SER I 141 -8.59 -8.11 -23.23
C SER I 141 -7.31 -8.16 -24.05
N VAL I 142 -6.51 -7.10 -24.00
CA VAL I 142 -5.24 -7.10 -24.72
C VAL I 142 -4.29 -8.11 -24.11
N GLU I 143 -4.15 -8.09 -22.78
CA GLU I 143 -3.18 -8.95 -22.12
C GLU I 143 -3.65 -10.40 -22.05
N GLU I 144 -4.96 -10.63 -21.95
CA GLU I 144 -5.46 -12.00 -21.95
C GLU I 144 -5.16 -12.70 -23.26
N THR I 145 -5.36 -12.01 -24.39
CA THR I 145 -5.10 -12.61 -25.69
C THR I 145 -3.62 -12.83 -25.92
N ALA I 146 -2.77 -11.92 -25.42
CA ALA I 146 -1.33 -12.06 -25.59
C ALA I 146 -0.81 -13.26 -24.82
N ASP I 147 -1.32 -13.50 -23.61
CA ASP I 147 -0.89 -14.65 -22.84
C ASP I 147 -1.32 -15.96 -23.49
N SER I 148 -2.53 -15.99 -24.06
CA SER I 148 -2.99 -17.19 -24.73
C SER I 148 -2.18 -17.52 -25.98
N THR I 149 -1.71 -16.49 -26.68
CA THR I 149 -0.86 -16.72 -27.85
C THR I 149 0.46 -17.35 -27.45
N LEU I 150 1.06 -16.89 -26.35
CA LEU I 150 2.31 -17.47 -25.89
C LEU I 150 2.14 -18.91 -25.43
N CYS I 151 0.98 -19.22 -24.85
CA CYS I 151 0.72 -20.60 -24.39
C CYS I 151 0.70 -21.57 -25.57
N HIS I 152 0.10 -21.17 -26.69
CA HIS I 152 0.05 -22.03 -27.86
C HIS I 152 1.44 -22.23 -28.47
N ILE I 153 2.26 -21.19 -28.46
CA ILE I 153 3.61 -21.29 -29.03
C ILE I 153 4.44 -22.30 -28.26
N LEU I 154 4.37 -22.25 -26.93
CA LEU I 154 5.16 -23.15 -26.10
C LEU I 154 4.70 -24.59 -26.24
N ASN I 155 3.40 -24.82 -26.45
CA ASN I 155 2.90 -26.18 -26.61
C ASN I 155 3.44 -26.84 -27.87
N LEU I 156 3.71 -26.07 -28.91
CA LEU I 156 4.23 -26.65 -30.15
C LEU I 156 5.70 -27.04 -30.01
N TYR I 157 6.50 -26.20 -29.34
CA TYR I 157 7.92 -26.51 -29.15
C TYR I 157 8.11 -27.55 -28.05
N ARG I 158 7.69 -27.24 -26.83
CA ARG I 158 7.75 -28.18 -25.72
C ARG I 158 6.41 -28.89 -25.67
N ARG I 159 6.32 -30.04 -26.34
CA ARG I 159 5.07 -30.77 -26.47
C ARG I 159 4.52 -31.15 -25.10
N ALA I 160 3.42 -30.53 -24.69
CA ALA I 160 2.83 -30.77 -23.39
C ALA I 160 1.38 -31.25 -23.45
N THR I 161 0.58 -30.68 -24.35
CA THR I 161 -0.79 -31.16 -24.52
C THR I 161 -0.81 -32.57 -25.10
N TRP I 162 0.08 -32.84 -26.06
CA TRP I 162 0.10 -34.16 -26.68
C TRP I 162 0.61 -35.22 -25.72
N LEU I 163 1.58 -34.88 -24.87
CA LEU I 163 2.08 -35.84 -23.89
C LEU I 163 1.01 -36.16 -22.84
N HIS I 164 0.27 -35.15 -22.39
CA HIS I 164 -0.81 -35.40 -21.44
C HIS I 164 -1.92 -36.23 -22.06
N GLN I 165 -2.23 -35.99 -23.33
CA GLN I 165 -3.27 -36.76 -24.01
C GLN I 165 -2.87 -38.23 -24.14
N ALA I 166 -1.59 -38.49 -24.38
CA ALA I 166 -1.14 -39.87 -24.56
C ALA I 166 -1.31 -40.68 -23.29
N LEU I 167 -1.04 -40.08 -22.12
CA LEU I 167 -1.16 -40.81 -20.87
C LEU I 167 -2.59 -41.24 -20.59
N ARG I 168 -3.56 -40.38 -20.92
CA ARG I 168 -4.96 -40.72 -20.67
C ARG I 168 -5.43 -41.86 -21.57
N GLU I 169 -4.81 -42.02 -22.74
CA GLU I 169 -5.17 -43.12 -23.64
C GLU I 169 -4.63 -44.47 -23.16
N GLY I 170 -3.77 -44.48 -22.14
CA GLY I 170 -3.24 -45.71 -21.61
C GLY I 170 -1.81 -46.03 -21.99
N THR I 171 -1.11 -45.11 -22.65
CA THR I 171 0.27 -45.36 -23.03
C THR I 171 1.16 -45.43 -21.79
N ARG I 172 2.07 -46.39 -21.78
CA ARG I 172 3.00 -46.60 -20.67
C ARG I 172 4.42 -46.48 -21.17
N VAL I 173 5.21 -45.63 -20.53
CA VAL I 173 6.61 -45.42 -20.89
C VAL I 173 7.47 -45.60 -19.64
N GLN I 174 8.46 -46.48 -19.74
CA GLN I 174 9.32 -46.80 -18.60
C GLN I 174 10.79 -46.51 -18.87
N SER I 175 11.32 -46.97 -20.00
CA SER I 175 12.74 -46.80 -20.29
C SER I 175 13.00 -45.42 -20.92
N VAL I 176 14.28 -45.07 -20.97
CA VAL I 176 14.67 -43.79 -21.56
C VAL I 176 14.42 -43.79 -23.06
N GLU I 177 14.65 -44.93 -23.72
CA GLU I 177 14.41 -45.01 -25.16
C GLU I 177 12.96 -44.75 -25.50
N GLN I 178 12.03 -45.21 -24.66
CA GLN I 178 10.62 -44.93 -24.87
C GLN I 178 10.32 -43.45 -24.72
N ILE I 179 11.01 -42.77 -23.79
CA ILE I 179 10.78 -41.35 -23.58
C ILE I 179 11.20 -40.56 -24.81
N ARG I 180 12.34 -40.90 -25.40
CA ARG I 180 12.81 -40.20 -26.59
C ARG I 180 11.88 -40.39 -27.78
N GLU I 181 11.06 -41.45 -27.79
CA GLU I 181 10.21 -41.72 -28.94
C GLU I 181 8.84 -41.04 -28.82
N VAL I 182 8.23 -41.08 -27.63
CA VAL I 182 6.92 -40.46 -27.46
C VAL I 182 7.02 -38.94 -27.58
N ALA I 183 8.12 -38.36 -27.08
CA ALA I 183 8.32 -36.92 -27.13
C ALA I 183 9.25 -36.50 -28.25
N SER I 184 9.26 -37.25 -29.36
CA SER I 184 10.14 -36.92 -30.48
C SER I 184 9.60 -35.72 -31.23
N GLY I 185 10.45 -34.74 -31.48
CA GLY I 185 10.08 -33.53 -32.19
C GLY I 185 10.31 -32.24 -31.42
N ALA I 186 10.59 -32.30 -30.12
CA ALA I 186 10.85 -31.09 -29.35
C ALA I 186 12.13 -30.42 -29.82
N ALA I 187 12.13 -29.09 -29.75
CA ALA I 187 13.24 -28.28 -30.27
C ALA I 187 13.67 -27.26 -29.22
N ARG I 188 14.76 -26.56 -29.54
CA ARG I 188 15.32 -25.54 -28.67
C ARG I 188 14.87 -24.17 -29.15
N ILE I 189 14.30 -23.39 -28.23
CA ILE I 189 13.67 -22.12 -28.60
C ILE I 189 14.72 -21.08 -28.99
N ARG I 190 15.81 -20.99 -28.24
CA ARG I 190 16.78 -19.93 -28.47
C ARG I 190 17.42 -20.08 -29.85
N GLY I 191 17.50 -18.96 -30.56
CA GLY I 191 18.05 -18.93 -31.91
C GLY I 191 17.04 -18.97 -33.02
N GLU I 192 15.77 -19.22 -32.72
CA GLU I 192 14.74 -19.30 -33.74
C GLU I 192 14.25 -17.90 -34.13
N THR I 193 13.50 -17.84 -35.23
CA THR I 193 12.97 -16.60 -35.76
C THR I 193 11.45 -16.63 -35.69
N LEU I 194 10.86 -15.55 -35.19
CA LEU I 194 9.41 -15.43 -35.05
C LEU I 194 8.90 -14.34 -35.98
N GLY I 195 7.89 -14.65 -36.77
CA GLY I 195 7.30 -13.71 -37.71
C GLY I 195 5.90 -13.32 -37.28
N ILE I 196 5.63 -12.02 -37.30
CA ILE I 196 4.36 -11.46 -36.85
C ILE I 196 3.76 -10.66 -38.00
N ILE I 197 2.47 -10.88 -38.26
CA ILE I 197 1.74 -10.17 -39.31
C ILE I 197 0.75 -9.25 -38.63
N GLY I 198 1.04 -7.96 -38.63
CA GLY I 198 0.19 -6.98 -38.00
C GLY I 198 0.66 -6.60 -36.61
N LEU I 199 1.22 -5.40 -36.47
CA LEU I 199 1.76 -4.94 -35.18
C LEU I 199 0.78 -3.93 -34.58
N GLY I 200 -0.24 -4.45 -33.93
CA GLY I 200 -1.25 -3.65 -33.26
C GLY I 200 -1.08 -3.66 -31.76
N ARG I 201 -2.20 -3.57 -31.04
CA ARG I 201 -2.15 -3.66 -29.59
C ARG I 201 -1.69 -5.04 -29.13
N VAL I 202 -2.29 -6.09 -29.68
CA VAL I 202 -1.89 -7.45 -29.32
C VAL I 202 -0.52 -7.79 -29.89
N GLY I 203 -0.23 -7.32 -31.10
CA GLY I 203 1.04 -7.65 -31.72
C GLY I 203 2.23 -7.11 -30.95
N GLN I 204 2.12 -5.89 -30.41
CA GLN I 204 3.20 -5.33 -29.62
C GLN I 204 3.39 -6.07 -28.31
N ALA I 205 2.30 -6.51 -27.69
CA ALA I 205 2.40 -7.24 -26.43
C ALA I 205 3.12 -8.57 -26.61
N VAL I 206 2.84 -9.26 -27.72
CA VAL I 206 3.47 -10.55 -27.98
C VAL I 206 4.97 -10.38 -28.21
N ALA I 207 5.35 -9.31 -28.92
CA ALA I 207 6.76 -9.11 -29.26
C ALA I 207 7.62 -8.92 -28.02
N LEU I 208 7.12 -8.17 -27.04
CA LEU I 208 7.90 -7.94 -25.83
C LEU I 208 8.12 -9.22 -25.03
N ARG I 209 7.10 -10.07 -24.93
CA ARG I 209 7.22 -11.30 -24.17
C ARG I 209 8.08 -12.33 -24.89
N ALA I 210 8.11 -12.30 -26.22
CA ALA I 210 8.86 -13.29 -26.98
C ALA I 210 10.37 -13.07 -26.89
N LYS I 211 10.81 -11.84 -26.60
CA LYS I 211 12.24 -11.57 -26.54
C LYS I 211 12.90 -12.14 -25.29
N ALA I 212 12.12 -12.39 -24.23
CA ALA I 212 12.69 -12.95 -23.01
C ALA I 212 13.09 -14.41 -23.17
N PHE I 213 12.54 -15.11 -24.16
CA PHE I 213 12.85 -16.51 -24.39
C PHE I 213 13.98 -16.71 -25.40
N GLY I 214 14.49 -15.65 -25.99
CA GLY I 214 15.56 -15.75 -26.97
C GLY I 214 15.14 -15.74 -28.41
N PHE I 215 13.89 -15.41 -28.71
CA PHE I 215 13.43 -15.36 -30.09
C PHE I 215 14.05 -14.19 -30.84
N ASN I 216 14.05 -14.30 -32.17
CA ASN I 216 14.39 -13.21 -33.07
C ASN I 216 13.11 -12.80 -33.79
N VAL I 217 12.73 -11.52 -33.67
CA VAL I 217 11.39 -11.07 -34.02
C VAL I 217 11.46 -10.21 -35.28
N LEU I 218 10.61 -10.55 -36.26
CA LEU I 218 10.36 -9.73 -37.43
C LEU I 218 8.86 -9.44 -37.51
N PHE I 219 8.50 -8.39 -38.25
CA PHE I 219 7.10 -8.06 -38.41
C PHE I 219 6.88 -7.42 -39.77
N TYR I 220 5.62 -7.47 -40.22
CA TYR I 220 5.22 -6.89 -41.50
C TYR I 220 3.90 -6.14 -41.29
N ASP I 221 3.91 -4.85 -41.61
CA ASP I 221 2.72 -4.02 -41.49
C ASP I 221 2.81 -2.85 -42.46
N PRO I 222 1.94 -2.80 -43.48
CA PRO I 222 2.04 -1.75 -44.49
C PRO I 222 1.31 -0.45 -44.17
N TYR I 223 0.59 -0.38 -43.04
CA TYR I 223 -0.19 0.80 -42.70
C TYR I 223 0.42 1.61 -41.56
N LEU I 224 1.64 1.29 -41.15
CA LEU I 224 2.30 2.00 -40.07
C LEU I 224 3.24 3.07 -40.61
N SER I 225 3.63 3.98 -39.73
CA SER I 225 4.54 5.06 -40.10
C SER I 225 5.99 4.56 -40.01
N ASP I 226 6.94 5.48 -40.12
CA ASP I 226 8.35 5.16 -40.11
C ASP I 226 8.94 5.33 -38.73
N GLY I 227 9.81 4.40 -38.34
CA GLY I 227 10.50 4.48 -37.07
C GLY I 227 9.82 3.83 -35.90
N VAL I 228 8.71 3.12 -36.12
CA VAL I 228 8.06 2.42 -35.02
C VAL I 228 8.94 1.29 -34.51
N GLU I 229 9.67 0.62 -35.42
CA GLU I 229 10.56 -0.45 -35.01
C GLU I 229 11.79 0.07 -34.27
N ARG I 230 12.18 1.32 -34.49
CA ARG I 230 13.33 1.87 -33.78
C ARG I 230 13.07 1.97 -32.29
N ALA I 231 11.85 2.38 -31.91
CA ALA I 231 11.53 2.53 -30.50
C ALA I 231 11.56 1.19 -29.77
N LEU I 232 11.02 0.15 -30.39
CA LEU I 232 10.95 -1.17 -29.76
C LEU I 232 12.14 -2.05 -30.06
N GLY I 233 13.06 -1.61 -30.93
CA GLY I 233 14.23 -2.40 -31.25
C GLY I 233 13.93 -3.69 -32.00
N LEU I 234 13.04 -3.65 -32.98
CA LEU I 234 12.66 -4.80 -33.79
C LEU I 234 13.20 -4.63 -35.20
N GLN I 235 12.86 -5.59 -36.05
CA GLN I 235 13.27 -5.59 -37.45
C GLN I 235 12.03 -5.66 -38.34
N ARG I 236 12.03 -4.89 -39.42
CA ARG I 236 10.87 -4.71 -40.27
C ARG I 236 11.19 -5.12 -41.70
N VAL I 237 10.24 -5.82 -42.34
CA VAL I 237 10.34 -6.18 -43.74
C VAL I 237 9.27 -5.42 -44.51
N SER I 238 9.37 -5.46 -45.84
CA SER I 238 8.51 -4.67 -46.70
C SER I 238 7.50 -5.48 -47.51
N THR I 239 7.70 -6.79 -47.66
CA THR I 239 6.82 -7.64 -48.43
C THR I 239 6.44 -8.87 -47.62
N LEU I 240 5.25 -9.41 -47.91
CA LEU I 240 4.79 -10.61 -47.23
C LEU I 240 5.64 -11.82 -47.62
N GLN I 241 6.07 -11.89 -48.87
CA GLN I 241 6.87 -13.03 -49.32
C GLN I 241 8.20 -13.10 -48.58
N ASP I 242 8.81 -11.95 -48.32
CA ASP I 242 10.10 -11.93 -47.61
C ASP I 242 9.94 -12.43 -46.18
N LEU I 243 8.81 -12.13 -45.54
CA LEU I 243 8.59 -12.60 -44.17
C LEU I 243 8.48 -14.11 -44.11
N LEU I 244 7.79 -14.73 -45.08
CA LEU I 244 7.60 -16.17 -45.05
C LEU I 244 8.88 -16.92 -45.35
N PHE I 245 9.81 -16.32 -46.10
CA PHE I 245 11.04 -17.02 -46.45
C PHE I 245 11.96 -17.21 -45.25
N HIS I 246 11.94 -16.29 -44.29
CA HIS I 246 12.91 -16.27 -43.21
C HIS I 246 12.26 -16.45 -41.84
N SER I 247 11.16 -17.19 -41.77
CA SER I 247 10.44 -17.38 -40.52
C SER I 247 10.31 -18.86 -40.20
N ASP I 248 10.45 -19.19 -38.91
CA ASP I 248 10.23 -20.55 -38.43
C ASP I 248 8.90 -20.71 -37.70
N CYS I 249 8.21 -19.62 -37.39
CA CYS I 249 6.91 -19.66 -36.76
C CYS I 249 6.15 -18.41 -37.14
N VAL I 250 4.93 -18.55 -37.62
CA VAL I 250 4.13 -17.45 -38.13
C VAL I 250 2.88 -17.30 -37.27
N THR I 251 2.62 -16.08 -36.83
CA THR I 251 1.43 -15.75 -36.05
C THR I 251 0.68 -14.61 -36.73
N LEU I 252 -0.66 -14.71 -36.73
CA LEU I 252 -1.51 -13.73 -37.38
C LEU I 252 -2.17 -12.84 -36.34
N HIS I 253 -2.02 -11.53 -36.51
CA HIS I 253 -2.63 -10.56 -35.59
C HIS I 253 -3.26 -9.38 -36.31
N CYS I 254 -3.63 -9.53 -37.58
CA CYS I 254 -4.19 -8.44 -38.36
C CYS I 254 -5.70 -8.44 -38.28
N GLY I 255 -6.32 -7.47 -38.94
CA GLY I 255 -7.77 -7.38 -39.01
C GLY I 255 -8.29 -7.94 -40.32
N LEU I 256 -9.59 -8.24 -40.33
CA LEU I 256 -10.24 -8.86 -41.48
C LEU I 256 -10.98 -7.77 -42.27
N ASN I 257 -10.24 -7.10 -43.15
CA ASN I 257 -10.84 -6.17 -44.10
C ASN I 257 -11.14 -6.90 -45.40
N GLU I 258 -11.47 -6.16 -46.45
CA GLU I 258 -11.85 -6.76 -47.73
C GLU I 258 -10.67 -7.00 -48.66
N HIS I 259 -9.45 -6.65 -48.24
CA HIS I 259 -8.27 -6.84 -49.08
C HIS I 259 -7.37 -7.98 -48.61
N ASN I 260 -7.78 -8.73 -47.58
CA ASN I 260 -6.94 -9.80 -47.05
C ASN I 260 -7.75 -11.06 -46.75
N HIS I 261 -8.83 -11.29 -47.48
CA HIS I 261 -9.59 -12.53 -47.31
C HIS I 261 -8.78 -13.69 -47.88
N HIS I 262 -8.70 -14.77 -47.11
CA HIS I 262 -7.88 -15.93 -47.45
C HIS I 262 -6.44 -15.52 -47.74
N LEU I 263 -5.84 -14.86 -46.75
CA LEU I 263 -4.46 -14.40 -46.88
C LEU I 263 -3.51 -15.58 -47.03
N ILE I 264 -3.69 -16.63 -46.23
CA ILE I 264 -2.90 -17.85 -46.33
C ILE I 264 -3.67 -18.78 -47.28
N ASN I 265 -3.45 -18.62 -48.57
CA ASN I 265 -4.11 -19.41 -49.58
C ASN I 265 -3.19 -20.54 -50.04
N ASP I 266 -3.60 -21.24 -51.11
CA ASP I 266 -2.81 -22.36 -51.61
C ASP I 266 -1.46 -21.90 -52.14
N PHE I 267 -1.43 -20.77 -52.86
CA PHE I 267 -0.19 -20.31 -53.46
C PHE I 267 0.82 -19.87 -52.41
N THR I 268 0.37 -19.16 -51.38
CA THR I 268 1.28 -18.63 -50.38
C THR I 268 1.78 -19.70 -49.42
N VAL I 269 1.00 -20.77 -49.20
CA VAL I 269 1.39 -21.79 -48.25
C VAL I 269 2.60 -22.58 -48.74
N LYS I 270 2.90 -22.52 -50.04
CA LYS I 270 4.06 -23.19 -50.59
C LYS I 270 5.33 -22.37 -50.52
N GLN I 271 5.25 -21.11 -50.05
CA GLN I 271 6.41 -20.26 -49.90
C GLN I 271 7.03 -20.33 -48.51
N MET I 272 6.41 -21.04 -47.58
CA MET I 272 6.94 -21.17 -46.24
C MET I 272 8.08 -22.19 -46.20
N ARG I 273 8.82 -22.17 -45.10
CA ARG I 273 9.96 -23.07 -44.95
C ARG I 273 9.49 -24.51 -44.76
N GLN I 274 10.45 -25.43 -44.82
CA GLN I 274 10.19 -26.85 -44.63
C GLN I 274 10.12 -27.15 -43.14
N GLY I 275 8.92 -27.45 -42.64
CA GLY I 275 8.75 -27.77 -41.25
C GLY I 275 8.58 -26.56 -40.36
N ALA I 276 7.60 -25.72 -40.67
CA ALA I 276 7.30 -24.52 -39.90
C ALA I 276 6.01 -24.72 -39.12
N PHE I 277 5.76 -23.79 -38.19
CA PHE I 277 4.54 -23.78 -37.40
C PHE I 277 3.62 -22.66 -37.85
N LEU I 278 2.41 -22.68 -37.32
CA LEU I 278 1.40 -21.68 -37.66
C LEU I 278 0.43 -21.52 -36.50
N VAL I 279 0.24 -20.28 -36.06
CA VAL I 279 -0.68 -19.96 -34.97
C VAL I 279 -1.65 -18.90 -35.47
N ASN I 280 -2.94 -19.13 -35.25
CA ASN I 280 -3.99 -18.19 -35.68
C ASN I 280 -4.93 -17.96 -34.52
N THR I 281 -5.04 -16.70 -34.08
CA THR I 281 -5.97 -16.33 -33.02
C THR I 281 -6.73 -15.06 -33.33
N ALA I 282 -6.67 -14.55 -34.57
CA ALA I 282 -7.33 -13.30 -34.91
C ALA I 282 -8.72 -13.52 -35.50
N ARG I 283 -8.79 -14.17 -36.66
CA ARG I 283 -10.06 -14.41 -37.33
C ARG I 283 -9.94 -15.67 -38.17
N GLY I 284 -11.10 -16.27 -38.47
CA GLY I 284 -11.13 -17.53 -39.18
C GLY I 284 -11.05 -17.40 -40.69
N GLY I 285 -11.39 -16.23 -41.21
CA GLY I 285 -11.39 -16.01 -42.65
C GLY I 285 -10.04 -15.73 -43.27
N LEU I 286 -8.98 -15.66 -42.46
CA LEU I 286 -7.65 -15.37 -42.98
C LEU I 286 -6.90 -16.61 -43.46
N VAL I 287 -7.41 -17.81 -43.18
CA VAL I 287 -6.73 -19.05 -43.50
C VAL I 287 -7.67 -19.94 -44.30
N ASP I 288 -7.16 -20.51 -45.39
CA ASP I 288 -7.90 -21.49 -46.19
C ASP I 288 -7.66 -22.86 -45.59
N GLU I 289 -8.67 -23.41 -44.93
CA GLU I 289 -8.50 -24.68 -44.22
C GLU I 289 -8.31 -25.85 -45.17
N LYS I 290 -8.84 -25.76 -46.39
CA LYS I 290 -8.68 -26.85 -47.34
C LYS I 290 -7.21 -27.03 -47.74
N ALA I 291 -6.49 -25.92 -47.95
CA ALA I 291 -5.08 -26.01 -48.31
C ALA I 291 -4.22 -26.37 -47.10
N LEU I 292 -4.62 -25.95 -45.90
CA LEU I 292 -3.84 -26.26 -44.71
C LEU I 292 -3.83 -27.75 -44.42
N ALA I 293 -4.96 -28.43 -44.65
CA ALA I 293 -5.04 -29.86 -44.34
C ALA I 293 -4.06 -30.67 -45.18
N GLN I 294 -3.92 -30.33 -46.47
CA GLN I 294 -3.00 -31.06 -47.32
C GLN I 294 -1.56 -30.86 -46.88
N ALA I 295 -1.20 -29.66 -46.41
CA ALA I 295 0.16 -29.40 -45.98
C ALA I 295 0.52 -30.24 -44.75
N LEU I 296 -0.41 -30.39 -43.82
CA LEU I 296 -0.14 -31.18 -42.62
C LEU I 296 0.10 -32.64 -42.96
N LYS I 297 -0.68 -33.20 -43.88
CA LYS I 297 -0.54 -34.61 -44.23
C LYS I 297 0.79 -34.89 -44.92
N GLU I 298 1.19 -34.04 -45.87
CA GLU I 298 2.43 -34.27 -46.59
C GLU I 298 3.66 -34.00 -45.74
N GLY I 299 3.53 -33.23 -44.67
CA GLY I 299 4.63 -32.95 -43.78
C GLY I 299 5.35 -31.65 -43.99
N ARG I 300 4.84 -30.78 -44.87
CA ARG I 300 5.49 -29.49 -45.07
C ARG I 300 5.31 -28.56 -43.88
N ILE I 301 4.28 -28.78 -43.05
CA ILE I 301 4.05 -27.99 -41.85
C ILE I 301 4.05 -28.96 -40.66
N ARG I 302 4.90 -28.66 -39.67
CA ARG I 302 5.07 -29.59 -38.56
C ARG I 302 3.85 -29.59 -37.65
N GLY I 303 3.23 -28.44 -37.44
CA GLY I 303 2.06 -28.37 -36.57
C GLY I 303 1.35 -27.06 -36.74
N ALA I 304 0.16 -26.99 -36.14
CA ALA I 304 -0.67 -25.79 -36.21
C ALA I 304 -1.59 -25.74 -35.00
N ALA I 305 -1.71 -24.55 -34.41
CA ALA I 305 -2.61 -24.29 -33.30
C ALA I 305 -3.61 -23.24 -33.73
N LEU I 306 -4.90 -23.57 -33.61
CA LEU I 306 -5.97 -22.70 -34.09
C LEU I 306 -6.95 -22.41 -32.96
N ASP I 307 -7.38 -21.15 -32.89
CA ASP I 307 -8.41 -20.74 -31.94
C ASP I 307 -9.68 -20.26 -32.61
N VAL I 308 -9.63 -19.89 -33.88
CA VAL I 308 -10.79 -19.43 -34.63
C VAL I 308 -10.83 -20.17 -35.96
N HIS I 309 -12.03 -20.51 -36.41
CA HIS I 309 -12.23 -21.31 -37.61
C HIS I 309 -13.24 -20.65 -38.52
N GLU I 310 -13.24 -21.08 -39.79
CA GLU I 310 -14.17 -20.52 -40.77
C GLU I 310 -15.61 -20.81 -40.39
N SER I 311 -15.90 -22.04 -39.99
CA SER I 311 -17.25 -22.45 -39.61
C SER I 311 -17.27 -22.78 -38.13
N GLU I 312 -18.19 -22.16 -37.40
CA GLU I 312 -18.32 -22.37 -35.98
C GLU I 312 -19.75 -22.74 -35.63
N PRO I 313 -19.96 -23.60 -34.60
CA PRO I 313 -18.96 -24.20 -33.72
C PRO I 313 -18.12 -25.30 -34.40
N PHE I 314 -16.94 -25.56 -33.83
CA PHE I 314 -15.99 -26.49 -34.41
C PHE I 314 -16.19 -27.89 -33.84
N SER I 315 -16.02 -28.90 -34.70
CA SER I 315 -16.10 -30.29 -34.31
C SER I 315 -15.01 -31.07 -35.02
N PHE I 316 -14.37 -31.99 -34.29
CA PHE I 316 -13.28 -32.77 -34.86
C PHE I 316 -13.77 -33.78 -35.90
N SER I 317 -15.05 -34.12 -35.89
CA SER I 317 -15.59 -35.13 -36.78
C SER I 317 -16.14 -34.57 -38.08
N GLN I 318 -16.10 -33.25 -38.27
CA GLN I 318 -16.65 -32.62 -39.47
C GLN I 318 -15.67 -31.57 -40.00
N GLY I 319 -15.75 -31.32 -41.30
CA GLY I 319 -14.95 -30.30 -41.92
C GLY I 319 -13.74 -30.83 -42.66
N PRO I 320 -13.03 -29.95 -43.36
CA PRO I 320 -11.82 -30.38 -44.07
C PRO I 320 -10.71 -30.91 -43.16
N LEU I 321 -10.72 -30.54 -41.88
CA LEU I 321 -9.72 -30.97 -40.92
C LEU I 321 -10.18 -32.18 -40.12
N LYS I 322 -10.98 -33.06 -40.73
CA LYS I 322 -11.50 -34.22 -40.01
C LYS I 322 -10.39 -35.14 -39.53
N ASP I 323 -9.41 -35.40 -40.39
CA ASP I 323 -8.29 -36.30 -40.07
C ASP I 323 -6.99 -35.62 -40.50
N ALA I 324 -6.42 -34.82 -39.61
CA ALA I 324 -5.16 -34.14 -39.88
C ALA I 324 -4.25 -34.23 -38.66
N PRO I 325 -3.04 -34.76 -38.81
CA PRO I 325 -2.16 -34.92 -37.65
C PRO I 325 -1.61 -33.59 -37.16
N ASN I 326 -1.20 -33.59 -35.89
CA ASN I 326 -0.54 -32.45 -35.25
C ASN I 326 -1.40 -31.19 -35.29
N LEU I 327 -2.54 -31.27 -34.61
CA LEU I 327 -3.51 -30.18 -34.59
C LEU I 327 -3.96 -29.91 -33.17
N ILE I 328 -4.02 -28.63 -32.80
CA ILE I 328 -4.52 -28.19 -31.51
C ILE I 328 -5.60 -27.14 -31.76
N CYS I 329 -6.76 -27.32 -31.12
CA CYS I 329 -7.90 -26.43 -31.33
C CYS I 329 -8.54 -26.07 -30.00
N THR I 330 -9.04 -24.85 -29.91
CA THR I 330 -9.74 -24.32 -28.76
C THR I 330 -11.04 -23.67 -29.20
N PRO I 331 -12.08 -23.65 -28.35
CA PRO I 331 -13.41 -23.18 -28.76
C PRO I 331 -13.61 -21.66 -28.67
N HIS I 332 -12.68 -20.92 -29.29
CA HIS I 332 -12.79 -19.46 -29.41
C HIS I 332 -12.96 -18.80 -28.04
N ALA I 333 -12.00 -19.06 -27.16
CA ALA I 333 -12.04 -18.57 -25.79
C ALA I 333 -10.70 -18.00 -25.36
N ALA I 334 -10.04 -17.27 -26.27
CA ALA I 334 -8.76 -16.65 -25.98
C ALA I 334 -8.89 -15.29 -25.32
N TRP I 335 -10.12 -14.85 -25.03
CA TRP I 335 -10.37 -13.55 -24.44
C TRP I 335 -10.95 -13.60 -23.05
N TYR I 336 -11.46 -14.75 -22.61
CA TYR I 336 -12.24 -14.81 -21.39
C TYR I 336 -11.36 -14.66 -20.15
N SER I 337 -11.86 -13.91 -19.18
CA SER I 337 -11.26 -13.79 -17.86
C SER I 337 -12.34 -13.28 -16.92
N GLU I 338 -12.15 -13.56 -15.62
CA GLU I 338 -13.13 -13.11 -14.63
C GLU I 338 -13.20 -11.59 -14.58
N GLN I 339 -12.05 -10.92 -14.60
CA GLN I 339 -12.03 -9.46 -14.56
C GLN I 339 -12.37 -8.85 -15.92
N ALA I 340 -11.92 -9.48 -17.01
CA ALA I 340 -12.14 -8.92 -18.34
C ALA I 340 -13.62 -8.95 -18.73
N SER I 341 -14.33 -10.01 -18.34
CA SER I 341 -15.73 -10.13 -18.71
C SER I 341 -16.57 -9.01 -18.08
N ILE I 342 -16.33 -8.70 -16.82
CA ILE I 342 -17.10 -7.66 -16.15
C ILE I 342 -16.77 -6.29 -16.72
N GLU I 343 -15.49 -6.05 -17.03
CA GLU I 343 -15.07 -4.74 -17.48
C GLU I 343 -15.70 -4.37 -18.83
N MET I 344 -15.76 -5.32 -19.76
CA MET I 344 -16.27 -4.99 -21.09
C MET I 344 -17.79 -4.83 -21.10
N ARG I 345 -18.49 -5.52 -20.20
CA ARG I 345 -19.94 -5.41 -20.17
C ARG I 345 -20.39 -4.08 -19.56
N GLU I 346 -19.67 -3.60 -18.54
CA GLU I 346 -20.02 -2.32 -17.94
C GLU I 346 -19.75 -1.15 -18.89
N GLU I 347 -18.63 -1.22 -19.62
CA GLU I 347 -18.28 -0.13 -20.53
C GLU I 347 -19.30 0.00 -21.65
N ALA I 348 -19.76 -1.13 -22.20
CA ALA I 348 -20.75 -1.08 -23.28
C ALA I 348 -22.06 -0.48 -22.81
N ALA I 349 -22.49 -0.81 -21.58
CA ALA I 349 -23.74 -0.28 -21.06
C ALA I 349 -23.68 1.23 -20.90
N ARG I 350 -22.55 1.75 -20.42
CA ARG I 350 -22.43 3.20 -20.22
C ARG I 350 -22.33 3.95 -21.54
N GLU I 351 -21.90 3.30 -22.62
CA GLU I 351 -21.89 3.95 -23.92
C GLU I 351 -23.31 4.21 -24.42
N ILE I 352 -24.23 3.29 -24.15
CA ILE I 352 -25.62 3.48 -24.55
C ILE I 352 -26.23 4.66 -23.79
N ARG I 353 -25.95 4.77 -22.50
CA ARG I 353 -26.57 5.81 -21.68
C ARG I 353 -26.15 7.21 -22.13
N ARG I 354 -24.88 7.36 -22.52
CA ARG I 354 -24.41 8.66 -22.99
C ARG I 354 -25.12 9.07 -24.28
N ALA I 355 -25.35 8.11 -25.18
CA ALA I 355 -26.01 8.42 -26.45
C ALA I 355 -27.45 8.86 -26.22
N ILE I 356 -28.17 8.21 -25.31
CA ILE I 356 -29.56 8.56 -25.06
C ILE I 356 -29.65 9.95 -24.44
N THR I 357 -28.80 10.25 -23.46
CA THR I 357 -28.83 11.51 -22.73
C THR I 357 -27.79 12.50 -23.24
N GLY I 358 -27.49 12.47 -24.52
CA GLY I 358 -26.53 13.38 -25.12
C GLY I 358 -26.83 13.59 -26.59
N ARG I 359 -25.78 13.79 -27.38
CA ARG I 359 -25.91 14.00 -28.81
C ARG I 359 -24.94 13.10 -29.56
N ILE I 360 -25.34 12.67 -30.74
CA ILE I 360 -24.58 11.74 -31.56
C ILE I 360 -23.98 12.51 -32.73
N PRO I 361 -22.69 12.33 -33.05
CA PRO I 361 -21.73 11.48 -32.33
C PRO I 361 -20.76 12.27 -31.44
N ASP I 362 -21.21 13.43 -30.95
CA ASP I 362 -20.32 14.27 -30.16
C ASP I 362 -20.00 13.64 -28.80
N SER I 363 -20.97 12.96 -28.20
CA SER I 363 -20.79 12.38 -26.88
C SER I 363 -20.17 10.99 -26.90
N LEU I 364 -19.97 10.40 -28.07
CA LEU I 364 -19.42 9.06 -28.16
C LEU I 364 -17.89 9.11 -28.12
N LYS I 365 -17.30 8.13 -27.43
CA LYS I 365 -15.85 8.06 -27.29
C LYS I 365 -15.20 7.17 -28.33
N ASN I 366 -15.79 6.01 -28.64
CA ASN I 366 -15.24 5.06 -29.59
C ASN I 366 -16.25 4.85 -30.72
N CYS I 367 -16.15 5.68 -31.75
CA CYS I 367 -16.99 5.57 -32.94
C CYS I 367 -16.12 5.19 -34.13
N VAL I 368 -16.57 4.21 -34.91
CA VAL I 368 -15.76 3.65 -35.99
C VAL I 368 -16.28 4.03 -37.37
N ASN I 369 -17.47 4.60 -37.48
CA ASN I 369 -18.04 5.00 -38.76
C ASN I 369 -18.34 6.49 -38.78
N LYS I 370 -17.50 7.29 -38.12
CA LYS I 370 -17.73 8.72 -38.05
C LYS I 370 -17.61 9.38 -39.43
N ASP I 371 -16.65 8.92 -40.24
CA ASP I 371 -16.49 9.49 -41.57
C ASP I 371 -17.69 9.20 -42.45
N HIS I 372 -18.21 7.96 -42.40
CA HIS I 372 -19.33 7.59 -43.23
C HIS I 372 -20.66 8.12 -42.72
N LEU I 373 -20.72 8.54 -41.45
CA LEU I 373 -21.97 9.01 -40.88
C LEU I 373 -22.37 10.34 -41.50
N THR I 374 -23.66 10.48 -41.79
CA THR I 374 -24.19 11.69 -42.41
C THR I 374 -25.18 12.39 -41.49
N ARG J 44 42.40 -54.14 -23.35
CA ARG J 44 41.59 -52.93 -23.25
C ARG J 44 40.50 -53.10 -22.19
N PRO J 45 40.36 -52.10 -21.33
CA PRO J 45 39.38 -52.18 -20.24
C PRO J 45 37.96 -52.25 -20.76
N LEU J 46 37.03 -52.52 -19.85
CA LEU J 46 35.62 -52.69 -20.18
C LEU J 46 34.80 -51.58 -19.54
N VAL J 47 33.91 -50.97 -20.33
CA VAL J 47 32.99 -49.95 -19.86
C VAL J 47 31.58 -50.42 -20.17
N ALA J 48 30.70 -50.36 -19.17
CA ALA J 48 29.36 -50.92 -19.27
C ALA J 48 28.31 -49.83 -19.06
N LEU J 49 27.26 -49.89 -19.87
CA LEU J 49 26.08 -49.04 -19.71
C LEU J 49 25.03 -49.84 -18.95
N LEU J 50 24.74 -49.42 -17.72
CA LEU J 50 23.93 -50.23 -16.82
C LEU J 50 22.49 -50.35 -17.32
N ASP J 51 21.87 -49.23 -17.68
CA ASP J 51 20.46 -49.22 -18.10
C ASP J 51 20.37 -48.52 -19.45
N GLY J 52 20.48 -49.28 -20.52
CA GLY J 52 20.39 -48.74 -21.85
C GLY J 52 20.66 -49.81 -22.88
N ARG J 53 20.33 -49.48 -24.14
CA ARG J 53 20.54 -50.41 -25.23
C ARG J 53 21.22 -49.72 -26.41
N ASP J 54 21.04 -48.41 -26.52
CA ASP J 54 21.58 -47.64 -27.64
C ASP J 54 22.90 -47.01 -27.23
N CYS J 55 23.94 -47.24 -28.03
CA CYS J 55 25.29 -46.72 -27.76
C CYS J 55 25.91 -46.19 -29.05
N THR J 56 25.10 -45.57 -29.90
CA THR J 56 25.60 -45.09 -31.19
C THR J 56 26.45 -43.83 -31.06
N VAL J 57 26.33 -43.10 -29.96
CA VAL J 57 27.09 -41.87 -29.78
C VAL J 57 28.38 -42.11 -29.01
N GLU J 58 28.32 -42.92 -27.96
CA GLU J 58 29.51 -43.18 -27.14
C GLU J 58 30.51 -44.09 -27.84
N MET J 59 30.05 -44.95 -28.75
CA MET J 59 30.94 -45.92 -29.38
C MET J 59 32.08 -45.28 -30.17
N PRO J 60 31.84 -44.30 -31.05
CA PRO J 60 32.98 -43.74 -31.81
C PRO J 60 34.02 -43.04 -30.94
N ILE J 61 33.66 -42.61 -29.73
CA ILE J 61 34.64 -41.95 -28.87
C ILE J 61 35.46 -42.99 -28.11
N LEU J 62 34.80 -43.91 -27.42
CA LEU J 62 35.48 -44.93 -26.61
C LEU J 62 35.68 -46.22 -27.38
N LYS J 63 36.29 -46.15 -28.57
CA LYS J 63 36.56 -47.35 -29.35
C LYS J 63 38.03 -47.74 -29.41
N ASP J 64 38.93 -46.77 -29.27
CA ASP J 64 40.37 -47.05 -29.32
C ASP J 64 41.01 -46.98 -27.93
N VAL J 65 40.22 -46.88 -26.87
CA VAL J 65 40.76 -46.82 -25.52
C VAL J 65 40.09 -47.80 -24.57
N ALA J 66 38.92 -48.37 -24.91
CA ALA J 66 38.21 -49.25 -24.00
C ALA J 66 37.26 -50.11 -24.82
N THR J 67 36.54 -51.00 -24.13
CA THR J 67 35.55 -51.87 -24.73
C THR J 67 34.18 -51.54 -24.15
N VAL J 68 33.21 -51.28 -25.04
CA VAL J 68 31.89 -50.81 -24.65
C VAL J 68 30.93 -51.99 -24.61
N ALA J 69 30.03 -51.98 -23.63
CA ALA J 69 29.01 -53.01 -23.48
C ALA J 69 27.80 -52.41 -22.79
N PHE J 70 26.65 -53.05 -22.95
CA PHE J 70 25.42 -52.61 -22.32
C PHE J 70 24.72 -53.79 -21.66
N CYS J 71 23.91 -53.49 -20.65
CA CYS J 71 23.21 -54.51 -19.88
C CYS J 71 21.69 -54.40 -19.95
N ASP J 72 21.14 -53.20 -20.17
CA ASP J 72 19.70 -52.99 -20.25
C ASP J 72 18.99 -53.54 -19.01
N ALA J 73 19.57 -53.26 -17.84
CA ALA J 73 19.05 -53.77 -16.59
C ALA J 73 18.02 -52.82 -15.99
N GLN J 74 17.07 -53.39 -15.25
CA GLN J 74 16.05 -52.62 -14.54
C GLN J 74 16.21 -52.69 -13.03
N SER J 75 17.12 -53.50 -12.52
CA SER J 75 17.36 -53.63 -11.10
C SER J 75 18.79 -54.11 -10.89
N THR J 76 19.27 -53.98 -9.66
CA THR J 76 20.63 -54.39 -9.33
C THR J 76 20.83 -55.89 -9.42
N GLN J 77 19.75 -56.67 -9.47
CA GLN J 77 19.84 -58.12 -9.56
C GLN J 77 19.91 -58.62 -11.00
N GLU J 78 19.86 -57.73 -11.99
CA GLU J 78 19.89 -58.11 -13.39
C GLU J 78 21.22 -57.76 -14.06
N ILE J 79 22.28 -57.55 -13.27
CA ILE J 79 23.60 -57.21 -13.79
C ILE J 79 24.39 -58.49 -14.00
N HIS J 80 25.00 -58.63 -15.18
CA HIS J 80 25.73 -59.83 -15.52
C HIS J 80 26.94 -59.99 -14.61
N GLU J 81 27.32 -61.25 -14.39
CA GLU J 81 28.43 -61.56 -13.50
C GLU J 81 29.76 -61.01 -14.03
N LYS J 82 29.93 -60.99 -15.35
CA LYS J 82 31.17 -60.48 -15.94
C LYS J 82 31.35 -59.00 -15.62
N VAL J 83 30.26 -58.24 -15.61
CA VAL J 83 30.35 -56.81 -15.30
C VAL J 83 30.82 -56.61 -13.86
N LEU J 84 30.30 -57.39 -12.93
CA LEU J 84 30.64 -57.22 -11.52
C LEU J 84 32.10 -57.52 -11.22
N ASN J 85 32.83 -58.15 -12.14
CA ASN J 85 34.21 -58.53 -11.90
C ASN J 85 35.22 -57.79 -12.76
N GLU J 86 34.83 -57.33 -13.95
CA GLU J 86 35.76 -56.77 -14.92
C GLU J 86 35.23 -55.46 -15.50
N ALA J 87 34.76 -54.56 -14.64
CA ALA J 87 34.27 -53.25 -15.06
C ALA J 87 35.10 -52.17 -14.41
N VAL J 88 35.55 -51.21 -15.22
CA VAL J 88 36.32 -50.07 -14.71
C VAL J 88 35.44 -48.84 -14.54
N GLY J 89 34.56 -48.56 -15.52
CA GLY J 89 33.65 -47.44 -15.43
C GLY J 89 32.24 -47.87 -15.81
N ALA J 90 31.29 -47.00 -15.47
CA ALA J 90 29.88 -47.29 -15.74
C ALA J 90 29.14 -46.00 -16.06
N LEU J 91 28.07 -46.14 -16.83
CA LEU J 91 27.17 -45.05 -17.17
C LEU J 91 25.75 -45.45 -16.80
N MET J 92 25.00 -44.52 -16.20
CA MET J 92 23.67 -44.86 -15.73
C MET J 92 22.75 -43.65 -15.82
N TYR J 93 21.48 -43.92 -16.07
CA TYR J 93 20.43 -42.92 -16.06
C TYR J 93 19.77 -42.87 -14.68
N HIS J 94 18.60 -42.25 -14.58
CA HIS J 94 17.89 -42.09 -13.33
C HIS J 94 16.97 -43.25 -13.00
N THR J 95 16.93 -44.30 -13.82
CA THR J 95 15.97 -45.38 -13.65
C THR J 95 16.46 -46.50 -12.73
N ILE J 96 17.69 -46.42 -12.23
CA ILE J 96 18.26 -47.46 -11.38
C ILE J 96 18.89 -46.82 -10.16
N THR J 97 18.73 -47.45 -9.01
CA THR J 97 19.24 -46.95 -7.74
C THR J 97 20.31 -47.90 -7.19
N LEU J 98 21.41 -47.32 -6.72
CA LEU J 98 22.52 -48.08 -6.16
C LEU J 98 22.69 -47.72 -4.69
N THR J 99 22.80 -48.75 -3.85
CA THR J 99 23.01 -48.58 -2.41
C THR J 99 24.41 -49.07 -2.06
N ARG J 100 24.73 -49.02 -0.75
CA ARG J 100 26.05 -49.43 -0.30
C ARG J 100 26.28 -50.92 -0.54
N GLU J 101 25.25 -51.75 -0.31
CA GLU J 101 25.39 -53.18 -0.54
C GLU J 101 25.65 -53.47 -2.02
N ASP J 102 24.99 -52.74 -2.91
CA ASP J 102 25.22 -52.93 -4.33
C ASP J 102 26.64 -52.54 -4.74
N LEU J 103 27.16 -51.46 -4.14
CA LEU J 103 28.50 -50.99 -4.50
C LEU J 103 29.58 -52.00 -4.07
N GLU J 104 29.37 -52.67 -2.94
CA GLU J 104 30.37 -53.61 -2.45
C GLU J 104 30.52 -54.84 -3.35
N LYS J 105 29.54 -55.10 -4.21
CA LYS J 105 29.61 -56.25 -5.11
C LYS J 105 30.58 -56.02 -6.27
N PHE J 106 30.91 -54.78 -6.59
CA PHE J 106 31.88 -54.49 -7.63
C PHE J 106 33.30 -54.69 -7.11
N LYS J 107 34.16 -55.26 -7.96
CA LYS J 107 35.51 -55.58 -7.57
C LYS J 107 36.58 -54.75 -8.28
N ALA J 108 36.22 -54.06 -9.37
CA ALA J 108 37.21 -53.26 -10.09
C ALA J 108 36.67 -51.90 -10.50
N LEU J 109 35.50 -51.49 -10.03
CA LEU J 109 34.93 -50.21 -10.41
C LEU J 109 35.77 -49.06 -9.83
N ARG J 110 35.95 -48.01 -10.63
CA ARG J 110 36.79 -46.89 -10.21
C ARG J 110 36.09 -45.55 -10.40
N ILE J 111 35.15 -45.47 -11.33
CA ILE J 111 34.49 -44.19 -11.62
C ILE J 111 33.07 -44.48 -12.09
N ILE J 112 32.14 -43.61 -11.67
CA ILE J 112 30.75 -43.66 -12.11
C ILE J 112 30.39 -42.29 -12.67
N VAL J 113 29.82 -42.26 -13.87
CA VAL J 113 29.42 -41.03 -14.52
C VAL J 113 27.91 -41.05 -14.71
N ARG J 114 27.24 -40.02 -14.20
CA ARG J 114 25.78 -39.91 -14.27
C ARG J 114 25.41 -38.97 -15.41
N ILE J 115 24.63 -39.47 -16.36
CA ILE J 115 24.20 -38.66 -17.51
C ILE J 115 23.01 -37.81 -17.09
N GLY J 116 23.29 -36.61 -16.61
CA GLY J 116 22.26 -35.73 -16.11
C GLY J 116 22.82 -34.84 -15.02
N SER J 117 21.90 -34.17 -14.31
CA SER J 117 22.29 -33.23 -13.27
C SER J 117 22.00 -33.72 -11.85
N GLY J 118 21.13 -34.70 -11.69
CA GLY J 118 20.77 -35.22 -10.38
C GLY J 118 21.52 -36.49 -10.06
N PHE J 119 21.95 -36.60 -8.80
CA PHE J 119 22.69 -37.78 -8.34
C PHE J 119 22.17 -38.28 -6.99
N ASP J 120 20.88 -38.07 -6.72
CA ASP J 120 20.29 -38.49 -5.45
C ASP J 120 20.04 -39.99 -5.38
N ASN J 121 20.19 -40.71 -6.49
CA ASN J 121 19.99 -42.16 -6.52
C ASN J 121 21.27 -42.94 -6.29
N ILE J 122 22.37 -42.26 -5.97
CA ILE J 122 23.65 -42.89 -5.70
C ILE J 122 24.10 -42.47 -4.31
N ASP J 123 24.54 -43.43 -3.50
CA ASP J 123 25.06 -43.14 -2.17
C ASP J 123 26.44 -42.51 -2.31
N ILE J 124 26.51 -41.19 -2.21
CA ILE J 124 27.75 -40.47 -2.48
C ILE J 124 28.79 -40.77 -1.41
N LYS J 125 28.38 -40.70 -0.14
CA LYS J 125 29.34 -40.87 0.95
C LYS J 125 29.93 -42.28 0.98
N SER J 126 29.10 -43.30 0.75
CA SER J 126 29.59 -44.68 0.78
C SER J 126 30.58 -44.94 -0.34
N ALA J 127 30.32 -44.40 -1.53
CA ALA J 127 31.23 -44.61 -2.66
C ALA J 127 32.59 -43.98 -2.41
N GLY J 128 32.64 -42.88 -1.65
CA GLY J 128 33.92 -42.26 -1.35
C GLY J 128 34.82 -43.14 -0.50
N ASP J 129 34.25 -43.82 0.49
CA ASP J 129 35.04 -44.70 1.35
C ASP J 129 35.64 -45.85 0.55
N LEU J 130 34.87 -46.44 -0.37
CA LEU J 130 35.36 -47.54 -1.17
C LEU J 130 36.36 -47.11 -2.22
N GLY J 131 36.48 -45.81 -2.49
CA GLY J 131 37.43 -45.33 -3.47
C GLY J 131 36.87 -45.24 -4.88
N ILE J 132 35.64 -44.74 -5.01
CA ILE J 132 34.96 -44.61 -6.29
C ILE J 132 34.58 -43.15 -6.47
N ALA J 133 34.86 -42.60 -7.65
CA ALA J 133 34.56 -41.22 -7.97
C ALA J 133 33.25 -41.14 -8.74
N VAL J 134 32.47 -40.09 -8.46
CA VAL J 134 31.16 -39.89 -9.07
C VAL J 134 31.18 -38.55 -9.80
N CYS J 135 30.71 -38.55 -11.05
CA CYS J 135 30.69 -37.37 -11.90
C CYS J 135 29.30 -37.20 -12.49
N ASN J 136 29.03 -36.01 -13.03
CA ASN J 136 27.75 -35.73 -13.66
C ASN J 136 27.94 -34.62 -14.68
N VAL J 137 26.86 -34.34 -15.41
CA VAL J 137 26.82 -33.24 -16.38
C VAL J 137 26.02 -32.11 -15.76
N PRO J 138 26.63 -31.02 -15.32
CA PRO J 138 25.92 -30.02 -14.51
C PRO J 138 24.83 -29.26 -15.25
N ALA J 139 25.14 -28.73 -16.43
CA ALA J 139 24.22 -27.83 -17.13
C ALA J 139 24.24 -28.17 -18.62
N ALA J 140 23.24 -28.91 -19.07
CA ALA J 140 23.06 -29.17 -20.49
C ALA J 140 21.62 -28.94 -20.91
N SER J 141 20.70 -28.92 -19.94
CA SER J 141 19.28 -28.72 -20.20
C SER J 141 18.70 -27.69 -19.24
N VAL J 142 19.44 -26.62 -18.98
CA VAL J 142 18.94 -25.56 -18.10
C VAL J 142 17.77 -24.84 -18.76
N GLU J 143 17.93 -24.47 -20.03
CA GLU J 143 16.90 -23.68 -20.70
C GLU J 143 15.70 -24.53 -21.10
N GLU J 144 15.92 -25.81 -21.42
CA GLU J 144 14.80 -26.68 -21.75
C GLU J 144 13.87 -26.86 -20.56
N THR J 145 14.42 -27.04 -19.36
CA THR J 145 13.59 -27.23 -18.18
C THR J 145 12.87 -25.94 -17.79
N ALA J 146 13.54 -24.79 -17.98
CA ALA J 146 12.91 -23.52 -17.65
C ALA J 146 11.72 -23.24 -18.56
N ASP J 147 11.83 -23.55 -19.85
CA ASP J 147 10.72 -23.34 -20.76
C ASP J 147 9.54 -24.25 -20.43
N SER J 148 9.82 -25.50 -20.05
CA SER J 148 8.75 -26.42 -19.69
C SER J 148 8.02 -25.98 -18.43
N THR J 149 8.74 -25.38 -17.48
CA THR J 149 8.09 -24.87 -16.27
C THR J 149 7.12 -23.74 -16.59
N LEU J 150 7.51 -22.84 -17.50
CA LEU J 150 6.63 -21.74 -17.88
C LEU J 150 5.40 -22.24 -18.64
N CYS J 151 5.56 -23.31 -19.42
CA CYS J 151 4.42 -23.87 -20.15
C CYS J 151 3.36 -24.39 -19.19
N HIS J 152 3.77 -25.05 -18.10
CA HIS J 152 2.81 -25.58 -17.14
C HIS J 152 2.10 -24.44 -16.39
N ILE J 153 2.82 -23.36 -16.09
CA ILE J 153 2.21 -22.25 -15.37
C ILE J 153 1.11 -21.61 -16.20
N LEU J 154 1.35 -21.41 -17.50
CA LEU J 154 0.37 -20.79 -18.37
C LEU J 154 -0.86 -21.67 -18.57
N ASN J 155 -0.68 -22.98 -18.58
CA ASN J 155 -1.81 -23.88 -18.75
C ASN J 155 -2.78 -23.80 -17.57
N LEU J 156 -2.28 -23.52 -16.37
CA LEU J 156 -3.16 -23.44 -15.21
C LEU J 156 -3.98 -22.15 -15.23
N TYR J 157 -3.36 -21.03 -15.61
CA TYR J 157 -4.08 -19.76 -15.65
C TYR J 157 -4.96 -19.68 -16.89
N ARG J 158 -4.37 -19.74 -18.08
CA ARG J 158 -5.12 -19.75 -19.33
C ARG J 158 -5.35 -21.21 -19.70
N ARG J 159 -6.49 -21.75 -19.27
CA ARG J 159 -6.79 -23.17 -19.46
C ARG J 159 -6.78 -23.54 -20.94
N ALA J 160 -5.79 -24.31 -21.37
CA ALA J 160 -5.65 -24.70 -22.76
C ALA J 160 -5.65 -26.20 -22.98
N THR J 161 -4.98 -26.95 -22.11
CA THR J 161 -5.01 -28.40 -22.22
C THR J 161 -6.41 -28.94 -21.93
N TRP J 162 -7.08 -28.38 -20.93
CA TRP J 162 -8.41 -28.86 -20.57
C TRP J 162 -9.44 -28.51 -21.64
N LEU J 163 -9.31 -27.34 -22.27
CA LEU J 163 -10.23 -26.98 -23.34
C LEU J 163 -10.05 -27.86 -24.56
N HIS J 164 -8.81 -28.18 -24.91
CA HIS J 164 -8.55 -29.09 -26.03
C HIS J 164 -9.06 -30.49 -25.73
N GLN J 165 -8.92 -30.94 -24.49
CA GLN J 165 -9.39 -32.27 -24.11
C GLN J 165 -10.92 -32.36 -24.21
N ALA J 166 -11.61 -31.28 -23.85
CA ALA J 166 -13.06 -31.30 -23.88
C ALA J 166 -13.61 -31.46 -25.30
N LEU J 167 -12.97 -30.82 -26.27
CA LEU J 167 -13.44 -30.89 -27.65
C LEU J 167 -13.34 -32.31 -28.19
N ARG J 168 -12.27 -33.04 -27.85
CA ARG J 168 -12.11 -34.40 -28.34
C ARG J 168 -13.15 -35.33 -27.74
N GLU J 169 -13.66 -35.03 -26.55
CA GLU J 169 -14.70 -35.85 -25.95
C GLU J 169 -16.07 -35.65 -26.59
N GLY J 170 -16.22 -34.66 -27.46
CA GLY J 170 -17.46 -34.42 -28.14
C GLY J 170 -18.27 -33.24 -27.64
N THR J 171 -17.73 -32.44 -26.72
CA THR J 171 -18.45 -31.29 -26.21
C THR J 171 -18.63 -30.25 -27.30
N ARG J 172 -19.84 -29.68 -27.37
CA ARG J 172 -20.17 -28.66 -28.37
C ARG J 172 -20.59 -27.38 -27.65
N VAL J 173 -19.95 -26.27 -28.02
CA VAL J 173 -20.25 -24.97 -27.44
C VAL J 173 -20.54 -23.99 -28.57
N GLN J 174 -21.69 -23.33 -28.51
CA GLN J 174 -22.11 -22.40 -29.55
C GLN J 174 -22.34 -20.99 -29.03
N SER J 175 -23.10 -20.83 -27.95
CA SER J 175 -23.43 -19.52 -27.44
C SER J 175 -22.31 -18.99 -26.54
N VAL J 176 -22.39 -17.69 -26.24
CA VAL J 176 -21.40 -17.07 -25.38
C VAL J 176 -21.53 -17.58 -23.95
N GLU J 177 -22.76 -17.83 -23.50
CA GLU J 177 -22.97 -18.34 -22.14
C GLU J 177 -22.30 -19.69 -21.96
N GLN J 178 -22.32 -20.53 -22.99
CA GLN J 178 -21.63 -21.82 -22.92
C GLN J 178 -20.12 -21.63 -22.84
N ILE J 179 -19.58 -20.62 -23.52
CA ILE J 179 -18.15 -20.37 -23.48
C ILE J 179 -17.71 -19.98 -22.08
N ARG J 180 -18.48 -19.12 -21.41
CA ARG J 180 -18.13 -18.70 -20.06
C ARG J 180 -18.17 -19.85 -19.06
N GLU J 181 -18.91 -20.93 -19.36
CA GLU J 181 -19.04 -22.03 -18.43
C GLU J 181 -17.95 -23.09 -18.60
N VAL J 182 -17.63 -23.45 -19.84
CA VAL J 182 -16.60 -24.46 -20.08
C VAL J 182 -15.24 -23.94 -19.65
N ALA J 183 -14.96 -22.66 -19.88
CA ALA J 183 -13.69 -22.05 -19.54
C ALA J 183 -13.75 -21.27 -18.23
N SER J 184 -14.60 -21.69 -17.30
CA SER J 184 -14.73 -20.98 -16.03
C SER J 184 -13.53 -21.28 -15.14
N GLY J 185 -12.92 -20.24 -14.60
CA GLY J 185 -11.77 -20.36 -13.73
C GLY J 185 -10.53 -19.62 -14.21
N ALA J 186 -10.50 -19.13 -15.43
CA ALA J 186 -9.35 -18.39 -15.93
C ALA J 186 -9.18 -17.08 -15.16
N ALA J 187 -7.93 -16.68 -14.98
CA ALA J 187 -7.60 -15.50 -14.17
C ALA J 187 -6.65 -14.60 -14.94
N ARG J 188 -6.38 -13.44 -14.35
CA ARG J 188 -5.48 -12.44 -14.93
C ARG J 188 -4.11 -12.55 -14.27
N ILE J 189 -3.07 -12.69 -15.09
CA ILE J 189 -1.74 -12.97 -14.57
C ILE J 189 -1.15 -11.76 -13.86
N ARG J 190 -1.32 -10.56 -14.43
CA ARG J 190 -0.67 -9.39 -13.87
C ARG J 190 -1.20 -9.09 -12.47
N GLY J 191 -0.27 -8.83 -11.54
CA GLY J 191 -0.60 -8.55 -10.16
C GLY J 191 -0.47 -9.73 -9.22
N GLU J 192 -0.25 -10.93 -9.74
CA GLU J 192 -0.14 -12.12 -8.90
C GLU J 192 1.27 -12.23 -8.32
N THR J 193 1.42 -13.13 -7.35
CA THR J 193 2.68 -13.37 -6.67
C THR J 193 3.15 -14.78 -6.95
N LEU J 194 4.42 -14.93 -7.31
CA LEU J 194 5.02 -16.22 -7.62
C LEU J 194 6.08 -16.54 -6.59
N GLY J 195 6.00 -17.74 -6.00
CA GLY J 195 6.95 -18.19 -5.00
C GLY J 195 7.82 -19.31 -5.54
N ILE J 196 9.12 -19.19 -5.31
CA ILE J 196 10.12 -20.12 -5.82
C ILE J 196 10.90 -20.67 -4.63
N ILE J 197 11.07 -21.99 -4.60
CA ILE J 197 11.82 -22.66 -3.54
C ILE J 197 13.10 -23.20 -4.16
N GLY J 198 14.22 -22.54 -3.88
CA GLY J 198 15.50 -22.94 -4.42
C GLY J 198 15.89 -22.12 -5.64
N LEU J 199 16.85 -21.21 -5.48
CA LEU J 199 17.29 -20.34 -6.56
C LEU J 199 18.63 -20.85 -7.09
N GLY J 200 18.57 -21.84 -7.96
CA GLY J 200 19.72 -22.42 -8.59
C GLY J 200 19.86 -21.98 -10.04
N ARG J 201 20.41 -22.87 -10.87
CA ARG J 201 20.51 -22.58 -12.30
C ARG J 201 19.13 -22.45 -12.94
N VAL J 202 18.26 -23.43 -12.68
CA VAL J 202 16.91 -23.40 -13.24
C VAL J 202 16.08 -22.31 -12.56
N GLY J 203 16.25 -22.14 -11.24
CA GLY J 203 15.45 -21.15 -10.53
C GLY J 203 15.67 -19.74 -11.02
N GLN J 204 16.93 -19.39 -11.33
CA GLN J 204 17.22 -18.05 -11.84
C GLN J 204 16.64 -17.85 -13.23
N ALA J 205 16.66 -18.88 -14.07
CA ALA J 205 16.12 -18.76 -15.42
C ALA J 205 14.62 -18.52 -15.40
N VAL J 206 13.91 -19.19 -14.49
CA VAL J 206 12.46 -19.02 -14.40
C VAL J 206 12.11 -17.61 -13.92
N ALA J 207 12.89 -17.07 -12.99
CA ALA J 207 12.58 -15.76 -12.42
C ALA J 207 12.65 -14.67 -13.48
N LEU J 208 13.65 -14.72 -14.37
CA LEU J 208 13.78 -13.69 -15.39
C LEU J 208 12.62 -13.72 -16.37
N ARG J 209 12.17 -14.91 -16.77
CA ARG J 209 11.08 -15.00 -17.73
C ARG J 209 9.74 -14.63 -17.11
N ALA J 210 9.57 -14.86 -15.80
CA ALA J 210 8.30 -14.58 -15.15
C ALA J 210 8.04 -13.09 -14.98
N LYS J 211 9.08 -12.26 -14.97
CA LYS J 211 8.88 -10.83 -14.78
C LYS J 211 8.31 -10.14 -16.03
N ALA J 212 8.48 -10.75 -17.20
CA ALA J 212 7.94 -10.15 -18.42
C ALA J 212 6.42 -10.22 -18.48
N PHE J 213 5.80 -11.14 -17.73
CA PHE J 213 4.36 -11.30 -17.72
C PHE J 213 3.67 -10.49 -16.64
N GLY J 214 4.42 -9.81 -15.78
CA GLY J 214 3.85 -9.02 -14.71
C GLY J 214 3.80 -9.69 -13.36
N PHE J 215 4.47 -10.82 -13.17
CA PHE J 215 4.46 -11.50 -11.88
C PHE J 215 5.28 -10.71 -10.85
N ASN J 216 4.98 -11.00 -9.59
CA ASN J 216 5.78 -10.53 -8.46
C ASN J 216 6.47 -11.74 -7.85
N VAL J 217 7.80 -11.70 -7.78
CA VAL J 217 8.61 -12.89 -7.53
C VAL J 217 9.21 -12.82 -6.13
N LEU J 218 9.04 -13.89 -5.37
CA LEU J 218 9.72 -14.11 -4.10
C LEU J 218 10.47 -15.43 -4.18
N PHE J 219 11.47 -15.61 -3.31
CA PHE J 219 12.20 -16.86 -3.28
C PHE J 219 12.69 -17.14 -1.87
N TYR J 220 13.00 -18.41 -1.61
CA TYR J 220 13.48 -18.86 -0.32
C TYR J 220 14.64 -19.83 -0.55
N ASP J 221 15.80 -19.51 0.00
CA ASP J 221 16.98 -20.35 -0.13
C ASP J 221 17.90 -20.11 1.06
N PRO J 222 18.10 -21.10 1.93
CA PRO J 222 18.91 -20.90 3.14
C PRO J 222 20.40 -21.14 2.96
N TYR J 223 20.86 -21.58 1.79
CA TYR J 223 22.26 -21.91 1.57
C TYR J 223 22.98 -20.87 0.70
N LEU J 224 22.34 -19.75 0.40
CA LEU J 224 22.94 -18.71 -0.43
C LEU J 224 23.57 -17.62 0.43
N SER J 225 24.42 -16.82 -0.19
CA SER J 225 25.09 -15.73 0.48
C SER J 225 24.18 -14.51 0.50
N ASP J 226 24.72 -13.36 0.91
CA ASP J 226 23.95 -12.13 1.04
C ASP J 226 24.12 -11.26 -0.19
N GLY J 227 23.03 -10.65 -0.63
CA GLY J 227 23.06 -9.73 -1.76
C GLY J 227 22.82 -10.35 -3.11
N VAL J 228 22.48 -11.63 -3.18
CA VAL J 228 22.19 -12.25 -4.47
C VAL J 228 20.91 -11.65 -5.06
N GLU J 229 19.94 -11.34 -4.20
CA GLU J 229 18.69 -10.74 -4.68
C GLU J 229 18.88 -9.30 -5.14
N ARG J 230 19.90 -8.60 -4.63
CA ARG J 230 20.15 -7.22 -5.05
C ARG J 230 20.54 -7.17 -6.53
N ALA J 231 21.36 -8.12 -6.97
CA ALA J 231 21.80 -8.11 -8.37
C ALA J 231 20.63 -8.34 -9.33
N LEU J 232 19.73 -9.26 -9.01
CA LEU J 232 18.62 -9.61 -9.87
C LEU J 232 17.36 -8.78 -9.58
N GLY J 233 17.36 -7.98 -8.53
CA GLY J 233 16.20 -7.17 -8.20
C GLY J 233 14.99 -7.97 -7.76
N LEU J 234 15.18 -8.97 -6.92
CA LEU J 234 14.11 -9.81 -6.41
C LEU J 234 13.91 -9.53 -4.92
N GLN J 235 12.99 -10.28 -4.32
CA GLN J 235 12.68 -10.17 -2.89
C GLN J 235 12.89 -11.51 -2.22
N ARG J 236 13.46 -11.49 -1.02
CA ARG J 236 13.88 -12.70 -0.33
C ARG J 236 13.21 -12.79 1.03
N VAL J 237 12.76 -13.99 1.39
CA VAL J 237 12.20 -14.26 2.70
C VAL J 237 13.15 -15.20 3.45
N SER J 238 12.90 -15.37 4.75
CA SER J 238 13.80 -16.11 5.62
C SER J 238 13.25 -17.44 6.10
N THR J 239 11.93 -17.65 6.03
CA THR J 239 11.33 -18.89 6.50
C THR J 239 10.40 -19.45 5.44
N LEU J 240 10.24 -20.78 5.45
CA LEU J 240 9.35 -21.43 4.50
C LEU J 240 7.89 -21.06 4.76
N GLN J 241 7.51 -20.91 6.03
CA GLN J 241 6.13 -20.58 6.36
C GLN J 241 5.75 -19.22 5.81
N ASP J 242 6.66 -18.25 5.86
CA ASP J 242 6.36 -16.92 5.35
C ASP J 242 6.14 -16.94 3.84
N LEU J 243 6.87 -17.79 3.11
CA LEU J 243 6.69 -17.87 1.67
C LEU J 243 5.31 -18.41 1.31
N LEU J 244 4.83 -19.41 2.05
CA LEU J 244 3.53 -20.02 1.72
C LEU J 244 2.37 -19.10 2.03
N PHE J 245 2.55 -18.19 3.01
CA PHE J 245 1.45 -17.31 3.38
C PHE J 245 1.13 -16.27 2.32
N HIS J 246 2.14 -15.84 1.54
CA HIS J 246 2.00 -14.72 0.63
C HIS J 246 2.21 -15.12 -0.82
N SER J 247 1.88 -16.36 -1.18
CA SER J 247 2.11 -16.86 -2.52
C SER J 247 0.80 -17.35 -3.14
N ASP J 248 0.63 -17.08 -4.42
CA ASP J 248 -0.50 -17.58 -5.19
C ASP J 248 -0.13 -18.75 -6.11
N CYS J 249 1.16 -19.01 -6.30
CA CYS J 249 1.62 -20.13 -7.10
C CYS J 249 2.99 -20.54 -6.60
N VAL J 250 3.18 -21.82 -6.33
CA VAL J 250 4.39 -22.35 -5.73
C VAL J 250 5.06 -23.31 -6.71
N THR J 251 6.35 -23.11 -6.95
CA THR J 251 7.14 -23.98 -7.80
C THR J 251 8.36 -24.49 -7.02
N LEU J 252 8.70 -25.76 -7.23
CA LEU J 252 9.79 -26.40 -6.53
C LEU J 252 10.98 -26.56 -7.47
N HIS J 253 12.15 -26.06 -7.03
CA HIS J 253 13.36 -26.17 -7.83
C HIS J 253 14.58 -26.56 -6.98
N CYS J 254 14.37 -27.19 -5.83
CA CYS J 254 15.48 -27.53 -4.95
C CYS J 254 15.97 -28.95 -5.23
N GLY J 255 16.99 -29.36 -4.49
CA GLY J 255 17.53 -30.70 -4.59
C GLY J 255 17.00 -31.61 -3.50
N LEU J 256 17.13 -32.91 -3.73
CA LEU J 256 16.60 -33.92 -2.81
C LEU J 256 17.74 -34.44 -1.94
N ASN J 257 18.01 -33.73 -0.86
CA ASN J 257 18.95 -34.19 0.15
C ASN J 257 18.18 -34.93 1.25
N GLU J 258 18.84 -35.22 2.37
CA GLU J 258 18.23 -35.99 3.44
C GLU J 258 17.50 -35.13 4.45
N HIS J 259 17.49 -33.81 4.29
CA HIS J 259 16.82 -32.91 5.22
C HIS J 259 15.54 -32.31 4.67
N ASN J 260 15.10 -32.73 3.47
CA ASN J 260 13.90 -32.15 2.89
C ASN J 260 13.02 -33.22 2.24
N HIS J 261 13.05 -34.44 2.76
CA HIS J 261 12.15 -35.48 2.26
C HIS J 261 10.73 -35.18 2.70
N HIS J 262 9.79 -35.28 1.75
CA HIS J 262 8.39 -34.92 1.98
C HIS J 262 8.28 -33.49 2.53
N LEU J 263 8.85 -32.55 1.77
CA LEU J 263 8.81 -31.15 2.18
C LEU J 263 7.38 -30.62 2.23
N ILE J 264 6.57 -30.96 1.23
CA ILE J 264 5.15 -30.59 1.22
C ILE J 264 4.40 -31.76 1.84
N ASN J 265 4.31 -31.75 3.16
CA ASN J 265 3.63 -32.80 3.91
C ASN J 265 2.22 -32.36 4.27
N ASP J 266 1.55 -33.14 5.12
CA ASP J 266 0.17 -32.83 5.51
C ASP J 266 0.11 -31.53 6.31
N PHE J 267 1.05 -31.31 7.21
CA PHE J 267 1.00 -30.11 8.06
C PHE J 267 1.23 -28.84 7.25
N THR J 268 2.19 -28.87 6.32
CA THR J 268 2.53 -27.66 5.57
C THR J 268 1.50 -27.33 4.50
N VAL J 269 0.79 -28.33 3.99
CA VAL J 269 -0.17 -28.08 2.92
C VAL J 269 -1.37 -27.28 3.41
N LYS J 270 -1.59 -27.22 4.73
CA LYS J 270 -2.67 -26.44 5.29
C LYS J 270 -2.29 -24.98 5.55
N GLN J 271 -1.03 -24.63 5.32
CA GLN J 271 -0.59 -23.24 5.50
C GLN J 271 -0.65 -22.43 4.22
N MET J 272 -0.99 -23.04 3.10
CA MET J 272 -1.10 -22.33 1.84
C MET J 272 -2.41 -21.55 1.77
N ARG J 273 -2.49 -20.64 0.79
CA ARG J 273 -3.67 -19.81 0.63
C ARG J 273 -4.85 -20.64 0.12
N GLN J 274 -6.03 -20.01 0.13
CA GLN J 274 -7.25 -20.64 -0.35
C GLN J 274 -7.30 -20.51 -1.87
N GLY J 275 -7.13 -21.63 -2.57
CA GLY J 275 -7.19 -21.63 -4.01
C GLY J 275 -5.87 -21.26 -4.67
N ALA J 276 -4.82 -21.99 -4.35
CA ALA J 276 -3.49 -21.77 -4.92
C ALA J 276 -3.15 -22.90 -5.88
N PHE J 277 -2.08 -22.69 -6.64
CA PHE J 277 -1.57 -23.67 -7.58
C PHE J 277 -0.28 -24.29 -7.06
N LEU J 278 0.16 -25.35 -7.73
CA LEU J 278 1.38 -26.05 -7.35
C LEU J 278 1.99 -26.70 -8.58
N VAL J 279 3.27 -26.43 -8.82
CA VAL J 279 4.02 -27.00 -9.94
C VAL J 279 5.25 -27.68 -9.38
N ASN J 280 5.49 -28.92 -9.81
CA ASN J 280 6.64 -29.70 -9.37
C ASN J 280 7.33 -30.31 -10.57
N THR J 281 8.60 -29.95 -10.78
CA THR J 281 9.39 -30.52 -11.87
C THR J 281 10.78 -30.91 -11.42
N ALA J 282 11.07 -30.94 -10.12
CA ALA J 282 12.41 -31.26 -9.64
C ALA J 282 12.56 -32.74 -9.30
N ARG J 283 11.81 -33.22 -8.30
CA ARG J 283 11.91 -34.60 -7.86
C ARG J 283 10.56 -35.02 -7.28
N GLY J 284 10.34 -36.33 -7.25
CA GLY J 284 9.07 -36.87 -6.80
C GLY J 284 8.96 -37.04 -5.30
N GLY J 285 10.10 -37.11 -4.62
CA GLY J 285 10.11 -37.31 -3.19
C GLY J 285 9.86 -36.09 -2.34
N LEU J 286 9.69 -34.92 -2.96
CA LEU J 286 9.46 -33.67 -2.24
C LEU J 286 8.00 -33.44 -1.90
N VAL J 287 7.07 -34.22 -2.47
CA VAL J 287 5.64 -33.99 -2.29
C VAL J 287 5.00 -35.29 -1.81
N ASP J 288 4.16 -35.19 -0.79
CA ASP J 288 3.37 -36.32 -0.29
C ASP J 288 2.09 -36.39 -1.10
N GLU J 289 1.99 -37.37 -1.99
CA GLU J 289 0.84 -37.44 -2.89
C GLU J 289 -0.45 -37.78 -2.17
N LYS J 290 -0.36 -38.48 -1.03
CA LYS J 290 -1.56 -38.84 -0.29
C LYS J 290 -2.26 -37.60 0.26
N ALA J 291 -1.48 -36.63 0.77
CA ALA J 291 -2.07 -35.41 1.29
C ALA J 291 -2.52 -34.47 0.17
N LEU J 292 -1.83 -34.51 -0.96
CA LEU J 292 -2.20 -33.64 -2.08
C LEU J 292 -3.57 -34.01 -2.65
N ALA J 293 -3.87 -35.31 -2.70
CA ALA J 293 -5.14 -35.75 -3.28
C ALA J 293 -6.33 -35.22 -2.49
N GLN J 294 -6.22 -35.23 -1.15
CA GLN J 294 -7.33 -34.74 -0.33
C GLN J 294 -7.55 -33.25 -0.53
N ALA J 295 -6.47 -32.49 -0.71
CA ALA J 295 -6.61 -31.04 -0.90
C ALA J 295 -7.33 -30.71 -2.20
N LEU J 296 -7.05 -31.46 -3.26
CA LEU J 296 -7.72 -31.21 -4.54
C LEU J 296 -9.21 -31.48 -4.45
N LYS J 297 -9.61 -32.56 -3.76
CA LYS J 297 -11.02 -32.90 -3.68
C LYS J 297 -11.81 -31.86 -2.88
N GLU J 298 -11.26 -31.43 -1.74
CA GLU J 298 -11.98 -30.46 -0.90
C GLU J 298 -12.01 -29.08 -1.52
N GLY J 299 -11.09 -28.77 -2.44
CA GLY J 299 -11.07 -27.48 -3.10
C GLY J 299 -10.10 -26.46 -2.55
N ARG J 300 -9.25 -26.85 -1.60
CA ARG J 300 -8.27 -25.91 -1.07
C ARG J 300 -7.18 -25.58 -2.08
N ILE J 301 -6.94 -26.44 -3.06
CA ILE J 301 -5.97 -26.21 -4.12
C ILE J 301 -6.71 -26.26 -5.45
N ARG J 302 -6.58 -25.19 -6.24
CA ARG J 302 -7.34 -25.10 -7.48
C ARG J 302 -6.82 -26.07 -8.54
N GLY J 303 -5.52 -26.28 -8.60
CA GLY J 303 -4.97 -27.19 -9.59
C GLY J 303 -3.53 -27.51 -9.28
N ALA J 304 -3.00 -28.49 -10.01
CA ALA J 304 -1.62 -28.92 -9.83
C ALA J 304 -1.11 -29.54 -11.12
N ALA J 305 0.13 -29.19 -11.48
CA ALA J 305 0.80 -29.76 -12.64
C ALA J 305 2.05 -30.47 -12.15
N LEU J 306 2.18 -31.75 -12.50
CA LEU J 306 3.27 -32.58 -12.03
C LEU J 306 4.01 -33.20 -13.21
N ASP J 307 5.33 -33.23 -13.10
CA ASP J 307 6.18 -33.89 -14.08
C ASP J 307 6.94 -35.08 -13.52
N VAL J 308 7.11 -35.15 -12.20
CA VAL J 308 7.81 -36.24 -11.54
C VAL J 308 6.93 -36.76 -10.40
N HIS J 309 6.95 -38.07 -10.19
CA HIS J 309 6.09 -38.70 -9.20
C HIS J 309 6.92 -39.64 -8.33
N GLU J 310 6.34 -39.99 -7.17
CA GLU J 310 7.03 -40.89 -6.24
C GLU J 310 7.27 -42.27 -6.86
N SER J 311 6.26 -42.82 -7.52
CA SER J 311 6.36 -44.13 -8.15
C SER J 311 6.26 -43.96 -9.66
N GLU J 312 7.24 -44.50 -10.38
CA GLU J 312 7.28 -44.42 -11.82
C GLU J 312 7.44 -45.81 -12.43
N PRO J 313 6.85 -46.05 -13.61
CA PRO J 313 6.08 -45.13 -14.44
C PRO J 313 4.69 -44.78 -13.88
N PHE J 314 4.15 -43.66 -14.32
CA PHE J 314 2.88 -43.15 -13.80
C PHE J 314 1.72 -43.64 -14.64
N SER J 315 0.60 -43.94 -13.97
CA SER J 315 -0.63 -44.35 -14.63
C SER J 315 -1.81 -43.69 -13.94
N PHE J 316 -2.77 -43.21 -14.74
CA PHE J 316 -3.94 -42.54 -14.17
C PHE J 316 -4.87 -43.49 -13.43
N SER J 317 -4.77 -44.78 -13.67
CA SER J 317 -5.67 -45.76 -13.07
C SER J 317 -5.14 -46.35 -11.77
N GLN J 318 -3.94 -45.97 -11.33
CA GLN J 318 -3.35 -46.52 -10.13
C GLN J 318 -2.75 -45.40 -9.28
N GLY J 319 -2.66 -45.63 -7.98
CA GLY J 319 -2.04 -44.71 -7.08
C GLY J 319 -3.03 -43.87 -6.29
N PRO J 320 -2.53 -43.06 -5.35
CA PRO J 320 -3.42 -42.19 -4.57
C PRO J 320 -4.14 -41.15 -5.41
N LEU J 321 -3.62 -40.81 -6.58
CA LEU J 321 -4.22 -39.82 -7.46
C LEU J 321 -5.09 -40.45 -8.53
N LYS J 322 -5.75 -41.57 -8.21
CA LYS J 322 -6.56 -42.27 -9.20
C LYS J 322 -7.71 -41.41 -9.69
N ASP J 323 -8.40 -40.72 -8.77
CA ASP J 323 -9.54 -39.87 -9.10
C ASP J 323 -9.39 -38.54 -8.37
N ALA J 324 -8.70 -37.60 -9.00
CA ALA J 324 -8.51 -36.27 -8.45
C ALA J 324 -8.72 -35.23 -9.53
N PRO J 325 -9.62 -34.26 -9.32
CA PRO J 325 -9.90 -33.27 -10.35
C PRO J 325 -8.75 -32.27 -10.51
N ASN J 326 -8.71 -31.65 -11.69
CA ASN J 326 -7.77 -30.57 -12.00
C ASN J 326 -6.33 -31.03 -11.84
N LEU J 327 -5.94 -31.98 -12.67
CA LEU J 327 -4.60 -32.56 -12.62
C LEU J 327 -4.01 -32.64 -14.01
N ILE J 328 -2.74 -32.25 -14.13
CA ILE J 328 -1.98 -32.35 -15.38
C ILE J 328 -0.69 -33.10 -15.09
N CYS J 329 -0.40 -34.13 -15.89
CA CYS J 329 0.76 -34.97 -15.69
C CYS J 329 1.48 -35.21 -17.00
N THR J 330 2.81 -35.30 -16.92
CA THR J 330 3.68 -35.59 -18.04
C THR J 330 4.66 -36.70 -17.65
N PRO J 331 5.12 -37.51 -18.62
CA PRO J 331 5.94 -38.69 -18.32
C PRO J 331 7.43 -38.41 -18.14
N HIS J 332 7.75 -37.45 -17.28
CA HIS J 332 9.13 -37.14 -16.90
C HIS J 332 9.99 -36.86 -18.14
N ALA J 333 9.57 -35.87 -18.91
CA ALA J 333 10.23 -35.50 -20.15
C ALA J 333 10.39 -33.99 -20.27
N ALA J 334 10.74 -33.34 -19.17
CA ALA J 334 10.94 -31.89 -19.15
C ALA J 334 12.35 -31.49 -19.55
N TRP J 335 13.19 -32.46 -19.92
CA TRP J 335 14.58 -32.20 -20.28
C TRP J 335 14.90 -32.50 -21.74
N TYR J 336 14.04 -33.24 -22.44
CA TYR J 336 14.41 -33.75 -23.75
C TYR J 336 14.43 -32.65 -24.80
N SER J 337 15.43 -32.73 -25.67
CA SER J 337 15.53 -31.88 -26.86
C SER J 337 16.49 -32.55 -27.82
N GLU J 338 16.35 -32.22 -29.10
CA GLU J 338 17.22 -32.82 -30.11
C GLU J 338 18.67 -32.44 -29.89
N GLN J 339 18.92 -31.15 -29.59
CA GLN J 339 20.29 -30.71 -29.35
C GLN J 339 20.78 -31.10 -27.96
N ALA J 340 19.90 -31.06 -26.96
CA ALA J 340 20.32 -31.36 -25.59
C ALA J 340 20.71 -32.83 -25.42
N SER J 341 20.00 -33.73 -26.10
CA SER J 341 20.29 -35.15 -25.95
C SER J 341 21.68 -35.49 -26.45
N ILE J 342 22.07 -34.94 -27.60
CA ILE J 342 23.39 -35.23 -28.16
C ILE J 342 24.49 -34.62 -27.30
N GLU J 343 24.26 -33.41 -26.78
CA GLU J 343 25.30 -32.72 -26.03
C GLU J 343 25.66 -33.45 -24.74
N MET J 344 24.66 -33.95 -24.02
CA MET J 344 24.94 -34.59 -22.73
C MET J 344 25.58 -35.97 -22.91
N ARG J 345 25.29 -36.66 -24.01
CA ARG J 345 25.86 -37.99 -24.21
C ARG J 345 27.33 -37.91 -24.62
N GLU J 346 27.69 -36.89 -25.41
CA GLU J 346 29.09 -36.73 -25.81
C GLU J 346 29.95 -36.31 -24.63
N GLU J 347 29.44 -35.43 -23.77
CA GLU J 347 30.23 -34.95 -22.63
C GLU J 347 30.52 -36.08 -21.65
N ALA J 348 29.55 -36.95 -21.40
CA ALA J 348 29.75 -38.05 -20.47
C ALA J 348 30.80 -39.03 -21.01
N ALA J 349 30.79 -39.28 -22.31
CA ALA J 349 31.76 -40.21 -22.89
C ALA J 349 33.18 -39.68 -22.76
N ARG J 350 33.37 -38.38 -22.98
CA ARG J 350 34.71 -37.80 -22.88
C ARG J 350 35.21 -37.74 -21.44
N GLU J 351 34.31 -37.73 -20.46
CA GLU J 351 34.75 -37.77 -19.06
C GLU J 351 35.37 -39.11 -18.72
N ILE J 352 34.84 -40.20 -19.29
CA ILE J 352 35.42 -41.53 -19.06
C ILE J 352 36.82 -41.61 -19.65
N ARG J 353 37.01 -41.07 -20.85
CA ARG J 353 38.30 -41.19 -21.54
C ARG J 353 39.40 -40.47 -20.77
N ARG J 354 39.10 -39.31 -20.20
CA ARG J 354 40.10 -38.58 -19.43
C ARG J 354 40.52 -39.37 -18.19
N ALA J 355 39.58 -40.03 -17.52
CA ALA J 355 39.90 -40.79 -16.33
C ALA J 355 40.82 -41.98 -16.65
N ILE J 356 40.56 -42.67 -17.76
CA ILE J 356 41.37 -43.82 -18.13
C ILE J 356 42.79 -43.39 -18.49
N THR J 357 42.92 -42.31 -19.27
CA THR J 357 44.21 -41.84 -19.74
C THR J 357 44.74 -40.67 -18.92
N GLY J 358 44.45 -40.65 -17.63
CA GLY J 358 44.90 -39.58 -16.75
C GLY J 358 45.00 -40.08 -15.32
N ARG J 359 44.74 -39.18 -14.38
CA ARG J 359 44.78 -39.52 -12.96
C ARG J 359 43.52 -39.00 -12.28
N ILE J 360 43.09 -39.73 -11.26
CA ILE J 360 41.86 -39.46 -10.53
C ILE J 360 42.23 -38.89 -9.17
N PRO J 361 41.60 -37.78 -8.72
CA PRO J 361 40.61 -37.00 -9.44
C PRO J 361 41.15 -35.70 -10.03
N ASP J 362 42.45 -35.68 -10.35
CA ASP J 362 43.06 -34.45 -10.84
C ASP J 362 42.55 -34.08 -12.23
N SER J 363 42.30 -35.08 -13.08
CA SER J 363 41.89 -34.84 -14.46
C SER J 363 40.39 -34.66 -14.61
N LEU J 364 39.61 -34.87 -13.54
CA LEU J 364 38.16 -34.76 -13.63
C LEU J 364 37.72 -33.31 -13.46
N LYS J 365 36.71 -32.91 -14.23
CA LYS J 365 36.19 -31.55 -14.19
C LYS J 365 35.00 -31.39 -13.25
N ASN J 366 34.08 -32.34 -13.25
CA ASN J 366 32.87 -32.29 -12.43
C ASN J 366 32.85 -33.50 -11.51
N CYS J 367 33.45 -33.36 -10.34
CA CYS J 367 33.46 -34.40 -9.32
C CYS J 367 32.67 -33.92 -8.11
N VAL J 368 31.78 -34.78 -7.61
CA VAL J 368 30.85 -34.40 -6.55
C VAL J 368 31.18 -35.03 -5.20
N ASN J 369 32.08 -36.00 -5.15
CA ASN J 369 32.46 -36.65 -3.90
C ASN J 369 33.96 -36.51 -3.65
N LYS J 370 34.51 -35.35 -4.03
CA LYS J 370 35.95 -35.14 -3.86
C LYS J 370 36.33 -35.09 -2.38
N ASP J 371 35.49 -34.48 -1.54
CA ASP J 371 35.79 -34.41 -0.11
C ASP J 371 35.78 -35.80 0.52
N HIS J 372 34.79 -36.63 0.17
CA HIS J 372 34.68 -37.95 0.75
C HIS J 372 35.68 -38.95 0.17
N LEU J 373 36.27 -38.64 -0.99
CA LEU J 373 37.19 -39.56 -1.62
C LEU J 373 38.48 -39.67 -0.82
N THR J 374 38.99 -40.90 -0.69
CA THR J 374 40.21 -41.14 0.06
C THR J 374 41.31 -41.69 -0.84
N ARG K 44 18.73 22.99 -66.30
CA ARG K 44 18.52 22.25 -65.06
C ARG K 44 18.09 23.18 -63.94
N PRO K 45 17.12 22.75 -63.14
CA PRO K 45 16.61 23.59 -62.05
C PRO K 45 17.67 23.85 -61.00
N LEU K 46 17.35 24.75 -60.08
CA LEU K 46 18.27 25.18 -59.03
C LEU K 46 17.73 24.76 -57.67
N VAL K 47 18.60 24.17 -56.85
CA VAL K 47 18.28 23.77 -55.48
C VAL K 47 19.27 24.46 -54.56
N ALA K 48 18.76 25.11 -53.52
CA ALA K 48 19.56 25.94 -52.63
C ALA K 48 19.50 25.43 -51.20
N LEU K 49 20.65 25.44 -50.54
CA LEU K 49 20.75 25.14 -49.11
C LEU K 49 20.77 26.46 -48.36
N LEU K 50 19.70 26.73 -47.60
CA LEU K 50 19.51 28.06 -47.03
C LEU K 50 20.57 28.37 -45.97
N ASP K 51 20.80 27.45 -45.04
CA ASP K 51 21.74 27.67 -43.93
C ASP K 51 22.73 26.51 -43.90
N GLY K 52 23.83 26.66 -44.62
CA GLY K 52 24.86 25.63 -44.64
C GLY K 52 25.95 26.01 -45.62
N ARG K 53 27.06 25.28 -45.53
CA ARG K 53 28.21 25.53 -46.39
C ARG K 53 28.72 24.22 -46.99
N ASP K 54 28.50 23.11 -46.30
CA ASP K 54 29.00 21.81 -46.72
C ASP K 54 27.92 21.05 -47.46
N CYS K 55 28.24 20.60 -48.67
CA CYS K 55 27.31 19.87 -49.52
C CYS K 55 27.99 18.67 -50.16
N THR K 56 28.87 18.01 -49.42
CA THR K 56 29.63 16.89 -49.98
C THR K 56 28.78 15.64 -50.13
N VAL K 57 27.67 15.52 -49.41
CA VAL K 57 26.84 14.33 -49.48
C VAL K 57 25.71 14.49 -50.49
N GLU K 58 25.08 15.66 -50.53
CA GLU K 58 23.96 15.88 -51.43
C GLU K 58 24.41 16.05 -52.88
N MET K 59 25.64 16.51 -53.10
CA MET K 59 26.10 16.80 -54.46
C MET K 59 26.12 15.56 -55.36
N PRO K 60 26.68 14.41 -54.96
CA PRO K 60 26.69 13.27 -55.89
C PRO K 60 25.32 12.75 -56.24
N ILE K 61 24.29 13.02 -55.44
CA ILE K 61 22.95 12.56 -55.76
C ILE K 61 22.26 13.52 -56.73
N LEU K 62 22.22 14.79 -56.38
CA LEU K 62 21.54 15.81 -57.19
C LEU K 62 22.52 16.52 -58.13
N LYS K 63 23.25 15.76 -58.95
CA LYS K 63 24.18 16.35 -59.90
C LYS K 63 23.74 16.21 -61.35
N ASP K 64 22.95 15.18 -61.68
CA ASP K 64 22.47 14.96 -63.04
C ASP K 64 21.00 15.32 -63.20
N VAL K 65 20.38 15.94 -62.19
CA VAL K 65 18.98 16.33 -62.28
C VAL K 65 18.73 17.77 -61.87
N ALA K 66 19.67 18.44 -61.22
CA ALA K 66 19.45 19.81 -60.76
C ALA K 66 20.81 20.47 -60.53
N THR K 67 20.78 21.73 -60.12
CA THR K 67 21.97 22.50 -59.80
C THR K 67 21.94 22.88 -58.33
N VAL K 68 23.03 22.56 -57.62
CA VAL K 68 23.11 22.74 -56.18
C VAL K 68 23.82 24.04 -55.86
N ALA K 69 23.34 24.74 -54.83
CA ALA K 69 23.96 25.97 -54.36
C ALA K 69 23.68 26.12 -52.88
N PHE K 70 24.49 26.95 -52.21
CA PHE K 70 24.32 27.21 -50.80
C PHE K 70 24.40 28.71 -50.55
N CYS K 71 23.78 29.13 -49.44
CA CYS K 71 23.73 30.55 -49.09
C CYS K 71 24.37 30.88 -47.75
N ASP K 72 24.42 29.94 -46.81
CA ASP K 72 25.03 30.15 -45.50
C ASP K 72 24.43 31.37 -44.80
N ALA K 73 23.10 31.48 -44.87
CA ALA K 73 22.39 32.62 -44.32
C ALA K 73 22.03 32.37 -42.86
N GLN K 74 21.95 33.46 -42.10
CA GLN K 74 21.53 33.42 -40.71
C GLN K 74 20.19 34.10 -40.47
N SER K 75 19.62 34.75 -41.48
CA SER K 75 18.33 35.41 -41.37
C SER K 75 17.71 35.48 -42.75
N THR K 76 16.40 35.77 -42.77
CA THR K 76 15.68 35.84 -44.04
C THR K 76 16.13 37.02 -44.90
N GLN K 77 16.85 37.98 -44.32
CA GLN K 77 17.33 39.14 -45.05
C GLN K 77 18.68 38.92 -45.72
N GLU K 78 19.28 37.74 -45.55
CA GLU K 78 20.58 37.44 -46.12
C GLU K 78 20.50 36.44 -47.28
N ILE K 79 19.32 36.31 -47.88
CA ILE K 79 19.13 35.39 -49.00
C ILE K 79 19.36 36.15 -50.30
N HIS K 80 20.16 35.57 -51.19
CA HIS K 80 20.51 36.22 -52.44
C HIS K 80 19.28 36.39 -53.31
N GLU K 81 19.30 37.45 -54.14
CA GLU K 81 18.16 37.76 -54.99
C GLU K 81 17.91 36.67 -56.02
N LYS K 82 18.97 36.03 -56.52
CA LYS K 82 18.80 34.96 -57.51
C LYS K 82 18.00 33.80 -56.94
N VAL K 83 18.23 33.48 -55.66
CA VAL K 83 17.50 32.38 -55.02
C VAL K 83 16.01 32.70 -54.97
N LEU K 84 15.66 33.93 -54.62
CA LEU K 84 14.25 34.29 -54.47
C LEU K 84 13.48 34.25 -55.77
N ASN K 85 14.16 34.16 -56.92
CA ASN K 85 13.48 34.17 -58.21
C ASN K 85 13.59 32.87 -58.98
N GLU K 86 14.64 32.07 -58.74
CA GLU K 86 14.91 30.89 -59.56
C GLU K 86 15.24 29.69 -58.68
N ALA K 87 14.43 29.44 -57.66
CA ALA K 87 14.61 28.30 -56.77
C ALA K 87 13.38 27.41 -56.84
N VAL K 88 13.60 26.11 -57.02
CA VAL K 88 12.50 25.14 -57.04
C VAL K 88 12.36 24.43 -55.70
N GLY K 89 13.48 24.04 -55.08
CA GLY K 89 13.44 23.40 -53.79
C GLY K 89 14.48 24.00 -52.86
N ALA K 90 14.33 23.71 -51.58
CA ALA K 90 15.23 24.26 -50.57
C ALA K 90 15.42 23.25 -49.44
N LEU K 91 16.58 23.34 -48.79
CA LEU K 91 16.92 22.54 -47.62
C LEU K 91 17.31 23.46 -46.48
N MET K 92 16.83 23.16 -45.28
CA MET K 92 17.08 24.05 -44.15
C MET K 92 17.17 23.26 -42.86
N TYR K 93 18.01 23.77 -41.95
CA TYR K 93 18.13 23.23 -40.60
C TYR K 93 17.20 24.00 -39.66
N HIS K 94 17.42 23.86 -38.35
CA HIS K 94 16.59 24.48 -37.34
C HIS K 94 17.03 25.90 -36.98
N THR K 95 18.07 26.43 -37.61
CA THR K 95 18.64 27.70 -37.22
C THR K 95 17.98 28.91 -37.89
N ILE K 96 17.01 28.69 -38.78
CA ILE K 96 16.37 29.78 -39.50
C ILE K 96 14.86 29.58 -39.44
N THR K 97 14.13 30.68 -39.29
CA THR K 97 12.67 30.66 -39.17
C THR K 97 12.05 31.38 -40.36
N LEU K 98 11.01 30.77 -40.93
CA LEU K 98 10.28 31.32 -42.07
C LEU K 98 8.85 31.62 -41.67
N THR K 99 8.39 32.82 -41.99
CA THR K 99 7.02 33.25 -41.72
C THR K 99 6.28 33.40 -43.05
N ARG K 100 5.02 33.83 -42.95
CA ARG K 100 4.20 33.99 -44.15
C ARG K 100 4.74 35.08 -45.06
N GLU K 101 5.22 36.18 -44.48
CA GLU K 101 5.80 37.26 -45.29
C GLU K 101 7.03 36.77 -46.03
N ASP K 102 7.86 35.97 -45.38
CA ASP K 102 9.05 35.43 -46.03
C ASP K 102 8.68 34.50 -47.19
N LEU K 103 7.64 33.69 -47.01
CA LEU K 103 7.25 32.74 -48.05
C LEU K 103 6.74 33.45 -49.30
N GLU K 104 6.05 34.58 -49.12
CA GLU K 104 5.50 35.30 -50.26
C GLU K 104 6.58 35.90 -51.16
N LYS K 105 7.80 36.03 -50.66
CA LYS K 105 8.87 36.59 -51.47
C LYS K 105 9.41 35.60 -52.50
N PHE K 106 9.17 34.32 -52.32
CA PHE K 106 9.58 33.32 -53.31
C PHE K 106 8.61 33.30 -54.47
N LYS K 107 9.15 33.15 -55.69
CA LYS K 107 8.34 33.18 -56.89
C LYS K 107 8.27 31.86 -57.63
N ALA K 108 9.13 30.89 -57.31
CA ALA K 108 9.12 29.60 -57.99
C ALA K 108 9.29 28.43 -57.04
N LEU K 109 9.25 28.65 -55.73
CA LEU K 109 9.43 27.56 -54.78
C LEU K 109 8.24 26.59 -54.85
N ARG K 110 8.53 25.29 -54.75
CA ARG K 110 7.49 24.28 -54.87
C ARG K 110 7.53 23.27 -53.73
N ILE K 111 8.71 23.07 -53.13
CA ILE K 111 8.86 22.06 -52.09
C ILE K 111 9.93 22.52 -51.10
N ILE K 112 9.71 22.25 -49.82
CA ILE K 112 10.67 22.51 -48.76
C ILE K 112 10.89 21.21 -48.00
N VAL K 113 12.15 20.83 -47.81
CA VAL K 113 12.50 19.62 -47.10
C VAL K 113 13.30 20.01 -45.86
N ARG K 114 12.85 19.56 -44.69
CA ARG K 114 13.47 19.86 -43.42
C ARG K 114 14.32 18.68 -42.98
N ILE K 115 15.61 18.92 -42.78
CA ILE K 115 16.53 17.87 -42.37
C ILE K 115 16.41 17.67 -40.85
N GLY K 116 15.53 16.79 -40.45
CA GLY K 116 15.27 16.56 -39.04
C GLY K 116 13.83 16.13 -38.84
N SER K 117 13.40 16.14 -37.58
CA SER K 117 12.07 15.69 -37.22
C SER K 117 11.12 16.81 -36.81
N GLY K 118 11.64 17.98 -36.45
CA GLY K 118 10.81 19.10 -36.03
C GLY K 118 10.60 20.08 -37.15
N PHE K 119 9.37 20.61 -37.23
CA PHE K 119 9.02 21.59 -38.26
C PHE K 119 8.23 22.76 -37.68
N ASP K 120 8.47 23.08 -36.41
CA ASP K 120 7.75 24.18 -35.76
C ASP K 120 8.24 25.55 -36.18
N ASN K 121 9.35 25.63 -36.91
CA ASN K 121 9.88 26.90 -37.38
C ASN K 121 9.39 27.28 -38.77
N ILE K 122 8.45 26.52 -39.33
CA ILE K 122 7.88 26.80 -40.63
C ILE K 122 6.37 26.91 -40.48
N ASP K 123 5.79 27.95 -41.07
CA ASP K 123 4.33 28.13 -41.03
C ASP K 123 3.70 27.12 -41.99
N ILE K 124 3.19 26.02 -41.43
CA ILE K 124 2.69 24.93 -42.25
C ILE K 124 1.42 25.34 -42.99
N LYS K 125 0.48 25.96 -42.28
CA LYS K 125 -0.80 26.30 -42.89
C LYS K 125 -0.65 27.33 -44.01
N SER K 126 0.20 28.34 -43.80
CA SER K 126 0.38 29.37 -44.82
C SER K 126 1.01 28.81 -46.08
N ALA K 127 1.98 27.90 -45.94
CA ALA K 127 2.62 27.32 -47.11
C ALA K 127 1.66 26.49 -47.94
N GLY K 128 0.66 25.88 -47.30
CA GLY K 128 -0.31 25.10 -48.04
C GLY K 128 -1.16 25.95 -48.98
N ASP K 129 -1.56 27.13 -48.52
CA ASP K 129 -2.37 28.02 -49.36
C ASP K 129 -1.59 28.46 -50.60
N LEU K 130 -0.30 28.79 -50.43
CA LEU K 130 0.51 29.22 -51.55
C LEU K 130 0.88 28.09 -52.49
N GLY K 131 0.67 26.84 -52.10
CA GLY K 131 0.97 25.72 -52.96
C GLY K 131 2.39 25.20 -52.81
N ILE K 132 2.86 25.08 -51.57
CA ILE K 132 4.20 24.61 -51.27
C ILE K 132 4.08 23.41 -50.34
N ALA K 133 4.81 22.34 -50.66
CA ALA K 133 4.80 21.12 -49.88
C ALA K 133 5.98 21.10 -48.92
N VAL K 134 5.75 20.57 -47.72
CA VAL K 134 6.75 20.52 -46.67
C VAL K 134 6.98 19.06 -46.28
N CYS K 135 8.25 18.65 -46.22
CA CYS K 135 8.63 17.29 -45.89
C CYS K 135 9.67 17.30 -44.78
N ASN K 136 9.90 16.14 -44.18
CA ASN K 136 10.89 16.00 -43.12
C ASN K 136 11.35 14.56 -43.06
N VAL K 137 12.34 14.32 -42.20
CA VAL K 137 12.86 12.98 -41.94
C VAL K 137 12.33 12.53 -40.58
N PRO K 138 11.37 11.61 -40.52
CA PRO K 138 10.67 11.34 -39.25
C PRO K 138 11.53 10.70 -38.18
N ALA K 139 12.25 9.64 -38.53
CA ALA K 139 12.98 8.85 -37.53
C ALA K 139 14.34 8.46 -38.08
N ALA K 140 15.37 9.20 -37.67
CA ALA K 140 16.75 8.84 -38.00
C ALA K 140 17.63 8.89 -36.76
N SER K 141 17.17 9.58 -35.71
CA SER K 141 17.92 9.72 -34.47
C SER K 141 17.04 9.45 -33.27
N VAL K 142 16.18 8.44 -33.38
CA VAL K 142 15.33 8.07 -32.25
C VAL K 142 16.16 7.53 -31.10
N GLU K 143 17.07 6.60 -31.40
CA GLU K 143 17.84 5.94 -30.35
C GLU K 143 18.94 6.85 -29.80
N GLU K 144 19.51 7.72 -30.64
CA GLU K 144 20.52 8.66 -30.14
C GLU K 144 19.93 9.61 -29.10
N THR K 145 18.72 10.13 -29.35
CA THR K 145 18.11 11.05 -28.40
C THR K 145 17.69 10.33 -27.13
N ALA K 146 17.24 9.08 -27.24
CA ALA K 146 16.83 8.34 -26.05
C ALA K 146 18.02 8.05 -25.14
N ASP K 147 19.17 7.72 -25.73
CA ASP K 147 20.37 7.47 -24.92
C ASP K 147 20.84 8.74 -24.22
N SER K 148 20.76 9.88 -24.90
CA SER K 148 21.18 11.14 -24.28
C SER K 148 20.26 11.54 -23.13
N THR K 149 18.97 11.24 -23.24
CA THR K 149 18.05 11.53 -22.14
C THR K 149 18.41 10.72 -20.90
N LEU K 150 18.74 9.44 -21.07
CA LEU K 150 19.11 8.60 -19.94
C LEU K 150 20.41 9.06 -19.30
N CYS K 151 21.34 9.59 -20.11
CA CYS K 151 22.60 10.07 -19.57
C CYS K 151 22.38 11.25 -18.63
N HIS K 152 21.47 12.16 -18.99
CA HIS K 152 21.20 13.32 -18.14
C HIS K 152 20.52 12.90 -16.85
N ILE K 153 19.63 11.91 -16.90
CA ILE K 153 18.94 11.45 -15.70
C ILE K 153 19.92 10.88 -14.69
N LEU K 154 20.88 10.06 -15.17
CA LEU K 154 21.84 9.45 -14.26
C LEU K 154 22.78 10.47 -13.65
N ASN K 155 23.11 11.53 -14.39
CA ASN K 155 24.00 12.56 -13.85
C ASN K 155 23.37 13.29 -12.67
N LEU K 156 22.05 13.44 -12.66
CA LEU K 156 21.39 14.14 -11.56
C LEU K 156 21.35 13.28 -10.30
N TYR K 157 21.10 11.98 -10.45
CA TYR K 157 21.05 11.10 -9.28
C TYR K 157 22.46 10.75 -8.80
N ARG K 158 23.25 10.10 -9.65
CA ARG K 158 24.65 9.79 -9.35
C ARG K 158 25.49 10.93 -9.89
N ARG K 159 25.75 11.93 -9.04
CA ARG K 159 26.47 13.13 -9.45
C ARG K 159 27.84 12.79 -10.01
N ALA K 160 28.03 12.96 -11.31
CA ALA K 160 29.29 12.63 -11.96
C ALA K 160 29.92 13.80 -12.68
N THR K 161 29.12 14.64 -13.36
CA THR K 161 29.67 15.83 -14.00
C THR K 161 30.16 16.83 -12.96
N TRP K 162 29.40 16.99 -11.88
CA TRP K 162 29.78 17.94 -10.84
C TRP K 162 31.03 17.50 -10.09
N LEU K 163 31.17 16.19 -9.85
CA LEU K 163 32.36 15.68 -9.18
C LEU K 163 33.59 15.85 -10.05
N HIS K 164 33.47 15.60 -11.35
CA HIS K 164 34.60 15.79 -12.26
C HIS K 164 34.98 17.27 -12.35
N GLN K 165 33.99 18.15 -12.35
CA GLN K 165 34.27 19.58 -12.42
C GLN K 165 35.00 20.07 -11.19
N ALA K 166 34.66 19.52 -10.02
CA ALA K 166 35.30 19.95 -8.78
C ALA K 166 36.78 19.63 -8.76
N LEU K 167 37.16 18.46 -9.28
CA LEU K 167 38.57 18.08 -9.27
C LEU K 167 39.42 19.01 -10.13
N ARG K 168 38.89 19.45 -11.28
CA ARG K 168 39.65 20.34 -12.14
C ARG K 168 39.86 21.71 -11.50
N GLU K 169 38.95 22.13 -10.61
CA GLU K 169 39.10 23.40 -9.93
C GLU K 169 40.16 23.35 -8.83
N GLY K 170 40.68 22.18 -8.50
CA GLY K 170 41.71 22.05 -7.49
C GLY K 170 41.27 21.52 -6.15
N THR K 171 40.01 21.08 -6.02
CA THR K 171 39.54 20.54 -4.76
C THR K 171 40.24 19.22 -4.43
N ARG K 172 40.62 19.07 -3.18
CA ARG K 172 41.31 17.88 -2.71
C ARG K 172 40.49 17.23 -1.59
N VAL K 173 40.22 15.93 -1.75
CA VAL K 173 39.45 15.18 -0.77
C VAL K 173 40.24 13.93 -0.39
N GLN K 174 40.47 13.74 0.90
CA GLN K 174 41.26 12.62 1.40
C GLN K 174 40.50 11.72 2.35
N SER K 175 39.84 12.30 3.35
CA SER K 175 39.15 11.50 4.35
C SER K 175 37.75 11.11 3.87
N VAL K 176 37.14 10.17 4.58
CA VAL K 176 35.80 9.72 4.23
C VAL K 176 34.78 10.83 4.49
N GLU K 177 34.98 11.60 5.56
CA GLU K 177 34.04 12.68 5.87
C GLU K 177 34.01 13.72 4.74
N GLN K 178 35.16 13.99 4.12
CA GLN K 178 35.20 14.90 2.99
C GLN K 178 34.45 14.33 1.79
N ILE K 179 34.51 13.01 1.60
CA ILE K 179 33.80 12.39 0.48
C ILE K 179 32.30 12.54 0.64
N ARG K 180 31.78 12.34 1.86
CA ARG K 180 30.35 12.47 2.10
C ARG K 180 29.86 13.89 1.90
N GLU K 181 30.74 14.89 1.97
CA GLU K 181 30.33 16.28 1.85
C GLU K 181 30.34 16.77 0.41
N VAL K 182 31.38 16.43 -0.35
CA VAL K 182 31.45 16.88 -1.74
C VAL K 182 30.37 16.22 -2.58
N ALA K 183 30.07 14.96 -2.31
CA ALA K 183 29.05 14.21 -3.05
C ALA K 183 27.72 14.13 -2.31
N SER K 184 27.41 15.15 -1.51
CA SER K 184 26.16 15.15 -0.76
C SER K 184 24.99 15.44 -1.69
N GLY K 185 23.96 14.60 -1.61
CA GLY K 185 22.77 14.75 -2.44
C GLY K 185 22.44 13.54 -3.30
N ALA K 186 23.34 12.58 -3.43
CA ALA K 186 23.06 11.39 -4.23
C ALA K 186 21.95 10.57 -3.59
N ALA K 187 21.15 9.93 -4.44
CA ALA K 187 19.98 9.19 -4.00
C ALA K 187 19.96 7.80 -4.62
N ARG K 188 19.00 7.00 -4.19
CA ARG K 188 18.82 5.63 -4.67
C ARG K 188 17.72 5.61 -5.72
N ILE K 189 18.05 5.05 -6.89
CA ILE K 189 17.13 5.12 -8.03
C ILE K 189 15.91 4.23 -7.81
N ARG K 190 16.11 3.01 -7.30
CA ARG K 190 15.01 2.07 -7.19
C ARG K 190 13.93 2.59 -6.24
N GLY K 191 12.68 2.50 -6.68
CA GLY K 191 11.55 2.97 -5.91
C GLY K 191 11.03 4.34 -6.29
N GLU K 192 11.74 5.06 -7.14
CA GLU K 192 11.33 6.41 -7.53
C GLU K 192 10.29 6.33 -8.65
N THR K 193 9.65 7.48 -8.91
CA THR K 193 8.61 7.60 -9.92
C THR K 193 9.08 8.54 -11.02
N LEU K 194 8.91 8.12 -12.27
CA LEU K 194 9.31 8.90 -13.43
C LEU K 194 8.08 9.32 -14.21
N GLY K 195 7.97 10.61 -14.52
CA GLY K 195 6.85 11.16 -15.26
C GLY K 195 7.29 11.60 -16.64
N ILE K 196 6.51 11.20 -17.65
CA ILE K 196 6.81 11.48 -19.05
C ILE K 196 5.63 12.23 -19.65
N ILE K 197 5.92 13.31 -20.37
CA ILE K 197 4.90 14.13 -21.03
C ILE K 197 5.07 13.93 -22.53
N GLY K 198 4.16 13.16 -23.12
CA GLY K 198 4.22 12.87 -24.54
C GLY K 198 4.85 11.53 -24.84
N LEU K 199 4.04 10.54 -25.23
CA LEU K 199 4.53 9.19 -25.50
C LEU K 199 4.57 9.00 -27.02
N GLY K 200 5.65 9.47 -27.62
CA GLY K 200 5.90 9.33 -29.04
C GLY K 200 6.94 8.29 -29.34
N ARG K 201 7.70 8.52 -30.42
CA ARG K 201 8.79 7.62 -30.76
C ARG K 201 9.88 7.65 -29.68
N VAL K 202 10.32 8.85 -29.30
CA VAL K 202 11.34 8.97 -28.28
C VAL K 202 10.78 8.60 -26.90
N GLY K 203 9.53 8.98 -26.64
CA GLY K 203 8.95 8.69 -25.32
C GLY K 203 8.86 7.21 -25.03
N GLN K 204 8.50 6.41 -26.03
CA GLN K 204 8.42 4.96 -25.83
C GLN K 204 9.80 4.36 -25.60
N ALA K 205 10.82 4.86 -26.30
CA ALA K 205 12.16 4.32 -26.14
C ALA K 205 12.69 4.57 -24.73
N VAL K 206 12.41 5.75 -24.17
CA VAL K 206 12.88 6.09 -22.84
C VAL K 206 12.20 5.20 -21.80
N ALA K 207 10.91 4.92 -21.99
CA ALA K 207 10.17 4.16 -20.99
C ALA K 207 10.71 2.74 -20.85
N LEU K 208 11.08 2.10 -21.96
CA LEU K 208 11.59 0.74 -21.89
C LEU K 208 12.93 0.67 -21.16
N ARG K 209 13.80 1.65 -21.41
CA ARG K 209 15.12 1.63 -20.76
C ARG K 209 15.03 1.99 -19.29
N ALA K 210 14.04 2.80 -18.90
CA ALA K 210 13.93 3.23 -17.52
C ALA K 210 13.45 2.12 -16.59
N LYS K 211 12.76 1.10 -17.12
CA LYS K 211 12.26 0.04 -16.27
C LYS K 211 13.36 -0.91 -15.80
N ALA K 212 14.48 -0.97 -16.52
CA ALA K 212 15.57 -1.85 -16.12
C ALA K 212 16.28 -1.36 -14.86
N PHE K 213 16.16 -0.07 -14.54
CA PHE K 213 16.80 0.50 -13.36
C PHE K 213 15.91 0.50 -12.13
N GLY K 214 14.66 0.06 -12.25
CA GLY K 214 13.74 0.04 -11.13
C GLY K 214 12.79 1.22 -11.02
N PHE K 215 12.70 2.06 -12.05
CA PHE K 215 11.80 3.20 -12.01
C PHE K 215 10.35 2.75 -12.09
N ASN K 216 9.46 3.62 -11.63
CA ASN K 216 8.01 3.49 -11.81
C ASN K 216 7.56 4.57 -12.78
N VAL K 217 6.94 4.17 -13.88
CA VAL K 217 6.75 5.05 -15.03
C VAL K 217 5.28 5.41 -15.15
N LEU K 218 5.01 6.71 -15.27
CA LEU K 218 3.71 7.25 -15.63
C LEU K 218 3.86 8.13 -16.86
N PHE K 219 2.75 8.34 -17.57
CA PHE K 219 2.79 9.21 -18.74
C PHE K 219 1.45 9.91 -18.91
N TYR K 220 1.49 11.02 -19.66
CA TYR K 220 0.31 11.82 -19.94
C TYR K 220 0.31 12.19 -21.42
N ASP K 221 -0.74 11.81 -22.14
CA ASP K 221 -0.86 12.13 -23.55
C ASP K 221 -2.34 12.16 -23.93
N PRO K 222 -2.88 13.33 -24.29
CA PRO K 222 -4.31 13.44 -24.59
C PRO K 222 -4.70 13.12 -26.03
N TYR K 223 -3.75 12.84 -26.92
CA TYR K 223 -4.05 12.60 -28.32
C TYR K 223 -3.91 11.14 -28.72
N LEU K 224 -3.73 10.24 -27.75
CA LEU K 224 -3.57 8.81 -28.03
C LEU K 224 -4.89 8.09 -27.86
N SER K 225 -4.95 6.87 -28.42
CA SER K 225 -6.13 6.04 -28.33
C SER K 225 -6.14 5.29 -27.00
N ASP K 226 -7.06 4.34 -26.86
CA ASP K 226 -7.22 3.58 -25.62
C ASP K 226 -6.49 2.25 -25.72
N GLY K 227 -5.84 1.87 -24.63
CA GLY K 227 -5.16 0.60 -24.54
C GLY K 227 -3.71 0.58 -24.96
N VAL K 228 -3.13 1.74 -25.26
CA VAL K 228 -1.72 1.79 -25.61
C VAL K 228 -0.86 1.41 -24.41
N GLU K 229 -1.28 1.81 -23.21
CA GLU K 229 -0.52 1.47 -22.01
C GLU K 229 -0.65 -0.02 -21.65
N ARG K 230 -1.72 -0.68 -22.09
CA ARG K 230 -1.86 -2.11 -21.81
C ARG K 230 -0.78 -2.92 -22.51
N ALA K 231 -0.44 -2.57 -23.75
CA ALA K 231 0.57 -3.30 -24.49
C ALA K 231 1.94 -3.19 -23.84
N LEU K 232 2.31 -1.99 -23.38
CA LEU K 232 3.62 -1.76 -22.80
C LEU K 232 3.65 -1.94 -21.29
N GLY K 233 2.51 -2.18 -20.66
CA GLY K 233 2.47 -2.36 -19.22
C GLY K 233 2.83 -1.14 -18.41
N LEU K 234 2.33 0.03 -18.80
CA LEU K 234 2.58 1.29 -18.11
C LEU K 234 1.30 1.76 -17.42
N GLN K 235 1.39 2.94 -16.80
CA GLN K 235 0.26 3.56 -16.12
C GLN K 235 0.01 4.93 -16.71
N ARG K 236 -1.27 5.26 -16.88
CA ARG K 236 -1.69 6.47 -17.58
C ARG K 236 -2.55 7.35 -16.68
N VAL K 237 -2.31 8.65 -16.73
CA VAL K 237 -3.13 9.63 -16.03
C VAL K 237 -3.88 10.47 -17.06
N SER K 238 -4.85 11.25 -16.57
CA SER K 238 -5.74 11.99 -17.45
C SER K 238 -5.53 13.49 -17.43
N THR K 239 -4.86 14.04 -16.42
CA THR K 239 -4.65 15.48 -16.31
C THR K 239 -3.18 15.76 -16.05
N LEU K 240 -2.74 16.94 -16.48
CA LEU K 240 -1.35 17.34 -16.26
C LEU K 240 -1.08 17.58 -14.77
N GLN K 241 -2.05 18.12 -14.05
CA GLN K 241 -1.86 18.40 -12.62
C GLN K 241 -1.64 17.12 -11.84
N ASP K 242 -2.35 16.05 -12.18
CA ASP K 242 -2.18 14.79 -11.48
C ASP K 242 -0.79 14.20 -11.70
N LEU K 243 -0.21 14.39 -12.89
CA LEU K 243 1.13 13.88 -13.14
C LEU K 243 2.17 14.59 -12.30
N LEU K 244 2.04 15.91 -12.13
CA LEU K 244 3.04 16.67 -11.38
C LEU K 244 2.97 16.37 -9.88
N PHE K 245 1.79 15.97 -9.37
CA PHE K 245 1.66 15.72 -7.94
C PHE K 245 2.40 14.46 -7.51
N HIS K 246 2.52 13.47 -8.38
CA HIS K 246 3.03 12.15 -8.00
C HIS K 246 4.31 11.79 -8.76
N SER K 247 5.12 12.78 -9.11
CA SER K 247 6.34 12.55 -9.88
C SER K 247 7.55 13.09 -9.13
N ASP K 248 8.65 12.35 -9.20
CA ASP K 248 9.93 12.78 -8.65
C ASP K 248 10.91 13.25 -9.72
N CYS K 249 10.62 13.00 -10.99
CA CYS K 249 11.44 13.46 -12.09
C CYS K 249 10.56 13.62 -13.31
N VAL K 250 10.65 14.77 -13.97
CA VAL K 250 9.78 15.11 -15.08
C VAL K 250 10.62 15.30 -16.34
N THR K 251 10.23 14.64 -17.42
CA THR K 251 10.90 14.76 -18.71
C THR K 251 9.88 15.18 -19.77
N LEU K 252 10.29 16.05 -20.67
CA LEU K 252 9.43 16.59 -21.71
C LEU K 252 9.79 15.95 -23.05
N HIS K 253 8.78 15.38 -23.72
CA HIS K 253 8.99 14.76 -25.02
C HIS K 253 7.88 15.09 -26.02
N CYS K 254 7.16 16.19 -25.81
CA CYS K 254 6.04 16.54 -26.68
C CYS K 254 6.51 17.47 -27.79
N GLY K 255 5.57 17.84 -28.66
CA GLY K 255 5.83 18.78 -29.74
C GLY K 255 5.38 20.18 -29.40
N LEU K 256 5.92 21.14 -30.13
CA LEU K 256 5.65 22.56 -29.88
C LEU K 256 4.58 23.04 -30.86
N ASN K 257 3.32 22.83 -30.50
CA ASN K 257 2.20 23.38 -31.24
C ASN K 257 1.80 24.72 -30.62
N GLU K 258 0.66 25.26 -31.02
CA GLU K 258 0.22 26.57 -30.55
C GLU K 258 -0.61 26.50 -29.28
N HIS K 259 -0.85 25.31 -28.73
CA HIS K 259 -1.66 25.16 -27.52
C HIS K 259 -0.82 24.80 -26.30
N ASN K 260 0.51 24.76 -26.42
CA ASN K 260 1.35 24.37 -25.29
C ASN K 260 2.59 25.25 -25.17
N HIS K 261 2.49 26.51 -25.60
CA HIS K 261 3.60 27.43 -25.41
C HIS K 261 3.73 27.80 -23.95
N HIS K 262 4.96 27.75 -23.43
CA HIS K 262 5.23 27.95 -22.01
C HIS K 262 4.38 27.02 -21.14
N LEU K 263 4.52 25.72 -21.42
CA LEU K 263 3.77 24.72 -20.66
C LEU K 263 4.16 24.73 -19.19
N ILE K 264 5.45 24.82 -18.91
CA ILE K 264 5.95 24.92 -17.52
C ILE K 264 6.07 26.41 -17.23
N ASN K 265 4.98 27.01 -16.80
CA ASN K 265 4.94 28.43 -16.49
C ASN K 265 5.07 28.63 -14.98
N ASP K 266 4.85 29.87 -14.53
CA ASP K 266 4.99 30.18 -13.11
C ASP K 266 3.95 29.45 -12.26
N PHE K 267 2.71 29.38 -12.74
CA PHE K 267 1.66 28.76 -11.95
C PHE K 267 1.87 27.25 -11.81
N THR K 268 2.28 26.58 -12.88
CA THR K 268 2.42 25.13 -12.85
C THR K 268 3.67 24.69 -12.09
N VAL K 269 4.71 25.53 -12.06
CA VAL K 269 5.95 25.13 -11.40
C VAL K 269 5.79 25.03 -9.89
N LYS K 270 4.73 25.61 -9.33
CA LYS K 270 4.45 25.52 -7.91
C LYS K 270 3.64 24.29 -7.53
N GLN K 271 3.21 23.51 -8.51
CA GLN K 271 2.47 22.28 -8.25
C GLN K 271 3.35 21.05 -8.17
N MET K 272 4.64 21.18 -8.44
CA MET K 272 5.55 20.05 -8.37
C MET K 272 5.92 19.76 -6.91
N ARG K 273 6.52 18.59 -6.70
CA ARG K 273 6.90 18.17 -5.37
C ARG K 273 8.08 18.99 -4.85
N GLN K 274 8.37 18.82 -3.56
CA GLN K 274 9.48 19.50 -2.92
C GLN K 274 10.77 18.74 -3.21
N GLY K 275 11.63 19.33 -4.04
CA GLY K 275 12.90 18.71 -4.37
C GLY K 275 12.81 17.73 -5.51
N ALA K 276 12.31 18.17 -6.65
CA ALA K 276 12.18 17.34 -7.84
C ALA K 276 13.20 17.77 -8.88
N PHE K 277 13.35 16.94 -9.92
CA PHE K 277 14.24 17.20 -11.03
C PHE K 277 13.44 17.58 -12.26
N LEU K 278 14.15 18.04 -13.30
CA LEU K 278 13.53 18.45 -14.54
C LEU K 278 14.52 18.27 -15.68
N VAL K 279 14.11 17.55 -16.72
CA VAL K 279 14.93 17.32 -17.91
C VAL K 279 14.15 17.78 -19.13
N ASN K 280 14.79 18.57 -19.98
CA ASN K 280 14.16 19.08 -21.19
C ASN K 280 15.09 18.86 -22.37
N THR K 281 14.63 18.09 -23.36
CA THR K 281 15.42 17.86 -24.57
C THR K 281 14.57 17.97 -25.84
N ALA K 282 13.34 18.48 -25.75
CA ALA K 282 12.47 18.56 -26.91
C ALA K 282 12.55 19.92 -27.60
N ARG K 283 12.14 20.99 -26.91
CA ARG K 283 12.14 22.32 -27.48
C ARG K 283 12.32 23.33 -26.35
N GLY K 284 12.78 24.52 -26.73
CA GLY K 284 13.09 25.56 -25.76
C GLY K 284 11.89 26.39 -25.35
N GLY K 285 10.85 26.41 -26.17
CA GLY K 285 9.68 27.21 -25.90
C GLY K 285 8.69 26.61 -24.92
N LEU K 286 8.95 25.40 -24.42
CA LEU K 286 8.05 24.74 -23.50
C LEU K 286 8.29 25.12 -22.04
N VAL K 287 9.39 25.80 -21.74
CA VAL K 287 9.77 26.12 -20.36
C VAL K 287 10.01 27.63 -20.25
N ASP K 288 9.45 28.24 -19.22
CA ASP K 288 9.70 29.64 -18.92
C ASP K 288 10.94 29.73 -18.05
N GLU K 289 12.04 30.21 -18.63
CA GLU K 289 13.32 30.21 -17.91
C GLU K 289 13.33 31.21 -16.76
N LYS K 290 12.53 32.28 -16.85
CA LYS K 290 12.50 33.26 -15.77
C LYS K 290 11.94 32.65 -14.48
N ALA K 291 10.89 31.83 -14.60
CA ALA K 291 10.32 31.19 -13.42
C ALA K 291 11.19 30.05 -12.92
N LEU K 292 11.89 29.37 -13.82
CA LEU K 292 12.74 28.25 -13.41
C LEU K 292 13.91 28.73 -12.55
N ALA K 293 14.47 29.90 -12.87
CA ALA K 293 15.62 30.40 -12.13
C ALA K 293 15.28 30.66 -10.67
N GLN K 294 14.09 31.22 -10.41
CA GLN K 294 13.70 31.49 -9.03
C GLN K 294 13.52 30.20 -8.24
N ALA K 295 13.00 29.16 -8.88
CA ALA K 295 12.79 27.89 -8.18
C ALA K 295 14.10 27.26 -7.76
N LEU K 296 15.12 27.34 -8.60
CA LEU K 296 16.42 26.76 -8.26
C LEU K 296 17.06 27.48 -7.07
N LYS K 297 16.94 28.81 -7.01
CA LYS K 297 17.57 29.56 -5.93
C LYS K 297 16.89 29.27 -4.59
N GLU K 298 15.56 29.24 -4.57
CA GLU K 298 14.85 28.99 -3.31
C GLU K 298 14.98 27.56 -2.83
N GLY K 299 15.29 26.62 -3.73
CA GLY K 299 15.46 25.24 -3.36
C GLY K 299 14.29 24.33 -3.60
N ARG K 300 13.23 24.82 -4.25
CA ARG K 300 12.09 23.96 -4.54
C ARG K 300 12.40 22.91 -5.60
N ILE K 301 13.41 23.14 -6.44
CA ILE K 301 13.85 22.19 -7.45
C ILE K 301 15.31 21.87 -7.19
N ARG K 302 15.62 20.58 -7.05
CA ARG K 302 16.97 20.19 -6.67
C ARG K 302 17.95 20.39 -7.82
N GLY K 303 17.53 20.15 -9.05
CA GLY K 303 18.42 20.32 -10.18
C GLY K 303 17.65 20.29 -11.48
N ALA K 304 18.36 20.65 -12.55
CA ALA K 304 17.75 20.68 -13.88
C ALA K 304 18.83 20.49 -14.93
N ALA K 305 18.54 19.67 -15.93
CA ALA K 305 19.41 19.44 -17.07
C ALA K 305 18.70 19.88 -18.33
N LEU K 306 19.32 20.77 -19.09
CA LEU K 306 18.71 21.36 -20.27
C LEU K 306 19.59 21.16 -21.49
N ASP K 307 18.97 20.83 -22.61
CA ASP K 307 19.65 20.70 -23.88
C ASP K 307 19.21 21.73 -24.91
N VAL K 308 18.03 22.32 -24.73
CA VAL K 308 17.50 23.32 -25.65
C VAL K 308 17.03 24.52 -24.82
N HIS K 309 17.23 25.72 -25.35
CA HIS K 309 16.93 26.95 -24.63
C HIS K 309 16.12 27.88 -25.52
N GLU K 310 15.47 28.86 -24.88
CA GLU K 310 14.65 29.82 -25.62
C GLU K 310 15.48 30.64 -26.60
N SER K 311 16.64 31.12 -26.15
CA SER K 311 17.54 31.92 -26.97
C SER K 311 18.82 31.15 -27.21
N GLU K 312 19.20 31.00 -28.48
CA GLU K 312 20.39 30.29 -28.85
C GLU K 312 21.26 31.15 -29.75
N PRO K 313 22.60 31.03 -29.67
CA PRO K 313 23.36 30.10 -28.82
C PRO K 313 23.35 30.47 -27.33
N PHE K 314 23.62 29.48 -26.48
CA PHE K 314 23.55 29.66 -25.04
C PHE K 314 24.90 30.05 -24.47
N SER K 315 24.88 30.93 -23.47
CA SER K 315 26.08 31.36 -22.77
C SER K 315 25.77 31.45 -21.28
N PHE K 316 26.71 31.00 -20.46
CA PHE K 316 26.52 31.01 -19.01
C PHE K 316 26.55 32.42 -18.42
N SER K 317 27.10 33.39 -19.15
CA SER K 317 27.24 34.74 -18.64
C SER K 317 26.08 35.66 -19.02
N GLN K 318 25.10 35.16 -19.76
CA GLN K 318 23.97 35.98 -20.20
C GLN K 318 22.67 35.22 -19.99
N GLY K 319 21.58 35.97 -19.83
CA GLY K 319 20.27 35.39 -19.72
C GLY K 319 19.76 35.33 -18.29
N PRO K 320 18.50 34.92 -18.13
CA PRO K 320 17.95 34.79 -16.78
C PRO K 320 18.65 33.74 -15.92
N LEU K 321 19.35 32.78 -16.52
CA LEU K 321 20.05 31.73 -15.81
C LEU K 321 21.52 32.06 -15.61
N LYS K 322 21.85 33.35 -15.46
CA LYS K 322 23.24 33.75 -15.33
C LYS K 322 23.89 33.15 -14.09
N ASP K 323 23.18 33.17 -12.96
CA ASP K 323 23.69 32.66 -11.69
C ASP K 323 22.60 31.80 -11.04
N ALA K 324 22.58 30.52 -11.39
CA ALA K 324 21.63 29.57 -10.83
C ALA K 324 22.33 28.28 -10.47
N PRO K 325 22.23 27.83 -9.22
CA PRO K 325 22.94 26.61 -8.81
C PRO K 325 22.30 25.35 -9.40
N ASN K 326 23.12 24.29 -9.48
CA ASN K 326 22.67 22.96 -9.88
C ASN K 326 22.06 22.99 -11.29
N LEU K 327 22.90 23.32 -12.27
CA LEU K 327 22.48 23.44 -13.65
C LEU K 327 23.45 22.71 -14.56
N ILE K 328 22.91 21.95 -15.52
CA ILE K 328 23.70 21.26 -16.53
C ILE K 328 23.14 21.65 -17.89
N CYS K 329 24.01 22.07 -18.80
CA CYS K 329 23.60 22.52 -20.12
C CYS K 329 24.50 21.94 -21.19
N THR K 330 23.91 21.66 -22.35
CA THR K 330 24.60 21.15 -23.52
C THR K 330 24.19 21.97 -24.75
N PRO K 331 25.07 22.09 -25.75
CA PRO K 331 24.83 22.98 -26.89
C PRO K 331 23.97 22.38 -28.01
N HIS K 332 22.81 21.84 -27.64
CA HIS K 332 21.82 21.34 -28.59
C HIS K 332 22.44 20.30 -29.53
N ALA K 333 22.99 19.25 -28.93
CA ALA K 333 23.68 18.19 -29.66
C ALA K 333 23.26 16.81 -29.17
N ALA K 334 21.96 16.64 -28.89
CA ALA K 334 21.44 15.36 -28.43
C ALA K 334 21.07 14.42 -29.57
N TRP K 335 21.33 14.83 -30.82
CA TRP K 335 20.99 14.04 -31.99
C TRP K 335 22.19 13.57 -32.78
N TYR K 336 23.37 14.13 -32.55
CA TYR K 336 24.50 13.88 -33.43
C TYR K 336 25.06 12.49 -33.26
N SER K 337 25.42 11.87 -34.37
CA SER K 337 26.14 10.60 -34.40
C SER K 337 26.77 10.46 -35.77
N GLU K 338 27.84 9.67 -35.83
CA GLU K 338 28.53 9.47 -37.11
C GLU K 338 27.61 8.80 -38.13
N GLN K 339 26.87 7.78 -37.72
CA GLN K 339 25.96 7.09 -38.63
C GLN K 339 24.68 7.90 -38.86
N ALA K 340 24.18 8.57 -37.82
CA ALA K 340 22.92 9.29 -37.95
C ALA K 340 23.05 10.49 -38.88
N SER K 341 24.19 11.18 -38.85
CA SER K 341 24.37 12.36 -39.67
C SER K 341 24.33 12.00 -41.16
N ILE K 342 24.98 10.91 -41.55
CA ILE K 342 25.01 10.52 -42.96
C ILE K 342 23.62 10.06 -43.41
N GLU K 343 22.91 9.33 -42.55
CA GLU K 343 21.63 8.76 -42.94
C GLU K 343 20.59 9.84 -43.23
N MET K 344 20.54 10.89 -42.40
CA MET K 344 19.50 11.90 -42.59
C MET K 344 19.80 12.80 -43.79
N ARG K 345 21.07 12.99 -44.12
CA ARG K 345 21.41 13.85 -45.25
C ARG K 345 21.12 13.17 -46.58
N GLU K 346 21.35 11.85 -46.66
CA GLU K 346 21.07 11.14 -47.90
C GLU K 346 19.57 11.03 -48.15
N GLU K 347 18.78 10.81 -47.09
CA GLU K 347 17.34 10.67 -47.26
C GLU K 347 16.70 11.96 -47.75
N ALA K 348 17.16 13.11 -47.22
CA ALA K 348 16.61 14.39 -47.65
C ALA K 348 16.91 14.67 -49.11
N ALA K 349 18.12 14.32 -49.57
CA ALA K 349 18.50 14.56 -50.95
C ALA K 349 17.63 13.74 -51.91
N ARG K 350 17.34 12.48 -51.56
CA ARG K 350 16.53 11.64 -52.42
C ARG K 350 15.07 12.07 -52.46
N GLU K 351 14.59 12.76 -51.41
CA GLU K 351 13.22 13.28 -51.44
C GLU K 351 13.08 14.38 -52.48
N ILE K 352 14.11 15.21 -52.65
CA ILE K 352 14.07 16.26 -53.66
C ILE K 352 14.01 15.65 -55.06
N ARG K 353 14.81 14.61 -55.30
CA ARG K 353 14.90 14.03 -56.64
C ARG K 353 13.57 13.42 -57.08
N ARG K 354 12.85 12.78 -56.15
CA ARG K 354 11.56 12.21 -56.49
C ARG K 354 10.55 13.29 -56.88
N ALA K 355 10.57 14.42 -56.18
CA ALA K 355 9.64 15.50 -56.49
C ALA K 355 9.89 16.09 -57.87
N ILE K 356 11.16 16.26 -58.24
CA ILE K 356 11.48 16.83 -59.55
C ILE K 356 11.07 15.89 -60.67
N THR K 357 11.36 14.60 -60.51
CA THR K 357 11.09 13.60 -61.54
C THR K 357 9.81 12.81 -61.26
N GLY K 358 8.82 13.44 -60.66
CA GLY K 358 7.56 12.79 -60.35
C GLY K 358 6.45 13.81 -60.28
N ARG K 359 5.47 13.54 -59.41
CA ARG K 359 4.33 14.44 -59.22
C ARG K 359 4.12 14.68 -57.74
N ILE K 360 3.64 15.87 -57.41
CA ILE K 360 3.44 16.32 -56.04
C ILE K 360 1.95 16.33 -55.76
N PRO K 361 1.50 15.78 -54.62
CA PRO K 361 2.30 15.09 -53.60
C PRO K 361 2.19 13.57 -53.67
N ASP K 362 1.91 13.03 -54.85
CA ASP K 362 1.72 11.58 -54.96
C ASP K 362 3.02 10.82 -54.72
N SER K 363 4.14 11.36 -55.18
CA SER K 363 5.42 10.68 -55.07
C SER K 363 6.13 10.92 -53.75
N LEU K 364 5.61 11.79 -52.89
CA LEU K 364 6.24 12.08 -51.62
C LEU K 364 5.85 11.06 -50.56
N LYS K 365 6.81 10.69 -49.72
CA LYS K 365 6.58 9.71 -48.67
C LYS K 365 6.22 10.34 -47.33
N ASN K 366 6.90 11.43 -46.96
CA ASN K 366 6.67 12.10 -45.67
C ASN K 366 6.25 13.54 -45.95
N CYS K 367 4.95 13.75 -46.10
CA CYS K 367 4.38 15.08 -46.29
C CYS K 367 3.54 15.44 -45.08
N VAL K 368 3.72 16.65 -44.57
CA VAL K 368 3.08 17.07 -43.32
C VAL K 368 1.98 18.09 -43.52
N ASN K 369 1.85 18.67 -44.71
CA ASN K 369 0.81 19.66 -45.00
C ASN K 369 -0.07 19.20 -46.16
N LYS K 370 -0.32 17.89 -46.22
CA LYS K 370 -1.13 17.35 -47.32
C LYS K 370 -2.57 17.85 -47.24
N ASP K 371 -3.12 17.95 -46.04
CA ASP K 371 -4.49 18.43 -45.88
C ASP K 371 -4.63 19.89 -46.31
N HIS K 372 -3.67 20.73 -45.93
CA HIS K 372 -3.73 22.14 -46.26
C HIS K 372 -3.34 22.42 -47.70
N LEU K 373 -2.68 21.49 -48.37
CA LEU K 373 -2.24 21.71 -49.74
C LEU K 373 -3.43 21.77 -50.68
N THR K 374 -3.39 22.71 -51.62
CA THR K 374 -4.47 22.89 -52.58
C THR K 374 -4.00 22.63 -54.01
N ARG L 44 32.01 -2.17 29.27
CA ARG L 44 33.32 -2.06 29.89
C ARG L 44 34.52 -2.17 28.92
N PRO L 45 34.50 -3.10 27.96
CA PRO L 45 35.61 -3.11 26.98
C PRO L 45 35.64 -1.85 26.15
N LEU L 46 36.71 -1.70 25.38
CA LEU L 46 36.97 -0.53 24.57
C LEU L 46 36.93 -0.90 23.09
N VAL L 47 36.21 -0.10 22.30
CA VAL L 47 36.13 -0.26 20.85
C VAL L 47 36.58 1.04 20.22
N ALA L 48 37.50 0.94 19.26
CA ALA L 48 38.14 2.11 18.67
C ALA L 48 37.87 2.17 17.17
N LEU L 49 37.61 3.38 16.67
CA LEU L 49 37.48 3.65 15.25
C LEU L 49 38.83 4.20 14.77
N LEU L 50 39.51 3.44 13.91
CA LEU L 50 40.90 3.73 13.61
C LEU L 50 41.06 4.97 12.74
N ASP L 51 40.20 5.14 11.73
CA ASP L 51 40.25 6.29 10.83
C ASP L 51 38.86 6.90 10.71
N GLY L 52 38.54 7.84 11.58
CA GLY L 52 37.25 8.50 11.55
C GLY L 52 37.12 9.44 12.73
N ARG L 53 36.09 10.29 12.65
CA ARG L 53 35.84 11.26 13.70
C ARG L 53 34.37 11.26 14.10
N ASP L 54 33.49 10.86 13.18
CA ASP L 54 32.06 10.87 13.42
C ASP L 54 31.59 9.49 13.85
N CYS L 55 30.90 9.43 14.99
CA CYS L 55 30.40 8.18 15.55
C CYS L 55 28.97 8.35 16.04
N THR L 56 28.16 9.12 15.31
CA THR L 56 26.80 9.39 15.75
C THR L 56 25.87 8.20 15.54
N VAL L 57 26.22 7.27 14.67
CA VAL L 57 25.36 6.13 14.39
C VAL L 57 25.73 4.93 15.25
N GLU L 58 27.03 4.67 15.43
CA GLU L 58 27.47 3.51 16.21
C GLU L 58 27.28 3.71 17.70
N MET L 59 27.30 4.96 18.17
CA MET L 59 27.23 5.22 19.61
C MET L 59 25.94 4.71 20.25
N PRO L 60 24.74 4.97 19.73
CA PRO L 60 23.53 4.47 20.41
C PRO L 60 23.43 2.95 20.48
N ILE L 61 24.13 2.24 19.61
CA ILE L 61 24.09 0.77 19.65
C ILE L 61 25.08 0.23 20.68
N LEU L 62 26.34 0.63 20.57
CA LEU L 62 27.39 0.14 21.46
C LEU L 62 27.61 1.08 22.65
N LYS L 63 26.55 1.40 23.39
CA LYS L 63 26.67 2.26 24.56
C LYS L 63 26.49 1.52 25.88
N ASP L 64 25.74 0.43 25.89
CA ASP L 64 25.50 -0.34 27.11
C ASP L 64 26.28 -1.64 27.14
N VAL L 65 27.20 -1.85 26.19
CA VAL L 65 28.00 -3.06 26.15
C VAL L 65 29.49 -2.80 25.99
N ALA L 66 29.91 -1.60 25.62
CA ALA L 66 31.32 -1.31 25.40
C ALA L 66 31.53 0.20 25.48
N THR L 67 32.79 0.61 25.33
CA THR L 67 33.17 2.02 25.32
C THR L 67 33.73 2.38 23.96
N VAL L 68 33.18 3.44 23.36
CA VAL L 68 33.52 3.83 21.99
C VAL L 68 34.56 4.94 22.02
N ALA L 69 35.50 4.89 21.08
CA ALA L 69 36.52 5.92 20.95
C ALA L 69 36.96 5.98 19.49
N PHE L 70 37.57 7.10 19.12
CA PHE L 70 38.07 7.30 17.76
C PHE L 70 39.48 7.86 17.81
N CYS L 71 40.22 7.58 16.74
CA CYS L 71 41.62 7.93 16.59
C CYS L 71 41.88 8.98 15.51
N ASP L 72 41.12 8.94 14.41
CA ASP L 72 41.31 9.82 13.26
C ASP L 72 42.74 9.74 12.73
N ALA L 73 43.26 8.51 12.64
CA ALA L 73 44.63 8.29 12.22
C ALA L 73 44.72 8.15 10.71
N GLN L 74 45.87 8.54 10.16
CA GLN L 74 46.16 8.40 8.74
C GLN L 74 47.25 7.38 8.45
N SER L 75 47.90 6.85 9.49
CA SER L 75 48.95 5.85 9.32
C SER L 75 49.03 5.02 10.59
N THR L 76 49.71 3.89 10.50
CA THR L 76 49.85 2.99 11.64
C THR L 76 50.68 3.61 12.76
N GLN L 77 51.44 4.67 12.48
CA GLN L 77 52.27 5.31 13.48
C GLN L 77 51.53 6.39 14.26
N GLU L 78 50.26 6.63 13.96
CA GLU L 78 49.48 7.67 14.63
C GLU L 78 48.42 7.07 15.56
N ILE L 79 48.59 5.83 15.97
CA ILE L 79 47.63 5.16 16.85
C ILE L 79 48.10 5.35 18.29
N HIS L 80 47.17 5.77 19.15
CA HIS L 80 47.50 6.06 20.54
C HIS L 80 47.94 4.79 21.26
N GLU L 81 48.80 4.96 22.26
CA GLU L 81 49.35 3.82 23.00
C GLU L 81 48.27 3.07 23.77
N LYS L 82 47.25 3.79 24.26
CA LYS L 82 46.19 3.13 25.00
C LYS L 82 45.42 2.15 24.11
N VAL L 83 45.22 2.50 22.85
CA VAL L 83 44.51 1.62 21.92
C VAL L 83 45.29 0.32 21.72
N LEU L 84 46.61 0.43 21.56
CA LEU L 84 47.43 -0.75 21.29
C LEU L 84 47.46 -1.75 22.45
N ASN L 85 47.00 -1.35 23.64
CA ASN L 85 47.04 -2.22 24.81
C ASN L 85 45.68 -2.64 25.33
N GLU L 86 44.63 -1.86 25.09
CA GLU L 86 43.33 -2.09 25.70
C GLU L 86 42.21 -1.97 24.66
N ALA L 87 42.39 -2.61 23.51
CA ALA L 87 41.37 -2.62 22.46
C ALA L 87 40.93 -4.05 22.18
N VAL L 88 39.62 -4.26 22.14
CA VAL L 88 39.05 -5.56 21.84
C VAL L 88 38.61 -5.67 20.39
N GLY L 89 37.98 -4.61 19.86
CA GLY L 89 37.56 -4.58 18.48
C GLY L 89 37.92 -3.26 17.83
N ALA L 90 37.87 -3.25 16.50
CA ALA L 90 38.23 -2.06 15.74
C ALA L 90 37.38 -1.95 14.49
N LEU L 91 37.20 -0.72 14.03
CA LEU L 91 36.48 -0.43 12.79
C LEU L 91 37.38 0.43 11.92
N MET L 92 37.42 0.13 10.62
CA MET L 92 38.33 0.83 9.72
C MET L 92 37.73 0.93 8.33
N TYR L 93 38.06 2.02 7.65
CA TYR L 93 37.70 2.23 6.25
C TYR L 93 38.85 1.78 5.37
N HIS L 94 38.82 2.18 4.10
CA HIS L 94 39.81 1.77 3.11
C HIS L 94 41.05 2.67 3.08
N THR L 95 41.13 3.67 3.94
CA THR L 95 42.19 4.67 3.88
C THR L 95 43.44 4.28 4.67
N ILE L 96 43.44 3.14 5.36
CA ILE L 96 44.56 2.71 6.18
C ILE L 96 44.86 1.25 5.89
N THR L 97 46.15 0.91 5.84
CA THR L 97 46.61 -0.43 5.52
C THR L 97 47.33 -1.03 6.72
N LEU L 98 47.00 -2.29 7.01
CA LEU L 98 47.60 -3.01 8.14
C LEU L 98 48.40 -4.20 7.61
N THR L 99 49.63 -4.34 8.08
CA THR L 99 50.50 -5.45 7.72
C THR L 99 50.71 -6.35 8.93
N ARG L 100 51.53 -7.38 8.75
CA ARG L 100 51.77 -8.34 9.84
C ARG L 100 52.50 -7.67 11.00
N GLU L 101 53.46 -6.80 10.71
CA GLU L 101 54.16 -6.09 11.77
C GLU L 101 53.22 -5.21 12.58
N ASP L 102 52.27 -4.55 11.90
CA ASP L 102 51.31 -3.72 12.60
C ASP L 102 50.40 -4.55 13.49
N LEU L 103 50.00 -5.73 13.03
CA LEU L 103 49.10 -6.57 13.80
C LEU L 103 49.75 -7.08 15.08
N GLU L 104 51.05 -7.35 15.04
CA GLU L 104 51.74 -7.88 16.21
C GLU L 104 51.84 -6.86 17.34
N LYS L 105 51.64 -5.58 17.05
CA LYS L 105 51.71 -4.56 18.09
C LYS L 105 50.48 -4.54 18.98
N PHE L 106 49.36 -5.12 18.52
CA PHE L 106 48.16 -5.21 19.35
C PHE L 106 48.30 -6.34 20.35
N LYS L 107 47.82 -6.11 21.57
CA LYS L 107 47.94 -7.08 22.64
C LYS L 107 46.62 -7.68 23.10
N ALA L 108 45.49 -7.09 22.72
CA ALA L 108 44.19 -7.61 23.15
C ALA L 108 43.16 -7.62 22.02
N LEU L 109 43.56 -7.34 20.78
CA LEU L 109 42.62 -7.33 19.68
C LEU L 109 42.09 -8.72 19.41
N ARG L 110 40.79 -8.81 19.10
CA ARG L 110 40.16 -10.10 18.89
C ARG L 110 39.34 -10.15 17.59
N ILE L 111 38.86 -9.00 17.13
CA ILE L 111 38.01 -8.95 15.93
C ILE L 111 38.24 -7.63 15.23
N ILE L 112 38.23 -7.68 13.89
CA ILE L 112 38.31 -6.50 13.04
C ILE L 112 37.12 -6.53 12.08
N VAL L 113 36.38 -5.43 12.00
CA VAL L 113 35.23 -5.32 11.12
C VAL L 113 35.52 -4.22 10.11
N ARG L 114 35.40 -4.57 8.83
CA ARG L 114 35.66 -3.65 7.72
C ARG L 114 34.34 -3.11 7.20
N ILE L 115 34.18 -1.79 7.22
CA ILE L 115 32.95 -1.16 6.74
C ILE L 115 33.02 -1.05 5.22
N GLY L 116 32.53 -2.06 4.54
CA GLY L 116 32.59 -2.10 3.09
C GLY L 116 32.67 -3.55 2.62
N SER L 117 32.99 -3.70 1.33
CA SER L 117 33.04 -5.02 0.72
C SER L 117 34.45 -5.50 0.40
N GLY L 118 35.43 -4.61 0.35
CA GLY L 118 36.81 -4.98 0.03
C GLY L 118 37.65 -5.09 1.28
N PHE L 119 38.52 -6.11 1.30
CA PHE L 119 39.40 -6.35 2.43
C PHE L 119 40.83 -6.63 1.97
N ASP L 120 41.24 -6.07 0.84
CA ASP L 120 42.57 -6.30 0.31
C ASP L 120 43.66 -5.52 1.05
N ASN L 121 43.27 -4.59 1.93
CA ASN L 121 44.24 -3.81 2.69
C ASN L 121 44.55 -4.42 4.05
N ILE L 122 44.06 -5.63 4.32
CA ILE L 122 44.33 -6.34 5.57
C ILE L 122 44.95 -7.68 5.22
N ASP L 123 46.02 -8.04 5.92
CA ASP L 123 46.66 -9.34 5.72
C ASP L 123 45.79 -10.41 6.37
N ILE L 124 45.00 -11.10 5.55
CA ILE L 124 44.02 -12.05 6.07
C ILE L 124 44.71 -13.25 6.71
N LYS L 125 45.70 -13.81 6.00
CA LYS L 125 46.34 -15.04 6.49
C LYS L 125 47.10 -14.80 7.79
N SER L 126 47.80 -13.68 7.89
CA SER L 126 48.59 -13.40 9.09
C SER L 126 47.68 -13.20 10.31
N ALA L 127 46.54 -12.54 10.12
CA ALA L 127 45.63 -12.31 11.25
C ALA L 127 45.04 -13.63 11.76
N GLY L 128 44.87 -14.62 10.89
CA GLY L 128 44.35 -15.90 11.33
C GLY L 128 45.29 -16.61 12.28
N ASP L 129 46.60 -16.56 12.01
CA ASP L 129 47.56 -17.22 12.88
C ASP L 129 47.57 -16.59 14.27
N LEU L 130 47.48 -15.26 14.35
CA LEU L 130 47.48 -14.58 15.63
C LEU L 130 46.18 -14.75 16.39
N GLY L 131 45.12 -15.23 15.74
CA GLY L 131 43.85 -15.44 16.41
C GLY L 131 42.94 -14.24 16.36
N ILE L 132 42.84 -13.60 15.20
CA ILE L 132 42.00 -12.42 15.00
C ILE L 132 41.04 -12.71 13.85
N ALA L 133 39.77 -12.40 14.06
CA ALA L 133 38.73 -12.62 13.07
C ALA L 133 38.47 -11.33 12.29
N VAL L 134 38.21 -11.48 11.00
CA VAL L 134 37.98 -10.36 10.10
C VAL L 134 36.60 -10.50 9.48
N CYS L 135 35.82 -9.43 9.51
CA CYS L 135 34.46 -9.40 8.98
C CYS L 135 34.30 -8.21 8.05
N ASN L 136 33.21 -8.23 7.27
CA ASN L 136 32.91 -7.15 6.35
C ASN L 136 31.42 -7.12 6.08
N VAL L 137 30.99 -6.10 5.33
CA VAL L 137 29.60 -5.96 4.91
C VAL L 137 29.54 -6.33 3.42
N PRO L 138 28.99 -7.49 3.07
CA PRO L 138 29.14 -7.99 1.70
C PRO L 138 28.41 -7.17 0.64
N ALA L 139 27.13 -6.86 0.88
CA ALA L 139 26.30 -6.23 -0.14
C ALA L 139 25.43 -5.16 0.51
N ALA L 140 25.84 -3.90 0.37
CA ALA L 140 25.03 -2.79 0.83
C ALA L 140 24.96 -1.71 -0.24
N SER L 141 25.88 -1.74 -1.20
CA SER L 141 25.95 -0.76 -2.28
C SER L 141 26.14 -1.45 -3.62
N VAL L 142 25.45 -2.57 -3.83
CA VAL L 142 25.55 -3.26 -5.11
C VAL L 142 24.92 -2.43 -6.21
N GLU L 143 23.72 -1.90 -5.97
CA GLU L 143 23.00 -1.17 -7.01
C GLU L 143 23.57 0.23 -7.23
N GLU L 144 24.09 0.86 -6.17
CA GLU L 144 24.71 2.17 -6.34
C GLU L 144 25.93 2.10 -7.25
N THR L 145 26.77 1.08 -7.08
CA THR L 145 27.96 0.94 -7.91
C THR L 145 27.60 0.58 -9.33
N ALA L 146 26.56 -0.23 -9.53
CA ALA L 146 26.14 -0.61 -10.87
C ALA L 146 25.62 0.60 -11.66
N ASP L 147 24.87 1.48 -10.99
CA ASP L 147 24.37 2.67 -11.67
C ASP L 147 25.50 3.61 -12.04
N SER L 148 26.50 3.74 -11.17
CA SER L 148 27.64 4.62 -11.47
C SER L 148 28.46 4.10 -12.64
N THR L 149 28.57 2.77 -12.77
CA THR L 149 29.28 2.21 -13.92
C THR L 149 28.58 2.53 -15.22
N LEU L 150 27.25 2.44 -15.25
CA LEU L 150 26.51 2.75 -16.46
C LEU L 150 26.61 4.23 -16.82
N CYS L 151 26.69 5.10 -15.81
CA CYS L 151 26.81 6.54 -16.07
C CYS L 151 28.12 6.85 -16.79
N HIS L 152 29.21 6.20 -16.39
CA HIS L 152 30.50 6.43 -17.04
C HIS L 152 30.51 5.92 -18.48
N ILE L 153 29.84 4.79 -18.72
CA ILE L 153 29.81 4.23 -20.07
C ILE L 153 29.09 5.18 -21.03
N LEU L 154 27.97 5.73 -20.59
CA LEU L 154 27.19 6.63 -21.45
C LEU L 154 27.94 7.93 -21.72
N ASN L 155 28.73 8.41 -20.76
CA ASN L 155 29.48 9.65 -20.97
C ASN L 155 30.53 9.49 -22.06
N LEU L 156 31.09 8.30 -22.23
CA LEU L 156 32.11 8.10 -23.25
C LEU L 156 31.49 8.05 -24.65
N TYR L 157 30.34 7.40 -24.79
CA TYR L 157 29.67 7.31 -26.09
C TYR L 157 28.96 8.62 -26.43
N ARG L 158 27.99 9.01 -25.61
CA ARG L 158 27.30 10.28 -25.79
C ARG L 158 28.03 11.31 -24.93
N ARG L 159 28.98 12.01 -25.53
CA ARG L 159 29.83 12.95 -24.81
C ARG L 159 28.99 14.03 -24.15
N ALA L 160 28.91 14.01 -22.83
CA ALA L 160 28.11 14.97 -22.08
C ALA L 160 28.91 15.78 -21.07
N THR L 161 29.84 15.14 -20.36
CA THR L 161 30.70 15.89 -19.44
C THR L 161 31.63 16.83 -20.19
N TRP L 162 32.17 16.38 -21.33
CA TRP L 162 33.09 17.21 -22.10
C TRP L 162 32.36 18.39 -22.74
N LEU L 163 31.13 18.18 -23.20
CA LEU L 163 30.37 19.28 -23.79
C LEU L 163 30.00 20.33 -22.74
N HIS L 164 29.62 19.89 -21.54
CA HIS L 164 29.32 20.83 -20.47
C HIS L 164 30.57 21.60 -20.04
N GLN L 165 31.72 20.93 -20.01
CA GLN L 165 32.96 21.59 -19.63
C GLN L 165 33.35 22.67 -20.65
N ALA L 166 33.11 22.40 -21.94
CA ALA L 166 33.48 23.36 -22.97
C ALA L 166 32.70 24.65 -22.85
N LEU L 167 31.41 24.58 -22.50
CA LEU L 167 30.60 25.78 -22.39
C LEU L 167 31.10 26.69 -21.27
N ARG L 168 31.51 26.11 -20.15
CA ARG L 168 31.98 26.93 -19.04
C ARG L 168 33.30 27.63 -19.38
N GLU L 169 34.09 27.07 -20.28
CA GLU L 169 35.33 27.72 -20.69
C GLU L 169 35.10 28.90 -21.62
N GLY L 170 33.87 29.11 -22.10
CA GLY L 170 33.56 30.23 -22.95
C GLY L 170 33.39 29.90 -24.42
N THR L 171 33.40 28.63 -24.80
CA THR L 171 33.22 28.25 -26.19
C THR L 171 31.81 28.59 -26.66
N ARG L 172 31.71 29.14 -27.86
CA ARG L 172 30.44 29.53 -28.45
C ARG L 172 30.24 28.78 -29.77
N VAL L 173 29.10 28.11 -29.90
CA VAL L 173 28.76 27.35 -31.10
C VAL L 173 27.40 27.80 -31.59
N GLN L 174 27.32 28.21 -32.85
CA GLN L 174 26.09 28.73 -33.43
C GLN L 174 25.62 27.92 -34.64
N SER L 175 26.51 27.65 -35.59
CA SER L 175 26.12 26.96 -36.81
C SER L 175 26.14 25.44 -36.60
N VAL L 176 25.54 24.73 -37.56
CA VAL L 176 25.51 23.27 -37.48
C VAL L 176 26.90 22.69 -37.66
N GLU L 177 27.72 23.31 -38.53
CA GLU L 177 29.07 22.81 -38.75
C GLU L 177 29.89 22.87 -37.47
N GLN L 178 29.69 23.91 -36.67
CA GLN L 178 30.38 24.00 -35.39
C GLN L 178 29.93 22.90 -34.43
N ILE L 179 28.65 22.54 -34.47
CA ILE L 179 28.13 21.49 -33.61
C ILE L 179 28.78 20.14 -33.94
N ARG L 180 28.93 19.84 -35.23
CA ARG L 180 29.53 18.58 -35.63
C ARG L 180 31.00 18.49 -35.23
N GLU L 181 31.67 19.63 -35.01
CA GLU L 181 33.09 19.62 -34.68
C GLU L 181 33.34 19.50 -33.18
N VAL L 182 32.59 20.23 -32.36
CA VAL L 182 32.80 20.18 -30.92
C VAL L 182 32.41 18.81 -30.37
N ALA L 183 31.36 18.21 -30.92
CA ALA L 183 30.88 16.90 -30.48
C ALA L 183 31.33 15.78 -31.39
N SER L 184 32.50 15.92 -32.02
CA SER L 184 33.00 14.89 -32.92
C SER L 184 33.53 13.70 -32.12
N GLY L 185 33.08 12.51 -32.49
CA GLY L 185 33.48 11.29 -31.83
C GLY L 185 32.34 10.46 -31.26
N ALA L 186 31.13 11.00 -31.19
CA ALA L 186 29.99 10.24 -30.68
C ALA L 186 29.67 9.07 -31.60
N ALA L 187 29.21 7.98 -31.01
CA ALA L 187 28.96 6.73 -31.74
C ALA L 187 27.57 6.20 -31.39
N ARG L 188 27.19 5.15 -32.10
CA ARG L 188 25.90 4.49 -31.91
C ARG L 188 26.08 3.25 -31.04
N ILE L 189 25.30 3.17 -29.97
CA ILE L 189 25.50 2.12 -28.96
C ILE L 189 25.09 0.75 -29.52
N ARG L 190 23.96 0.68 -30.22
CA ARG L 190 23.44 -0.61 -30.66
C ARG L 190 24.41 -1.28 -31.63
N GLY L 191 24.66 -2.57 -31.39
CA GLY L 191 25.56 -3.35 -32.21
C GLY L 191 26.97 -3.50 -31.64
N GLU L 192 27.30 -2.78 -30.58
CA GLU L 192 28.64 -2.85 -30.00
C GLU L 192 28.75 -4.06 -29.08
N THR L 193 29.98 -4.37 -28.70
CA THR L 193 30.29 -5.49 -27.82
C THR L 193 30.88 -4.98 -26.52
N LEU L 194 30.37 -5.50 -25.40
CA LEU L 194 30.82 -5.11 -24.07
C LEU L 194 31.49 -6.30 -23.40
N GLY L 195 32.69 -6.07 -22.88
CA GLY L 195 33.46 -7.11 -22.21
C GLY L 195 33.56 -6.83 -20.71
N ILE L 196 33.30 -7.86 -19.92
CA ILE L 196 33.27 -7.76 -18.46
C ILE L 196 34.28 -8.76 -17.89
N ILE L 197 35.10 -8.31 -16.95
CA ILE L 197 36.09 -9.15 -16.30
C ILE L 197 35.65 -9.34 -14.85
N GLY L 198 35.13 -10.52 -14.55
CA GLY L 198 34.65 -10.82 -13.21
C GLY L 198 33.15 -10.67 -13.08
N LEU L 199 32.43 -11.80 -13.01
CA LEU L 199 30.97 -11.78 -12.93
C LEU L 199 30.57 -12.08 -11.49
N GLY L 200 30.59 -11.05 -10.66
CA GLY L 200 30.19 -11.13 -9.27
C GLY L 200 28.83 -10.51 -9.02
N ARG L 201 28.66 -9.94 -7.83
CA ARG L 201 27.41 -9.24 -7.54
C ARG L 201 27.24 -8.01 -8.42
N VAL L 202 28.28 -7.18 -8.51
CA VAL L 202 28.21 -5.99 -9.35
C VAL L 202 28.22 -6.36 -10.82
N GLY L 203 29.01 -7.37 -11.19
CA GLY L 203 29.11 -7.75 -12.59
C GLY L 203 27.79 -8.22 -13.17
N GLN L 204 27.01 -8.98 -12.39
CA GLN L 204 25.72 -9.44 -12.88
C GLN L 204 24.74 -8.29 -13.02
N ALA L 205 24.78 -7.32 -12.11
CA ALA L 205 23.88 -6.17 -12.19
C ALA L 205 24.13 -5.35 -13.44
N VAL L 206 25.41 -5.16 -13.79
CA VAL L 206 25.75 -4.37 -14.97
C VAL L 206 25.28 -5.07 -16.24
N ALA L 207 25.41 -6.39 -16.28
CA ALA L 207 25.06 -7.14 -17.49
C ALA L 207 23.58 -7.01 -17.83
N LEU L 208 22.72 -7.06 -16.81
CA LEU L 208 21.28 -6.97 -17.06
C LEU L 208 20.89 -5.59 -17.61
N ARG L 209 21.48 -4.53 -17.07
CA ARG L 209 21.15 -3.18 -17.52
C ARG L 209 21.71 -2.89 -18.90
N ALA L 210 22.83 -3.50 -19.25
CA ALA L 210 23.47 -3.22 -20.54
C ALA L 210 22.70 -3.82 -21.71
N LYS L 211 21.90 -4.86 -21.48
CA LYS L 211 21.17 -5.49 -22.57
C LYS L 211 20.00 -4.65 -23.06
N ALA L 212 19.49 -3.75 -22.23
CA ALA L 212 18.37 -2.91 -22.63
C ALA L 212 18.77 -1.86 -23.66
N PHE L 213 20.06 -1.53 -23.75
CA PHE L 213 20.55 -0.54 -24.70
C PHE L 213 21.00 -1.14 -26.02
N GLY L 214 20.98 -2.47 -26.16
CA GLY L 214 21.41 -3.13 -27.37
C GLY L 214 22.83 -3.65 -27.39
N PHE L 215 23.50 -3.69 -26.24
CA PHE L 215 24.87 -4.19 -26.19
C PHE L 215 24.90 -5.70 -26.40
N ASN L 216 26.07 -6.19 -26.80
CA ASN L 216 26.38 -7.61 -26.85
C ASN L 216 27.41 -7.89 -25.76
N VAL L 217 27.08 -8.80 -24.84
CA VAL L 217 27.80 -8.95 -23.59
C VAL L 217 28.61 -10.24 -23.60
N LEU L 218 29.90 -10.14 -23.28
CA LEU L 218 30.77 -11.27 -23.01
C LEU L 218 31.37 -11.10 -21.62
N PHE L 219 31.84 -12.21 -21.05
CA PHE L 219 32.47 -12.14 -19.74
C PHE L 219 33.53 -13.22 -19.62
N TYR L 220 34.45 -13.00 -18.68
CA TYR L 220 35.55 -13.92 -18.41
C TYR L 220 35.70 -14.08 -16.91
N ASP L 221 35.58 -15.32 -16.42
CA ASP L 221 35.72 -15.61 -15.00
C ASP L 221 36.17 -17.05 -14.83
N PRO L 222 37.38 -17.29 -14.33
CA PRO L 222 37.91 -18.65 -14.22
C PRO L 222 37.55 -19.39 -12.93
N TYR L 223 36.86 -18.74 -11.99
CA TYR L 223 36.54 -19.36 -10.71
C TYR L 223 35.06 -19.73 -10.58
N LEU L 224 34.29 -19.65 -11.66
CA LEU L 224 32.88 -19.96 -11.63
C LEU L 224 32.64 -21.39 -12.12
N SER L 225 31.45 -21.89 -11.82
CA SER L 225 31.05 -23.24 -12.22
C SER L 225 30.52 -23.21 -13.66
N ASP L 226 29.95 -24.32 -14.10
CA ASP L 226 29.46 -24.47 -15.46
C ASP L 226 27.97 -24.19 -15.53
N GLY L 227 27.55 -23.48 -16.58
CA GLY L 227 26.16 -23.21 -16.80
C GLY L 227 25.62 -21.93 -16.19
N VAL L 228 26.48 -21.10 -15.62
CA VAL L 228 26.02 -19.83 -15.07
C VAL L 228 25.56 -18.90 -16.19
N GLU L 229 26.23 -18.95 -17.34
CA GLU L 229 25.83 -18.13 -18.47
C GLU L 229 24.53 -18.61 -19.10
N ARG L 230 24.18 -19.89 -18.96
CA ARG L 230 22.94 -20.39 -19.52
C ARG L 230 21.73 -19.74 -18.85
N ALA L 231 21.79 -19.56 -17.53
CA ALA L 231 20.67 -18.97 -16.81
C ALA L 231 20.43 -17.53 -17.24
N LEU L 232 21.49 -16.75 -17.40
CA LEU L 232 21.38 -15.34 -17.74
C LEU L 232 21.39 -15.08 -19.24
N GLY L 233 21.64 -16.11 -20.06
CA GLY L 233 21.66 -15.93 -21.49
C GLY L 233 22.81 -15.07 -22.00
N LEU L 234 24.01 -15.27 -21.47
CA LEU L 234 25.20 -14.54 -21.87
C LEU L 234 26.15 -15.47 -22.63
N GLN L 235 27.31 -14.92 -22.99
CA GLN L 235 28.34 -15.67 -23.70
C GLN L 235 29.64 -15.63 -22.90
N ARG L 236 30.33 -16.75 -22.85
CA ARG L 236 31.50 -16.92 -21.99
C ARG L 236 32.72 -17.30 -22.82
N VAL L 237 33.86 -16.70 -22.48
CA VAL L 237 35.13 -17.05 -23.11
C VAL L 237 36.02 -17.71 -22.05
N SER L 238 37.13 -18.29 -22.50
CA SER L 238 37.99 -19.08 -21.64
C SER L 238 39.33 -18.44 -21.34
N THR L 239 39.77 -17.46 -22.13
CA THR L 239 41.06 -16.82 -21.93
C THR L 239 40.90 -15.30 -21.94
N LEU L 240 41.79 -14.63 -21.23
CA LEU L 240 41.76 -13.16 -21.19
C LEU L 240 42.10 -12.56 -22.55
N GLN L 241 43.02 -13.18 -23.28
CA GLN L 241 43.42 -12.66 -24.58
C GLN L 241 42.25 -12.66 -25.56
N ASP L 242 41.42 -13.72 -25.52
CA ASP L 242 40.28 -13.79 -26.43
C ASP L 242 39.25 -12.70 -26.14
N LEU L 243 39.09 -12.33 -24.87
CA LEU L 243 38.15 -11.27 -24.52
C LEU L 243 38.59 -9.92 -25.07
N LEU L 244 39.89 -9.63 -25.01
CA LEU L 244 40.39 -8.34 -25.46
C LEU L 244 40.33 -8.20 -26.98
N PHE L 245 40.41 -9.32 -27.71
CA PHE L 245 40.41 -9.25 -29.17
C PHE L 245 39.06 -8.84 -29.73
N HIS L 246 37.97 -9.20 -29.05
CA HIS L 246 36.62 -9.03 -29.60
C HIS L 246 35.77 -8.08 -28.75
N SER L 247 36.38 -7.10 -28.12
CA SER L 247 35.67 -6.17 -27.25
C SER L 247 35.90 -4.73 -27.71
N ASP L 248 34.83 -3.93 -27.63
CA ASP L 248 34.91 -2.51 -27.90
C ASP L 248 34.88 -1.65 -26.65
N CYS L 249 34.58 -2.23 -25.50
CA CYS L 249 34.59 -1.52 -24.23
C CYS L 249 34.86 -2.54 -23.12
N VAL L 250 35.82 -2.25 -22.26
CA VAL L 250 36.26 -3.18 -21.23
C VAL L 250 36.00 -2.55 -19.86
N THR L 251 35.36 -3.32 -18.99
CA THR L 251 35.09 -2.90 -17.62
C THR L 251 35.65 -3.94 -16.65
N LEU L 252 36.22 -3.46 -15.55
CA LEU L 252 36.85 -4.31 -14.55
C LEU L 252 35.96 -4.41 -13.32
N HIS L 253 35.66 -5.66 -12.91
CA HIS L 253 34.83 -5.88 -11.73
C HIS L 253 35.35 -7.01 -10.86
N CYS L 254 36.65 -7.33 -10.94
CA CYS L 254 37.21 -8.43 -10.20
C CYS L 254 37.78 -7.94 -8.86
N GLY L 255 38.32 -8.87 -8.08
CA GLY L 255 38.96 -8.55 -6.82
C GLY L 255 40.47 -8.50 -6.96
N LEU L 256 41.10 -7.85 -5.98
CA LEU L 256 42.55 -7.64 -5.99
C LEU L 256 43.20 -8.68 -5.09
N ASN L 257 43.46 -9.86 -5.67
CA ASN L 257 44.23 -10.89 -4.99
C ASN L 257 45.70 -10.75 -5.39
N GLU L 258 46.52 -11.74 -5.06
CA GLU L 258 47.95 -11.67 -5.33
C GLU L 258 48.33 -12.24 -6.70
N HIS L 259 47.37 -12.71 -7.48
CA HIS L 259 47.64 -13.27 -8.80
C HIS L 259 47.21 -12.36 -9.94
N ASN L 260 46.73 -11.16 -9.65
CA ASN L 260 46.24 -10.28 -10.70
C ASN L 260 46.68 -8.84 -10.48
N HIS L 261 47.84 -8.63 -9.85
CA HIS L 261 48.38 -7.29 -9.69
C HIS L 261 48.88 -6.79 -11.05
N HIS L 262 48.51 -5.55 -11.39
CA HIS L 262 48.80 -4.96 -12.69
C HIS L 262 48.33 -5.87 -13.83
N LEU L 263 47.03 -6.18 -13.79
CA LEU L 263 46.44 -7.03 -14.81
C LEU L 263 46.53 -6.39 -16.19
N ILE L 264 46.22 -5.10 -16.28
CA ILE L 264 46.35 -4.34 -17.52
C ILE L 264 47.75 -3.73 -17.52
N ASN L 265 48.72 -4.51 -17.98
CA ASN L 265 50.10 -4.07 -18.02
C ASN L 265 50.46 -3.60 -19.43
N ASP L 266 51.75 -3.36 -19.67
CA ASP L 266 52.19 -2.86 -20.97
C ASP L 266 51.96 -3.89 -22.06
N PHE L 267 52.22 -5.16 -21.79
CA PHE L 267 52.08 -6.19 -22.81
C PHE L 267 50.63 -6.40 -23.21
N THR L 268 49.72 -6.42 -22.23
CA THR L 268 48.32 -6.70 -22.52
C THR L 268 47.61 -5.52 -23.16
N VAL L 269 48.06 -4.30 -22.90
CA VAL L 269 47.38 -3.13 -23.45
C VAL L 269 47.55 -3.03 -24.95
N LYS L 270 48.51 -3.74 -25.53
CA LYS L 270 48.71 -3.75 -26.97
C LYS L 270 47.86 -4.80 -27.68
N GLN L 271 47.14 -5.63 -26.93
CA GLN L 271 46.26 -6.64 -27.52
C GLN L 271 44.84 -6.16 -27.71
N MET L 272 44.50 -4.95 -27.25
CA MET L 272 43.17 -4.42 -27.41
C MET L 272 42.97 -3.89 -28.82
N ARG L 273 41.71 -3.63 -29.17
CA ARG L 273 41.37 -3.14 -30.50
C ARG L 273 41.84 -1.70 -30.68
N GLN L 274 41.76 -1.24 -31.93
CA GLN L 274 42.14 0.13 -32.27
C GLN L 274 40.97 1.06 -31.95
N GLY L 275 41.13 1.88 -30.92
CA GLY L 275 40.11 2.82 -30.55
C GLY L 275 39.05 2.24 -29.63
N ALA L 276 39.47 1.68 -28.51
CA ALA L 276 38.57 1.10 -27.52
C ALA L 276 38.50 1.99 -26.29
N PHE L 277 37.53 1.69 -25.43
CA PHE L 277 37.35 2.39 -24.17
C PHE L 277 37.78 1.52 -23.01
N LEU L 278 37.84 2.12 -21.83
CA LEU L 278 38.25 1.42 -20.61
C LEU L 278 37.62 2.10 -19.41
N VAL L 279 36.94 1.30 -18.58
CA VAL L 279 36.29 1.78 -17.37
C VAL L 279 36.81 0.95 -16.20
N ASN L 280 37.22 1.62 -15.13
CA ASN L 280 37.74 0.95 -13.94
C ASN L 280 37.08 1.54 -12.71
N THR L 281 36.37 0.70 -11.96
CA THR L 281 35.73 1.13 -10.72
C THR L 281 35.93 0.15 -9.58
N ALA L 282 36.82 -0.84 -9.74
CA ALA L 282 37.02 -1.86 -8.71
C ALA L 282 38.17 -1.51 -7.77
N ARG L 283 39.39 -1.46 -8.30
CA ARG L 283 40.57 -1.17 -7.49
C ARG L 283 41.61 -0.50 -8.37
N GLY L 284 42.52 0.22 -7.71
CA GLY L 284 43.53 0.99 -8.43
C GLY L 284 44.75 0.19 -8.83
N GLY L 285 44.99 -0.94 -8.17
CA GLY L 285 46.16 -1.74 -8.45
C GLY L 285 46.05 -2.66 -9.64
N LEU L 286 44.90 -2.68 -10.31
CA LEU L 286 44.70 -3.55 -11.47
C LEU L 286 45.17 -2.93 -12.78
N VAL L 287 45.50 -1.64 -12.80
CA VAL L 287 45.86 -0.94 -14.02
C VAL L 287 47.21 -0.25 -13.81
N ASP L 288 48.10 -0.41 -14.78
CA ASP L 288 49.39 0.30 -14.77
C ASP L 288 49.19 1.66 -15.44
N GLU L 289 49.21 2.71 -14.63
CA GLU L 289 48.90 4.04 -15.15
C GLU L 289 49.99 4.56 -16.08
N LYS L 290 51.23 4.11 -15.91
CA LYS L 290 52.30 4.57 -16.77
C LYS L 290 52.09 4.12 -18.22
N ALA L 291 51.64 2.87 -18.40
CA ALA L 291 51.39 2.37 -19.75
C ALA L 291 50.10 2.94 -20.33
N LEU L 292 49.12 3.23 -19.49
CA LEU L 292 47.85 3.78 -19.97
C LEU L 292 48.04 5.17 -20.57
N ALA L 293 48.92 5.98 -19.95
CA ALA L 293 49.12 7.34 -20.43
C ALA L 293 49.67 7.38 -21.85
N GLN L 294 50.61 6.48 -22.16
CA GLN L 294 51.19 6.45 -23.49
C GLN L 294 50.15 6.05 -24.54
N ALA L 295 49.24 5.13 -24.18
CA ALA L 295 48.22 4.70 -25.13
C ALA L 295 47.27 5.83 -25.49
N LEU L 296 46.90 6.65 -24.50
CA LEU L 296 45.99 7.77 -24.77
C LEU L 296 46.62 8.79 -25.70
N LYS L 297 47.91 9.08 -25.52
CA LYS L 297 48.57 10.09 -26.35
C LYS L 297 48.69 9.63 -27.79
N GLU L 298 49.09 8.36 -28.01
CA GLU L 298 49.26 7.87 -29.37
C GLU L 298 47.94 7.66 -30.09
N GLY L 299 46.84 7.50 -29.35
CA GLY L 299 45.53 7.34 -29.95
C GLY L 299 45.03 5.93 -30.04
N ARG L 300 45.73 4.95 -29.46
CA ARG L 300 45.25 3.57 -29.50
C ARG L 300 44.03 3.37 -28.63
N ILE L 301 43.81 4.22 -27.62
CA ILE L 301 42.64 4.16 -26.76
C ILE L 301 41.90 5.49 -26.88
N ARG L 302 40.61 5.42 -27.22
CA ARG L 302 39.86 6.65 -27.48
C ARG L 302 39.59 7.41 -26.19
N GLY L 303 39.32 6.71 -25.10
CA GLY L 303 39.04 7.39 -23.83
C GLY L 303 39.09 6.41 -22.69
N ALA L 304 39.04 6.97 -21.48
CA ALA L 304 39.09 6.17 -20.26
C ALA L 304 38.43 6.93 -19.13
N ALA L 305 37.61 6.22 -18.35
CA ALA L 305 36.95 6.76 -17.17
C ALA L 305 37.43 5.98 -15.96
N LEU L 306 37.96 6.68 -14.97
CA LEU L 306 38.55 6.06 -13.79
C LEU L 306 37.91 6.61 -12.52
N ASP L 307 37.64 5.70 -11.58
CA ASP L 307 37.13 6.07 -10.27
C ASP L 307 38.09 5.76 -9.14
N VAL L 308 39.05 4.86 -9.36
CA VAL L 308 40.05 4.49 -8.36
C VAL L 308 41.42 4.55 -9.00
N HIS L 309 42.41 5.00 -8.23
CA HIS L 309 43.76 5.21 -8.73
C HIS L 309 44.77 4.56 -7.81
N GLU L 310 45.98 4.36 -8.33
CA GLU L 310 47.05 3.73 -7.54
C GLU L 310 47.41 4.57 -6.33
N SER L 311 47.56 5.87 -6.52
CA SER L 311 47.91 6.79 -5.44
C SER L 311 46.74 7.73 -5.18
N GLU L 312 46.31 7.80 -3.92
CA GLU L 312 45.20 8.65 -3.53
C GLU L 312 45.61 9.54 -2.37
N PRO L 313 45.07 10.77 -2.30
CA PRO L 313 44.08 11.37 -3.19
C PRO L 313 44.64 11.76 -4.57
N PHE L 314 43.74 11.87 -5.55
CA PHE L 314 44.12 12.13 -6.94
C PHE L 314 44.13 13.63 -7.23
N SER L 315 45.10 14.05 -8.03
CA SER L 315 45.21 15.42 -8.48
C SER L 315 45.61 15.45 -9.94
N PHE L 316 44.99 16.36 -10.70
CA PHE L 316 45.26 16.44 -12.13
C PHE L 316 46.65 16.99 -12.43
N SER L 317 47.28 17.65 -11.48
CA SER L 317 48.58 18.29 -11.70
C SER L 317 49.75 17.40 -11.31
N GLN L 318 49.51 16.18 -10.82
CA GLN L 318 50.58 15.30 -10.39
C GLN L 318 50.31 13.89 -10.90
N GLY L 319 51.38 13.12 -11.07
CA GLY L 319 51.27 11.74 -11.46
C GLY L 319 51.57 11.51 -12.94
N PRO L 320 51.61 10.25 -13.35
CA PRO L 320 51.85 9.94 -14.76
C PRO L 320 50.77 10.45 -15.70
N LEU L 321 49.56 10.71 -15.19
CA LEU L 321 48.45 11.20 -16.00
C LEU L 321 48.31 12.71 -15.92
N LYS L 322 49.43 13.43 -15.78
CA LYS L 322 49.37 14.88 -15.65
C LYS L 322 48.79 15.54 -16.88
N ASP L 323 49.18 15.09 -18.06
CA ASP L 323 48.71 15.65 -19.33
C ASP L 323 48.34 14.50 -20.27
N ALA L 324 47.10 14.05 -20.18
CA ALA L 324 46.61 12.98 -21.03
C ALA L 324 45.21 13.32 -21.53
N PRO L 325 44.99 13.33 -22.84
CA PRO L 325 43.67 13.71 -23.36
C PRO L 325 42.63 12.64 -23.12
N ASN L 326 41.37 13.08 -23.14
CA ASN L 326 40.20 12.20 -23.04
C ASN L 326 40.22 11.37 -21.76
N LEU L 327 40.13 12.07 -20.63
CA LEU L 327 40.19 11.45 -19.32
C LEU L 327 39.08 11.98 -18.44
N ILE L 328 38.40 11.07 -17.74
CA ILE L 328 37.37 11.42 -16.76
C ILE L 328 37.72 10.74 -15.44
N CYS L 329 37.71 11.52 -14.36
CA CYS L 329 38.09 11.01 -13.05
C CYS L 329 37.11 11.48 -11.99
N THR L 330 36.88 10.63 -11.00
CA THR L 330 36.02 10.90 -9.86
C THR L 330 36.75 10.53 -8.58
N PRO L 331 36.44 11.21 -7.46
CA PRO L 331 37.20 11.03 -6.21
C PRO L 331 36.76 9.84 -5.35
N HIS L 332 36.68 8.66 -5.98
CA HIS L 332 36.39 7.40 -5.28
C HIS L 332 35.09 7.50 -4.48
N ALA L 333 34.01 7.82 -5.19
CA ALA L 333 32.71 8.01 -4.58
C ALA L 333 31.61 7.32 -5.37
N ALA L 334 31.90 6.11 -5.85
CA ALA L 334 30.94 5.32 -6.61
C ALA L 334 30.02 4.50 -5.73
N TRP L 335 30.15 4.62 -4.40
CA TRP L 335 29.36 3.85 -3.46
C TRP L 335 28.42 4.69 -2.62
N TYR L 336 28.60 6.00 -2.57
CA TYR L 336 27.89 6.82 -1.60
C TYR L 336 26.41 6.97 -1.97
N SER L 337 25.57 6.91 -0.95
CA SER L 337 24.14 7.22 -1.07
C SER L 337 23.63 7.51 0.33
N GLU L 338 22.52 8.26 0.38
CA GLU L 338 21.95 8.61 1.69
C GLU L 338 21.48 7.37 2.42
N GLN L 339 20.82 6.44 1.73
CA GLN L 339 20.34 5.22 2.36
C GLN L 339 21.48 4.21 2.56
N ALA L 340 22.40 4.13 1.61
CA ALA L 340 23.47 3.14 1.70
C ALA L 340 24.42 3.44 2.85
N SER L 341 24.70 4.71 3.10
CA SER L 341 25.64 5.07 4.15
C SER L 341 25.13 4.66 5.53
N ILE L 342 23.84 4.87 5.79
CA ILE L 342 23.27 4.51 7.09
C ILE L 342 23.22 3.00 7.25
N GLU L 343 22.88 2.28 6.18
CA GLU L 343 22.70 0.84 6.28
C GLU L 343 24.00 0.13 6.63
N MET L 344 25.12 0.54 6.01
CA MET L 344 26.37 -0.17 6.25
C MET L 344 26.96 0.14 7.62
N ARG L 345 26.69 1.33 8.15
CA ARG L 345 27.23 1.69 9.46
C ARG L 345 26.50 0.96 10.58
N GLU L 346 25.18 0.78 10.45
CA GLU L 346 24.43 0.07 11.47
C GLU L 346 24.78 -1.41 11.49
N GLU L 347 24.97 -2.02 10.31
CA GLU L 347 25.27 -3.44 10.26
C GLU L 347 26.63 -3.74 10.90
N ALA L 348 27.62 -2.88 10.66
CA ALA L 348 28.95 -3.11 11.24
C ALA L 348 28.91 -3.02 12.75
N ALA L 349 28.13 -2.07 13.29
CA ALA L 349 28.05 -1.91 14.74
C ALA L 349 27.43 -3.14 15.40
N ARG L 350 26.39 -3.71 14.78
CA ARG L 350 25.74 -4.88 15.35
C ARG L 350 26.60 -6.13 15.26
N GLU L 351 27.55 -6.17 14.32
CA GLU L 351 28.47 -7.31 14.26
C GLU L 351 29.41 -7.33 15.45
N ILE L 352 29.83 -6.16 15.92
CA ILE L 352 30.69 -6.07 17.10
C ILE L 352 29.95 -6.56 18.33
N ARG L 353 28.68 -6.16 18.48
CA ARG L 353 27.93 -6.50 19.69
C ARG L 353 27.73 -8.01 19.81
N ARG L 354 27.48 -8.70 18.69
CA ARG L 354 27.31 -10.14 18.74
C ARG L 354 28.59 -10.85 19.18
N ALA L 355 29.75 -10.36 18.72
CA ALA L 355 31.01 -10.97 19.10
C ALA L 355 31.29 -10.82 20.58
N ILE L 356 31.00 -9.66 21.15
CA ILE L 356 31.26 -9.44 22.57
C ILE L 356 30.35 -10.30 23.42
N THR L 357 29.06 -10.37 23.08
CA THR L 357 28.08 -11.12 23.85
C THR L 357 27.78 -12.50 23.26
N GLY L 358 28.77 -13.13 22.65
CA GLY L 358 28.62 -14.44 22.06
C GLY L 358 29.93 -15.18 22.03
N ARG L 359 30.12 -16.00 21.01
CA ARG L 359 31.34 -16.77 20.83
C ARG L 359 31.84 -16.63 19.41
N ILE L 360 33.16 -16.66 19.25
CA ILE L 360 33.83 -16.46 17.98
C ILE L 360 34.35 -17.81 17.49
N PRO L 361 34.14 -18.18 16.22
CA PRO L 361 33.37 -17.44 15.21
C PRO L 361 31.98 -17.99 14.96
N ASP L 362 31.39 -18.64 15.98
CA ASP L 362 30.09 -19.26 15.80
C ASP L 362 28.99 -18.23 15.60
N SER L 363 29.08 -17.10 16.29
CA SER L 363 28.03 -16.08 16.24
C SER L 363 28.21 -15.09 15.09
N LEU L 364 29.32 -15.17 14.34
CA LEU L 364 29.56 -14.24 13.25
C LEU L 364 28.88 -14.72 11.99
N LYS L 365 28.34 -13.77 11.22
CA LYS L 365 27.63 -14.07 9.98
C LYS L 365 28.52 -13.97 8.76
N ASN L 366 29.38 -12.95 8.68
CA ASN L 366 30.25 -12.72 7.53
C ASN L 366 31.70 -12.74 8.02
N CYS L 367 32.30 -13.93 8.02
CA CYS L 367 33.70 -14.11 8.38
C CYS L 367 34.47 -14.56 7.16
N VAL L 368 35.62 -13.94 6.91
CA VAL L 368 36.38 -14.18 5.69
C VAL L 368 37.67 -14.96 5.93
N ASN L 369 38.09 -15.13 7.17
CA ASN L 369 39.31 -15.87 7.50
C ASN L 369 39.00 -17.04 8.42
N LYS L 370 37.85 -17.68 8.21
CA LYS L 370 37.46 -18.80 9.06
C LYS L 370 38.40 -19.99 8.88
N ASP L 371 38.83 -20.25 7.65
CA ASP L 371 39.74 -21.37 7.40
C ASP L 371 41.09 -21.14 8.08
N HIS L 372 41.62 -19.92 7.99
CA HIS L 372 42.92 -19.63 8.57
C HIS L 372 42.87 -19.46 10.09
N LEU L 373 41.68 -19.24 10.65
CA LEU L 373 41.57 -19.02 12.08
C LEU L 373 41.87 -20.30 12.85
N THR L 374 42.61 -20.15 13.94
CA THR L 374 43.00 -21.30 14.77
C THR L 374 42.41 -21.19 16.17
N ARG M 44 29.55 35.31 0.25
CA ARG M 44 28.30 34.75 0.78
C ARG M 44 28.08 35.20 2.21
N PRO M 45 26.83 35.42 2.59
CA PRO M 45 26.52 35.86 3.95
C PRO M 45 26.87 34.79 4.98
N LEU M 46 26.80 35.19 6.25
CA LEU M 46 27.16 34.33 7.37
C LEU M 46 25.93 34.03 8.21
N VAL M 47 25.74 32.76 8.54
CA VAL M 47 24.65 32.31 9.41
C VAL M 47 25.29 31.57 10.59
N ALA M 48 24.87 31.93 11.81
CA ALA M 48 25.49 31.44 13.02
C ALA M 48 24.48 30.69 13.88
N LEU M 49 24.91 29.58 14.46
CA LEU M 49 24.12 28.83 15.43
C LEU M 49 24.61 29.25 16.82
N LEU M 50 23.74 29.90 17.59
CA LEU M 50 24.18 30.58 18.80
C LEU M 50 24.51 29.60 19.93
N ASP M 51 23.71 28.54 20.09
CA ASP M 51 23.93 27.54 21.14
C ASP M 51 23.84 26.16 20.51
N GLY M 52 24.96 25.64 20.04
CA GLY M 52 24.99 24.32 19.44
C GLY M 52 26.37 24.02 18.89
N ARG M 53 26.58 22.76 18.56
CA ARG M 53 27.86 22.31 18.02
C ARG M 53 27.66 21.45 16.79
N ASP M 54 26.52 20.77 16.70
CA ASP M 54 26.23 19.86 15.62
C ASP M 54 25.42 20.57 14.54
N CYS M 55 25.90 20.51 13.30
CA CYS M 55 25.25 21.16 12.17
C CYS M 55 25.23 20.24 10.96
N THR M 56 25.04 18.93 11.19
CA THR M 56 25.09 17.96 10.10
C THR M 56 23.85 18.00 9.23
N VAL M 57 22.74 18.55 9.72
CA VAL M 57 21.50 18.58 8.95
C VAL M 57 21.35 19.90 8.20
N GLU M 58 21.69 21.01 8.84
CA GLU M 58 21.54 22.32 8.21
C GLU M 58 22.58 22.58 7.14
N MET M 59 23.76 21.96 7.27
CA MET M 59 24.86 22.24 6.34
C MET M 59 24.52 21.91 4.88
N PRO M 60 23.99 20.72 4.55
CA PRO M 60 23.71 20.44 3.13
C PRO M 60 22.69 21.36 2.50
N ILE M 61 21.83 22.00 3.29
CA ILE M 61 20.83 22.91 2.74
C ILE M 61 21.44 24.29 2.50
N LEU M 62 22.04 24.88 3.53
CA LEU M 62 22.61 26.21 3.44
C LEU M 62 24.10 26.18 3.11
N LYS M 63 24.47 25.50 2.02
CA LYS M 63 25.87 25.44 1.61
C LYS M 63 26.17 26.23 0.35
N ASP M 64 25.18 26.41 -0.53
CA ASP M 64 25.37 27.16 -1.76
C ASP M 64 24.73 28.54 -1.72
N VAL M 65 24.26 28.97 -0.56
CA VAL M 65 23.65 30.29 -0.43
C VAL M 65 24.18 31.09 0.74
N ALA M 66 24.90 30.49 1.68
CA ALA M 66 25.40 31.20 2.85
C ALA M 66 26.56 30.42 3.45
N THR M 67 27.14 30.97 4.52
CA THR M 67 28.23 30.35 5.25
C THR M 67 27.75 30.03 6.66
N VAL M 68 27.93 28.78 7.08
CA VAL M 68 27.41 28.30 8.35
C VAL M 68 28.52 28.31 9.40
N ALA M 69 28.17 28.67 10.62
CA ALA M 69 29.12 28.68 11.73
C ALA M 69 28.34 28.44 13.02
N PHE M 70 29.06 28.02 14.06
CA PHE M 70 28.47 27.77 15.37
C PHE M 70 29.32 28.42 16.44
N CYS M 71 28.67 28.72 17.57
CA CYS M 71 29.32 29.39 18.69
C CYS M 71 29.36 28.56 19.97
N ASP M 72 28.37 27.70 20.19
CA ASP M 72 28.28 26.87 21.39
C ASP M 72 28.33 27.73 22.65
N ALA M 73 27.58 28.83 22.63
CA ALA M 73 27.58 29.78 23.73
C ALA M 73 26.53 29.41 24.77
N GLN M 74 26.80 29.77 26.02
CA GLN M 74 25.86 29.57 27.12
C GLN M 74 25.32 30.88 27.68
N SER M 75 25.82 32.01 27.22
CA SER M 75 25.36 33.31 27.67
C SER M 75 25.64 34.33 26.58
N THR M 76 25.00 35.50 26.70
CA THR M 76 25.17 36.55 25.71
C THR M 76 26.59 37.13 25.70
N GLN M 77 27.37 36.88 26.75
CA GLN M 77 28.73 37.38 26.84
C GLN M 77 29.75 36.45 26.20
N GLU M 78 29.33 35.31 25.67
CA GLU M 78 30.23 34.35 25.06
C GLU M 78 30.11 34.31 23.54
N ILE M 79 29.56 35.36 22.94
CA ILE M 79 29.38 35.44 21.50
C ILE M 79 30.60 36.12 20.89
N HIS M 80 31.15 35.51 19.84
CA HIS M 80 32.36 36.04 19.22
C HIS M 80 32.09 37.40 18.58
N GLU M 81 33.14 38.23 18.53
CA GLU M 81 32.99 39.58 18.00
C GLU M 81 32.64 39.57 16.51
N LYS M 82 33.14 38.59 15.76
CA LYS M 82 32.83 38.52 14.34
C LYS M 82 31.34 38.32 14.10
N VAL M 83 30.69 37.51 14.95
CA VAL M 83 29.26 37.27 14.81
C VAL M 83 28.48 38.56 15.01
N LEU M 84 28.86 39.36 16.01
CA LEU M 84 28.12 40.58 16.32
C LEU M 84 28.20 41.62 15.21
N ASN M 85 29.11 41.47 14.25
CA ASN M 85 29.29 42.45 13.20
C ASN M 85 28.90 41.96 11.80
N GLU M 86 28.97 40.65 11.55
CA GLU M 86 28.79 40.11 10.21
C GLU M 86 27.85 38.91 10.22
N ALA M 87 26.71 39.04 10.90
CA ALA M 87 25.71 37.98 10.94
C ALA M 87 24.40 38.49 10.35
N VAL M 88 23.82 37.70 9.45
CA VAL M 88 22.54 38.04 8.83
C VAL M 88 21.39 37.29 9.50
N GLY M 89 21.58 36.00 9.80
CA GLY M 89 20.57 35.22 10.47
C GLY M 89 21.17 34.41 11.60
N ALA M 90 20.30 33.91 12.48
CA ALA M 90 20.74 33.15 13.63
C ALA M 90 19.73 32.06 13.95
N LEU M 91 20.22 30.98 14.57
CA LEU M 91 19.39 29.88 15.04
C LEU M 91 19.70 29.65 16.51
N MET M 92 18.65 29.44 17.31
CA MET M 92 18.83 29.32 18.75
C MET M 92 17.81 28.35 19.33
N TYR M 93 18.23 27.65 20.39
CA TYR M 93 17.35 26.79 21.16
C TYR M 93 16.81 27.58 22.36
N HIS M 94 16.26 26.85 23.34
CA HIS M 94 15.64 27.47 24.50
C HIS M 94 16.62 27.74 25.64
N THR M 95 17.90 27.44 25.46
CA THR M 95 18.88 27.54 26.53
C THR M 95 19.51 28.91 26.69
N ILE M 96 19.18 29.86 25.82
CA ILE M 96 19.77 31.20 25.85
C ILE M 96 18.66 32.23 25.75
N THR M 97 18.80 33.32 26.51
CA THR M 97 17.80 34.38 26.56
C THR M 97 18.39 35.68 26.01
N LEU M 98 17.62 36.36 25.17
CA LEU M 98 18.04 37.62 24.54
C LEU M 98 17.11 38.74 25.01
N THR M 99 17.71 39.84 25.45
CA THR M 99 16.99 41.03 25.88
C THR M 99 17.22 42.16 24.88
N ARG M 100 16.64 43.32 25.19
CA ARG M 100 16.77 44.46 24.29
C ARG M 100 18.21 44.94 24.20
N GLU M 101 18.93 44.94 25.32
CA GLU M 101 20.32 45.36 25.31
C GLU M 101 21.17 44.42 24.45
N ASP M 102 20.89 43.12 24.52
CA ASP M 102 21.62 42.16 23.71
C ASP M 102 21.33 42.36 22.22
N LEU M 103 20.09 42.69 21.87
CA LEU M 103 19.74 42.85 20.46
C LEU M 103 20.43 44.07 19.85
N GLU M 104 20.61 45.14 20.64
CA GLU M 104 21.23 46.35 20.12
C GLU M 104 22.69 46.15 19.77
N LYS M 105 23.34 45.10 20.28
CA LYS M 105 24.74 44.85 19.97
C LYS M 105 24.95 44.30 18.57
N PHE M 106 23.91 43.73 17.96
CA PHE M 106 24.01 43.25 16.59
C PHE M 106 23.92 44.41 15.60
N LYS M 107 24.72 44.35 14.55
CA LYS M 107 24.79 45.42 13.57
C LYS M 107 24.26 45.05 12.19
N ALA M 108 24.07 43.76 11.91
CA ALA M 108 23.59 43.34 10.60
C ALA M 108 22.52 42.25 10.69
N LEU M 109 22.03 41.91 11.88
CA LEU M 109 21.03 40.88 12.02
C LEU M 109 19.72 41.30 11.37
N ARG M 110 19.06 40.35 10.70
CA ARG M 110 17.82 40.67 9.99
C ARG M 110 16.70 39.69 10.32
N ILE M 111 17.04 38.47 10.71
CA ILE M 111 16.03 37.45 10.98
C ILE M 111 16.55 36.51 12.07
N ILE M 112 15.64 36.08 12.94
CA ILE M 112 15.93 35.09 13.98
C ILE M 112 14.91 33.97 13.84
N VAL M 113 15.40 32.74 13.79
CA VAL M 113 14.54 31.55 13.68
C VAL M 113 14.72 30.70 14.92
N ARG M 114 13.62 30.40 15.59
CA ARG M 114 13.61 29.63 16.83
C ARG M 114 13.23 28.19 16.50
N ILE M 115 14.10 27.24 16.84
CA ILE M 115 13.84 25.83 16.57
C ILE M 115 12.95 25.28 17.68
N GLY M 116 11.65 25.35 17.48
CA GLY M 116 10.69 24.93 18.48
C GLY M 116 9.42 25.74 18.36
N SER M 117 8.57 25.62 19.38
CA SER M 117 7.28 26.29 19.37
C SER M 117 7.18 27.45 20.34
N GLY M 118 8.06 27.55 21.33
CA GLY M 118 8.02 28.61 22.31
C GLY M 118 9.02 29.71 21.97
N PHE M 119 8.61 30.95 22.18
CA PHE M 119 9.46 32.10 21.91
C PHE M 119 9.41 33.12 23.05
N ASP M 120 9.17 32.66 24.28
CA ASP M 120 9.10 33.55 25.43
C ASP M 120 10.45 34.04 25.90
N ASN M 121 11.55 33.50 25.38
CA ASN M 121 12.88 33.92 25.76
C ASN M 121 13.44 35.00 24.83
N ILE M 122 12.64 35.52 23.92
CA ILE M 122 13.05 36.58 23.01
C ILE M 122 12.08 37.75 23.18
N ASP M 123 12.62 38.96 23.29
CA ASP M 123 11.80 40.16 23.40
C ASP M 123 11.21 40.46 22.02
N ILE M 124 9.95 40.07 21.82
CA ILE M 124 9.33 40.18 20.50
C ILE M 124 9.12 41.63 20.11
N LYS M 125 8.58 42.44 21.03
CA LYS M 125 8.25 43.83 20.70
C LYS M 125 9.50 44.65 20.40
N SER M 126 10.57 44.46 21.18
CA SER M 126 11.79 45.23 20.96
C SER M 126 12.43 44.90 19.63
N ALA M 127 12.43 43.62 19.23
CA ALA M 127 13.02 43.23 17.96
C ALA M 127 12.27 43.83 16.78
N GLY M 128 10.96 44.06 16.92
CA GLY M 128 10.21 44.66 15.84
C GLY M 128 10.62 46.09 15.56
N ASP M 129 10.88 46.87 16.61
CA ASP M 129 11.31 48.25 16.42
C ASP M 129 12.65 48.33 15.71
N LEU M 130 13.58 47.45 16.06
CA LEU M 130 14.89 47.46 15.43
C LEU M 130 14.87 46.92 14.00
N GLY M 131 13.77 46.28 13.59
CA GLY M 131 13.67 45.77 12.24
C GLY M 131 14.19 44.35 12.09
N ILE M 132 13.84 43.48 13.04
CA ILE M 132 14.27 42.09 13.03
C ILE M 132 13.03 41.21 13.08
N ALA M 133 12.98 40.20 12.21
CA ALA M 133 11.85 39.28 12.13
C ALA M 133 12.15 38.03 12.92
N VAL M 134 11.12 37.49 13.58
CA VAL M 134 11.24 36.30 14.43
C VAL M 134 10.31 35.23 13.89
N CYS M 135 10.83 34.01 13.73
CA CYS M 135 10.08 32.89 13.20
C CYS M 135 10.25 31.69 14.13
N ASN M 136 9.38 30.69 13.95
CA ASN M 136 9.44 29.47 14.76
C ASN M 136 8.81 28.33 13.97
N VAL M 137 8.90 27.14 14.54
CA VAL M 137 8.28 25.94 13.97
C VAL M 137 7.04 25.63 14.81
N PRO M 138 5.84 25.86 14.29
CA PRO M 138 4.64 25.81 15.14
C PRO M 138 4.30 24.42 15.66
N ALA M 139 4.27 23.42 14.77
CA ALA M 139 3.78 22.09 15.14
C ALA M 139 4.66 21.04 14.50
N ALA M 140 5.58 20.48 15.29
CA ALA M 140 6.39 19.36 14.84
C ALA M 140 6.41 18.25 15.89
N SER M 141 6.05 18.59 17.13
CA SER M 141 6.05 17.64 18.24
C SER M 141 4.76 17.75 19.03
N VAL M 142 3.64 17.91 18.34
CA VAL M 142 2.35 17.98 19.02
C VAL M 142 2.01 16.63 19.65
N GLU M 143 2.16 15.56 18.88
CA GLU M 143 1.76 14.23 19.37
C GLU M 143 2.77 13.67 20.36
N GLU M 144 4.05 13.99 20.21
CA GLU M 144 5.04 13.53 21.18
C GLU M 144 4.78 14.10 22.56
N THR M 145 4.44 15.39 22.64
CA THR M 145 4.19 16.01 23.94
C THR M 145 2.89 15.51 24.55
N ALA M 146 1.88 15.23 23.72
CA ALA M 146 0.61 14.73 24.23
C ALA M 146 0.77 13.33 24.82
N ASP M 147 1.57 12.48 24.19
CA ASP M 147 1.80 11.14 24.73
C ASP M 147 2.56 11.20 26.04
N SER M 148 3.54 12.10 26.16
CA SER M 148 4.29 12.22 27.39
C SER M 148 3.43 12.72 28.54
N THR M 149 2.46 13.59 28.25
CA THR M 149 1.55 14.06 29.29
C THR M 149 0.70 12.92 29.83
N LEU M 150 0.20 12.05 28.95
CA LEU M 150 -0.60 10.92 29.40
C LEU M 150 0.23 9.93 30.20
N CYS M 151 1.51 9.77 29.87
CA CYS M 151 2.36 8.86 30.63
C CYS M 151 2.52 9.32 32.08
N HIS M 152 2.67 10.62 32.29
CA HIS M 152 2.82 11.14 33.64
C HIS M 152 1.53 10.98 34.45
N ILE M 153 0.37 11.16 33.80
CA ILE M 153 -0.90 11.02 34.49
C ILE M 153 -1.09 9.60 34.99
N LEU M 154 -0.78 8.61 34.16
CA LEU M 154 -0.96 7.22 34.55
C LEU M 154 -0.01 6.81 35.66
N ASN M 155 1.20 7.38 35.69
CA ASN M 155 2.15 7.04 36.75
C ASN M 155 1.65 7.49 38.11
N LEU M 156 0.89 8.58 38.19
CA LEU M 156 0.40 9.06 39.47
C LEU M 156 -0.73 8.18 39.99
N TYR M 157 -1.63 7.75 39.11
CA TYR M 157 -2.74 6.90 39.53
C TYR M 157 -2.28 5.46 39.75
N ARG M 158 -1.79 4.82 38.70
CA ARG M 158 -1.23 3.47 38.79
C ARG M 158 0.27 3.62 39.04
N ARG M 159 0.64 3.62 40.32
CA ARG M 159 2.03 3.86 40.70
C ARG M 159 2.96 2.82 40.08
N ALA M 160 3.79 3.23 39.13
CA ALA M 160 4.68 2.33 38.43
C ALA M 160 6.15 2.72 38.55
N THR M 161 6.46 4.01 38.46
CA THR M 161 7.84 4.44 38.65
C THR M 161 8.29 4.23 40.09
N TRP M 162 7.41 4.50 41.05
CA TRP M 162 7.77 4.34 42.46
C TRP M 162 7.93 2.87 42.83
N LEU M 163 7.11 1.99 42.26
CA LEU M 163 7.24 0.56 42.53
C LEU M 163 8.54 0.01 41.96
N HIS M 164 8.90 0.44 40.75
CA HIS M 164 10.16 -0.01 40.15
C HIS M 164 11.35 0.52 40.94
N GLN M 165 11.27 1.75 41.44
CA GLN M 165 12.36 2.31 42.23
C GLN M 165 12.56 1.55 43.53
N ALA M 166 11.46 1.11 44.14
CA ALA M 166 11.56 0.41 45.43
C ALA M 166 12.30 -0.92 45.28
N LEU M 167 12.07 -1.64 44.18
CA LEU M 167 12.72 -2.93 43.99
C LEU M 167 14.23 -2.79 43.86
N ARG M 168 14.69 -1.74 43.18
CA ARG M 168 16.13 -1.55 43.02
C ARG M 168 16.81 -1.21 44.34
N GLU M 169 16.08 -0.61 45.28
CA GLU M 169 16.65 -0.31 46.59
C GLU M 169 16.78 -1.54 47.48
N GLY M 170 16.23 -2.69 47.06
CA GLY M 170 16.35 -3.90 47.82
C GLY M 170 15.11 -4.32 48.59
N THR M 171 13.99 -3.64 48.41
CA THR M 171 12.76 -4.00 49.11
C THR M 171 12.26 -5.35 48.62
N ARG M 172 11.82 -6.18 49.55
CA ARG M 172 11.30 -7.51 49.26
C ARG M 172 9.87 -7.62 49.76
N VAL M 173 8.97 -8.03 48.88
CA VAL M 173 7.56 -8.19 49.21
C VAL M 173 7.12 -9.59 48.80
N GLN M 174 6.55 -10.33 49.75
CA GLN M 174 6.14 -11.72 49.51
C GLN M 174 4.66 -11.94 49.75
N SER M 175 4.13 -11.48 50.88
CA SER M 175 2.74 -11.73 51.21
C SER M 175 1.83 -10.68 50.56
N VAL M 176 0.53 -10.97 50.58
CA VAL M 176 -0.44 -10.04 50.00
C VAL M 176 -0.54 -8.77 50.83
N GLU M 177 -0.42 -8.90 52.16
CA GLU M 177 -0.48 -7.72 53.01
C GLU M 177 0.65 -6.76 52.71
N GLN M 178 1.84 -7.27 52.39
CA GLN M 178 2.95 -6.42 52.00
C GLN M 178 2.67 -5.70 50.68
N ILE M 179 1.98 -6.37 49.76
CA ILE M 179 1.67 -5.76 48.47
C ILE M 179 0.72 -4.57 48.67
N ARG M 180 -0.29 -4.73 49.52
CA ARG M 180 -1.23 -3.63 49.76
C ARG M 180 -0.57 -2.43 50.41
N GLU M 181 0.57 -2.61 51.08
CA GLU M 181 1.22 -1.52 51.78
C GLU M 181 2.20 -0.75 50.91
N VAL M 182 3.01 -1.46 50.11
CA VAL M 182 3.97 -0.78 49.25
C VAL M 182 3.26 0.01 48.16
N ALA M 183 2.15 -0.52 47.64
CA ALA M 183 1.40 0.13 46.57
C ALA M 183 0.16 0.85 47.10
N SER M 184 0.22 1.34 48.33
CA SER M 184 -0.92 2.03 48.92
C SER M 184 -1.07 3.42 48.31
N GLY M 185 -2.28 3.75 47.86
CA GLY M 185 -2.55 5.04 47.25
C GLY M 185 -3.11 4.97 45.85
N ALA M 186 -3.07 3.82 45.19
CA ALA M 186 -3.62 3.69 43.85
C ALA M 186 -5.12 3.88 43.86
N ALA M 187 -5.64 4.48 42.78
CA ALA M 187 -7.05 4.83 42.68
C ALA M 187 -7.62 4.33 41.36
N ARG M 188 -8.94 4.49 41.22
CA ARG M 188 -9.66 4.09 40.04
C ARG M 188 -9.90 5.30 39.14
N ILE M 189 -9.50 5.19 37.87
CA ILE M 189 -9.52 6.33 36.97
C ILE M 189 -10.94 6.73 36.60
N ARG M 190 -11.80 5.75 36.31
CA ARG M 190 -13.14 6.06 35.82
C ARG M 190 -13.94 6.82 36.87
N GLY M 191 -14.59 7.89 36.45
CA GLY M 191 -15.38 8.74 37.32
C GLY M 191 -14.67 9.99 37.80
N GLU M 192 -13.38 10.13 37.55
CA GLU M 192 -12.64 11.30 38.00
C GLU M 192 -12.83 12.47 37.03
N THR M 193 -12.41 13.65 37.48
CA THR M 193 -12.53 14.88 36.70
C THR M 193 -11.14 15.40 36.38
N LEU M 194 -10.93 15.77 35.12
CA LEU M 194 -9.65 16.28 34.64
C LEU M 194 -9.82 17.73 34.22
N GLY M 195 -8.96 18.61 34.73
CA GLY M 195 -8.99 20.03 34.41
C GLY M 195 -7.79 20.42 33.56
N ILE M 196 -8.07 21.17 32.51
CA ILE M 196 -7.06 21.59 31.54
C ILE M 196 -7.07 23.12 31.47
N ILE M 197 -5.88 23.72 31.52
CA ILE M 197 -5.73 25.17 31.44
C ILE M 197 -5.05 25.48 30.10
N GLY M 198 -5.84 25.98 29.16
CA GLY M 198 -5.32 26.29 27.84
C GLY M 198 -5.60 25.20 26.82
N LEU M 199 -6.55 25.45 25.92
CA LEU M 199 -6.94 24.46 24.92
C LEU M 199 -6.34 24.87 23.58
N GLY M 200 -5.08 24.51 23.39
CA GLY M 200 -4.36 24.76 22.16
C GLY M 200 -4.19 23.51 21.32
N ARG M 201 -3.07 23.44 20.60
CA ARG M 201 -2.78 22.24 19.83
C ARG M 201 -2.56 21.03 20.74
N VAL M 202 -1.72 21.19 21.76
CA VAL M 202 -1.47 20.10 22.68
C VAL M 202 -2.69 19.84 23.57
N GLY M 203 -3.38 20.90 23.98
CA GLY M 203 -4.51 20.73 24.86
C GLY M 203 -5.64 19.91 24.23
N GLN M 204 -5.90 20.13 22.94
CA GLN M 204 -6.93 19.36 22.26
C GLN M 204 -6.54 17.90 22.12
N ALA M 205 -5.25 17.63 21.86
CA ALA M 205 -4.80 16.25 21.72
C ALA M 205 -4.96 15.47 23.01
N VAL M 206 -4.66 16.10 24.15
CA VAL M 206 -4.78 15.44 25.44
C VAL M 206 -6.24 15.12 25.75
N ALA M 207 -7.14 16.04 25.41
CA ALA M 207 -8.56 15.85 25.74
C ALA M 207 -9.15 14.63 25.05
N LEU M 208 -8.79 14.42 23.78
CA LEU M 208 -9.33 13.28 23.05
C LEU M 208 -8.86 11.95 23.63
N ARG M 209 -7.59 11.87 24.02
CA ARG M 209 -7.06 10.62 24.57
C ARG M 209 -7.57 10.35 25.97
N ALA M 210 -7.89 11.40 26.74
CA ALA M 210 -8.33 11.22 28.11
C ALA M 210 -9.75 10.67 28.20
N LYS M 211 -10.57 10.85 27.16
CA LYS M 211 -11.95 10.38 27.21
C LYS M 211 -12.05 8.86 27.05
N ALA M 212 -11.03 8.22 26.47
CA ALA M 212 -11.07 6.78 26.31
C ALA M 212 -10.89 6.03 27.63
N PHE M 213 -10.33 6.68 28.64
CA PHE M 213 -10.11 6.07 29.94
C PHE M 213 -11.25 6.31 30.91
N GLY M 214 -12.25 7.09 30.54
CA GLY M 214 -13.36 7.39 31.42
C GLY M 214 -13.29 8.69 32.17
N PHE M 215 -12.36 9.58 31.83
CA PHE M 215 -12.25 10.86 32.50
C PHE M 215 -13.43 11.78 32.15
N ASN M 216 -13.65 12.75 33.02
CA ASN M 216 -14.58 13.85 32.76
C ASN M 216 -13.74 15.12 32.60
N VAL M 217 -13.87 15.79 31.46
CA VAL M 217 -12.94 16.81 31.03
C VAL M 217 -13.58 18.18 31.12
N LEU M 218 -12.89 19.12 31.78
CA LEU M 218 -13.23 20.53 31.77
C LEU M 218 -12.02 21.32 31.29
N PHE M 219 -12.27 22.54 30.82
CA PHE M 219 -11.17 23.38 30.37
C PHE M 219 -11.51 24.84 30.62
N TYR M 220 -10.45 25.66 30.66
CA TYR M 220 -10.58 27.10 30.88
C TYR M 220 -9.66 27.82 29.90
N ASP M 221 -10.23 28.69 29.06
CA ASP M 221 -9.47 29.46 28.10
C ASP M 221 -10.21 30.75 27.78
N PRO M 222 -9.66 31.92 28.16
CA PRO M 222 -10.38 33.18 27.95
C PRO M 222 -10.16 33.84 26.59
N TYR M 223 -9.31 33.27 25.73
CA TYR M 223 -9.00 33.88 24.44
C TYR M 223 -9.63 33.14 23.27
N LEU M 224 -10.52 32.19 23.53
CA LEU M 224 -11.16 31.42 22.47
C LEU M 224 -12.54 32.00 22.16
N SER M 225 -13.07 31.60 21.01
CA SER M 225 -14.37 32.05 20.55
C SER M 225 -15.45 31.18 21.19
N ASP M 226 -16.69 31.33 20.73
CA ASP M 226 -17.84 30.61 21.29
C ASP M 226 -18.15 29.38 20.46
N GLY M 227 -18.47 28.28 21.13
CA GLY M 227 -18.87 27.07 20.46
C GLY M 227 -17.75 26.09 20.14
N VAL M 228 -16.53 26.36 20.61
CA VAL M 228 -15.45 25.42 20.37
C VAL M 228 -15.68 24.13 21.14
N GLU M 229 -16.26 24.23 22.35
CA GLU M 229 -16.55 23.04 23.13
C GLU M 229 -17.70 22.23 22.55
N ARG M 230 -18.60 22.85 21.78
CA ARG M 230 -19.70 22.12 21.17
C ARG M 230 -19.19 21.10 20.16
N ALA M 231 -18.18 21.48 19.36
CA ALA M 231 -17.66 20.58 18.35
C ALA M 231 -17.01 19.35 18.98
N LEU M 232 -16.25 19.53 20.05
CA LEU M 232 -15.53 18.44 20.69
C LEU M 232 -16.33 17.77 21.80
N GLY M 233 -17.49 18.31 22.16
CA GLY M 233 -18.30 17.72 23.21
C GLY M 233 -17.68 17.79 24.60
N LEU M 234 -17.10 18.93 24.95
CA LEU M 234 -16.49 19.15 26.25
C LEU M 234 -17.32 20.14 27.06
N GLN M 235 -16.82 20.47 28.25
CA GLN M 235 -17.48 21.42 29.14
C GLN M 235 -16.52 22.56 29.46
N ARG M 236 -17.04 23.77 29.50
CA ARG M 236 -16.25 24.98 29.62
C ARG M 236 -16.67 25.79 30.84
N VAL M 237 -15.68 26.30 31.56
CA VAL M 237 -15.92 27.19 32.69
C VAL M 237 -15.42 28.59 32.33
N SER M 238 -15.77 29.56 33.16
CA SER M 238 -15.48 30.96 32.87
C SER M 238 -14.43 31.58 33.77
N THR M 239 -14.13 30.99 34.92
CA THR M 239 -13.16 31.54 35.85
C THR M 239 -12.17 30.47 36.27
N LEU M 240 -10.95 30.90 36.61
CA LEU M 240 -9.93 29.96 37.06
C LEU M 240 -10.30 29.34 38.41
N GLN M 241 -10.91 30.12 39.29
CA GLN M 241 -11.27 29.62 40.61
C GLN M 241 -12.28 28.47 40.51
N ASP M 242 -13.24 28.58 39.58
CA ASP M 242 -14.24 27.54 39.42
C ASP M 242 -13.62 26.24 38.93
N LEU M 243 -12.58 26.32 38.09
CA LEU M 243 -11.91 25.11 37.61
C LEU M 243 -11.21 24.37 38.73
N LEU M 244 -10.56 25.11 39.63
CA LEU M 244 -9.82 24.47 40.72
C LEU M 244 -10.73 23.82 41.75
N PHE M 245 -11.95 24.34 41.90
CA PHE M 245 -12.85 23.81 42.91
C PHE M 245 -13.36 22.41 42.55
N HIS M 246 -13.50 22.11 41.26
CA HIS M 246 -14.16 20.89 40.81
C HIS M 246 -13.22 19.98 40.01
N SER M 247 -11.93 20.00 40.32
CA SER M 247 -10.95 19.22 39.60
C SER M 247 -10.18 18.30 40.54
N ASP M 248 -9.91 17.08 40.07
CA ASP M 248 -9.08 16.14 40.79
C ASP M 248 -7.68 16.01 40.22
N CYS M 249 -7.42 16.56 39.04
CA CYS M 249 -6.10 16.55 38.43
C CYS M 249 -6.00 17.76 37.52
N VAL M 250 -4.94 18.55 37.66
CA VAL M 250 -4.76 19.80 36.93
C VAL M 250 -3.53 19.68 36.05
N THR M 251 -3.68 20.03 34.78
CA THR M 251 -2.58 20.05 33.82
C THR M 251 -2.50 21.42 33.18
N LEU M 252 -1.27 21.89 32.97
CA LEU M 252 -1.01 23.21 32.41
C LEU M 252 -0.56 23.09 30.97
N HIS M 253 -1.24 23.80 30.07
CA HIS M 253 -0.89 23.79 28.66
C HIS M 253 -0.94 25.16 28.02
N CYS M 254 -0.81 26.23 28.81
CA CYS M 254 -0.91 27.58 28.29
C CYS M 254 0.49 28.12 27.93
N GLY M 255 0.51 29.35 27.44
CA GLY M 255 1.76 30.02 27.11
C GLY M 255 2.18 30.98 28.21
N LEU M 256 3.45 31.35 28.18
CA LEU M 256 4.05 32.21 29.20
C LEU M 256 4.12 33.64 28.67
N ASN M 257 3.01 34.36 28.82
CA ASN M 257 2.99 35.79 28.51
C ASN M 257 3.27 36.57 29.79
N GLU M 258 3.06 37.88 29.76
CA GLU M 258 3.37 38.74 30.89
C GLU M 258 2.21 38.89 31.87
N HIS M 259 1.07 38.25 31.61
CA HIS M 259 -0.09 38.35 32.48
C HIS M 259 -0.34 37.08 33.29
N ASN M 260 0.53 36.08 33.19
CA ASN M 260 0.30 34.82 33.89
C ASN M 260 1.58 34.29 34.52
N HIS M 261 2.50 35.17 34.92
CA HIS M 261 3.69 34.75 35.63
C HIS M 261 3.31 34.30 37.05
N HIS M 262 3.82 33.14 37.46
CA HIS M 262 3.48 32.53 38.73
C HIS M 262 1.96 32.39 38.88
N LEU M 263 1.37 31.70 37.90
CA LEU M 263 -0.07 31.48 37.91
C LEU M 263 -0.50 30.66 39.12
N ILE M 264 0.24 29.60 39.42
CA ILE M 264 -0.02 28.78 40.61
C ILE M 264 0.85 29.36 41.73
N ASN M 265 0.32 30.37 42.40
CA ASN M 265 1.02 31.03 43.48
C ASN M 265 0.54 30.49 44.83
N ASP M 266 0.95 31.15 45.91
CA ASP M 266 0.58 30.70 47.25
C ASP M 266 -0.91 30.81 47.49
N PHE M 267 -1.53 31.90 47.03
CA PHE M 267 -2.95 32.10 47.29
C PHE M 267 -3.81 31.10 46.53
N THR M 268 -3.47 30.82 45.27
CA THR M 268 -4.29 29.93 44.46
C THR M 268 -4.11 28.46 44.84
N VAL M 269 -2.96 28.08 45.37
CA VAL M 269 -2.71 26.68 45.70
C VAL M 269 -3.58 26.22 46.86
N LYS M 270 -4.15 27.14 47.64
CA LYS M 270 -5.03 26.79 48.73
C LYS M 270 -6.49 26.64 48.30
N GLN M 271 -6.79 26.91 47.03
CA GLN M 271 -8.15 26.75 46.52
C GLN M 271 -8.38 25.39 45.88
N MET M 272 -7.36 24.56 45.77
CA MET M 272 -7.51 23.24 45.18
C MET M 272 -8.12 22.27 46.20
N ARG M 273 -8.56 21.12 45.70
CA ARG M 273 -9.20 20.13 46.54
C ARG M 273 -8.17 19.46 47.47
N GLN M 274 -8.70 18.69 48.42
CA GLN M 274 -7.86 17.96 49.37
C GLN M 274 -7.37 16.68 48.70
N GLY M 275 -6.07 16.61 48.40
CA GLY M 275 -5.51 15.43 47.80
C GLY M 275 -5.64 15.39 46.29
N ALA M 276 -5.16 16.42 45.61
CA ALA M 276 -5.20 16.51 44.17
C ALA M 276 -3.81 16.31 43.59
N PHE M 277 -3.75 16.14 42.28
CA PHE M 277 -2.50 15.99 41.55
C PHE M 277 -2.20 17.25 40.74
N LEU M 278 -1.00 17.31 40.19
CA LEU M 278 -0.57 18.46 39.40
C LEU M 278 0.48 18.00 38.41
N VAL M 279 0.26 18.33 37.12
CA VAL M 279 1.18 17.99 36.05
C VAL M 279 1.53 19.28 35.32
N ASN M 280 2.83 19.50 35.09
CA ASN M 280 3.30 20.70 34.39
C ASN M 280 4.30 20.28 33.33
N THR M 281 3.99 20.58 32.07
CA THR M 281 4.91 20.29 30.97
C THR M 281 5.02 21.46 29.99
N ALA M 282 4.51 22.64 30.34
CA ALA M 282 4.54 23.78 29.42
C ALA M 282 5.75 24.68 29.66
N ARG M 283 5.83 25.30 30.83
CA ARG M 283 6.92 26.20 31.15
C ARG M 283 7.13 26.21 32.66
N GLY M 284 8.34 26.60 33.06
CA GLY M 284 8.72 26.56 34.46
C GLY M 284 8.29 27.78 35.25
N GLY M 285 8.02 28.88 34.57
CA GLY M 285 7.64 30.11 35.25
C GLY M 285 6.20 30.20 35.67
N LEU M 286 5.39 29.20 35.36
CA LEU M 286 3.97 29.21 35.71
C LEU M 286 3.69 28.70 37.12
N VAL M 287 4.67 28.10 37.79
CA VAL M 287 4.47 27.48 39.10
C VAL M 287 5.50 28.05 40.07
N ASP M 288 5.05 28.42 41.25
CA ASP M 288 5.93 28.88 42.33
C ASP M 288 6.37 27.64 43.12
N GLU M 289 7.64 27.26 42.94
CA GLU M 289 8.12 26.02 43.55
C GLU M 289 8.22 26.12 45.07
N LYS M 290 8.40 27.33 45.60
CA LYS M 290 8.49 27.48 47.05
C LYS M 290 7.17 27.13 47.73
N ALA M 291 6.05 27.55 47.13
CA ALA M 291 4.75 27.23 47.70
C ALA M 291 4.36 25.78 47.46
N LEU M 292 4.80 25.20 46.34
CA LEU M 292 4.47 23.81 46.04
C LEU M 292 5.11 22.85 47.04
N ALA M 293 6.34 23.15 47.48
CA ALA M 293 7.03 22.26 48.39
C ALA M 293 6.30 22.13 49.73
N GLN M 294 5.77 23.25 50.23
CA GLN M 294 5.06 23.21 51.50
C GLN M 294 3.77 22.38 51.39
N ALA M 295 3.08 22.47 50.25
CA ALA M 295 1.85 21.71 50.08
C ALA M 295 2.11 20.21 50.08
N LEU M 296 3.21 19.77 49.46
CA LEU M 296 3.52 18.35 49.42
C LEU M 296 3.81 17.81 50.83
N LYS M 297 4.53 18.58 51.64
CA LYS M 297 4.90 18.10 52.98
C LYS M 297 3.67 17.99 53.88
N GLU M 298 2.78 18.99 53.85
CA GLU M 298 1.61 18.96 54.71
C GLU M 298 0.58 17.93 54.26
N GLY M 299 0.61 17.52 52.99
CA GLY M 299 -0.30 16.52 52.49
C GLY M 299 -1.50 17.03 51.74
N ARG M 300 -1.57 18.34 51.48
CA ARG M 300 -2.69 18.88 50.70
C ARG M 300 -2.66 18.45 49.24
N ILE M 301 -1.48 18.11 48.73
CA ILE M 301 -1.32 17.63 47.35
C ILE M 301 -0.71 16.25 47.41
N ARG M 302 -1.38 15.28 46.78
CA ARG M 302 -0.93 13.89 46.88
C ARG M 302 0.35 13.65 46.09
N GLY M 303 0.50 14.29 44.94
CA GLY M 303 1.70 14.11 44.15
C GLY M 303 1.79 15.15 43.06
N ALA M 304 2.95 15.18 42.41
CA ALA M 304 3.20 16.14 41.35
C ALA M 304 4.26 15.58 40.40
N ALA M 305 4.02 15.74 39.09
CA ALA M 305 4.96 15.35 38.06
C ALA M 305 5.36 16.59 37.28
N LEU M 306 6.66 16.84 37.20
CA LEU M 306 7.18 18.06 36.58
C LEU M 306 8.18 17.70 35.49
N ASP M 307 8.09 18.41 34.37
CA ASP M 307 9.04 18.27 33.28
C ASP M 307 9.86 19.53 33.03
N VAL M 308 9.40 20.69 33.50
CA VAL M 308 10.10 21.96 33.35
C VAL M 308 10.16 22.65 34.69
N HIS M 309 11.28 23.31 34.97
CA HIS M 309 11.51 23.93 36.27
C HIS M 309 11.98 25.37 36.08
N GLU M 310 11.88 26.15 37.15
CA GLU M 310 12.29 27.56 37.10
C GLU M 310 13.78 27.69 36.80
N SER M 311 14.60 26.89 37.48
CA SER M 311 16.05 26.92 37.29
C SER M 311 16.50 25.61 36.67
N GLU M 312 17.24 25.70 35.57
CA GLU M 312 17.73 24.53 34.88
C GLU M 312 19.23 24.64 34.67
N PRO M 313 19.97 23.52 34.68
CA PRO M 313 19.48 22.15 34.86
C PRO M 313 19.03 21.81 36.27
N PHE M 314 18.19 20.78 36.39
CA PHE M 314 17.58 20.41 37.66
C PHE M 314 18.43 19.36 38.39
N SER M 315 18.50 19.48 39.70
CA SER M 315 19.20 18.53 40.55
C SER M 315 18.38 18.29 41.80
N PHE M 316 18.32 17.02 42.23
CA PHE M 316 17.52 16.66 43.41
C PHE M 316 18.15 17.17 44.70
N SER M 317 19.43 17.51 44.70
CA SER M 317 20.12 17.94 45.90
C SER M 317 20.13 19.44 46.11
N GLN M 318 19.53 20.21 45.20
CA GLN M 318 19.53 21.66 45.30
C GLN M 318 18.14 22.20 44.98
N GLY M 319 17.83 23.37 45.54
CA GLY M 319 16.58 24.03 45.26
C GLY M 319 15.56 23.88 46.36
N PRO M 320 14.43 24.57 46.23
CA PRO M 320 13.36 24.45 47.25
C PRO M 320 12.78 23.05 47.35
N LEU M 321 12.91 22.23 46.30
CA LEU M 321 12.38 20.88 46.29
C LEU M 321 13.42 19.84 46.67
N LYS M 322 14.36 20.21 47.56
CA LYS M 322 15.44 19.29 47.92
C LYS M 322 14.90 18.03 48.60
N ASP M 323 13.94 18.20 49.51
CA ASP M 323 13.36 17.08 50.25
C ASP M 323 11.84 17.23 50.24
N ALA M 324 11.20 16.69 49.21
CA ALA M 324 9.74 16.73 49.10
C ALA M 324 9.22 15.38 48.65
N PRO M 325 8.31 14.77 49.39
CA PRO M 325 7.82 13.45 49.02
C PRO M 325 6.92 13.48 47.80
N ASN M 326 6.81 12.33 47.14
CA ASN M 326 5.90 12.12 46.02
C ASN M 326 6.17 13.10 44.88
N LEU M 327 7.36 12.97 44.31
CA LEU M 327 7.81 13.86 43.24
C LEU M 327 8.41 13.06 42.09
N ILE M 328 8.03 13.41 40.87
CA ILE M 328 8.56 12.81 39.66
C ILE M 328 9.07 13.94 38.76
N CYS M 329 10.32 13.81 38.30
CA CYS M 329 10.94 14.85 37.48
C CYS M 329 11.66 14.22 36.29
N THR M 330 11.64 14.96 35.18
CA THR M 330 12.30 14.58 33.93
C THR M 330 13.11 15.76 33.42
N PRO M 331 14.22 15.50 32.69
CA PRO M 331 15.14 16.57 32.28
C PRO M 331 14.74 17.32 31.01
N HIS M 332 13.49 17.79 30.97
CA HIS M 332 12.99 18.64 29.88
C HIS M 332 13.17 17.95 28.52
N ALA M 333 12.59 16.76 28.41
CA ALA M 333 12.72 15.94 27.21
C ALA M 333 11.38 15.36 26.80
N ALA M 334 10.32 16.16 26.89
CA ALA M 334 8.98 15.73 26.51
C ALA M 334 8.70 15.92 25.03
N TRP M 335 9.69 16.39 24.26
CA TRP M 335 9.53 16.66 22.84
C TRP M 335 10.36 15.76 21.95
N TYR M 336 11.36 15.06 22.49
CA TYR M 336 12.33 14.38 21.65
C TYR M 336 11.74 13.15 21.00
N SER M 337 12.10 12.95 19.73
CA SER M 337 11.79 11.74 18.98
C SER M 337 12.75 11.67 17.80
N GLU M 338 12.96 10.45 17.30
CA GLU M 338 13.86 10.28 16.17
C GLU M 338 13.34 11.00 14.93
N GLN M 339 12.04 10.89 14.67
CA GLN M 339 11.46 11.56 13.50
C GLN M 339 11.25 13.04 13.75
N ALA M 340 10.87 13.41 14.98
CA ALA M 340 10.57 14.81 15.27
C ALA M 340 11.82 15.68 15.22
N SER M 341 12.95 15.14 15.67
CA SER M 341 14.18 15.93 15.69
C SER M 341 14.63 16.31 14.29
N ILE M 342 14.55 15.37 13.34
CA ILE M 342 14.97 15.65 11.97
C ILE M 342 14.02 16.63 11.31
N GLU M 343 12.72 16.49 11.57
CA GLU M 343 11.73 17.32 10.88
C GLU M 343 11.87 18.79 11.25
N MET M 344 12.09 19.09 12.54
CA MET M 344 12.16 20.48 12.96
C MET M 344 13.45 21.16 12.52
N ARG M 345 14.53 20.40 12.39
CA ARG M 345 15.80 21.01 11.98
C ARG M 345 15.80 21.34 10.50
N GLU M 346 15.18 20.50 9.66
CA GLU M 346 15.12 20.78 8.24
C GLU M 346 14.22 21.98 7.94
N GLU M 347 13.10 22.09 8.65
CA GLU M 347 12.17 23.19 8.40
C GLU M 347 12.79 24.53 8.75
N ALA M 348 13.54 24.60 9.86
CA ALA M 348 14.18 25.85 10.26
C ALA M 348 15.22 26.28 9.24
N ALA M 349 15.98 25.33 8.69
CA ALA M 349 17.01 25.67 7.71
C ALA M 349 16.40 26.24 6.44
N ARG M 350 15.28 25.68 5.99
CA ARG M 350 14.64 26.17 4.77
C ARG M 350 13.99 27.54 4.97
N GLU M 351 13.63 27.89 6.20
CA GLU M 351 13.09 29.22 6.46
C GLU M 351 14.16 30.30 6.25
N ILE M 352 15.40 30.00 6.62
CA ILE M 352 16.50 30.95 6.41
C ILE M 352 16.73 31.18 4.93
N ARG M 353 16.71 30.09 4.14
CA ARG M 353 17.03 30.20 2.71
C ARG M 353 16.00 31.07 1.98
N ARG M 354 14.73 30.96 2.34
CA ARG M 354 13.71 31.77 1.70
C ARG M 354 13.90 33.25 2.00
N ALA M 355 14.31 33.57 3.23
CA ALA M 355 14.51 34.97 3.59
C ALA M 355 15.67 35.59 2.82
N ILE M 356 16.76 34.83 2.65
CA ILE M 356 17.93 35.36 1.93
C ILE M 356 17.60 35.57 0.46
N THR M 357 16.91 34.62 -0.17
CA THR M 357 16.59 34.67 -1.59
C THR M 357 15.17 35.14 -1.85
N GLY M 358 14.65 36.03 -1.01
CA GLY M 358 13.30 36.54 -1.17
C GLY M 358 13.19 37.91 -0.54
N ARG M 359 12.00 38.21 -0.01
CA ARG M 359 11.74 39.48 0.64
C ARG M 359 11.07 39.25 1.98
N ILE M 360 11.35 40.13 2.92
CA ILE M 360 10.87 40.02 4.30
C ILE M 360 9.80 41.08 4.50
N PRO M 361 8.63 40.73 5.09
CA PRO M 361 8.25 39.39 5.53
C PRO M 361 7.27 38.69 4.59
N ASP M 362 7.31 39.03 3.31
CA ASP M 362 6.35 38.48 2.36
C ASP M 362 6.59 36.99 2.14
N SER M 363 7.85 36.56 2.11
CA SER M 363 8.20 35.18 1.82
C SER M 363 8.18 34.28 3.06
N LEU M 364 7.99 34.84 4.24
CA LEU M 364 7.99 34.05 5.46
C LEU M 364 6.62 33.43 5.71
N LYS M 365 6.62 32.19 6.20
CA LYS M 365 5.37 31.48 6.47
C LYS M 365 4.92 31.60 7.92
N ASN M 366 5.84 31.53 8.88
CA ASN M 366 5.52 31.59 10.30
C ASN M 366 6.28 32.77 10.91
N CYS M 367 5.65 33.94 10.89
CA CYS M 367 6.20 35.14 11.50
C CYS M 367 5.32 35.55 12.67
N VAL M 368 5.95 35.86 13.80
CA VAL M 368 5.22 36.12 15.04
C VAL M 368 5.25 37.58 15.46
N ASN M 369 6.08 38.42 14.82
CA ASN M 369 6.15 39.84 15.15
C ASN M 369 5.84 40.69 13.92
N LYS M 370 4.91 40.23 13.09
CA LYS M 370 4.57 40.96 11.88
C LYS M 370 3.93 42.30 12.20
N ASP M 371 3.07 42.34 13.23
CA ASP M 371 2.42 43.60 13.60
C ASP M 371 3.44 44.62 14.10
N HIS M 372 4.39 44.18 14.93
CA HIS M 372 5.37 45.10 15.49
C HIS M 372 6.47 45.46 14.49
N LEU M 373 6.62 44.70 13.41
CA LEU M 373 7.67 44.98 12.44
C LEU M 373 7.38 46.27 11.68
N THR M 374 8.43 47.06 11.47
CA THR M 374 8.29 48.34 10.77
C THR M 374 9.10 48.35 9.48
N ARG N 44 -21.52 -24.45 64.96
CA ARG N 44 -21.30 -23.71 63.72
C ARG N 44 -20.06 -24.21 63.01
N PRO N 45 -20.15 -24.33 61.68
CA PRO N 45 -19.00 -24.83 60.91
C PRO N 45 -17.81 -23.90 60.98
N LEU N 46 -16.68 -24.38 60.45
CA LEU N 46 -15.43 -23.65 60.49
C LEU N 46 -14.99 -23.29 59.08
N VAL N 47 -14.61 -22.04 58.89
CA VAL N 47 -14.08 -21.54 57.61
C VAL N 47 -12.70 -20.98 57.87
N ALA N 48 -11.73 -21.38 57.06
CA ALA N 48 -10.32 -21.05 57.27
C ALA N 48 -9.77 -20.28 56.08
N LEU N 49 -8.96 -19.25 56.39
CA LEU N 49 -8.21 -18.51 55.38
C LEU N 49 -6.80 -19.08 55.35
N LEU N 50 -6.46 -19.73 54.23
CA LEU N 50 -5.22 -20.51 54.17
C LEU N 50 -3.99 -19.61 54.26
N ASP N 51 -3.94 -18.55 53.47
CA ASP N 51 -2.78 -17.65 53.41
C ASP N 51 -3.25 -16.22 53.63
N GLY N 52 -3.26 -15.80 54.89
CA GLY N 52 -3.67 -14.45 55.22
C GLY N 52 -3.71 -14.27 56.72
N ARG N 53 -3.81 -13.01 57.13
CA ARG N 53 -3.85 -12.67 58.55
C ARG N 53 -4.97 -11.69 58.84
N ASP N 54 -5.35 -10.89 57.85
CA ASP N 54 -6.37 -9.86 58.01
C ASP N 54 -7.73 -10.39 57.55
N CYS N 55 -8.73 -10.30 58.42
CA CYS N 55 -10.08 -10.78 58.13
C CYS N 55 -11.11 -9.76 58.60
N THR N 56 -10.81 -8.47 58.45
CA THR N 56 -11.71 -7.43 58.93
C THR N 56 -12.94 -7.26 58.05
N VAL N 57 -12.89 -7.72 56.80
CA VAL N 57 -14.02 -7.56 55.89
C VAL N 57 -14.93 -8.78 55.89
N GLU N 58 -14.33 -9.99 55.91
CA GLU N 58 -15.12 -11.20 55.87
C GLU N 58 -15.81 -11.49 57.20
N MET N 59 -15.25 -11.02 58.31
CA MET N 59 -15.80 -11.35 59.62
C MET N 59 -17.23 -10.86 59.82
N PRO N 60 -17.59 -9.60 59.53
CA PRO N 60 -18.98 -9.18 59.77
C PRO N 60 -20.00 -9.93 58.93
N ILE N 61 -19.60 -10.53 57.81
CA ILE N 61 -20.56 -11.28 56.99
C ILE N 61 -20.73 -12.70 57.53
N LEU N 62 -19.64 -13.42 57.71
CA LEU N 62 -19.67 -14.81 58.16
C LEU N 62 -19.51 -14.91 59.68
N LYS N 63 -20.33 -14.20 60.45
CA LYS N 63 -20.26 -14.26 61.89
C LYS N 63 -21.44 -14.98 62.54
N ASP N 64 -22.60 -14.98 61.89
CA ASP N 64 -23.79 -15.64 62.42
C ASP N 64 -24.11 -16.94 61.70
N VAL N 65 -23.21 -17.41 60.83
CA VAL N 65 -23.44 -18.66 60.10
C VAL N 65 -22.25 -19.60 60.16
N ALA N 66 -21.07 -19.16 60.56
CA ALA N 66 -19.89 -20.02 60.59
C ALA N 66 -18.86 -19.42 61.54
N THR N 67 -17.73 -20.10 61.68
CA THR N 67 -16.62 -19.66 62.51
C THR N 67 -15.41 -19.42 61.62
N VAL N 68 -14.83 -18.22 61.74
CA VAL N 68 -13.74 -17.78 60.87
C VAL N 68 -12.41 -18.01 61.57
N ALA N 69 -11.40 -18.42 60.81
CA ALA N 69 -10.06 -18.63 61.31
C ALA N 69 -9.08 -18.41 60.18
N PHE N 70 -7.81 -18.15 60.55
CA PHE N 70 -6.76 -17.94 59.57
C PHE N 70 -5.53 -18.76 59.96
N CYS N 71 -4.70 -19.06 58.97
CA CYS N 71 -3.52 -19.88 59.20
C CYS N 71 -2.21 -19.23 58.76
N ASP N 72 -2.25 -18.23 57.88
CA ASP N 72 -1.05 -17.50 57.46
C ASP N 72 0.04 -18.45 57.01
N ALA N 73 -0.33 -19.46 56.24
CA ALA N 73 0.60 -20.48 55.79
C ALA N 73 1.27 -20.08 54.49
N GLN N 74 2.50 -20.56 54.29
CA GLN N 74 3.24 -20.35 53.07
C GLN N 74 3.44 -21.63 52.26
N SER N 75 3.05 -22.78 52.80
CA SER N 75 3.19 -24.05 52.11
C SER N 75 2.13 -25.01 52.66
N THR N 76 1.91 -26.10 51.92
CA THR N 76 0.91 -27.08 52.34
C THR N 76 1.31 -27.81 53.61
N GLN N 77 2.58 -27.72 54.02
CA GLN N 77 3.05 -28.39 55.22
C GLN N 77 2.88 -27.54 56.48
N GLU N 78 2.37 -26.31 56.36
CA GLU N 78 2.19 -25.41 57.49
C GLU N 78 0.73 -25.24 57.86
N ILE N 79 -0.12 -26.18 57.47
CA ILE N 79 -1.55 -26.11 57.78
C ILE N 79 -1.81 -26.88 59.07
N HIS N 80 -2.54 -26.26 60.00
CA HIS N 80 -2.80 -26.87 61.29
C HIS N 80 -3.63 -28.13 61.14
N GLU N 81 -3.43 -29.07 62.07
CA GLU N 81 -4.13 -30.34 62.01
C GLU N 81 -5.64 -30.18 62.17
N LYS N 82 -6.07 -29.21 62.97
CA LYS N 82 -7.50 -28.99 63.17
C LYS N 82 -8.18 -28.60 61.87
N VAL N 83 -7.50 -27.80 61.03
CA VAL N 83 -8.07 -27.39 59.74
C VAL N 83 -8.29 -28.61 58.85
N LEU N 84 -7.30 -29.51 58.80
CA LEU N 84 -7.39 -30.66 57.92
C LEU N 84 -8.52 -31.62 58.28
N ASN N 85 -9.11 -31.49 59.47
CA ASN N 85 -10.16 -32.40 59.90
C ASN N 85 -11.53 -31.76 60.04
N GLU N 86 -11.61 -30.46 60.29
CA GLU N 86 -12.86 -29.79 60.62
C GLU N 86 -13.01 -28.50 59.82
N ALA N 87 -12.77 -28.55 58.52
CA ALA N 87 -12.93 -27.39 57.65
C ALA N 87 -13.98 -27.71 56.58
N VAL N 88 -14.93 -26.79 56.40
CA VAL N 88 -15.95 -26.93 55.37
C VAL N 88 -15.61 -26.13 54.13
N GLY N 89 -15.13 -24.90 54.30
CA GLY N 89 -14.73 -24.06 53.19
C GLY N 89 -13.39 -23.41 53.45
N ALA N 90 -12.80 -22.88 52.38
CA ALA N 90 -11.49 -22.27 52.47
C ALA N 90 -11.39 -21.10 51.49
N LEU N 91 -10.53 -20.14 51.84
CA LEU N 91 -10.23 -19.00 50.99
C LEU N 91 -8.73 -18.92 50.79
N MET N 92 -8.29 -18.65 49.57
CA MET N 92 -6.87 -18.66 49.26
C MET N 92 -6.54 -17.64 48.19
N TYR N 93 -5.35 -17.07 48.29
CA TYR N 93 -4.80 -16.19 47.27
C TYR N 93 -3.94 -17.00 46.30
N HIS N 94 -3.11 -16.30 45.51
CA HIS N 94 -2.29 -16.93 44.49
C HIS N 94 -0.94 -17.39 45.02
N THR N 95 -0.66 -17.24 46.31
CA THR N 95 0.66 -17.51 46.86
C THR N 95 0.85 -18.97 47.30
N ILE N 96 -0.18 -19.80 47.19
CA ILE N 96 -0.11 -21.19 47.63
C ILE N 96 -0.67 -22.09 46.54
N THR N 97 -0.04 -23.24 46.33
CA THR N 97 -0.43 -24.19 45.30
C THR N 97 -0.90 -25.49 45.94
N LEU N 98 -2.02 -26.01 45.44
CA LEU N 98 -2.60 -27.25 45.93
C LEU N 98 -2.59 -28.30 44.83
N THR N 99 -2.11 -29.48 45.15
CA THR N 99 -2.07 -30.62 44.23
C THR N 99 -3.06 -31.68 44.69
N ARG N 100 -3.09 -32.80 43.95
CA ARG N 100 -4.02 -33.87 44.28
C ARG N 100 -3.68 -34.50 45.63
N GLU N 101 -2.39 -34.68 45.93
CA GLU N 101 -2.01 -35.24 47.22
C GLU N 101 -2.43 -34.33 48.36
N ASP N 102 -2.31 -33.02 48.18
CA ASP N 102 -2.74 -32.08 49.21
C ASP N 102 -4.24 -32.14 49.43
N LEU N 103 -5.01 -32.29 48.35
CA LEU N 103 -6.47 -32.31 48.47
C LEU N 103 -6.95 -33.54 49.23
N GLU N 104 -6.27 -34.68 49.06
CA GLU N 104 -6.70 -35.91 49.71
C GLU N 104 -6.53 -35.86 51.23
N LYS N 105 -5.72 -34.92 51.74
CA LYS N 105 -5.53 -34.81 53.18
C LYS N 105 -6.72 -34.17 53.89
N PHE N 106 -7.58 -33.45 53.16
CA PHE N 106 -8.76 -32.87 53.75
C PHE N 106 -9.85 -33.93 53.90
N LYS N 107 -10.58 -33.88 55.02
CA LYS N 107 -11.59 -34.87 55.32
C LYS N 107 -13.01 -34.34 55.31
N ALA N 108 -13.19 -33.01 55.33
CA ALA N 108 -14.54 -32.44 55.34
C ALA N 108 -14.68 -31.25 54.40
N LEU N 109 -13.69 -30.97 53.57
CA LEU N 109 -13.77 -29.83 52.66
C LEU N 109 -14.85 -30.06 51.60
N ARG N 110 -15.59 -28.99 51.29
CA ARG N 110 -16.68 -29.11 50.34
C ARG N 110 -16.63 -28.04 49.25
N ILE N 111 -16.02 -26.90 49.54
CA ILE N 111 -15.98 -25.79 48.59
C ILE N 111 -14.68 -25.01 48.78
N ILE N 112 -14.12 -24.55 47.67
CA ILE N 112 -12.94 -23.69 47.67
C ILE N 112 -13.27 -22.45 46.85
N VAL N 113 -13.02 -21.27 47.42
CA VAL N 113 -13.28 -20.00 46.76
C VAL N 113 -11.95 -19.27 46.57
N ARG N 114 -11.65 -18.91 45.33
CA ARG N 114 -10.41 -18.23 44.98
C ARG N 114 -10.68 -16.74 44.83
N ILE N 115 -9.97 -15.93 45.62
CA ILE N 115 -10.14 -14.49 45.59
C ILE N 115 -9.33 -13.92 44.42
N GLY N 116 -9.96 -13.83 43.26
CA GLY N 116 -9.28 -13.39 42.06
C GLY N 116 -9.90 -14.03 40.84
N SER N 117 -9.19 -13.91 39.71
CA SER N 117 -9.69 -14.42 38.44
C SER N 117 -8.94 -15.64 37.94
N GLY N 118 -7.74 -15.91 38.43
CA GLY N 118 -6.95 -17.05 37.99
C GLY N 118 -7.07 -18.21 38.95
N PHE N 119 -7.14 -19.42 38.38
CA PHE N 119 -7.24 -20.63 39.19
C PHE N 119 -6.30 -21.72 38.68
N ASP N 120 -5.18 -21.33 38.09
CA ASP N 120 -4.22 -22.30 37.56
C ASP N 120 -3.39 -22.97 38.64
N ASN N 121 -3.46 -22.51 39.88
CA ASN N 121 -2.72 -23.11 40.99
C ASN N 121 -3.52 -24.17 41.73
N ILE N 122 -4.70 -24.53 41.23
CA ILE N 122 -5.55 -25.55 41.83
C ILE N 122 -5.84 -26.61 40.78
N ASP N 123 -5.68 -27.88 41.15
CA ASP N 123 -5.99 -28.98 40.26
C ASP N 123 -7.51 -29.11 40.14
N ILE N 124 -8.06 -28.56 39.05
CA ILE N 124 -9.51 -28.50 38.90
C ILE N 124 -10.11 -29.90 38.72
N LYS N 125 -9.50 -30.70 37.84
CA LYS N 125 -10.07 -32.01 37.53
C LYS N 125 -10.04 -32.94 38.74
N SER N 126 -8.94 -32.93 39.49
CA SER N 126 -8.83 -33.81 40.66
C SER N 126 -9.85 -33.45 41.73
N ALA N 127 -10.08 -32.15 41.95
CA ALA N 127 -11.04 -31.73 42.96
C ALA N 127 -12.46 -32.16 42.61
N GLY N 128 -12.77 -32.24 41.32
CA GLY N 128 -14.11 -32.67 40.92
C GLY N 128 -14.39 -34.12 41.30
N ASP N 129 -13.40 -35.00 41.12
CA ASP N 129 -13.59 -36.40 41.48
C ASP N 129 -13.85 -36.58 42.96
N LEU N 130 -13.11 -35.84 43.80
CA LEU N 130 -13.28 -35.93 45.24
C LEU N 130 -14.56 -35.29 45.73
N GLY N 131 -15.23 -34.50 44.89
CA GLY N 131 -16.49 -33.87 45.28
C GLY N 131 -16.30 -32.51 45.93
N ILE N 132 -15.43 -31.69 45.36
CA ILE N 132 -15.14 -30.36 45.87
C ILE N 132 -15.40 -29.35 44.76
N ALA N 133 -16.12 -28.28 45.09
CA ALA N 133 -16.45 -27.24 44.12
C ALA N 133 -15.48 -26.08 44.24
N VAL N 134 -15.13 -25.49 43.09
CA VAL N 134 -14.16 -24.40 43.02
C VAL N 134 -14.86 -23.19 42.41
N CYS N 135 -14.70 -22.03 43.05
CA CYS N 135 -15.31 -20.79 42.61
C CYS N 135 -14.25 -19.69 42.55
N ASN N 136 -14.60 -18.59 41.88
CA ASN N 136 -13.69 -17.46 41.77
C ASN N 136 -14.50 -16.20 41.53
N VAL N 137 -13.80 -15.07 41.51
CA VAL N 137 -14.40 -13.77 41.22
C VAL N 137 -13.98 -13.39 39.80
N PRO N 138 -14.88 -13.45 38.82
CA PRO N 138 -14.46 -13.32 37.41
C PRO N 138 -13.93 -11.94 37.03
N ALA N 139 -14.66 -10.89 37.37
CA ALA N 139 -14.34 -9.54 36.90
C ALA N 139 -14.54 -8.55 38.03
N ALA N 140 -13.43 -8.16 38.67
CA ALA N 140 -13.47 -7.11 39.67
C ALA N 140 -12.35 -6.10 39.43
N SER N 141 -11.34 -6.49 38.65
CA SER N 141 -10.20 -5.63 38.36
C SER N 141 -9.88 -5.66 36.87
N VAL N 142 -10.92 -5.64 36.03
CA VAL N 142 -10.70 -5.62 34.59
C VAL N 142 -10.07 -4.29 34.17
N GLU N 143 -10.62 -3.18 34.65
CA GLU N 143 -10.14 -1.87 34.22
C GLU N 143 -8.82 -1.50 34.87
N GLU N 144 -8.58 -1.95 36.11
CA GLU N 144 -7.30 -1.67 36.75
C GLU N 144 -6.15 -2.32 36.00
N THR N 145 -6.32 -3.58 35.56
CA THR N 145 -5.26 -4.26 34.83
C THR N 145 -5.06 -3.66 33.45
N ALA N 146 -6.14 -3.21 32.81
CA ALA N 146 -6.00 -2.61 31.48
C ALA N 146 -5.24 -1.30 31.54
N ASP N 147 -5.48 -0.49 32.58
CA ASP N 147 -4.76 0.77 32.72
C ASP N 147 -3.27 0.53 32.99
N SER N 148 -2.95 -0.48 33.79
CA SER N 148 -1.56 -0.79 34.08
C SER N 148 -0.82 -1.27 32.84
N THR N 149 -1.50 -2.01 31.97
CA THR N 149 -0.87 -2.45 30.73
C THR N 149 -0.51 -1.27 29.84
N LEU N 150 -1.41 -0.29 29.73
CA LEU N 150 -1.12 0.89 28.92
C LEU N 150 0.01 1.72 29.50
N CYS N 151 0.13 1.76 30.83
CA CYS N 151 1.22 2.50 31.46
C CYS N 151 2.59 1.92 31.08
N HIS N 152 2.69 0.59 31.05
CA HIS N 152 3.96 -0.04 30.70
C HIS N 152 4.31 0.19 29.23
N ILE N 153 3.30 0.20 28.35
CA ILE N 153 3.56 0.42 26.93
C ILE N 153 4.12 1.81 26.69
N LEU N 154 3.55 2.82 27.35
CA LEU N 154 4.01 4.19 27.16
C LEU N 154 5.41 4.40 27.71
N ASN N 155 5.77 3.71 28.79
CA ASN N 155 7.11 3.85 29.36
C ASN N 155 8.19 3.35 28.40
N LEU N 156 7.88 2.35 27.58
CA LEU N 156 8.87 1.83 26.65
C LEU N 156 9.09 2.78 25.48
N TYR N 157 8.03 3.38 24.96
CA TYR N 157 8.16 4.31 23.85
C TYR N 157 8.67 5.67 24.32
N ARG N 158 7.91 6.33 25.19
CA ARG N 158 8.33 7.60 25.78
C ARG N 158 9.02 7.27 27.09
N ARG N 159 10.35 7.11 27.03
CA ARG N 159 11.14 6.70 28.19
C ARG N 159 10.96 7.68 29.34
N ALA N 160 10.30 7.25 30.40
CA ALA N 160 10.03 8.11 31.56
C ALA N 160 10.57 7.55 32.86
N THR N 161 10.45 6.23 33.08
CA THR N 161 11.03 5.64 34.28
C THR N 161 12.55 5.69 34.24
N TRP N 162 13.14 5.45 33.06
CA TRP N 162 14.59 5.46 32.95
C TRP N 162 15.16 6.86 33.10
N LEU N 163 14.45 7.87 32.58
CA LEU N 163 14.91 9.25 32.73
C LEU N 163 14.85 9.70 34.18
N HIS N 164 13.78 9.33 34.89
CA HIS N 164 13.67 9.67 36.31
C HIS N 164 14.75 8.96 37.13
N GLN N 165 15.05 7.71 36.78
CA GLN N 165 16.09 6.97 37.50
C GLN N 165 17.46 7.59 37.31
N ALA N 166 17.73 8.11 36.11
CA ALA N 166 19.04 8.69 35.83
C ALA N 166 19.29 9.94 36.68
N LEU N 167 18.26 10.76 36.89
CA LEU N 167 18.44 11.98 37.66
C LEU N 167 18.80 11.68 39.11
N ARG N 168 18.19 10.64 39.69
CA ARG N 168 18.48 10.31 41.08
C ARG N 168 19.90 9.80 41.26
N GLU N 169 20.49 9.21 40.21
CA GLU N 169 21.87 8.74 40.28
C GLU N 169 22.87 9.88 40.21
N GLY N 170 22.44 11.10 39.92
CA GLY N 170 23.33 12.24 39.87
C GLY N 170 23.70 12.73 38.49
N THR N 171 23.08 12.19 37.44
CA THR N 171 23.39 12.63 36.09
C THR N 171 22.91 14.07 35.88
N ARG N 172 23.74 14.87 35.22
CA ARG N 172 23.44 16.27 34.93
C ARG N 172 23.46 16.49 33.44
N VAL N 173 22.39 17.07 32.91
CA VAL N 173 22.26 17.35 31.49
C VAL N 173 21.89 18.82 31.33
N GLN N 174 22.68 19.55 30.53
CA GLN N 174 22.48 20.98 30.34
C GLN N 174 22.24 21.35 28.88
N SER N 175 23.08 20.87 27.97
CA SER N 175 22.96 21.24 26.58
C SER N 175 21.95 20.36 25.85
N VAL N 176 21.57 20.79 24.65
CA VAL N 176 20.61 20.02 23.85
C VAL N 176 21.23 18.71 23.39
N GLU N 177 22.52 18.72 23.06
CA GLU N 177 23.18 17.49 22.63
C GLU N 177 23.15 16.42 23.72
N GLN N 178 23.29 16.83 24.98
CA GLN N 178 23.19 15.89 26.09
C GLN N 178 21.78 15.32 26.21
N ILE N 179 20.77 16.14 25.92
CA ILE N 179 19.38 15.66 26.00
C ILE N 179 19.13 14.57 24.96
N ARG N 180 19.62 14.78 23.74
CA ARG N 180 19.42 13.78 22.69
C ARG N 180 20.12 12.46 23.00
N GLU N 181 21.13 12.47 23.86
CA GLU N 181 21.89 11.25 24.16
C GLU N 181 21.29 10.46 25.30
N VAL N 182 20.88 11.13 26.38
CA VAL N 182 20.31 10.41 27.52
C VAL N 182 18.96 9.80 27.15
N ALA N 183 18.18 10.49 26.33
CA ALA N 183 16.86 10.01 25.92
C ALA N 183 16.88 9.39 24.53
N SER N 184 18.01 8.79 24.13
CA SER N 184 18.10 8.19 22.81
C SER N 184 17.33 6.88 22.78
N GLY N 185 16.48 6.72 21.76
CA GLY N 185 15.68 5.53 21.59
C GLY N 185 14.18 5.77 21.55
N ALA N 186 13.71 6.97 21.89
CA ALA N 186 12.28 7.25 21.84
C ALA N 186 11.78 7.23 20.40
N ALA N 187 10.53 6.78 20.24
CA ALA N 187 9.95 6.59 18.91
C ALA N 187 8.57 7.25 18.85
N ARG N 188 8.00 7.25 17.65
CA ARG N 188 6.70 7.84 17.40
C ARG N 188 5.64 6.73 17.38
N ILE N 189 4.60 6.90 18.19
CA ILE N 189 3.61 5.84 18.39
C ILE N 189 2.76 5.63 17.14
N ARG N 190 2.32 6.72 16.50
CA ARG N 190 1.40 6.59 15.39
C ARG N 190 2.04 5.84 14.22
N GLY N 191 1.30 4.88 13.67
CA GLY N 191 1.78 4.07 12.58
C GLY N 191 2.31 2.71 12.96
N GLU N 192 2.48 2.45 14.25
CA GLU N 192 3.02 1.17 14.71
C GLU N 192 1.92 0.12 14.77
N THR N 193 2.35 -1.13 14.91
CA THR N 193 1.44 -2.28 14.96
C THR N 193 1.53 -2.93 16.34
N LEU N 194 0.37 -3.22 16.92
CA LEU N 194 0.27 -3.83 18.24
C LEU N 194 -0.34 -5.22 18.11
N GLY N 195 0.34 -6.22 18.68
CA GLY N 195 -0.13 -7.60 18.64
C GLY N 195 -0.59 -8.05 20.02
N ILE N 196 -1.76 -8.68 20.05
CA ILE N 196 -2.39 -9.13 21.29
C ILE N 196 -2.63 -10.63 21.18
N ILE N 197 -2.26 -11.37 22.23
CA ILE N 197 -2.44 -12.81 22.29
C ILE N 197 -3.51 -13.09 23.35
N GLY N 198 -4.71 -13.43 22.89
CA GLY N 198 -5.82 -13.69 23.79
C GLY N 198 -6.74 -12.50 23.95
N LEU N 199 -7.93 -12.57 23.34
CA LEU N 199 -8.88 -11.46 23.38
C LEU N 199 -9.99 -11.83 24.37
N GLY N 200 -9.72 -11.60 25.64
CA GLY N 200 -10.68 -11.83 26.71
C GLY N 200 -11.27 -10.55 27.23
N ARG N 201 -11.58 -10.54 28.54
CA ARG N 201 -12.08 -9.33 29.16
C ARG N 201 -11.02 -8.23 29.16
N VAL N 202 -9.80 -8.56 29.60
CA VAL N 202 -8.72 -7.58 29.62
C VAL N 202 -8.26 -7.25 28.20
N GLY N 203 -8.21 -8.26 27.33
CA GLY N 203 -7.74 -8.04 25.97
C GLY N 203 -8.60 -7.05 25.20
N GLN N 204 -9.92 -7.14 25.36
CA GLN N 204 -10.82 -6.21 24.68
C GLN N 204 -10.66 -4.79 25.22
N ALA N 205 -10.45 -4.65 26.53
CA ALA N 205 -10.29 -3.31 27.11
C ALA N 205 -9.03 -2.63 26.59
N VAL N 206 -7.94 -3.38 26.44
CA VAL N 206 -6.70 -2.81 25.95
C VAL N 206 -6.84 -2.36 24.50
N ALA N 207 -7.56 -3.14 23.69
CA ALA N 207 -7.67 -2.82 22.27
C ALA N 207 -8.38 -1.49 22.05
N LEU N 208 -9.44 -1.22 22.82
CA LEU N 208 -10.19 0.03 22.64
C LEU N 208 -9.33 1.24 22.99
N ARG N 209 -8.54 1.14 24.07
CA ARG N 209 -7.72 2.29 24.48
C ARG N 209 -6.53 2.51 23.55
N ALA N 210 -6.04 1.43 22.92
CA ALA N 210 -4.86 1.56 22.06
C ALA N 210 -5.18 2.25 20.75
N LYS N 211 -6.44 2.25 20.31
CA LYS N 211 -6.79 2.87 19.04
C LYS N 211 -6.80 4.39 19.11
N ALA N 212 -6.95 4.95 20.30
CA ALA N 212 -6.96 6.41 20.45
C ALA N 212 -5.58 7.02 20.23
N PHE N 213 -4.52 6.23 20.37
CA PHE N 213 -3.15 6.71 20.19
C PHE N 213 -2.63 6.52 18.77
N GLY N 214 -3.40 5.89 17.89
CA GLY N 214 -2.96 5.66 16.53
C GLY N 214 -2.38 4.29 16.24
N PHE N 215 -2.50 3.34 17.16
CA PHE N 215 -1.97 2.00 16.94
C PHE N 215 -2.78 1.26 15.89
N ASN N 216 -2.15 0.24 15.30
CA ASN N 216 -2.81 -0.73 14.43
C ASN N 216 -2.84 -2.06 15.17
N VAL N 217 -4.03 -2.62 15.37
CA VAL N 217 -4.24 -3.71 16.32
C VAL N 217 -4.52 -4.99 15.57
N LEU N 218 -3.78 -6.05 15.93
CA LEU N 218 -4.05 -7.41 15.50
C LEU N 218 -4.20 -8.29 16.73
N PHE N 219 -4.85 -9.43 16.56
CA PHE N 219 -5.01 -10.36 17.68
C PHE N 219 -5.05 -11.79 17.17
N TYR N 220 -4.77 -12.72 18.08
CA TYR N 220 -4.76 -14.15 17.77
C TYR N 220 -5.46 -14.89 18.90
N ASP N 221 -6.52 -15.62 18.57
CA ASP N 221 -7.27 -16.39 19.55
C ASP N 221 -7.95 -17.56 18.86
N PRO N 222 -7.55 -18.80 19.15
CA PRO N 222 -8.11 -19.97 18.46
C PRO N 222 -9.39 -20.53 19.06
N TYR N 223 -9.87 -20.00 20.19
CA TYR N 223 -11.05 -20.53 20.86
C TYR N 223 -12.28 -19.64 20.72
N LEU N 224 -12.21 -18.62 19.88
CA LEU N 224 -13.32 -17.71 19.68
C LEU N 224 -14.13 -18.08 18.44
N SER N 225 -15.34 -17.55 18.37
CA SER N 225 -16.23 -17.81 17.25
C SER N 225 -15.89 -16.88 16.09
N ASP N 226 -16.74 -16.86 15.07
CA ASP N 226 -16.51 -16.06 13.87
C ASP N 226 -17.26 -14.74 13.95
N GLY N 227 -16.61 -13.68 13.51
CA GLY N 227 -17.22 -12.37 13.46
C GLY N 227 -17.05 -11.51 14.68
N VAL N 228 -16.26 -11.94 15.66
CA VAL N 228 -16.02 -11.12 16.83
C VAL N 228 -15.23 -9.87 16.45
N GLU N 229 -14.30 -9.99 15.50
CA GLU N 229 -13.52 -8.85 15.06
C GLU N 229 -14.35 -7.87 14.23
N ARG N 230 -15.44 -8.34 13.61
CA ARG N 230 -16.28 -7.43 12.83
C ARG N 230 -16.96 -6.41 13.73
N ALA N 231 -17.41 -6.82 14.91
CA ALA N 231 -18.10 -5.91 15.82
C ALA N 231 -17.17 -4.81 16.31
N LEU N 232 -15.93 -5.16 16.65
CA LEU N 232 -14.98 -4.21 17.20
C LEU N 232 -14.11 -3.55 16.13
N GLY N 233 -14.22 -3.98 14.88
CA GLY N 233 -13.42 -3.39 13.82
C GLY N 233 -11.93 -3.64 13.92
N LEU N 234 -11.53 -4.86 14.27
CA LEU N 234 -10.14 -5.25 14.39
C LEU N 234 -9.76 -6.19 13.25
N GLN N 235 -8.51 -6.68 13.30
CA GLN N 235 -7.99 -7.60 12.32
C GLN N 235 -7.51 -8.87 13.02
N ARG N 236 -7.78 -10.02 12.41
CA ARG N 236 -7.54 -11.32 13.03
C ARG N 236 -6.62 -12.16 12.17
N VAL N 237 -5.68 -12.84 12.80
CA VAL N 237 -4.79 -13.79 12.13
C VAL N 237 -5.12 -15.19 12.63
N SER N 238 -4.56 -16.19 11.93
CA SER N 238 -4.90 -17.58 12.20
C SER N 238 -3.78 -18.38 12.84
N THR N 239 -2.54 -17.92 12.78
CA THR N 239 -1.41 -18.65 13.34
C THR N 239 -0.58 -17.73 14.22
N LEU N 240 0.08 -18.32 15.20
CA LEU N 240 0.94 -17.54 16.10
C LEU N 240 2.16 -16.99 15.35
N GLN N 241 2.70 -17.76 14.41
CA GLN N 241 3.88 -17.32 13.68
C GLN N 241 3.58 -16.08 12.85
N ASP N 242 2.39 -16.00 12.25
CA ASP N 242 2.03 -14.85 11.45
C ASP N 242 1.92 -13.58 12.30
N LEU N 243 1.46 -13.72 13.55
CA LEU N 243 1.35 -12.55 14.42
C LEU N 243 2.72 -12.00 14.77
N LEU N 244 3.70 -12.86 15.02
CA LEU N 244 5.03 -12.40 15.42
C LEU N 244 5.77 -11.74 14.27
N PHE N 245 5.46 -12.12 13.02
CA PHE N 245 6.18 -11.57 11.88
C PHE N 245 5.83 -10.11 11.64
N HIS N 246 4.61 -9.69 11.96
CA HIS N 246 4.10 -8.38 11.59
C HIS N 246 3.76 -7.52 12.81
N SER N 247 4.47 -7.71 13.92
CA SER N 247 4.19 -6.98 15.15
C SER N 247 5.42 -6.24 15.62
N ASP N 248 5.21 -5.02 16.13
CA ASP N 248 6.26 -4.23 16.74
C ASP N 248 6.20 -4.22 18.26
N CYS N 249 5.11 -4.70 18.85
CA CYS N 249 4.96 -4.80 20.29
C CYS N 249 4.00 -5.93 20.60
N VAL N 250 4.39 -6.82 21.49
CA VAL N 250 3.63 -8.03 21.79
C VAL N 250 3.22 -7.99 23.26
N THR N 251 1.93 -8.21 23.51
CA THR N 251 1.38 -8.28 24.85
C THR N 251 0.66 -9.61 25.05
N LEU N 252 0.81 -10.18 26.23
CA LEU N 252 0.22 -11.48 26.55
C LEU N 252 -0.98 -11.29 27.47
N HIS N 253 -2.13 -11.85 27.07
CA HIS N 253 -3.33 -11.76 27.88
C HIS N 253 -4.11 -13.08 27.94
N CYS N 254 -3.43 -14.21 27.70
CA CYS N 254 -4.10 -15.50 27.69
C CYS N 254 -4.05 -16.16 29.06
N GLY N 255 -4.65 -17.34 29.16
CA GLY N 255 -4.62 -18.12 30.38
C GLY N 255 -3.56 -19.20 30.35
N LEU N 256 -3.22 -19.70 31.52
CA LEU N 256 -2.15 -20.70 31.66
C LEU N 256 -2.80 -22.08 31.79
N ASN N 257 -3.10 -22.69 30.65
CA ASN N 257 -3.55 -24.07 30.61
C ASN N 257 -2.34 -24.99 30.39
N GLU N 258 -2.59 -26.26 30.10
CA GLU N 258 -1.52 -27.23 29.95
C GLU N 258 -0.99 -27.32 28.52
N HIS N 259 -1.53 -26.54 27.58
CA HIS N 259 -1.09 -26.59 26.20
C HIS N 259 -0.29 -25.36 25.79
N ASN N 260 0.02 -24.46 26.73
CA ASN N 260 0.74 -23.25 26.37
C ASN N 260 1.81 -22.91 27.41
N HIS N 261 2.38 -23.92 28.06
CA HIS N 261 3.49 -23.68 28.98
C HIS N 261 4.74 -23.32 28.20
N HIS N 262 5.42 -22.26 28.63
CA HIS N 262 6.57 -21.71 27.92
C HIS N 262 6.23 -21.41 26.46
N LEU N 263 5.20 -20.58 26.29
CA LEU N 263 4.76 -20.21 24.95
C LEU N 263 5.85 -19.44 24.21
N ILE N 264 6.50 -18.50 24.89
CA ILE N 264 7.63 -17.75 24.32
C ILE N 264 8.89 -18.51 24.71
N ASN N 265 9.24 -19.50 23.91
CA ASN N 265 10.42 -20.33 24.15
C ASN N 265 11.58 -19.84 23.30
N ASP N 266 12.66 -20.63 23.28
CA ASP N 266 13.84 -20.24 22.51
C ASP N 266 13.57 -20.20 21.02
N PHE N 267 12.82 -21.17 20.51
CA PHE N 267 12.58 -21.24 19.07
C PHE N 267 11.70 -20.08 18.60
N THR N 268 10.66 -19.75 19.36
CA THR N 268 9.72 -18.71 18.93
C THR N 268 10.30 -17.31 19.08
N VAL N 269 11.23 -17.11 20.02
CA VAL N 269 11.77 -15.78 20.26
C VAL N 269 12.63 -15.31 19.09
N LYS N 270 13.07 -16.22 18.22
CA LYS N 270 13.84 -15.86 17.05
C LYS N 270 12.99 -15.51 15.85
N GLN N 271 11.67 -15.64 15.96
CA GLN N 271 10.77 -15.30 14.87
C GLN N 271 10.23 -13.88 14.97
N MET N 272 10.55 -13.16 16.04
CA MET N 272 10.11 -11.79 16.20
C MET N 272 10.97 -10.84 15.36
N ARG N 273 10.48 -9.61 15.20
CA ARG N 273 11.19 -8.62 14.40
C ARG N 273 12.46 -8.15 15.11
N GLN N 274 13.27 -7.40 14.36
CA GLN N 274 14.51 -6.84 14.89
C GLN N 274 14.19 -5.57 15.67
N GLY N 275 14.33 -5.63 16.99
CA GLY N 275 14.08 -4.47 17.83
C GLY N 275 12.63 -4.30 18.20
N ALA N 276 12.03 -5.32 18.79
CA ALA N 276 10.64 -5.29 19.23
C ALA N 276 10.58 -5.22 20.75
N PHE N 277 9.38 -4.95 21.25
CA PHE N 277 9.11 -4.88 22.68
C PHE N 277 8.32 -6.09 23.13
N LEU N 278 8.18 -6.25 24.44
CA LEU N 278 7.46 -7.37 25.02
C LEU N 278 6.91 -6.96 26.37
N VAL N 279 5.60 -7.15 26.57
CA VAL N 279 4.92 -6.84 27.82
C VAL N 279 4.20 -8.09 28.29
N ASN N 280 4.39 -8.45 29.56
CA ASN N 280 3.75 -9.62 30.14
C ASN N 280 3.13 -9.24 31.48
N THR N 281 1.81 -9.40 31.58
CA THR N 281 1.10 -9.14 32.83
C THR N 281 0.08 -10.22 33.17
N ALA N 282 0.12 -11.37 32.48
CA ALA N 282 -0.86 -12.43 32.73
C ALA N 282 -0.34 -13.46 33.71
N ARG N 283 0.71 -14.18 33.34
CA ARG N 283 1.27 -15.24 34.19
C ARG N 283 2.76 -15.37 33.89
N GLY N 284 3.48 -15.94 34.86
CA GLY N 284 4.92 -16.05 34.76
C GLY N 284 5.39 -17.26 33.98
N GLY N 285 4.55 -18.28 33.87
CA GLY N 285 4.92 -19.50 33.19
C GLY N 285 4.83 -19.47 31.68
N LEU N 286 4.40 -18.35 31.10
CA LEU N 286 4.26 -18.23 29.65
C LEU N 286 5.55 -17.81 28.97
N VAL N 287 6.57 -17.38 29.72
CA VAL N 287 7.80 -16.84 29.14
C VAL N 287 8.98 -17.60 29.74
N ASP N 288 9.90 -18.02 28.88
CA ASP N 288 11.15 -18.64 29.31
C ASP N 288 12.17 -17.54 29.57
N GLU N 289 12.46 -17.28 30.85
CA GLU N 289 13.33 -16.15 31.20
C GLU N 289 14.77 -16.38 30.77
N LYS N 290 15.20 -17.64 30.67
CA LYS N 290 16.58 -17.92 30.26
C LYS N 290 16.82 -17.48 28.83
N ALA N 291 15.85 -17.72 27.93
CA ALA N 291 16.01 -17.30 26.55
C ALA N 291 15.80 -15.80 26.38
N LEU N 292 14.96 -15.20 27.21
CA LEU N 292 14.72 -13.76 27.12
C LEU N 292 15.98 -12.95 27.45
N ALA N 293 16.75 -13.43 28.44
CA ALA N 293 17.95 -12.69 28.86
C ALA N 293 18.97 -12.58 27.74
N GLN N 294 19.16 -13.68 26.98
CA GLN N 294 20.12 -13.65 25.89
C GLN N 294 19.70 -12.68 24.79
N ALA N 295 18.39 -12.60 24.53
CA ALA N 295 17.90 -11.70 23.48
C ALA N 295 18.16 -10.25 23.83
N LEU N 296 17.98 -9.88 25.10
CA LEU N 296 18.21 -8.50 25.52
C LEU N 296 19.67 -8.11 25.37
N LYS N 297 20.60 -9.01 25.72
CA LYS N 297 22.02 -8.69 25.65
C LYS N 297 22.48 -8.51 24.21
N GLU N 298 22.05 -9.40 23.30
CA GLU N 298 22.48 -9.30 21.91
C GLU N 298 21.84 -8.14 21.18
N GLY N 299 20.72 -7.64 21.67
CA GLY N 299 20.05 -6.51 21.06
C GLY N 299 18.89 -6.82 20.14
N ARG N 300 18.48 -8.09 20.06
CA ARG N 300 17.34 -8.43 19.22
C ARG N 300 16.02 -7.91 19.78
N ILE N 301 15.96 -7.65 21.08
CA ILE N 301 14.77 -7.09 21.72
C ILE N 301 15.17 -5.79 22.39
N ARG N 302 14.47 -4.70 22.05
CA ARG N 302 14.87 -3.38 22.54
C ARG N 302 14.58 -3.23 24.03
N GLY N 303 13.47 -3.80 24.50
CA GLY N 303 13.12 -3.68 25.91
C GLY N 303 12.02 -4.64 26.27
N ALA N 304 11.78 -4.75 27.58
CA ALA N 304 10.75 -5.64 28.10
C ALA N 304 10.27 -5.14 29.45
N ALA N 305 8.96 -5.16 29.64
CA ALA N 305 8.33 -4.80 30.90
C ALA N 305 7.59 -6.01 31.44
N LEU N 306 7.90 -6.41 32.67
CA LEU N 306 7.36 -7.61 33.27
C LEU N 306 6.70 -7.29 34.60
N ASP N 307 5.54 -7.90 34.84
CA ASP N 307 4.83 -7.78 36.10
C ASP N 307 4.73 -9.09 36.85
N VAL N 308 4.90 -10.22 36.18
CA VAL N 308 4.83 -11.54 36.79
C VAL N 308 6.05 -12.34 36.34
N HIS N 309 6.59 -13.15 37.24
CA HIS N 309 7.82 -13.89 36.97
C HIS N 309 7.63 -15.35 37.36
N GLU N 310 8.52 -16.19 36.86
CA GLU N 310 8.44 -17.63 37.15
C GLU N 310 8.64 -17.91 38.64
N SER N 311 9.62 -17.27 39.25
CA SER N 311 9.91 -17.44 40.66
C SER N 311 9.63 -16.14 41.40
N GLU N 312 8.82 -16.22 42.44
CA GLU N 312 8.46 -15.06 43.24
C GLU N 312 8.73 -15.33 44.70
N PRO N 313 9.11 -14.29 45.47
CA PRO N 313 9.27 -12.89 45.07
C PRO N 313 10.49 -12.62 44.20
N PHE N 314 10.45 -11.51 43.46
CA PHE N 314 11.49 -11.18 42.49
C PHE N 314 12.54 -10.30 43.13
N SER N 315 13.80 -10.53 42.74
CA SER N 315 14.93 -9.74 43.20
C SER N 315 15.87 -9.49 42.03
N PHE N 316 16.38 -8.27 41.93
CA PHE N 316 17.27 -7.92 40.83
C PHE N 316 18.64 -8.59 40.93
N SER N 317 19.01 -9.08 42.11
CA SER N 317 20.33 -9.66 42.33
C SER N 317 20.35 -11.18 42.15
N GLN N 318 19.22 -11.80 41.83
CA GLN N 318 19.15 -13.24 41.68
C GLN N 318 18.35 -13.59 40.43
N GLY N 319 18.63 -14.76 39.87
CA GLY N 319 17.90 -15.26 38.74
C GLY N 319 18.62 -15.08 37.42
N PRO N 320 18.05 -15.63 36.34
CA PRO N 320 18.67 -15.47 35.01
C PRO N 320 18.73 -14.03 34.54
N LEU N 321 17.89 -13.14 35.08
CA LEU N 321 17.85 -11.75 34.69
C LEU N 321 18.67 -10.87 35.64
N LYS N 322 19.75 -11.40 36.19
CA LYS N 322 20.55 -10.65 37.15
C LYS N 322 21.15 -9.40 36.52
N ASP N 323 21.68 -9.51 35.30
CA ASP N 323 22.31 -8.40 34.59
C ASP N 323 21.79 -8.39 33.16
N ALA N 324 20.68 -7.70 32.94
CA ALA N 324 20.10 -7.57 31.61
C ALA N 324 19.65 -6.14 31.38
N PRO N 325 20.12 -5.48 30.32
CA PRO N 325 19.77 -4.08 30.09
C PRO N 325 18.32 -3.93 29.63
N ASN N 326 17.80 -2.72 29.85
CA ASN N 326 16.47 -2.32 29.39
C ASN N 326 15.38 -3.24 29.95
N LEU N 327 15.23 -3.21 31.27
CA LEU N 327 14.28 -4.05 31.98
C LEU N 327 13.49 -3.23 32.97
N ILE N 328 12.18 -3.44 33.00
CA ILE N 328 11.28 -2.81 33.97
C ILE N 328 10.48 -3.91 34.65
N CYS N 329 10.45 -3.89 35.98
CA CYS N 329 9.78 -4.92 36.76
C CYS N 329 8.96 -4.29 37.87
N THR N 330 7.83 -4.92 38.18
CA THR N 330 6.92 -4.53 39.24
C THR N 330 6.57 -5.75 40.07
N PRO N 331 6.27 -5.56 41.38
CA PRO N 331 6.06 -6.68 42.30
C PRO N 331 4.65 -7.27 42.28
N HIS N 332 4.17 -7.61 41.09
CA HIS N 332 2.89 -8.30 40.91
C HIS N 332 1.74 -7.54 41.59
N ALA N 333 1.58 -6.29 41.18
CA ALA N 333 0.59 -5.40 41.76
C ALA N 333 -0.17 -4.64 40.68
N ALA N 334 -0.52 -5.32 39.60
CA ALA N 334 -1.26 -4.71 38.50
C ALA N 334 -2.77 -4.75 38.72
N TRP N 335 -3.21 -5.27 39.86
CA TRP N 335 -4.64 -5.40 40.16
C TRP N 335 -5.11 -4.55 41.32
N TYR N 336 -4.19 -4.01 42.13
CA TYR N 336 -4.59 -3.38 43.38
C TYR N 336 -5.27 -2.04 43.14
N SER N 337 -6.31 -1.78 43.92
CA SER N 337 -6.98 -0.49 43.97
C SER N 337 -7.77 -0.43 45.26
N GLU N 338 -8.04 0.79 45.73
CA GLU N 338 -8.79 0.95 46.96
C GLU N 338 -10.20 0.39 46.83
N GLN N 339 -10.87 0.67 45.71
CA GLN N 339 -12.22 0.17 45.50
C GLN N 339 -12.22 -1.30 45.09
N ALA N 340 -11.23 -1.73 44.30
CA ALA N 340 -11.21 -3.10 43.81
C ALA N 340 -10.95 -4.09 44.94
N SER N 341 -10.09 -3.73 45.90
CA SER N 341 -9.76 -4.64 46.98
C SER N 341 -10.98 -4.96 47.83
N ILE N 342 -11.79 -3.94 48.15
CA ILE N 342 -12.97 -4.17 48.98
C ILE N 342 -14.01 -4.98 48.23
N GLU N 343 -14.18 -4.71 46.93
CA GLU N 343 -15.22 -5.37 46.16
C GLU N 343 -15.00 -6.87 46.06
N MET N 344 -13.75 -7.30 45.82
CA MET N 344 -13.49 -8.71 45.62
C MET N 344 -13.57 -9.49 46.93
N ARG N 345 -13.25 -8.85 48.05
CA ARG N 345 -13.29 -9.55 49.33
C ARG N 345 -14.72 -9.78 49.81
N GLU N 346 -15.61 -8.81 49.56
CA GLU N 346 -17.01 -8.97 49.96
C GLU N 346 -17.70 -10.03 49.11
N GLU N 347 -17.41 -10.07 47.81
CA GLU N 347 -18.07 -11.04 46.94
C GLU N 347 -17.68 -12.46 47.30
N ALA N 348 -16.41 -12.70 47.63
CA ALA N 348 -15.98 -14.04 48.00
C ALA N 348 -16.64 -14.51 49.29
N ALA N 349 -16.80 -13.61 50.26
CA ALA N 349 -17.43 -13.98 51.53
C ALA N 349 -18.88 -14.38 51.32
N ARG N 350 -19.61 -13.66 50.47
CA ARG N 350 -21.01 -13.98 50.24
C ARG N 350 -21.19 -15.27 49.46
N GLU N 351 -20.19 -15.69 48.68
CA GLU N 351 -20.26 -16.97 47.98
C GLU N 351 -20.24 -18.13 48.96
N ILE N 352 -19.46 -18.01 50.04
CA ILE N 352 -19.40 -19.05 51.06
C ILE N 352 -20.74 -19.18 51.76
N ARG N 353 -21.37 -18.05 52.08
CA ARG N 353 -22.62 -18.08 52.84
C ARG N 353 -23.73 -18.76 52.07
N ARG N 354 -23.79 -18.53 50.75
CA ARG N 354 -24.83 -19.18 49.94
C ARG N 354 -24.64 -20.70 49.91
N ALA N 355 -23.39 -21.16 49.85
CA ALA N 355 -23.14 -22.59 49.81
C ALA N 355 -23.57 -23.27 51.12
N ILE N 356 -23.29 -22.63 52.26
CA ILE N 356 -23.64 -23.22 53.54
C ILE N 356 -25.15 -23.29 53.71
N THR N 357 -25.85 -22.21 53.35
CA THR N 357 -27.30 -22.12 53.53
C THR N 357 -28.06 -22.41 52.23
N GLY N 358 -27.54 -23.28 51.39
CA GLY N 358 -28.17 -23.64 50.14
C GLY N 358 -27.78 -25.03 49.72
N ARG N 359 -27.70 -25.24 48.40
CA ARG N 359 -27.31 -26.53 47.84
C ARG N 359 -26.24 -26.31 46.78
N ILE N 360 -25.37 -27.29 46.66
CA ILE N 360 -24.21 -27.25 45.76
C ILE N 360 -24.50 -28.19 44.59
N PRO N 361 -24.27 -27.76 43.34
CA PRO N 361 -23.83 -26.42 42.93
C PRO N 361 -24.96 -25.55 42.38
N ASP N 362 -26.20 -25.80 42.82
CA ASP N 362 -27.33 -25.06 42.27
C ASP N 362 -27.30 -23.59 42.70
N SER N 363 -26.86 -23.31 43.93
CA SER N 363 -26.87 -21.96 44.45
C SER N 363 -25.62 -21.17 44.10
N LEU N 364 -24.62 -21.79 43.48
CA LEU N 364 -23.39 -21.09 43.14
C LEU N 364 -23.53 -20.35 41.81
N LYS N 365 -22.93 -19.17 41.74
CA LYS N 365 -23.00 -18.34 40.54
C LYS N 365 -21.80 -18.53 39.62
N ASN N 366 -20.60 -18.63 40.19
CA ASN N 366 -19.37 -18.77 39.41
C ASN N 366 -18.69 -20.07 39.81
N CYS N 367 -19.04 -21.16 39.13
CA CYS N 367 -18.42 -22.46 39.36
C CYS N 367 -17.65 -22.85 38.11
N VAL N 368 -16.41 -23.32 38.30
CA VAL N 368 -15.51 -23.59 37.18
C VAL N 368 -15.28 -25.08 36.95
N ASN N 369 -15.70 -25.95 37.87
CA ASN N 369 -15.53 -27.39 37.73
C ASN N 369 -16.87 -28.11 37.77
N LYS N 370 -17.91 -27.47 37.21
CA LYS N 370 -19.23 -28.07 37.23
C LYS N 370 -19.29 -29.35 36.42
N ASP N 371 -18.61 -29.38 35.27
CA ASP N 371 -18.61 -30.58 34.44
C ASP N 371 -17.93 -31.75 35.15
N HIS N 372 -16.78 -31.48 35.79
CA HIS N 372 -16.05 -32.53 36.48
C HIS N 372 -16.67 -32.95 37.79
N LEU N 373 -17.55 -32.13 38.35
CA LEU N 373 -18.16 -32.43 39.65
C LEU N 373 -19.10 -33.63 39.52
N THR N 374 -19.05 -34.51 40.51
CA THR N 374 -19.88 -35.70 40.52
C THR N 374 -20.85 -35.70 41.71
N ARG O 44 -39.68 55.59 24.81
CA ARG O 44 -38.80 54.43 24.64
C ARG O 44 -38.56 54.14 23.17
N PRO O 45 -37.35 53.70 22.85
CA PRO O 45 -37.00 53.44 21.45
C PRO O 45 -37.83 52.32 20.84
N LEU O 46 -37.71 52.16 19.53
CA LEU O 46 -38.48 51.20 18.76
C LEU O 46 -37.56 50.14 18.19
N VAL O 47 -37.93 48.87 18.35
CA VAL O 47 -37.21 47.73 17.79
C VAL O 47 -38.17 46.97 16.91
N ALA O 48 -37.74 46.66 15.68
CA ALA O 48 -38.61 46.06 14.68
C ALA O 48 -38.06 44.71 14.23
N LEU O 49 -38.95 43.74 14.06
CA LEU O 49 -38.63 42.44 13.49
C LEU O 49 -39.00 42.49 12.01
N LEU O 50 -38.00 42.44 11.13
CA LEU O 50 -38.23 42.71 9.73
C LEU O 50 -39.08 41.62 9.07
N ASP O 51 -38.74 40.36 9.29
CA ASP O 51 -39.44 39.23 8.67
C ASP O 51 -39.87 38.25 9.76
N GLY O 52 -41.07 38.45 10.28
CA GLY O 52 -41.59 37.57 11.31
C GLY O 52 -42.92 38.09 11.82
N ARG O 53 -43.61 37.23 12.56
CA ARG O 53 -44.91 37.59 13.11
C ARG O 53 -44.98 37.22 14.59
N ASP O 54 -44.21 36.22 15.01
CA ASP O 54 -44.24 35.72 16.38
C ASP O 54 -43.12 36.37 17.18
N CYS O 55 -43.49 36.97 18.31
CA CYS O 55 -42.53 37.65 19.19
C CYS O 55 -42.81 37.30 20.65
N THR O 56 -43.19 36.05 20.91
CA THR O 56 -43.54 35.65 22.27
C THR O 56 -42.33 35.49 23.17
N VAL O 57 -41.13 35.31 22.60
CA VAL O 57 -39.94 35.11 23.41
C VAL O 57 -39.19 36.42 23.64
N GLU O 58 -39.10 37.26 22.62
CA GLU O 58 -38.37 38.53 22.75
C GLU O 58 -39.14 39.56 23.56
N MET O 59 -40.47 39.48 23.58
CA MET O 59 -41.28 40.49 24.26
C MET O 59 -41.00 40.59 25.75
N PRO O 60 -40.96 39.51 26.53
CA PRO O 60 -40.72 39.67 27.98
C PRO O 60 -39.35 40.23 28.31
N ILE O 61 -38.37 40.14 27.41
CA ILE O 61 -37.06 40.69 27.68
C ILE O 61 -37.02 42.18 27.36
N LEU O 62 -37.41 42.55 26.14
CA LEU O 62 -37.37 43.94 25.69
C LEU O 62 -38.71 44.64 25.89
N LYS O 63 -39.24 44.61 27.12
CA LYS O 63 -40.50 45.29 27.40
C LYS O 63 -40.34 46.53 28.28
N ASP O 64 -39.31 46.60 29.11
CA ASP O 64 -39.08 47.75 29.98
C ASP O 64 -37.94 48.62 29.49
N VAL O 65 -37.41 48.36 28.29
CA VAL O 65 -36.32 49.18 27.74
C VAL O 65 -36.59 49.65 26.33
N ALA O 66 -37.56 49.10 25.61
CA ALA O 66 -37.81 49.48 24.22
C ALA O 66 -39.23 49.08 23.86
N THR O 67 -39.61 49.40 22.62
CA THR O 67 -40.92 49.06 22.08
C THR O 67 -40.73 48.09 20.92
N VAL O 68 -41.43 46.97 20.97
CA VAL O 68 -41.27 45.88 20.00
C VAL O 68 -42.35 45.99 18.93
N ALA O 69 -41.99 45.69 17.69
CA ALA O 69 -42.93 45.70 16.58
C ALA O 69 -42.42 44.72 15.53
N PHE O 70 -43.34 44.28 14.65
CA PHE O 70 -43.00 43.36 13.58
C PHE O 70 -43.60 43.86 12.28
N CYS O 71 -43.00 43.45 11.16
CA CYS O 71 -43.46 43.88 9.85
C CYS O 71 -43.79 42.75 8.90
N ASP O 72 -43.33 41.53 9.14
CA ASP O 72 -43.69 40.36 8.31
C ASP O 72 -43.48 40.65 6.84
N ALA O 73 -42.35 41.27 6.52
CA ALA O 73 -42.04 41.67 5.15
C ALA O 73 -41.32 40.55 4.41
N GLN O 74 -41.52 40.52 3.09
CA GLN O 74 -40.84 39.57 2.22
C GLN O 74 -39.85 40.24 1.28
N SER O 75 -39.80 41.57 1.25
CA SER O 75 -38.89 42.31 0.40
C SER O 75 -38.64 43.67 1.03
N THR O 76 -37.58 44.33 0.54
CA THR O 76 -37.23 45.65 1.08
C THR O 76 -38.28 46.71 0.76
N GLN O 77 -39.17 46.44 -0.19
CA GLN O 77 -40.21 47.39 -0.57
C GLN O 77 -41.47 47.27 0.28
N GLU O 78 -41.52 46.33 1.22
CA GLU O 78 -42.68 46.12 2.07
C GLU O 78 -42.46 46.57 3.50
N ILE O 79 -41.47 47.45 3.72
CA ILE O 79 -41.18 47.95 5.05
C ILE O 79 -41.95 49.25 5.28
N HIS O 80 -42.63 49.35 6.42
CA HIS O 80 -43.45 50.50 6.71
C HIS O 80 -42.59 51.76 6.84
N GLU O 81 -43.20 52.90 6.51
CA GLU O 81 -42.47 54.17 6.52
C GLU O 81 -42.04 54.55 7.93
N LYS O 82 -42.83 54.20 8.95
CA LYS O 82 -42.47 54.53 10.32
C LYS O 82 -41.19 53.83 10.74
N VAL O 83 -41.00 52.59 10.28
CA VAL O 83 -39.78 51.85 10.62
C VAL O 83 -38.55 52.54 10.03
N LEU O 84 -38.65 53.01 8.79
CA LEU O 84 -37.51 53.61 8.12
C LEU O 84 -37.06 54.91 8.76
N ASN O 85 -37.87 55.51 9.64
CA ASN O 85 -37.54 56.78 10.26
C ASN O 85 -37.28 56.71 11.75
N GLU O 86 -37.86 55.73 12.45
CA GLU O 86 -37.82 55.69 13.92
C GLU O 86 -37.46 54.29 14.41
N ALA O 87 -36.42 53.69 13.82
CA ALA O 87 -35.95 52.37 14.24
C ALA O 87 -34.51 52.48 14.71
N VAL O 88 -34.23 51.90 15.88
CA VAL O 88 -32.89 51.88 16.44
C VAL O 88 -32.20 50.55 16.18
N GLY O 89 -32.92 49.43 16.35
CA GLY O 89 -32.37 48.13 16.09
C GLY O 89 -33.35 47.28 15.28
N ALA O 90 -32.84 46.19 14.73
CA ALA O 90 -33.64 45.32 13.88
C ALA O 90 -33.19 43.88 14.06
N LEU O 91 -34.13 42.95 13.83
CA LEU O 91 -33.87 41.53 13.86
C LEU O 91 -34.36 40.92 12.54
N MET O 92 -33.56 40.03 11.96
CA MET O 92 -33.88 39.49 10.66
C MET O 92 -33.40 38.04 10.54
N TYR O 93 -34.15 37.25 9.78
CA TYR O 93 -33.77 35.89 9.44
C TYR O 93 -33.05 35.89 8.09
N HIS O 94 -32.93 34.71 7.48
CA HIS O 94 -32.21 34.55 6.23
C HIS O 94 -33.08 34.77 4.99
N THR O 95 -34.36 35.13 5.17
CA THR O 95 -35.29 35.21 4.05
C THR O 95 -35.30 36.57 3.37
N ILE O 96 -34.53 37.54 3.86
CA ILE O 96 -34.53 38.89 3.30
C ILE O 96 -33.09 39.34 3.12
N THR O 97 -32.83 40.04 2.01
CA THR O 97 -31.49 40.51 1.66
C THR O 97 -31.45 42.03 1.66
N LEU O 98 -30.40 42.59 2.26
CA LEU O 98 -30.22 44.03 2.35
C LEU O 98 -28.96 44.42 1.58
N THR O 99 -29.08 45.43 0.74
CA THR O 99 -27.97 45.98 -0.04
C THR O 99 -27.63 47.38 0.47
N ARG O 100 -26.65 48.01 -0.18
CA ARG O 100 -26.23 49.33 0.24
C ARG O 100 -27.34 50.37 0.02
N GLU O 101 -28.07 50.25 -1.08
CA GLU O 101 -29.18 51.19 -1.33
C GLU O 101 -30.26 51.04 -0.27
N ASP O 102 -30.54 49.82 0.17
CA ASP O 102 -31.54 49.60 1.21
C ASP O 102 -31.08 50.20 2.53
N LEU O 103 -29.79 50.08 2.85
CA LEU O 103 -29.28 50.59 4.12
C LEU O 103 -29.36 52.10 4.19
N GLU O 104 -29.15 52.79 3.06
CA GLU O 104 -29.17 54.25 3.07
C GLU O 104 -30.56 54.81 3.35
N LYS O 105 -31.62 54.01 3.20
CA LYS O 105 -32.97 54.49 3.46
C LYS O 105 -33.27 54.61 4.95
N PHE O 106 -32.52 53.94 5.80
CA PHE O 106 -32.69 54.06 7.25
C PHE O 106 -32.05 55.34 7.75
N LYS O 107 -32.73 56.01 8.69
CA LYS O 107 -32.27 57.30 9.20
C LYS O 107 -31.84 57.25 10.66
N ALA O 108 -32.18 56.19 11.40
CA ALA O 108 -31.80 56.12 12.80
C ALA O 108 -31.28 54.73 13.21
N LEU O 109 -31.07 53.82 12.26
CA LEU O 109 -30.59 52.49 12.58
C LEU O 109 -29.18 52.55 13.13
N ARG O 110 -28.91 51.73 14.15
CA ARG O 110 -27.60 51.73 14.80
C ARG O 110 -27.02 50.33 14.93
N ILE O 111 -27.86 49.31 14.98
CA ILE O 111 -27.39 47.94 15.19
C ILE O 111 -28.33 46.98 14.46
N ILE O 112 -27.75 45.94 13.89
CA ILE O 112 -28.49 44.85 13.25
C ILE O 112 -28.02 43.54 13.87
N VAL O 113 -28.96 42.72 14.32
CA VAL O 113 -28.66 41.42 14.92
C VAL O 113 -29.28 40.34 14.05
N ARG O 114 -28.44 39.39 13.62
CA ARG O 114 -28.86 38.29 12.77
C ARG O 114 -29.08 37.04 13.61
N ILE O 115 -30.28 36.49 13.57
CA ILE O 115 -30.61 35.30 14.34
C ILE O 115 -30.11 34.07 13.58
N GLY O 116 -28.89 33.68 13.85
CA GLY O 116 -28.27 32.56 13.14
C GLY O 116 -26.78 32.76 13.07
N SER O 117 -26.14 31.95 12.23
CA SER O 117 -24.69 31.97 12.10
C SER O 117 -24.19 32.57 10.79
N GLY O 118 -25.04 32.65 9.77
CA GLY O 118 -24.65 33.18 8.48
C GLY O 118 -25.08 34.63 8.32
N PHE O 119 -24.20 35.43 7.70
CA PHE O 119 -24.48 36.83 7.47
C PHE O 119 -24.11 37.25 6.05
N ASP O 120 -24.19 36.33 5.10
CA ASP O 120 -23.83 36.63 3.72
C ASP O 120 -24.90 37.43 2.99
N ASN O 121 -26.08 37.61 3.58
CA ASN O 121 -27.15 38.38 2.96
C ASN O 121 -27.15 39.85 3.38
N ILE O 122 -26.13 40.28 4.12
CA ILE O 122 -25.98 41.67 4.55
C ILE O 122 -24.65 42.19 4.06
N ASP O 123 -24.65 43.38 3.47
CA ASP O 123 -23.41 44.01 3.01
C ASP O 123 -22.65 44.52 4.23
N ILE O 124 -21.65 43.75 4.65
CA ILE O 124 -20.94 44.06 5.90
C ILE O 124 -20.12 45.34 5.75
N LYS O 125 -19.37 45.45 4.65
CA LYS O 125 -18.48 46.60 4.48
C LYS O 125 -19.25 47.90 4.36
N SER O 126 -20.36 47.90 3.62
CA SER O 126 -21.13 49.13 3.45
C SER O 126 -21.74 49.60 4.76
N ALA O 127 -22.23 48.66 5.58
CA ALA O 127 -22.83 49.04 6.86
C ALA O 127 -21.81 49.66 7.80
N GLY O 128 -20.54 49.26 7.70
CA GLY O 128 -19.51 49.85 8.54
C GLY O 128 -19.28 51.32 8.26
N ASP O 129 -19.29 51.70 6.98
CA ASP O 129 -19.09 53.09 6.62
C ASP O 129 -20.21 53.97 7.15
N LEU O 130 -21.45 53.49 7.07
CA LEU O 130 -22.60 54.26 7.54
C LEU O 130 -22.68 54.31 9.06
N GLY O 131 -21.92 53.49 9.77
CA GLY O 131 -21.92 53.49 11.22
C GLY O 131 -22.96 52.57 11.82
N ILE O 132 -23.08 51.36 11.28
CA ILE O 132 -24.04 50.37 11.75
C ILE O 132 -23.27 49.11 12.12
N ALA O 133 -23.57 48.56 13.30
CA ALA O 133 -22.92 47.35 13.80
C ALA O 133 -23.77 46.13 13.48
N VAL O 134 -23.11 45.02 13.15
CA VAL O 134 -23.77 43.78 12.77
C VAL O 134 -23.33 42.69 13.74
N CYS O 135 -24.29 41.94 14.28
CA CYS O 135 -24.03 40.88 15.23
C CYS O 135 -24.74 39.60 14.79
N ASN O 136 -24.36 38.49 15.38
CA ASN O 136 -24.97 37.20 15.07
C ASN O 136 -24.81 36.26 16.26
N VAL O 137 -25.42 35.09 16.15
CA VAL O 137 -25.31 34.04 17.16
C VAL O 137 -24.38 32.97 16.60
N PRO O 138 -23.15 32.86 17.09
CA PRO O 138 -22.15 32.02 16.41
C PRO O 138 -22.45 30.53 16.46
N ALA O 139 -22.76 30.00 17.64
CA ALA O 139 -22.88 28.55 17.83
C ALA O 139 -24.08 28.26 18.73
N ALA O 140 -25.19 27.88 18.12
CA ALA O 140 -26.36 27.43 18.88
C ALA O 140 -26.92 26.15 18.29
N SER O 141 -26.57 25.84 17.06
CA SER O 141 -27.04 24.64 16.37
C SER O 141 -25.88 23.91 15.69
N VAL O 142 -24.73 23.83 16.37
CA VAL O 142 -23.60 23.12 15.81
C VAL O 142 -23.89 21.62 15.74
N GLU O 143 -24.41 21.06 16.82
CA GLU O 143 -24.63 19.61 16.88
C GLU O 143 -25.85 19.19 16.08
N GLU O 144 -26.88 20.05 16.00
CA GLU O 144 -28.04 19.72 15.18
C GLU O 144 -27.68 19.60 13.71
N THR O 145 -26.85 20.51 13.20
CA THR O 145 -26.46 20.46 11.79
C THR O 145 -25.55 19.29 11.52
N ALA O 146 -24.67 18.94 12.48
CA ALA O 146 -23.77 17.81 12.28
C ALA O 146 -24.53 16.49 12.21
N ASP O 147 -25.57 16.33 13.05
CA ASP O 147 -26.37 15.12 13.01
C ASP O 147 -27.13 15.00 11.70
N SER O 148 -27.66 16.12 11.20
CA SER O 148 -28.39 16.08 9.94
C SER O 148 -27.49 15.74 8.76
N THR O 149 -26.23 16.17 8.80
CA THR O 149 -25.30 15.82 7.73
C THR O 149 -25.04 14.32 7.70
N LEU O 150 -24.87 13.71 8.88
CA LEU O 150 -24.65 12.26 8.94
C LEU O 150 -25.86 11.48 8.48
N CYS O 151 -27.06 11.99 8.74
CA CYS O 151 -28.27 11.31 8.29
C CYS O 151 -28.34 11.24 6.78
N HIS O 152 -27.97 12.32 6.09
CA HIS O 152 -28.00 12.32 4.63
C HIS O 152 -26.96 11.37 4.05
N ILE O 153 -25.78 11.28 4.69
CA ILE O 153 -24.74 10.40 4.19
C ILE O 153 -25.18 8.94 4.25
N LEU O 154 -25.81 8.54 5.36
CA LEU O 154 -26.25 7.16 5.51
C LEU O 154 -27.37 6.81 4.54
N ASN O 155 -28.24 7.76 4.21
CA ASN O 155 -29.33 7.49 3.28
C ASN O 155 -28.80 7.18 1.89
N LEU O 156 -27.67 7.76 1.50
CA LEU O 156 -27.12 7.49 0.16
C LEU O 156 -26.50 6.10 0.09
N TYR O 157 -25.78 5.70 1.13
CA TYR O 157 -25.16 4.38 1.13
C TYR O 157 -26.18 3.27 1.41
N ARG O 158 -26.82 3.32 2.58
CA ARG O 158 -27.88 2.39 2.93
C ARG O 158 -29.19 3.03 2.53
N ARG O 159 -29.64 2.74 1.31
CA ARG O 159 -30.83 3.37 0.75
C ARG O 159 -32.05 3.09 1.63
N ALA O 160 -32.56 4.13 2.30
CA ALA O 160 -33.70 3.98 3.20
C ALA O 160 -34.87 4.86 2.84
N THR O 161 -34.62 6.11 2.43
CA THR O 161 -35.71 6.97 1.97
C THR O 161 -36.32 6.45 0.68
N TRP O 162 -35.49 5.98 -0.24
CA TRP O 162 -35.98 5.48 -1.51
C TRP O 162 -36.77 4.19 -1.34
N LEU O 163 -36.34 3.32 -0.43
CA LEU O 163 -37.07 2.08 -0.19
C LEU O 163 -38.43 2.35 0.45
N HIS O 164 -38.48 3.30 1.39
CA HIS O 164 -39.76 3.66 2.00
C HIS O 164 -40.70 4.29 0.98
N GLN O 165 -40.15 5.12 0.09
CA GLN O 165 -40.97 5.76 -0.94
C GLN O 165 -41.57 4.73 -1.89
N ALA O 166 -40.81 3.69 -2.22
CA ALA O 166 -41.29 2.68 -3.17
C ALA O 166 -42.49 1.92 -2.61
N LEU O 167 -42.49 1.63 -1.31
CA LEU O 167 -43.60 0.88 -0.72
C LEU O 167 -44.89 1.66 -0.78
N ARG O 168 -44.83 2.98 -0.56
CA ARG O 168 -46.05 3.79 -0.59
C ARG O 168 -46.63 3.87 -2.00
N GLU O 169 -45.79 3.73 -3.03
CA GLU O 169 -46.29 3.75 -4.40
C GLU O 169 -47.00 2.45 -4.79
N GLY O 170 -46.93 1.42 -3.96
CA GLY O 170 -47.60 0.17 -4.23
C GLY O 170 -46.71 -0.96 -4.69
N THR O 171 -45.39 -0.78 -4.69
CA THR O 171 -44.49 -1.85 -5.10
C THR O 171 -44.54 -3.00 -4.13
N ARG O 172 -44.56 -4.22 -4.66
CA ARG O 172 -44.62 -5.44 -3.86
C ARG O 172 -43.40 -6.29 -4.17
N VAL O 173 -42.67 -6.69 -3.14
CA VAL O 173 -41.48 -7.53 -3.27
C VAL O 173 -41.63 -8.73 -2.35
N GLN O 174 -41.50 -9.93 -2.93
CA GLN O 174 -41.67 -11.16 -2.17
C GLN O 174 -40.43 -12.04 -2.19
N SER O 175 -39.86 -12.30 -3.36
CA SER O 175 -38.71 -13.19 -3.47
C SER O 175 -37.41 -12.46 -3.17
N VAL O 176 -36.35 -13.23 -2.97
CA VAL O 176 -35.05 -12.65 -2.69
C VAL O 176 -34.50 -11.92 -3.92
N GLU O 177 -34.76 -12.45 -5.11
CA GLU O 177 -34.29 -11.80 -6.33
C GLU O 177 -34.90 -10.42 -6.49
N GLN O 178 -36.17 -10.26 -6.09
CA GLN O 178 -36.79 -8.94 -6.14
C GLN O 178 -36.14 -7.98 -5.14
N ILE O 179 -35.71 -8.49 -3.98
CA ILE O 179 -35.08 -7.64 -2.99
C ILE O 179 -33.75 -7.10 -3.50
N ARG O 180 -32.96 -7.95 -4.17
CA ARG O 180 -31.68 -7.52 -4.71
C ARG O 180 -31.83 -6.47 -5.81
N GLU O 181 -33.00 -6.40 -6.45
CA GLU O 181 -33.20 -5.47 -7.55
C GLU O 181 -33.69 -4.10 -7.09
N VAL O 182 -34.65 -4.07 -6.16
CA VAL O 182 -35.18 -2.80 -5.69
C VAL O 182 -34.13 -2.04 -4.90
N ALA O 183 -33.30 -2.75 -4.12
CA ALA O 183 -32.26 -2.14 -3.31
C ALA O 183 -30.88 -2.23 -3.97
N SER O 184 -30.84 -2.24 -5.29
CA SER O 184 -29.56 -2.33 -5.99
C SER O 184 -28.81 -1.00 -5.91
N GLY O 185 -27.55 -1.08 -5.52
CA GLY O 185 -26.71 0.11 -5.39
C GLY O 185 -26.12 0.33 -4.02
N ALA O 186 -26.58 -0.39 -2.98
CA ALA O 186 -26.03 -0.22 -1.65
C ALA O 186 -24.58 -0.69 -1.61
N ALA O 187 -23.78 -0.02 -0.78
CA ALA O 187 -22.35 -0.26 -0.71
C ALA O 187 -21.92 -0.44 0.75
N ARG O 188 -20.65 -0.79 0.92
CA ARG O 188 -20.07 -1.01 2.24
C ARG O 188 -19.28 0.23 2.65
N ILE O 189 -19.59 0.75 3.84
CA ILE O 189 -19.04 2.03 4.27
C ILE O 189 -17.55 1.92 4.58
N ARG O 190 -17.15 0.85 5.27
CA ARG O 190 -15.77 0.74 5.73
C ARG O 190 -14.82 0.66 4.54
N GLY O 191 -13.75 1.46 4.60
CA GLY O 191 -12.76 1.53 3.55
C GLY O 191 -12.91 2.69 2.60
N GLU O 192 -14.01 3.43 2.68
CA GLU O 192 -14.24 4.54 1.78
C GLU O 192 -13.51 5.79 2.27
N THR O 193 -13.44 6.79 1.40
CA THR O 193 -12.77 8.06 1.69
C THR O 193 -13.79 9.18 1.70
N LEU O 194 -13.73 10.03 2.71
CA LEU O 194 -14.64 11.16 2.86
C LEU O 194 -13.85 12.46 2.76
N GLY O 195 -14.33 13.36 1.90
CA GLY O 195 -13.68 14.64 1.67
C GLY O 195 -14.54 15.78 2.23
N ILE O 196 -13.90 16.68 2.97
CA ILE O 196 -14.56 17.79 3.63
C ILE O 196 -13.92 19.09 3.15
N ILE O 197 -14.75 20.05 2.79
CA ILE O 197 -14.29 21.36 2.34
C ILE O 197 -14.68 22.37 3.41
N GLY O 198 -13.68 22.82 4.17
CA GLY O 198 -13.92 23.78 5.24
C GLY O 198 -14.03 23.10 6.60
N LEU O 199 -12.99 23.25 7.43
CA LEU O 199 -12.97 22.62 8.75
C LEU O 199 -13.24 23.69 9.80
N GLY O 200 -14.52 23.97 10.01
CA GLY O 200 -14.97 24.93 11.00
C GLY O 200 -15.57 24.24 12.21
N ARG O 201 -16.55 24.90 12.82
CA ARG O 201 -17.25 24.29 13.95
C ARG O 201 -18.02 23.05 13.52
N VAL O 202 -18.79 23.16 12.44
CA VAL O 202 -19.55 22.01 11.94
C VAL O 202 -18.62 20.98 11.32
N GLY O 203 -17.59 21.43 10.61
CA GLY O 203 -16.69 20.51 9.95
C GLY O 203 -15.96 19.59 10.92
N GLN O 204 -15.54 20.13 12.06
CA GLN O 204 -14.85 19.30 13.05
C GLN O 204 -15.81 18.29 13.68
N ALA O 205 -17.05 18.68 13.91
CA ALA O 205 -18.03 17.76 14.51
C ALA O 205 -18.31 16.58 13.59
N VAL O 206 -18.41 16.83 12.28
CA VAL O 206 -18.68 15.76 11.34
C VAL O 206 -17.50 14.78 11.27
N ALA O 207 -16.28 15.30 11.33
CA ALA O 207 -15.11 14.44 11.21
C ALA O 207 -15.01 13.43 12.34
N LEU O 208 -15.32 13.85 13.57
CA LEU O 208 -15.24 12.94 14.70
C LEU O 208 -16.26 11.81 14.59
N ARG O 209 -17.48 12.12 14.16
CA ARG O 209 -18.51 11.10 14.07
C ARG O 209 -18.26 10.15 12.89
N ALA O 210 -17.61 10.63 11.83
CA ALA O 210 -17.40 9.79 10.66
C ALA O 210 -16.34 8.73 10.88
N LYS O 211 -15.44 8.92 11.84
CA LYS O 211 -14.38 7.93 12.08
C LYS O 211 -14.91 6.68 12.78
N ALA O 212 -16.04 6.78 13.48
CA ALA O 212 -16.59 5.60 14.15
C ALA O 212 -17.16 4.58 13.17
N PHE O 213 -17.49 4.99 11.95
CA PHE O 213 -18.05 4.10 10.95
C PHE O 213 -16.99 3.48 10.04
N GLY O 214 -15.72 3.86 10.19
CA GLY O 214 -14.66 3.33 9.37
C GLY O 214 -14.25 4.19 8.18
N PHE O 215 -14.70 5.44 8.11
CA PHE O 215 -14.33 6.31 7.01
C PHE O 215 -12.87 6.73 7.10
N ASN O 216 -12.32 7.14 5.97
CA ASN O 216 -11.01 7.78 5.88
C ASN O 216 -11.24 9.23 5.52
N VAL O 217 -10.75 10.15 6.35
CA VAL O 217 -11.16 11.55 6.30
C VAL O 217 -10.00 12.40 5.77
N LEU O 218 -10.30 13.23 4.78
CA LEU O 218 -9.41 14.28 4.29
C LEU O 218 -10.15 15.61 4.37
N PHE O 219 -9.39 16.70 4.39
CA PHE O 219 -10.01 18.02 4.41
C PHE O 219 -9.12 19.02 3.68
N TYR O 220 -9.74 20.13 3.27
CA TYR O 220 -9.06 21.20 2.56
C TYR O 220 -9.51 22.53 3.13
N ASP O 221 -8.57 23.31 3.64
CA ASP O 221 -8.87 24.63 4.19
C ASP O 221 -7.63 25.52 4.09
N PRO O 222 -7.69 26.57 3.28
CA PRO O 222 -6.51 27.43 3.07
C PRO O 222 -6.33 28.55 4.08
N TYR O 223 -7.25 28.74 5.03
CA TYR O 223 -7.18 29.84 5.98
C TYR O 223 -6.81 29.38 7.38
N LEU O 224 -6.44 28.13 7.56
CA LEU O 224 -6.08 27.60 8.85
C LEU O 224 -4.56 27.62 9.06
N SER O 225 -4.16 27.49 10.32
CA SER O 225 -2.75 27.49 10.68
C SER O 225 -2.18 26.09 10.48
N ASP O 226 -0.95 25.87 10.96
CA ASP O 226 -0.25 24.61 10.79
C ASP O 226 -0.41 23.75 12.03
N GLY O 227 -0.62 22.45 11.83
CA GLY O 227 -0.70 21.50 12.92
C GLY O 227 -2.09 21.26 13.47
N VAL O 228 -3.13 21.82 12.85
CA VAL O 228 -4.49 21.57 13.31
C VAL O 228 -4.86 20.11 13.09
N GLU O 229 -4.39 19.52 11.98
CA GLU O 229 -4.67 18.12 11.70
C GLU O 229 -3.92 17.17 12.62
N ARG O 230 -2.79 17.62 13.19
CA ARG O 230 -2.04 16.77 14.10
C ARG O 230 -2.84 16.50 15.38
N ALA O 231 -3.53 17.50 15.89
CA ALA O 231 -4.31 17.33 17.12
C ALA O 231 -5.44 16.34 16.93
N LEU O 232 -6.14 16.41 15.80
CA LEU O 232 -7.30 15.56 15.54
C LEU O 232 -6.94 14.28 14.80
N GLY O 233 -5.69 14.12 14.38
CA GLY O 233 -5.28 12.92 13.67
C GLY O 233 -5.92 12.74 12.31
N LEU O 234 -6.01 13.81 11.52
CA LEU O 234 -6.58 13.78 10.19
C LEU O 234 -5.48 13.96 9.15
N GLN O 235 -5.90 14.02 7.88
CA GLN O 235 -4.99 14.22 6.77
C GLN O 235 -5.41 15.46 5.98
N ARG O 236 -4.43 16.25 5.56
CA ARG O 236 -4.67 17.54 4.94
C ARG O 236 -4.06 17.60 3.55
N VAL O 237 -4.80 18.18 2.61
CA VAL O 237 -4.31 18.42 1.27
C VAL O 237 -4.17 19.92 1.06
N SER O 238 -3.50 20.30 -0.04
CA SER O 238 -3.18 21.70 -0.29
C SER O 238 -3.95 22.33 -1.44
N THR O 239 -4.55 21.54 -2.32
CA THR O 239 -5.29 22.06 -3.46
C THR O 239 -6.66 21.42 -3.54
N LEU O 240 -7.61 22.16 -4.11
CA LEU O 240 -8.96 21.64 -4.28
C LEU O 240 -8.99 20.48 -5.28
N GLN O 241 -8.18 20.56 -6.33
CA GLN O 241 -8.16 19.51 -7.34
C GLN O 241 -7.71 18.19 -6.75
N ASP O 242 -6.72 18.21 -5.86
CA ASP O 242 -6.23 16.98 -5.24
C ASP O 242 -7.29 16.32 -4.38
N LEU O 243 -8.13 17.13 -3.71
CA LEU O 243 -9.19 16.55 -2.88
C LEU O 243 -10.23 15.82 -3.72
N LEU O 244 -10.59 16.38 -4.88
CA LEU O 244 -11.62 15.77 -5.71
C LEU O 244 -11.13 14.48 -6.36
N PHE O 245 -9.83 14.36 -6.59
CA PHE O 245 -9.30 13.17 -7.27
C PHE O 245 -9.39 11.92 -6.39
N HIS O 246 -9.27 12.08 -5.07
CA HIS O 246 -9.15 10.95 -4.16
C HIS O 246 -10.31 10.87 -3.17
N SER O 247 -11.50 11.29 -3.57
CA SER O 247 -12.65 11.31 -2.68
C SER O 247 -13.80 10.51 -3.30
N ASP O 248 -14.51 9.77 -2.45
CA ASP O 248 -15.71 9.05 -2.85
C ASP O 248 -16.99 9.73 -2.38
N CYS O 249 -16.90 10.72 -1.51
CA CYS O 249 -18.05 11.48 -1.04
C CYS O 249 -17.57 12.86 -0.63
N VAL O 250 -18.23 13.90 -1.14
CA VAL O 250 -17.82 15.28 -0.92
C VAL O 250 -18.92 16.02 -0.16
N THR O 251 -18.53 16.69 0.91
CA THR O 251 -19.44 17.50 1.71
C THR O 251 -18.91 18.93 1.80
N LEU O 252 -19.81 19.90 1.73
CA LEU O 252 -19.46 21.31 1.74
C LEU O 252 -19.81 21.90 3.10
N HIS O 253 -18.83 22.55 3.73
CA HIS O 253 -19.04 23.19 5.03
C HIS O 253 -18.38 24.56 5.13
N CYS O 254 -18.13 25.21 4.00
CA CYS O 254 -17.44 26.50 4.00
C CYS O 254 -18.44 27.65 4.02
N GLY O 255 -17.93 28.88 4.04
CA GLY O 255 -18.76 30.06 4.01
C GLY O 255 -18.83 30.65 2.61
N LEU O 256 -19.85 31.49 2.40
CA LEU O 256 -20.11 32.08 1.08
C LEU O 256 -19.54 33.49 1.07
N ASN O 257 -18.25 33.60 0.77
CA ASN O 257 -17.61 34.89 0.54
C ASN O 257 -17.65 35.20 -0.96
N GLU O 258 -16.92 36.23 -1.38
CA GLU O 258 -16.94 36.67 -2.77
C GLU O 258 -15.91 35.96 -3.64
N HIS O 259 -15.11 35.05 -3.08
CA HIS O 259 -14.09 34.35 -3.84
C HIS O 259 -14.44 32.89 -4.10
N ASN O 260 -15.64 32.45 -3.72
CA ASN O 260 -16.01 31.05 -3.90
C ASN O 260 -17.43 30.89 -4.41
N HIS O 261 -17.93 31.87 -5.16
CA HIS O 261 -19.25 31.75 -5.77
C HIS O 261 -19.21 30.72 -6.89
N HIS O 262 -20.18 29.81 -6.91
CA HIS O 262 -20.22 28.69 -7.84
C HIS O 262 -18.90 27.90 -7.79
N LEU O 263 -18.57 27.43 -6.59
CA LEU O 263 -17.35 26.65 -6.41
C LEU O 263 -17.41 25.35 -7.20
N ILE O 264 -18.54 24.66 -7.16
CA ILE O 264 -18.74 23.44 -7.96
C ILE O 264 -19.37 23.88 -9.27
N ASN O 265 -18.53 24.26 -10.22
CA ASN O 265 -18.99 24.72 -11.53
C ASN O 265 -18.87 23.58 -12.54
N ASP O 266 -19.07 23.91 -13.82
CA ASP O 266 -19.03 22.90 -14.86
C ASP O 266 -17.63 22.29 -15.00
N PHE O 267 -16.59 23.12 -14.92
CA PHE O 267 -15.23 22.62 -15.11
C PHE O 267 -14.81 21.69 -13.99
N THR O 268 -15.14 22.05 -12.74
CA THR O 268 -14.69 21.26 -11.59
C THR O 268 -15.48 19.97 -11.43
N VAL O 269 -16.74 19.94 -11.90
CA VAL O 269 -17.56 18.75 -11.72
C VAL O 269 -17.05 17.58 -12.56
N LYS O 270 -16.22 17.84 -13.56
CA LYS O 270 -15.64 16.79 -14.39
C LYS O 270 -14.36 16.21 -13.81
N GLN O 271 -13.86 16.78 -12.70
CA GLN O 271 -12.65 16.27 -12.06
C GLN O 271 -12.95 15.27 -10.96
N MET O 272 -14.21 15.03 -10.64
CA MET O 272 -14.58 14.07 -9.61
C MET O 272 -14.49 12.65 -10.15
N ARG O 273 -14.53 11.68 -9.24
CA ARG O 273 -14.43 10.28 -9.61
C ARG O 273 -15.70 9.82 -10.32
N GLN O 274 -15.62 8.61 -10.89
CA GLN O 274 -16.76 7.99 -11.57
C GLN O 274 -17.67 7.36 -10.53
N GLY O 275 -18.84 7.95 -10.34
CA GLY O 275 -19.81 7.42 -9.40
C GLY O 275 -19.58 7.86 -7.96
N ALA O 276 -19.54 9.17 -7.75
CA ALA O 276 -19.35 9.75 -6.43
C ALA O 276 -20.65 10.37 -5.94
N PHE O 277 -20.66 10.71 -4.66
CA PHE O 277 -21.80 11.36 -4.02
C PHE O 277 -21.48 12.82 -3.76
N LEU O 278 -22.52 13.57 -3.36
CA LEU O 278 -22.37 14.99 -3.08
C LEU O 278 -23.44 15.40 -2.07
N VAL O 279 -23.01 16.05 -0.98
CA VAL O 279 -23.89 16.53 0.06
C VAL O 279 -23.62 18.01 0.26
N ASN O 280 -24.69 18.81 0.29
CA ASN O 280 -24.58 20.26 0.46
C ASN O 280 -25.57 20.70 1.52
N THR O 281 -25.06 21.29 2.61
CA THR O 281 -25.92 21.81 3.67
C THR O 281 -25.46 23.18 4.14
N ALA O 282 -24.55 23.85 3.44
CA ALA O 282 -24.03 25.14 3.88
C ALA O 282 -24.78 26.30 3.24
N ARG O 283 -24.69 26.44 1.92
CA ARG O 283 -25.33 27.53 1.20
C ARG O 283 -25.66 27.07 -0.21
N GLY O 284 -26.62 27.76 -0.82
CA GLY O 284 -27.09 27.38 -2.15
C GLY O 284 -26.26 27.93 -3.28
N GLY O 285 -25.50 29.00 -3.03
CA GLY O 285 -24.71 29.62 -4.06
C GLY O 285 -23.40 28.96 -4.37
N LEU O 286 -23.05 27.88 -3.66
CA LEU O 286 -21.79 27.19 -3.87
C LEU O 286 -21.86 26.14 -4.98
N VAL O 287 -23.04 25.81 -5.46
CA VAL O 287 -23.23 24.74 -6.44
C VAL O 287 -24.00 25.28 -7.62
N ASP O 288 -23.53 24.99 -8.84
CA ASP O 288 -24.24 25.34 -10.07
C ASP O 288 -25.21 24.20 -10.38
N GLU O 289 -26.50 24.46 -10.20
CA GLU O 289 -27.50 23.41 -10.35
C GLU O 289 -27.66 22.99 -11.81
N LYS O 290 -27.37 23.88 -12.75
CA LYS O 290 -27.51 23.53 -14.17
C LYS O 290 -26.51 22.45 -14.56
N ALA O 291 -25.26 22.55 -14.06
CA ALA O 291 -24.26 21.54 -14.37
C ALA O 291 -24.49 20.25 -13.59
N LEU O 292 -25.04 20.35 -12.38
CA LEU O 292 -25.28 19.17 -11.58
C LEU O 292 -26.33 18.26 -12.22
N ALA O 293 -27.36 18.87 -12.82
CA ALA O 293 -28.43 18.07 -13.42
C ALA O 293 -27.93 17.19 -14.54
N GLN O 294 -27.03 17.72 -15.39
CA GLN O 294 -26.50 16.93 -16.49
C GLN O 294 -25.67 15.76 -15.98
N ALA O 295 -24.92 15.96 -14.90
CA ALA O 295 -24.10 14.88 -14.36
C ALA O 295 -24.94 13.73 -13.85
N LEU O 296 -26.07 14.03 -13.20
CA LEU O 296 -26.94 12.97 -12.69
C LEU O 296 -27.53 12.13 -13.81
N LYS O 297 -27.94 12.79 -14.90
CA LYS O 297 -28.56 12.06 -16.01
C LYS O 297 -27.57 11.13 -16.70
N GLU O 298 -26.35 11.61 -16.97
CA GLU O 298 -25.37 10.80 -17.67
C GLU O 298 -24.82 9.68 -16.79
N GLY O 299 -24.92 9.80 -15.48
CA GLY O 299 -24.46 8.77 -14.57
C GLY O 299 -23.10 8.98 -13.95
N ARG O 300 -22.48 10.15 -14.17
CA ARG O 300 -21.17 10.40 -13.57
C ARG O 300 -21.27 10.60 -12.05
N ILE O 301 -22.43 10.98 -11.54
CA ILE O 301 -22.66 11.14 -10.11
C ILE O 301 -23.79 10.20 -9.71
N ARG O 302 -23.54 9.34 -8.72
CA ARG O 302 -24.51 8.32 -8.35
C ARG O 302 -25.72 8.94 -7.64
N GLY O 303 -25.50 9.95 -6.81
CA GLY O 303 -26.60 10.57 -6.10
C GLY O 303 -26.17 11.88 -5.47
N ALA O 304 -27.15 12.61 -4.97
CA ALA O 304 -26.91 13.90 -4.35
C ALA O 304 -28.02 14.21 -3.36
N ALA O 305 -27.63 14.71 -2.19
CA ALA O 305 -28.57 15.14 -1.15
C ALA O 305 -28.36 16.63 -0.91
N LEU O 306 -29.43 17.41 -1.04
CA LEU O 306 -29.35 18.86 -0.94
C LEU O 306 -30.32 19.36 0.13
N ASP O 307 -29.86 20.32 0.92
CA ASP O 307 -30.70 20.99 1.91
C ASP O 307 -30.90 22.47 1.62
N VAL O 308 -30.05 23.08 0.81
CA VAL O 308 -30.15 24.48 0.44
C VAL O 308 -30.02 24.60 -1.08
N HIS O 309 -30.79 25.52 -1.66
CA HIS O 309 -30.85 25.67 -3.10
C HIS O 309 -30.67 27.13 -3.48
N GLU O 310 -30.34 27.36 -4.75
CA GLU O 310 -30.13 28.73 -5.24
C GLU O 310 -31.41 29.55 -5.13
N SER O 311 -32.54 28.99 -5.54
CA SER O 311 -33.82 29.67 -5.50
C SER O 311 -34.72 28.98 -4.48
N GLU O 312 -35.27 29.75 -3.56
CA GLU O 312 -36.14 29.22 -2.52
C GLU O 312 -37.44 30.01 -2.50
N PRO O 313 -38.57 29.36 -2.17
CA PRO O 313 -38.70 27.94 -1.79
C PRO O 313 -38.54 26.98 -2.95
N PHE O 314 -38.22 25.73 -2.62
CA PHE O 314 -37.92 24.71 -3.63
C PHE O 314 -39.17 23.92 -3.99
N SER O 315 -39.29 23.57 -5.26
CA SER O 315 -40.39 22.76 -5.77
C SER O 315 -39.84 21.76 -6.78
N PHE O 316 -40.34 20.53 -6.70
CA PHE O 316 -39.87 19.48 -7.61
C PHE O 316 -40.33 19.69 -9.05
N SER O 317 -41.35 20.51 -9.27
CA SER O 317 -41.91 20.71 -10.60
C SER O 317 -41.31 21.90 -11.34
N GLN O 318 -40.37 22.63 -10.71
CA GLN O 318 -39.78 23.81 -11.33
C GLN O 318 -38.28 23.80 -11.12
N GLY O 319 -37.56 24.46 -12.03
CA GLY O 319 -36.13 24.61 -11.92
C GLY O 319 -35.36 23.66 -12.80
N PRO O 320 -34.03 23.82 -12.83
CA PRO O 320 -33.20 22.91 -13.65
C PRO O 320 -33.24 21.47 -13.19
N LEU O 321 -33.61 21.21 -11.94
CA LEU O 321 -33.69 19.85 -11.39
C LEU O 321 -35.10 19.29 -11.46
N LYS O 322 -35.87 19.66 -12.49
CA LYS O 322 -37.25 19.21 -12.59
C LYS O 322 -37.33 17.69 -12.72
N ASP O 323 -36.46 17.10 -13.55
CA ASP O 323 -36.46 15.65 -13.78
C ASP O 323 -35.02 15.16 -13.71
N ALA O 324 -34.57 14.82 -12.51
CA ALA O 324 -33.22 14.30 -12.31
C ALA O 324 -33.27 13.12 -11.35
N PRO O 325 -32.75 11.96 -11.75
CA PRO O 325 -32.83 10.78 -10.89
C PRO O 325 -31.88 10.88 -9.69
N ASN O 326 -32.21 10.10 -8.66
CA ASN O 326 -31.38 9.96 -7.47
C ASN O 326 -31.14 11.30 -6.79
N LEU O 327 -32.22 11.90 -6.30
CA LEU O 327 -32.17 13.21 -5.66
C LEU O 327 -32.96 13.18 -4.36
N ILE O 328 -32.37 13.78 -3.32
CA ILE O 328 -33.01 13.93 -2.02
C ILE O 328 -32.94 15.40 -1.63
N CYS O 329 -34.08 15.97 -1.25
CA CYS O 329 -34.17 17.39 -0.92
C CYS O 329 -34.96 17.58 0.36
N THR O 330 -34.56 18.60 1.13
CA THR O 330 -35.22 19.00 2.36
C THR O 330 -35.44 20.51 2.35
N PRO O 331 -36.48 21.00 3.03
CA PRO O 331 -36.85 22.42 2.95
C PRO O 331 -36.07 23.34 3.91
N HIS O 332 -34.75 23.24 3.87
CA HIS O 332 -33.86 24.14 4.62
C HIS O 332 -34.19 24.12 6.11
N ALA O 333 -34.15 22.93 6.69
CA ALA O 333 -34.51 22.72 8.09
C ALA O 333 -33.49 21.84 8.79
N ALA O 334 -32.22 22.04 8.50
CA ALA O 334 -31.14 21.27 9.13
C ALA O 334 -30.69 21.84 10.45
N TRP O 335 -31.33 22.92 10.91
CA TRP O 335 -30.95 23.59 12.15
C TRP O 335 -32.02 23.50 13.24
N TYR O 336 -33.25 23.13 12.91
CA TYR O 336 -34.35 23.27 13.85
C TYR O 336 -34.26 22.23 14.95
N SER O 337 -34.58 22.66 16.17
CA SER O 337 -34.73 21.79 17.33
C SER O 337 -35.53 22.54 18.37
N GLU O 338 -36.18 21.79 19.25
CA GLU O 338 -36.98 22.42 20.29
C GLU O 338 -36.12 23.26 21.23
N GLN O 339 -34.97 22.73 21.63
CA GLN O 339 -34.07 23.47 22.51
C GLN O 339 -33.29 24.53 21.76
N ALA O 340 -32.88 24.24 20.52
CA ALA O 340 -32.06 25.19 19.77
C ALA O 340 -32.84 26.45 19.41
N SER O 341 -34.13 26.30 19.09
CA SER O 341 -34.92 27.46 18.69
C SER O 341 -35.05 28.46 19.82
N ILE O 342 -35.30 27.99 21.04
CA ILE O 342 -35.45 28.89 22.18
C ILE O 342 -34.13 29.55 22.52
N GLU O 343 -33.03 28.81 22.44
CA GLU O 343 -31.73 29.34 22.86
C GLU O 343 -31.29 30.50 21.97
N MET O 344 -31.47 30.38 20.65
CA MET O 344 -30.98 31.42 19.75
C MET O 344 -31.85 32.68 19.82
N ARG O 345 -33.14 32.54 20.12
CA ARG O 345 -34.01 33.71 20.18
C ARG O 345 -33.76 34.53 21.44
N GLU O 346 -33.47 33.87 22.56
CA GLU O 346 -33.18 34.59 23.79
C GLU O 346 -31.85 35.32 23.72
N GLU O 347 -30.83 34.70 23.10
CA GLU O 347 -29.53 35.34 23.01
C GLU O 347 -29.57 36.59 22.16
N ALA O 348 -30.31 36.55 21.04
CA ALA O 348 -30.41 37.72 20.18
C ALA O 348 -31.09 38.88 20.88
N ALA O 349 -32.14 38.59 21.67
CA ALA O 349 -32.85 39.65 22.38
C ALA O 349 -31.95 40.34 23.40
N ARG O 350 -31.14 39.57 24.11
CA ARG O 350 -30.25 40.16 25.12
C ARG O 350 -29.12 40.95 24.50
N GLU O 351 -28.76 40.67 23.25
CA GLU O 351 -27.73 41.47 22.58
C GLU O 351 -28.24 42.88 22.30
N ILE O 352 -29.52 43.02 21.96
CA ILE O 352 -30.11 44.33 21.72
C ILE O 352 -30.12 45.15 23.01
N ARG O 353 -30.47 44.52 24.13
CA ARG O 353 -30.60 45.25 25.38
C ARG O 353 -29.26 45.82 25.85
N ARG O 354 -28.18 45.06 25.65
CA ARG O 354 -26.86 45.57 26.04
C ARG O 354 -26.46 46.79 25.22
N ALA O 355 -26.78 46.77 23.92
CA ALA O 355 -26.42 47.90 23.07
C ALA O 355 -27.17 49.17 23.47
N ILE O 356 -28.45 49.05 23.82
CA ILE O 356 -29.24 50.23 24.20
C ILE O 356 -28.73 50.80 25.51
N THR O 357 -28.45 49.94 26.50
CA THR O 357 -28.03 50.37 27.82
C THR O 357 -26.53 50.27 28.01
N GLY O 358 -25.76 50.49 26.96
CA GLY O 358 -24.31 50.43 27.02
C GLY O 358 -23.69 51.30 25.96
N ARG O 359 -22.53 50.89 25.46
CA ARG O 359 -21.82 51.61 24.42
C ARG O 359 -21.42 50.65 23.31
N ILE O 360 -21.39 51.17 22.09
CA ILE O 360 -21.11 50.39 20.89
C ILE O 360 -19.70 50.75 20.41
N PRO O 361 -18.84 49.77 20.07
CA PRO O 361 -19.09 48.33 20.18
C PRO O 361 -18.41 47.68 21.38
N ASP O 362 -18.20 48.46 22.45
CA ASP O 362 -17.48 47.93 23.60
C ASP O 362 -18.29 46.86 24.33
N SER O 363 -19.61 47.03 24.41
CA SER O 363 -20.47 46.12 25.15
C SER O 363 -20.92 44.91 24.33
N LEU O 364 -20.61 44.88 23.02
CA LEU O 364 -21.04 43.77 22.18
C LEU O 364 -20.07 42.61 22.28
N LYS O 365 -20.61 41.39 22.27
CA LYS O 365 -19.79 40.19 22.38
C LYS O 365 -19.45 39.59 21.02
N ASN O 366 -20.40 39.55 20.09
CA ASN O 366 -20.20 38.97 18.77
C ASN O 366 -20.44 40.05 17.72
N CYS O 367 -19.39 40.78 17.37
CA CYS O 367 -19.44 41.79 16.32
C CYS O 367 -18.57 41.35 15.16
N VAL O 368 -19.11 41.46 13.94
CA VAL O 368 -18.44 40.93 12.75
C VAL O 368 -17.89 42.02 11.85
N ASN O 369 -18.25 43.29 12.06
CA ASN O 369 -17.77 44.39 11.25
C ASN O 369 -17.03 45.42 12.10
N LYS O 370 -16.31 44.95 13.12
CA LYS O 370 -15.60 45.85 14.01
C LYS O 370 -14.49 46.60 13.28
N ASP O 371 -13.78 45.92 12.39
CA ASP O 371 -12.70 46.57 11.63
C ASP O 371 -13.25 47.66 10.72
N HIS O 372 -14.36 47.39 10.03
CA HIS O 372 -14.93 48.35 9.11
C HIS O 372 -15.69 49.48 9.81
N LEU O 373 -16.05 49.29 11.08
CA LEU O 373 -16.81 50.30 11.80
C LEU O 373 -15.96 51.53 12.06
N THR O 374 -16.56 52.70 11.89
CA THR O 374 -15.86 53.96 12.09
C THR O 374 -16.49 54.77 13.22
N ARG P 44 -23.04 -38.57 -9.89
CA ARG P 44 -22.81 -37.56 -8.87
C ARG P 44 -24.08 -37.25 -8.10
N PRO P 45 -23.94 -36.90 -6.83
CA PRO P 45 -25.12 -36.57 -6.01
C PRO P 45 -25.83 -35.33 -6.51
N LEU P 46 -27.01 -35.08 -5.94
CA LEU P 46 -27.86 -33.97 -6.33
C LEU P 46 -27.99 -32.98 -5.18
N VAL P 47 -27.81 -31.70 -5.49
CA VAL P 47 -27.98 -30.62 -4.54
C VAL P 47 -29.04 -29.67 -5.08
N ALA P 48 -30.01 -29.32 -4.26
CA ALA P 48 -31.17 -28.55 -4.69
C ALA P 48 -31.27 -27.24 -3.91
N LEU P 49 -31.60 -26.17 -4.62
CA LEU P 49 -31.89 -24.87 -4.02
C LEU P 49 -33.41 -24.76 -3.89
N LEU P 50 -33.90 -24.72 -2.65
CA LEU P 50 -35.33 -24.88 -2.41
C LEU P 50 -36.13 -23.66 -2.85
N ASP P 51 -35.63 -22.45 -2.56
CA ASP P 51 -36.33 -21.21 -2.93
C ASP P 51 -35.33 -20.29 -3.61
N GLY P 52 -35.25 -20.39 -4.93
CA GLY P 52 -34.35 -19.55 -5.69
C GLY P 52 -34.36 -19.95 -7.15
N ARG P 53 -33.79 -19.08 -7.97
CA ARG P 53 -33.73 -19.33 -9.41
C ARG P 53 -32.32 -19.07 -9.94
N ASP P 54 -31.57 -18.20 -9.28
CA ASP P 54 -30.25 -17.81 -9.72
C ASP P 54 -29.19 -18.65 -8.99
N CYS P 55 -28.32 -19.28 -9.76
CA CYS P 55 -27.25 -20.13 -9.21
C CYS P 55 -25.94 -19.88 -9.93
N THR P 56 -25.67 -18.61 -10.27
CA THR P 56 -24.47 -18.29 -11.02
C THR P 56 -23.22 -18.34 -10.17
N VAL P 57 -23.34 -18.25 -8.85
CA VAL P 57 -22.17 -18.25 -7.97
C VAL P 57 -21.86 -19.65 -7.46
N GLU P 58 -22.88 -20.41 -7.09
CA GLU P 58 -22.66 -21.75 -6.55
C GLU P 58 -22.26 -22.76 -7.62
N MET P 59 -22.68 -22.53 -8.87
CA MET P 59 -22.42 -23.49 -9.93
C MET P 59 -20.93 -23.75 -10.18
N PRO P 60 -20.06 -22.74 -10.33
CA PRO P 60 -18.64 -23.04 -10.58
C PRO P 60 -17.95 -23.78 -9.46
N ILE P 61 -18.47 -23.73 -8.24
CA ILE P 61 -17.85 -24.44 -7.13
C ILE P 61 -18.30 -25.89 -7.10
N LEU P 62 -19.62 -26.12 -7.09
CA LEU P 62 -20.18 -27.46 -7.02
C LEU P 62 -20.51 -28.02 -8.41
N LYS P 63 -19.52 -28.04 -9.30
CA LYS P 63 -19.73 -28.59 -10.64
C LYS P 63 -19.00 -29.90 -10.89
N ASP P 64 -17.90 -30.14 -10.19
CA ASP P 64 -17.13 -31.37 -10.35
C ASP P 64 -17.32 -32.34 -9.18
N VAL P 65 -18.25 -32.05 -8.28
CA VAL P 65 -18.50 -32.92 -7.14
C VAL P 65 -19.97 -33.25 -6.94
N ALA P 66 -20.89 -32.54 -7.58
CA ALA P 66 -22.32 -32.78 -7.38
C ALA P 66 -23.09 -32.20 -8.56
N THR P 67 -24.41 -32.37 -8.53
CA THR P 67 -25.30 -31.85 -9.56
C THR P 67 -26.22 -30.82 -8.92
N VAL P 68 -26.28 -29.63 -9.50
CA VAL P 68 -27.01 -28.50 -8.95
C VAL P 68 -28.38 -28.39 -9.62
N ALA P 69 -29.39 -28.06 -8.83
CA ALA P 69 -30.74 -27.86 -9.34
C ALA P 69 -31.46 -26.86 -8.45
N PHE P 70 -32.52 -26.26 -8.98
CA PHE P 70 -33.32 -25.30 -8.23
C PHE P 70 -34.80 -25.63 -8.40
N CYS P 71 -35.59 -25.20 -7.42
CA CYS P 71 -37.02 -25.47 -7.37
C CYS P 71 -37.89 -24.23 -7.41
N ASP P 72 -37.39 -23.09 -6.91
CA ASP P 72 -38.16 -21.84 -6.89
C ASP P 72 -39.51 -22.03 -6.22
N ALA P 73 -39.51 -22.74 -5.10
CA ALA P 73 -40.74 -23.06 -4.39
C ALA P 73 -41.08 -21.98 -3.38
N GLN P 74 -42.38 -21.82 -3.12
CA GLN P 74 -42.87 -20.88 -2.12
C GLN P 74 -43.51 -21.59 -0.93
N SER P 75 -43.68 -22.90 -0.98
CA SER P 75 -44.25 -23.66 0.11
C SER P 75 -43.74 -25.09 0.02
N THR P 76 -43.93 -25.84 1.12
CA THR P 76 -43.45 -27.22 1.17
C THR P 76 -44.21 -28.12 0.21
N GLN P 77 -45.36 -27.69 -0.29
CA GLN P 77 -46.17 -28.48 -1.22
C GLN P 77 -45.77 -28.29 -2.67
N GLU P 78 -44.78 -27.43 -2.96
CA GLU P 78 -44.35 -27.15 -4.32
C GLU P 78 -42.98 -27.74 -4.61
N ILE P 79 -42.55 -28.73 -3.84
CA ILE P 79 -41.25 -29.38 -4.04
C ILE P 79 -41.44 -30.59 -4.94
N HIS P 80 -40.60 -30.70 -5.97
CA HIS P 80 -40.71 -31.78 -6.93
C HIS P 80 -40.46 -33.13 -6.27
N GLU P 81 -41.10 -34.17 -6.82
CA GLU P 81 -40.99 -35.50 -6.25
C GLU P 81 -39.57 -36.04 -6.33
N LYS P 82 -38.84 -35.70 -7.39
CA LYS P 82 -37.46 -36.16 -7.54
C LYS P 82 -36.57 -35.65 -6.41
N VAL P 83 -36.80 -34.40 -5.99
CA VAL P 83 -36.01 -33.83 -4.90
C VAL P 83 -36.24 -34.61 -3.60
N LEU P 84 -37.49 -34.95 -3.31
CA LEU P 84 -37.82 -35.63 -2.06
C LEU P 84 -37.22 -37.02 -1.96
N ASN P 85 -36.72 -37.59 -3.06
CA ASN P 85 -36.18 -38.94 -3.06
C ASN P 85 -34.68 -39.02 -3.31
N GLU P 86 -34.10 -38.04 -4.01
CA GLU P 86 -32.71 -38.11 -4.44
C GLU P 86 -31.97 -36.81 -4.17
N ALA P 87 -32.12 -36.28 -2.96
CA ALA P 87 -31.43 -35.07 -2.54
C ALA P 87 -30.52 -35.37 -1.36
N VAL P 88 -29.27 -34.93 -1.44
CA VAL P 88 -28.31 -35.10 -0.36
C VAL P 88 -28.19 -33.83 0.48
N GLY P 89 -28.13 -32.66 -0.17
CA GLY P 89 -28.06 -31.40 0.54
C GLY P 89 -29.05 -30.40 -0.04
N ALA P 90 -29.27 -29.33 0.72
CA ALA P 90 -30.22 -28.31 0.31
C ALA P 90 -29.75 -26.95 0.78
N LEU P 91 -30.16 -25.91 0.05
CA LEU P 91 -29.91 -24.52 0.40
C LEU P 91 -31.23 -23.77 0.43
N MET P 92 -31.41 -22.93 1.44
CA MET P 92 -32.68 -22.25 1.61
C MET P 92 -32.47 -20.87 2.22
N TYR P 93 -33.34 -19.94 1.83
CA TYR P 93 -33.39 -18.61 2.42
C TYR P 93 -34.43 -18.58 3.54
N HIS P 94 -34.83 -17.38 3.95
CA HIS P 94 -35.76 -17.20 5.06
C HIS P 94 -37.22 -17.22 4.63
N THR P 95 -37.51 -17.44 3.35
CA THR P 95 -38.86 -17.34 2.84
C THR P 95 -39.67 -18.62 2.94
N ILE P 96 -39.07 -19.72 3.42
CA ILE P 96 -39.74 -21.00 3.50
C ILE P 96 -39.50 -21.60 4.89
N THR P 97 -40.52 -22.23 5.45
CA THR P 97 -40.49 -22.81 6.78
C THR P 97 -40.63 -24.32 6.69
N LEU P 98 -39.80 -25.04 7.43
CA LEU P 98 -39.81 -26.50 7.47
C LEU P 98 -40.16 -26.97 8.87
N THR P 99 -41.12 -27.88 8.96
CA THR P 99 -41.54 -28.50 10.21
C THR P 99 -41.12 -29.95 10.25
N ARG P 100 -41.48 -30.64 11.34
CA ARG P 100 -41.10 -32.04 11.49
C ARG P 100 -41.78 -32.92 10.45
N GLU P 101 -43.04 -32.63 10.13
CA GLU P 101 -43.73 -33.41 9.10
C GLU P 101 -43.06 -33.24 7.74
N ASP P 102 -42.62 -32.03 7.42
CA ASP P 102 -41.93 -31.78 6.16
C ASP P 102 -40.61 -32.53 6.10
N LEU P 103 -39.88 -32.58 7.23
CA LEU P 103 -38.58 -33.23 7.23
C LEU P 103 -38.70 -34.74 7.02
N GLU P 104 -39.77 -35.35 7.53
CA GLU P 104 -39.94 -36.79 7.39
C GLU P 104 -40.19 -37.22 5.95
N LYS P 105 -40.58 -36.30 5.07
CA LYS P 105 -40.83 -36.64 3.68
C LYS P 105 -39.54 -36.85 2.89
N PHE P 106 -38.42 -36.33 3.37
CA PHE P 106 -37.14 -36.55 2.71
C PHE P 106 -36.60 -37.94 3.04
N LYS P 107 -36.01 -38.59 2.04
CA LYS P 107 -35.52 -39.95 2.20
C LYS P 107 -34.00 -40.08 2.13
N ALA P 108 -33.30 -39.05 1.64
CA ALA P 108 -31.85 -39.12 1.54
C ALA P 108 -31.16 -37.85 1.99
N LEU P 109 -31.88 -36.90 2.58
CA LEU P 109 -31.26 -35.65 3.03
C LEU P 109 -30.29 -35.90 4.17
N ARG P 110 -29.15 -35.20 4.15
CA ARG P 110 -28.12 -35.41 5.16
C ARG P 110 -27.65 -34.10 5.78
N ILE P 111 -27.77 -32.99 5.05
CA ILE P 111 -27.28 -31.71 5.54
C ILE P 111 -28.15 -30.60 4.97
N ILE P 112 -28.39 -29.58 5.79
CA ILE P 112 -29.10 -28.36 5.38
C ILE P 112 -28.23 -27.17 5.73
N VAL P 113 -28.01 -26.29 4.76
CA VAL P 113 -27.21 -25.09 4.95
C VAL P 113 -28.10 -23.87 4.74
N ARG P 114 -28.13 -23.00 5.74
CA ARG P 114 -28.95 -21.79 5.73
C ARG P 114 -28.08 -20.60 5.34
N ILE P 115 -28.45 -19.91 4.27
CA ILE P 115 -27.70 -18.76 3.80
C ILE P 115 -28.12 -17.54 4.61
N GLY P 116 -27.42 -17.30 5.71
CA GLY P 116 -27.76 -16.22 6.61
C GLY P 116 -27.37 -16.57 8.03
N SER P 117 -27.86 -15.78 8.97
CA SER P 117 -27.52 -15.94 10.37
C SER P 117 -28.65 -16.49 11.23
N GLY P 118 -29.89 -16.39 10.76
CA GLY P 118 -31.04 -16.86 11.53
C GLY P 118 -31.49 -18.24 11.06
N PHE P 119 -31.87 -19.07 12.02
CA PHE P 119 -32.34 -20.43 11.72
C PHE P 119 -33.61 -20.77 12.51
N ASP P 120 -34.42 -19.77 12.83
CA ASP P 120 -35.64 -20.00 13.59
C ASP P 120 -36.76 -20.61 12.77
N ASN P 121 -36.60 -20.70 11.45
CA ASN P 121 -37.61 -21.30 10.59
C ASN P 121 -37.38 -22.78 10.33
N ILE P 122 -36.41 -23.39 11.02
CA ILE P 122 -36.11 -24.81 10.89
C ILE P 122 -36.20 -25.43 12.28
N ASP P 123 -36.88 -26.57 12.38
CA ASP P 123 -36.99 -27.30 13.64
C ASP P 123 -35.65 -27.98 13.91
N ILE P 124 -34.84 -27.36 14.77
CA ILE P 124 -33.48 -27.85 15.01
C ILE P 124 -33.49 -29.19 15.72
N LYS P 125 -34.30 -29.31 16.78
CA LYS P 125 -34.30 -30.53 17.58
C LYS P 125 -34.80 -31.73 16.79
N SER P 126 -35.86 -31.55 16.00
CA SER P 126 -36.42 -32.65 15.23
C SER P 126 -35.43 -33.16 14.18
N ALA P 127 -34.71 -32.24 13.52
CA ALA P 127 -33.74 -32.65 12.51
C ALA P 127 -32.60 -33.45 13.11
N GLY P 128 -32.24 -33.19 14.36
CA GLY P 128 -31.18 -33.95 14.99
C GLY P 128 -31.54 -35.41 15.20
N ASP P 129 -32.78 -35.69 15.59
CA ASP P 129 -33.22 -37.07 15.78
C ASP P 129 -33.18 -37.85 14.47
N LEU P 130 -33.61 -37.23 13.37
CA LEU P 130 -33.61 -37.90 12.08
C LEU P 130 -32.22 -38.06 11.50
N GLY P 131 -31.22 -37.38 12.05
CA GLY P 131 -29.86 -37.50 11.55
C GLY P 131 -29.52 -36.52 10.45
N ILE P 132 -29.93 -35.27 10.61
CA ILE P 132 -29.68 -34.22 9.64
C ILE P 132 -28.95 -33.08 10.33
N ALA P 133 -27.88 -32.59 9.70
CA ALA P 133 -27.08 -31.51 10.24
C ALA P 133 -27.50 -30.19 9.64
N VAL P 134 -27.48 -29.13 10.47
CA VAL P 134 -27.91 -27.80 10.06
C VAL P 134 -26.73 -26.84 10.25
N CYS P 135 -26.46 -26.04 9.23
CA CYS P 135 -25.35 -25.10 9.24
C CYS P 135 -25.86 -23.72 8.82
N ASN P 136 -25.05 -22.70 9.07
CA ASN P 136 -25.40 -21.33 8.70
C ASN P 136 -24.13 -20.52 8.53
N VAL P 137 -24.29 -19.29 8.08
CA VAL P 137 -23.20 -18.33 7.94
C VAL P 137 -23.31 -17.33 9.09
N PRO P 138 -22.42 -17.39 10.09
CA PRO P 138 -22.64 -16.62 11.32
C PRO P 138 -22.53 -15.11 11.14
N ALA P 139 -21.47 -14.64 10.49
CA ALA P 139 -21.17 -13.21 10.43
C ALA P 139 -20.68 -12.87 9.03
N ALA P 140 -21.57 -12.31 8.22
CA ALA P 140 -21.18 -11.81 6.91
C ALA P 140 -21.77 -10.42 6.67
N SER P 141 -22.78 -10.06 7.45
CA SER P 141 -23.44 -8.76 7.33
C SER P 141 -23.63 -8.12 8.70
N VAL P 142 -22.61 -8.22 9.54
CA VAL P 142 -22.69 -7.60 10.87
C VAL P 142 -22.68 -6.08 10.74
N GLU P 143 -21.76 -5.54 9.93
CA GLU P 143 -21.63 -4.10 9.82
C GLU P 143 -22.73 -3.48 8.97
N GLU P 144 -23.23 -4.21 7.97
CA GLU P 144 -24.33 -3.68 7.17
C GLU P 144 -25.59 -3.49 8.01
N THR P 145 -25.89 -4.45 8.88
CA THR P 145 -27.09 -4.32 9.71
C THR P 145 -26.92 -3.23 10.77
N ALA P 146 -25.71 -3.07 11.30
CA ALA P 146 -25.47 -2.04 12.30
C ALA P 146 -25.63 -0.64 11.72
N ASP P 147 -25.16 -0.44 10.48
CA ASP P 147 -25.31 0.87 9.83
C ASP P 147 -26.78 1.18 9.55
N SER P 148 -27.55 0.17 9.14
CA SER P 148 -28.97 0.38 8.87
C SER P 148 -29.75 0.72 10.14
N THR P 149 -29.35 0.14 11.28
CA THR P 149 -30.01 0.47 12.54
C THR P 149 -29.78 1.93 12.90
N LEU P 150 -28.56 2.42 12.72
CA LEU P 150 -28.26 3.82 13.03
C LEU P 150 -29.01 4.77 12.11
N CYS P 151 -29.21 4.38 10.85
CA CYS P 151 -29.94 5.22 9.91
C CYS P 151 -31.39 5.42 10.36
N HIS P 152 -32.03 4.36 10.85
CA HIS P 152 -33.41 4.47 11.31
C HIS P 152 -33.51 5.35 12.57
N ILE P 153 -32.52 5.26 13.46
CA ILE P 153 -32.55 6.06 14.68
C ILE P 153 -32.48 7.54 14.36
N LEU P 154 -31.59 7.92 13.43
CA LEU P 154 -31.44 9.32 13.07
C LEU P 154 -32.67 9.88 12.37
N ASN P 155 -33.37 9.05 11.59
CA ASN P 155 -34.57 9.51 10.90
C ASN P 155 -35.68 9.89 11.88
N LEU P 156 -35.74 9.21 13.03
CA LEU P 156 -36.78 9.51 14.00
C LEU P 156 -36.50 10.82 14.73
N TYR P 157 -35.24 11.08 15.09
CA TYR P 157 -34.89 12.31 15.78
C TYR P 157 -34.84 13.49 14.81
N ARG P 158 -33.95 13.42 13.82
CA ARG P 158 -33.86 14.44 12.78
C ARG P 158 -34.73 13.98 11.63
N ARG P 159 -36.00 14.42 11.64
CA ARG P 159 -36.97 13.98 10.65
C ARG P 159 -36.51 14.31 9.24
N ALA P 160 -36.16 13.29 8.45
CA ALA P 160 -35.66 13.49 7.10
C ALA P 160 -36.49 12.77 6.05
N THR P 161 -36.94 11.54 6.32
CA THR P 161 -37.80 10.85 5.37
C THR P 161 -39.15 11.53 5.27
N TRP P 162 -39.69 11.98 6.41
CA TRP P 162 -41.00 12.63 6.40
C TRP P 162 -40.96 13.99 5.71
N LEU P 163 -39.86 14.74 5.88
CA LEU P 163 -39.73 16.02 5.21
C LEU P 163 -39.61 15.85 3.70
N HIS P 164 -38.84 14.86 3.26
CA HIS P 164 -38.72 14.58 1.82
C HIS P 164 -40.05 14.14 1.24
N GLN P 165 -40.81 13.34 1.98
CA GLN P 165 -42.11 12.88 1.50
C GLN P 165 -43.08 14.03 1.34
N ALA P 166 -43.03 15.00 2.24
CA ALA P 166 -43.96 16.13 2.19
C ALA P 166 -43.74 16.97 0.94
N LEU P 167 -42.49 17.17 0.53
CA LEU P 167 -42.20 17.98 -0.64
C LEU P 167 -42.77 17.36 -1.92
N ARG P 168 -42.69 16.03 -2.03
CA ARG P 168 -43.21 15.37 -3.23
C ARG P 168 -44.72 15.46 -3.31
N GLU P 169 -45.40 15.59 -2.18
CA GLU P 169 -46.85 15.73 -2.19
C GLU P 169 -47.30 17.13 -2.62
N GLY P 170 -46.39 18.07 -2.75
CA GLY P 170 -46.72 19.41 -3.18
C GLY P 170 -46.74 20.47 -2.10
N THR P 171 -46.33 20.14 -0.89
CA THR P 171 -46.31 21.12 0.19
C THR P 171 -45.27 22.21 -0.10
N ARG P 172 -45.65 23.46 0.16
CA ARG P 172 -44.78 24.61 -0.06
C ARG P 172 -44.59 25.34 1.25
N VAL P 173 -43.33 25.57 1.63
CA VAL P 173 -42.98 26.28 2.86
C VAL P 173 -42.03 27.41 2.50
N GLN P 174 -42.39 28.62 2.92
CA GLN P 174 -41.60 29.82 2.60
C GLN P 174 -41.12 30.55 3.84
N SER P 175 -42.00 30.82 4.80
CA SER P 175 -41.63 31.59 5.96
C SER P 175 -41.02 30.69 7.03
N VAL P 176 -40.39 31.33 8.03
CA VAL P 176 -39.78 30.58 9.12
C VAL P 176 -40.84 29.89 9.98
N GLU P 177 -41.98 30.55 10.17
CA GLU P 177 -43.05 29.94 10.97
C GLU P 177 -43.55 28.65 10.34
N GLN P 178 -43.61 28.60 9.01
CA GLN P 178 -44.00 27.37 8.32
C GLN P 178 -42.96 26.27 8.53
N ILE P 179 -41.68 26.64 8.58
CA ILE P 179 -40.62 25.65 8.79
C ILE P 179 -40.74 25.01 10.16
N ARG P 180 -41.02 25.81 11.19
CA ARG P 180 -41.17 25.28 12.54
C ARG P 180 -42.36 24.34 12.68
N GLU P 181 -43.35 24.46 11.79
CA GLU P 181 -44.55 23.64 11.90
C GLU P 181 -44.43 22.31 11.17
N VAL P 182 -43.87 22.32 9.96
CA VAL P 182 -43.73 21.08 9.19
C VAL P 182 -42.74 20.15 9.87
N ALA P 183 -41.67 20.70 10.44
CA ALA P 183 -40.64 19.91 11.10
C ALA P 183 -40.79 19.91 12.62
N SER P 184 -42.03 20.00 13.11
CA SER P 184 -42.25 20.01 14.55
C SER P 184 -42.10 18.61 15.12
N GLY P 185 -41.31 18.50 16.18
CA GLY P 185 -41.04 17.23 16.83
C GLY P 185 -39.58 16.84 16.91
N ALA P 186 -38.69 17.51 16.19
CA ALA P 186 -37.28 17.19 16.25
C ALA P 186 -36.71 17.48 17.64
N ALA P 187 -35.75 16.66 18.05
CA ALA P 187 -35.18 16.73 19.40
C ALA P 187 -33.67 16.75 19.32
N ARG P 188 -33.06 16.94 20.49
CA ARG P 188 -31.60 16.98 20.62
C ARG P 188 -31.10 15.63 21.12
N ILE P 189 -30.14 15.06 20.39
CA ILE P 189 -29.70 13.70 20.66
C ILE P 189 -28.91 13.62 21.97
N ARG P 190 -28.02 14.58 22.20
CA ARG P 190 -27.14 14.50 23.36
C ARG P 190 -27.93 14.55 24.65
N GLY P 191 -27.60 13.65 25.58
CA GLY P 191 -28.27 13.55 26.85
C GLY P 191 -29.36 12.50 26.94
N GLU P 192 -29.73 11.88 25.82
CA GLU P 192 -30.77 10.86 25.80
C GLU P 192 -30.21 9.50 26.23
N THR P 193 -31.12 8.58 26.51
CA THR P 193 -30.77 7.24 26.94
C THR P 193 -31.23 6.24 25.89
N LEU P 194 -30.34 5.30 25.54
CA LEU P 194 -30.61 4.28 24.55
C LEU P 194 -30.61 2.91 25.22
N GLY P 195 -31.67 2.14 24.99
CA GLY P 195 -31.81 0.81 25.57
C GLY P 195 -31.70 -0.26 24.48
N ILE P 196 -30.89 -1.28 24.77
CA ILE P 196 -30.61 -2.36 23.83
C ILE P 196 -31.00 -3.67 24.49
N ILE P 197 -31.72 -4.52 23.75
CA ILE P 197 -32.14 -5.83 24.23
C ILE P 197 -31.37 -6.87 23.44
N GLY P 198 -30.39 -7.49 24.07
CA GLY P 198 -29.57 -8.49 23.43
C GLY P 198 -28.24 -7.92 22.93
N LEU P 199 -27.15 -8.25 23.61
CA LEU P 199 -25.82 -7.73 23.25
C LEU P 199 -25.04 -8.84 22.55
N GLY P 200 -25.30 -9.00 21.26
CA GLY P 200 -24.63 -9.97 20.43
C GLY P 200 -23.60 -9.32 19.52
N ARG P 201 -23.42 -9.90 18.34
CA ARG P 201 -22.51 -9.32 17.36
C ARG P 201 -23.02 -7.97 16.88
N VAL P 202 -24.30 -7.90 16.50
CA VAL P 202 -24.89 -6.64 16.04
C VAL P 202 -25.05 -5.67 17.20
N GLY P 203 -25.45 -6.19 18.38
CA GLY P 203 -25.67 -5.32 19.51
C GLY P 203 -24.43 -4.57 19.95
N GLN P 204 -23.27 -5.24 19.93
CA GLN P 204 -22.02 -4.57 20.30
C GLN P 204 -21.63 -3.52 19.29
N ALA P 205 -21.86 -3.77 18.00
CA ALA P 205 -21.51 -2.81 16.96
C ALA P 205 -22.33 -1.53 17.09
N VAL P 206 -23.61 -1.66 17.42
CA VAL P 206 -24.48 -0.49 17.57
C VAL P 206 -24.05 0.35 18.76
N ALA P 207 -23.65 -0.31 19.86
CA ALA P 207 -23.30 0.42 21.08
C ALA P 207 -22.09 1.32 20.85
N LEU P 208 -21.08 0.84 20.13
CA LEU P 208 -19.89 1.64 19.90
C LEU P 208 -20.19 2.88 19.07
N ARG P 209 -21.03 2.74 18.04
CA ARG P 209 -21.35 3.88 17.19
C ARG P 209 -22.26 4.89 17.88
N ALA P 210 -23.09 4.42 18.81
CA ALA P 210 -24.04 5.31 19.47
C ALA P 210 -23.36 6.24 20.47
N LYS P 211 -22.19 5.88 20.98
CA LYS P 211 -21.51 6.72 21.97
C LYS P 211 -20.90 7.96 21.35
N ALA P 212 -20.61 7.94 20.04
CA ALA P 212 -20.02 9.10 19.40
C ALA P 212 -21.01 10.25 19.27
N PHE P 213 -22.31 9.98 19.33
CA PHE P 213 -23.34 11.01 19.22
C PHE P 213 -23.78 11.57 20.56
N GLY P 214 -23.27 11.04 21.67
CA GLY P 214 -23.65 11.52 22.98
C GLY P 214 -24.71 10.72 23.69
N PHE P 215 -25.07 9.54 23.20
CA PHE P 215 -26.08 8.71 23.84
C PHE P 215 -25.56 8.14 25.15
N ASN P 216 -26.50 7.75 26.01
CA ASN P 216 -26.22 6.98 27.21
C ASN P 216 -26.82 5.59 27.01
N VAL P 217 -25.98 4.57 27.11
CA VAL P 217 -26.30 3.22 26.64
C VAL P 217 -26.52 2.30 27.83
N LEU P 218 -27.65 1.58 27.82
CA LEU P 218 -27.93 0.49 28.73
C LEU P 218 -28.25 -0.76 27.91
N PHE P 219 -28.10 -1.92 28.53
CA PHE P 219 -28.43 -3.16 27.85
C PHE P 219 -28.94 -4.19 28.83
N TYR P 220 -29.65 -5.18 28.30
CA TYR P 220 -30.22 -6.27 29.10
C TYR P 220 -29.98 -7.58 28.37
N ASP P 221 -29.29 -8.50 29.02
CA ASP P 221 -29.00 -9.82 28.45
C ASP P 221 -28.81 -10.83 29.58
N PRO P 222 -29.71 -11.80 29.71
CA PRO P 222 -29.61 -12.76 30.82
C PRO P 222 -28.72 -13.98 30.57
N TYR P 223 -28.17 -14.13 29.37
CA TYR P 223 -27.37 -15.31 29.03
C TYR P 223 -25.88 -15.01 28.94
N LEU P 224 -25.45 -13.82 29.35
CA LEU P 224 -24.05 -13.43 29.29
C LEU P 224 -23.38 -13.65 30.64
N SER P 225 -22.05 -13.67 30.61
CA SER P 225 -21.25 -13.85 31.82
C SER P 225 -21.09 -12.51 32.53
N ASP P 226 -20.23 -12.48 33.54
CA ASP P 226 -20.02 -11.28 34.36
C ASP P 226 -18.79 -10.51 33.86
N GLY P 227 -18.92 -9.19 33.83
CA GLY P 227 -17.82 -8.33 33.46
C GLY P 227 -17.72 -7.98 32.00
N VAL P 228 -18.70 -8.37 31.18
CA VAL P 228 -18.67 -8.00 29.78
C VAL P 228 -18.85 -6.49 29.62
N GLU P 229 -19.67 -5.88 30.47
CA GLU P 229 -19.87 -4.44 30.41
C GLU P 229 -18.65 -3.66 30.89
N ARG P 230 -17.81 -4.27 31.74
CA ARG P 230 -16.60 -3.58 32.19
C ARG P 230 -15.64 -3.31 31.04
N ALA P 231 -15.49 -4.29 30.14
CA ALA P 231 -14.57 -4.12 29.02
C ALA P 231 -15.01 -3.00 28.09
N LEU P 232 -16.30 -2.91 27.80
CA LEU P 232 -16.82 -1.92 26.87
C LEU P 232 -17.26 -0.62 27.56
N GLY P 233 -17.23 -0.57 28.88
CA GLY P 233 -17.63 0.63 29.60
C GLY P 233 -19.10 0.99 29.46
N LEU P 234 -19.98 0.00 29.56
CA LEU P 234 -21.41 0.20 29.47
C LEU P 234 -22.06 -0.02 30.83
N GLN P 235 -23.39 0.06 30.86
CA GLN P 235 -24.17 -0.14 32.07
C GLN P 235 -25.18 -1.25 31.84
N ARG P 236 -25.35 -2.12 32.84
CA ARG P 236 -26.15 -3.33 32.70
C ARG P 236 -27.26 -3.34 33.74
N VAL P 237 -28.45 -3.76 33.32
CA VAL P 237 -29.59 -3.94 34.21
C VAL P 237 -29.91 -5.43 34.29
N SER P 238 -30.77 -5.80 35.24
CA SER P 238 -31.05 -7.20 35.53
C SER P 238 -32.44 -7.65 35.13
N THR P 239 -33.38 -6.73 34.93
CA THR P 239 -34.75 -7.08 34.57
C THR P 239 -35.20 -6.27 33.36
N LEU P 240 -36.12 -6.86 32.60
CA LEU P 240 -36.66 -6.17 31.42
C LEU P 240 -37.48 -4.95 31.82
N GLN P 241 -38.21 -5.03 32.93
CA GLN P 241 -39.04 -3.92 33.37
C GLN P 241 -38.20 -2.69 33.70
N ASP P 242 -37.03 -2.91 34.33
CA ASP P 242 -36.17 -1.79 34.68
C ASP P 242 -35.62 -1.09 33.45
N LEU P 243 -35.36 -1.84 32.38
CA LEU P 243 -34.85 -1.22 31.15
C LEU P 243 -35.90 -0.32 30.51
N LEU P 244 -37.16 -0.73 30.51
CA LEU P 244 -38.21 0.05 29.87
C LEU P 244 -38.52 1.32 30.65
N PHE P 245 -38.30 1.32 31.96
CA PHE P 245 -38.64 2.49 32.77
C PHE P 245 -37.70 3.67 32.50
N HIS P 246 -36.44 3.39 32.15
CA HIS P 246 -35.42 4.43 32.06
C HIS P 246 -34.86 4.56 30.65
N SER P 247 -35.66 4.30 29.63
CA SER P 247 -35.20 4.35 28.25
C SER P 247 -36.06 5.31 27.44
N ASP P 248 -35.41 6.06 26.54
CA ASP P 248 -36.10 6.94 25.61
C ASP P 248 -36.15 6.37 24.19
N CYS P 249 -35.41 5.31 23.91
CA CYS P 249 -35.43 4.65 22.61
C CYS P 249 -35.05 3.20 22.81
N VAL P 250 -35.84 2.29 22.27
CA VAL P 250 -35.66 0.85 22.49
C VAL P 250 -35.39 0.19 21.15
N THR P 251 -34.33 -0.62 21.09
CA THR P 251 -33.97 -1.38 19.91
C THR P 251 -33.86 -2.86 20.27
N LEU P 252 -34.34 -3.72 19.36
CA LEU P 252 -34.36 -5.15 19.58
C LEU P 252 -33.27 -5.81 18.75
N HIS P 253 -32.42 -6.61 19.41
CA HIS P 253 -31.35 -7.33 18.73
C HIS P 253 -31.20 -8.76 19.21
N CYS P 254 -32.25 -9.35 19.78
CA CYS P 254 -32.18 -10.70 20.32
C CYS P 254 -32.60 -11.72 19.27
N GLY P 255 -32.55 -13.00 19.65
CA GLY P 255 -32.98 -14.08 18.79
C GLY P 255 -34.39 -14.53 19.14
N LEU P 256 -35.01 -15.24 18.19
CA LEU P 256 -36.39 -15.69 18.33
C LEU P 256 -36.38 -17.16 18.76
N ASN P 257 -36.26 -17.38 20.07
CA ASN P 257 -36.42 -18.72 20.63
C ASN P 257 -37.87 -18.91 21.07
N GLU P 258 -38.14 -19.96 21.82
CA GLU P 258 -39.51 -20.29 22.22
C GLU P 258 -39.91 -19.64 23.55
N HIS P 259 -39.02 -18.87 24.18
CA HIS P 259 -39.32 -18.22 25.45
C HIS P 259 -39.53 -16.72 25.32
N ASN P 260 -39.51 -16.18 24.11
CA ASN P 260 -39.64 -14.73 23.93
C ASN P 260 -40.56 -14.38 22.76
N HIS P 261 -41.54 -15.24 22.47
CA HIS P 261 -42.52 -14.91 21.44
C HIS P 261 -43.45 -13.81 21.95
N HIS P 262 -43.66 -12.80 21.11
CA HIS P 262 -44.44 -11.61 21.48
C HIS P 262 -43.88 -10.98 22.76
N LEU P 263 -42.59 -10.64 22.70
CA LEU P 263 -41.94 -10.03 23.85
C LEU P 263 -42.55 -8.68 24.17
N ILE P 264 -42.81 -7.86 23.15
CA ILE P 264 -43.48 -6.57 23.32
C ILE P 264 -44.97 -6.83 23.13
N ASN P 265 -45.63 -7.23 24.21
CA ASN P 265 -47.05 -7.53 24.17
C ASN P 265 -47.84 -6.33 24.70
N ASP P 266 -49.14 -6.54 24.92
CA ASP P 266 -50.01 -5.45 25.39
C ASP P 266 -49.61 -5.00 26.80
N PHE P 267 -49.30 -5.94 27.68
CA PHE P 267 -48.99 -5.58 29.06
C PHE P 267 -47.68 -4.80 29.15
N THR P 268 -46.66 -5.22 28.41
CA THR P 268 -45.35 -4.57 28.51
C THR P 268 -45.30 -3.22 27.82
N VAL P 269 -46.14 -3.01 26.80
CA VAL P 269 -46.10 -1.76 26.06
C VAL P 269 -46.60 -0.60 26.90
N LYS P 270 -47.30 -0.86 28.00
CA LYS P 270 -47.78 0.18 28.89
C LYS P 270 -46.75 0.56 29.96
N GLN P 271 -45.62 -0.14 30.02
CA GLN P 271 -44.57 0.17 30.96
C GLN P 271 -43.52 1.11 30.41
N MET P 272 -43.60 1.47 29.13
CA MET P 272 -42.64 2.38 28.53
C MET P 272 -42.97 3.81 28.90
N ARG P 273 -42.01 4.71 28.64
CA ARG P 273 -42.17 6.11 28.97
C ARG P 273 -43.20 6.77 28.04
N GLN P 274 -43.56 8.00 28.40
CA GLN P 274 -44.51 8.78 27.61
C GLN P 274 -43.76 9.44 26.45
N GLY P 275 -44.02 8.97 25.23
CA GLY P 275 -43.39 9.53 24.07
C GLY P 275 -42.03 8.96 23.77
N ALA P 276 -41.95 7.63 23.63
CA ALA P 276 -40.71 6.94 23.32
C ALA P 276 -40.75 6.43 21.89
N PHE P 277 -39.58 5.99 21.43
CA PHE P 277 -39.43 5.42 20.09
C PHE P 277 -39.24 3.91 20.18
N LEU P 278 -39.28 3.26 19.03
CA LEU P 278 -39.13 1.81 18.94
C LEU P 278 -38.57 1.45 17.59
N VAL P 279 -37.48 0.68 17.58
CA VAL P 279 -36.84 0.21 16.35
C VAL P 279 -36.73 -1.30 16.42
N ASN P 280 -37.14 -1.98 15.36
CA ASN P 280 -37.10 -3.44 15.29
C ASN P 280 -36.49 -3.85 13.96
N THR P 281 -35.36 -4.57 14.04
CA THR P 281 -34.70 -5.08 12.83
C THR P 281 -34.26 -6.53 12.99
N ALA P 282 -34.71 -7.23 14.03
CA ALA P 282 -34.26 -8.60 14.27
C ALA P 282 -35.24 -9.62 13.69
N ARG P 283 -36.46 -9.66 14.20
CA ARG P 283 -37.46 -10.61 13.75
C ARG P 283 -38.86 -10.01 13.95
N GLY P 284 -39.81 -10.53 13.20
CA GLY P 284 -41.16 -10.01 13.22
C GLY P 284 -42.02 -10.55 14.34
N GLY P 285 -41.66 -11.71 14.89
CA GLY P 285 -42.45 -12.34 15.92
C GLY P 285 -42.24 -11.80 17.32
N LEU P 286 -41.34 -10.83 17.49
CA LEU P 286 -41.05 -10.27 18.80
C LEU P 286 -41.99 -9.14 19.19
N VAL P 287 -42.80 -8.63 18.25
CA VAL P 287 -43.66 -7.48 18.50
C VAL P 287 -45.09 -7.84 18.12
N ASP P 288 -46.03 -7.50 18.98
CA ASP P 288 -47.46 -7.67 18.71
C ASP P 288 -47.95 -6.42 17.99
N GLU P 289 -48.21 -6.55 16.69
CA GLU P 289 -48.56 -5.38 15.89
C GLU P 289 -49.93 -4.83 16.25
N LYS P 290 -50.83 -5.67 16.77
CA LYS P 290 -52.16 -5.18 17.14
C LYS P 290 -52.08 -4.19 18.30
N ALA P 291 -51.23 -4.48 19.29
CA ALA P 291 -51.09 -3.57 20.42
C ALA P 291 -50.29 -2.33 20.05
N LEU P 292 -49.33 -2.46 19.12
CA LEU P 292 -48.52 -1.32 18.72
C LEU P 292 -49.36 -0.26 18.01
N ALA P 293 -50.34 -0.68 17.20
CA ALA P 293 -51.15 0.27 16.45
C ALA P 293 -51.95 1.17 17.38
N GLN P 294 -52.50 0.61 18.46
CA GLN P 294 -53.29 1.42 19.39
C GLN P 294 -52.41 2.45 20.10
N ALA P 295 -51.17 2.08 20.43
CA ALA P 295 -50.28 3.02 21.11
C ALA P 295 -49.94 4.22 20.23
N LEU P 296 -49.73 3.99 18.93
CA LEU P 296 -49.41 5.09 18.02
C LEU P 296 -50.57 6.07 17.91
N LYS P 297 -51.79 5.56 17.84
CA LYS P 297 -52.95 6.44 17.67
C LYS P 297 -53.19 7.30 18.91
N GLU P 298 -53.09 6.70 20.10
CA GLU P 298 -53.33 7.46 21.33
C GLU P 298 -52.21 8.44 21.63
N GLY P 299 -51.02 8.22 21.10
CA GLY P 299 -49.90 9.12 21.31
C GLY P 299 -48.92 8.71 22.37
N ARG P 300 -49.04 7.51 22.93
CA ARG P 300 -48.08 7.05 23.93
C ARG P 300 -46.71 6.76 23.33
N ILE P 301 -46.66 6.47 22.03
CA ILE P 301 -45.40 6.22 21.33
C ILE P 301 -45.29 7.25 20.20
N ARG P 302 -44.18 7.99 20.18
CA ARG P 302 -44.04 9.07 19.22
C ARG P 302 -43.83 8.55 17.81
N GLY P 303 -43.09 7.46 17.66
CA GLY P 303 -42.85 6.91 16.34
C GLY P 303 -42.26 5.52 16.43
N ALA P 304 -42.19 4.86 15.28
CA ALA P 304 -41.67 3.50 15.20
C ALA P 304 -41.13 3.24 13.80
N ALA P 305 -39.96 2.61 13.73
CA ALA P 305 -39.35 2.21 12.47
C ALA P 305 -39.21 0.70 12.48
N LEU P 306 -39.76 0.05 11.45
CA LEU P 306 -39.80 -1.40 11.37
C LEU P 306 -39.18 -1.87 10.07
N ASP P 307 -38.40 -2.95 10.16
CA ASP P 307 -37.81 -3.59 9.00
C ASP P 307 -38.31 -5.01 8.78
N VAL P 308 -38.87 -5.65 9.81
CA VAL P 308 -39.40 -7.00 9.72
C VAL P 308 -40.79 -7.01 10.33
N HIS P 309 -41.70 -7.78 9.73
CA HIS P 309 -43.09 -7.81 10.15
C HIS P 309 -43.55 -9.25 10.33
N GLU P 310 -44.66 -9.41 11.04
CA GLU P 310 -45.20 -10.75 11.28
C GLU P 310 -45.61 -11.44 9.99
N SER P 311 -46.30 -10.72 9.11
CA SER P 311 -46.74 -11.25 7.83
C SER P 311 -46.01 -10.54 6.71
N GLU P 312 -45.40 -11.32 5.83
CA GLU P 312 -44.65 -10.78 4.70
C GLU P 312 -45.13 -11.42 3.41
N PRO P 313 -45.12 -10.67 2.29
CA PRO P 313 -44.65 -9.29 2.15
C PRO P 313 -45.58 -8.25 2.76
N PHE P 314 -45.03 -7.08 3.05
CA PHE P 314 -45.76 -6.02 3.75
C PHE P 314 -46.42 -5.07 2.76
N SER P 315 -47.63 -4.62 3.10
CA SER P 315 -48.35 -3.65 2.30
C SER P 315 -49.02 -2.64 3.23
N PHE P 316 -48.98 -1.36 2.84
CA PHE P 316 -49.55 -0.31 3.67
C PHE P 316 -51.07 -0.36 3.70
N SER P 317 -51.71 -1.03 2.74
CA SER P 317 -53.16 -1.07 2.65
C SER P 317 -53.79 -2.26 3.36
N GLN P 318 -52.98 -3.13 3.97
CA GLN P 318 -53.50 -4.32 4.64
C GLN P 318 -52.82 -4.50 5.98
N GLY P 319 -53.51 -5.15 6.91
CA GLY P 319 -52.96 -5.48 8.20
C GLY P 319 -53.43 -4.55 9.30
N PRO P 320 -53.05 -4.85 10.54
CA PRO P 320 -53.44 -3.98 11.67
C PRO P 320 -52.87 -2.59 11.59
N LEU P 321 -51.78 -2.38 10.85
CA LEU P 321 -51.15 -1.08 10.70
C LEU P 321 -51.61 -0.35 9.44
N LYS P 322 -52.86 -0.55 9.04
CA LYS P 322 -53.35 0.07 7.81
C LYS P 322 -53.33 1.58 7.89
N ASP P 323 -53.76 2.13 9.03
CA ASP P 323 -53.82 3.58 9.23
C ASP P 323 -53.23 3.90 10.60
N ALA P 324 -51.92 4.10 10.65
CA ALA P 324 -51.24 4.44 11.88
C ALA P 324 -50.23 5.55 11.62
N PRO P 325 -50.30 6.67 12.33
CA PRO P 325 -49.38 7.77 12.07
C PRO P 325 -47.97 7.48 12.55
N ASN P 326 -47.01 8.20 11.95
CA ASN P 326 -45.61 8.16 12.36
C ASN P 326 -45.03 6.74 12.25
N LEU P 327 -44.99 6.24 11.01
CA LEU P 327 -44.53 4.89 10.75
C LEU P 327 -43.56 4.89 9.58
N ILE P 328 -42.45 4.16 9.74
CA ILE P 328 -41.46 3.98 8.69
C ILE P 328 -41.24 2.48 8.51
N CYS P 329 -41.31 2.01 7.27
CA CYS P 329 -41.18 0.59 6.97
C CYS P 329 -40.26 0.38 5.77
N THR P 330 -39.52 -0.72 5.81
CA THR P 330 -38.63 -1.14 4.74
C THR P 330 -38.87 -2.61 4.43
N PRO P 331 -38.63 -3.04 3.18
CA PRO P 331 -38.97 -4.40 2.75
C PRO P 331 -37.93 -5.47 3.09
N HIS P 332 -37.53 -5.52 4.36
CA HIS P 332 -36.64 -6.56 4.87
C HIS P 332 -35.34 -6.64 4.06
N ALA P 333 -34.65 -5.50 4.01
CA ALA P 333 -33.42 -5.37 3.22
C ALA P 333 -32.34 -4.66 4.01
N ALA P 334 -32.21 -4.98 5.30
CA ALA P 334 -31.20 -4.38 6.15
C ALA P 334 -29.87 -5.11 6.09
N TRP P 335 -29.76 -6.14 5.25
CA TRP P 335 -28.55 -6.94 5.13
C TRP P 335 -27.87 -6.82 3.78
N TYR P 336 -28.54 -6.30 2.76
CA TYR P 336 -28.03 -6.38 1.41
C TYR P 336 -26.84 -5.44 1.19
N SER P 337 -25.85 -5.94 0.47
CA SER P 337 -24.72 -5.15 0.01
C SER P 337 -24.08 -5.89 -1.15
N GLU P 338 -23.38 -5.14 -2.00
CA GLU P 338 -22.73 -5.76 -3.14
C GLU P 338 -21.66 -6.76 -2.71
N GLN P 339 -20.85 -6.39 -1.72
CA GLN P 339 -19.82 -7.29 -1.24
C GLN P 339 -20.39 -8.38 -0.33
N ALA P 340 -21.39 -8.04 0.48
CA ALA P 340 -21.93 -9.01 1.43
C ALA P 340 -22.66 -10.14 0.73
N SER P 341 -23.37 -9.83 -0.37
CA SER P 341 -24.14 -10.86 -1.07
C SER P 341 -23.22 -11.92 -1.66
N ILE P 342 -22.10 -11.52 -2.25
CA ILE P 342 -21.18 -12.49 -2.85
C ILE P 342 -20.51 -13.32 -1.78
N GLU P 343 -20.15 -12.70 -0.65
CA GLU P 343 -19.39 -13.41 0.39
C GLU P 343 -20.21 -14.54 1.00
N MET P 344 -21.49 -14.29 1.28
CA MET P 344 -22.30 -15.31 1.95
C MET P 344 -22.66 -16.46 1.02
N ARG P 345 -22.78 -16.20 -0.28
CA ARG P 345 -23.13 -17.27 -1.21
C ARG P 345 -21.96 -18.21 -1.46
N GLU P 346 -20.73 -17.68 -1.51
CA GLU P 346 -19.57 -18.52 -1.71
C GLU P 346 -19.30 -19.39 -0.49
N GLU P 347 -19.47 -18.84 0.71
CA GLU P 347 -19.20 -19.60 1.93
C GLU P 347 -20.16 -20.78 2.07
N ALA P 348 -21.44 -20.57 1.74
CA ALA P 348 -22.42 -21.64 1.86
C ALA P 348 -22.11 -22.77 0.88
N ALA P 349 -21.68 -22.43 -0.34
CA ALA P 349 -21.36 -23.46 -1.32
C ALA P 349 -20.19 -24.32 -0.88
N ARG P 350 -19.16 -23.70 -0.28
CA ARG P 350 -17.99 -24.47 0.16
C ARG P 350 -18.30 -25.34 1.37
N GLU P 351 -19.33 -25.00 2.15
CA GLU P 351 -19.71 -25.85 3.27
C GLU P 351 -20.30 -27.17 2.77
N ILE P 352 -21.05 -27.13 1.67
CA ILE P 352 -21.60 -28.34 1.09
C ILE P 352 -20.49 -29.26 0.60
N ARG P 353 -19.48 -28.68 -0.07
CA ARG P 353 -18.43 -29.50 -0.67
C ARG P 353 -17.63 -30.24 0.40
N ARG P 354 -17.37 -29.61 1.54
CA ARG P 354 -16.63 -30.28 2.61
C ARG P 354 -17.42 -31.46 3.17
N ALA P 355 -18.74 -31.31 3.29
CA ALA P 355 -19.56 -32.40 3.81
C ALA P 355 -19.55 -33.61 2.89
N ILE P 356 -19.64 -33.37 1.58
CA ILE P 356 -19.66 -34.47 0.63
C ILE P 356 -18.32 -35.21 0.61
N THR P 357 -17.22 -34.47 0.61
CA THR P 357 -15.88 -35.04 0.54
C THR P 357 -15.20 -35.13 1.90
N GLY P 358 -15.97 -35.36 2.95
CA GLY P 358 -15.43 -35.46 4.30
C GLY P 358 -16.33 -36.31 5.16
N ARG P 359 -16.38 -35.99 6.46
CA ARG P 359 -17.22 -36.70 7.40
C ARG P 359 -18.01 -35.70 8.23
N ILE P 360 -19.21 -36.13 8.62
CA ILE P 360 -20.16 -35.29 9.35
C ILE P 360 -20.19 -35.77 10.79
N PRO P 361 -20.11 -34.87 11.79
CA PRO P 361 -19.94 -33.41 11.64
C PRO P 361 -18.52 -32.95 11.94
N ASP P 362 -17.53 -33.82 11.71
CA ASP P 362 -16.15 -33.46 12.05
C ASP P 362 -15.62 -32.38 11.13
N SER P 363 -16.00 -32.41 9.85
CA SER P 363 -15.48 -31.47 8.87
C SER P 363 -16.25 -30.16 8.82
N LEU P 364 -17.37 -30.06 9.54
CA LEU P 364 -18.18 -28.85 9.51
C LEU P 364 -17.65 -27.81 10.48
N LYS P 365 -17.69 -26.54 10.07
CA LYS P 365 -17.20 -25.45 10.90
C LYS P 365 -18.29 -24.79 11.72
N ASN P 366 -19.46 -24.58 11.14
CA ASN P 366 -20.58 -23.91 11.82
C ASN P 366 -21.76 -24.87 11.85
N CYS P 367 -21.84 -25.68 12.90
CA CYS P 367 -22.95 -26.59 13.12
C CYS P 367 -23.71 -26.16 14.36
N VAL P 368 -25.03 -26.12 14.25
CA VAL P 368 -25.87 -25.58 15.32
C VAL P 368 -26.67 -26.65 16.05
N ASN P 369 -26.72 -27.87 15.54
CA ASN P 369 -27.47 -28.96 16.18
C ASN P 369 -26.53 -30.13 16.50
N LYS P 370 -25.29 -29.82 16.87
CA LYS P 370 -24.33 -30.87 17.17
C LYS P 370 -24.74 -31.67 18.39
N ASP P 371 -25.28 -31.00 19.42
CA ASP P 371 -25.70 -31.71 20.62
C ASP P 371 -26.86 -32.66 20.33
N HIS P 372 -27.84 -32.21 19.54
CA HIS P 372 -29.01 -33.04 19.24
C HIS P 372 -28.70 -34.11 18.20
N LEU P 373 -27.61 -33.98 17.46
CA LEU P 373 -27.30 -34.95 16.42
C LEU P 373 -26.91 -36.29 17.04
N THR P 374 -27.40 -37.37 16.43
CA THR P 374 -27.13 -38.72 16.92
C THR P 374 -26.35 -39.54 15.89
N ARG Q 44 -61.27 14.91 9.07
CA ARG Q 44 -60.91 14.94 10.48
C ARG Q 44 -61.86 15.84 11.27
N PRO Q 45 -62.15 15.45 12.51
CA PRO Q 45 -63.09 16.23 13.34
C PRO Q 45 -62.53 17.61 13.66
N LEU Q 46 -63.39 18.45 14.24
CA LEU Q 46 -63.06 19.83 14.54
C LEU Q 46 -63.07 20.03 16.05
N VAL Q 47 -62.02 20.68 16.56
CA VAL Q 47 -61.90 21.04 17.96
C VAL Q 47 -61.73 22.55 18.06
N ALA Q 48 -62.52 23.20 18.91
CA ALA Q 48 -62.58 24.64 18.98
C ALA Q 48 -62.20 25.13 20.38
N LEU Q 49 -61.42 26.20 20.42
CA LEU Q 49 -61.09 26.89 21.67
C LEU Q 49 -62.04 28.07 21.81
N LEU Q 50 -62.92 28.00 22.80
CA LEU Q 50 -64.02 28.96 22.89
C LEU Q 50 -63.52 30.37 23.19
N ASP Q 51 -62.65 30.52 24.18
CA ASP Q 51 -62.16 31.83 24.60
C ASP Q 51 -60.63 31.80 24.60
N GLY Q 52 -60.03 32.15 23.48
CA GLY Q 52 -58.58 32.18 23.37
C GLY Q 52 -58.17 32.50 21.95
N ARG Q 53 -56.89 32.82 21.81
CA ARG Q 53 -56.34 33.15 20.51
C ARG Q 53 -55.04 32.41 20.24
N ASP Q 54 -54.33 32.05 21.32
CA ASP Q 54 -53.04 31.38 21.21
C ASP Q 54 -53.22 29.88 21.34
N CYS Q 55 -52.70 29.14 20.35
CA CYS Q 55 -52.81 27.68 20.33
C CYS Q 55 -51.48 27.05 19.92
N THR Q 56 -50.37 27.64 20.39
CA THR Q 56 -49.06 27.15 20.00
C THR Q 56 -48.68 25.84 20.68
N VAL Q 57 -49.31 25.51 21.80
CA VAL Q 57 -48.98 24.30 22.54
C VAL Q 57 -49.89 23.14 22.15
N GLU Q 58 -51.18 23.39 21.97
CA GLU Q 58 -52.12 22.32 21.63
C GLU Q 58 -51.99 21.88 20.17
N MET Q 59 -51.52 22.76 19.29
CA MET Q 59 -51.47 22.43 17.87
C MET Q 59 -50.56 21.25 17.55
N PRO Q 60 -49.32 21.16 18.05
CA PRO Q 60 -48.48 20.01 17.69
C PRO Q 60 -49.02 18.68 18.18
N ILE Q 61 -49.88 18.67 19.20
CA ILE Q 61 -50.44 17.41 19.69
C ILE Q 61 -51.64 16.99 18.85
N LEU Q 62 -52.62 17.88 18.70
CA LEU Q 62 -53.84 17.58 17.95
C LEU Q 62 -53.75 18.03 16.50
N LYS Q 63 -52.72 17.59 15.78
CA LYS Q 63 -52.57 17.94 14.37
C LYS Q 63 -52.82 16.79 13.43
N ASP Q 64 -52.58 15.55 13.87
CA ASP Q 64 -52.78 14.37 13.03
C ASP Q 64 -54.03 13.59 13.41
N VAL Q 65 -54.86 14.13 14.29
CA VAL Q 65 -56.09 13.46 14.70
C VAL Q 65 -57.32 14.34 14.63
N ALA Q 66 -57.18 15.67 14.52
CA ALA Q 66 -58.32 16.56 14.50
C ALA Q 66 -57.91 17.88 13.87
N THR Q 67 -58.87 18.81 13.77
CA THR Q 67 -58.64 20.13 13.22
C THR Q 67 -58.89 21.16 14.33
N VAL Q 68 -57.92 22.04 14.55
CA VAL Q 68 -57.94 22.99 15.65
C VAL Q 68 -58.43 24.35 15.14
N ALA Q 69 -59.24 25.02 15.95
CA ALA Q 69 -59.74 26.35 15.63
C ALA Q 69 -59.99 27.10 16.92
N PHE Q 70 -60.05 28.43 16.82
CA PHE Q 70 -60.31 29.28 17.97
C PHE Q 70 -61.37 30.31 17.62
N CYS Q 71 -62.07 30.79 18.64
CA CYS Q 71 -63.16 31.76 18.46
C CYS Q 71 -62.90 33.09 19.15
N ASP Q 72 -62.15 33.11 20.24
CA ASP Q 72 -61.87 34.34 20.98
C ASP Q 72 -63.16 35.05 21.40
N ALA Q 73 -64.12 34.27 21.88
CA ALA Q 73 -65.43 34.80 22.24
C ALA Q 73 -65.44 35.26 23.69
N GLN Q 74 -66.29 36.26 23.96
CA GLN Q 74 -66.49 36.76 25.31
C GLN Q 74 -67.88 36.46 25.85
N SER Q 75 -68.77 35.91 25.03
CA SER Q 75 -70.12 35.57 25.46
C SER Q 75 -70.64 34.45 24.56
N THR Q 76 -71.72 33.81 25.02
CA THR Q 76 -72.29 32.71 24.25
C THR Q 76 -72.89 33.16 22.94
N GLN Q 77 -73.12 34.45 22.76
CA GLN Q 77 -73.70 34.99 21.53
C GLN Q 77 -72.64 35.31 20.46
N GLU Q 78 -71.36 35.10 20.76
CA GLU Q 78 -70.28 35.40 19.83
C GLU Q 78 -69.64 34.13 19.26
N ILE Q 79 -70.34 33.01 19.33
CA ILE Q 79 -69.81 31.75 18.81
C ILE Q 79 -70.26 31.58 17.37
N HIS Q 80 -69.32 31.23 16.49
CA HIS Q 80 -69.62 31.11 15.08
C HIS Q 80 -70.60 29.97 14.83
N GLU Q 81 -71.39 30.12 13.76
CA GLU Q 81 -72.41 29.12 13.45
C GLU Q 81 -71.80 27.78 13.09
N LYS Q 82 -70.63 27.77 12.45
CA LYS Q 82 -69.98 26.52 12.08
C LYS Q 82 -69.61 25.70 13.32
N VAL Q 83 -69.18 26.37 14.39
CA VAL Q 83 -68.84 25.67 15.62
C VAL Q 83 -70.05 24.98 16.22
N LEU Q 84 -71.20 25.66 16.22
CA LEU Q 84 -72.41 25.10 16.83
C LEU Q 84 -72.93 23.86 16.11
N ASN Q 85 -72.45 23.58 14.90
CA ASN Q 85 -72.94 22.46 14.11
C ASN Q 85 -71.92 21.35 13.90
N GLU Q 86 -70.62 21.67 13.91
CA GLU Q 86 -69.58 20.72 13.54
C GLU Q 86 -68.44 20.74 14.55
N ALA Q 87 -68.77 20.68 15.84
CA ALA Q 87 -67.76 20.64 16.89
C ALA Q 87 -67.93 19.36 17.71
N VAL Q 88 -66.82 18.66 17.92
CA VAL Q 88 -66.81 17.44 18.72
C VAL Q 88 -66.33 17.71 20.14
N GLY Q 89 -65.28 18.51 20.30
CA GLY Q 89 -64.79 18.87 21.61
C GLY Q 89 -64.52 20.36 21.71
N ALA Q 90 -64.36 20.82 22.95
CA ALA Q 90 -64.14 22.24 23.19
C ALA Q 90 -63.23 22.42 24.40
N LEU Q 91 -62.51 23.55 24.39
CA LEU Q 91 -61.65 23.95 25.49
C LEU Q 91 -62.04 25.36 25.93
N MET Q 92 -62.10 25.58 27.24
CA MET Q 92 -62.57 26.86 27.74
C MET Q 92 -61.87 27.20 29.05
N TYR Q 93 -61.66 28.49 29.27
CA TYR Q 93 -61.14 29.02 30.52
C TYR Q 93 -62.30 29.44 31.42
N HIS Q 94 -62.01 30.22 32.45
CA HIS Q 94 -63.00 30.64 33.44
C HIS Q 94 -63.74 31.91 33.04
N THR Q 95 -63.47 32.48 31.87
CA THR Q 95 -64.03 33.76 31.48
C THR Q 95 -65.39 33.66 30.79
N ILE Q 96 -65.90 32.46 30.57
CA ILE Q 96 -67.17 32.26 29.86
C ILE Q 96 -68.02 31.27 30.64
N THR Q 97 -69.32 31.53 30.70
CA THR Q 97 -70.27 30.71 31.45
C THR Q 97 -71.26 30.07 30.48
N LEU Q 98 -71.51 28.77 30.68
CA LEU Q 98 -72.43 28.01 29.86
C LEU Q 98 -73.60 27.52 30.71
N THR Q 99 -74.82 27.75 30.22
CA THR Q 99 -76.04 27.30 30.88
C THR Q 99 -76.69 26.19 30.07
N ARG Q 100 -77.84 25.73 30.54
CA ARG Q 100 -78.54 24.65 29.85
C ARG Q 100 -79.02 25.09 28.48
N GLU Q 101 -79.51 26.32 28.35
CA GLU Q 101 -79.95 26.81 27.06
C GLU Q 101 -78.80 26.88 26.07
N ASP Q 102 -77.62 27.29 26.53
CA ASP Q 102 -76.45 27.33 25.66
C ASP Q 102 -76.03 25.95 25.20
N LEU Q 103 -76.12 24.95 26.09
CA LEU Q 103 -75.71 23.60 25.75
C LEU Q 103 -76.61 22.99 24.68
N GLU Q 104 -77.91 23.31 24.72
CA GLU Q 104 -78.85 22.73 23.77
C GLU Q 104 -78.60 23.21 22.34
N LYS Q 105 -77.87 24.31 22.17
CA LYS Q 105 -77.60 24.82 20.83
C LYS Q 105 -76.55 24.01 20.09
N PHE Q 106 -75.73 23.24 20.81
CA PHE Q 106 -74.74 22.38 20.18
C PHE Q 106 -75.41 21.11 19.64
N LYS Q 107 -74.98 20.68 18.47
CA LYS Q 107 -75.58 19.53 17.80
C LYS Q 107 -74.66 18.32 17.71
N ALA Q 108 -73.35 18.49 17.93
CA ALA Q 108 -72.43 17.37 17.83
C ALA Q 108 -71.41 17.34 18.96
N LEU Q 109 -71.55 18.18 19.98
CA LEU Q 109 -70.59 18.21 21.07
C LEU Q 109 -70.67 16.91 21.88
N ARG Q 110 -69.50 16.41 22.29
CA ARG Q 110 -69.44 15.15 23.01
C ARG Q 110 -68.62 15.25 24.29
N ILE Q 111 -67.67 16.18 24.35
CA ILE Q 111 -66.79 16.30 25.51
C ILE Q 111 -66.39 17.75 25.68
N ILE Q 112 -66.30 18.19 26.94
CA ILE Q 112 -65.82 19.51 27.29
C ILE Q 112 -64.68 19.35 28.30
N VAL Q 113 -63.55 20.00 28.03
CA VAL Q 113 -62.38 19.94 28.90
C VAL Q 113 -62.10 21.33 29.43
N ARG Q 114 -62.04 21.45 30.75
CA ARG Q 114 -61.82 22.73 31.42
C ARG Q 114 -60.36 22.83 31.83
N ILE Q 115 -59.67 23.86 31.35
CA ILE Q 115 -58.26 24.06 31.66
C ILE Q 115 -58.14 24.72 33.03
N GLY Q 116 -58.06 23.92 34.07
CA GLY Q 116 -58.03 24.43 35.43
C GLY Q 116 -58.65 23.43 36.37
N SER Q 117 -58.90 23.89 37.60
CA SER Q 117 -59.44 23.03 38.64
C SER Q 117 -60.89 23.31 38.99
N GLY Q 118 -61.41 24.49 38.65
CA GLY Q 118 -62.78 24.85 38.97
C GLY Q 118 -63.70 24.64 37.77
N PHE Q 119 -64.91 24.15 38.05
CA PHE Q 119 -65.90 23.91 37.01
C PHE Q 119 -67.28 24.42 37.43
N ASP Q 120 -67.32 25.46 38.26
CA ASP Q 120 -68.59 26.00 38.72
C ASP Q 120 -69.31 26.83 37.66
N ASN Q 121 -68.66 27.15 36.54
CA ASN Q 121 -69.27 27.92 35.48
C ASN Q 121 -69.92 27.05 34.42
N ILE Q 122 -69.99 25.74 34.63
CA ILE Q 122 -70.62 24.81 33.70
C ILE Q 122 -71.71 24.05 34.46
N ASP Q 123 -72.88 23.95 33.85
CA ASP Q 123 -73.98 23.19 34.46
C ASP Q 123 -73.69 21.70 34.30
N ILE Q 124 -73.18 21.08 35.38
CA ILE Q 124 -72.72 19.71 35.31
C ILE Q 124 -73.89 18.75 35.10
N LYS Q 125 -74.97 18.94 35.88
CA LYS Q 125 -76.09 18.01 35.82
C LYS Q 125 -76.79 18.04 34.46
N SER Q 126 -76.98 19.24 33.90
CA SER Q 126 -77.66 19.36 32.61
C SER Q 126 -76.86 18.72 31.50
N ALA Q 127 -75.53 18.88 31.51
CA ALA Q 127 -74.70 18.28 30.47
C ALA Q 127 -74.75 16.76 30.50
N GLY Q 128 -74.94 16.18 31.69
CA GLY Q 128 -75.02 14.73 31.78
C GLY Q 128 -76.24 14.16 31.07
N ASP Q 129 -77.39 14.85 31.21
CA ASP Q 129 -78.60 14.37 30.55
C ASP Q 129 -78.46 14.40 29.03
N LEU Q 130 -77.85 15.46 28.50
CA LEU Q 130 -77.67 15.57 27.05
C LEU Q 130 -76.60 14.62 26.51
N GLY Q 131 -75.80 14.01 27.38
CA GLY Q 131 -74.78 13.09 26.94
C GLY Q 131 -73.46 13.73 26.62
N ILE Q 132 -73.02 14.65 27.48
CA ILE Q 132 -71.76 15.37 27.31
C ILE Q 132 -70.91 15.15 28.55
N ALA Q 133 -69.65 14.80 28.35
CA ALA Q 133 -68.71 14.55 29.44
C ALA Q 133 -67.88 15.80 29.72
N VAL Q 134 -67.60 16.04 31.00
CA VAL Q 134 -66.86 17.20 31.45
C VAL Q 134 -65.61 16.74 32.18
N CYS Q 135 -64.47 17.32 31.83
CA CYS Q 135 -63.19 16.96 32.42
C CYS Q 135 -62.47 18.22 32.88
N ASN Q 136 -61.43 18.05 33.69
CA ASN Q 136 -60.65 19.16 34.18
C ASN Q 136 -59.25 18.66 34.54
N VAL Q 137 -58.39 19.62 34.90
CA VAL Q 137 -57.03 19.32 35.36
C VAL Q 137 -57.01 19.52 36.88
N PRO Q 138 -56.96 18.45 37.67
CA PRO Q 138 -57.19 18.58 39.11
C PRO Q 138 -56.11 19.35 39.86
N ALA Q 139 -54.84 19.00 39.63
CA ALA Q 139 -53.74 19.55 40.42
C ALA Q 139 -52.57 19.86 39.50
N ALA Q 140 -52.41 21.12 39.14
CA ALA Q 140 -51.24 21.57 38.38
C ALA Q 140 -50.66 22.82 39.00
N SER Q 141 -51.44 23.52 39.82
CA SER Q 141 -51.00 24.76 40.47
C SER Q 141 -51.36 24.74 41.95
N VAL Q 142 -51.17 23.60 42.60
CA VAL Q 142 -51.44 23.52 44.03
C VAL Q 142 -50.44 24.36 44.81
N GLU Q 143 -49.15 24.22 44.50
CA GLU Q 143 -48.12 24.91 45.26
C GLU Q 143 -48.04 26.39 44.90
N GLU Q 144 -48.35 26.75 43.66
CA GLU Q 144 -48.35 28.17 43.29
C GLU Q 144 -49.42 28.94 44.06
N THR Q 145 -50.62 28.36 44.20
CA THR Q 145 -51.68 29.04 44.93
C THR Q 145 -51.40 29.10 46.42
N ALA Q 146 -50.76 28.06 46.97
CA ALA Q 146 -50.43 28.06 48.39
C ALA Q 146 -49.41 29.13 48.73
N ASP Q 147 -48.41 29.32 47.86
CA ASP Q 147 -47.41 30.36 48.09
C ASP Q 147 -48.02 31.75 48.01
N SER Q 148 -48.95 31.96 47.08
CA SER Q 148 -49.60 33.27 46.95
C SER Q 148 -50.46 33.58 48.16
N THR Q 149 -51.10 32.57 48.75
CA THR Q 149 -51.89 32.80 49.96
C THR Q 149 -51.02 33.25 51.11
N LEU Q 150 -49.85 32.64 51.28
CA LEU Q 150 -48.94 33.04 52.35
C LEU Q 150 -48.40 34.44 52.14
N CYS Q 151 -48.19 34.84 50.88
CA CYS Q 151 -47.70 36.18 50.60
C CYS Q 151 -48.70 37.25 51.06
N HIS Q 152 -50.00 37.01 50.83
CA HIS Q 152 -51.01 37.97 51.24
C HIS Q 152 -51.12 38.06 52.76
N ILE Q 153 -50.96 36.92 53.45
CA ILE Q 153 -51.05 36.92 54.91
C ILE Q 153 -49.93 37.76 55.52
N LEU Q 154 -48.71 37.61 55.00
CA LEU Q 154 -47.57 38.36 55.54
C LEU Q 154 -47.69 39.86 55.27
N ASN Q 155 -48.30 40.24 54.14
CA ASN Q 155 -48.45 41.65 53.83
C ASN Q 155 -49.38 42.35 54.82
N LEU Q 156 -50.37 41.63 55.35
CA LEU Q 156 -51.29 42.24 56.30
C LEU Q 156 -50.64 42.45 57.66
N TYR Q 157 -49.85 41.49 58.12
CA TYR Q 157 -49.18 41.61 59.41
C TYR Q 157 -47.97 42.54 59.32
N ARG Q 158 -46.99 42.17 58.49
CA ARG Q 158 -45.82 43.02 58.25
C ARG Q 158 -46.13 43.87 57.03
N ARG Q 159 -46.67 45.07 57.26
CA ARG Q 159 -47.11 45.94 56.19
C ARG Q 159 -45.95 46.27 55.25
N ALA Q 160 -46.00 45.74 54.02
CA ALA Q 160 -44.94 45.95 53.05
C ALA Q 160 -45.41 46.59 51.77
N THR Q 161 -46.58 46.19 51.26
CA THR Q 161 -47.13 46.83 50.06
C THR Q 161 -47.52 48.28 50.35
N TRP Q 162 -48.10 48.52 51.53
CA TRP Q 162 -48.54 49.88 51.87
C TRP Q 162 -47.34 50.80 52.11
N LEU Q 163 -46.27 50.28 52.70
CA LEU Q 163 -45.08 51.10 52.92
C LEU Q 163 -44.41 51.46 51.60
N HIS Q 164 -44.34 50.50 50.67
CA HIS Q 164 -43.77 50.78 49.35
C HIS Q 164 -44.62 51.79 48.59
N GLN Q 165 -45.94 51.68 48.70
CA GLN Q 165 -46.83 52.62 48.02
C GLN Q 165 -46.66 54.03 48.54
N ALA Q 166 -46.44 54.18 49.85
CA ALA Q 166 -46.31 55.50 50.45
C ALA Q 166 -45.08 56.23 49.93
N LEU Q 167 -43.97 55.51 49.73
CA LEU Q 167 -42.75 56.15 49.26
C LEU Q 167 -42.90 56.71 47.86
N ARG Q 168 -43.62 55.99 46.99
CA ARG Q 168 -43.80 56.47 45.63
C ARG Q 168 -44.67 57.72 45.57
N GLU Q 169 -45.55 57.90 46.56
CA GLU Q 169 -46.38 59.10 46.61
C GLU Q 169 -45.61 60.34 47.07
N GLY Q 170 -44.37 60.17 47.52
CA GLY Q 170 -43.57 61.29 47.95
C GLY Q 170 -43.42 61.47 49.45
N THR Q 171 -43.92 60.54 50.25
CA THR Q 171 -43.80 60.66 51.70
C THR Q 171 -42.34 60.53 52.12
N ARG Q 172 -41.93 61.39 53.05
CA ARG Q 172 -40.57 61.40 53.57
C ARG Q 172 -40.59 61.16 55.07
N VAL Q 173 -39.82 60.18 55.53
CA VAL Q 173 -39.73 59.83 56.94
C VAL Q 173 -38.26 59.83 57.34
N GLN Q 174 -37.93 60.59 58.38
CA GLN Q 174 -36.55 60.72 58.84
C GLN Q 174 -36.37 60.29 60.28
N SER Q 175 -37.19 60.79 61.20
CA SER Q 175 -37.03 60.48 62.61
C SER Q 175 -37.69 59.14 62.95
N VAL Q 176 -37.37 58.64 64.15
CA VAL Q 176 -37.93 57.37 64.61
C VAL Q 176 -39.43 57.52 64.87
N GLU Q 177 -39.84 58.69 65.39
CA GLU Q 177 -41.26 58.91 65.66
C GLU Q 177 -42.08 58.83 64.39
N GLN Q 178 -41.54 59.33 63.28
CA GLN Q 178 -42.23 59.23 62.00
C GLN Q 178 -42.35 57.79 61.55
N ILE Q 179 -41.33 56.97 61.82
CA ILE Q 179 -41.36 55.56 61.43
C ILE Q 179 -42.47 54.83 62.18
N ARG Q 180 -42.62 55.09 63.47
CA ARG Q 180 -43.67 54.42 64.25
C ARG Q 180 -45.07 54.81 63.79
N GLU Q 181 -45.22 55.95 63.12
CA GLU Q 181 -46.53 56.41 62.70
C GLU Q 181 -46.94 55.89 61.33
N VAL Q 182 -46.02 55.89 60.37
CA VAL Q 182 -46.35 55.42 59.03
C VAL Q 182 -46.60 53.91 59.04
N ALA Q 183 -45.85 53.17 59.85
CA ALA Q 183 -45.99 51.72 59.95
C ALA Q 183 -46.79 51.29 61.17
N SER Q 184 -47.73 52.12 61.60
CA SER Q 184 -48.54 51.78 62.77
C SER Q 184 -49.57 50.71 62.42
N GLY Q 185 -49.63 49.66 63.23
CA GLY Q 185 -50.55 48.56 63.01
C GLY Q 185 -49.90 47.20 62.88
N ALA Q 186 -48.58 47.12 62.71
CA ALA Q 186 -47.90 45.85 62.60
C ALA Q 186 -48.01 45.07 63.90
N ALA Q 187 -48.09 43.75 63.79
CA ALA Q 187 -48.31 42.87 64.93
C ALA Q 187 -47.30 41.73 64.92
N ARG Q 188 -47.33 40.93 65.98
CA ARG Q 188 -46.44 39.79 66.14
C ARG Q 188 -47.18 38.51 65.76
N ILE Q 189 -46.59 37.74 64.86
CA ILE Q 189 -47.28 36.58 64.29
C ILE Q 189 -47.43 35.46 65.32
N ARG Q 190 -46.37 35.20 66.09
CA ARG Q 190 -46.40 34.06 67.00
C ARG Q 190 -47.47 34.23 68.07
N GLY Q 191 -48.25 33.17 68.29
CA GLY Q 191 -49.32 33.19 69.25
C GLY Q 191 -50.71 33.43 68.68
N GLU Q 192 -50.81 33.80 67.40
CA GLU Q 192 -52.08 34.07 66.78
C GLU Q 192 -52.76 32.77 66.34
N THR Q 193 -54.04 32.89 66.01
CA THR Q 193 -54.85 31.75 65.58
C THR Q 193 -55.27 31.95 64.12
N LEU Q 194 -55.12 30.91 63.32
CA LEU Q 194 -55.47 30.94 61.91
C LEU Q 194 -56.63 29.98 61.64
N GLY Q 195 -57.67 30.48 60.99
CA GLY Q 195 -58.85 29.67 60.67
C GLY Q 195 -58.93 29.42 59.18
N ILE Q 196 -59.18 28.16 58.83
CA ILE Q 196 -59.23 27.71 57.44
C ILE Q 196 -60.60 27.07 57.20
N ILE Q 197 -61.23 27.46 56.09
CA ILE Q 197 -62.54 26.93 55.70
C ILE Q 197 -62.33 26.07 54.47
N GLY Q 198 -62.38 24.75 54.64
CA GLY Q 198 -62.16 23.82 53.55
C GLY Q 198 -60.75 23.29 53.50
N LEU Q 199 -60.57 22.03 53.89
CA LEU Q 199 -59.24 21.41 53.92
C LEU Q 199 -59.11 20.47 52.73
N GLY Q 200 -58.77 21.05 51.59
CA GLY Q 200 -58.55 20.32 50.35
C GLY Q 200 -57.08 20.21 50.02
N ARG Q 201 -56.78 20.17 48.71
CA ARG Q 201 -55.39 20.14 48.28
C ARG Q 201 -54.66 21.42 48.68
N VAL Q 202 -55.26 22.58 48.39
CA VAL Q 202 -54.63 23.85 48.74
C VAL Q 202 -54.69 24.07 50.25
N GLY Q 203 -55.79 23.68 50.89
CA GLY Q 203 -55.92 23.90 52.32
C GLY Q 203 -54.87 23.17 53.13
N GLN Q 204 -54.54 21.94 52.75
CA GLN Q 204 -53.51 21.20 53.46
C GLN Q 204 -52.13 21.82 53.26
N ALA Q 205 -51.85 22.32 52.07
CA ALA Q 205 -50.55 22.93 51.80
C ALA Q 205 -50.34 24.19 52.63
N VAL Q 206 -51.40 24.99 52.79
CA VAL Q 206 -51.28 26.22 53.58
C VAL Q 206 -51.05 25.90 55.06
N ALA Q 207 -51.70 24.85 55.56
CA ALA Q 207 -51.59 24.52 56.98
C ALA Q 207 -50.17 24.14 57.36
N LEU Q 208 -49.49 23.37 56.51
CA LEU Q 208 -48.12 22.96 56.82
C LEU Q 208 -47.17 24.14 56.87
N ARG Q 209 -47.31 25.08 55.93
CA ARG Q 209 -46.41 26.23 55.90
C ARG Q 209 -46.70 27.22 57.03
N ALA Q 210 -47.94 27.28 57.49
CA ALA Q 210 -48.30 28.24 58.53
C ALA Q 210 -47.76 27.85 59.90
N LYS Q 211 -47.48 26.57 60.12
CA LYS Q 211 -46.98 26.13 61.43
C LYS Q 211 -45.53 26.53 61.67
N ALA Q 212 -44.76 26.77 60.60
CA ALA Q 212 -43.37 27.17 60.77
C ALA Q 212 -43.23 28.58 61.32
N PHE Q 213 -44.26 29.41 61.19
CA PHE Q 213 -44.22 30.79 61.68
C PHE Q 213 -44.77 30.94 63.09
N GLY Q 214 -45.29 29.87 63.68
CA GLY Q 214 -45.85 29.94 65.02
C GLY Q 214 -47.35 30.09 65.10
N PHE Q 215 -48.07 29.92 64.00
CA PHE Q 215 -49.52 30.03 64.02
C PHE Q 215 -50.16 28.86 64.75
N ASN Q 216 -51.39 29.07 65.21
CA ASN Q 216 -52.24 28.02 65.74
C ASN Q 216 -53.39 27.81 64.75
N VAL Q 217 -53.53 26.59 64.25
CA VAL Q 217 -54.34 26.31 63.08
C VAL Q 217 -55.61 25.57 63.50
N LEU Q 218 -56.75 26.06 63.05
CA LEU Q 218 -58.04 25.39 63.14
C LEU Q 218 -58.62 25.27 61.74
N PHE Q 219 -59.55 24.31 61.56
CA PHE Q 219 -60.20 24.17 60.26
C PHE Q 219 -61.62 23.66 60.46
N TYR Q 220 -62.44 23.88 59.43
CA TYR Q 220 -63.84 23.46 59.43
C TYR Q 220 -64.16 22.85 58.07
N ASP Q 221 -64.59 21.59 58.09
CA ASP Q 221 -64.96 20.89 56.86
C ASP Q 221 -65.97 19.80 57.18
N PRO Q 222 -67.21 19.93 56.69
CA PRO Q 222 -68.26 18.95 57.04
C PRO Q 222 -68.33 17.73 56.14
N TYR Q 223 -67.51 17.64 55.09
CA TYR Q 223 -67.57 16.54 54.15
C TYR Q 223 -66.40 15.58 54.27
N LEU Q 224 -65.59 15.73 55.31
CA LEU Q 224 -64.42 14.87 55.51
C LEU Q 224 -64.75 13.74 56.50
N SER Q 225 -63.90 12.72 56.50
CA SER Q 225 -64.06 11.58 57.38
C SER Q 225 -63.46 11.90 58.74
N ASP Q 226 -63.36 10.89 59.60
CA ASP Q 226 -62.87 11.07 60.96
C ASP Q 226 -61.39 10.71 61.04
N GLY Q 227 -60.64 11.51 61.80
CA GLY Q 227 -59.23 11.24 62.02
C GLY Q 227 -58.27 11.88 61.04
N VAL Q 228 -58.77 12.72 60.13
CA VAL Q 228 -57.87 13.41 59.21
C VAL Q 228 -56.98 14.38 59.95
N GLU Q 229 -57.52 15.04 60.99
CA GLU Q 229 -56.72 15.97 61.78
C GLU Q 229 -55.69 15.26 62.65
N ARG Q 230 -55.91 13.99 62.99
CA ARG Q 230 -54.94 13.26 63.80
C ARG Q 230 -53.63 13.07 63.04
N ALA Q 231 -53.72 12.77 61.74
CA ALA Q 231 -52.52 12.55 60.95
C ALA Q 231 -51.67 13.82 60.85
N LEU Q 232 -52.30 14.97 60.63
CA LEU Q 232 -51.59 16.22 60.45
C LEU Q 232 -51.39 16.98 61.75
N GLY Q 233 -51.95 16.51 62.86
CA GLY Q 233 -51.79 17.20 64.13
C GLY Q 233 -52.45 18.56 64.20
N LEU Q 234 -53.66 18.69 63.69
CA LEU Q 234 -54.41 19.94 63.70
C LEU Q 234 -55.59 19.83 64.66
N GLN Q 235 -56.40 20.89 64.71
CA GLN Q 235 -57.58 20.95 65.55
C GLN Q 235 -58.80 21.23 64.68
N ARG Q 236 -59.90 20.55 64.99
CA ARG Q 236 -61.10 20.57 64.16
C ARG Q 236 -62.30 21.05 64.96
N VAL Q 237 -63.12 21.91 64.35
CA VAL Q 237 -64.36 22.35 64.95
C VAL Q 237 -65.52 21.79 64.13
N SER Q 238 -66.74 21.92 64.67
CA SER Q 238 -67.91 21.30 64.08
C SER Q 238 -68.90 22.28 63.47
N THR Q 239 -68.82 23.56 63.82
CA THR Q 239 -69.75 24.57 63.30
C THR Q 239 -68.97 25.76 62.78
N LEU Q 240 -69.58 26.45 61.80
CA LEU Q 240 -68.95 27.64 61.24
C LEU Q 240 -68.90 28.77 62.26
N GLN Q 241 -69.93 28.89 63.09
CA GLN Q 241 -69.97 29.97 64.08
C GLN Q 241 -68.83 29.83 65.09
N ASP Q 242 -68.52 28.60 65.50
CA ASP Q 242 -67.44 28.39 66.45
C ASP Q 242 -66.08 28.77 65.87
N LEU Q 243 -65.88 28.57 64.57
CA LEU Q 243 -64.63 28.95 63.95
C LEU Q 243 -64.43 30.46 63.95
N LEU Q 244 -65.50 31.21 63.68
CA LEU Q 244 -65.38 32.66 63.59
C LEU Q 244 -65.15 33.30 64.96
N PHE Q 245 -65.62 32.65 66.03
CA PHE Q 245 -65.48 33.24 67.36
C PHE Q 245 -64.04 33.22 67.85
N HIS Q 246 -63.24 32.24 67.43
CA HIS Q 246 -61.92 32.02 67.98
C HIS Q 246 -60.82 32.17 66.93
N SER Q 247 -61.02 33.01 65.93
CA SER Q 247 -60.06 33.19 64.85
C SER Q 247 -59.63 34.64 64.74
N ASP Q 248 -58.35 34.86 64.46
CA ASP Q 248 -57.81 36.18 64.21
C ASP Q 248 -57.54 36.44 62.73
N CYS Q 249 -57.60 35.41 61.89
CA CYS Q 249 -57.42 35.55 60.46
C CYS Q 249 -58.15 34.41 59.77
N VAL Q 250 -58.99 34.74 58.79
CA VAL Q 250 -59.86 33.78 58.13
C VAL Q 250 -59.47 33.70 56.66
N THR Q 251 -59.27 32.48 56.16
CA THR Q 251 -58.96 32.22 54.77
C THR Q 251 -59.97 31.24 54.20
N LEU Q 252 -60.38 31.48 52.96
CA LEU Q 252 -61.38 30.66 52.28
C LEU Q 252 -60.71 29.77 51.25
N HIS Q 253 -60.98 28.46 51.34
CA HIS Q 253 -60.42 27.51 50.38
C HIS Q 253 -61.43 26.47 49.95
N CYS Q 254 -62.73 26.76 50.03
CA CYS Q 254 -63.76 25.79 49.68
C CYS Q 254 -64.18 25.97 48.22
N GLY Q 255 -65.11 25.12 47.79
CA GLY Q 255 -65.66 25.19 46.46
C GLY Q 255 -66.99 25.91 46.43
N LEU Q 256 -67.38 26.36 45.24
CA LEU Q 256 -68.61 27.14 45.07
C LEU Q 256 -69.70 26.21 44.55
N ASN Q 257 -70.38 25.53 45.48
CA ASN Q 257 -71.55 24.75 45.16
C ASN Q 257 -72.79 25.61 45.37
N GLU Q 258 -73.97 24.99 45.35
CA GLU Q 258 -75.22 25.73 45.46
C GLU Q 258 -75.69 25.91 46.91
N HIS Q 259 -74.94 25.39 47.88
CA HIS Q 259 -75.33 25.51 49.29
C HIS Q 259 -74.47 26.50 50.06
N ASN Q 260 -73.56 27.21 49.39
CA ASN Q 260 -72.67 28.13 50.09
C ASN Q 260 -72.50 29.44 49.34
N HIS Q 261 -73.51 29.85 48.58
CA HIS Q 261 -73.47 31.15 47.92
C HIS Q 261 -73.62 32.26 48.94
N HIS Q 262 -72.74 33.27 48.85
CA HIS Q 262 -72.67 34.35 49.83
C HIS Q 262 -72.51 33.80 51.25
N LEU Q 263 -71.46 33.00 51.42
CA LEU Q 263 -71.19 32.40 52.73
C LEU Q 263 -70.90 33.48 53.78
N ILE Q 264 -70.09 34.47 53.41
CA ILE Q 264 -69.79 35.60 54.30
C ILE Q 264 -70.81 36.68 53.96
N ASN Q 265 -71.97 36.60 54.58
CA ASN Q 265 -73.06 37.55 54.36
C ASN Q 265 -73.07 38.60 55.47
N ASP Q 266 -74.13 39.41 55.50
CA ASP Q 266 -74.21 40.47 56.49
C ASP Q 266 -74.33 39.91 57.90
N PHE Q 267 -75.12 38.85 58.07
CA PHE Q 267 -75.34 38.30 59.41
C PHE Q 267 -74.07 37.67 59.97
N THR Q 268 -73.33 36.93 59.14
CA THR Q 268 -72.15 36.22 59.63
C THR Q 268 -70.96 37.15 59.86
N VAL Q 269 -70.89 38.28 59.14
CA VAL Q 269 -69.75 39.17 59.28
C VAL Q 269 -69.75 39.87 60.64
N LYS Q 270 -70.86 39.87 61.35
CA LYS Q 270 -70.94 40.46 62.68
C LYS Q 270 -70.55 39.48 63.78
N GLN Q 271 -70.28 38.22 63.44
CA GLN Q 271 -69.86 37.24 64.42
C GLN Q 271 -68.34 37.12 64.53
N MET Q 272 -67.59 37.83 63.70
CA MET Q 272 -66.14 37.78 63.76
C MET Q 272 -65.63 38.66 64.91
N ARG Q 273 -64.35 38.48 65.23
CA ARG Q 273 -63.74 39.23 66.32
C ARG Q 273 -63.56 40.69 65.94
N GLN Q 274 -63.20 41.50 66.94
CA GLN Q 274 -62.95 42.92 66.74
C GLN Q 274 -61.54 43.11 66.20
N GLY Q 275 -61.43 43.49 64.93
CA GLY Q 275 -60.13 43.72 64.33
C GLY Q 275 -59.48 42.48 63.78
N ALA Q 276 -60.19 41.78 62.90
CA ALA Q 276 -59.70 40.56 62.26
C ALA Q 276 -59.36 40.84 60.81
N PHE Q 277 -58.67 39.88 60.19
CA PHE Q 277 -58.32 39.94 58.78
C PHE Q 277 -59.17 38.98 57.97
N LEU Q 278 -59.06 39.08 56.65
CA LEU Q 278 -59.83 38.23 55.74
C LEU Q 278 -59.07 38.09 54.44
N VAL Q 279 -58.85 36.85 54.01
CA VAL Q 279 -58.15 36.55 52.76
C VAL Q 279 -59.06 35.65 51.93
N ASN Q 280 -59.25 35.99 50.66
CA ASN Q 280 -60.09 35.22 49.76
C ASN Q 280 -59.35 35.01 48.45
N THR Q 281 -59.10 33.73 48.10
CA THR Q 281 -58.44 33.40 46.85
C THR Q 281 -59.13 32.23 46.14
N ALA Q 282 -60.32 31.83 46.56
CA ALA Q 282 -61.00 30.69 45.95
C ALA Q 282 -61.97 31.11 44.87
N ARG Q 283 -63.03 31.85 45.24
CA ARG Q 283 -64.04 32.29 44.30
C ARG Q 283 -64.64 33.60 44.78
N GLY Q 284 -65.23 34.33 43.85
CA GLY Q 284 -65.77 35.64 44.16
C GLY Q 284 -67.18 35.63 44.72
N GLY Q 285 -67.91 34.54 44.48
CA GLY Q 285 -69.27 34.45 44.95
C GLY Q 285 -69.46 34.06 46.39
N LEU Q 286 -68.37 33.81 47.11
CA LEU Q 286 -68.44 33.41 48.51
C LEU Q 286 -68.52 34.60 49.47
N VAL Q 287 -68.29 35.81 49.00
CA VAL Q 287 -68.23 37.00 49.85
C VAL Q 287 -69.19 38.05 49.30
N ASP Q 288 -69.99 38.64 50.19
CA ASP Q 288 -70.87 39.75 49.83
C ASP Q 288 -70.08 41.04 49.97
N GLU Q 289 -69.72 41.65 48.83
CA GLU Q 289 -68.86 42.82 48.86
C GLU Q 289 -69.56 44.03 49.46
N LYS Q 290 -70.89 44.10 49.35
CA LYS Q 290 -71.61 45.24 49.92
C LYS Q 290 -71.48 45.28 51.43
N ALA Q 291 -71.57 44.13 52.10
CA ALA Q 291 -71.44 44.09 53.55
C ALA Q 291 -69.99 44.25 53.99
N LEU Q 292 -69.04 43.79 53.18
CA LEU Q 292 -67.63 43.91 53.54
C LEU Q 292 -67.18 45.36 53.56
N ALA Q 293 -67.70 46.18 52.64
CA ALA Q 293 -67.28 47.58 52.57
C ALA Q 293 -67.65 48.34 53.83
N GLN Q 294 -68.85 48.09 54.37
CA GLN Q 294 -69.28 48.77 55.58
C GLN Q 294 -68.41 48.39 56.77
N ALA Q 295 -68.00 47.12 56.85
CA ALA Q 295 -67.18 46.68 57.97
C ALA Q 295 -65.82 47.37 57.97
N LEU Q 296 -65.22 47.55 56.79
CA LEU Q 296 -63.92 48.21 56.70
C LEU Q 296 -64.00 49.66 57.16
N LYS Q 297 -65.06 50.36 56.78
CA LYS Q 297 -65.18 51.77 57.14
C LYS Q 297 -65.37 51.96 58.64
N GLU Q 298 -66.23 51.15 59.26
CA GLU Q 298 -66.48 51.29 60.69
C GLU Q 298 -65.30 50.82 61.54
N GLY Q 299 -64.43 49.99 61.00
CA GLY Q 299 -63.26 49.53 61.72
C GLY Q 299 -63.37 48.16 62.35
N ARG Q 300 -64.46 47.43 62.11
CA ARG Q 300 -64.59 46.09 62.67
C ARG Q 300 -63.63 45.10 62.04
N ILE Q 301 -63.16 45.36 60.82
CA ILE Q 301 -62.19 44.53 60.13
C ILE Q 301 -60.97 45.38 59.82
N ARG Q 302 -59.80 44.92 60.26
CA ARG Q 302 -58.60 45.72 60.12
C ARG Q 302 -58.13 45.80 58.68
N GLY Q 303 -58.27 44.71 57.93
CA GLY Q 303 -57.84 44.71 56.54
C GLY Q 303 -58.37 43.50 55.82
N ALA Q 304 -58.20 43.51 54.49
CA ALA Q 304 -58.66 42.42 53.65
C ALA Q 304 -57.84 42.38 52.37
N ALA Q 305 -57.45 41.17 51.97
CA ALA Q 305 -56.73 40.94 50.74
C ALA Q 305 -57.58 40.03 49.84
N LEU Q 306 -57.85 40.48 48.63
CA LEU Q 306 -58.74 39.79 47.71
C LEU Q 306 -58.03 39.52 46.39
N ASP Q 307 -58.24 38.32 45.86
CA ASP Q 307 -57.72 37.95 44.55
C ASP Q 307 -58.82 37.67 43.53
N VAL Q 308 -60.04 37.40 43.99
CA VAL Q 308 -61.18 37.13 43.11
C VAL Q 308 -62.35 37.98 43.57
N HIS Q 309 -63.13 38.48 42.62
CA HIS Q 309 -64.22 39.40 42.90
C HIS Q 309 -65.48 38.92 42.19
N GLU Q 310 -66.63 39.44 42.66
CA GLU Q 310 -67.92 39.07 42.06
C GLU Q 310 -67.99 39.49 40.61
N SER Q 311 -67.58 40.71 40.30
CA SER Q 311 -67.61 41.24 38.94
C SER Q 311 -66.18 41.45 38.46
N GLU Q 312 -65.87 40.88 37.29
CA GLU Q 312 -64.54 40.99 36.71
C GLU Q 312 -64.64 41.49 35.28
N PRO Q 313 -63.66 42.28 34.81
CA PRO Q 313 -62.43 42.69 35.51
C PRO Q 313 -62.67 43.73 36.61
N PHE Q 314 -61.73 43.83 37.55
CA PHE Q 314 -61.86 44.68 38.71
C PHE Q 314 -61.24 46.05 38.44
N SER Q 315 -61.88 47.10 38.96
CA SER Q 315 -61.38 48.46 38.87
C SER Q 315 -61.60 49.17 40.19
N PHE Q 316 -60.61 49.94 40.63
CA PHE Q 316 -60.71 50.64 41.90
C PHE Q 316 -61.72 51.78 41.87
N SER Q 317 -62.11 52.26 40.69
CA SER Q 317 -63.00 53.40 40.57
C SER Q 317 -64.47 53.00 40.44
N GLN Q 318 -64.78 51.70 40.44
CA GLN Q 318 -66.15 51.23 40.27
C GLN Q 318 -66.44 50.13 41.27
N GLY Q 319 -67.72 49.98 41.61
CA GLY Q 319 -68.16 48.92 42.49
C GLY Q 319 -68.40 49.39 43.91
N PRO Q 320 -68.92 48.49 44.75
CA PRO Q 320 -69.15 48.84 46.16
C PRO Q 320 -67.89 49.16 46.93
N LEU Q 321 -66.72 48.70 46.46
CA LEU Q 321 -65.45 48.94 47.13
C LEU Q 321 -64.71 50.13 46.52
N LYS Q 322 -65.44 51.14 46.05
CA LYS Q 322 -64.81 52.29 45.40
C LYS Q 322 -63.90 53.03 46.36
N ASP Q 323 -64.36 53.25 47.60
CA ASP Q 323 -63.59 53.98 48.60
C ASP Q 323 -63.66 53.21 49.91
N ALA Q 324 -62.72 52.27 50.10
CA ALA Q 324 -62.65 51.48 51.31
C ALA Q 324 -61.19 51.39 51.76
N PRO Q 325 -60.88 51.77 52.99
CA PRO Q 325 -59.49 51.74 53.45
C PRO Q 325 -59.00 50.33 53.69
N ASN Q 326 -57.67 50.18 53.65
CA ASN Q 326 -56.98 48.93 53.98
C ASN Q 326 -57.44 47.79 53.08
N LEU Q 327 -57.16 47.93 51.79
CA LEU Q 327 -57.58 46.96 50.78
C LEU Q 327 -56.42 46.63 49.86
N ILE Q 328 -56.24 45.34 49.59
CA ILE Q 328 -55.23 44.85 48.64
C ILE Q 328 -55.93 43.96 47.64
N CYS Q 329 -55.70 44.22 46.34
CA CYS Q 329 -56.35 43.48 45.28
C CYS Q 329 -55.35 43.10 44.21
N THR Q 330 -55.57 41.92 43.61
CA THR Q 330 -54.77 41.39 42.52
C THR Q 330 -55.69 40.92 41.41
N PRO Q 331 -55.22 40.96 40.14
CA PRO Q 331 -56.08 40.67 38.99
C PRO Q 331 -56.23 39.19 38.65
N HIS Q 332 -56.60 38.39 39.66
CA HIS Q 332 -56.91 36.96 39.49
C HIS Q 332 -55.75 36.23 38.81
N ALA Q 333 -54.58 36.31 39.45
CA ALA Q 333 -53.36 35.72 38.91
C ALA Q 333 -52.60 34.97 39.99
N ALA Q 334 -53.31 34.25 40.85
CA ALA Q 334 -52.69 33.47 41.92
C ALA Q 334 -52.27 32.08 41.45
N TRP Q 335 -52.44 31.75 40.18
CA TRP Q 335 -52.12 30.44 39.65
C TRP Q 335 -50.99 30.47 38.64
N TYR Q 336 -50.62 31.63 38.10
CA TYR Q 336 -49.72 31.67 36.97
C TYR Q 336 -48.29 31.32 37.37
N SER Q 337 -47.62 30.57 36.50
CA SER Q 337 -46.20 30.27 36.62
C SER Q 337 -45.72 29.81 35.26
N GLU Q 338 -44.41 29.97 35.03
CA GLU Q 338 -43.85 29.55 33.74
C GLU Q 338 -43.99 28.05 33.54
N GLN Q 339 -43.71 27.26 34.57
CA GLN Q 339 -43.84 25.81 34.46
C GLN Q 339 -45.28 25.36 34.54
N ALA Q 340 -46.10 26.01 35.38
CA ALA Q 340 -47.47 25.59 35.57
C ALA Q 340 -48.31 25.81 34.31
N SER Q 341 -48.07 26.91 33.60
CA SER Q 341 -48.85 27.22 32.41
C SER Q 341 -48.66 26.16 31.33
N ILE Q 342 -47.42 25.72 31.11
CA ILE Q 342 -47.16 24.72 30.08
C ILE Q 342 -47.74 23.37 30.47
N GLU Q 343 -47.65 23.02 31.75
CA GLU Q 343 -48.09 21.70 32.20
C GLU Q 343 -49.59 21.51 32.03
N MET Q 344 -50.39 22.52 32.37
CA MET Q 344 -51.83 22.37 32.30
C MET Q 344 -52.34 22.37 30.86
N ARG Q 345 -51.65 23.07 29.95
CA ARG Q 345 -52.11 23.12 28.57
C ARG Q 345 -51.83 21.81 27.85
N GLU Q 346 -50.70 21.17 28.15
CA GLU Q 346 -50.39 19.89 27.51
C GLU Q 346 -51.32 18.79 28.00
N GLU Q 347 -51.64 18.78 29.29
CA GLU Q 347 -52.51 17.73 29.83
C GLU Q 347 -53.91 17.81 29.24
N ALA Q 348 -54.44 19.02 29.08
CA ALA Q 348 -55.78 19.17 28.51
C ALA Q 348 -55.82 18.69 27.07
N ALA Q 349 -54.78 18.97 26.29
CA ALA Q 349 -54.75 18.54 24.89
C ALA Q 349 -54.74 17.03 24.77
N ARG Q 350 -53.99 16.35 25.63
CA ARG Q 350 -53.91 14.88 25.57
C ARG Q 350 -55.21 14.23 26.04
N GLU Q 351 -56.01 14.91 26.86
CA GLU Q 351 -57.30 14.36 27.25
C GLU Q 351 -58.26 14.30 26.06
N ILE Q 352 -58.20 15.31 25.18
CA ILE Q 352 -59.04 15.30 23.98
C ILE Q 352 -58.67 14.14 23.07
N ARG Q 353 -57.37 13.89 22.90
CA ARG Q 353 -56.92 12.87 21.95
C ARG Q 353 -57.37 11.48 22.39
N ARG Q 354 -57.33 11.21 23.70
CA ARG Q 354 -57.77 9.90 24.19
C ARG Q 354 -59.26 9.69 23.93
N ALA Q 355 -60.06 10.73 24.09
CA ALA Q 355 -61.51 10.60 23.86
C ALA Q 355 -61.82 10.31 22.40
N ILE Q 356 -61.12 10.96 21.48
CA ILE Q 356 -61.37 10.74 20.05
C ILE Q 356 -60.97 9.33 19.64
N THR Q 357 -59.81 8.87 20.10
CA THR Q 357 -59.28 7.56 19.74
C THR Q 357 -59.53 6.50 20.80
N GLY Q 358 -60.64 6.60 21.51
CA GLY Q 358 -60.99 5.64 22.55
C GLY Q 358 -62.48 5.57 22.73
N ARG Q 359 -62.90 5.32 23.96
CA ARG Q 359 -64.32 5.25 24.30
C ARG Q 359 -64.60 6.09 25.54
N ILE Q 360 -65.79 6.65 25.59
CA ILE Q 360 -66.22 7.56 26.65
C ILE Q 360 -67.21 6.81 27.54
N PRO Q 361 -67.06 6.87 28.87
CA PRO Q 361 -65.99 7.55 29.59
C PRO Q 361 -64.93 6.59 30.15
N ASP Q 362 -64.74 5.45 29.48
CA ASP Q 362 -63.80 4.46 29.98
C ASP Q 362 -62.36 4.94 29.87
N SER Q 363 -62.03 5.68 28.82
CA SER Q 363 -60.67 6.13 28.59
C SER Q 363 -60.33 7.44 29.29
N LEU Q 364 -61.30 8.09 29.92
CA LEU Q 364 -61.06 9.36 30.58
C LEU Q 364 -60.53 9.14 31.99
N LYS Q 365 -59.58 9.99 32.40
CA LYS Q 365 -58.97 9.89 33.72
C LYS Q 365 -59.65 10.78 34.75
N ASN Q 366 -59.99 12.01 34.39
CA ASN Q 366 -60.61 12.97 35.30
C ASN Q 366 -61.97 13.37 34.74
N CYS Q 367 -63.00 12.62 35.11
CA CYS Q 367 -64.37 12.93 34.73
C CYS Q 367 -65.16 13.29 35.98
N VAL Q 368 -65.93 14.38 35.89
CA VAL Q 368 -66.63 14.92 37.04
C VAL Q 368 -68.14 14.72 37.00
N ASN Q 369 -68.69 14.30 35.86
CA ASN Q 369 -70.13 14.06 35.73
C ASN Q 369 -70.40 12.62 35.33
N LYS Q 370 -69.59 11.69 35.84
CA LYS Q 370 -69.77 10.28 35.49
C LYS Q 370 -71.09 9.74 36.00
N ASP Q 371 -71.50 10.13 37.21
CA ASP Q 371 -72.76 9.66 37.76
C ASP Q 371 -73.94 10.16 36.94
N HIS Q 372 -73.93 11.43 36.55
CA HIS Q 372 -75.03 12.00 35.79
C HIS Q 372 -75.03 11.58 34.34
N LEU Q 373 -73.92 11.07 33.83
CA LEU Q 373 -73.83 10.69 32.42
C LEU Q 373 -74.69 9.48 32.14
N THR Q 374 -75.39 9.50 31.01
CA THR Q 374 -76.28 8.41 30.63
C THR Q 374 -75.82 7.75 29.33
N ARG R 44 -29.94 64.77 91.89
CA ARG R 44 -29.86 63.52 91.15
C ARG R 44 -29.14 63.73 89.81
N PRO R 45 -28.46 62.70 89.33
CA PRO R 45 -27.74 62.81 88.05
C PRO R 45 -28.69 63.08 86.90
N LEU R 46 -28.10 63.37 85.74
CA LEU R 46 -28.85 63.73 84.54
C LEU R 46 -28.64 62.67 83.47
N VAL R 47 -29.74 62.24 82.85
CA VAL R 47 -29.72 61.28 81.75
C VAL R 47 -30.41 61.94 80.56
N ALA R 48 -29.76 61.89 79.40
CA ALA R 48 -30.23 62.60 78.22
C ALA R 48 -30.49 61.64 77.08
N LEU R 49 -31.59 61.87 76.36
CA LEU R 49 -31.92 61.15 75.13
C LEU R 49 -31.45 62.00 73.96
N LEU R 50 -30.43 61.51 73.25
CA LEU R 50 -29.76 62.34 72.24
C LEU R 50 -30.68 62.66 71.06
N ASP R 51 -31.34 61.65 70.51
CA ASP R 51 -32.19 61.83 69.33
C ASP R 51 -33.57 61.25 69.64
N GLY R 52 -34.46 62.09 70.16
CA GLY R 52 -35.81 61.66 70.47
C GLY R 52 -36.57 62.77 71.16
N ARG R 53 -37.89 62.58 71.24
CA ARG R 53 -38.74 63.56 71.88
C ARG R 53 -39.71 62.89 72.86
N ASP R 54 -40.02 61.63 72.62
CA ASP R 54 -40.98 60.89 73.44
C ASP R 54 -40.24 60.08 74.50
N CYS R 55 -40.62 60.27 75.76
CA CYS R 55 -40.00 59.57 76.88
C CYS R 55 -41.06 59.08 77.86
N THR R 56 -42.18 58.62 77.33
CA THR R 56 -43.29 58.19 78.20
C THR R 56 -43.03 56.84 78.85
N VAL R 57 -42.12 56.04 78.31
CA VAL R 57 -41.84 54.71 78.87
C VAL R 57 -40.68 54.74 79.84
N GLU R 58 -39.62 55.49 79.50
CA GLU R 58 -38.44 55.54 80.36
C GLU R 58 -38.66 56.38 81.61
N MET R 59 -39.57 57.35 81.55
CA MET R 59 -39.76 58.27 82.67
C MET R 59 -40.21 57.57 83.95
N PRO R 60 -41.23 56.69 83.95
CA PRO R 60 -41.64 56.06 85.22
C PRO R 60 -40.57 55.19 85.85
N ILE R 61 -39.59 54.72 85.08
CA ILE R 61 -38.53 53.90 85.66
C ILE R 61 -37.44 54.76 86.26
N LEU R 62 -36.89 55.69 85.48
CA LEU R 62 -35.81 56.56 85.93
C LEU R 62 -36.32 57.89 86.48
N LYS R 63 -37.24 57.84 87.44
CA LYS R 63 -37.76 59.06 88.06
C LYS R 63 -37.30 59.27 89.48
N ASP R 64 -36.98 58.21 90.22
CA ASP R 64 -36.51 58.32 91.60
C ASP R 64 -35.03 58.08 91.74
N VAL R 65 -34.30 57.98 90.63
CA VAL R 65 -32.85 57.76 90.68
C VAL R 65 -32.07 58.72 89.81
N ALA R 66 -32.70 59.44 88.88
CA ALA R 66 -31.99 60.33 87.97
C ALA R 66 -32.97 61.36 87.41
N THR R 67 -32.45 62.26 86.60
CA THR R 67 -33.25 63.29 85.93
C THR R 67 -33.19 63.06 84.43
N VAL R 68 -34.36 62.99 83.79
CA VAL R 68 -34.47 62.65 82.37
C VAL R 68 -34.62 63.92 81.55
N ALA R 69 -33.98 63.93 80.38
CA ALA R 69 -34.06 65.05 79.46
C ALA R 69 -33.87 64.53 78.05
N PHE R 70 -34.33 65.32 77.07
CA PHE R 70 -34.18 64.97 75.67
C PHE R 70 -33.65 66.16 74.89
N CYS R 71 -33.01 65.87 73.76
CA CYS R 71 -32.40 66.90 72.93
C CYS R 71 -32.97 66.97 71.52
N ASP R 72 -33.48 65.86 70.98
CA ASP R 72 -34.04 65.82 69.63
C ASP R 72 -33.05 66.35 68.60
N ALA R 73 -31.80 65.92 68.73
CA ALA R 73 -30.73 66.39 67.86
C ALA R 73 -30.61 65.51 66.62
N GLN R 74 -30.16 66.12 65.53
CA GLN R 74 -29.91 65.41 64.28
C GLN R 74 -28.43 65.34 63.92
N SER R 75 -27.57 66.02 64.68
CA SER R 75 -26.14 66.00 64.44
C SER R 75 -25.42 66.30 65.75
N THR R 76 -24.12 66.02 65.77
CA THR R 76 -23.34 66.24 66.98
C THR R 76 -23.20 67.72 67.32
N GLN R 77 -23.50 68.62 66.38
CA GLN R 77 -23.40 70.05 66.60
C GLN R 77 -24.67 70.65 67.20
N GLU R 78 -25.71 69.84 67.41
CA GLU R 78 -26.97 70.33 67.95
C GLU R 78 -27.20 69.88 69.39
N ILE R 79 -26.15 69.51 70.10
CA ILE R 79 -26.25 69.06 71.48
C ILE R 79 -26.05 70.25 72.40
N HIS R 80 -26.94 70.41 73.37
CA HIS R 80 -26.89 71.55 74.27
C HIS R 80 -25.63 71.51 75.12
N GLU R 81 -25.16 72.69 75.50
CA GLU R 81 -23.91 72.79 76.28
C GLU R 81 -24.05 72.15 77.65
N LYS R 82 -25.25 72.21 78.25
CA LYS R 82 -25.45 71.61 79.57
C LYS R 82 -25.25 70.10 79.51
N VAL R 83 -25.69 69.46 78.43
CA VAL R 83 -25.51 68.02 78.29
C VAL R 83 -24.05 67.65 78.24
N LEU R 84 -23.24 68.42 77.50
CA LEU R 84 -21.83 68.09 77.34
C LEU R 84 -21.04 68.21 78.63
N ASN R 85 -21.60 68.83 79.67
CA ASN R 85 -20.88 69.03 80.92
C ASN R 85 -21.45 68.24 82.10
N GLU R 86 -22.74 67.92 82.09
CA GLU R 86 -23.42 67.34 83.24
C GLU R 86 -24.28 66.14 82.83
N ALA R 87 -23.72 65.24 82.03
CA ALA R 87 -24.42 64.03 81.62
C ALA R 87 -23.66 62.81 82.08
N VAL R 88 -24.37 61.88 82.70
CA VAL R 88 -23.79 60.63 83.16
C VAL R 88 -24.05 59.48 82.18
N GLY R 89 -25.27 59.39 81.66
CA GLY R 89 -25.61 58.38 80.68
C GLY R 89 -26.39 58.98 79.52
N ALA R 90 -26.47 58.21 78.45
CA ALA R 90 -27.14 58.67 77.24
C ALA R 90 -27.83 57.51 76.55
N LEU R 91 -28.88 57.83 75.81
CA LEU R 91 -29.62 56.87 74.98
C LEU R 91 -29.70 57.40 73.56
N MET R 92 -29.47 56.53 72.58
CA MET R 92 -29.41 56.96 71.20
C MET R 92 -29.94 55.87 70.28
N TYR R 93 -30.56 56.32 69.18
CA TYR R 93 -31.00 55.43 68.12
C TYR R 93 -29.92 55.36 67.03
N HIS R 94 -30.29 54.86 65.85
CA HIS R 94 -29.35 54.68 64.75
C HIS R 94 -29.20 55.92 63.87
N THR R 95 -29.88 57.01 64.19
CA THR R 95 -29.90 58.18 63.32
C THR R 95 -28.76 59.16 63.57
N ILE R 96 -27.90 58.90 64.54
CA ILE R 96 -26.81 59.81 64.88
C ILE R 96 -25.53 59.01 65.02
N THR R 97 -24.42 59.56 64.53
CA THR R 97 -23.12 58.91 64.54
C THR R 97 -22.15 59.68 65.44
N LEU R 98 -21.42 58.95 66.27
CA LEU R 98 -20.45 59.53 67.19
C LEU R 98 -19.05 59.05 66.83
N THR R 99 -18.11 59.98 66.73
CA THR R 99 -16.71 59.69 66.44
C THR R 99 -15.87 59.98 67.68
N ARG R 100 -14.56 59.79 67.53
CA ARG R 100 -13.65 60.01 68.66
C ARG R 100 -13.63 61.48 69.07
N GLU R 101 -13.65 62.40 68.09
CA GLU R 101 -13.67 63.82 68.42
C GLU R 101 -14.93 64.20 69.18
N ASP R 102 -16.07 63.62 68.80
CA ASP R 102 -17.32 63.89 69.51
C ASP R 102 -17.27 63.37 70.94
N LEU R 103 -16.66 62.20 71.15
CA LEU R 103 -16.62 61.62 72.48
C LEU R 103 -15.77 62.45 73.43
N GLU R 104 -14.69 63.05 72.92
CA GLU R 104 -13.80 63.84 73.77
C GLU R 104 -14.46 65.11 74.30
N LYS R 105 -15.57 65.55 73.69
CA LYS R 105 -16.24 66.75 74.16
C LYS R 105 -17.05 66.51 75.43
N PHE R 106 -17.39 65.26 75.75
CA PHE R 106 -18.08 64.95 76.98
C PHE R 106 -17.11 64.95 78.16
N LYS R 107 -17.57 65.48 79.29
CA LYS R 107 -16.72 65.62 80.47
C LYS R 107 -17.14 64.73 81.63
N ALA R 108 -18.35 64.17 81.62
CA ALA R 108 -18.80 63.32 82.71
C ALA R 108 -19.51 62.06 82.24
N LEU R 109 -19.50 61.76 80.94
CA LEU R 109 -20.18 60.58 80.44
C LEU R 109 -19.49 59.31 80.94
N ARG R 110 -20.30 58.31 81.29
CA ARG R 110 -19.76 57.07 81.85
C ARG R 110 -20.30 55.83 81.15
N ILE R 111 -21.50 55.93 80.57
CA ILE R 111 -22.13 54.77 79.94
C ILE R 111 -22.99 55.25 78.78
N ILE R 112 -23.00 54.46 77.70
CA ILE R 112 -23.86 54.69 76.55
C ILE R 112 -24.66 53.43 76.28
N VAL R 113 -25.97 53.56 76.15
CA VAL R 113 -26.85 52.43 75.89
C VAL R 113 -27.52 52.63 74.54
N ARG R 114 -27.37 51.66 73.66
CA ARG R 114 -27.91 51.71 72.31
C ARG R 114 -29.21 50.91 72.26
N ILE R 115 -30.30 51.57 71.88
CA ILE R 115 -31.61 50.91 71.80
C ILE R 115 -31.69 50.16 70.48
N GLY R 116 -31.28 48.91 70.48
CA GLY R 116 -31.26 48.11 69.27
C GLY R 116 -30.15 47.08 69.37
N SER R 117 -29.85 46.46 68.22
CA SER R 117 -28.86 45.41 68.15
C SER R 117 -27.56 45.82 67.45
N GLY R 118 -27.59 46.88 66.65
CA GLY R 118 -26.41 47.32 65.91
C GLY R 118 -25.71 48.47 66.63
N PHE R 119 -24.38 48.44 66.61
CA PHE R 119 -23.58 49.49 67.25
C PHE R 119 -22.43 49.94 66.35
N ASP R 120 -22.62 49.84 65.03
CA ASP R 120 -21.56 50.23 64.09
C ASP R 120 -21.43 51.74 63.96
N ASN R 121 -22.34 52.52 64.52
CA ASN R 121 -22.26 53.98 64.45
C ASN R 121 -21.55 54.59 65.65
N ILE R 122 -20.96 53.77 66.51
CA ILE R 122 -20.22 54.24 67.68
C ILE R 122 -18.82 53.66 67.60
N ASP R 123 -17.82 54.49 67.83
CA ASP R 123 -16.43 54.05 67.85
C ASP R 123 -16.18 53.29 69.15
N ILE R 124 -16.21 51.95 69.07
CA ILE R 124 -16.14 51.12 70.26
C ILE R 124 -14.76 51.21 70.90
N LYS R 125 -13.71 51.10 70.10
CA LYS R 125 -12.35 51.07 70.65
C LYS R 125 -11.99 52.40 71.30
N SER R 126 -12.35 53.52 70.68
CA SER R 126 -12.01 54.82 71.24
C SER R 126 -12.72 55.06 72.56
N ALA R 127 -13.98 54.65 72.68
CA ALA R 127 -14.71 54.85 73.92
C ALA R 127 -14.11 54.05 75.06
N GLY R 128 -13.51 52.89 74.77
CA GLY R 128 -12.88 52.11 75.82
C GLY R 128 -11.70 52.81 76.45
N ASP R 129 -10.87 53.47 75.64
CA ASP R 129 -9.71 54.19 76.17
C ASP R 129 -10.14 55.32 77.09
N LEU R 130 -11.18 56.06 76.71
CA LEU R 130 -11.65 57.17 77.54
C LEU R 130 -12.37 56.71 78.79
N GLY R 131 -12.73 55.43 78.89
CA GLY R 131 -13.40 54.92 80.08
C GLY R 131 -14.91 55.01 80.01
N ILE R 132 -15.48 54.66 78.87
CA ILE R 132 -16.92 54.71 78.64
C ILE R 132 -17.39 53.32 78.22
N ALA R 133 -18.46 52.84 78.84
CA ALA R 133 -19.01 51.53 78.56
C ALA R 133 -20.16 51.66 77.57
N VAL R 134 -20.27 50.68 76.66
CA VAL R 134 -21.29 50.67 75.62
C VAL R 134 -22.12 49.41 75.78
N CYS R 135 -23.44 49.56 75.76
CA CYS R 135 -24.38 48.45 75.91
C CYS R 135 -25.40 48.49 74.80
N ASN R 136 -26.14 47.39 74.63
CA ASN R 136 -27.18 47.30 73.62
C ASN R 136 -28.20 46.26 74.04
N VAL R 137 -29.26 46.15 73.25
CA VAL R 137 -30.30 45.16 73.45
C VAL R 137 -30.11 44.07 72.39
N PRO R 138 -29.62 42.89 72.75
CA PRO R 138 -29.20 41.92 71.72
C PRO R 138 -30.33 41.35 70.88
N ALA R 139 -31.40 40.89 71.52
CA ALA R 139 -32.45 40.15 70.82
C ALA R 139 -33.81 40.59 71.37
N ALA R 140 -34.48 41.48 70.63
CA ALA R 140 -35.84 41.87 70.97
C ALA R 140 -36.73 41.83 69.72
N SER R 141 -36.12 41.84 68.55
CA SER R 141 -36.85 41.83 67.28
C SER R 141 -36.24 40.80 66.32
N VAL R 142 -35.87 39.63 66.85
CA VAL R 142 -35.33 38.58 66.00
C VAL R 142 -36.41 38.04 65.06
N GLU R 143 -37.59 37.75 65.61
CA GLU R 143 -38.64 37.14 64.80
C GLU R 143 -39.31 38.15 63.88
N GLU R 144 -39.40 39.41 64.30
CA GLU R 144 -39.98 40.44 63.42
C GLU R 144 -39.14 40.62 62.17
N THR R 145 -37.82 40.65 62.30
CA THR R 145 -36.95 40.84 61.14
C THR R 145 -36.97 39.60 60.24
N ALA R 146 -37.06 38.42 60.83
CA ALA R 146 -37.10 37.19 60.03
C ALA R 146 -38.37 37.11 59.19
N ASP R 147 -39.50 37.52 59.75
CA ASP R 147 -40.75 37.51 59.00
C ASP R 147 -40.72 38.51 57.85
N SER R 148 -40.13 39.69 58.09
CA SER R 148 -40.03 40.69 57.03
C SER R 148 -39.13 40.24 55.89
N THR R 149 -38.07 39.49 56.20
CA THR R 149 -37.21 38.97 55.15
C THR R 149 -37.95 37.98 54.25
N LEU R 150 -38.78 37.11 54.85
CA LEU R 150 -39.54 36.15 54.06
C LEU R 150 -40.59 36.85 53.21
N CYS R 151 -41.16 37.96 53.69
CA CYS R 151 -42.15 38.69 52.91
C CYS R 151 -41.54 39.25 51.63
N HIS R 152 -40.32 39.77 51.72
CA HIS R 152 -39.66 40.32 50.53
C HIS R 152 -39.32 39.23 49.53
N ILE R 153 -38.92 38.05 50.01
CA ILE R 153 -38.56 36.96 49.11
C ILE R 153 -39.78 36.51 48.30
N LEU R 154 -40.93 36.39 48.96
CA LEU R 154 -42.14 35.95 48.26
C LEU R 154 -42.63 36.98 47.26
N ASN R 155 -42.43 38.27 47.53
CA ASN R 155 -42.86 39.30 46.59
C ASN R 155 -42.09 39.23 45.28
N LEU R 156 -40.82 38.81 45.32
CA LEU R 156 -40.03 38.72 44.10
C LEU R 156 -40.45 37.54 43.25
N TYR R 157 -40.73 36.40 43.86
CA TYR R 157 -41.14 35.23 43.10
C TYR R 157 -42.60 35.34 42.67
N ARG R 158 -43.51 35.43 43.63
CA ARG R 158 -44.94 35.62 43.35
C ARG R 158 -45.19 37.12 43.37
N ARG R 159 -45.10 37.75 42.21
CA ARG R 159 -45.22 39.21 42.10
C ARG R 159 -46.57 39.69 42.63
N ALA R 160 -46.55 40.37 43.76
CA ALA R 160 -47.78 40.84 44.40
C ALA R 160 -47.82 42.35 44.59
N THR R 161 -46.70 42.96 44.99
CA THR R 161 -46.66 44.41 45.11
C THR R 161 -46.78 45.08 43.75
N TRP R 162 -46.11 44.52 42.73
CA TRP R 162 -46.15 45.11 41.40
C TRP R 162 -47.53 44.96 40.77
N LEU R 163 -48.21 43.84 41.00
CA LEU R 163 -49.55 43.67 40.46
C LEU R 163 -50.54 44.63 41.12
N HIS R 164 -50.44 44.83 42.43
CA HIS R 164 -51.30 45.78 43.11
C HIS R 164 -51.03 47.21 42.64
N GLN R 165 -49.77 47.55 42.40
CA GLN R 165 -49.42 48.88 41.94
C GLN R 165 -50.00 49.14 40.55
N ALA R 166 -50.01 48.13 39.69
CA ALA R 166 -50.50 48.30 38.33
C ALA R 166 -51.99 48.64 38.31
N LEU R 167 -52.77 48.01 39.19
CA LEU R 167 -54.20 48.25 39.20
C LEU R 167 -54.53 49.69 39.59
N ARG R 168 -53.78 50.25 40.55
CA ARG R 168 -54.03 51.63 40.97
C ARG R 168 -53.71 52.62 39.87
N GLU R 169 -52.79 52.28 38.97
CA GLU R 169 -52.46 53.17 37.86
C GLU R 169 -53.53 53.17 36.77
N GLY R 170 -54.51 52.28 36.84
CA GLY R 170 -55.59 52.23 35.87
C GLY R 170 -55.51 51.12 34.85
N THR R 171 -54.56 50.20 34.99
CA THR R 171 -54.44 49.09 34.05
C THR R 171 -55.64 48.17 34.16
N ARG R 172 -56.17 47.74 33.01
CA ARG R 172 -57.32 46.85 32.94
C ARG R 172 -56.93 45.57 32.22
N VAL R 173 -57.19 44.43 32.84
CA VAL R 173 -56.88 43.12 32.27
C VAL R 173 -58.14 42.27 32.30
N GLN R 174 -58.53 41.75 31.14
CA GLN R 174 -59.75 40.95 31.02
C GLN R 174 -59.50 39.55 30.51
N SER R 175 -58.74 39.39 29.43
CA SER R 175 -58.52 38.09 28.85
C SER R 175 -57.37 37.37 29.54
N VAL R 176 -57.27 36.07 29.27
CA VAL R 176 -56.20 35.27 29.86
C VAL R 176 -54.85 35.68 29.30
N GLU R 177 -54.79 36.03 28.02
CA GLU R 177 -53.53 36.45 27.42
C GLU R 177 -52.99 37.70 28.09
N GLN R 178 -53.87 38.62 28.48
CA GLN R 178 -53.43 39.81 29.21
C GLN R 178 -52.89 39.45 30.58
N ILE R 179 -53.47 38.44 31.23
CA ILE R 179 -53.00 38.03 32.55
C ILE R 179 -51.58 37.48 32.46
N ARG R 180 -51.29 36.67 31.44
CA ARG R 180 -49.96 36.11 31.29
C ARG R 180 -48.91 37.17 31.01
N GLU R 181 -49.31 38.34 30.51
CA GLU R 181 -48.35 39.38 30.15
C GLU R 181 -48.04 40.31 31.32
N VAL R 182 -49.07 40.73 32.07
CA VAL R 182 -48.84 41.63 33.19
C VAL R 182 -48.06 40.94 34.30
N ALA R 183 -48.32 39.65 34.52
CA ALA R 183 -47.65 38.88 35.56
C ALA R 183 -46.53 38.01 35.00
N SER R 184 -45.89 38.44 33.92
CA SER R 184 -44.81 37.66 33.33
C SER R 184 -43.56 37.75 34.18
N GLY R 185 -42.97 36.60 34.49
CA GLY R 185 -41.76 36.53 35.29
C GLY R 185 -41.89 35.70 36.55
N ALA R 186 -43.09 35.31 36.95
CA ALA R 186 -43.26 34.48 38.14
C ALA R 186 -42.64 33.10 37.93
N ALA R 187 -42.11 32.55 39.01
CA ALA R 187 -41.37 31.28 38.95
C ALA R 187 -41.88 30.34 40.04
N ARG R 188 -41.37 29.12 40.00
CA ARG R 188 -41.73 28.08 40.95
C ARG R 188 -40.65 27.98 42.03
N ILE R 189 -41.08 28.06 43.29
CA ILE R 189 -40.13 28.15 44.39
C ILE R 189 -39.40 26.82 44.61
N ARG R 190 -40.12 25.71 44.55
CA ARG R 190 -39.52 24.43 44.87
C ARG R 190 -38.41 24.07 43.89
N GLY R 191 -37.27 23.65 44.42
CA GLY R 191 -36.11 23.30 43.63
C GLY R 191 -35.05 24.37 43.54
N GLU R 192 -35.33 25.58 44.01
CA GLU R 192 -34.37 26.67 43.93
C GLU R 192 -33.36 26.59 45.08
N THR R 193 -32.30 27.38 44.96
CA THR R 193 -31.23 27.42 45.94
C THR R 193 -31.19 28.80 46.58
N LEU R 194 -31.09 28.83 47.91
CA LEU R 194 -31.05 30.07 48.68
C LEU R 194 -29.69 30.18 49.36
N GLY R 195 -29.04 31.33 49.18
CA GLY R 195 -27.74 31.59 49.77
C GLY R 195 -27.84 32.65 50.86
N ILE R 196 -27.21 32.36 52.00
CA ILE R 196 -27.26 33.21 53.18
C ILE R 196 -25.83 33.58 53.56
N ILE R 197 -25.59 34.86 53.82
CA ILE R 197 -24.28 35.36 54.22
C ILE R 197 -24.39 35.80 55.67
N GLY R 198 -23.84 34.99 56.58
CA GLY R 198 -23.90 35.29 58.00
C GLY R 198 -25.00 34.53 58.71
N LEU R 199 -24.63 33.51 59.47
CA LEU R 199 -25.61 32.67 60.18
C LEU R 199 -25.61 33.07 61.66
N GLY R 200 -26.33 34.13 61.96
CA GLY R 200 -26.50 34.62 63.31
C GLY R 200 -27.86 34.29 63.89
N ARG R 201 -28.37 35.17 64.75
CA ARG R 201 -29.70 34.98 65.30
C ARG R 201 -30.76 35.07 64.20
N VAL R 202 -30.69 36.12 63.38
CA VAL R 202 -31.67 36.27 62.30
C VAL R 202 -31.42 35.24 61.20
N GLY R 203 -30.14 34.95 60.91
CA GLY R 203 -29.84 34.00 59.85
C GLY R 203 -30.39 32.61 60.11
N GLN R 204 -30.31 32.15 61.35
CA GLN R 204 -30.85 30.83 61.70
C GLN R 204 -32.36 30.81 61.59
N ALA R 205 -33.03 31.89 61.98
CA ALA R 205 -34.49 31.94 61.92
C ALA R 205 -34.98 31.87 60.48
N VAL R 206 -34.28 32.55 59.56
CA VAL R 206 -34.69 32.53 58.15
C VAL R 206 -34.51 31.14 57.55
N ALA R 207 -33.44 30.44 57.93
CA ALA R 207 -33.15 29.14 57.35
C ALA R 207 -34.24 28.13 57.68
N LEU R 208 -34.75 28.14 58.91
CA LEU R 208 -35.77 27.19 59.30
C LEU R 208 -37.07 27.42 58.54
N ARG R 209 -37.45 28.67 58.34
CA ARG R 209 -38.71 28.97 57.65
C ARG R 209 -38.59 28.71 56.15
N ALA R 210 -37.40 28.83 55.58
CA ALA R 210 -37.23 28.66 54.15
C ALA R 210 -37.33 27.20 53.72
N LYS R 211 -37.08 26.26 54.63
CA LYS R 211 -37.12 24.85 54.27
C LYS R 211 -38.54 24.33 54.09
N ALA R 212 -39.53 25.00 54.69
CA ALA R 212 -40.92 24.57 54.54
C ALA R 212 -41.46 24.83 53.14
N PHE R 213 -40.86 25.73 52.38
CA PHE R 213 -41.30 26.06 51.04
C PHE R 213 -40.59 25.24 49.95
N GLY R 214 -39.61 24.42 50.33
CA GLY R 214 -38.88 23.62 49.36
C GLY R 214 -37.55 24.18 48.92
N PHE R 215 -37.03 25.21 49.58
CA PHE R 215 -35.75 25.78 49.21
C PHE R 215 -34.61 24.84 49.56
N ASN R 216 -33.48 25.05 48.88
CA ASN R 216 -32.21 24.40 49.22
C ASN R 216 -31.28 25.48 49.76
N VAL R 217 -30.79 25.29 50.98
CA VAL R 217 -30.16 26.34 51.76
C VAL R 217 -28.67 26.10 51.85
N LEU R 218 -27.89 27.12 51.53
CA LEU R 218 -26.44 27.16 51.76
C LEU R 218 -26.13 28.41 52.59
N PHE R 219 -24.97 28.38 53.25
CA PHE R 219 -24.56 29.54 54.03
C PHE R 219 -23.05 29.65 54.04
N TYR R 220 -22.57 30.86 54.33
CA TYR R 220 -21.14 31.16 54.40
C TYR R 220 -20.88 32.00 55.64
N ASP R 221 -20.02 31.50 56.52
CA ASP R 221 -19.66 32.23 57.74
C ASP R 221 -18.27 31.78 58.20
N PRO R 222 -17.28 32.67 58.16
CA PRO R 222 -15.91 32.28 58.51
C PRO R 222 -15.56 32.38 60.00
N TYR R 223 -16.47 32.84 60.85
CA TYR R 223 -16.19 33.03 62.27
C TYR R 223 -16.88 32.00 63.15
N LEU R 224 -17.49 30.98 62.55
CA LEU R 224 -18.20 29.95 63.31
C LEU R 224 -17.31 28.73 63.52
N SER R 225 -17.71 27.89 64.47
CA SER R 225 -16.98 26.67 64.79
C SER R 225 -17.39 25.57 63.83
N ASP R 226 -16.96 24.34 64.11
CA ASP R 226 -17.22 23.19 63.24
C ASP R 226 -18.42 22.41 63.75
N GLY R 227 -19.26 21.96 62.81
CA GLY R 227 -20.40 21.15 63.15
C GLY R 227 -21.68 21.89 63.43
N VAL R 228 -21.72 23.21 63.24
CA VAL R 228 -22.96 23.94 63.43
C VAL R 228 -23.99 23.54 62.38
N GLU R 229 -23.54 23.28 61.15
CA GLU R 229 -24.46 22.86 60.11
C GLU R 229 -24.98 21.45 60.32
N ARG R 230 -24.25 20.61 61.04
CA ARG R 230 -24.72 19.24 61.31
C ARG R 230 -25.99 19.27 62.16
N ALA R 231 -26.04 20.14 63.16
CA ALA R 231 -27.21 20.20 64.04
C ALA R 231 -28.46 20.63 63.28
N LEU R 232 -28.34 21.62 62.40
CA LEU R 232 -29.48 22.15 61.67
C LEU R 232 -29.70 21.46 60.33
N GLY R 233 -28.82 20.57 59.91
CA GLY R 233 -28.97 19.89 58.65
C GLY R 233 -28.86 20.77 57.43
N LEU R 234 -27.90 21.69 57.41
CA LEU R 234 -27.66 22.59 56.30
C LEU R 234 -26.37 22.22 55.58
N GLN R 235 -26.01 23.02 54.59
CA GLN R 235 -24.80 22.83 53.81
C GLN R 235 -23.94 24.09 53.89
N ARG R 236 -22.63 23.91 54.03
CA ARG R 236 -21.71 25.00 54.29
C ARG R 236 -20.64 25.06 53.21
N VAL R 237 -20.31 26.28 52.77
CA VAL R 237 -19.24 26.51 51.82
C VAL R 237 -18.12 27.27 52.54
N SER R 238 -16.96 27.36 51.88
CA SER R 238 -15.78 27.92 52.50
C SER R 238 -15.34 29.26 51.93
N THR R 239 -15.81 29.63 50.74
CA THR R 239 -15.43 30.89 50.11
C THR R 239 -16.67 31.63 49.64
N LEU R 240 -16.56 32.96 49.59
CA LEU R 240 -17.67 33.79 49.13
C LEU R 240 -17.93 33.56 47.64
N GLN R 241 -16.89 33.36 46.85
CA GLN R 241 -17.06 33.16 45.41
C GLN R 241 -17.86 31.90 45.12
N ASP R 242 -17.62 30.83 45.88
CA ASP R 242 -18.35 29.59 45.67
C ASP R 242 -19.83 29.75 45.96
N LEU R 243 -20.18 30.56 46.96
CA LEU R 243 -21.59 30.79 47.28
C LEU R 243 -22.32 31.50 46.15
N LEU R 244 -21.67 32.49 45.53
CA LEU R 244 -22.33 33.26 44.48
C LEU R 244 -22.51 32.44 43.20
N PHE R 245 -21.65 31.46 42.96
CA PHE R 245 -21.74 30.68 41.73
C PHE R 245 -22.96 29.77 41.72
N HIS R 246 -23.41 29.29 42.88
CA HIS R 246 -24.44 28.27 42.96
C HIS R 246 -25.69 28.75 43.69
N SER R 247 -25.99 30.04 43.61
CA SER R 247 -27.14 30.62 44.30
C SER R 247 -28.07 31.31 43.33
N ASP R 248 -29.37 31.16 43.56
CA ASP R 248 -30.39 31.85 42.79
C ASP R 248 -31.01 33.02 43.54
N CYS R 249 -30.74 33.16 44.84
CA CYS R 249 -31.23 34.28 45.63
C CYS R 249 -30.26 34.49 46.78
N VAL R 250 -29.80 35.72 46.97
CA VAL R 250 -28.78 36.06 47.96
C VAL R 250 -29.38 37.01 48.98
N THR R 251 -29.21 36.68 50.26
CA THR R 251 -29.65 37.52 51.37
C THR R 251 -28.48 37.82 52.28
N LEU R 252 -28.42 39.06 52.77
CA LEU R 252 -27.34 39.53 53.62
C LEU R 252 -27.82 39.62 55.06
N HIS R 253 -27.08 38.97 55.97
CA HIS R 253 -27.42 39.00 57.39
C HIS R 253 -26.20 39.18 58.28
N CYS R 254 -25.11 39.74 57.75
CA CYS R 254 -23.88 39.88 58.51
C CYS R 254 -23.83 41.25 59.19
N GLY R 255 -22.74 41.49 59.94
CA GLY R 255 -22.53 42.76 60.59
C GLY R 255 -21.57 43.63 59.79
N LEU R 256 -21.60 44.93 60.09
CA LEU R 256 -20.80 45.92 59.37
C LEU R 256 -19.56 46.23 60.19
N ASN R 257 -18.53 45.41 60.04
CA ASN R 257 -17.22 45.68 60.62
C ASN R 257 -16.36 46.42 59.58
N GLU R 258 -15.07 46.54 59.85
CA GLU R 258 -14.17 47.28 58.98
C GLU R 258 -13.54 46.44 57.88
N HIS R 259 -13.86 45.15 57.83
CA HIS R 259 -13.29 44.25 56.82
C HIS R 259 -14.29 43.86 55.74
N ASN R 260 -15.51 44.41 55.77
CA ASN R 260 -16.52 44.02 54.79
C ASN R 260 -17.29 45.23 54.27
N HIS R 261 -16.66 46.39 54.22
CA HIS R 261 -17.30 47.56 53.64
C HIS R 261 -17.39 47.40 52.12
N HIS R 262 -18.56 47.67 51.56
CA HIS R 262 -18.85 47.44 50.15
C HIS R 262 -18.52 46.01 49.74
N LEU R 263 -19.16 45.07 50.45
CA LEU R 263 -18.94 43.66 50.17
C LEU R 263 -19.41 43.29 48.76
N ILE R 264 -20.59 43.79 48.36
CA ILE R 264 -21.10 43.58 47.01
C ILE R 264 -20.62 44.79 46.19
N ASN R 265 -19.41 44.68 45.65
CA ASN R 265 -18.82 45.73 44.86
C ASN R 265 -18.99 45.43 43.37
N ASP R 266 -18.32 46.22 42.53
CA ASP R 266 -18.43 46.03 41.08
C ASP R 266 -17.86 44.68 40.64
N PHE R 267 -16.72 44.29 41.22
CA PHE R 267 -16.07 43.05 40.79
C PHE R 267 -16.89 41.83 41.17
N THR R 268 -17.45 41.82 42.38
CA THR R 268 -18.19 40.64 42.86
C THR R 268 -19.56 40.51 42.23
N VAL R 269 -20.17 41.63 41.81
CA VAL R 269 -21.52 41.57 41.24
C VAL R 269 -21.52 40.87 39.88
N LYS R 270 -20.37 40.73 39.24
CA LYS R 270 -20.27 40.03 37.97
C LYS R 270 -20.07 38.53 38.12
N GLN R 271 -19.91 38.05 39.35
CA GLN R 271 -19.75 36.62 39.60
C GLN R 271 -21.07 35.92 39.90
N MET R 272 -22.16 36.65 40.00
CA MET R 272 -23.46 36.06 40.27
C MET R 272 -24.04 35.44 39.00
N ARG R 273 -25.08 34.63 39.17
CA ARG R 273 -25.71 33.95 38.05
C ARG R 273 -26.49 34.94 37.18
N GLN R 274 -26.92 34.46 36.02
CA GLN R 274 -27.70 35.26 35.08
C GLN R 274 -29.15 35.25 35.53
N GLY R 275 -29.64 36.38 36.02
CA GLY R 275 -31.01 36.51 36.45
C GLY R 275 -31.25 36.05 37.87
N ALA R 276 -30.51 36.63 38.81
CA ALA R 276 -30.64 36.31 40.23
C ALA R 276 -31.31 37.46 40.96
N PHE R 277 -31.70 37.19 42.21
CA PHE R 277 -32.33 38.18 43.08
C PHE R 277 -31.34 38.61 44.15
N LEU R 278 -31.72 39.65 44.89
CA LEU R 278 -30.88 40.19 45.96
C LEU R 278 -31.76 40.86 47.00
N VAL R 279 -31.60 40.46 48.25
CA VAL R 279 -32.34 41.03 49.38
C VAL R 279 -31.34 41.53 50.41
N ASN R 280 -31.54 42.75 50.87
CA ASN R 280 -30.66 43.37 51.86
C ASN R 280 -31.50 43.99 52.96
N THR R 281 -31.32 43.50 54.19
CA THR R 281 -32.03 44.06 55.34
C THR R 281 -31.12 44.27 56.55
N ALA R 282 -29.79 44.16 56.38
CA ALA R 282 -28.87 44.28 57.50
C ALA R 282 -28.34 45.71 57.65
N ARG R 283 -27.59 46.18 56.66
CA ARG R 283 -26.99 47.51 56.71
C ARG R 283 -26.83 48.03 55.28
N GLY R 284 -26.73 49.36 55.17
CA GLY R 284 -26.67 49.99 53.87
C GLY R 284 -25.27 50.06 53.28
N GLY R 285 -24.25 49.94 54.13
CA GLY R 285 -22.88 50.03 53.66
C GLY R 285 -22.30 48.79 53.06
N LEU R 286 -23.07 47.70 53.01
CA LEU R 286 -22.59 46.43 52.46
C LEU R 286 -22.78 46.33 50.95
N VAL R 287 -23.52 47.25 50.33
CA VAL R 287 -23.85 47.18 48.91
C VAL R 287 -23.47 48.50 48.25
N ASP R 288 -22.79 48.42 47.12
CA ASP R 288 -22.46 49.59 46.31
C ASP R 288 -23.63 49.85 45.37
N GLU R 289 -24.39 50.91 45.65
CA GLU R 289 -25.60 51.19 44.89
C GLU R 289 -25.29 51.61 43.45
N LYS R 290 -24.12 52.21 43.22
CA LYS R 290 -23.78 52.63 41.86
C LYS R 290 -23.62 51.44 40.93
N ALA R 291 -23.00 50.36 41.42
CA ALA R 291 -22.83 49.16 40.59
C ALA R 291 -24.13 48.38 40.47
N LEU R 292 -24.98 48.42 41.49
CA LEU R 292 -26.24 47.69 41.45
C LEU R 292 -27.17 48.26 40.39
N ALA R 293 -27.18 49.58 40.21
CA ALA R 293 -28.08 50.21 39.26
C ALA R 293 -27.78 49.76 37.83
N GLN R 294 -26.50 49.65 37.48
CA GLN R 294 -26.14 49.23 36.14
C GLN R 294 -26.56 47.79 35.87
N ALA R 295 -26.47 46.92 36.88
CA ALA R 295 -26.85 45.52 36.70
C ALA R 295 -28.34 45.39 36.43
N LEU R 296 -29.17 46.18 37.11
CA LEU R 296 -30.61 46.11 36.90
C LEU R 296 -30.99 46.53 35.49
N LYS R 297 -30.35 47.58 34.97
CA LYS R 297 -30.68 48.08 33.63
C LYS R 297 -30.30 47.08 32.55
N GLU R 298 -29.10 46.50 32.64
CA GLU R 298 -28.66 45.56 31.62
C GLU R 298 -29.41 44.24 31.68
N GLY R 299 -29.99 43.90 32.83
CA GLY R 299 -30.76 42.67 32.96
C GLY R 299 -30.04 41.51 33.61
N ARG R 300 -28.83 41.72 34.12
CA ARG R 300 -28.12 40.64 34.79
C ARG R 300 -28.75 40.27 36.13
N ILE R 301 -29.50 41.18 36.75
CA ILE R 301 -30.21 40.92 37.99
C ILE R 301 -31.69 41.15 37.75
N ARG R 302 -32.51 40.15 38.05
CA ARG R 302 -33.93 40.23 37.74
C ARG R 302 -34.65 41.23 38.65
N GLY R 303 -34.26 41.29 39.91
CA GLY R 303 -34.91 42.21 40.84
C GLY R 303 -34.11 42.34 42.11
N ALA R 304 -34.52 43.30 42.94
CA ALA R 304 -33.86 43.57 44.20
C ALA R 304 -34.83 44.22 45.16
N ALA R 305 -34.82 43.77 46.41
CA ALA R 305 -35.62 44.34 47.48
C ALA R 305 -34.68 44.87 48.55
N LEU R 306 -34.82 46.15 48.89
CA LEU R 306 -33.93 46.81 49.82
C LEU R 306 -34.72 47.44 50.97
N ASP R 307 -34.19 47.31 52.18
CA ASP R 307 -34.77 47.94 53.35
C ASP R 307 -33.86 48.99 53.97
N VAL R 308 -32.56 48.94 53.69
CA VAL R 308 -31.59 49.89 54.22
C VAL R 308 -30.74 50.40 53.06
N HIS R 309 -30.40 51.68 53.10
CA HIS R 309 -29.67 52.34 52.02
C HIS R 309 -28.48 53.10 52.58
N GLU R 310 -27.55 53.43 51.68
CA GLU R 310 -26.35 54.16 52.09
C GLU R 310 -26.69 55.54 52.63
N SER R 311 -27.58 56.26 51.95
CA SER R 311 -28.00 57.60 52.36
C SER R 311 -29.46 57.56 52.76
N GLU R 312 -29.77 58.04 53.96
CA GLU R 312 -31.12 58.07 54.47
C GLU R 312 -31.48 59.47 54.93
N PRO R 313 -32.75 59.88 54.79
CA PRO R 313 -33.89 59.11 54.27
C PRO R 313 -33.85 58.89 52.75
N PHE R 314 -34.56 57.87 52.29
CA PHE R 314 -34.54 57.47 50.90
C PHE R 314 -35.66 58.14 50.12
N SER R 315 -35.35 58.51 48.88
CA SER R 315 -36.34 59.11 47.98
C SER R 315 -36.14 58.54 46.59
N PHE R 316 -37.25 58.25 45.91
CA PHE R 316 -37.17 57.66 44.58
C PHE R 316 -36.67 58.64 43.52
N SER R 317 -36.72 59.94 43.81
CA SER R 317 -36.34 60.95 42.83
C SER R 317 -34.88 61.38 42.95
N GLN R 318 -34.12 60.82 43.90
CA GLN R 318 -32.73 61.21 44.09
C GLN R 318 -31.88 59.97 44.28
N GLY R 319 -30.60 60.09 43.95
CA GLY R 319 -29.65 59.03 44.15
C GLY R 319 -29.33 58.25 42.90
N PRO R 320 -28.37 57.33 42.98
CA PRO R 320 -28.02 56.51 41.82
C PRO R 320 -29.15 55.61 41.34
N LEU R 321 -30.13 55.31 42.19
CA LEU R 321 -31.26 54.46 41.84
C LEU R 321 -32.48 55.27 41.42
N LYS R 322 -32.26 56.43 40.80
CA LYS R 322 -33.39 57.29 40.42
C LYS R 322 -34.31 56.61 39.43
N ASP R 323 -33.75 55.93 38.43
CA ASP R 323 -34.52 55.25 37.39
C ASP R 323 -33.93 53.85 37.19
N ALA R 324 -34.42 52.90 37.98
CA ALA R 324 -33.97 51.52 37.87
C ALA R 324 -35.18 50.58 37.93
N PRO R 325 -35.37 49.71 36.95
CA PRO R 325 -36.54 48.85 36.96
C PRO R 325 -36.43 47.74 38.00
N ASN R 326 -37.60 47.21 38.38
CA ASN R 326 -37.71 46.06 39.28
C ASN R 326 -37.03 46.33 40.63
N LEU R 327 -37.59 47.31 41.35
CA LEU R 327 -37.03 47.73 42.62
C LEU R 327 -38.15 47.84 43.66
N ILE R 328 -37.90 47.33 44.86
CA ILE R 328 -38.80 47.44 45.99
C ILE R 328 -38.03 48.01 47.17
N CYS R 329 -38.57 49.06 47.78
CA CYS R 329 -37.91 49.74 48.88
C CYS R 329 -38.89 50.01 50.02
N THR R 330 -38.36 49.94 51.24
CA THR R 330 -39.10 50.22 52.47
C THR R 330 -38.30 51.18 53.33
N PRO R 331 -38.98 52.00 54.16
CA PRO R 331 -38.30 53.06 54.92
C PRO R 331 -37.68 52.60 56.24
N HIS R 332 -36.86 51.54 56.18
CA HIS R 332 -36.09 51.06 57.32
C HIS R 332 -37.01 50.77 58.52
N ALA R 333 -37.98 49.90 58.29
CA ALA R 333 -38.98 49.56 59.30
C ALA R 333 -39.21 48.05 59.37
N ALA R 334 -38.13 47.28 59.28
CA ALA R 334 -38.21 45.82 59.35
C ALA R 334 -38.17 45.30 60.77
N TRP R 335 -38.14 46.20 61.77
CA TRP R 335 -38.05 45.81 63.17
C TRP R 335 -39.28 46.19 63.98
N TYR R 336 -40.14 47.06 63.47
CA TYR R 336 -41.19 47.64 64.29
C TYR R 336 -42.30 46.63 64.58
N SER R 337 -42.79 46.66 65.81
CA SER R 337 -43.96 45.90 66.23
C SER R 337 -44.48 46.53 67.51
N GLU R 338 -45.77 46.32 67.77
CA GLU R 338 -46.37 46.90 68.98
C GLU R 338 -45.73 46.33 70.24
N GLN R 339 -45.50 45.02 70.27
CA GLN R 339 -44.88 44.40 71.44
C GLN R 339 -43.38 44.63 71.47
N ALA R 340 -42.72 44.61 70.30
CA ALA R 340 -41.28 44.75 70.26
C ALA R 340 -40.83 46.14 70.69
N SER R 341 -41.59 47.17 70.32
CA SER R 341 -41.20 48.54 70.65
C SER R 341 -41.19 48.76 72.16
N ILE R 342 -42.20 48.25 72.87
CA ILE R 342 -42.26 48.44 74.32
C ILE R 342 -41.17 47.64 75.01
N GLU R 343 -40.88 46.43 74.52
CA GLU R 343 -39.92 45.56 75.20
C GLU R 343 -38.51 46.15 75.17
N MET R 344 -38.10 46.71 74.03
CA MET R 344 -36.73 47.20 73.92
C MET R 344 -36.53 48.51 74.68
N ARG R 345 -37.59 49.32 74.83
CA ARG R 345 -37.45 50.58 75.54
C ARG R 345 -37.35 50.37 77.05
N GLU R 346 -38.10 49.39 77.58
CA GLU R 346 -38.03 49.10 79.00
C GLU R 346 -36.69 48.49 79.40
N GLU R 347 -36.15 47.61 78.55
CA GLU R 347 -34.88 46.96 78.87
C GLU R 347 -33.74 47.96 78.92
N ALA R 348 -33.73 48.91 77.98
CA ALA R 348 -32.66 49.91 77.96
C ALA R 348 -32.71 50.81 79.19
N ALA R 349 -33.92 51.16 79.64
CA ALA R 349 -34.05 52.02 80.82
C ALA R 349 -33.52 51.32 82.07
N ARG R 350 -33.80 50.02 82.22
CA ARG R 350 -33.34 49.29 83.39
C ARG R 350 -31.84 49.07 83.38
N GLU R 351 -31.20 49.08 82.21
CA GLU R 351 -29.75 48.96 82.15
C GLU R 351 -29.07 50.19 82.73
N ILE R 352 -29.66 51.37 82.52
CA ILE R 352 -29.11 52.60 83.08
C ILE R 352 -29.19 52.57 84.60
N ARG R 353 -30.33 52.11 85.14
CA ARG R 353 -30.54 52.15 86.58
C ARG R 353 -29.55 51.25 87.31
N ARG R 354 -29.23 50.09 86.74
CA ARG R 354 -28.26 49.19 87.37
C ARG R 354 -26.87 49.83 87.41
N ALA R 355 -26.49 50.53 86.36
CA ALA R 355 -25.18 51.17 86.33
C ALA R 355 -25.05 52.26 87.38
N ILE R 356 -26.10 53.06 87.56
CA ILE R 356 -26.05 54.14 88.55
C ILE R 356 -25.98 53.58 89.96
N THR R 357 -26.78 52.56 90.26
CA THR R 357 -26.86 51.98 91.59
C THR R 357 -26.05 50.69 91.72
N GLY R 358 -24.93 50.60 91.01
CA GLY R 358 -24.08 49.43 91.05
C GLY R 358 -22.66 49.79 90.72
N ARG R 359 -21.95 48.87 90.09
CA ARG R 359 -20.57 49.08 89.68
C ARG R 359 -20.39 48.66 88.23
N ILE R 360 -19.50 49.35 87.54
CA ILE R 360 -19.25 49.16 86.11
C ILE R 360 -17.90 48.44 85.97
N PRO R 361 -17.81 47.39 85.14
CA PRO R 361 -18.91 46.78 84.38
C PRO R 361 -19.41 45.48 84.99
N ASP R 362 -19.30 45.34 86.30
CA ASP R 362 -19.70 44.08 86.95
C ASP R 362 -21.21 43.89 86.90
N SER R 363 -21.98 44.98 87.03
CA SER R 363 -23.43 44.88 87.08
C SER R 363 -24.08 44.89 85.71
N LEU R 364 -23.32 45.10 84.64
CA LEU R 364 -23.88 45.16 83.30
C LEU R 364 -24.02 43.76 82.72
N LYS R 365 -25.12 43.55 81.99
CA LYS R 365 -25.39 42.25 81.38
C LYS R 365 -24.91 42.15 79.94
N ASN R 366 -25.11 43.20 79.15
CA ASN R 366 -24.74 43.22 77.73
C ASN R 366 -23.75 44.35 77.51
N CYS R 367 -22.46 44.06 77.67
CA CYS R 367 -21.39 45.01 77.42
C CYS R 367 -20.57 44.53 76.23
N VAL R 368 -20.29 45.44 75.30
CA VAL R 368 -19.63 45.07 74.04
C VAL R 368 -18.19 45.56 73.95
N ASN R 369 -17.75 46.41 74.86
CA ASN R 369 -16.38 46.92 74.85
C ASN R 369 -15.67 46.58 76.17
N LYS R 370 -15.97 45.41 76.72
CA LYS R 370 -15.37 45.02 77.99
C LYS R 370 -13.87 44.83 77.85
N ASP R 371 -13.41 44.24 76.74
CA ASP R 371 -11.99 44.03 76.54
C ASP R 371 -11.23 45.35 76.43
N HIS R 372 -11.79 46.31 75.69
CA HIS R 372 -11.14 47.60 75.49
C HIS R 372 -11.25 48.51 76.71
N LEU R 373 -12.18 48.23 77.61
CA LEU R 373 -12.38 49.09 78.77
C LEU R 373 -11.20 48.99 79.72
N THR R 374 -10.78 50.13 80.25
CA THR R 374 -9.64 50.19 81.17
C THR R 374 -10.06 50.68 82.55
N ARG S 44 -86.30 -5.18 77.37
CA ARG S 44 -84.87 -4.92 77.49
C ARG S 44 -84.08 -5.90 76.64
N PRO S 45 -83.65 -5.46 75.46
CA PRO S 45 -82.88 -6.32 74.56
C PRO S 45 -81.57 -6.77 75.18
N LEU S 46 -80.91 -7.71 74.50
CA LEU S 46 -79.68 -8.32 74.98
C LEU S 46 -78.52 -7.95 74.06
N VAL S 47 -77.42 -7.52 74.65
CA VAL S 47 -76.19 -7.20 73.93
C VAL S 47 -75.07 -8.07 74.50
N ALA S 48 -74.33 -8.74 73.61
CA ALA S 48 -73.34 -9.72 74.01
C ALA S 48 -71.95 -9.32 73.52
N LEU S 49 -70.96 -9.51 74.37
CA LEU S 49 -69.55 -9.34 74.01
C LEU S 49 -68.99 -10.71 73.68
N LEU S 50 -68.66 -10.92 72.40
CA LEU S 50 -68.32 -12.26 71.93
C LEU S 50 -67.02 -12.77 72.55
N ASP S 51 -65.97 -11.96 72.53
CA ASP S 51 -64.65 -12.37 73.02
C ASP S 51 -64.17 -11.34 74.04
N GLY S 52 -64.50 -11.56 75.30
CA GLY S 52 -64.08 -10.65 76.35
C GLY S 52 -64.69 -11.07 77.67
N ARG S 53 -64.15 -10.48 78.75
CA ARG S 53 -64.64 -10.77 80.08
C ARG S 53 -64.87 -9.50 80.87
N ASP S 54 -64.17 -8.43 80.53
CA ASP S 54 -64.26 -7.16 81.23
C ASP S 54 -65.23 -6.23 80.53
N CYS S 55 -66.21 -5.72 81.27
CA CYS S 55 -67.22 -4.82 80.72
C CYS S 55 -67.48 -3.66 81.67
N THR S 56 -66.42 -3.16 82.30
CA THR S 56 -66.57 -2.09 83.29
C THR S 56 -66.85 -0.73 82.65
N VAL S 57 -66.52 -0.57 81.37
CA VAL S 57 -66.72 0.72 80.70
C VAL S 57 -68.04 0.76 79.97
N GLU S 58 -68.42 -0.32 79.30
CA GLU S 58 -69.66 -0.34 78.53
C GLU S 58 -70.89 -0.44 79.42
N MET S 59 -70.75 -1.03 80.62
CA MET S 59 -71.91 -1.25 81.47
C MET S 59 -72.62 0.04 81.89
N PRO S 60 -71.93 1.09 82.38
CA PRO S 60 -72.66 2.30 82.79
C PRO S 60 -73.39 3.00 81.65
N ILE S 61 -72.99 2.77 80.40
CA ILE S 61 -73.68 3.40 79.28
C ILE S 61 -74.92 2.61 78.88
N LEU S 62 -74.75 1.32 78.62
CA LEU S 62 -75.84 0.45 78.19
C LEU S 62 -76.50 -0.28 79.35
N LYS S 63 -76.93 0.46 80.37
CA LYS S 63 -77.60 -0.15 81.51
C LYS S 63 -79.09 0.16 81.59
N ASP S 64 -79.54 1.28 81.04
CA ASP S 64 -80.94 1.65 81.06
C ASP S 64 -81.61 1.48 79.70
N VAL S 65 -80.93 0.86 78.75
CA VAL S 65 -81.51 0.64 77.42
C VAL S 65 -81.37 -0.80 76.94
N ALA S 66 -80.53 -1.62 77.56
CA ALA S 66 -80.31 -2.99 77.09
C ALA S 66 -79.73 -3.81 78.24
N THR S 67 -79.51 -5.10 77.97
CA THR S 67 -78.92 -6.02 78.93
C THR S 67 -77.58 -6.50 78.39
N VAL S 68 -76.53 -6.37 79.20
CA VAL S 68 -75.16 -6.67 78.77
C VAL S 68 -74.77 -8.06 79.24
N ALA S 69 -74.04 -8.77 78.39
CA ALA S 69 -73.54 -10.10 78.71
C ALA S 69 -72.26 -10.34 77.94
N PHE S 70 -71.46 -11.31 78.42
CA PHE S 70 -70.21 -11.67 77.77
C PHE S 70 -70.12 -13.17 77.64
N CYS S 71 -69.32 -13.62 76.66
CA CYS S 71 -69.18 -15.03 76.35
C CYS S 71 -67.76 -15.55 76.43
N ASP S 72 -66.75 -14.69 76.33
CA ASP S 72 -65.34 -15.08 76.45
C ASP S 72 -65.02 -16.27 75.55
N ALA S 73 -65.51 -16.23 74.32
CA ALA S 73 -65.36 -17.32 73.38
C ALA S 73 -64.07 -17.15 72.57
N GLN S 74 -63.51 -18.29 72.16
CA GLN S 74 -62.34 -18.31 71.30
C GLN S 74 -62.62 -18.85 69.91
N SER S 75 -63.83 -19.35 69.67
CA SER S 75 -64.21 -19.87 68.37
C SER S 75 -65.72 -19.76 68.23
N THR S 76 -66.20 -19.90 66.99
CA THR S 76 -67.63 -19.79 66.73
C THR S 76 -68.42 -20.94 67.35
N GLN S 77 -67.75 -22.01 67.75
CA GLN S 77 -68.42 -23.17 68.36
C GLN S 77 -68.58 -23.03 69.87
N GLU S 78 -68.09 -21.95 70.46
CA GLU S 78 -68.17 -21.75 71.90
C GLU S 78 -69.17 -20.66 72.28
N ILE S 79 -70.11 -20.35 71.39
CA ILE S 79 -71.12 -19.33 71.66
C ILE S 79 -72.36 -20.00 72.24
N HIS S 80 -72.87 -19.44 73.34
CA HIS S 80 -74.00 -20.03 74.03
C HIS S 80 -75.24 -20.00 73.15
N GLU S 81 -76.12 -20.97 73.37
CA GLU S 81 -77.33 -21.09 72.55
C GLU S 81 -78.27 -19.91 72.75
N LYS S 82 -78.31 -19.34 73.95
CA LYS S 82 -79.17 -18.19 74.21
C LYS S 82 -78.76 -17.00 73.36
N VAL S 83 -77.45 -16.79 73.18
CA VAL S 83 -76.98 -15.68 72.36
C VAL S 83 -77.44 -15.84 70.92
N LEU S 84 -77.36 -17.05 70.37
CA LEU S 84 -77.71 -17.27 68.98
C LEU S 84 -79.18 -17.03 68.69
N ASN S 85 -80.03 -16.93 69.71
CA ASN S 85 -81.46 -16.76 69.51
C ASN S 85 -82.00 -15.42 69.97
N GLU S 86 -81.36 -14.76 70.93
CA GLU S 86 -81.90 -13.55 71.56
C GLU S 86 -80.83 -12.47 71.67
N ALA S 87 -80.11 -12.23 70.58
CA ALA S 87 -79.09 -11.18 70.54
C ALA S 87 -79.45 -10.16 69.47
N VAL S 88 -79.41 -8.89 69.84
CA VAL S 88 -79.66 -7.80 68.91
C VAL S 88 -78.38 -7.18 68.38
N GLY S 89 -77.39 -6.97 69.25
CA GLY S 89 -76.11 -6.44 68.84
C GLY S 89 -74.97 -7.23 69.47
N ALA S 90 -73.78 -7.02 68.92
CA ALA S 90 -72.61 -7.74 69.38
C ALA S 90 -71.37 -6.86 69.27
N LEU S 91 -70.40 -7.13 70.13
CA LEU S 91 -69.10 -6.46 70.12
C LEU S 91 -68.01 -7.52 70.05
N MET S 92 -66.99 -7.27 69.22
CA MET S 92 -65.96 -8.26 68.99
C MET S 92 -64.63 -7.59 68.72
N TYR S 93 -63.55 -8.26 69.16
CA TYR S 93 -62.20 -7.84 68.87
C TYR S 93 -61.70 -8.58 67.63
N HIS S 94 -60.38 -8.57 67.41
CA HIS S 94 -59.77 -9.18 66.24
C HIS S 94 -59.44 -10.65 66.43
N THR S 95 -59.76 -11.24 67.57
CA THR S 95 -59.35 -12.60 67.88
C THR S 95 -60.33 -13.67 67.38
N ILE S 96 -61.45 -13.28 66.79
CA ILE S 96 -62.46 -14.23 66.34
C ILE S 96 -62.87 -13.87 64.92
N THR S 97 -63.09 -14.88 64.09
CA THR S 97 -63.44 -14.72 62.69
C THR S 97 -64.84 -15.26 62.43
N LEU S 98 -65.65 -14.49 61.70
CA LEU S 98 -67.01 -14.88 61.36
C LEU S 98 -67.13 -15.04 59.85
N THR S 99 -67.71 -16.15 59.42
CA THR S 99 -67.96 -16.45 58.02
C THR S 99 -69.46 -16.41 57.74
N ARG S 100 -69.82 -16.71 56.50
CA ARG S 100 -71.24 -16.67 56.12
C ARG S 100 -72.03 -17.74 56.85
N GLU S 101 -71.46 -18.94 57.02
CA GLU S 101 -72.16 -19.99 57.74
C GLU S 101 -72.40 -19.61 59.19
N ASP S 102 -71.43 -18.94 59.81
CA ASP S 102 -71.60 -18.49 61.19
C ASP S 102 -72.69 -17.43 61.30
N LEU S 103 -72.78 -16.53 60.32
CA LEU S 103 -73.76 -15.46 60.38
C LEU S 103 -75.18 -16.01 60.25
N GLU S 104 -75.38 -17.07 59.47
CA GLU S 104 -76.71 -17.63 59.27
C GLU S 104 -77.27 -18.26 60.53
N LYS S 105 -76.42 -18.58 61.52
CA LYS S 105 -76.90 -19.19 62.75
C LYS S 105 -77.58 -18.19 63.67
N PHE S 106 -77.34 -16.89 63.49
CA PHE S 106 -78.02 -15.88 64.28
C PHE S 106 -79.43 -15.65 63.75
N LYS S 107 -80.37 -15.47 64.68
CA LYS S 107 -81.78 -15.31 64.32
C LYS S 107 -82.34 -13.93 64.60
N ALA S 108 -81.66 -13.10 65.38
CA ALA S 108 -82.16 -11.77 65.69
C ALA S 108 -81.08 -10.70 65.62
N LEU S 109 -79.88 -11.02 65.14
CA LEU S 109 -78.81 -10.03 65.07
C LEU S 109 -79.15 -8.94 64.06
N ARG S 110 -78.82 -7.70 64.40
CA ARG S 110 -79.15 -6.57 63.54
C ARG S 110 -77.95 -5.66 63.28
N ILE S 111 -76.99 -5.64 64.20
CA ILE S 111 -75.84 -4.74 64.07
C ILE S 111 -74.63 -5.40 64.72
N ILE S 112 -73.47 -5.20 64.10
CA ILE S 112 -72.19 -5.65 64.63
C ILE S 112 -71.25 -4.45 64.69
N VAL S 113 -70.63 -4.23 65.84
CA VAL S 113 -69.71 -3.12 66.03
C VAL S 113 -68.33 -3.70 66.34
N ARG S 114 -67.34 -3.30 65.55
CA ARG S 114 -65.97 -3.77 65.69
C ARG S 114 -65.15 -2.73 66.44
N ILE S 115 -64.57 -3.13 67.57
CA ILE S 115 -63.76 -2.22 68.38
C ILE S 115 -62.36 -2.13 67.78
N GLY S 116 -62.16 -1.20 66.87
CA GLY S 116 -60.90 -1.05 66.19
C GLY S 116 -61.13 -0.47 64.80
N SER S 117 -60.08 -0.54 63.98
CA SER S 117 -60.12 0.02 62.64
C SER S 117 -60.18 -1.02 61.53
N GLY S 118 -59.80 -2.26 61.80
CA GLY S 118 -59.79 -3.30 60.79
C GLY S 118 -61.04 -4.17 60.89
N PHE S 119 -61.57 -4.56 59.73
CA PHE S 119 -62.76 -5.39 59.66
C PHE S 119 -62.60 -6.51 58.63
N ASP S 120 -61.36 -6.96 58.41
CA ASP S 120 -61.10 -8.02 57.43
C ASP S 120 -61.50 -9.40 57.93
N ASN S 121 -61.84 -9.55 59.20
CA ASN S 121 -62.24 -10.83 59.76
C ASN S 121 -63.74 -11.04 59.73
N ILE S 122 -64.49 -10.14 59.10
CA ILE S 122 -65.94 -10.24 58.97
C ILE S 122 -66.29 -10.19 57.49
N ASP S 123 -67.14 -11.11 57.05
CA ASP S 123 -67.60 -11.13 55.66
C ASP S 123 -68.60 -9.99 55.46
N ILE S 124 -68.12 -8.89 54.89
CA ILE S 124 -68.92 -7.68 54.78
C ILE S 124 -70.08 -7.89 53.80
N LYS S 125 -69.79 -8.46 52.63
CA LYS S 125 -70.82 -8.61 51.60
C LYS S 125 -71.92 -9.55 52.05
N SER S 126 -71.57 -10.66 52.69
CA SER S 126 -72.59 -11.63 53.10
C SER S 126 -73.50 -11.04 54.17
N ALA S 127 -72.95 -10.27 55.10
CA ALA S 127 -73.78 -9.66 56.15
C ALA S 127 -74.78 -8.66 55.57
N GLY S 128 -74.43 -8.00 54.47
CA GLY S 128 -75.35 -7.06 53.87
C GLY S 128 -76.60 -7.73 53.33
N ASP S 129 -76.44 -8.89 52.70
CA ASP S 129 -77.59 -9.61 52.15
C ASP S 129 -78.54 -10.04 53.26
N LEU S 130 -78.00 -10.52 54.38
CA LEU S 130 -78.85 -10.96 55.49
C LEU S 130 -79.49 -9.80 56.24
N GLY S 131 -79.04 -8.56 56.01
CA GLY S 131 -79.63 -7.42 56.66
C GLY S 131 -78.97 -7.07 57.98
N ILE S 132 -77.65 -7.11 58.02
CA ILE S 132 -76.87 -6.82 59.22
C ILE S 132 -75.90 -5.68 58.90
N ALA S 133 -75.85 -4.68 59.78
CA ALA S 133 -74.98 -3.54 59.60
C ALA S 133 -73.69 -3.73 60.39
N VAL S 134 -72.57 -3.27 59.82
CA VAL S 134 -71.25 -3.41 60.41
C VAL S 134 -70.66 -2.03 60.61
N CYS S 135 -70.15 -1.77 61.81
CA CYS S 135 -69.56 -0.48 62.17
C CYS S 135 -68.18 -0.70 62.78
N ASN S 136 -67.41 0.38 62.88
CA ASN S 136 -66.08 0.32 63.47
C ASN S 136 -65.71 1.69 64.00
N VAL S 137 -64.56 1.76 64.65
CA VAL S 137 -64.01 3.00 65.17
C VAL S 137 -62.84 3.39 64.25
N PRO S 138 -63.00 4.41 63.40
CA PRO S 138 -62.01 4.65 62.34
C PRO S 138 -60.65 5.10 62.85
N ALA S 139 -60.62 6.10 63.73
CA ALA S 139 -59.35 6.73 64.13
C ALA S 139 -59.39 7.00 65.63
N ALA S 140 -58.75 6.12 66.40
CA ALA S 140 -58.58 6.35 67.82
C ALA S 140 -57.14 6.09 68.25
N SER S 141 -56.38 5.39 67.41
CA SER S 141 -54.98 5.06 67.70
C SER S 141 -54.11 5.34 66.48
N VAL S 142 -54.37 6.45 65.80
CA VAL S 142 -53.55 6.81 64.64
C VAL S 142 -52.14 7.17 65.09
N GLU S 143 -52.03 8.01 66.12
CA GLU S 143 -50.71 8.48 66.54
C GLU S 143 -49.95 7.43 67.32
N GLU S 144 -50.64 6.57 68.06
CA GLU S 144 -49.96 5.49 68.78
C GLU S 144 -49.28 4.52 67.80
N THR S 145 -49.96 4.17 66.72
CA THR S 145 -49.37 3.24 65.75
C THR S 145 -48.22 3.90 64.98
N ALA S 146 -48.34 5.19 64.70
CA ALA S 146 -47.26 5.89 63.98
C ALA S 146 -45.99 5.97 64.81
N ASP S 147 -46.13 6.21 66.12
CA ASP S 147 -44.96 6.26 66.99
C ASP S 147 -44.29 4.89 67.10
N SER S 148 -45.09 3.83 67.17
CA SER S 148 -44.52 2.49 67.25
C SER S 148 -43.78 2.09 65.98
N THR S 149 -44.26 2.55 64.82
CA THR S 149 -43.56 2.28 63.58
C THR S 149 -42.19 2.94 63.55
N LEU S 150 -42.09 4.19 64.02
CA LEU S 150 -40.82 4.88 64.06
C LEU S 150 -39.85 4.23 65.04
N CYS S 151 -40.37 3.67 66.14
CA CYS S 151 -39.50 3.01 67.10
C CYS S 151 -38.82 1.78 66.49
N HIS S 152 -39.56 1.01 65.69
CA HIS S 152 -38.98 -0.17 65.06
C HIS S 152 -37.93 0.21 64.02
N ILE S 153 -38.16 1.31 63.28
CA ILE S 153 -37.21 1.73 62.27
C ILE S 153 -35.88 2.12 62.90
N LEU S 154 -35.92 2.85 64.02
CA LEU S 154 -34.69 3.29 64.67
C LEU S 154 -33.93 2.11 65.28
N ASN S 155 -34.63 1.08 65.75
CA ASN S 155 -33.95 -0.07 66.32
C ASN S 155 -33.14 -0.83 65.28
N LEU S 156 -33.57 -0.83 64.02
CA LEU S 156 -32.83 -1.52 62.99
C LEU S 156 -31.56 -0.77 62.60
N TYR S 157 -31.63 0.55 62.50
CA TYR S 157 -30.46 1.33 62.15
C TYR S 157 -29.51 1.49 63.34
N ARG S 158 -29.99 2.10 64.41
CA ARG S 158 -29.22 2.24 65.64
C ARG S 158 -29.58 1.06 66.53
N ARG S 159 -28.79 -0.02 66.41
CA ARG S 159 -29.09 -1.27 67.12
C ARG S 159 -29.12 -1.04 68.63
N ALA S 160 -30.31 -1.12 69.22
CA ALA S 160 -30.48 -0.88 70.65
C ALA S 160 -31.09 -2.06 71.40
N THR S 161 -32.08 -2.73 70.81
CA THR S 161 -32.63 -3.92 71.44
C THR S 161 -31.61 -5.05 71.48
N TRP S 162 -30.85 -5.22 70.40
CA TRP S 162 -29.87 -6.29 70.33
C TRP S 162 -28.71 -6.04 71.28
N LEU S 163 -28.29 -4.78 71.44
CA LEU S 163 -27.22 -4.47 72.38
C LEU S 163 -27.65 -4.70 73.83
N HIS S 164 -28.89 -4.33 74.16
CA HIS S 164 -29.39 -4.58 75.51
C HIS S 164 -29.53 -6.07 75.78
N GLN S 165 -29.95 -6.83 74.77
CA GLN S 165 -30.09 -8.27 74.94
C GLN S 165 -28.74 -8.94 75.19
N ALA S 166 -27.69 -8.45 74.53
CA ALA S 166 -26.37 -9.05 74.66
C ALA S 166 -25.83 -8.90 76.08
N LEU S 167 -26.08 -7.74 76.71
CA LEU S 167 -25.57 -7.51 78.06
C LEU S 167 -26.20 -8.47 79.07
N ARG S 168 -27.50 -8.75 78.93
CA ARG S 168 -28.16 -9.66 79.86
C ARG S 168 -27.65 -11.08 79.72
N GLU S 169 -27.16 -11.46 78.55
CA GLU S 169 -26.60 -12.80 78.36
C GLU S 169 -25.23 -12.96 78.99
N GLY S 170 -24.62 -11.87 79.47
CA GLY S 170 -23.32 -11.94 80.11
C GLY S 170 -22.14 -11.47 79.29
N THR S 171 -22.39 -10.91 78.11
CA THR S 171 -21.30 -10.42 77.27
C THR S 171 -20.61 -9.23 77.93
N ARG S 172 -19.28 -9.22 77.88
CA ARG S 172 -18.49 -8.15 78.47
C ARG S 172 -17.63 -7.50 77.38
N VAL S 173 -17.73 -6.18 77.27
CA VAL S 173 -16.97 -5.42 76.28
C VAL S 173 -16.21 -4.31 77.00
N GLN S 174 -14.91 -4.25 76.80
CA GLN S 174 -14.05 -3.27 77.47
C GLN S 174 -13.30 -2.37 76.50
N SER S 175 -12.64 -2.94 75.50
CA SER S 175 -11.84 -2.16 74.58
C SER S 175 -12.70 -1.58 73.46
N VAL S 176 -12.13 -0.64 72.72
CA VAL S 176 -12.84 -0.02 71.62
C VAL S 176 -13.05 -1.02 70.48
N GLU S 177 -12.07 -1.89 70.25
CA GLU S 177 -12.20 -2.89 69.20
C GLU S 177 -13.39 -3.82 69.46
N GLN S 178 -13.62 -4.15 70.73
CA GLN S 178 -14.78 -4.98 71.06
C GLN S 178 -16.08 -4.24 70.79
N ILE S 179 -16.10 -2.92 71.03
CA ILE S 179 -17.30 -2.14 70.78
C ILE S 179 -17.66 -2.13 69.30
N ARG S 180 -16.65 -1.97 68.43
CA ARG S 180 -16.91 -1.96 67.00
C ARG S 180 -17.43 -3.30 66.48
N GLU S 181 -17.17 -4.40 67.21
CA GLU S 181 -17.57 -5.72 66.75
C GLU S 181 -18.99 -6.09 67.20
N VAL S 182 -19.33 -5.80 68.46
CA VAL S 182 -20.65 -6.15 68.96
C VAL S 182 -21.73 -5.31 68.27
N ALA S 183 -21.42 -4.04 67.99
CA ALA S 183 -22.36 -3.13 67.35
C ALA S 183 -22.09 -2.97 65.86
N SER S 184 -21.56 -4.00 65.22
CA SER S 184 -21.25 -3.92 63.79
C SER S 184 -22.54 -4.00 62.98
N GLY S 185 -22.71 -3.07 62.05
CA GLY S 185 -23.88 -3.01 61.20
C GLY S 185 -24.66 -1.72 61.26
N ALA S 186 -24.39 -0.85 62.24
CA ALA S 186 -25.09 0.42 62.33
C ALA S 186 -24.76 1.31 61.14
N ALA S 187 -25.74 2.10 60.72
CA ALA S 187 -25.62 2.92 59.52
C ALA S 187 -26.06 4.35 59.82
N ARG S 188 -25.87 5.22 58.84
CA ARG S 188 -26.23 6.62 58.94
C ARG S 188 -27.57 6.86 58.26
N ILE S 189 -28.50 7.47 58.99
CA ILE S 189 -29.88 7.60 58.51
C ILE S 189 -29.97 8.60 57.36
N ARG S 190 -29.28 9.73 57.47
CA ARG S 190 -29.43 10.78 56.47
C ARG S 190 -28.95 10.31 55.11
N GLY S 191 -29.75 10.57 54.08
CA GLY S 191 -29.45 10.18 52.73
C GLY S 191 -30.12 8.91 52.26
N GLU S 192 -30.78 8.18 53.16
CA GLU S 192 -31.43 6.93 52.79
C GLU S 192 -32.81 7.20 52.19
N THR S 193 -33.38 6.16 51.59
CA THR S 193 -34.68 6.24 50.95
C THR S 193 -35.66 5.34 51.69
N LEU S 194 -36.86 5.87 51.96
CA LEU S 194 -37.90 5.14 52.67
C LEU S 194 -39.09 4.94 51.74
N GLY S 195 -39.55 3.69 51.63
CA GLY S 195 -40.67 3.34 50.79
C GLY S 195 -41.88 2.95 51.62
N ILE S 196 -43.03 3.51 51.26
CA ILE S 196 -44.28 3.32 51.98
C ILE S 196 -45.32 2.76 51.01
N ILE S 197 -46.01 1.70 51.44
CA ILE S 197 -47.06 1.07 50.64
C ILE S 197 -48.39 1.37 51.31
N GLY S 198 -49.16 2.28 50.72
CA GLY S 198 -50.44 2.67 51.27
C GLY S 198 -50.36 3.95 52.07
N LEU S 199 -50.87 5.05 51.51
CA LEU S 199 -50.83 6.35 52.17
C LEU S 199 -52.21 6.67 52.73
N GLY S 200 -52.49 6.12 53.90
CA GLY S 200 -53.73 6.34 54.62
C GLY S 200 -53.56 7.28 55.79
N ARG S 201 -54.35 7.07 56.83
CA ARG S 201 -54.21 7.87 58.04
C ARG S 201 -52.86 7.63 58.70
N VAL S 202 -52.49 6.36 58.89
CA VAL S 202 -51.19 6.04 59.50
C VAL S 202 -50.05 6.36 58.55
N GLY S 203 -50.25 6.10 57.26
CA GLY S 203 -49.17 6.35 56.30
C GLY S 203 -48.76 7.80 56.23
N GLN S 204 -49.72 8.71 56.29
CA GLN S 204 -49.40 10.14 56.26
C GLN S 204 -48.67 10.57 57.53
N ALA S 205 -49.06 10.02 58.68
CA ALA S 205 -48.40 10.39 59.93
C ALA S 205 -46.94 9.96 59.94
N VAL S 206 -46.65 8.78 59.40
CA VAL S 206 -45.27 8.30 59.37
C VAL S 206 -44.41 9.16 58.45
N ALA S 207 -44.97 9.60 57.32
CA ALA S 207 -44.20 10.36 56.35
C ALA S 207 -43.73 11.69 56.93
N LEU S 208 -44.59 12.37 57.69
CA LEU S 208 -44.21 13.65 58.26
C LEU S 208 -43.08 13.51 59.28
N ARG S 209 -43.13 12.47 60.11
CA ARG S 209 -42.10 12.29 61.13
C ARG S 209 -40.78 11.83 60.52
N ALA S 210 -40.84 11.11 59.40
CA ALA S 210 -39.61 10.58 58.81
C ALA S 210 -38.77 11.66 58.14
N LYS S 211 -39.38 12.78 57.75
CA LYS S 211 -38.63 13.83 57.07
C LYS S 211 -37.73 14.62 58.02
N ALA S 212 -38.03 14.60 59.32
CA ALA S 212 -37.19 15.32 60.28
C ALA S 212 -35.85 14.65 60.49
N PHE S 213 -35.72 13.37 60.17
CA PHE S 213 -34.47 12.63 60.33
C PHE S 213 -33.60 12.64 59.09
N GLY S 214 -34.08 13.21 57.99
CA GLY S 214 -33.31 13.25 56.76
C GLY S 214 -33.65 12.18 55.74
N PHE S 215 -34.74 11.44 55.92
CA PHE S 215 -35.12 10.41 54.98
C PHE S 215 -35.62 11.02 53.67
N ASN S 216 -35.57 10.21 52.61
CA ASN S 216 -36.19 10.53 51.33
C ASN S 216 -37.37 9.57 51.15
N VAL S 217 -38.56 10.13 50.96
CA VAL S 217 -39.81 9.38 51.09
C VAL S 217 -40.43 9.19 49.72
N LEU S 218 -40.78 7.94 49.41
CA LEU S 218 -41.60 7.58 48.26
C LEU S 218 -42.81 6.79 48.74
N PHE S 219 -43.85 6.76 47.92
CA PHE S 219 -45.04 6.00 48.28
C PHE S 219 -45.71 5.46 47.03
N TYR S 220 -46.52 4.42 47.22
CA TYR S 220 -47.26 3.77 46.14
C TYR S 220 -48.69 3.53 46.62
N ASP S 221 -49.65 4.07 45.89
CA ASP S 221 -51.06 3.89 46.22
C ASP S 221 -51.90 4.05 44.95
N PRO S 222 -52.55 2.98 44.48
CA PRO S 222 -53.30 3.06 43.22
C PRO S 222 -54.75 3.53 43.36
N TYR S 223 -55.24 3.77 44.56
CA TYR S 223 -56.64 4.16 44.78
C TYR S 223 -56.79 5.63 45.15
N LEU S 224 -55.73 6.42 45.07
CA LEU S 224 -55.78 7.83 45.43
C LEU S 224 -55.96 8.69 44.18
N SER S 225 -56.36 9.94 44.41
CA SER S 225 -56.58 10.88 43.33
C SER S 225 -55.25 11.53 42.94
N ASP S 226 -55.31 12.56 42.11
CA ASP S 226 -54.11 13.23 41.60
C ASP S 226 -53.81 14.47 42.42
N GLY S 227 -52.53 14.69 42.70
CA GLY S 227 -52.09 15.88 43.41
C GLY S 227 -52.02 15.75 44.92
N VAL S 228 -52.23 14.56 45.47
CA VAL S 228 -52.11 14.39 46.92
C VAL S 228 -50.66 14.57 47.35
N GLU S 229 -49.72 14.12 46.53
CA GLU S 229 -48.31 14.30 46.86
C GLU S 229 -47.85 15.74 46.74
N ARG S 230 -48.53 16.56 45.93
CA ARG S 230 -48.15 17.97 45.81
C ARG S 230 -48.36 18.70 47.13
N ALA S 231 -49.46 18.41 47.82
CA ALA S 231 -49.74 19.10 49.08
C ALA S 231 -48.71 18.77 50.15
N LEU S 232 -48.30 17.51 50.25
CA LEU S 232 -47.35 17.09 51.27
C LEU S 232 -45.90 17.14 50.80
N GLY S 233 -45.65 17.45 49.54
CA GLY S 233 -44.29 17.52 49.04
C GLY S 233 -43.55 16.20 49.01
N LEU S 234 -44.21 15.14 48.58
CA LEU S 234 -43.62 13.81 48.49
C LEU S 234 -43.44 13.42 47.03
N GLN S 235 -42.97 12.20 46.81
CA GLN S 235 -42.75 11.66 45.48
C GLN S 235 -43.55 10.37 45.32
N ARG S 236 -44.16 10.19 44.15
CA ARG S 236 -45.09 9.11 43.89
C ARG S 236 -44.62 8.26 42.72
N VAL S 237 -44.74 6.95 42.86
CA VAL S 237 -44.45 6.02 41.79
C VAL S 237 -45.75 5.35 41.34
N SER S 238 -45.70 4.64 40.22
CA SER S 238 -46.89 4.08 39.61
C SER S 238 -46.98 2.56 39.68
N THR S 239 -45.87 1.86 39.94
CA THR S 239 -45.86 0.41 39.99
C THR S 239 -45.16 -0.05 41.26
N LEU S 240 -45.57 -1.23 41.73
CA LEU S 240 -44.95 -1.81 42.92
C LEU S 240 -43.50 -2.19 42.67
N GLN S 241 -43.20 -2.69 41.46
CA GLN S 241 -41.83 -3.09 41.15
C GLN S 241 -40.87 -1.91 41.21
N ASP S 242 -41.30 -0.74 40.74
CA ASP S 242 -40.44 0.44 40.76
C ASP S 242 -40.13 0.87 42.18
N LEU S 243 -41.09 0.72 43.10
CA LEU S 243 -40.84 1.09 44.49
C LEU S 243 -39.78 0.21 45.13
N LEU S 244 -39.82 -1.09 44.85
CA LEU S 244 -38.86 -2.01 45.47
C LEU S 244 -37.45 -1.83 44.94
N PHE S 245 -37.31 -1.35 43.70
CA PHE S 245 -35.98 -1.20 43.12
C PHE S 245 -35.19 -0.08 43.76
N HIS S 246 -35.86 0.98 44.24
CA HIS S 246 -35.19 2.18 44.70
C HIS S 246 -35.45 2.47 46.17
N SER S 247 -35.63 1.42 46.98
CA SER S 247 -35.93 1.58 48.40
C SER S 247 -34.90 0.85 49.25
N ASP S 248 -34.53 1.47 50.37
CA ASP S 248 -33.65 0.85 51.35
C ASP S 248 -34.38 0.37 52.59
N CYS S 249 -35.65 0.74 52.75
CA CYS S 249 -36.47 0.29 53.88
C CYS S 249 -37.92 0.33 53.44
N VAL S 250 -38.64 -0.77 53.64
CA VAL S 250 -40.01 -0.93 53.16
C VAL S 250 -40.92 -1.11 54.36
N THR S 251 -42.00 -0.32 54.41
CA THR S 251 -43.02 -0.41 55.45
C THR S 251 -44.38 -0.62 54.81
N LEU S 252 -45.19 -1.47 55.44
CA LEU S 252 -46.51 -1.82 54.94
C LEU S 252 -47.58 -1.12 55.77
N HIS S 253 -48.47 -0.38 55.08
CA HIS S 253 -49.56 0.30 55.76
C HIS S 253 -50.88 0.18 55.02
N CYS S 254 -51.06 -0.84 54.19
CA CYS S 254 -52.26 -1.00 53.41
C CYS S 254 -53.27 -1.88 54.14
N GLY S 255 -54.43 -2.08 53.51
CA GLY S 255 -55.46 -2.94 54.05
C GLY S 255 -55.44 -4.31 53.40
N LEU S 256 -56.07 -5.27 54.07
CA LEU S 256 -56.08 -6.66 53.63
C LEU S 256 -57.40 -6.94 52.92
N ASN S 257 -57.44 -6.62 51.62
CA ASN S 257 -58.57 -6.98 50.78
C ASN S 257 -58.26 -8.31 50.09
N GLU S 258 -59.06 -8.68 49.11
CA GLU S 258 -58.91 -9.97 48.44
C GLU S 258 -57.97 -9.92 47.23
N HIS S 259 -57.41 -8.76 46.92
CA HIS S 259 -56.51 -8.61 45.78
C HIS S 259 -55.05 -8.45 46.18
N ASN S 260 -54.73 -8.55 47.48
CA ASN S 260 -53.36 -8.34 47.92
C ASN S 260 -52.95 -9.36 48.97
N HIS S 261 -53.52 -10.56 48.93
CA HIS S 261 -53.09 -11.62 49.84
C HIS S 261 -51.70 -12.12 49.44
N HIS S 262 -50.82 -12.24 50.43
CA HIS S 262 -49.41 -12.59 50.20
C HIS S 262 -48.78 -11.65 49.18
N LEU S 263 -48.84 -10.34 49.50
CA LEU S 263 -48.26 -9.33 48.62
C LEU S 263 -46.76 -9.51 48.50
N ILE S 264 -46.08 -9.76 49.62
CA ILE S 264 -44.64 -10.02 49.61
C ILE S 264 -44.48 -11.54 49.51
N ASN S 265 -44.50 -12.04 48.29
CA ASN S 265 -44.38 -13.46 48.04
C ASN S 265 -42.94 -13.80 47.65
N ASP S 266 -42.72 -15.04 47.19
CA ASP S 266 -41.38 -15.49 46.84
C ASP S 266 -40.85 -14.71 45.64
N PHE S 267 -41.69 -14.47 44.63
CA PHE S 267 -41.22 -13.79 43.43
C PHE S 267 -40.85 -12.35 43.70
N THR S 268 -41.65 -11.63 44.49
CA THR S 268 -41.41 -10.22 44.73
C THR S 268 -40.24 -9.98 45.69
N VAL S 269 -39.97 -10.93 46.58
CA VAL S 269 -38.91 -10.72 47.56
C VAL S 269 -37.52 -10.72 46.92
N LYS S 270 -37.41 -11.23 45.69
CA LYS S 270 -36.15 -11.22 44.96
C LYS S 270 -35.92 -9.94 44.18
N GLN S 271 -36.90 -9.04 44.15
CA GLN S 271 -36.75 -7.77 43.46
C GLN S 271 -36.26 -6.65 44.36
N MET S 272 -36.10 -6.90 45.65
CA MET S 272 -35.61 -5.89 46.57
C MET S 272 -34.10 -5.76 46.46
N ARG S 273 -33.57 -4.68 47.05
CA ARG S 273 -32.15 -4.41 47.00
C ARG S 273 -31.38 -5.40 47.86
N GLN S 274 -30.05 -5.36 47.72
CA GLN S 274 -29.16 -6.21 48.49
C GLN S 274 -28.94 -5.58 49.86
N GLY S 275 -29.50 -6.19 50.90
CA GLY S 275 -29.33 -5.69 52.25
C GLY S 275 -30.32 -4.62 52.63
N ALA S 276 -31.61 -4.91 52.50
CA ALA S 276 -32.68 -3.98 52.84
C ALA S 276 -33.37 -4.43 54.11
N PHE S 277 -34.19 -3.54 54.65
CA PHE S 277 -34.98 -3.82 55.85
C PHE S 277 -36.45 -4.00 55.48
N LEU S 278 -37.23 -4.45 56.45
CA LEU S 278 -38.66 -4.68 56.25
C LEU S 278 -39.38 -4.53 57.58
N VAL S 279 -40.41 -3.69 57.60
CA VAL S 279 -41.24 -3.46 58.78
C VAL S 279 -42.69 -3.73 58.40
N ASN S 280 -43.38 -4.51 59.23
CA ASN S 280 -44.78 -4.86 59.01
C ASN S 280 -45.55 -4.65 60.30
N THR S 281 -46.54 -3.75 60.26
CA THR S 281 -47.40 -3.50 61.41
C THR S 281 -48.88 -3.43 61.02
N ALA S 282 -49.25 -3.80 59.80
CA ALA S 282 -50.63 -3.69 59.36
C ALA S 282 -51.40 -4.99 59.57
N ARG S 283 -51.02 -6.05 58.86
CA ARG S 283 -51.69 -7.33 58.95
C ARG S 283 -50.69 -8.45 58.67
N GLY S 284 -51.03 -9.65 59.14
CA GLY S 284 -50.14 -10.78 59.01
C GLY S 284 -50.22 -11.51 57.69
N GLY S 285 -51.34 -11.34 56.98
CA GLY S 285 -51.55 -12.04 55.73
C GLY S 285 -50.89 -11.41 54.52
N LEU S 286 -50.21 -10.28 54.69
CA LEU S 286 -49.55 -9.60 53.58
C LEU S 286 -48.14 -10.12 53.30
N VAL S 287 -47.58 -10.94 54.18
CA VAL S 287 -46.20 -11.41 54.06
C VAL S 287 -46.19 -12.93 54.14
N ASP S 288 -45.47 -13.56 53.21
CA ASP S 288 -45.26 -15.00 53.22
C ASP S 288 -44.04 -15.30 54.10
N GLU S 289 -44.29 -15.85 55.29
CA GLU S 289 -43.21 -16.05 56.26
C GLU S 289 -42.23 -17.13 55.80
N LYS S 290 -42.70 -18.09 55.00
CA LYS S 290 -41.81 -19.15 54.53
C LYS S 290 -40.71 -18.59 53.63
N ALA S 291 -41.06 -17.65 52.74
CA ALA S 291 -40.06 -17.05 51.87
C ALA S 291 -39.19 -16.05 52.60
N LEU S 292 -39.73 -15.37 53.62
CA LEU S 292 -38.95 -14.41 54.38
C LEU S 292 -37.82 -15.07 55.15
N ALA S 293 -38.06 -16.27 55.69
CA ALA S 293 -37.05 -16.95 56.49
C ALA S 293 -35.82 -17.28 55.65
N GLN S 294 -36.02 -17.72 54.41
CA GLN S 294 -34.89 -18.07 53.57
C GLN S 294 -34.05 -16.84 53.23
N ALA S 295 -34.71 -15.69 53.03
CA ALA S 295 -33.98 -14.47 52.69
C ALA S 295 -33.08 -14.03 53.85
N LEU S 296 -33.56 -14.15 55.09
CA LEU S 296 -32.75 -13.75 56.23
C LEU S 296 -31.50 -14.62 56.37
N LYS S 297 -31.65 -15.93 56.14
CA LYS S 297 -30.51 -16.84 56.30
C LYS S 297 -29.44 -16.58 55.26
N GLU S 298 -29.84 -16.40 53.99
CA GLU S 298 -28.86 -16.18 52.93
C GLU S 298 -28.21 -14.81 53.00
N GLY S 299 -28.85 -13.85 53.67
CA GLY S 299 -28.28 -12.53 53.82
C GLY S 299 -28.79 -11.47 52.87
N ARG S 300 -29.80 -11.78 52.05
CA ARG S 300 -30.34 -10.78 51.14
C ARG S 300 -31.12 -9.70 51.87
N ILE S 301 -31.60 -9.98 53.08
CA ILE S 301 -32.31 -9.00 53.90
C ILE S 301 -31.55 -8.86 55.21
N ARG S 302 -31.17 -7.63 55.55
CA ARG S 302 -30.34 -7.42 56.73
C ARG S 302 -31.12 -7.65 58.02
N GLY S 303 -32.39 -7.26 58.05
CA GLY S 303 -33.18 -7.44 59.25
C GLY S 303 -34.65 -7.22 58.96
N ALA S 304 -35.48 -7.56 59.96
CA ALA S 304 -36.91 -7.43 59.83
C ALA S 304 -37.54 -7.27 61.21
N ALA S 305 -38.48 -6.34 61.32
CA ALA S 305 -39.24 -6.12 62.55
C ALA S 305 -40.70 -6.37 62.26
N LEU S 306 -41.32 -7.27 63.03
CA LEU S 306 -42.69 -7.69 62.80
C LEU S 306 -43.52 -7.49 64.05
N ASP S 307 -44.75 -7.00 63.86
CA ASP S 307 -45.70 -6.85 64.95
C ASP S 307 -46.93 -7.73 64.78
N VAL S 308 -47.22 -8.21 63.57
CA VAL S 308 -48.35 -9.07 63.29
C VAL S 308 -47.87 -10.26 62.48
N HIS S 309 -48.42 -11.43 62.76
CA HIS S 309 -47.99 -12.68 62.14
C HIS S 309 -49.20 -13.44 61.60
N GLU S 310 -48.91 -14.39 60.71
CA GLU S 310 -49.98 -15.19 60.10
C GLU S 310 -50.71 -16.02 61.15
N SER S 311 -49.98 -16.66 62.04
CA SER S 311 -50.55 -17.49 63.09
C SER S 311 -50.27 -16.84 64.44
N GLU S 312 -51.32 -16.64 65.23
CA GLU S 312 -51.21 -16.03 66.54
C GLU S 312 -51.87 -16.92 67.58
N PRO S 313 -51.34 -16.94 68.82
CA PRO S 313 -50.20 -16.18 69.32
C PRO S 313 -48.84 -16.66 68.80
N PHE S 314 -47.85 -15.78 68.84
CA PHE S 314 -46.54 -16.06 68.27
C PHE S 314 -45.61 -16.64 69.33
N SER S 315 -44.78 -17.60 68.91
CA SER S 315 -43.77 -18.21 69.77
C SER S 315 -42.49 -18.39 68.98
N PHE S 316 -41.36 -18.11 69.63
CA PHE S 316 -40.06 -18.22 68.96
C PHE S 316 -39.66 -19.66 68.69
N SER S 317 -40.27 -20.62 69.36
CA SER S 317 -39.90 -22.03 69.23
C SER S 317 -40.73 -22.77 68.20
N GLN S 318 -41.69 -22.11 67.54
CA GLN S 318 -42.56 -22.77 66.58
C GLN S 318 -42.71 -21.88 65.35
N GLY S 319 -42.99 -22.52 64.21
CA GLY S 319 -43.24 -21.80 62.98
C GLY S 319 -42.06 -21.80 62.04
N PRO S 320 -42.26 -21.26 60.83
CA PRO S 320 -41.16 -21.19 59.87
C PRO S 320 -40.01 -20.30 60.32
N LEU S 321 -40.25 -19.37 61.25
CA LEU S 321 -39.22 -18.47 61.76
C LEU S 321 -38.60 -18.98 63.06
N LYS S 322 -38.49 -20.30 63.21
CA LYS S 322 -37.97 -20.86 64.46
C LYS S 322 -36.52 -20.44 64.69
N ASP S 323 -35.69 -20.47 63.64
CA ASP S 323 -34.28 -20.11 63.74
C ASP S 323 -33.93 -19.20 62.56
N ALA S 324 -34.11 -17.90 62.76
CA ALA S 324 -33.79 -16.91 61.75
C ALA S 324 -33.09 -15.73 62.40
N PRO S 325 -31.89 -15.36 61.92
CA PRO S 325 -31.15 -14.28 62.55
C PRO S 325 -31.76 -12.92 62.24
N ASN S 326 -31.45 -11.95 63.11
CA ASN S 326 -31.83 -10.55 62.93
C ASN S 326 -33.35 -10.39 62.83
N LEU S 327 -34.03 -10.74 63.92
CA LEU S 327 -35.48 -10.70 63.98
C LEU S 327 -35.95 -10.02 65.25
N ILE S 328 -36.93 -9.12 65.12
CA ILE S 328 -37.56 -8.45 66.25
C ILE S 328 -39.06 -8.65 66.16
N CYS S 329 -39.68 -9.10 67.24
CA CYS S 329 -41.10 -9.39 67.25
C CYS S 329 -41.75 -8.82 68.50
N THR S 330 -43.00 -8.40 68.35
CA THR S 330 -43.82 -7.87 69.43
C THR S 330 -45.19 -8.55 69.39
N PRO S 331 -45.87 -8.68 70.55
CA PRO S 331 -47.12 -9.44 70.64
C PRO S 331 -48.37 -8.66 70.24
N HIS S 332 -48.34 -8.03 69.06
CA HIS S 332 -49.50 -7.35 68.49
C HIS S 332 -50.06 -6.31 69.46
N ALA S 333 -49.20 -5.38 69.86
CA ALA S 333 -49.55 -4.35 70.84
C ALA S 333 -49.07 -2.98 70.38
N ALA S 334 -49.21 -2.68 69.09
CA ALA S 334 -48.80 -1.39 68.54
C ALA S 334 -49.88 -0.34 68.66
N TRP S 335 -51.01 -0.67 69.28
CA TRP S 335 -52.14 0.25 69.41
C TRP S 335 -52.44 0.65 70.85
N TYR S 336 -51.91 -0.06 71.83
CA TYR S 336 -52.35 0.13 73.20
C TYR S 336 -51.84 1.44 73.79
N SER S 337 -52.70 2.10 74.54
CA SER S 337 -52.35 3.28 75.33
C SER S 337 -53.42 3.46 76.39
N GLU S 338 -53.05 4.13 77.47
CA GLU S 338 -54.00 4.35 78.55
C GLU S 338 -55.18 5.20 78.09
N GLN S 339 -54.92 6.26 77.33
CA GLN S 339 -55.99 7.11 76.83
C GLN S 339 -56.72 6.48 75.65
N ALA S 340 -55.98 5.79 74.77
CA ALA S 340 -56.58 5.22 73.58
C ALA S 340 -57.55 4.10 73.92
N SER S 341 -57.22 3.28 74.92
CA SER S 341 -58.08 2.16 75.28
C SER S 341 -59.45 2.63 75.76
N ILE S 342 -59.48 3.67 76.59
CA ILE S 342 -60.75 4.17 77.11
C ILE S 342 -61.57 4.82 76.01
N GLU S 343 -60.91 5.55 75.10
CA GLU S 343 -61.63 6.29 74.07
C GLU S 343 -62.37 5.36 73.11
N MET S 344 -61.72 4.27 72.70
CA MET S 344 -62.34 3.39 71.72
C MET S 344 -63.47 2.56 72.32
N ARG S 345 -63.40 2.25 73.62
CA ARG S 345 -64.45 1.45 74.24
C ARG S 345 -65.71 2.27 74.46
N GLU S 346 -65.57 3.55 74.81
CA GLU S 346 -66.74 4.40 75.00
C GLU S 346 -67.45 4.69 73.69
N GLU S 347 -66.69 4.90 72.61
CA GLU S 347 -67.29 5.21 71.32
C GLU S 347 -68.10 4.04 70.79
N ALA S 348 -67.59 2.82 70.95
CA ALA S 348 -68.31 1.65 70.47
C ALA S 348 -69.62 1.45 71.23
N ALA S 349 -69.62 1.70 72.54
CA ALA S 349 -70.82 1.53 73.33
C ALA S 349 -71.91 2.52 72.91
N ARG S 350 -71.53 3.76 72.62
CA ARG S 350 -72.51 4.76 72.21
C ARG S 350 -73.06 4.50 70.81
N GLU S 351 -72.32 3.78 69.96
CA GLU S 351 -72.84 3.43 68.65
C GLU S 351 -73.99 2.44 68.76
N ILE S 352 -73.91 1.51 69.73
CA ILE S 352 -75.00 0.55 69.94
C ILE S 352 -76.26 1.28 70.40
N ARG S 353 -76.11 2.24 71.32
CA ARG S 353 -77.28 2.90 71.89
C ARG S 353 -78.05 3.69 70.84
N ARG S 354 -77.34 4.33 69.91
CA ARG S 354 -78.02 5.07 68.85
C ARG S 354 -78.82 4.14 67.94
N ALA S 355 -78.28 2.96 67.64
CA ALA S 355 -78.99 2.02 66.78
C ALA S 355 -80.27 1.53 67.43
N ILE S 356 -80.24 1.23 68.73
CA ILE S 356 -81.42 0.74 69.43
C ILE S 356 -82.50 1.81 69.49
N THR S 357 -82.12 3.05 69.82
CA THR S 357 -83.06 4.15 69.98
C THR S 357 -83.12 5.05 68.74
N GLY S 358 -82.95 4.49 67.56
CA GLY S 358 -82.99 5.24 66.32
C GLY S 358 -83.40 4.36 65.18
N ARG S 359 -82.88 4.65 63.99
CA ARG S 359 -83.16 3.89 62.79
C ARG S 359 -81.86 3.55 62.08
N ILE S 360 -81.85 2.40 61.43
CA ILE S 360 -80.67 1.86 60.75
C ILE S 360 -80.89 2.00 59.25
N PRO S 361 -79.91 2.50 58.49
CA PRO S 361 -78.62 3.01 58.96
C PRO S 361 -78.54 4.53 58.99
N ASP S 362 -79.67 5.20 59.17
CA ASP S 362 -79.69 6.67 59.14
C ASP S 362 -78.96 7.26 60.34
N SER S 363 -79.08 6.63 61.50
CA SER S 363 -78.48 7.16 62.73
C SER S 363 -77.04 6.74 62.93
N LEU S 364 -76.51 5.87 62.08
CA LEU S 364 -75.14 5.39 62.24
C LEU S 364 -74.15 6.36 61.60
N LYS S 365 -73.02 6.57 62.25
CA LYS S 365 -71.99 7.48 61.75
C LYS S 365 -70.92 6.78 60.93
N ASN S 366 -70.47 5.60 61.35
CA ASN S 366 -69.42 4.86 60.67
C ASN S 366 -69.97 3.50 60.24
N CYS S 367 -70.56 3.44 59.06
CA CYS S 367 -71.07 2.20 58.49
C CYS S 367 -70.25 1.84 57.26
N VAL S 368 -69.83 0.58 57.16
CA VAL S 368 -68.91 0.14 56.11
C VAL S 368 -69.58 -0.73 55.07
N ASN S 369 -70.80 -1.20 55.29
CA ASN S 369 -71.52 -2.04 54.35
C ASN S 369 -72.84 -1.39 53.93
N LYS S 370 -72.84 -0.06 53.83
CA LYS S 370 -74.06 0.65 53.47
C LYS S 370 -74.52 0.30 52.06
N ASP S 371 -73.57 0.18 51.12
CA ASP S 371 -73.93 -0.15 49.75
C ASP S 371 -74.54 -1.55 49.65
N HIS S 372 -73.96 -2.52 50.36
CA HIS S 372 -74.45 -3.89 50.30
C HIS S 372 -75.72 -4.10 51.12
N LEU S 373 -76.03 -3.18 52.04
CA LEU S 373 -77.19 -3.35 52.89
C LEU S 373 -78.47 -3.20 52.08
N THR S 374 -79.44 -4.06 52.36
CA THR S 374 -80.72 -4.05 51.65
C THR S 374 -81.88 -3.73 52.59
N ARG T 44 13.18 9.60 61.56
CA ARG T 44 11.82 10.10 61.64
C ARG T 44 11.28 9.99 63.06
N PRO T 45 10.46 10.95 63.47
CA PRO T 45 9.90 10.93 64.83
C PRO T 45 8.98 9.73 65.04
N LEU T 46 8.60 9.54 66.30
CA LEU T 46 7.78 8.40 66.71
C LEU T 46 6.43 8.89 67.20
N VAL T 47 5.36 8.25 66.72
CA VAL T 47 3.99 8.53 67.14
C VAL T 47 3.41 7.24 67.68
N ALA T 48 2.80 7.31 68.87
CA ALA T 48 2.32 6.13 69.57
C ALA T 48 0.83 6.22 69.82
N LEU T 49 0.14 5.09 69.64
CA LEU T 49 -1.27 4.95 69.97
C LEU T 49 -1.35 4.30 71.36
N LEU T 50 -1.82 5.06 72.35
CA LEU T 50 -1.71 4.61 73.73
C LEU T 50 -2.60 3.40 73.99
N ASP T 51 -3.86 3.45 73.58
CA ASP T 51 -4.82 2.37 73.84
C ASP T 51 -5.45 1.95 72.52
N GLY T 52 -4.83 0.98 71.86
CA GLY T 52 -5.35 0.48 70.60
C GLY T 52 -4.41 -0.55 70.01
N ARG T 53 -4.90 -1.26 69.01
CA ARG T 53 -4.12 -2.28 68.34
C ARG T 53 -4.21 -2.14 66.83
N ASP T 54 -5.31 -1.58 66.34
CA ASP T 54 -5.56 -1.45 64.92
C ASP T 54 -5.14 -0.06 64.44
N CYS T 55 -4.29 -0.02 63.41
CA CYS T 55 -3.79 1.24 62.85
C CYS T 55 -3.81 1.19 61.34
N THR T 56 -4.85 0.57 60.77
CA THR T 56 -4.90 0.42 59.31
C THR T 56 -5.27 1.71 58.60
N VAL T 57 -5.86 2.67 59.30
CA VAL T 57 -6.27 3.93 58.67
C VAL T 57 -5.22 5.01 58.83
N GLU T 58 -4.61 5.10 60.01
CA GLU T 58 -3.61 6.13 60.26
C GLU T 58 -2.28 5.84 59.57
N MET T 59 -1.97 4.56 59.33
CA MET T 59 -0.67 4.20 58.76
C MET T 59 -0.42 4.80 57.38
N PRO T 60 -1.34 4.71 56.41
CA PRO T 60 -1.03 5.29 55.08
C PRO T 60 -0.84 6.79 55.09
N ILE T 61 -1.35 7.51 56.10
CA ILE T 61 -1.16 8.94 56.15
C ILE T 61 0.18 9.29 56.78
N LEU T 62 0.45 8.77 57.97
CA LEU T 62 1.69 9.06 58.69
C LEU T 62 2.77 8.01 58.43
N LYS T 63 3.09 7.76 57.17
CA LYS T 63 4.13 6.80 56.83
C LYS T 63 5.39 7.44 56.27
N ASP T 64 5.28 8.61 55.64
CA ASP T 64 6.44 9.30 55.08
C ASP T 64 6.86 10.51 55.91
N VAL T 65 6.29 10.68 57.09
CA VAL T 65 6.65 11.80 57.96
C VAL T 65 6.95 11.38 59.39
N ALA T 66 6.60 10.17 59.81
CA ALA T 66 6.82 9.74 61.19
C ALA T 66 6.80 8.22 61.24
N THR T 67 7.01 7.69 62.44
CA THR T 67 6.98 6.25 62.69
C THR T 67 5.83 5.94 63.64
N VAL T 68 4.98 5.00 63.25
CA VAL T 68 3.76 4.68 63.99
C VAL T 68 3.99 3.46 64.86
N ALA T 69 3.43 3.49 66.07
CA ALA T 69 3.53 2.36 66.99
C ALA T 69 2.29 2.37 67.88
N PHE T 70 2.00 1.22 68.49
CA PHE T 70 0.87 1.08 69.39
C PHE T 70 1.31 0.36 70.66
N CYS T 71 0.58 0.62 71.74
CA CYS T 71 0.89 0.04 73.04
C CYS T 71 -0.20 -0.86 73.60
N ASP T 72 -1.46 -0.62 73.25
CA ASP T 72 -2.58 -1.43 73.74
C ASP T 72 -2.60 -1.46 75.27
N ALA T 73 -2.39 -0.30 75.88
CA ALA T 73 -2.32 -0.20 77.33
C ALA T 73 -3.70 0.05 77.93
N GLN T 74 -3.87 -0.42 79.16
CA GLN T 74 -5.10 -0.20 79.91
C GLN T 74 -4.90 0.71 81.12
N SER T 75 -3.67 1.07 81.43
CA SER T 75 -3.37 1.96 82.55
C SER T 75 -2.06 2.67 82.26
N THR T 76 -1.79 3.72 83.03
CA THR T 76 -0.58 4.50 82.83
C THR T 76 0.68 3.72 83.21
N GLN T 77 0.54 2.61 83.92
CA GLN T 77 1.67 1.79 84.32
C GLN T 77 2.06 0.74 83.29
N GLU T 78 1.32 0.66 82.17
CA GLU T 78 1.59 -0.32 81.13
C GLU T 78 2.18 0.31 79.87
N ILE T 79 2.76 1.50 79.99
CA ILE T 79 3.36 2.19 78.85
C ILE T 79 4.84 1.83 78.80
N HIS T 80 5.29 1.46 77.60
CA HIS T 80 6.68 1.04 77.42
C HIS T 80 7.64 2.18 77.71
N GLU T 81 8.85 1.83 78.17
CA GLU T 81 9.84 2.85 78.53
C GLU T 81 10.29 3.65 77.31
N LYS T 82 10.35 3.01 76.14
CA LYS T 82 10.77 3.73 74.93
C LYS T 82 9.80 4.85 74.59
N VAL T 83 8.50 4.63 74.80
CA VAL T 83 7.50 5.65 74.51
C VAL T 83 7.71 6.86 75.41
N LEU T 84 7.99 6.63 76.70
CA LEU T 84 8.13 7.72 77.64
C LEU T 84 9.33 8.61 77.36
N ASN T 85 10.26 8.18 76.51
CA ASN T 85 11.47 8.93 76.24
C ASN T 85 11.56 9.47 74.82
N GLU T 86 10.91 8.83 73.85
CA GLU T 86 11.08 9.16 72.44
C GLU T 86 9.73 9.25 71.72
N ALA T 87 8.78 9.95 72.32
CA ALA T 87 7.47 10.16 71.72
C ALA T 87 7.22 11.64 71.50
N VAL T 88 6.79 12.00 70.31
CA VAL T 88 6.46 13.39 69.98
C VAL T 88 4.96 13.64 70.06
N GLY T 89 4.15 12.71 69.55
CA GLY T 89 2.71 12.85 69.62
C GLY T 89 2.07 11.54 70.07
N ALA T 90 0.80 11.64 70.47
CA ALA T 90 0.08 10.48 70.97
C ALA T 90 -1.38 10.58 70.57
N LEU T 91 -2.02 9.41 70.46
CA LEU T 91 -3.45 9.29 70.18
C LEU T 91 -4.07 8.41 71.24
N MET T 92 -5.24 8.82 71.74
CA MET T 92 -5.87 8.09 72.84
C MET T 92 -7.38 8.17 72.73
N TYR T 93 -8.04 7.10 73.18
CA TYR T 93 -9.49 7.05 73.29
C TYR T 93 -9.90 7.44 74.71
N HIS T 94 -11.14 7.14 75.07
CA HIS T 94 -11.70 7.51 76.37
C HIS T 94 -11.44 6.49 77.46
N THR T 95 -10.71 5.41 77.17
CA THR T 95 -10.53 4.32 78.11
C THR T 95 -9.34 4.51 79.06
N ILE T 96 -8.58 5.58 78.90
CA ILE T 96 -7.39 5.81 79.72
C ILE T 96 -7.40 7.25 80.22
N THR T 97 -7.00 7.43 81.47
CA THR T 97 -7.00 8.74 82.12
C THR T 97 -5.57 9.17 82.44
N LEU T 98 -5.24 10.42 82.14
CA LEU T 98 -3.93 10.99 82.38
C LEU T 98 -4.03 12.12 83.40
N THR T 99 -3.18 12.07 84.41
CA THR T 99 -3.10 13.10 85.44
C THR T 99 -1.79 13.88 85.29
N ARG T 100 -1.59 14.84 86.21
CA ARG T 100 -0.38 15.66 86.15
C ARG T 100 0.87 14.83 86.39
N GLU T 101 0.81 13.87 87.32
CA GLU T 101 1.97 13.01 87.57
C GLU T 101 2.32 12.18 86.35
N ASP T 102 1.30 11.69 85.64
CA ASP T 102 1.55 10.91 84.43
C ASP T 102 2.18 11.77 83.34
N LEU T 103 1.75 13.03 83.22
CA LEU T 103 2.28 13.89 82.17
C LEU T 103 3.75 14.22 82.40
N GLU T 104 4.16 14.36 83.67
CA GLU T 104 5.55 14.71 83.97
C GLU T 104 6.53 13.60 83.60
N LYS T 105 6.04 12.37 83.41
CA LYS T 105 6.93 11.27 83.05
C LYS T 105 7.37 11.32 81.59
N PHE T 106 6.64 12.05 80.73
CA PHE T 106 7.03 12.20 79.35
C PHE T 106 8.14 13.24 79.22
N LYS T 107 9.11 12.96 78.35
CA LYS T 107 10.27 13.83 78.19
C LYS T 107 10.33 14.54 76.84
N ALA T 108 9.55 14.10 75.85
CA ALA T 108 9.58 14.73 74.54
C ALA T 108 8.20 14.94 73.95
N LEU T 109 7.13 14.72 74.71
CA LEU T 109 5.78 14.89 74.19
C LEU T 109 5.51 16.37 73.89
N ARG T 110 4.82 16.62 72.78
CA ARG T 110 4.55 17.99 72.36
C ARG T 110 3.08 18.22 72.04
N ILE T 111 2.36 17.18 71.65
CA ILE T 111 0.96 17.33 71.25
C ILE T 111 0.21 16.04 71.58
N ILE T 112 -1.03 16.20 72.03
CA ILE T 112 -1.94 15.09 72.29
C ILE T 112 -3.22 15.34 71.51
N VAL T 113 -3.66 14.33 70.74
CA VAL T 113 -4.87 14.41 69.95
C VAL T 113 -5.86 13.37 70.46
N ARG T 114 -7.05 13.82 70.81
CA ARG T 114 -8.10 12.98 71.36
C ARG T 114 -9.10 12.64 70.24
N ILE T 115 -9.28 11.35 69.98
CA ILE T 115 -10.19 10.90 68.94
C ILE T 115 -11.61 10.89 69.50
N GLY T 116 -12.30 12.01 69.34
CA GLY T 116 -13.63 12.17 69.89
C GLY T 116 -13.88 13.62 70.24
N SER T 117 -14.97 13.84 70.98
CA SER T 117 -15.38 15.19 71.34
C SER T 117 -15.17 15.53 72.80
N GLY T 118 -15.01 14.54 73.68
CA GLY T 118 -14.83 14.78 75.09
C GLY T 118 -13.35 14.71 75.48
N PHE T 119 -12.95 15.61 76.37
CA PHE T 119 -11.56 15.65 76.85
C PHE T 119 -11.50 15.82 78.36
N ASP T 120 -12.50 15.31 79.08
CA ASP T 120 -12.53 15.42 80.53
C ASP T 120 -11.58 14.47 81.24
N ASN T 121 -10.98 13.53 80.51
CA ASN T 121 -10.05 12.58 81.10
C ASN T 121 -8.59 13.04 80.99
N ILE T 122 -8.36 14.27 80.54
CA ILE T 122 -7.03 14.84 80.43
C ILE T 122 -7.00 16.14 81.23
N ASP T 123 -5.96 16.32 82.04
CA ASP T 123 -5.79 17.55 82.81
C ASP T 123 -5.34 18.66 81.86
N ILE T 124 -6.29 19.50 81.44
CA ILE T 124 -6.02 20.50 80.42
C ILE T 124 -5.06 21.56 80.95
N LYS T 125 -5.34 22.07 82.16
CA LYS T 125 -4.54 23.17 82.70
C LYS T 125 -3.09 22.75 82.96
N SER T 126 -2.90 21.55 83.50
CA SER T 126 -1.55 21.09 83.80
C SER T 126 -0.72 20.90 82.54
N ALA T 127 -1.34 20.38 81.47
CA ALA T 127 -0.61 20.17 80.22
C ALA T 127 -0.17 21.49 79.60
N GLY T 128 -0.93 22.57 79.82
CA GLY T 128 -0.54 23.86 79.28
C GLY T 128 0.74 24.39 79.90
N ASP T 129 0.90 24.22 81.22
CA ASP T 129 2.12 24.68 81.88
C ASP T 129 3.35 23.95 81.38
N LEU T 130 3.24 22.64 81.17
CA LEU T 130 4.37 21.86 80.69
C LEU T 130 4.68 22.11 79.21
N GLY T 131 3.78 22.77 78.48
CA GLY T 131 4.02 23.06 77.08
C GLY T 131 3.54 21.97 76.14
N ILE T 132 2.34 21.44 76.39
CA ILE T 132 1.76 20.38 75.58
C ILE T 132 0.40 20.86 75.08
N ALA T 133 0.16 20.69 73.80
CA ALA T 133 -1.10 21.10 73.16
C ALA T 133 -2.06 19.92 73.07
N VAL T 134 -3.34 20.20 73.27
CA VAL T 134 -4.38 19.18 73.27
C VAL T 134 -5.40 19.53 72.18
N CYS T 135 -5.74 18.54 71.36
CA CYS T 135 -6.68 18.71 70.26
C CYS T 135 -7.74 17.62 70.32
N ASN T 136 -8.82 17.83 69.56
CA ASN T 136 -9.90 16.87 69.50
C ASN T 136 -10.64 17.02 68.19
N VAL T 137 -11.59 16.12 67.96
CA VAL T 137 -12.46 16.17 66.78
C VAL T 137 -13.83 16.67 67.25
N PRO T 138 -14.21 17.91 66.95
CA PRO T 138 -15.41 18.49 67.58
C PRO T 138 -16.72 17.84 67.18
N ALA T 139 -16.95 17.66 65.88
CA ALA T 139 -18.25 17.21 65.39
C ALA T 139 -18.04 16.20 64.26
N ALA T 140 -18.16 14.92 64.59
CA ALA T 140 -18.13 13.87 63.59
C ALA T 140 -19.28 12.89 63.80
N SER T 141 -19.87 12.89 64.99
CA SER T 141 -20.98 12.00 65.33
C SER T 141 -22.10 12.77 66.03
N VAL T 142 -22.39 13.97 65.52
CA VAL T 142 -23.48 14.75 66.09
C VAL T 142 -24.82 14.08 65.82
N GLU T 143 -25.05 13.67 64.56
CA GLU T 143 -26.34 13.11 64.18
C GLU T 143 -26.51 11.69 64.67
N GLU T 144 -25.42 10.92 64.76
CA GLU T 144 -25.53 9.56 65.30
C GLU T 144 -25.97 9.57 66.75
N THR T 145 -25.42 10.48 67.56
CA THR T 145 -25.80 10.53 68.97
C THR T 145 -27.22 11.04 69.14
N ALA T 146 -27.65 11.99 68.28
CA ALA T 146 -29.01 12.51 68.37
C ALA T 146 -30.04 11.44 68.05
N ASP T 147 -29.76 10.60 67.05
CA ASP T 147 -30.70 9.53 66.71
C ASP T 147 -30.78 8.49 67.82
N SER T 148 -29.66 8.18 68.46
CA SER T 148 -29.67 7.21 69.56
C SER T 148 -30.44 7.73 70.75
N THR T 149 -30.39 9.04 71.01
CA THR T 149 -31.16 9.61 72.12
C THR T 149 -32.65 9.48 71.87
N LEU T 150 -33.10 9.72 70.64
CA LEU T 150 -34.52 9.58 70.32
C LEU T 150 -34.98 8.14 70.41
N CYS T 151 -34.10 7.19 70.08
CA CYS T 151 -34.47 5.78 70.18
C CYS T 151 -34.76 5.37 71.62
N HIS T 152 -33.95 5.87 72.56
CA HIS T 152 -34.18 5.54 73.96
C HIS T 152 -35.46 6.16 74.49
N ILE T 153 -35.78 7.37 74.05
CA ILE T 153 -37.00 8.04 74.51
C ILE T 153 -38.24 7.26 74.07
N LEU T 154 -38.25 6.80 72.83
CA LEU T 154 -39.41 6.07 72.31
C LEU T 154 -39.58 4.71 73.00
N ASN T 155 -38.47 4.07 73.39
CA ASN T 155 -38.55 2.78 74.07
C ASN T 155 -39.23 2.90 75.42
N LEU T 156 -39.06 4.04 76.11
CA LEU T 156 -39.67 4.21 77.41
C LEU T 156 -41.18 4.43 77.30
N TYR T 157 -41.62 5.23 76.32
CA TYR T 157 -43.04 5.48 76.14
C TYR T 157 -43.74 4.30 75.49
N ARG T 158 -43.33 3.95 74.26
CA ARG T 158 -43.86 2.77 73.57
C ARG T 158 -42.93 1.61 73.88
N ARG T 159 -43.27 0.86 74.93
CA ARG T 159 -42.42 -0.22 75.41
C ARG T 159 -42.19 -1.26 74.32
N ALA T 160 -40.96 -1.34 73.81
CA ALA T 160 -40.63 -2.25 72.72
C ALA T 160 -39.52 -3.22 73.08
N THR T 161 -38.48 -2.75 73.77
CA THR T 161 -37.42 -3.66 74.21
C THR T 161 -37.94 -4.64 75.25
N TRP T 162 -38.77 -4.16 76.18
CA TRP T 162 -39.29 -5.02 77.23
C TRP T 162 -40.27 -6.06 76.68
N LEU T 163 -41.08 -5.67 75.68
CA LEU T 163 -42.00 -6.63 75.07
C LEU T 163 -41.24 -7.71 74.30
N HIS T 164 -40.19 -7.34 73.57
CA HIS T 164 -39.38 -8.32 72.87
C HIS T 164 -38.67 -9.26 73.82
N GLN T 165 -38.19 -8.71 74.96
CA GLN T 165 -37.51 -9.55 75.95
C GLN T 165 -38.46 -10.56 76.56
N ALA T 166 -39.72 -10.18 76.78
CA ALA T 166 -40.67 -11.09 77.40
C ALA T 166 -40.96 -12.30 76.53
N LEU T 167 -41.04 -12.10 75.21
CA LEU T 167 -41.34 -13.21 74.31
C LEU T 167 -40.23 -14.26 74.33
N ARG T 168 -38.97 -13.82 74.39
CA ARG T 168 -37.86 -14.77 74.41
C ARG T 168 -37.83 -15.59 75.69
N GLU T 169 -38.37 -15.05 76.79
CA GLU T 169 -38.42 -15.80 78.04
C GLU T 169 -39.50 -16.87 78.03
N GLY T 170 -40.37 -16.90 77.03
CA GLY T 170 -41.40 -17.91 76.93
C GLY T 170 -42.79 -17.44 77.28
N THR T 171 -43.00 -16.15 77.52
CA THR T 171 -44.33 -15.65 77.85
C THR T 171 -45.26 -15.79 76.65
N ARG T 172 -46.49 -16.24 76.91
CA ARG T 172 -47.50 -16.43 75.88
C ARG T 172 -48.71 -15.56 76.20
N VAL T 173 -49.13 -14.75 75.23
CA VAL T 173 -50.28 -13.87 75.37
C VAL T 173 -51.24 -14.13 74.21
N GLN T 174 -52.49 -14.42 74.53
CA GLN T 174 -53.50 -14.74 73.52
C GLN T 174 -54.69 -13.80 73.55
N SER T 175 -55.28 -13.56 74.72
CA SER T 175 -56.47 -12.73 74.82
C SER T 175 -56.09 -11.25 74.89
N VAL T 176 -57.11 -10.40 74.71
CA VAL T 176 -56.88 -8.96 74.76
C VAL T 176 -56.53 -8.52 76.18
N GLU T 177 -57.16 -9.15 77.18
CA GLU T 177 -56.87 -8.80 78.56
C GLU T 177 -55.40 -9.05 78.91
N GLN T 178 -54.82 -10.12 78.37
CA GLN T 178 -53.41 -10.39 78.58
C GLN T 178 -52.54 -9.33 77.92
N ILE T 179 -52.96 -8.82 76.76
CA ILE T 179 -52.19 -7.79 76.08
C ILE T 179 -52.15 -6.51 76.90
N ARG T 180 -53.28 -6.11 77.48
CA ARG T 180 -53.31 -4.90 78.30
C ARG T 180 -52.45 -5.02 79.55
N GLU T 181 -52.15 -6.23 80.00
CA GLU T 181 -51.39 -6.42 81.23
C GLU T 181 -49.88 -6.44 80.99
N VAL T 182 -49.43 -7.15 79.94
CA VAL T 182 -48.00 -7.23 79.66
C VAL T 182 -47.46 -5.88 79.23
N ALA T 183 -48.25 -5.12 78.47
CA ALA T 183 -47.85 -3.80 77.97
C ALA T 183 -48.44 -2.67 78.80
N SER T 184 -48.66 -2.89 80.09
CA SER T 184 -49.22 -1.86 80.94
C SER T 184 -48.17 -0.80 81.26
N GLY T 185 -48.53 0.47 81.07
CA GLY T 185 -47.64 1.58 81.32
C GLY T 185 -47.39 2.48 80.13
N ALA T 186 -47.77 2.08 78.91
CA ALA T 186 -47.58 2.91 77.74
C ALA T 186 -48.42 4.18 77.84
N ALA T 187 -47.89 5.27 77.29
CA ALA T 187 -48.52 6.57 77.40
C ALA T 187 -48.58 7.24 76.03
N ARG T 188 -49.25 8.38 75.98
CA ARG T 188 -49.42 9.16 74.76
C ARG T 188 -48.41 10.30 74.74
N ILE T 189 -47.64 10.38 73.65
CA ILE T 189 -46.52 11.32 73.59
C ILE T 189 -47.02 12.76 73.50
N ARG T 190 -48.03 13.01 72.67
CA ARG T 190 -48.47 14.38 72.44
C ARG T 190 -48.99 15.02 73.71
N GLY T 191 -48.54 16.25 73.98
CA GLY T 191 -48.93 16.98 75.16
C GLY T 191 -47.93 16.93 76.30
N GLU T 192 -46.90 16.09 76.21
CA GLU T 192 -45.92 15.97 77.27
C GLU T 192 -44.87 17.08 77.17
N THR T 193 -44.08 17.22 78.23
CA THR T 193 -43.04 18.23 78.32
C THR T 193 -41.68 17.55 78.38
N LEU T 194 -40.74 18.04 77.58
CA LEU T 194 -39.38 17.50 77.52
C LEU T 194 -38.40 18.55 78.03
N GLY T 195 -37.54 18.15 78.96
CA GLY T 195 -36.55 19.04 79.55
C GLY T 195 -35.15 18.63 79.11
N ILE T 196 -34.37 19.62 78.68
CA ILE T 196 -33.02 19.41 78.17
C ILE T 196 -32.06 20.24 79.00
N ILE T 197 -30.96 19.62 79.42
CA ILE T 197 -29.92 20.29 80.20
C ILE T 197 -28.69 20.41 79.32
N GLY T 198 -28.42 21.62 78.83
CA GLY T 198 -27.30 21.86 77.95
C GLY T 198 -27.68 21.87 76.49
N LEU T 199 -27.72 23.06 75.88
CA LEU T 199 -28.12 23.20 74.48
C LEU T 199 -26.86 23.43 73.64
N GLY T 200 -26.19 22.34 73.30
CA GLY T 200 -25.01 22.35 72.47
C GLY T 200 -25.30 21.87 71.07
N ARG T 201 -24.30 21.24 70.46
CA ARG T 201 -24.49 20.66 69.13
C ARG T 201 -25.52 19.52 69.17
N VAL T 202 -25.36 18.60 70.11
CA VAL T 202 -26.30 17.48 70.23
C VAL T 202 -27.64 17.98 70.76
N GLY T 203 -27.62 18.91 71.71
CA GLY T 203 -28.86 19.39 72.30
C GLY T 203 -29.78 20.05 71.29
N GLN T 204 -29.22 20.82 70.36
CA GLN T 204 -30.04 21.47 69.34
C GLN T 204 -30.62 20.45 68.38
N ALA T 205 -29.86 19.40 68.04
CA ALA T 205 -30.36 18.39 67.12
C ALA T 205 -31.54 17.63 67.72
N VAL T 206 -31.47 17.33 69.01
CA VAL T 206 -32.56 16.61 69.66
C VAL T 206 -33.83 17.44 69.71
N ALA T 207 -33.68 18.76 69.94
CA ALA T 207 -34.85 19.62 70.08
C ALA T 207 -35.65 19.68 68.80
N LEU T 208 -34.97 19.76 67.65
CA LEU T 208 -35.68 19.85 66.37
C LEU T 208 -36.47 18.57 66.08
N ARG T 209 -35.89 17.41 66.38
CA ARG T 209 -36.58 16.15 66.10
C ARG T 209 -37.73 15.90 67.06
N ALA T 210 -37.63 16.41 68.30
CA ALA T 210 -38.66 16.17 69.29
C ALA T 210 -39.95 16.94 69.02
N LYS T 211 -39.87 18.03 68.26
CA LYS T 211 -41.07 18.83 68.00
C LYS T 211 -41.99 18.17 66.99
N ALA T 212 -41.47 17.26 66.15
CA ALA T 212 -42.31 16.59 65.17
C ALA T 212 -43.27 15.59 65.82
N PHE T 213 -42.97 15.13 67.03
CA PHE T 213 -43.82 14.17 67.72
C PHE T 213 -44.84 14.82 68.64
N GLY T 214 -44.82 16.15 68.78
CA GLY T 214 -45.76 16.85 69.63
C GLY T 214 -45.26 17.21 71.01
N PHE T 215 -43.95 17.07 71.27
CA PHE T 215 -43.41 17.41 72.56
C PHE T 215 -43.42 18.93 72.80
N ASN T 216 -43.36 19.31 74.06
CA ASN T 216 -43.15 20.69 74.48
C ASN T 216 -41.76 20.77 75.11
N VAL T 217 -40.91 21.64 74.57
CA VAL T 217 -39.48 21.60 74.84
C VAL T 217 -39.09 22.79 75.70
N LEU T 218 -38.38 22.52 76.79
CA LEU T 218 -37.72 23.51 77.61
C LEU T 218 -36.24 23.18 77.70
N PHE T 219 -35.42 24.18 78.04
CA PHE T 219 -33.99 23.93 78.19
C PHE T 219 -33.41 24.87 79.23
N TYR T 220 -32.26 24.47 79.76
CA TYR T 220 -31.55 25.25 80.78
C TYR T 220 -30.07 25.27 80.43
N ASP T 221 -29.52 26.47 80.25
CA ASP T 221 -28.11 26.63 79.94
C ASP T 221 -27.64 28.00 80.42
N PRO T 222 -26.75 28.05 81.41
CA PRO T 222 -26.31 29.34 81.97
C PRO T 222 -25.15 30.00 81.26
N TYR T 223 -24.55 29.37 80.24
CA TYR T 223 -23.39 29.91 79.56
C TYR T 223 -23.70 30.43 78.17
N LEU T 224 -24.98 30.53 77.80
CA LEU T 224 -25.38 30.99 76.49
C LEU T 224 -25.75 32.47 76.54
N SER T 225 -25.80 33.08 75.35
CA SER T 225 -26.15 34.49 75.23
C SER T 225 -27.67 34.63 75.21
N ASP T 226 -28.15 35.83 74.91
CA ASP T 226 -29.57 36.14 74.92
C ASP T 226 -30.15 36.03 73.51
N GLY T 227 -31.35 35.46 73.41
CA GLY T 227 -32.04 35.37 72.15
C GLY T 227 -31.78 34.12 71.35
N VAL T 228 -31.06 33.15 71.90
CA VAL T 228 -30.84 31.89 71.18
C VAL T 228 -32.14 31.13 71.05
N GLU T 229 -33.00 31.19 72.06
CA GLU T 229 -34.29 30.50 72.00
C GLU T 229 -35.25 31.18 71.03
N ARG T 230 -35.08 32.47 70.76
CA ARG T 230 -35.95 33.16 69.81
C ARG T 230 -35.79 32.59 68.41
N ALA T 231 -34.55 32.30 68.01
CA ALA T 231 -34.30 31.79 66.67
C ALA T 231 -34.94 30.42 66.47
N LEU T 232 -34.84 29.54 67.46
CA LEU T 232 -35.35 28.18 67.36
C LEU T 232 -36.78 28.04 67.85
N GLY T 233 -37.37 29.09 68.43
CA GLY T 233 -38.73 29.03 68.92
C GLY T 233 -38.92 28.09 70.11
N LEU T 234 -38.02 28.12 71.07
CA LEU T 234 -38.09 27.29 72.26
C LEU T 234 -38.39 28.16 73.48
N GLN T 235 -38.41 27.52 74.64
CA GLN T 235 -38.66 28.21 75.91
C GLN T 235 -37.50 27.95 76.85
N ARG T 236 -37.09 28.98 77.59
CA ARG T 236 -35.89 28.95 78.40
C ARG T 236 -36.23 29.26 79.86
N VAL T 237 -35.62 28.52 80.77
CA VAL T 237 -35.74 28.76 82.19
C VAL T 237 -34.39 29.23 82.74
N SER T 238 -34.39 29.72 83.98
CA SER T 238 -33.21 30.34 84.55
C SER T 238 -32.56 29.53 85.67
N THR T 239 -33.28 28.58 86.27
CA THR T 239 -32.75 27.77 87.36
C THR T 239 -32.98 26.30 87.09
N LEU T 240 -32.09 25.47 87.64
CA LEU T 240 -32.23 24.03 87.48
C LEU T 240 -33.46 23.50 88.20
N GLN T 241 -33.78 24.07 89.37
CA GLN T 241 -34.94 23.60 90.13
C GLN T 241 -36.24 23.82 89.36
N ASP T 242 -36.35 24.95 88.65
CA ASP T 242 -37.56 25.22 87.89
C ASP T 242 -37.74 24.24 86.75
N LEU T 243 -36.65 23.79 86.14
CA LEU T 243 -36.74 22.82 85.05
C LEU T 243 -37.27 21.47 85.55
N LEU T 244 -36.82 21.03 86.72
CA LEU T 244 -37.23 19.74 87.23
C LEU T 244 -38.69 19.73 87.68
N PHE T 245 -39.22 20.89 88.07
CA PHE T 245 -40.60 20.93 88.57
C PHE T 245 -41.61 20.72 87.45
N HIS T 246 -41.29 21.14 86.23
CA HIS T 246 -42.25 21.17 85.13
C HIS T 246 -41.85 20.26 83.97
N SER T 247 -41.16 19.16 84.26
CA SER T 247 -40.68 18.26 83.22
C SER T 247 -41.19 16.85 83.48
N ASP T 248 -41.56 16.16 82.39
CA ASP T 248 -41.96 14.76 82.44
C ASP T 248 -40.87 13.82 81.93
N CYS T 249 -39.82 14.34 81.30
CA CYS T 249 -38.71 13.53 80.83
C CYS T 249 -37.47 14.42 80.79
N VAL T 250 -36.38 13.96 81.39
CA VAL T 250 -35.16 14.74 81.54
C VAL T 250 -34.04 14.05 80.79
N THR T 251 -33.33 14.81 79.94
CA THR T 251 -32.18 14.32 79.20
C THR T 251 -30.98 15.20 79.50
N LEU T 252 -29.81 14.58 79.63
CA LEU T 252 -28.58 15.27 79.95
C LEU T 252 -27.70 15.39 78.71
N HIS T 253 -27.28 16.60 78.38
CA HIS T 253 -26.41 16.83 77.24
C HIS T 253 -25.30 17.83 77.53
N CYS T 254 -24.92 18.00 78.80
CA CYS T 254 -23.90 18.97 79.17
C CYS T 254 -22.53 18.31 79.22
N GLY T 255 -21.51 19.12 79.53
CA GLY T 255 -20.16 18.63 79.69
C GLY T 255 -19.80 18.41 81.14
N LEU T 256 -18.75 17.62 81.37
CA LEU T 256 -18.32 17.25 82.71
C LEU T 256 -17.15 18.14 83.11
N ASN T 257 -17.47 19.33 83.63
CA ASN T 257 -16.46 20.20 84.21
C ASN T 257 -16.39 19.93 85.72
N GLU T 258 -15.69 20.80 86.45
CA GLU T 258 -15.49 20.60 87.88
C GLU T 258 -16.59 21.21 88.74
N HIS T 259 -17.59 21.86 88.13
CA HIS T 259 -18.67 22.49 88.89
C HIS T 259 -19.99 21.74 88.78
N ASN T 260 -20.00 20.57 88.13
CA ASN T 260 -21.24 19.83 87.96
C ASN T 260 -21.06 18.33 88.19
N HIS T 261 -20.11 17.95 89.04
CA HIS T 261 -19.94 16.55 89.40
C HIS T 261 -21.10 16.11 90.28
N HIS T 262 -21.68 14.95 89.95
CA HIS T 262 -22.88 14.44 90.62
C HIS T 262 -24.00 15.48 90.62
N LEU T 263 -24.35 15.92 89.41
CA LEU T 263 -25.41 16.92 89.26
C LEU T 263 -26.75 16.38 89.76
N ILE T 264 -27.06 15.14 89.39
CA ILE T 264 -28.29 14.48 89.87
C ILE T 264 -27.90 13.72 91.13
N ASN T 265 -27.92 14.41 92.26
CA ASN T 265 -27.56 13.83 93.55
C ASN T 265 -28.83 13.43 94.31
N ASP T 266 -28.65 13.07 95.58
CA ASP T 266 -29.79 12.64 96.39
C ASP T 266 -30.79 13.77 96.61
N PHE T 267 -30.29 14.98 96.87
CA PHE T 267 -31.19 16.09 97.17
C PHE T 267 -32.00 16.50 95.94
N THR T 268 -31.38 16.54 94.77
CA THR T 268 -32.07 16.99 93.57
C THR T 268 -33.04 15.96 93.02
N VAL T 269 -32.78 14.67 93.27
CA VAL T 269 -33.65 13.63 92.71
C VAL T 269 -35.03 13.63 93.37
N LYS T 270 -35.17 14.28 94.52
CA LYS T 270 -36.47 14.38 95.19
C LYS T 270 -37.28 15.58 94.71
N GLN T 271 -36.72 16.42 93.84
CA GLN T 271 -37.45 17.56 93.31
C GLN T 271 -38.14 17.26 91.99
N MET T 272 -37.95 16.06 91.43
CA MET T 272 -38.59 15.70 90.18
C MET T 272 -40.05 15.30 90.43
N ARG T 273 -40.81 15.21 89.34
CA ARG T 273 -42.22 14.87 89.43
C ARG T 273 -42.40 13.41 89.81
N GLN T 274 -43.65 13.06 90.12
CA GLN T 274 -44.00 11.69 90.48
C GLN T 274 -44.19 10.88 89.20
N GLY T 275 -43.26 9.97 88.94
CA GLY T 275 -43.35 9.11 87.77
C GLY T 275 -42.77 9.74 86.52
N ALA T 276 -41.51 10.15 86.60
CA ALA T 276 -40.81 10.75 85.47
C ALA T 276 -39.78 9.79 84.92
N PHE T 277 -39.24 10.12 83.75
CA PHE T 277 -38.21 9.34 83.10
C PHE T 277 -36.87 10.06 83.19
N LEU T 278 -35.81 9.36 82.80
CA LEU T 278 -34.47 9.92 82.84
C LEU T 278 -33.60 9.23 81.79
N VAL T 279 -32.96 10.03 80.94
CA VAL T 279 -32.09 9.53 79.89
C VAL T 279 -30.73 10.20 80.04
N ASN T 280 -29.66 9.41 80.03
CA ASN T 280 -28.31 9.91 80.17
C ASN T 280 -27.43 9.31 79.09
N THR T 281 -26.85 10.15 78.23
CA THR T 281 -25.95 9.71 77.19
C THR T 281 -24.70 10.57 77.09
N ALA T 282 -24.45 11.47 78.04
CA ALA T 282 -23.31 12.37 77.96
C ALA T 282 -22.10 11.81 78.70
N ARG T 283 -22.20 11.67 80.03
CA ARG T 283 -21.10 11.19 80.84
C ARG T 283 -21.65 10.47 82.06
N GLY T 284 -20.82 9.61 82.65
CA GLY T 284 -21.25 8.79 83.76
C GLY T 284 -21.15 9.48 85.12
N GLY T 285 -20.32 10.52 85.20
CA GLY T 285 -20.12 11.21 86.45
C GLY T 285 -21.18 12.22 86.83
N LEU T 286 -22.17 12.43 85.97
CA LEU T 286 -23.23 13.39 86.23
C LEU T 286 -24.37 12.84 87.07
N VAL T 287 -24.42 11.53 87.28
CA VAL T 287 -25.54 10.88 87.97
C VAL T 287 -24.98 10.04 89.11
N ASP T 288 -25.58 10.16 90.29
CA ASP T 288 -25.24 9.33 91.44
C ASP T 288 -26.08 8.06 91.37
N GLU T 289 -25.43 6.93 91.03
CA GLU T 289 -26.16 5.70 90.81
C GLU T 289 -26.75 5.14 92.10
N LYS T 290 -26.12 5.43 93.24
CA LYS T 290 -26.65 4.93 94.51
C LYS T 290 -28.02 5.52 94.82
N ALA T 291 -28.20 6.81 94.56
CA ALA T 291 -29.48 7.44 94.81
C ALA T 291 -30.52 7.08 93.76
N LEU T 292 -30.08 6.83 92.52
CA LEU T 292 -31.01 6.46 91.46
C LEU T 292 -31.65 5.11 91.72
N ALA T 293 -30.89 4.16 92.28
CA ALA T 293 -31.42 2.82 92.51
C ALA T 293 -32.58 2.84 93.50
N GLN T 294 -32.47 3.65 94.55
CA GLN T 294 -33.54 3.73 95.55
C GLN T 294 -34.80 4.32 94.95
N ALA T 295 -34.66 5.30 94.06
CA ALA T 295 -35.83 5.92 93.45
C ALA T 295 -36.61 4.93 92.58
N LEU T 296 -35.89 4.08 91.84
CA LEU T 296 -36.56 3.10 90.99
C LEU T 296 -37.35 2.09 91.81
N LYS T 297 -36.79 1.65 92.93
CA LYS T 297 -37.47 0.64 93.75
C LYS T 297 -38.74 1.20 94.39
N GLU T 298 -38.67 2.41 94.93
CA GLU T 298 -39.84 3.00 95.59
C GLU T 298 -40.92 3.41 94.60
N GLY T 299 -40.57 3.63 93.34
CA GLY T 299 -41.54 3.98 92.32
C GLY T 299 -41.63 5.45 91.99
N ARG T 300 -40.75 6.29 92.53
CA ARG T 300 -40.78 7.71 92.21
C ARG T 300 -40.34 7.99 90.78
N ILE T 301 -39.56 7.09 90.17
CA ILE T 301 -39.12 7.21 88.79
C ILE T 301 -39.62 5.99 88.03
N ARG T 302 -40.35 6.22 86.94
CA ARG T 302 -40.97 5.12 86.22
C ARG T 302 -39.94 4.28 85.48
N GLY T 303 -38.92 4.92 84.92
CA GLY T 303 -37.90 4.17 84.18
C GLY T 303 -36.70 5.05 83.92
N ALA T 304 -35.63 4.41 83.43
CA ALA T 304 -34.39 5.09 83.13
C ALA T 304 -33.62 4.33 82.07
N ALA T 305 -33.08 5.06 81.10
CA ALA T 305 -32.24 4.50 80.04
C ALA T 305 -30.86 5.13 80.14
N LEU T 306 -29.84 4.29 80.26
CA LEU T 306 -28.47 4.75 80.48
C LEU T 306 -27.55 4.19 79.40
N ASP T 307 -26.65 5.03 78.91
CA ASP T 307 -25.62 4.61 77.96
C ASP T 307 -24.21 4.73 78.52
N VAL T 308 -24.00 5.53 79.56
CA VAL T 308 -22.71 5.71 80.19
C VAL T 308 -22.87 5.55 81.70
N HIS T 309 -21.88 4.93 82.34
CA HIS T 309 -21.95 4.61 83.75
C HIS T 309 -20.67 5.07 84.44
N GLU T 310 -20.74 5.17 85.77
CA GLU T 310 -19.59 5.62 86.55
C GLU T 310 -18.43 4.64 86.42
N SER T 311 -18.70 3.35 86.52
CA SER T 311 -17.68 2.32 86.42
C SER T 311 -17.92 1.50 85.16
N GLU T 312 -16.89 1.38 84.33
CA GLU T 312 -16.97 0.63 83.09
C GLU T 312 -15.85 -0.39 83.03
N PRO T 313 -16.09 -1.55 82.40
CA PRO T 313 -17.32 -1.96 81.71
C PRO T 313 -18.48 -2.30 82.66
N PHE T 314 -19.69 -2.24 82.14
CA PHE T 314 -20.90 -2.42 82.94
C PHE T 314 -21.34 -3.88 82.93
N SER T 315 -21.83 -4.35 84.08
CA SER T 315 -22.36 -5.69 84.21
C SER T 315 -23.62 -5.64 85.07
N PHE T 316 -24.64 -6.41 84.68
CA PHE T 316 -25.90 -6.42 85.41
C PHE T 316 -25.79 -7.09 86.76
N SER T 317 -24.76 -7.90 86.99
CA SER T 317 -24.62 -8.65 88.22
C SER T 317 -23.78 -7.93 89.27
N GLN T 318 -23.26 -6.74 88.98
CA GLN T 318 -22.41 -6.01 89.90
C GLN T 318 -22.82 -4.55 89.93
N GLY T 319 -22.55 -3.89 91.06
CA GLY T 319 -22.80 -2.48 91.21
C GLY T 319 -24.06 -2.17 91.98
N PRO T 320 -24.29 -0.89 92.26
CA PRO T 320 -25.51 -0.50 92.99
C PRO T 320 -26.79 -0.81 92.24
N LEU T 321 -26.74 -0.97 90.92
CA LEU T 321 -27.91 -1.27 90.10
C LEU T 321 -28.05 -2.76 89.83
N LYS T 322 -27.64 -3.61 90.78
CA LYS T 322 -27.69 -5.04 90.57
C LYS T 322 -29.11 -5.54 90.36
N ASP T 323 -30.05 -5.04 91.18
CA ASP T 323 -31.45 -5.45 91.11
C ASP T 323 -32.33 -4.19 91.17
N ALA T 324 -32.59 -3.61 90.00
CA ALA T 324 -33.44 -2.43 89.90
C ALA T 324 -34.39 -2.58 88.74
N PRO T 325 -35.70 -2.45 88.97
CA PRO T 325 -36.66 -2.65 87.87
C PRO T 325 -36.65 -1.48 86.89
N ASN T 326 -37.13 -1.78 85.68
CA ASN T 326 -37.31 -0.77 84.62
C ASN T 326 -36.01 -0.06 84.28
N LEU T 327 -35.06 -0.84 83.76
CA LEU T 327 -33.73 -0.33 83.43
C LEU T 327 -33.33 -0.80 82.05
N ILE T 328 -32.77 0.12 81.25
CA ILE T 328 -32.24 -0.18 79.93
C ILE T 328 -30.82 0.34 79.86
N CYS T 329 -29.89 -0.52 79.45
CA CYS T 329 -28.48 -0.17 79.40
C CYS T 329 -27.86 -0.60 78.09
N THR T 330 -26.90 0.19 77.61
CA THR T 330 -26.13 -0.08 76.40
C THR T 330 -24.65 0.10 76.69
N PRO T 331 -23.78 -0.62 75.97
CA PRO T 331 -22.34 -0.62 76.28
C PRO T 331 -21.55 0.54 75.68
N HIS T 332 -22.02 1.76 75.90
CA HIS T 332 -21.32 2.98 75.50
C HIS T 332 -21.01 2.97 74.01
N ALA T 333 -22.06 2.84 73.20
CA ALA T 333 -21.93 2.73 71.75
C ALA T 333 -22.95 3.62 71.05
N ALA T 334 -23.18 4.82 71.58
CA ALA T 334 -24.12 5.77 70.98
C ALA T 334 -23.48 6.61 69.89
N TRP T 335 -22.22 6.38 69.56
CA TRP T 335 -21.50 7.15 68.57
C TRP T 335 -21.11 6.36 67.34
N TYR T 336 -21.16 5.03 67.39
CA TYR T 336 -20.57 4.22 66.34
C TYR T 336 -21.41 4.26 65.06
N SER T 337 -20.71 4.33 63.93
CA SER T 337 -21.32 4.20 62.61
C SER T 337 -20.21 3.86 61.64
N GLU T 338 -20.60 3.23 60.52
CA GLU T 338 -19.60 2.85 59.52
C GLU T 338 -18.92 4.08 58.93
N GLN T 339 -19.69 5.11 58.61
CA GLN T 339 -19.11 6.33 58.05
C GLN T 339 -18.44 7.19 59.12
N ALA T 340 -19.02 7.25 60.32
CA ALA T 340 -18.48 8.10 61.37
C ALA T 340 -17.12 7.61 61.85
N SER T 341 -16.95 6.29 61.94
CA SER T 341 -15.68 5.74 62.43
C SER T 341 -14.51 6.11 61.53
N ILE T 342 -14.71 6.02 60.21
CA ILE T 342 -13.64 6.34 59.28
C ILE T 342 -13.33 7.83 59.29
N GLU T 343 -14.37 8.67 59.39
CA GLU T 343 -14.18 10.10 59.30
C GLU T 343 -13.34 10.63 60.47
N MET T 344 -13.61 10.16 61.68
CA MET T 344 -12.90 10.69 62.85
C MET T 344 -11.46 10.21 62.90
N ARG T 345 -11.17 9.02 62.38
CA ARG T 345 -9.80 8.50 62.43
C ARG T 345 -8.91 9.21 61.42
N GLU T 346 -9.44 9.55 60.25
CA GLU T 346 -8.64 10.26 59.25
C GLU T 346 -8.35 11.68 59.70
N GLU T 347 -9.32 12.36 60.31
CA GLU T 347 -9.12 13.74 60.74
C GLU T 347 -8.05 13.84 61.82
N ALA T 348 -8.05 12.90 62.77
CA ALA T 348 -7.05 12.92 63.83
C ALA T 348 -5.65 12.71 63.28
N ALA T 349 -5.50 11.82 62.29
CA ALA T 349 -4.18 11.56 61.72
C ALA T 349 -3.63 12.79 61.01
N ARG T 350 -4.48 13.52 60.29
CA ARG T 350 -4.03 14.71 59.59
C ARG T 350 -3.69 15.85 60.53
N GLU T 351 -4.26 15.87 61.73
CA GLU T 351 -3.90 16.90 62.70
C GLU T 351 -2.46 16.71 63.19
N ILE T 352 -2.03 15.46 63.34
CA ILE T 352 -0.65 15.20 63.74
C ILE T 352 0.33 15.67 62.68
N ARG T 353 0.01 15.41 61.41
CA ARG T 353 0.93 15.73 60.33
C ARG T 353 1.16 17.23 60.22
N ARG T 354 0.10 18.03 60.41
CA ARG T 354 0.26 19.47 60.35
C ARG T 354 1.16 19.99 61.46
N ALA T 355 1.04 19.41 62.66
CA ALA T 355 1.88 19.85 63.77
C ALA T 355 3.35 19.56 63.52
N ILE T 356 3.66 18.39 62.97
CA ILE T 356 5.05 18.02 62.72
C ILE T 356 5.66 18.92 61.65
N THR T 357 4.92 19.17 60.56
CA THR T 357 5.41 19.95 59.44
C THR T 357 4.92 21.40 59.47
N GLY T 358 4.74 21.96 60.65
CA GLY T 358 4.28 23.32 60.81
C GLY T 358 4.77 23.91 62.11
N ARG T 359 3.95 24.79 62.69
CA ARG T 359 4.27 25.42 63.96
C ARG T 359 3.07 25.33 64.89
N ILE T 360 3.36 25.24 66.19
CA ILE T 360 2.35 25.06 67.23
C ILE T 360 2.22 26.38 67.99
N PRO T 361 1.00 26.87 68.23
CA PRO T 361 -0.28 26.30 67.80
C PRO T 361 -0.90 27.03 66.61
N ASP T 362 -0.07 27.65 65.78
CA ASP T 362 -0.59 28.43 64.66
C ASP T 362 -1.25 27.54 63.61
N SER T 363 -0.70 26.35 63.37
CA SER T 363 -1.19 25.47 62.33
C SER T 363 -2.33 24.56 62.80
N LEU T 364 -2.66 24.58 64.10
CA LEU T 364 -3.70 23.72 64.62
C LEU T 364 -5.08 24.36 64.44
N LYS T 365 -6.07 23.54 64.10
CA LYS T 365 -7.43 24.03 63.88
C LYS T 365 -8.30 23.93 65.12
N ASN T 366 -8.21 22.82 65.86
CA ASN T 366 -9.02 22.59 67.05
C ASN T 366 -8.10 22.42 68.26
N CYS T 367 -7.77 23.52 68.90
CA CYS T 367 -6.96 23.51 70.12
C CYS T 367 -7.81 23.98 71.28
N VAL T 368 -7.75 23.25 72.40
CA VAL T 368 -8.61 23.50 73.54
C VAL T 368 -7.88 24.11 74.73
N ASN T 369 -6.55 24.13 74.73
CA ASN T 369 -5.77 24.69 75.82
C ASN T 369 -4.88 25.83 75.32
N LYS T 370 -5.38 26.60 74.36
CA LYS T 370 -4.58 27.69 73.79
C LYS T 370 -4.31 28.77 74.83
N ASP T 371 -5.30 29.09 75.66
CA ASP T 371 -5.11 30.11 76.68
C ASP T 371 -4.06 29.67 77.71
N HIS T 372 -4.11 28.42 78.15
CA HIS T 372 -3.17 27.93 79.14
C HIS T 372 -1.79 27.64 78.59
N LEU T 373 -1.67 27.53 77.26
CA LEU T 373 -0.38 27.20 76.67
C LEU T 373 0.58 28.37 76.80
N THR T 374 1.84 28.06 77.11
CA THR T 374 2.86 29.09 77.29
C THR T 374 3.98 28.94 76.26
N ARG U 44 -61.30 65.72 54.92
CA ARG U 44 -61.66 64.94 56.10
C ARG U 44 -62.06 65.86 57.27
N PRO U 45 -63.07 65.45 58.02
CA PRO U 45 -63.56 66.29 59.13
C PRO U 45 -62.50 66.48 60.21
N LEU U 46 -62.80 67.37 61.14
CA LEU U 46 -61.89 67.73 62.22
C LEU U 46 -62.46 67.30 63.56
N VAL U 47 -61.63 66.66 64.36
CA VAL U 47 -61.99 66.25 65.72
C VAL U 47 -60.99 66.88 66.68
N ALA U 48 -61.49 67.52 67.73
CA ALA U 48 -60.67 68.29 68.64
C ALA U 48 -60.77 67.75 70.05
N LEU U 49 -59.63 67.70 70.75
CA LEU U 49 -59.57 67.36 72.17
C LEU U 49 -59.51 68.67 72.95
N LEU U 50 -60.58 68.95 73.70
CA LEU U 50 -60.74 70.27 74.31
C LEU U 50 -59.69 70.52 75.38
N ASP U 51 -59.49 69.57 76.29
CA ASP U 51 -58.56 69.74 77.41
C ASP U 51 -57.61 68.54 77.43
N GLY U 52 -56.49 68.67 76.74
CA GLY U 52 -55.50 67.60 76.70
C GLY U 52 -54.39 67.96 75.75
N ARG U 53 -53.30 67.20 75.84
CA ARG U 53 -52.15 67.42 74.99
C ARG U 53 -51.66 66.11 74.37
N ASP U 54 -51.93 64.99 75.04
CA ASP U 54 -51.46 63.68 74.59
C ASP U 54 -52.57 62.99 73.81
N CYS U 55 -52.25 62.55 72.59
CA CYS U 55 -53.20 61.88 71.71
C CYS U 55 -52.54 60.67 71.05
N THR U 56 -51.70 59.96 71.80
CA THR U 56 -50.98 58.83 71.22
C THR U 56 -51.86 57.60 71.02
N VAL U 57 -52.99 57.51 71.72
CA VAL U 57 -53.86 56.36 71.62
C VAL U 57 -54.98 56.58 70.59
N GLU U 58 -55.56 57.77 70.57
CA GLU U 58 -56.66 58.05 69.65
C GLU U 58 -56.18 58.25 68.22
N MET U 59 -54.93 58.68 68.03
CA MET U 59 -54.44 58.97 66.68
C MET U 59 -54.45 57.76 65.75
N PRO U 60 -53.93 56.58 66.13
CA PRO U 60 -53.95 55.45 65.18
C PRO U 60 -55.34 54.99 64.79
N ILE U 61 -56.37 55.29 65.59
CA ILE U 61 -57.72 54.88 65.24
C ILE U 61 -58.36 55.89 64.29
N LEU U 62 -58.36 57.16 64.66
CA LEU U 62 -58.99 58.21 63.86
C LEU U 62 -57.97 58.91 62.95
N LYS U 63 -57.26 58.14 62.13
CA LYS U 63 -56.30 58.72 61.20
C LYS U 63 -56.72 58.63 59.75
N ASP U 64 -57.54 57.65 59.39
CA ASP U 64 -58.00 57.48 58.02
C ASP U 64 -59.46 57.89 57.83
N VAL U 65 -60.07 58.50 58.86
CA VAL U 65 -61.45 58.94 58.76
C VAL U 65 -61.65 60.39 59.20
N ALA U 66 -60.70 61.01 59.88
CA ALA U 66 -60.87 62.38 60.38
C ALA U 66 -59.50 62.97 60.64
N THR U 67 -59.49 64.24 61.07
CA THR U 67 -58.28 64.95 61.42
C THR U 67 -58.31 65.28 62.91
N VAL U 68 -57.25 64.92 63.62
CA VAL U 68 -57.19 65.05 65.07
C VAL U 68 -56.43 66.32 65.44
N ALA U 69 -56.90 67.01 66.48
CA ALA U 69 -56.25 68.21 66.98
C ALA U 69 -56.54 68.33 68.46
N PHE U 70 -55.72 69.12 69.16
CA PHE U 70 -55.90 69.35 70.58
C PHE U 70 -55.77 70.84 70.87
N CYS U 71 -56.37 71.29 71.97
CA CYS U 71 -56.26 72.70 72.32
C CYS U 71 -55.86 72.98 73.76
N ASP U 72 -55.76 71.97 74.63
CA ASP U 72 -55.16 72.13 75.96
C ASP U 72 -55.74 73.35 76.67
N ALA U 73 -57.05 73.51 76.59
CA ALA U 73 -57.72 74.67 77.16
C ALA U 73 -58.12 74.40 78.61
N GLN U 74 -58.16 75.48 79.40
CA GLN U 74 -58.61 75.41 80.78
C GLN U 74 -59.93 76.13 81.02
N SER U 75 -60.46 76.82 80.00
CA SER U 75 -61.72 77.52 80.12
C SER U 75 -62.33 77.65 78.73
N THR U 76 -63.62 77.99 78.69
CA THR U 76 -64.32 78.13 77.42
C THR U 76 -63.80 79.31 76.60
N GLN U 77 -63.07 80.22 77.21
CA GLN U 77 -62.53 81.39 76.51
C GLN U 77 -61.18 81.12 75.86
N GLU U 78 -60.63 79.92 76.02
CA GLU U 78 -59.32 79.59 75.46
C GLU U 78 -59.43 78.62 74.27
N ILE U 79 -60.60 78.55 73.64
CA ILE U 79 -60.81 77.68 72.51
C ILE U 79 -60.53 78.45 71.23
N HIS U 80 -59.74 77.86 70.34
CA HIS U 80 -59.35 78.53 69.10
C HIS U 80 -60.56 78.77 68.22
N GLU U 81 -60.48 79.84 67.42
CA GLU U 81 -61.61 80.21 66.55
C GLU U 81 -61.88 79.16 65.50
N LYS U 82 -60.84 78.48 65.01
CA LYS U 82 -61.03 77.47 63.99
C LYS U 82 -61.87 76.31 64.52
N VAL U 83 -61.68 75.94 65.79
CA VAL U 83 -62.46 74.87 66.38
C VAL U 83 -63.94 75.23 66.43
N LEU U 84 -64.26 76.47 66.81
CA LEU U 84 -65.64 76.88 66.95
C LEU U 84 -66.40 76.90 65.63
N ASN U 85 -65.71 76.82 64.49
CA ASN U 85 -66.36 76.88 63.20
C ASN U 85 -66.29 75.59 62.39
N GLU U 86 -65.28 74.75 62.62
CA GLU U 86 -65.03 73.59 61.78
C GLU U 86 -64.76 72.34 62.64
N ALA U 87 -65.59 72.11 63.64
CA ALA U 87 -65.47 70.94 64.49
C ALA U 87 -66.73 70.10 64.39
N VAL U 88 -66.56 68.79 64.18
CA VAL U 88 -67.68 67.86 64.12
C VAL U 88 -67.88 67.13 65.44
N GLY U 89 -66.78 66.68 66.06
CA GLY U 89 -66.85 66.01 67.34
C GLY U 89 -65.81 66.56 68.30
N ALA U 90 -65.99 66.23 69.57
CA ALA U 90 -65.09 66.73 70.61
C ALA U 90 -64.95 65.68 71.71
N LEU U 91 -63.80 65.72 72.39
CA LEU U 91 -63.51 64.87 73.53
C LEU U 91 -63.10 65.75 74.70
N MET U 92 -63.60 65.45 75.89
CA MET U 92 -63.35 66.30 77.03
C MET U 92 -63.29 65.47 78.32
N TYR U 93 -62.46 65.92 79.25
CA TYR U 93 -62.38 65.34 80.58
C TYR U 93 -63.29 66.14 81.53
N HIS U 94 -63.10 65.95 82.83
CA HIS U 94 -63.92 66.58 83.85
C HIS U 94 -63.44 67.97 84.26
N THR U 95 -62.38 68.47 83.65
CA THR U 95 -61.75 69.72 84.08
C THR U 95 -62.36 70.96 83.44
N ILE U 96 -63.32 70.80 82.53
CA ILE U 96 -63.92 71.93 81.82
C ILE U 96 -65.44 71.79 81.85
N THR U 97 -66.13 72.91 82.03
CA THR U 97 -67.58 72.94 82.13
C THR U 97 -68.17 73.70 80.95
N LEU U 98 -69.22 73.15 80.34
CA LEU U 98 -69.90 73.76 79.21
C LEU U 98 -71.33 74.09 79.60
N THR U 99 -71.74 75.32 79.30
CA THR U 99 -73.10 75.79 79.55
C THR U 99 -73.83 76.00 78.23
N ARG U 100 -75.07 76.48 78.31
CA ARG U 100 -75.85 76.69 77.11
C ARG U 100 -75.26 77.79 76.23
N GLU U 101 -74.75 78.86 76.84
CA GLU U 101 -74.13 79.93 76.07
C GLU U 101 -72.89 79.43 75.33
N ASP U 102 -72.10 78.56 75.98
CA ASP U 102 -70.93 78.00 75.32
C ASP U 102 -71.31 77.11 74.15
N LEU U 103 -72.39 76.34 74.29
CA LEU U 103 -72.79 75.43 73.23
C LEU U 103 -73.26 76.18 71.99
N GLU U 104 -73.91 77.35 72.18
CA GLU U 104 -74.42 78.10 71.04
C GLU U 104 -73.31 78.68 70.18
N LYS U 105 -72.08 78.76 70.69
CA LYS U 105 -70.97 79.31 69.91
C LYS U 105 -70.46 78.32 68.86
N PHE U 106 -70.75 77.03 69.01
CA PHE U 106 -70.36 76.05 68.01
C PHE U 106 -71.32 76.09 66.83
N LYS U 107 -70.77 75.95 65.63
CA LYS U 107 -71.56 76.05 64.40
C LYS U 107 -71.66 74.74 63.64
N ALA U 108 -70.83 73.75 63.95
CA ALA U 108 -70.89 72.47 63.23
C ALA U 108 -70.77 71.26 64.16
N LEU U 109 -70.83 71.45 65.47
CA LEU U 109 -70.71 70.33 66.40
C LEU U 109 -71.92 69.42 66.28
N ARG U 110 -71.68 68.11 66.36
CA ARG U 110 -72.75 67.13 66.20
C ARG U 110 -72.76 66.10 67.32
N ILE U 111 -71.61 65.84 67.93
CA ILE U 111 -71.51 64.80 68.95
C ILE U 111 -70.44 65.20 69.95
N ILE U 112 -70.69 64.91 71.22
CA ILE U 112 -69.73 65.11 72.30
C ILE U 112 -69.57 63.78 73.04
N VAL U 113 -68.34 63.35 73.23
CA VAL U 113 -68.03 62.10 73.93
C VAL U 113 -67.23 62.43 75.18
N ARG U 114 -67.73 61.97 76.32
CA ARG U 114 -67.12 62.23 77.62
C ARG U 114 -66.31 61.01 78.04
N ILE U 115 -65.02 61.20 78.27
CA ILE U 115 -64.15 60.10 78.67
C ILE U 115 -64.29 59.87 80.17
N GLY U 116 -65.22 59.01 80.55
CA GLY U 116 -65.51 58.75 81.94
C GLY U 116 -66.96 58.37 82.10
N SER U 117 -67.40 58.36 83.36
CA SER U 117 -68.77 57.96 83.70
C SER U 117 -69.67 59.10 84.12
N GLY U 118 -69.12 60.25 84.51
CA GLY U 118 -69.91 61.37 84.95
C GLY U 118 -70.08 62.41 83.85
N PHE U 119 -71.28 62.98 83.75
CA PHE U 119 -71.57 63.99 82.75
C PHE U 119 -72.33 65.17 83.35
N ASP U 120 -72.11 65.45 84.63
CA ASP U 120 -72.79 66.55 85.30
C ASP U 120 -72.24 67.92 84.92
N ASN U 121 -71.11 67.99 84.20
CA ASN U 121 -70.53 69.25 83.78
C ASN U 121 -70.99 69.67 82.39
N ILE U 122 -71.94 68.96 81.80
CA ILE U 122 -72.50 69.29 80.49
C ILE U 122 -74.00 69.45 80.64
N ASP U 123 -74.54 70.52 80.06
CA ASP U 123 -75.98 70.76 80.08
C ASP U 123 -76.64 69.81 79.10
N ILE U 124 -77.19 68.71 79.62
CA ILE U 124 -77.72 67.65 78.75
C ILE U 124 -78.96 68.13 78.01
N LYS U 125 -79.89 68.77 78.72
CA LYS U 125 -81.15 69.17 78.10
C LYS U 125 -80.94 70.22 77.01
N SER U 126 -80.07 71.19 77.25
CA SER U 126 -79.84 72.25 76.27
C SER U 126 -79.21 71.69 74.99
N ALA U 127 -78.27 70.75 75.14
CA ALA U 127 -77.62 70.17 73.97
C ALA U 127 -78.61 69.39 73.10
N GLY U 128 -79.63 68.80 73.71
CA GLY U 128 -80.62 68.07 72.94
C GLY U 128 -81.42 68.97 72.00
N ASP U 129 -81.79 70.16 72.48
CA ASP U 129 -82.55 71.09 71.66
C ASP U 129 -81.75 71.55 70.45
N LEU U 130 -80.45 71.82 70.64
CA LEU U 130 -79.61 72.25 69.54
C LEU U 130 -79.26 71.13 68.57
N GLY U 131 -79.52 69.87 68.93
CA GLY U 131 -79.24 68.76 68.05
C GLY U 131 -77.85 68.19 68.21
N ILE U 132 -77.41 68.02 69.45
CA ILE U 132 -76.08 67.50 69.75
C ILE U 132 -76.26 66.28 70.65
N ALA U 133 -75.57 65.19 70.31
CA ALA U 133 -75.63 63.95 71.07
C ALA U 133 -74.46 63.87 72.05
N VAL U 134 -74.73 63.32 73.23
CA VAL U 134 -73.74 63.20 74.30
C VAL U 134 -73.58 61.73 74.64
N CYS U 135 -72.33 61.28 74.72
CA CYS U 135 -72.00 59.90 75.02
C CYS U 135 -70.98 59.84 76.14
N ASN U 136 -70.81 58.65 76.73
CA ASN U 136 -69.85 58.46 77.79
C ASN U 136 -69.43 57.00 77.83
N VAL U 137 -68.46 56.70 78.69
CA VAL U 137 -67.99 55.33 78.92
C VAL U 137 -68.57 54.87 80.26
N PRO U 138 -69.56 53.99 80.28
CA PRO U 138 -70.29 53.72 81.53
C PRO U 138 -69.47 53.01 82.60
N ALA U 139 -68.77 51.94 82.24
CA ALA U 139 -68.10 51.09 83.23
C ALA U 139 -66.74 50.68 82.69
N ALA U 140 -65.69 51.36 83.14
CA ALA U 140 -64.32 50.97 82.81
C ALA U 140 -63.45 50.96 84.05
N SER U 141 -63.90 51.62 85.12
CA SER U 141 -63.16 51.71 86.37
C SER U 141 -64.08 51.45 87.56
N VAL U 142 -64.97 50.46 87.41
CA VAL U 142 -65.85 50.11 88.52
C VAL U 142 -65.06 49.50 89.67
N GLU U 143 -64.18 48.55 89.36
CA GLU U 143 -63.45 47.85 90.41
C GLU U 143 -62.32 48.69 90.99
N GLU U 144 -61.72 49.57 90.19
CA GLU U 144 -60.68 50.45 90.71
C GLU U 144 -61.24 51.40 91.76
N THR U 145 -62.43 51.96 91.51
CA THR U 145 -63.02 52.89 92.47
C THR U 145 -63.49 52.16 93.73
N ALA U 146 -63.99 50.93 93.58
CA ALA U 146 -64.43 50.17 94.74
C ALA U 146 -63.27 49.82 95.66
N ASP U 147 -62.12 49.46 95.09
CA ASP U 147 -60.95 49.15 95.91
C ASP U 147 -60.44 50.39 96.64
N SER U 148 -60.47 51.54 95.99
CA SER U 148 -60.02 52.77 96.64
C SER U 148 -60.94 53.17 97.79
N THR U 149 -62.23 52.92 97.66
CA THR U 149 -63.16 53.22 98.75
C THR U 149 -62.86 52.36 99.98
N LEU U 150 -62.56 51.08 99.77
CA LEU U 150 -62.24 50.20 100.90
C LEU U 150 -60.92 50.60 101.56
N CYS U 151 -59.97 51.11 100.78
CA CYS U 151 -58.70 51.54 101.35
C CYS U 151 -58.89 52.70 102.32
N HIS U 152 -59.76 53.65 101.96
CA HIS U 152 -60.01 54.79 102.84
C HIS U 152 -60.71 54.37 104.11
N ILE U 153 -61.64 53.41 104.02
CA ILE U 153 -62.37 52.96 105.20
C ILE U 153 -61.42 52.31 106.21
N LEU U 154 -60.50 51.48 105.73
CA LEU U 154 -59.57 50.81 106.63
C LEU U 154 -58.59 51.79 107.27
N ASN U 155 -58.21 52.86 106.57
CA ASN U 155 -57.30 53.83 107.15
C ASN U 155 -57.92 54.56 108.34
N LEU U 156 -59.24 54.75 108.33
CA LEU U 156 -59.89 55.45 109.44
C LEU U 156 -59.97 54.57 110.67
N TYR U 157 -60.27 53.28 110.49
CA TYR U 157 -60.37 52.37 111.64
C TYR U 157 -58.98 51.96 112.12
N ARG U 158 -58.21 51.30 111.26
CA ARG U 158 -56.83 50.93 111.59
C ARG U 158 -55.94 52.06 111.09
N ARG U 159 -55.65 53.02 111.97
CA ARG U 159 -54.89 54.20 111.60
C ARG U 159 -53.52 53.83 111.05
N ALA U 160 -53.31 54.02 109.75
CA ALA U 160 -52.05 53.67 109.11
C ALA U 160 -51.36 54.84 108.43
N THR U 161 -52.12 55.70 107.76
CA THR U 161 -51.51 56.89 107.16
C THR U 161 -51.01 57.85 108.22
N TRP U 162 -51.78 58.01 109.31
CA TRP U 162 -51.37 58.93 110.37
C TRP U 162 -50.15 58.41 111.13
N LEU U 163 -50.07 57.10 111.34
CA LEU U 163 -48.90 56.54 112.01
C LEU U 163 -47.65 56.67 111.16
N HIS U 164 -47.76 56.45 109.85
CA HIS U 164 -46.61 56.63 108.97
C HIS U 164 -46.18 58.09 108.91
N GLN U 165 -47.14 59.01 108.92
CA GLN U 165 -46.81 60.44 108.88
C GLN U 165 -46.08 60.86 110.15
N ALA U 166 -46.46 60.30 111.30
CA ALA U 166 -45.82 60.68 112.55
C ALA U 166 -44.35 60.31 112.59
N LEU U 167 -44.00 59.14 112.04
CA LEU U 167 -42.61 58.69 112.06
C LEU U 167 -41.72 59.62 111.25
N ARG U 168 -42.21 60.10 110.10
CA ARG U 168 -41.41 60.99 109.27
C ARG U 168 -41.16 62.33 109.94
N GLU U 169 -42.06 62.76 110.83
CA GLU U 169 -41.87 64.01 111.54
C GLU U 169 -40.84 63.90 112.66
N GLY U 170 -40.37 62.70 112.97
CA GLY U 170 -39.35 62.50 113.98
C GLY U 170 -39.84 61.96 115.30
N THR U 171 -41.11 61.57 115.40
CA THR U 171 -41.62 61.02 116.64
C THR U 171 -40.98 59.66 116.95
N ARG U 172 -40.61 59.46 118.21
CA ARG U 172 -39.98 58.23 118.67
C ARG U 172 -40.83 57.60 119.74
N VAL U 173 -41.17 56.32 119.55
CA VAL U 173 -41.97 55.56 120.50
C VAL U 173 -41.22 54.28 120.87
N GLN U 174 -41.02 54.05 122.16
CA GLN U 174 -40.27 52.90 122.63
C GLN U 174 -41.09 52.01 123.56
N SER U 175 -41.74 52.57 124.56
CA SER U 175 -42.48 51.77 125.53
C SER U 175 -43.88 51.45 125.01
N VAL U 176 -44.53 50.52 125.70
CA VAL U 176 -45.89 50.13 125.31
C VAL U 176 -46.87 51.26 125.59
N GLU U 177 -46.67 52.00 126.67
CA GLU U 177 -47.56 53.11 126.99
C GLU U 177 -47.53 54.17 125.90
N GLN U 178 -46.36 54.41 125.30
CA GLN U 178 -46.28 55.35 124.19
C GLN U 178 -47.04 54.84 122.97
N ILE U 179 -47.02 53.52 122.75
CA ILE U 179 -47.72 52.95 121.61
C ILE U 179 -49.23 53.16 121.75
N ARG U 180 -49.76 52.95 122.96
CA ARG U 180 -51.19 53.12 123.17
C ARG U 180 -51.63 54.56 123.00
N GLU U 181 -50.72 55.53 123.11
CA GLU U 181 -51.08 56.94 123.02
C GLU U 181 -51.03 57.47 121.59
N VAL U 182 -49.99 57.10 120.84
CA VAL U 182 -49.88 57.59 119.46
C VAL U 182 -50.98 56.99 118.59
N ALA U 183 -51.33 55.72 118.83
CA ALA U 183 -52.35 55.03 118.06
C ALA U 183 -53.70 54.99 118.78
N SER U 184 -53.99 56.00 119.59
CA SER U 184 -55.24 56.02 120.32
C SER U 184 -56.40 56.38 119.38
N GLY U 185 -57.46 55.58 119.43
CA GLY U 185 -58.62 55.78 118.59
C GLY U 185 -58.98 54.62 117.70
N ALA U 186 -58.11 53.63 117.55
CA ALA U 186 -58.43 52.47 116.73
C ALA U 186 -59.57 51.66 117.32
N ALA U 187 -60.39 51.08 116.45
CA ALA U 187 -61.60 50.37 116.86
C ALA U 187 -61.65 49.01 116.19
N ARG U 188 -62.65 48.23 116.60
CA ARG U 188 -62.86 46.88 116.08
C ARG U 188 -63.95 46.92 115.01
N ILE U 189 -63.64 46.38 113.84
CA ILE U 189 -64.52 46.50 112.69
C ILE U 189 -65.78 45.66 112.86
N ARG U 190 -65.63 44.43 113.34
CA ARG U 190 -66.77 43.52 113.41
C ARG U 190 -67.83 44.05 114.37
N GLY U 191 -69.08 44.02 113.90
CA GLY U 191 -70.22 44.51 114.67
C GLY U 191 -70.68 45.91 114.32
N GLU U 192 -69.92 46.63 113.50
CA GLU U 192 -70.28 47.99 113.12
C GLU U 192 -71.31 47.99 111.99
N THR U 193 -71.89 49.16 111.76
CA THR U 193 -72.91 49.34 110.74
C THR U 193 -72.39 50.29 109.67
N LEU U 194 -72.56 49.92 108.40
CA LEU U 194 -72.12 50.70 107.27
C LEU U 194 -73.32 51.19 106.47
N GLY U 195 -73.38 52.48 106.21
CA GLY U 195 -74.47 53.09 105.45
C GLY U 195 -73.99 53.55 104.10
N ILE U 196 -74.77 53.21 103.07
CA ILE U 196 -74.45 53.50 101.68
C ILE U 196 -75.58 54.32 101.08
N ILE U 197 -75.24 55.41 100.40
CA ILE U 197 -76.22 56.27 99.74
C ILE U 197 -76.04 56.10 98.23
N GLY U 198 -76.97 55.38 97.61
CA GLY U 198 -76.90 55.12 96.19
C GLY U 198 -76.30 53.77 95.86
N LEU U 199 -77.14 52.82 95.44
CA LEU U 199 -76.70 51.47 95.14
C LEU U 199 -76.64 51.30 93.63
N GLY U 200 -75.54 51.76 93.04
CA GLY U 200 -75.28 51.65 91.62
C GLY U 200 -74.26 50.57 91.31
N ARG U 201 -73.48 50.80 90.25
CA ARG U 201 -72.43 49.85 89.91
C ARG U 201 -71.35 49.82 90.99
N VAL U 202 -70.89 51.00 91.42
CA VAL U 202 -69.86 51.06 92.46
C VAL U 202 -70.46 50.67 93.81
N GLY U 203 -71.70 51.09 94.08
CA GLY U 203 -72.31 50.80 95.36
C GLY U 203 -72.46 49.31 95.62
N GLN U 204 -72.83 48.55 94.60
CA GLN U 204 -72.97 47.10 94.76
C GLN U 204 -71.62 46.44 94.99
N ALA U 205 -70.57 46.92 94.32
CA ALA U 205 -69.24 46.33 94.50
C ALA U 205 -68.73 46.53 95.91
N VAL U 206 -68.97 47.71 96.49
CA VAL U 206 -68.51 47.98 97.85
C VAL U 206 -69.24 47.11 98.86
N ALA U 207 -70.54 46.87 98.64
CA ALA U 207 -71.32 46.12 99.60
C ALA U 207 -70.83 44.67 99.72
N LEU U 208 -70.47 44.05 98.59
CA LEU U 208 -70.01 42.67 98.63
C LEU U 208 -68.69 42.54 99.38
N ARG U 209 -67.77 43.48 99.17
CA ARG U 209 -66.47 43.41 99.84
C ARG U 209 -66.56 43.73 101.32
N ALA U 210 -67.53 44.57 101.71
CA ALA U 210 -67.65 44.97 103.11
C ALA U 210 -68.18 43.86 104.00
N LYS U 211 -68.89 42.88 103.43
CA LYS U 211 -69.45 41.81 104.25
C LYS U 211 -68.40 40.81 104.71
N ALA U 212 -67.26 40.73 104.01
CA ALA U 212 -66.21 39.80 104.41
C ALA U 212 -65.50 40.24 105.68
N PHE U 213 -65.58 41.51 106.04
CA PHE U 213 -64.94 42.03 107.24
C PHE U 213 -65.84 42.03 108.46
N GLY U 214 -67.11 41.66 108.30
CA GLY U 214 -68.05 41.64 109.41
C GLY U 214 -68.96 42.84 109.53
N PHE U 215 -69.00 43.71 108.53
CA PHE U 215 -69.86 44.88 108.58
C PHE U 215 -71.33 44.49 108.47
N ASN U 216 -72.20 45.39 108.94
CA ASN U 216 -73.63 45.30 108.73
C ASN U 216 -74.03 46.42 107.79
N VAL U 217 -74.64 46.07 106.67
CA VAL U 217 -74.80 46.98 105.53
C VAL U 217 -76.25 47.41 105.40
N LEU U 218 -76.47 48.72 105.31
CA LEU U 218 -77.75 49.32 104.95
C LEU U 218 -77.55 50.21 103.73
N PHE U 219 -78.64 50.49 103.02
CA PHE U 219 -78.54 51.37 101.87
C PHE U 219 -79.85 52.13 101.70
N TYR U 220 -79.77 53.25 100.98
CA TYR U 220 -80.91 54.11 100.70
C TYR U 220 -80.86 54.51 99.24
N ASP U 221 -81.92 54.19 98.50
CA ASP U 221 -82.01 54.55 97.09
C ASP U 221 -83.48 54.64 96.68
N PRO U 222 -83.97 55.83 96.34
CA PRO U 222 -85.40 56.00 96.03
C PRO U 222 -85.77 55.74 94.58
N TYR U 223 -84.83 55.44 93.70
CA TYR U 223 -85.11 55.25 92.28
C TYR U 223 -85.02 53.79 91.85
N LEU U 224 -84.88 52.86 92.80
CA LEU U 224 -84.77 51.45 92.49
C LEU U 224 -86.13 50.76 92.62
N SER U 225 -86.21 49.57 92.04
CA SER U 225 -87.43 48.78 92.08
C SER U 225 -87.48 47.98 93.39
N ASP U 226 -88.44 47.07 93.50
CA ASP U 226 -88.64 46.29 94.71
C ASP U 226 -87.96 44.94 94.59
N GLY U 227 -87.34 44.51 95.69
CA GLY U 227 -86.71 43.20 95.74
C GLY U 227 -85.26 43.16 95.35
N VAL U 228 -84.63 44.29 95.09
CA VAL U 228 -83.21 44.30 94.76
C VAL U 228 -82.38 43.86 95.97
N GLU U 229 -82.81 44.24 97.17
CA GLU U 229 -82.09 43.84 98.38
C GLU U 229 -82.26 42.36 98.69
N ARG U 230 -83.36 41.74 98.22
CA ARG U 230 -83.56 40.32 98.46
C ARG U 230 -82.49 39.49 97.77
N ALA U 231 -82.12 39.86 96.54
CA ALA U 231 -81.12 39.10 95.79
C ALA U 231 -79.76 39.15 96.46
N LEU U 232 -79.36 40.32 96.95
CA LEU U 232 -78.05 40.49 97.55
C LEU U 232 -78.05 40.28 99.06
N GLY U 233 -79.21 40.06 99.67
CA GLY U 233 -79.28 39.85 101.11
C GLY U 233 -78.89 41.03 101.95
N LEU U 234 -79.33 42.23 101.58
CA LEU U 234 -79.04 43.46 102.30
C LEU U 234 -80.32 43.96 102.99
N GLN U 235 -80.20 45.12 103.63
CA GLN U 235 -81.31 45.75 104.32
C GLN U 235 -81.51 47.16 103.76
N ARG U 236 -82.77 47.54 103.58
CA ARG U 236 -83.14 48.78 102.90
C ARG U 236 -83.98 49.67 103.81
N VAL U 237 -83.69 50.97 103.79
CA VAL U 237 -84.48 51.95 104.51
C VAL U 237 -85.19 52.83 103.49
N SER U 238 -86.14 53.65 103.98
CA SER U 238 -86.99 54.44 103.11
C SER U 238 -86.73 55.94 103.17
N THR U 239 -86.06 56.44 104.21
CA THR U 239 -85.79 57.86 104.35
C THR U 239 -84.31 58.08 104.65
N LEU U 240 -83.81 59.25 104.24
CA LEU U 240 -82.42 59.60 104.51
C LEU U 240 -82.16 59.79 106.00
N GLN U 241 -83.14 60.35 106.71
CA GLN U 241 -82.95 60.59 108.14
C GLN U 241 -82.77 59.28 108.90
N ASP U 242 -83.53 58.24 108.52
CA ASP U 242 -83.41 56.96 109.20
C ASP U 242 -82.05 56.32 108.99
N LEU U 243 -81.44 56.52 107.81
CA LEU U 243 -80.12 55.98 107.56
C LEU U 243 -79.06 56.62 108.44
N LEU U 244 -79.15 57.94 108.64
CA LEU U 244 -78.14 58.64 109.42
C LEU U 244 -78.23 58.31 110.91
N PHE U 245 -79.43 57.95 111.39
CA PHE U 245 -79.59 57.67 112.81
C PHE U 245 -78.91 56.37 113.23
N HIS U 246 -78.81 55.39 112.33
CA HIS U 246 -78.35 54.05 112.68
C HIS U 246 -77.09 53.67 111.94
N SER U 247 -76.23 54.63 111.62
CA SER U 247 -75.01 54.37 110.87
C SER U 247 -73.80 54.85 111.64
N ASP U 248 -72.72 54.07 111.57
CA ASP U 248 -71.44 54.44 112.15
C ASP U 248 -70.42 54.90 111.11
N CYS U 249 -70.70 54.69 109.83
CA CYS U 249 -69.84 55.15 108.74
C CYS U 249 -70.69 55.37 107.51
N VAL U 250 -70.57 56.53 106.89
CA VAL U 250 -71.41 56.93 105.77
C VAL U 250 -70.53 57.12 104.55
N THR U 251 -70.92 56.50 103.44
CA THR U 251 -70.24 56.63 102.15
C THR U 251 -71.22 57.10 101.10
N LEU U 252 -70.76 57.99 100.22
CA LEU U 252 -71.59 58.58 99.18
C LEU U 252 -71.24 57.96 97.83
N HIS U 253 -72.26 57.44 97.13
CA HIS U 253 -72.05 56.85 95.82
C HIS U 253 -73.14 57.25 94.83
N CYS U 254 -73.81 58.36 95.03
CA CYS U 254 -74.91 58.78 94.17
C CYS U 254 -74.39 59.72 93.07
N GLY U 255 -75.31 60.15 92.20
CA GLY U 255 -74.99 61.09 91.16
C GLY U 255 -75.39 62.50 91.53
N LEU U 256 -74.81 63.46 90.82
CA LEU U 256 -75.04 64.89 91.11
C LEU U 256 -76.06 65.42 90.12
N ASN U 257 -77.34 65.25 90.47
CA ASN U 257 -78.43 65.86 89.72
C ASN U 257 -78.79 67.20 90.37
N GLU U 258 -79.91 67.79 89.97
CA GLU U 258 -80.31 69.10 90.46
C GLU U 258 -81.16 69.03 91.72
N HIS U 259 -81.45 67.84 92.23
CA HIS U 259 -82.27 67.69 93.43
C HIS U 259 -81.46 67.27 94.65
N ASN U 260 -80.14 67.18 94.55
CA ASN U 260 -79.33 66.73 95.67
C ASN U 260 -78.07 67.56 95.83
N HIS U 261 -78.11 68.83 95.43
CA HIS U 261 -76.97 69.72 95.66
C HIS U 261 -76.85 70.04 97.14
N HIS U 262 -75.64 69.93 97.67
CA HIS U 262 -75.36 70.10 99.10
C HIS U 262 -76.27 69.18 99.94
N LEU U 263 -76.18 67.88 99.64
CA LEU U 263 -76.98 66.89 100.35
C LEU U 263 -76.60 66.85 101.83
N ILE U 264 -75.31 66.88 102.13
CA ILE U 264 -74.84 66.93 103.51
C ILE U 264 -74.66 68.41 103.85
N ASN U 265 -75.74 69.04 104.28
CA ASN U 265 -75.74 70.44 104.64
C ASN U 265 -75.62 70.61 106.15
N ASP U 266 -75.80 71.84 106.63
CA ASP U 266 -75.66 72.11 108.05
C ASP U 266 -76.74 71.40 108.86
N PHE U 267 -77.97 71.39 108.37
CA PHE U 267 -79.07 70.79 109.12
C PHE U 267 -78.92 69.27 109.23
N THR U 268 -78.51 68.61 108.15
CA THR U 268 -78.41 67.16 108.15
C THR U 268 -77.20 66.65 108.90
N VAL U 269 -76.12 67.44 108.98
CA VAL U 269 -74.91 66.99 109.65
C VAL U 269 -75.10 66.86 111.15
N LYS U 270 -76.15 67.47 111.71
CA LYS U 270 -76.45 67.36 113.13
C LYS U 270 -77.31 66.15 113.46
N GLN U 271 -77.76 65.40 112.45
CA GLN U 271 -78.56 64.20 112.68
C GLN U 271 -77.72 62.93 112.74
N MET U 272 -76.42 63.02 112.50
CA MET U 272 -75.55 61.86 112.55
C MET U 272 -75.21 61.52 114.00
N ARG U 273 -74.66 60.33 114.19
CA ARG U 273 -74.31 59.85 115.52
C ARG U 273 -73.11 60.62 116.07
N GLN U 274 -72.86 60.41 117.36
CA GLN U 274 -71.72 61.03 118.04
C GLN U 274 -70.46 60.24 117.74
N GLY U 275 -69.56 60.82 116.94
CA GLY U 275 -68.31 60.15 116.62
C GLY U 275 -68.42 59.19 115.45
N ALA U 276 -68.90 59.69 114.32
CA ALA U 276 -69.04 58.89 113.10
C ALA U 276 -67.98 59.31 112.08
N PHE U 277 -67.85 58.50 111.04
CA PHE U 277 -66.92 58.76 109.94
C PHE U 277 -67.70 59.19 108.70
N LEU U 278 -66.95 59.65 107.70
CA LEU U 278 -67.54 60.11 106.45
C LEU U 278 -66.54 59.92 105.32
N VAL U 279 -66.96 59.25 104.26
CA VAL U 279 -66.13 59.02 103.08
C VAL U 279 -66.88 59.53 101.86
N ASN U 280 -66.20 60.32 101.04
CA ASN U 280 -66.79 60.88 99.82
C ASN U 280 -65.84 60.65 98.65
N THR U 281 -66.31 59.93 97.64
CA THR U 281 -65.53 59.69 96.43
C THR U 281 -66.35 59.87 95.16
N ALA U 282 -67.56 60.42 95.25
CA ALA U 282 -68.41 60.57 94.07
C ALA U 282 -68.26 61.93 93.42
N ARG U 283 -68.65 62.99 94.13
CA ARG U 283 -68.59 64.34 93.60
C ARG U 283 -68.39 65.32 94.74
N GLY U 284 -67.88 66.50 94.41
CA GLY U 284 -67.55 67.50 95.41
C GLY U 284 -68.72 68.37 95.82
N GLY U 285 -69.75 68.45 94.99
CA GLY U 285 -70.89 69.28 95.27
C GLY U 285 -71.92 68.70 96.22
N LEU U 286 -71.72 67.48 96.68
CA LEU U 286 -72.66 66.82 97.58
C LEU U 286 -72.42 67.16 99.05
N VAL U 287 -71.30 67.79 99.38
CA VAL U 287 -70.93 68.06 100.76
C VAL U 287 -70.64 69.54 100.91
N ASP U 288 -71.19 70.16 101.96
CA ASP U 288 -70.90 71.54 102.30
C ASP U 288 -69.67 71.57 103.20
N GLU U 289 -68.54 72.02 102.64
CA GLU U 289 -67.28 71.96 103.37
C GLU U 289 -67.25 72.92 104.55
N LYS U 290 -68.00 74.02 104.47
CA LYS U 290 -68.02 74.98 105.57
C LYS U 290 -68.61 74.36 106.83
N ALA U 291 -69.68 73.58 106.69
CA ALA U 291 -70.30 72.93 107.84
C ALA U 291 -69.49 71.75 108.33
N LEU U 292 -68.79 71.06 107.42
CA LEU U 292 -67.99 69.91 107.81
C LEU U 292 -66.82 70.33 108.70
N ALA U 293 -66.21 71.47 108.41
CA ALA U 293 -65.05 71.91 109.19
C ALA U 293 -65.41 72.15 110.65
N GLN U 294 -66.57 72.75 110.91
CA GLN U 294 -66.97 73.00 112.28
C GLN U 294 -67.22 71.71 113.04
N ALA U 295 -67.77 70.69 112.38
CA ALA U 295 -68.04 69.43 113.04
C ALA U 295 -66.75 68.74 113.46
N LEU U 296 -65.71 68.80 112.63
CA LEU U 296 -64.44 68.17 112.98
C LEU U 296 -63.80 68.83 114.19
N LYS U 297 -63.86 70.16 114.28
CA LYS U 297 -63.24 70.86 115.39
C LYS U 297 -63.94 70.56 116.71
N GLU U 298 -65.27 70.58 116.72
CA GLU U 298 -66.01 70.34 117.95
C GLU U 298 -65.94 68.88 118.39
N GLY U 299 -65.65 67.96 117.49
CA GLY U 299 -65.52 66.56 117.83
C GLY U 299 -66.73 65.70 117.54
N ARG U 300 -67.76 66.23 116.89
CA ARG U 300 -68.93 65.43 116.57
C ARG U 300 -68.63 64.39 115.48
N ILE U 301 -67.61 64.61 114.67
CA ILE U 301 -67.19 63.67 113.64
C ILE U 301 -65.74 63.29 113.91
N ARG U 302 -65.48 61.98 114.03
CA ARG U 302 -64.16 61.53 114.41
C ARG U 302 -63.14 61.74 113.29
N GLY U 303 -63.57 61.54 112.04
CA GLY U 303 -62.64 61.70 110.92
C GLY U 303 -63.40 61.73 109.62
N ALA U 304 -62.67 62.09 108.56
CA ALA U 304 -63.25 62.18 107.22
C ALA U 304 -62.16 61.97 106.19
N ALA U 305 -62.48 61.18 105.16
CA ALA U 305 -61.58 60.95 104.03
C ALA U 305 -62.27 61.45 102.77
N LEU U 306 -61.60 62.33 102.04
CA LEU U 306 -62.17 62.98 100.87
C LEU U 306 -61.27 62.77 99.66
N ASP U 307 -61.90 62.49 98.52
CA ASP U 307 -61.20 62.37 97.26
C ASP U 307 -61.60 63.43 96.24
N VAL U 308 -62.75 64.07 96.42
CA VAL U 308 -63.23 65.11 95.54
C VAL U 308 -63.67 66.30 96.37
N HIS U 309 -63.41 67.51 95.87
CA HIS U 309 -63.68 68.73 96.63
C HIS U 309 -64.45 69.71 95.74
N GLU U 310 -65.06 70.70 96.40
CA GLU U 310 -65.85 71.70 95.67
C GLU U 310 -64.96 72.51 94.73
N SER U 311 -63.80 72.94 95.21
CA SER U 311 -62.87 73.73 94.41
C SER U 311 -61.60 72.92 94.17
N GLU U 312 -61.21 72.79 92.91
CA GLU U 312 -60.03 72.03 92.54
C GLU U 312 -59.13 72.89 91.67
N PRO U 313 -57.80 72.71 91.77
CA PRO U 313 -57.08 71.74 92.61
C PRO U 313 -57.10 72.07 94.10
N PHE U 314 -56.88 71.06 94.93
CA PHE U 314 -56.97 71.21 96.38
C PHE U 314 -55.61 71.53 96.98
N SER U 315 -55.61 72.38 97.99
CA SER U 315 -54.41 72.75 98.72
C SER U 315 -54.73 72.82 100.21
N PHE U 316 -53.82 72.31 101.03
CA PHE U 316 -54.04 72.29 102.47
C PHE U 316 -53.97 73.68 103.10
N SER U 317 -53.37 74.65 102.40
CA SER U 317 -53.19 75.99 102.95
C SER U 317 -54.30 76.96 102.58
N GLN U 318 -55.30 76.51 101.82
CA GLN U 318 -56.38 77.39 101.38
C GLN U 318 -57.71 76.67 101.54
N GLY U 319 -58.78 77.46 101.70
CA GLY U 319 -60.11 76.92 101.78
C GLY U 319 -60.64 76.84 103.20
N PRO U 320 -61.91 76.47 103.35
CA PRO U 320 -62.50 76.32 104.69
C PRO U 320 -61.85 75.24 105.53
N LEU U 321 -61.18 74.26 104.90
CA LEU U 321 -60.52 73.17 105.61
C LEU U 321 -59.04 73.45 105.83
N LYS U 322 -58.67 74.72 106.02
CA LYS U 322 -57.26 75.06 106.18
C LYS U 322 -56.66 74.42 107.42
N ASP U 323 -57.39 74.43 108.53
CA ASP U 323 -56.92 73.86 109.80
C ASP U 323 -58.04 73.04 110.40
N ALA U 324 -58.11 71.76 110.02
CA ALA U 324 -59.10 70.85 110.56
C ALA U 324 -58.45 69.51 110.89
N PRO U 325 -58.59 69.03 112.12
CA PRO U 325 -57.93 67.78 112.51
C PRO U 325 -58.60 66.57 111.89
N ASN U 326 -57.83 65.49 111.79
CA ASN U 326 -58.32 64.18 111.34
C ASN U 326 -58.89 64.26 109.93
N LEU U 327 -58.03 64.58 108.98
CA LEU U 327 -58.43 64.75 107.59
C LEU U 327 -57.46 64.01 106.68
N ILE U 328 -58.02 63.29 105.70
CA ILE U 328 -57.24 62.61 104.67
C ILE U 328 -57.77 63.04 103.32
N CYS U 329 -56.87 63.45 102.43
CA CYS U 329 -57.25 63.96 101.11
C CYS U 329 -56.35 63.36 100.04
N THR U 330 -56.93 63.14 98.87
CA THR U 330 -56.24 62.64 97.69
C THR U 330 -56.60 63.49 96.49
N PRO U 331 -55.70 63.60 95.50
CA PRO U 331 -55.90 64.53 94.37
C PRO U 331 -56.75 63.99 93.24
N HIS U 332 -57.94 63.48 93.58
CA HIS U 332 -58.94 63.04 92.60
C HIS U 332 -58.35 62.00 91.65
N ALA U 333 -57.84 60.91 92.23
CA ALA U 333 -57.19 59.85 91.47
C ALA U 333 -57.66 58.48 91.93
N ALA U 334 -58.96 58.34 92.18
CA ALA U 334 -59.54 57.08 92.61
C ALA U 334 -59.92 56.18 91.43
N TRP U 335 -59.63 56.61 90.20
CA TRP U 335 -59.98 55.87 89.02
C TRP U 335 -58.78 55.36 88.22
N TYR U 336 -57.59 55.88 88.48
CA TYR U 336 -56.46 55.62 87.61
C TYR U 336 -55.94 54.19 87.77
N SER U 337 -55.60 53.58 86.64
CA SER U 337 -54.92 52.29 86.59
C SER U 337 -54.27 52.16 85.23
N GLU U 338 -53.24 51.33 85.15
CA GLU U 338 -52.54 51.13 83.88
C GLU U 338 -53.46 50.54 82.83
N GLN U 339 -54.25 49.53 83.21
CA GLN U 339 -55.17 48.90 82.28
C GLN U 339 -56.42 49.75 82.04
N ALA U 340 -56.90 50.41 83.09
CA ALA U 340 -58.14 51.19 82.96
C ALA U 340 -57.96 52.40 82.06
N SER U 341 -56.79 53.04 82.13
CA SER U 341 -56.55 54.24 81.33
C SER U 341 -56.58 53.92 79.84
N ILE U 342 -55.97 52.81 79.43
CA ILE U 342 -55.93 52.46 78.02
C ILE U 342 -57.32 52.06 77.53
N GLU U 343 -58.07 51.34 78.36
CA GLU U 343 -59.38 50.82 77.94
C GLU U 343 -60.36 51.95 77.66
N MET U 344 -60.40 52.97 78.51
CA MET U 344 -61.39 54.03 78.34
C MET U 344 -61.04 54.94 77.17
N ARG U 345 -59.76 55.11 76.85
CA ARG U 345 -59.37 55.98 75.75
C ARG U 345 -59.67 55.33 74.39
N GLU U 346 -59.48 54.02 74.29
CA GLU U 346 -59.78 53.33 73.03
C GLU U 346 -61.27 53.29 72.76
N GLU U 347 -62.08 53.08 73.79
CA GLU U 347 -63.53 52.99 73.61
C GLU U 347 -64.11 54.32 73.14
N ALA U 348 -63.62 55.43 73.70
CA ALA U 348 -64.12 56.75 73.30
C ALA U 348 -63.78 57.05 71.85
N ALA U 349 -62.58 56.67 71.41
CA ALA U 349 -62.18 56.93 70.03
C ALA U 349 -63.05 56.17 69.04
N ARG U 350 -63.39 54.91 69.36
CA ARG U 350 -64.21 54.12 68.46
C ARG U 350 -65.66 54.60 68.42
N GLU U 351 -66.12 55.29 69.47
CA GLU U 351 -67.47 55.85 69.43
C GLU U 351 -67.57 56.98 68.42
N ILE U 352 -66.51 57.77 68.28
CA ILE U 352 -66.49 58.85 67.30
C ILE U 352 -66.55 58.29 65.89
N ARG U 353 -65.79 57.22 65.63
CA ARG U 353 -65.70 56.67 64.28
C ARG U 353 -67.05 56.12 63.81
N ARG U 354 -67.80 55.49 64.71
CA ARG U 354 -69.11 54.97 64.33
C ARG U 354 -70.07 56.09 63.97
N ALA U 355 -70.01 57.21 64.69
CA ALA U 355 -70.91 58.32 64.40
C ALA U 355 -70.61 58.93 63.03
N ILE U 356 -69.33 59.08 62.68
CA ILE U 356 -68.97 59.67 61.39
C ILE U 356 -69.40 58.77 60.25
N THR U 357 -69.15 57.45 60.37
CA THR U 357 -69.44 56.50 59.32
C THR U 357 -70.75 55.75 59.56
N GLY U 358 -71.73 56.41 60.16
CA GLY U 358 -73.02 55.80 60.44
C GLY U 358 -74.10 56.85 60.51
N ARG U 359 -75.10 56.60 61.36
CA ARG U 359 -76.20 57.53 61.56
C ARG U 359 -76.43 57.74 63.04
N ILE U 360 -76.87 58.94 63.39
CA ILE U 360 -77.07 59.36 64.77
C ILE U 360 -78.57 59.42 65.03
N PRO U 361 -79.06 58.86 66.15
CA PRO U 361 -78.30 58.12 67.16
C PRO U 361 -78.46 56.60 67.06
N ASP U 362 -78.73 56.10 65.86
CA ASP U 362 -78.98 54.66 65.71
C ASP U 362 -77.72 53.84 65.95
N SER U 363 -76.56 54.36 65.52
CA SER U 363 -75.32 53.63 65.63
C SER U 363 -74.62 53.80 66.98
N LEU U 364 -75.13 54.67 67.84
CA LEU U 364 -74.49 54.92 69.13
C LEU U 364 -74.94 53.88 70.15
N LYS U 365 -74.01 53.46 71.00
CA LYS U 365 -74.29 52.46 72.02
C LYS U 365 -74.64 53.08 73.37
N ASN U 366 -73.94 54.12 73.78
CA ASN U 366 -74.16 54.77 75.07
C ASN U 366 -74.52 56.23 74.83
N CYS U 367 -75.81 56.50 74.66
CA CYS U 367 -76.32 57.85 74.50
C CYS U 367 -77.18 58.22 75.71
N VAL U 368 -76.95 59.40 76.25
CA VAL U 368 -77.60 59.81 77.50
C VAL U 368 -78.66 60.88 77.31
N ASN U 369 -78.75 61.50 76.13
CA ASN U 369 -79.74 62.53 75.85
C ASN U 369 -80.63 62.13 74.68
N LYS U 370 -80.93 60.83 74.57
CA LYS U 370 -81.74 60.35 73.45
C LYS U 370 -83.15 60.90 73.52
N ASP U 371 -83.73 60.98 74.72
CA ASP U 371 -85.08 61.51 74.86
C ASP U 371 -85.15 62.98 74.47
N HIS U 372 -84.16 63.78 74.90
CA HIS U 372 -84.17 65.20 74.59
C HIS U 372 -83.76 65.51 73.17
N LEU U 373 -83.12 64.56 72.48
CA LEU U 373 -82.65 64.80 71.12
C LEU U 373 -83.82 64.93 70.16
N THR U 374 -83.73 65.89 69.25
CA THR U 374 -84.79 66.13 68.28
C THR U 374 -84.30 65.89 66.85
N PRO V 45 -47.98 36.69 148.64
CA PRO V 45 -46.86 36.65 147.68
C PRO V 45 -46.76 37.94 146.88
N LEU V 46 -45.67 38.05 146.14
CA LEU V 46 -45.37 39.25 145.36
C LEU V 46 -45.40 38.92 143.87
N VAL V 47 -46.09 39.76 143.10
CA VAL V 47 -46.15 39.63 141.64
C VAL V 47 -45.63 40.94 141.05
N ALA V 48 -44.72 40.83 140.10
CA ALA V 48 -44.02 42.00 139.55
C ALA V 48 -44.26 42.11 138.05
N LEU V 49 -44.48 43.34 137.59
CA LEU V 49 -44.57 43.65 136.16
C LEU V 49 -43.20 44.16 135.72
N LEU V 50 -42.52 43.38 134.88
CA LEU V 50 -41.13 43.66 134.56
C LEU V 50 -40.97 44.96 133.79
N ASP V 51 -41.76 45.14 132.72
CA ASP V 51 -41.65 46.31 131.85
C ASP V 51 -43.02 46.96 131.74
N GLY V 52 -43.31 47.89 132.63
CA GLY V 52 -44.58 48.60 132.60
C GLY V 52 -44.69 49.51 133.79
N ARG V 53 -45.69 50.39 133.72
CA ARG V 53 -45.93 51.36 134.79
C ARG V 53 -47.40 51.39 135.18
N ASP V 54 -48.28 51.05 134.24
CA ASP V 54 -49.71 51.11 134.45
C ASP V 54 -50.23 49.72 134.84
N CYS V 55 -50.95 49.67 135.97
CA CYS V 55 -51.50 48.41 136.49
C CYS V 55 -52.93 48.62 136.97
N THR V 56 -53.70 49.44 136.25
CA THR V 56 -55.06 49.75 136.67
C THR V 56 -56.02 48.61 136.42
N VAL V 57 -55.69 47.68 135.53
CA VAL V 57 -56.59 46.57 135.21
C VAL V 57 -56.27 45.33 136.04
N GLU V 58 -54.98 45.03 136.23
CA GLU V 58 -54.60 43.84 136.97
C GLU V 58 -54.80 44.01 138.47
N MET V 59 -54.75 45.24 138.98
CA MET V 59 -54.83 45.46 140.42
C MET V 59 -56.14 44.98 141.04
N PRO V 60 -57.32 45.30 140.50
CA PRO V 60 -58.56 44.83 141.16
C PRO V 60 -58.71 43.32 141.18
N ILE V 61 -58.03 42.59 140.30
CA ILE V 61 -58.13 41.14 140.29
C ILE V 61 -57.18 40.53 141.32
N LEU V 62 -55.90 40.88 141.25
CA LEU V 62 -54.87 40.34 142.14
C LEU V 62 -54.63 41.24 143.35
N LYS V 63 -55.70 41.58 144.09
CA LYS V 63 -55.56 42.39 145.28
C LYS V 63 -55.79 41.63 146.58
N ASP V 64 -56.58 40.57 146.55
CA ASP V 64 -56.86 39.77 147.74
C ASP V 64 -56.13 38.45 147.75
N VAL V 65 -55.21 38.23 146.81
CA VAL V 65 -54.45 36.99 146.76
C VAL V 65 -52.95 37.21 146.62
N ALA V 66 -52.48 38.40 146.28
CA ALA V 66 -51.06 38.64 146.08
C ALA V 66 -50.80 40.14 146.22
N THR V 67 -49.52 40.51 146.09
CA THR V 67 -49.09 41.90 146.13
C THR V 67 -48.50 42.28 144.78
N VAL V 68 -48.99 43.37 144.20
CA VAL V 68 -48.63 43.78 142.85
C VAL V 68 -47.56 44.86 142.93
N ALA V 69 -46.60 44.80 142.01
CA ALA V 69 -45.54 45.80 141.91
C ALA V 69 -45.08 45.88 140.47
N PHE V 70 -44.43 46.99 140.12
CA PHE V 70 -43.90 47.21 138.78
C PHE V 70 -42.47 47.71 138.86
N CYS V 71 -41.72 47.45 137.80
CA CYS V 71 -40.31 47.82 137.72
C CYS V 71 -39.99 48.83 136.63
N ASP V 72 -40.74 48.82 135.53
CA ASP V 72 -40.51 49.73 134.40
C ASP V 72 -39.07 49.60 133.88
N ALA V 73 -38.60 48.37 133.77
CA ALA V 73 -37.22 48.10 133.36
C ALA V 73 -37.11 48.00 131.84
N GLN V 74 -35.94 48.38 131.33
CA GLN V 74 -35.64 48.25 129.91
C GLN V 74 -34.59 47.21 129.61
N SER V 75 -33.96 46.62 130.64
CA SER V 75 -32.95 45.60 130.46
C SER V 75 -32.92 44.73 131.71
N THR V 76 -32.27 43.58 131.59
CA THR V 76 -32.19 42.65 132.71
C THR V 76 -31.35 43.20 133.86
N GLN V 77 -30.55 44.24 133.61
CA GLN V 77 -29.71 44.83 134.65
C GLN V 77 -30.42 45.92 135.45
N GLU V 78 -31.68 46.22 135.13
CA GLU V 78 -32.43 47.25 135.82
C GLU V 78 -33.53 46.68 136.72
N ILE V 79 -33.41 45.41 137.09
CA ILE V 79 -34.39 44.76 137.95
C ILE V 79 -33.95 44.89 139.40
N HIS V 80 -34.87 45.32 140.25
CA HIS V 80 -34.56 45.55 141.66
C HIS V 80 -34.17 44.25 142.35
N GLU V 81 -33.31 44.37 143.37
CA GLU V 81 -32.82 43.19 144.08
C GLU V 81 -33.94 42.46 144.82
N LYS V 82 -34.94 43.19 145.31
CA LYS V 82 -36.04 42.56 146.02
C LYS V 82 -36.83 41.63 145.10
N VAL V 83 -37.00 42.02 143.83
CA VAL V 83 -37.71 41.19 142.88
C VAL V 83 -36.98 39.87 142.65
N LEU V 84 -35.66 39.93 142.51
CA LEU V 84 -34.88 38.73 142.22
C LEU V 84 -34.91 37.71 143.35
N ASN V 85 -35.36 38.09 144.55
CA ASN V 85 -35.36 37.20 145.70
C ASN V 85 -36.75 36.80 146.18
N GLU V 86 -37.76 37.63 145.95
CA GLU V 86 -39.09 37.43 146.53
C GLU V 86 -40.18 37.61 145.49
N ALA V 87 -40.01 37.00 144.32
CA ALA V 87 -41.01 37.06 143.25
C ALA V 87 -41.50 35.65 142.94
N VAL V 88 -42.82 35.48 142.87
CA VAL V 88 -43.43 34.21 142.53
C VAL V 88 -43.85 34.17 141.07
N GLY V 89 -44.43 35.25 140.56
CA GLY V 89 -44.82 35.33 139.17
C GLY V 89 -44.41 36.67 138.57
N ALA V 90 -44.45 36.71 137.23
CA ALA V 90 -44.03 37.90 136.51
C ALA V 90 -44.87 38.08 135.25
N LEU V 91 -45.00 39.32 134.82
CA LEU V 91 -45.68 39.69 133.59
C LEU V 91 -44.74 40.53 132.74
N MET V 92 -44.68 40.25 131.44
CA MET V 92 -43.74 40.94 130.57
C MET V 92 -44.32 41.10 129.18
N TYR V 93 -43.94 42.21 128.53
CA TYR V 93 -44.27 42.47 127.14
C TYR V 93 -43.12 41.99 126.25
N HIS V 94 -43.12 42.43 124.99
CA HIS V 94 -42.13 42.01 124.01
C HIS V 94 -40.86 42.86 124.02
N THR V 95 -40.77 43.85 124.92
CA THR V 95 -39.66 44.80 124.89
C THR V 95 -38.44 44.35 125.68
N ILE V 96 -38.50 43.19 126.34
CA ILE V 96 -37.40 42.70 127.18
C ILE V 96 -37.15 41.23 126.84
N THR V 97 -35.87 40.86 126.81
CA THR V 97 -35.45 39.50 126.45
C THR V 97 -34.78 38.85 127.65
N LEU V 98 -35.15 37.59 127.92
CA LEU V 98 -34.59 36.82 129.01
C LEU V 98 -33.83 35.62 128.46
N THR V 99 -32.61 35.42 128.95
CA THR V 99 -31.76 34.30 128.58
C THR V 99 -31.62 33.35 129.76
N ARG V 100 -30.83 32.29 129.57
CA ARG V 100 -30.64 31.31 130.63
C ARG V 100 -29.91 31.91 131.83
N GLU V 101 -28.91 32.76 131.57
CA GLU V 101 -28.19 33.41 132.66
C GLU V 101 -29.12 34.31 133.48
N ASP V 102 -30.03 35.02 132.81
CA ASP V 102 -30.98 35.86 133.51
C ASP V 102 -31.94 35.04 134.37
N LEU V 103 -32.36 33.89 133.87
CA LEU V 103 -33.31 33.06 134.60
C LEU V 103 -32.70 32.50 135.88
N GLU V 104 -31.40 32.18 135.85
CA GLU V 104 -30.74 31.59 137.01
C GLU V 104 -30.62 32.57 138.17
N LYS V 105 -30.77 33.87 137.91
CA LYS V 105 -30.69 34.86 138.98
C LYS V 105 -31.94 34.90 139.85
N PHE V 106 -33.06 34.38 139.37
CA PHE V 106 -34.27 34.32 140.17
C PHE V 106 -34.20 33.15 141.14
N LYS V 107 -34.68 33.36 142.36
CA LYS V 107 -34.61 32.36 143.41
C LYS V 107 -35.95 31.79 143.83
N ALA V 108 -37.06 32.44 143.46
CA ALA V 108 -38.38 31.95 143.85
C ALA V 108 -39.40 32.01 142.71
N LEU V 109 -38.97 32.30 141.49
CA LEU V 109 -39.90 32.38 140.36
C LEU V 109 -40.48 31.02 140.05
N ARG V 110 -41.77 30.98 139.73
CA ARG V 110 -42.44 29.71 139.47
C ARG V 110 -43.24 29.74 138.15
N ILE V 111 -43.67 30.92 137.72
CA ILE V 111 -44.50 31.02 136.52
C ILE V 111 -44.22 32.36 135.84
N ILE V 112 -44.21 32.34 134.51
CA ILE V 112 -44.07 33.54 133.70
C ILE V 112 -45.24 33.57 132.71
N VAL V 113 -45.94 34.71 132.66
CA VAL V 113 -47.08 34.88 131.76
C VAL V 113 -46.74 35.99 130.79
N ARG V 114 -46.85 35.69 129.50
CA ARG V 114 -46.53 36.62 128.42
C ARG V 114 -47.83 37.22 127.90
N ILE V 115 -47.95 38.55 127.94
CA ILE V 115 -49.14 39.22 127.47
C ILE V 115 -49.06 39.38 125.96
N GLY V 116 -49.56 38.40 125.24
CA GLY V 116 -49.48 38.39 123.79
C GLY V 116 -49.45 36.97 123.28
N SER V 117 -49.12 36.83 122.00
CA SER V 117 -49.09 35.53 121.34
C SER V 117 -47.70 35.01 121.04
N GLY V 118 -46.69 35.87 121.02
CA GLY V 118 -45.33 35.46 120.71
C GLY V 118 -44.51 35.27 121.97
N PHE V 119 -43.67 34.23 121.97
CA PHE V 119 -42.81 33.94 123.12
C PHE V 119 -41.39 33.61 122.67
N ASP V 120 -40.95 34.18 121.55
CA ASP V 120 -39.61 33.92 121.04
C ASP V 120 -38.52 34.65 121.81
N ASN V 121 -38.87 35.57 122.71
CA ASN V 121 -37.90 36.29 123.50
C ASN V 121 -37.62 35.63 124.85
N ILE V 122 -38.16 34.44 125.07
CA ILE V 122 -37.94 33.69 126.32
C ILE V 122 -37.37 32.32 125.94
N ASP V 123 -36.32 31.91 126.64
CA ASP V 123 -35.72 30.59 126.42
C ASP V 123 -36.64 29.54 127.03
N ILE V 124 -37.44 28.90 126.18
CA ILE V 124 -38.46 27.97 126.66
C ILE V 124 -37.82 26.73 127.27
N LYS V 125 -36.84 26.15 126.57
CA LYS V 125 -36.25 24.90 127.03
C LYS V 125 -35.50 25.07 128.35
N SER V 126 -34.76 26.17 128.49
CA SER V 126 -33.99 26.39 129.71
C SER V 126 -34.90 26.57 130.92
N ALA V 127 -36.02 27.29 130.73
CA ALA V 127 -36.94 27.52 131.84
C ALA V 127 -37.58 26.22 132.32
N GLY V 128 -37.77 25.25 131.41
CA GLY V 128 -38.34 23.98 131.82
C GLY V 128 -37.44 23.20 132.76
N ASP V 129 -36.14 23.22 132.51
CA ASP V 129 -35.21 22.50 133.38
C ASP V 129 -35.19 23.09 134.79
N LEU V 130 -35.24 24.42 134.90
CA LEU V 130 -35.23 25.07 136.19
C LEU V 130 -36.55 24.93 136.93
N GLY V 131 -37.62 24.50 136.26
CA GLY V 131 -38.90 24.31 136.90
C GLY V 131 -39.77 25.55 136.87
N ILE V 132 -39.83 26.22 135.72
CA ILE V 132 -40.61 27.44 135.54
C ILE V 132 -41.57 27.22 134.37
N ALA V 133 -42.83 27.56 134.58
CA ALA V 133 -43.86 27.41 133.56
C ALA V 133 -44.07 28.72 132.81
N VAL V 134 -44.32 28.62 131.51
CA VAL V 134 -44.49 29.77 130.64
C VAL V 134 -45.88 29.70 130.00
N CYS V 135 -46.61 30.81 130.05
CA CYS V 135 -47.96 30.88 129.51
C CYS V 135 -48.07 32.11 128.60
N ASN V 136 -49.14 32.14 127.81
CA ASN V 136 -49.38 33.26 126.92
C ASN V 136 -50.88 33.35 126.63
N VAL V 137 -51.26 34.39 125.91
CA VAL V 137 -52.64 34.60 125.46
C VAL V 137 -52.69 34.27 123.97
N PRO V 138 -53.27 33.14 123.58
CA PRO V 138 -53.12 32.68 122.19
C PRO V 138 -53.80 33.55 121.14
N ALA V 139 -55.07 33.89 121.37
CA ALA V 139 -55.87 34.58 120.36
C ALA V 139 -56.71 35.66 121.03
N ALA V 140 -56.25 36.90 120.93
CA ALA V 140 -57.04 38.04 121.40
C ALA V 140 -57.05 39.16 120.36
N SER V 141 -56.11 39.11 119.42
CA SER V 141 -55.99 40.11 118.37
C SER V 141 -55.80 39.46 117.01
N VAL V 142 -56.54 38.37 116.77
CA VAL V 142 -56.44 37.71 115.46
C VAL V 142 -57.03 38.59 114.37
N GLU V 143 -58.21 39.16 114.61
CA GLU V 143 -58.88 39.94 113.58
C GLU V 143 -58.27 41.32 113.42
N GLU V 144 -57.73 41.90 114.49
CA GLU V 144 -57.07 43.20 114.36
C GLU V 144 -55.84 43.10 113.47
N THR V 145 -55.04 42.05 113.64
CA THR V 145 -53.84 41.90 112.82
C THR V 145 -54.19 41.59 111.37
N ALA V 146 -55.25 40.82 111.14
CA ALA V 146 -55.66 40.49 109.78
C ALA V 146 -56.13 41.73 109.03
N ASP V 147 -56.86 42.61 109.70
CA ASP V 147 -57.31 43.85 109.05
C ASP V 147 -56.15 44.76 108.72
N SER V 148 -55.15 44.84 109.61
CA SER V 148 -53.99 45.67 109.34
C SER V 148 -53.17 45.15 108.17
N THR V 149 -53.09 43.83 108.00
CA THR V 149 -52.38 43.27 106.87
C THR V 149 -53.05 43.65 105.55
N LEU V 150 -54.39 43.61 105.50
CA LEU V 150 -55.10 43.98 104.29
C LEU V 150 -54.95 45.47 103.98
N CYS V 151 -54.85 46.31 105.01
CA CYS V 151 -54.66 47.73 104.79
C CYS V 151 -53.34 48.02 104.10
N HIS V 152 -52.28 47.33 104.50
CA HIS V 152 -50.97 47.53 103.87
C HIS V 152 -50.97 47.06 102.42
N ILE V 153 -51.66 45.96 102.13
CA ILE V 153 -51.70 45.43 100.77
C ILE V 153 -52.36 46.43 99.83
N LEU V 154 -53.48 47.02 100.26
CA LEU V 154 -54.20 47.96 99.41
C LEU V 154 -53.40 49.25 99.19
N ASN V 155 -52.62 49.68 100.18
CA ASN V 155 -51.82 50.88 100.00
C ASN V 155 -50.76 50.72 98.93
N LEU V 156 -50.24 49.50 98.74
CA LEU V 156 -49.21 49.29 97.72
C LEU V 156 -49.82 49.31 96.32
N TYR V 157 -50.99 48.70 96.15
CA TYR V 157 -51.63 48.67 94.83
C TYR V 157 -52.29 50.02 94.52
N ARG V 158 -53.26 50.42 95.33
CA ARG V 158 -53.91 51.72 95.19
C ARG V 158 -53.16 52.70 96.08
N ARG V 159 -52.17 53.38 95.51
CA ARG V 159 -51.30 54.27 96.27
C ARG V 159 -52.11 55.37 96.95
N ALA V 160 -52.21 55.32 98.27
CA ALA V 160 -52.98 56.28 99.03
C ALA V 160 -52.17 57.03 100.07
N THR V 161 -51.27 56.34 100.78
CA THR V 161 -50.39 57.03 101.73
C THR V 161 -49.43 57.96 101.01
N TRP V 162 -48.89 57.52 99.88
CA TRP V 162 -47.93 58.33 99.14
C TRP V 162 -48.60 59.56 98.52
N LEU V 163 -49.84 59.41 98.04
CA LEU V 163 -50.55 60.55 97.47
C LEU V 163 -50.90 61.58 98.54
N HIS V 164 -51.31 61.13 99.72
CA HIS V 164 -51.58 62.05 100.81
C HIS V 164 -50.32 62.76 101.27
N GLN V 165 -49.20 62.04 101.30
CA GLN V 165 -47.94 62.66 101.72
C GLN V 165 -47.50 63.74 100.74
N ALA V 166 -47.73 63.51 99.44
CA ALA V 166 -47.31 64.49 98.43
C ALA V 166 -48.04 65.81 98.58
N LEU V 167 -49.34 65.76 98.91
CA LEU V 167 -50.11 66.99 99.04
C LEU V 167 -49.61 67.86 100.19
N ARG V 168 -49.22 67.23 101.30
CA ARG V 168 -48.74 68.00 102.44
C ARG V 168 -47.40 68.68 102.15
N GLU V 169 -46.61 68.11 101.23
CA GLU V 169 -45.34 68.72 100.86
C GLU V 169 -45.51 69.94 99.96
N GLY V 170 -46.73 70.20 99.47
CA GLY V 170 -46.98 71.35 98.64
C GLY V 170 -47.15 71.07 97.16
N THR V 171 -47.18 69.80 96.76
CA THR V 171 -47.35 69.47 95.35
C THR V 171 -48.74 69.87 94.87
N ARG V 172 -48.80 70.47 93.68
CA ARG V 172 -50.05 70.91 93.08
C ARG V 172 -50.25 70.21 91.75
N VAL V 173 -51.42 69.58 91.58
CA VAL V 173 -51.77 68.86 90.36
C VAL V 173 -53.11 69.37 89.86
N GLN V 174 -53.15 69.81 88.61
CA GLN V 174 -54.35 70.38 88.02
C GLN V 174 -54.83 69.63 86.79
N SER V 175 -53.94 69.36 85.83
CA SER V 175 -54.33 68.71 84.60
C SER V 175 -54.37 67.20 84.77
N VAL V 176 -54.97 66.53 83.78
CA VAL V 176 -55.06 65.07 83.82
C VAL V 176 -53.69 64.44 83.64
N GLU V 177 -52.84 65.04 82.80
CA GLU V 177 -51.50 64.51 82.59
C GLU V 177 -50.70 64.51 83.88
N GLN V 178 -50.88 65.54 84.71
CA GLN V 178 -50.20 65.57 86.01
C GLN V 178 -50.70 64.46 86.92
N ILE V 179 -52.00 64.15 86.84
CA ILE V 179 -52.56 63.08 87.68
C ILE V 179 -51.96 61.74 87.31
N ARG V 180 -51.81 61.45 86.02
CA ARG V 180 -51.23 60.19 85.60
C ARG V 180 -49.77 60.04 86.02
N GLU V 181 -49.08 61.14 86.28
CA GLU V 181 -47.66 61.08 86.63
C GLU V 181 -47.43 60.91 88.13
N VAL V 182 -48.18 61.65 88.95
CA VAL V 182 -47.99 61.54 90.39
C VAL V 182 -48.43 60.17 90.90
N ALA V 183 -49.50 59.62 90.33
CA ALA V 183 -50.03 58.33 90.72
C ALA V 183 -49.60 57.21 89.78
N SER V 184 -48.41 57.33 89.18
CA SER V 184 -47.94 56.31 88.26
C SER V 184 -47.47 55.08 89.03
N GLY V 185 -47.95 53.92 88.62
CA GLY V 185 -47.60 52.65 89.26
C GLY V 185 -48.77 51.86 89.78
N ALA V 186 -49.98 52.44 89.85
CA ALA V 186 -51.13 51.70 90.33
C ALA V 186 -51.49 50.58 89.37
N ALA V 187 -52.00 49.49 89.93
CA ALA V 187 -52.28 48.28 89.17
C ALA V 187 -53.69 47.78 89.48
N ARG V 188 -54.10 46.75 88.73
CA ARG V 188 -55.41 46.15 88.88
C ARG V 188 -55.29 44.88 89.72
N ILE V 189 -56.09 44.79 90.79
CA ILE V 189 -55.94 43.72 91.76
C ILE V 189 -56.39 42.38 91.17
N ARG V 190 -57.51 42.37 90.45
CA ARG V 190 -58.07 41.10 89.97
C ARG V 190 -57.12 40.43 89.00
N GLY V 191 -56.91 39.13 89.20
CA GLY V 191 -56.02 38.34 88.38
C GLY V 191 -54.64 38.12 88.95
N GLU V 192 -54.29 38.80 90.04
CA GLU V 192 -52.97 38.66 90.64
C GLU V 192 -52.91 37.44 91.54
N THR V 193 -51.69 37.06 91.91
CA THR V 193 -51.44 35.91 92.76
C THR V 193 -50.86 36.37 94.09
N LEU V 194 -51.40 35.84 95.18
CA LEU V 194 -50.96 36.17 96.53
C LEU V 194 -50.33 34.94 97.19
N GLY V 195 -49.13 35.11 97.73
CA GLY V 195 -48.41 34.03 98.39
C GLY V 195 -48.33 34.27 99.89
N ILE V 196 -48.64 33.22 100.65
CA ILE V 196 -48.68 33.29 102.11
C ILE V 196 -47.72 32.24 102.66
N ILE V 197 -46.90 32.64 103.62
CA ILE V 197 -45.94 31.75 104.27
C ILE V 197 -46.42 31.54 105.70
N GLY V 198 -46.97 30.36 105.97
CA GLY V 198 -47.49 30.04 107.29
C GLY V 198 -48.98 30.25 107.40
N LEU V 199 -49.74 29.15 107.44
CA LEU V 199 -51.20 29.21 107.50
C LEU V 199 -51.64 28.89 108.92
N GLY V 200 -51.59 29.89 109.77
CA GLY V 200 -52.02 29.79 111.16
C GLY V 200 -53.36 30.45 111.40
N ARG V 201 -53.53 31.00 112.60
CA ARG V 201 -54.75 31.73 112.90
C ARG V 201 -54.87 32.99 112.06
N VAL V 202 -53.80 33.78 112.00
CA VAL V 202 -53.82 35.00 111.19
C VAL V 202 -53.79 34.66 109.71
N GLY V 203 -53.03 33.64 109.32
CA GLY V 203 -52.93 33.29 107.91
C GLY V 203 -54.25 32.89 107.30
N GLN V 204 -55.06 32.13 108.05
CA GLN V 204 -56.38 31.73 107.54
C GLN V 204 -57.31 32.93 107.41
N ALA V 205 -57.24 33.87 108.35
CA ALA V 205 -58.11 35.04 108.29
C ALA V 205 -57.81 35.90 107.07
N VAL V 206 -56.52 36.04 106.74
CA VAL V 206 -56.13 36.86 105.58
C VAL V 206 -56.60 36.21 104.29
N ALA V 207 -56.53 34.87 104.21
CA ALA V 207 -56.88 34.18 102.97
C ALA V 207 -58.35 34.38 102.62
N LEU V 208 -59.24 34.32 103.62
CA LEU V 208 -60.66 34.48 103.36
C LEU V 208 -60.99 35.87 102.84
N ARG V 209 -60.36 36.90 103.42
CA ARG V 209 -60.65 38.27 103.00
C ARG V 209 -60.06 38.59 101.64
N ALA V 210 -58.95 37.93 101.28
CA ALA V 210 -58.30 38.23 100.01
C ALA V 210 -59.06 37.69 98.82
N LYS V 211 -59.90 36.67 99.00
CA LYS V 211 -60.63 36.09 97.88
C LYS V 211 -61.77 36.99 97.40
N ALA V 212 -62.26 37.89 98.26
CA ALA V 212 -63.34 38.78 97.86
C ALA V 212 -62.88 39.83 96.86
N PHE V 213 -61.59 40.12 96.79
CA PHE V 213 -61.05 41.12 95.88
C PHE V 213 -60.60 40.53 94.55
N GLY V 214 -60.66 39.21 94.39
CA GLY V 214 -60.24 38.58 93.16
C GLY V 214 -58.84 38.00 93.14
N PHE V 215 -58.19 37.91 94.30
CA PHE V 215 -56.84 37.36 94.36
C PHE V 215 -56.85 35.86 94.11
N ASN V 216 -55.70 35.34 93.71
CA ASN V 216 -55.44 33.90 93.64
C ASN V 216 -54.44 33.56 94.72
N VAL V 217 -54.81 32.64 95.61
CA VAL V 217 -54.11 32.43 96.87
C VAL V 217 -53.35 31.11 96.83
N LEU V 218 -52.07 31.16 97.18
CA LEU V 218 -51.24 30.00 97.42
C LEU V 218 -50.66 30.10 98.82
N PHE V 219 -50.23 28.96 99.38
CA PHE V 219 -49.62 28.97 100.70
C PHE V 219 -48.59 27.86 100.80
N TYR V 220 -47.68 28.01 101.76
CA TYR V 220 -46.62 27.05 102.02
C TYR V 220 -46.51 26.85 103.52
N ASP V 221 -46.68 25.60 103.96
CA ASP V 221 -46.56 25.27 105.38
C ASP V 221 -46.16 23.80 105.52
N PRO V 222 -44.97 23.52 106.04
CA PRO V 222 -44.50 22.13 106.12
C PRO V 222 -44.90 21.38 107.38
N TYR V 223 -45.59 22.02 108.33
CA TYR V 223 -45.95 21.38 109.58
C TYR V 223 -47.44 21.06 109.68
N LEU V 224 -48.18 21.20 108.60
CA LEU V 224 -49.61 20.93 108.59
C LEU V 224 -49.90 19.53 108.06
N SER V 225 -51.11 19.06 108.33
CA SER V 225 -51.54 17.74 107.89
C SER V 225 -52.04 17.83 106.45
N ASP V 226 -52.65 16.74 105.97
CA ASP V 226 -53.12 16.66 104.60
C ASP V 226 -54.60 16.99 104.52
N GLY V 227 -54.98 17.74 103.49
CA GLY V 227 -56.37 18.07 103.25
C GLY V 227 -56.86 19.34 103.88
N VAL V 228 -55.98 20.13 104.49
CA VAL V 228 -56.40 21.40 105.07
C VAL V 228 -56.82 22.37 103.96
N GLU V 229 -56.13 22.32 102.83
CA GLU V 229 -56.49 23.19 101.71
C GLU V 229 -57.79 22.78 101.04
N ARG V 230 -58.18 21.51 101.16
CA ARG V 230 -59.44 21.07 100.57
C ARG V 230 -60.63 21.74 101.23
N ALA V 231 -60.58 21.89 102.56
CA ALA V 231 -61.70 22.49 103.28
C ALA V 231 -61.88 23.96 102.89
N LEU V 232 -60.79 24.71 102.77
CA LEU V 232 -60.85 26.13 102.46
C LEU V 232 -60.79 26.42 100.96
N GLY V 233 -60.59 25.41 100.13
CA GLY V 233 -60.52 25.63 98.69
C GLY V 233 -59.34 26.45 98.22
N LEU V 234 -58.16 26.19 98.76
CA LEU V 234 -56.94 26.89 98.40
C LEU V 234 -56.01 25.95 97.63
N GLN V 235 -54.82 26.47 97.30
CA GLN V 235 -53.81 25.71 96.58
C GLN V 235 -52.53 25.68 97.41
N ARG V 236 -51.86 24.52 97.44
CA ARG V 236 -50.72 24.30 98.31
C ARG V 236 -49.51 23.89 97.48
N VAL V 237 -48.35 24.44 97.85
CA VAL V 237 -47.09 24.07 97.24
C VAL V 237 -46.24 23.35 98.29
N SER V 238 -45.14 22.74 97.84
CA SER V 238 -44.32 21.90 98.70
C SER V 238 -42.96 22.48 99.02
N THR V 239 -42.47 23.46 98.27
CA THR V 239 -41.17 24.06 98.50
C THR V 239 -41.28 25.57 98.52
N LEU V 240 -40.36 26.20 99.27
CA LEU V 240 -40.34 27.66 99.35
C LEU V 240 -39.97 28.29 98.01
N GLN V 241 -39.06 27.65 97.27
CA GLN V 241 -38.63 28.20 95.99
C GLN V 241 -39.78 28.26 95.00
N ASP V 242 -40.64 27.24 95.00
CA ASP V 242 -41.77 27.22 94.08
C ASP V 242 -42.76 28.34 94.38
N LEU V 243 -42.94 28.69 95.66
CA LEU V 243 -43.84 29.76 96.02
C LEU V 243 -43.34 31.11 95.51
N LEU V 244 -42.03 31.36 95.60
CA LEU V 244 -41.49 32.64 95.18
C LEU V 244 -41.52 32.82 93.67
N PHE V 245 -41.47 31.72 92.92
CA PHE V 245 -41.44 31.82 91.46
C PHE V 245 -42.77 32.30 90.89
N HIS V 246 -43.89 31.96 91.54
CA HIS V 246 -45.22 32.19 90.99
C HIS V 246 -46.05 33.15 91.84
N SER V 247 -45.40 34.10 92.52
CA SER V 247 -46.09 35.03 93.40
C SER V 247 -45.82 36.46 92.98
N ASP V 248 -46.85 37.30 93.06
CA ASP V 248 -46.72 38.73 92.83
C ASP V 248 -46.73 39.56 94.11
N CYS V 249 -47.08 38.95 95.24
CA CYS V 249 -47.06 39.62 96.53
C CYS V 249 -46.85 38.57 97.60
N VAL V 250 -45.89 38.81 98.49
CA VAL V 250 -45.49 37.84 99.50
C VAL V 250 -45.75 38.43 100.88
N THR V 251 -46.43 37.67 101.74
CA THR V 251 -46.72 38.06 103.11
C THR V 251 -46.20 36.98 104.05
N LEU V 252 -45.63 37.40 105.17
CA LEU V 252 -45.04 36.50 106.16
C LEU V 252 -45.96 36.40 107.37
N HIS V 253 -46.31 35.16 107.74
CA HIS V 253 -47.16 34.94 108.90
C HIS V 253 -46.68 33.76 109.75
N CYS V 254 -45.41 33.41 109.68
CA CYS V 254 -44.88 32.27 110.40
C CYS V 254 -44.33 32.70 111.75
N GLY V 255 -43.83 31.72 112.52
CA GLY V 255 -43.20 31.99 113.80
C GLY V 255 -41.70 32.00 113.69
N LEU V 256 -41.05 32.59 114.69
CA LEU V 256 -39.60 32.75 114.70
C LEU V 256 -38.99 31.66 115.58
N ASN V 257 -38.77 30.50 114.98
CA ASN V 257 -38.04 29.42 115.64
C ASN V 257 -36.56 29.52 115.26
N GLU V 258 -35.79 28.49 115.58
CA GLU V 258 -34.35 28.51 115.33
C GLU V 258 -33.97 27.97 113.95
N HIS V 259 -34.94 27.55 113.13
CA HIS V 259 -34.65 27.01 111.82
C HIS V 259 -35.05 27.96 110.69
N ASN V 260 -35.49 29.18 111.01
CA ASN V 260 -35.93 30.11 109.98
C ASN V 260 -35.43 31.52 110.24
N HIS V 261 -34.28 31.67 110.89
CA HIS V 261 -33.70 32.99 111.09
C HIS V 261 -33.16 33.51 109.76
N HIS V 262 -33.48 34.77 109.44
CA HIS V 262 -33.15 35.38 108.16
C HIS V 262 -33.64 34.51 106.99
N LEU V 263 -34.95 34.26 107.01
CA LEU V 263 -35.55 33.45 105.95
C LEU V 263 -35.43 34.12 104.59
N ILE V 264 -35.68 35.44 104.55
CA ILE V 264 -35.51 36.21 103.31
C ILE V 264 -34.09 36.78 103.36
N ASN V 265 -33.14 35.98 102.89
CA ASN V 265 -31.73 36.37 102.88
C ASN V 265 -31.35 36.86 101.48
N ASP V 266 -30.04 37.06 101.28
CA ASP V 266 -29.56 37.58 99.99
C ASP V 266 -29.83 36.59 98.86
N PHE V 267 -29.61 35.30 99.12
CA PHE V 267 -29.77 34.30 98.06
C PHE V 267 -31.22 34.15 97.64
N THR V 268 -32.15 34.14 98.60
CA THR V 268 -33.55 33.92 98.29
C THR V 268 -34.21 35.14 97.67
N VAL V 269 -33.72 36.34 97.96
CA VAL V 269 -34.34 37.55 97.45
C VAL V 269 -34.16 37.68 95.94
N LYS V 270 -33.21 36.94 95.36
CA LYS V 270 -32.99 36.97 93.92
C LYS V 270 -33.86 35.97 93.18
N GLN V 271 -34.63 35.14 93.88
CA GLN V 271 -35.53 34.18 93.27
C GLN V 271 -36.94 34.72 93.06
N MET V 272 -37.22 35.93 93.56
CA MET V 272 -38.54 36.52 93.39
C MET V 272 -38.71 37.09 91.98
N ARG V 273 -39.95 37.40 91.63
CA ARG V 273 -40.25 37.93 90.32
C ARG V 273 -39.72 39.36 90.17
N GLN V 274 -39.77 39.86 88.94
CA GLN V 274 -39.34 41.22 88.63
C GLN V 274 -40.48 42.18 88.96
N GLY V 275 -40.30 42.97 90.02
CA GLY V 275 -41.30 43.94 90.40
C GLY V 275 -42.40 43.37 91.28
N ALA V 276 -42.00 42.76 92.40
CA ALA V 276 -42.94 42.18 93.36
C ALA V 276 -43.00 43.04 94.62
N PHE V 277 -43.99 42.76 95.45
CA PHE V 277 -44.17 43.44 96.73
C PHE V 277 -43.77 42.52 97.87
N LEU V 278 -43.72 43.09 99.07
CA LEU V 278 -43.35 42.34 100.26
C LEU V 278 -43.98 43.00 101.48
N VAL V 279 -44.70 42.21 102.27
CA VAL V 279 -45.34 42.68 103.49
C VAL V 279 -44.87 41.80 104.65
N ASN V 280 -44.45 42.43 105.75
CA ASN V 280 -43.98 41.71 106.92
C ASN V 280 -44.64 42.29 108.16
N THR V 281 -45.39 41.47 108.88
CA THR V 281 -46.03 41.88 110.11
C THR V 281 -45.88 40.85 111.23
N ALA V 282 -45.02 39.84 111.05
CA ALA V 282 -44.88 38.78 112.06
C ALA V 282 -43.74 39.08 113.02
N ARG V 283 -42.49 39.10 112.51
CA ARG V 283 -41.32 39.33 113.35
C ARG V 283 -40.24 39.98 112.51
N GLY V 284 -39.31 40.65 113.19
CA GLY V 284 -38.27 41.40 112.51
C GLY V 284 -37.07 40.57 112.09
N GLY V 285 -36.88 39.41 112.74
CA GLY V 285 -35.74 38.58 112.45
C GLY V 285 -35.87 37.69 111.23
N LEU V 286 -37.01 37.74 110.54
CA LEU V 286 -37.23 36.90 109.36
C LEU V 286 -36.71 37.53 108.07
N VAL V 287 -36.33 38.81 108.10
CA VAL V 287 -35.92 39.54 106.90
C VAL V 287 -34.56 40.17 107.15
N ASP V 288 -33.66 40.02 106.19
CA ASP V 288 -32.35 40.66 106.23
C ASP V 288 -32.49 42.05 105.60
N GLU V 289 -32.45 43.09 106.43
CA GLU V 289 -32.70 44.44 105.95
C GLU V 289 -31.59 44.94 105.04
N LYS V 290 -30.36 44.44 105.23
CA LYS V 290 -29.25 44.88 104.39
C LYS V 290 -29.46 44.48 102.94
N ALA V 291 -29.95 43.25 102.71
CA ALA V 291 -30.21 42.80 101.34
C ALA V 291 -31.45 43.42 100.75
N LEU V 292 -32.44 43.73 101.60
CA LEU V 292 -33.68 44.34 101.11
C LEU V 292 -33.43 45.74 100.56
N ALA V 293 -32.54 46.50 101.20
CA ALA V 293 -32.29 47.87 100.77
C ALA V 293 -31.71 47.92 99.36
N GLN V 294 -30.80 47.00 99.04
CA GLN V 294 -30.20 46.98 97.70
C GLN V 294 -31.25 46.65 96.64
N ALA V 295 -32.18 45.75 96.95
CA ALA V 295 -33.21 45.38 95.98
C ALA V 295 -34.12 46.55 95.64
N LEU V 296 -34.46 47.36 96.65
CA LEU V 296 -35.33 48.51 96.40
C LEU V 296 -34.65 49.54 95.50
N LYS V 297 -33.35 49.78 95.71
CA LYS V 297 -32.66 50.78 94.91
C LYS V 297 -32.53 50.36 93.45
N GLU V 298 -32.17 49.09 93.21
CA GLU V 298 -31.99 48.62 91.84
C GLU V 298 -33.32 48.48 91.10
N GLY V 299 -34.42 48.35 91.81
CA GLY V 299 -35.72 48.25 91.19
C GLY V 299 -36.29 46.84 91.06
N ARG V 300 -35.62 45.83 91.62
CA ARG V 300 -36.15 44.48 91.54
C ARG V 300 -37.40 44.29 92.39
N ILE V 301 -37.60 45.12 93.41
CA ILE V 301 -38.78 45.08 94.26
C ILE V 301 -39.47 46.43 94.17
N ARG V 302 -40.75 46.42 93.80
CA ARG V 302 -41.46 47.68 93.57
C ARG V 302 -41.72 48.43 94.87
N GLY V 303 -42.03 47.71 95.95
CA GLY V 303 -42.30 48.36 97.21
C GLY V 303 -42.31 47.35 98.35
N ALA V 304 -42.35 47.88 99.57
CA ALA V 304 -42.34 47.05 100.76
C ALA V 304 -43.01 47.80 101.90
N ALA V 305 -43.85 47.10 102.65
CA ALA V 305 -44.51 47.63 103.83
C ALA V 305 -44.08 46.80 105.04
N LEU V 306 -43.54 47.46 106.06
CA LEU V 306 -42.99 46.79 107.22
C LEU V 306 -43.63 47.31 108.49
N ASP V 307 -43.94 46.40 109.41
CA ASP V 307 -44.46 46.76 110.72
C ASP V 307 -43.53 46.37 111.85
N VAL V 308 -42.60 45.45 111.62
CA VAL V 308 -41.63 45.02 112.63
C VAL V 308 -40.24 45.05 112.01
N HIS V 309 -39.25 45.44 112.80
CA HIS V 309 -37.89 45.61 112.32
C HIS V 309 -36.91 44.90 113.24
N GLU V 310 -35.70 44.67 112.73
CA GLU V 310 -34.68 43.99 113.52
C GLU V 310 -34.30 44.78 114.75
N SER V 311 -34.10 46.08 114.61
CA SER V 311 -33.74 46.96 115.71
C SER V 311 -34.88 47.94 115.99
N GLU V 312 -35.32 47.99 117.23
CA GLU V 312 -36.40 48.87 117.63
C GLU V 312 -35.98 49.71 118.82
N PRO V 313 -36.48 50.96 118.92
CA PRO V 313 -37.43 51.61 118.03
C PRO V 313 -36.85 52.01 116.68
N PHE V 314 -37.72 52.19 115.68
CA PHE V 314 -37.31 52.47 114.32
C PHE V 314 -37.24 53.96 114.06
N SER V 315 -36.24 54.37 113.28
CA SER V 315 -36.08 55.77 112.87
C SER V 315 -35.67 55.82 111.41
N PHE V 316 -36.24 56.76 110.67
CA PHE V 316 -35.94 56.88 109.25
C PHE V 316 -34.53 57.38 108.99
N SER V 317 -33.89 58.00 109.97
CA SER V 317 -32.56 58.59 109.78
C SER V 317 -31.43 57.65 110.16
N GLN V 318 -31.73 56.43 110.61
CA GLN V 318 -30.70 55.49 111.03
C GLN V 318 -31.00 54.11 110.47
N GLY V 319 -29.95 53.31 110.31
CA GLY V 319 -30.11 51.95 109.87
C GLY V 319 -29.80 51.75 108.40
N PRO V 320 -29.81 50.49 107.95
CA PRO V 320 -29.54 50.21 106.53
C PRO V 320 -30.60 50.79 105.60
N LEU V 321 -31.80 51.07 106.09
CA LEU V 321 -32.88 51.63 105.29
C LEU V 321 -32.97 53.14 105.41
N LYS V 322 -31.83 53.81 105.57
CA LYS V 322 -31.83 55.26 105.75
C LYS V 322 -32.38 55.97 104.52
N ASP V 323 -31.98 55.54 103.33
CA ASP V 323 -32.42 56.15 102.07
C ASP V 323 -32.81 55.04 101.11
N ALA V 324 -34.07 54.62 101.17
CA ALA V 324 -34.59 53.60 100.28
C ALA V 324 -35.96 54.01 99.77
N PRO V 325 -36.17 54.06 98.46
CA PRO V 325 -37.46 54.50 97.93
C PRO V 325 -38.55 53.47 98.13
N ASN V 326 -39.79 53.94 98.11
CA ASN V 326 -40.99 53.10 98.15
C ASN V 326 -41.01 52.24 99.42
N LEU V 327 -41.09 52.92 100.56
CA LEU V 327 -41.08 52.26 101.86
C LEU V 327 -42.19 52.80 102.74
N ILE V 328 -42.90 51.90 103.41
CA ILE V 328 -43.94 52.25 104.37
C ILE V 328 -43.64 51.53 105.68
N CYS V 329 -43.63 52.28 106.79
CA CYS V 329 -43.28 51.73 108.08
C CYS V 329 -44.27 52.21 109.14
N THR V 330 -44.54 51.34 110.11
CA THR V 330 -45.41 51.62 111.24
C THR V 330 -44.70 51.18 112.53
N PRO V 331 -45.01 51.84 113.66
CA PRO V 331 -44.28 51.60 114.91
C PRO V 331 -44.77 50.40 115.72
N HIS V 332 -44.89 49.24 115.07
CA HIS V 332 -45.22 47.98 115.73
C HIS V 332 -46.54 48.10 116.51
N ALA V 333 -47.59 48.47 115.80
CA ALA V 333 -48.90 48.70 116.39
C ALA V 333 -50.00 48.06 115.57
N ALA V 334 -49.75 46.86 115.06
CA ALA V 334 -50.74 46.13 114.26
C ALA V 334 -51.70 45.32 115.12
N TRP V 335 -51.58 45.40 116.44
CA TRP V 335 -52.41 44.63 117.35
C TRP V 335 -53.33 45.48 118.20
N TYR V 336 -53.10 46.79 118.29
CA TYR V 336 -53.80 47.60 119.27
C TYR V 336 -55.26 47.81 118.89
N SER V 337 -56.12 47.77 119.90
CA SER V 337 -57.53 48.12 119.76
C SER V 337 -58.06 48.39 121.16
N GLU V 338 -59.13 49.18 121.22
CA GLU V 338 -59.72 49.52 122.52
C GLU V 338 -60.25 48.27 123.22
N GLN V 339 -60.93 47.39 122.49
CA GLN V 339 -61.45 46.17 123.08
C GLN V 339 -60.37 45.12 123.28
N ALA V 340 -59.42 45.03 122.33
CA ALA V 340 -58.39 43.99 122.41
C ALA V 340 -57.46 44.23 123.58
N SER V 341 -57.13 45.49 123.87
CA SER V 341 -56.19 45.79 124.96
C SER V 341 -56.74 45.34 126.31
N ILE V 342 -58.03 45.61 126.55
CA ILE V 342 -58.62 45.24 127.84
C ILE V 342 -58.74 43.72 127.96
N GLU V 343 -59.08 43.04 126.86
CA GLU V 343 -59.31 41.61 126.92
C GLU V 343 -58.04 40.84 127.27
N MET V 344 -56.90 41.22 126.68
CA MET V 344 -55.67 40.47 126.90
C MET V 344 -55.10 40.72 128.30
N ARG V 345 -55.34 41.91 128.86
CA ARG V 345 -54.80 42.20 130.19
C ARG V 345 -55.58 41.48 131.28
N GLU V 346 -56.90 41.35 131.12
CA GLU V 346 -57.69 40.63 132.11
C GLU V 346 -57.39 39.15 132.10
N GLU V 347 -57.20 38.57 130.91
CA GLU V 347 -56.94 37.14 130.81
C GLU V 347 -55.62 36.76 131.47
N ALA V 348 -54.59 37.59 131.26
CA ALA V 348 -53.28 37.31 131.85
C ALA V 348 -53.34 37.36 133.37
N ALA V 349 -54.09 38.32 133.92
CA ALA V 349 -54.19 38.44 135.38
C ALA V 349 -54.87 37.22 135.98
N ARG V 350 -55.91 36.71 135.34
CA ARG V 350 -56.61 35.54 135.87
C ARG V 350 -55.79 34.26 135.77
N GLU V 351 -54.83 34.21 134.84
CA GLU V 351 -53.95 33.05 134.74
C GLU V 351 -53.03 32.96 135.97
N ILE V 352 -52.57 34.11 136.46
CA ILE V 352 -51.73 34.12 137.66
C ILE V 352 -52.50 33.63 138.86
N ARG V 353 -53.76 34.07 139.00
CA ARG V 353 -54.54 33.73 140.19
C ARG V 353 -54.80 32.23 140.27
N ARG V 354 -55.06 31.59 139.13
CA ARG V 354 -55.28 30.14 139.14
C ARG V 354 -54.03 29.38 139.58
N ALA V 355 -52.85 29.84 139.15
CA ALA V 355 -51.61 29.17 139.52
C ALA V 355 -51.35 29.26 141.01
N ILE V 356 -51.61 30.43 141.62
CA ILE V 356 -51.36 30.61 143.04
C ILE V 356 -52.32 29.74 143.86
N THR V 357 -53.60 29.73 143.49
CA THR V 357 -54.62 29.00 144.23
C THR V 357 -54.95 27.65 143.59
N GLY V 358 -53.97 27.00 142.99
CA GLY V 358 -54.17 25.72 142.35
C GLY V 358 -52.88 24.93 142.33
N ARG V 359 -52.71 24.12 141.28
CA ARG V 359 -51.51 23.32 141.11
C ARG V 359 -50.98 23.49 139.70
N ILE V 360 -49.67 23.40 139.56
CA ILE V 360 -48.97 23.61 138.29
C ILE V 360 -48.49 22.27 137.79
N PRO V 361 -48.70 21.94 136.50
CA PRO V 361 -49.41 22.73 135.50
C PRO V 361 -50.83 22.22 135.22
N ASP V 362 -51.46 21.59 136.21
CA ASP V 362 -52.78 21.01 135.99
C ASP V 362 -53.84 22.08 135.81
N SER V 363 -53.72 23.19 136.53
CA SER V 363 -54.72 24.25 136.49
C SER V 363 -54.49 25.26 135.37
N LEU V 364 -53.39 25.16 134.64
CA LEU V 364 -53.09 26.11 133.58
C LEU V 364 -53.77 25.70 132.28
N LYS V 365 -54.27 26.69 131.54
CA LYS V 365 -54.96 26.44 130.29
C LYS V 365 -54.05 26.54 129.08
N ASN V 366 -53.16 27.53 129.04
CA ASN V 366 -52.26 27.76 127.92
C ASN V 366 -50.82 27.67 128.41
N CYS V 367 -50.26 26.46 128.39
CA CYS V 367 -48.88 26.22 128.77
C CYS V 367 -48.11 25.77 127.55
N VAL V 368 -46.93 26.36 127.33
CA VAL V 368 -46.16 26.12 126.12
C VAL V 368 -44.91 25.30 126.35
N ASN V 369 -44.51 25.08 127.60
CA ASN V 369 -43.32 24.30 127.92
C ASN V 369 -43.68 23.10 128.80
N LYS V 370 -44.86 22.52 128.56
CA LYS V 370 -45.30 21.39 129.37
C LYS V 370 -44.40 20.17 129.18
N ASP V 371 -43.96 19.92 127.94
CA ASP V 371 -43.09 18.79 127.69
C ASP V 371 -41.74 18.94 128.38
N HIS V 372 -41.16 20.14 128.34
CA HIS V 372 -39.86 20.37 128.94
C HIS V 372 -39.93 20.51 130.45
N LEU V 373 -41.12 20.75 131.01
CA LEU V 373 -41.24 20.94 132.45
C LEU V 373 -40.99 19.63 133.18
N THR V 374 -40.28 19.72 134.30
CA THR V 374 -39.94 18.54 135.09
C THR V 374 -40.54 18.63 136.48
N PRO W 45 -118.74 48.44 96.41
CA PRO W 45 -118.37 47.72 95.18
C PRO W 45 -118.11 46.25 95.46
N LEU W 46 -117.95 45.49 94.38
CA LEU W 46 -117.78 44.05 94.44
C LEU W 46 -116.39 43.69 93.92
N VAL W 47 -115.68 42.84 94.67
CA VAL W 47 -114.37 42.32 94.29
C VAL W 47 -114.46 40.80 94.27
N ALA W 48 -114.00 40.20 93.17
CA ALA W 48 -114.16 38.77 92.96
C ALA W 48 -112.80 38.09 92.80
N LEU W 49 -112.68 36.91 93.41
CA LEU W 49 -111.52 36.05 93.26
C LEU W 49 -111.84 35.01 92.18
N LEU W 50 -111.17 35.10 91.03
CA LEU W 50 -111.56 34.31 89.88
C LEU W 50 -111.36 32.82 90.12
N ASP W 51 -110.17 32.44 90.58
CA ASP W 51 -109.82 31.03 90.78
C ASP W 51 -109.34 30.84 92.22
N GLY W 52 -110.27 30.52 93.10
CA GLY W 52 -109.93 30.29 94.50
C GLY W 52 -111.18 30.08 95.31
N ARG W 53 -110.97 29.60 96.54
CA ARG W 53 -112.08 29.32 97.44
C ARG W 53 -111.81 29.89 98.82
N ASP W 54 -110.53 30.04 99.18
CA ASP W 54 -110.14 30.51 100.50
C ASP W 54 -109.85 32.01 100.44
N CYS W 55 -110.50 32.76 101.32
CA CYS W 55 -110.34 34.21 101.39
C CYS W 55 -110.22 34.68 102.83
N THR W 56 -109.52 33.89 103.65
CA THR W 56 -109.42 34.22 105.07
C THR W 56 -108.46 35.38 105.33
N VAL W 57 -107.56 35.67 104.41
CA VAL W 57 -106.58 36.74 104.62
C VAL W 57 -107.05 38.05 104.02
N GLU W 58 -107.65 38.01 102.83
CA GLU W 58 -108.11 39.23 102.17
C GLU W 58 -109.36 39.81 102.81
N MET W 59 -110.18 38.97 103.44
CA MET W 59 -111.45 39.44 103.99
C MET W 59 -111.30 40.51 105.07
N PRO W 60 -110.44 40.35 106.08
CA PRO W 60 -110.35 41.41 107.10
C PRO W 60 -109.85 42.74 106.57
N ILE W 61 -109.16 42.77 105.43
CA ILE W 61 -108.69 44.03 104.89
C ILE W 61 -109.78 44.71 104.08
N LEU W 62 -110.36 44.00 103.11
CA LEU W 62 -111.38 44.55 102.24
C LEU W 62 -112.79 44.24 102.74
N LYS W 63 -113.09 44.60 103.99
CA LYS W 63 -114.41 44.39 104.54
C LYS W 63 -115.20 45.67 104.76
N ASP W 64 -114.54 46.80 104.95
CA ASP W 64 -115.21 48.07 105.17
C ASP W 64 -115.12 48.99 103.95
N VAL W 65 -114.62 48.48 102.82
CA VAL W 65 -114.52 49.28 101.60
C VAL W 65 -115.10 48.60 100.38
N ALA W 66 -115.36 47.29 100.41
CA ALA W 66 -115.86 46.58 99.24
C ALA W 66 -116.52 45.29 99.70
N THR W 67 -117.05 44.54 98.75
CA THR W 67 -117.68 43.25 98.99
C THR W 67 -116.87 42.16 98.30
N VAL W 68 -116.50 41.12 99.05
CA VAL W 68 -115.62 40.07 98.56
C VAL W 68 -116.45 38.88 98.13
N ALA W 69 -116.03 38.23 97.04
CA ALA W 69 -116.69 37.03 96.54
C ALA W 69 -115.66 36.20 95.80
N PHE W 70 -115.98 34.90 95.64
CA PHE W 70 -115.10 33.98 94.93
C PHE W 70 -115.92 33.16 93.94
N CYS W 71 -115.24 32.69 92.89
CA CYS W 71 -115.89 31.92 91.84
C CYS W 71 -115.37 30.48 91.73
N ASP W 72 -114.10 30.24 92.07
CA ASP W 72 -113.50 28.90 91.96
C ASP W 72 -113.62 28.36 90.54
N ALA W 73 -113.35 29.21 89.55
CA ALA W 73 -113.49 28.85 88.16
C ALA W 73 -112.20 28.24 87.63
N GLN W 74 -112.35 27.35 86.64
CA GLN W 74 -111.22 26.74 85.96
C GLN W 74 -111.10 27.18 84.50
N SER W 75 -112.06 27.94 83.99
CA SER W 75 -112.02 28.43 82.63
C SER W 75 -112.86 29.69 82.55
N THR W 76 -112.66 30.43 81.45
CA THR W 76 -113.40 31.69 81.27
C THR W 76 -114.89 31.48 81.09
N GLN W 77 -115.32 30.26 80.80
CA GLN W 77 -116.73 29.94 80.60
C GLN W 77 -117.45 29.60 81.90
N GLU W 78 -116.75 29.57 83.03
CA GLU W 78 -117.34 29.22 84.32
C GLU W 78 -117.48 30.42 85.24
N ILE W 79 -117.47 31.63 84.68
CA ILE W 79 -117.61 32.86 85.46
C ILE W 79 -119.07 33.24 85.53
N HIS W 80 -119.56 33.53 86.73
CA HIS W 80 -120.96 33.85 86.93
C HIS W 80 -121.33 35.15 86.21
N GLU W 81 -122.60 35.24 85.80
CA GLU W 81 -123.06 36.40 85.04
C GLU W 81 -123.00 37.68 85.87
N LYS W 82 -123.24 37.57 87.18
CA LYS W 82 -123.20 38.75 88.04
C LYS W 82 -121.81 39.36 88.06
N VAL W 83 -120.77 38.53 88.05
CA VAL W 83 -119.39 39.03 88.05
C VAL W 83 -119.12 39.83 86.78
N LEU W 84 -119.57 39.32 85.63
CA LEU W 84 -119.28 39.98 84.36
C LEU W 84 -119.94 41.35 84.24
N ASN W 85 -120.89 41.69 85.11
CA ASN W 85 -121.60 42.95 85.01
C ASN W 85 -121.32 43.91 86.17
N GLU W 86 -120.95 43.41 87.35
CA GLU W 86 -120.85 44.23 88.54
C GLU W 86 -119.55 43.95 89.29
N ALA W 87 -118.43 43.90 88.57
CA ALA W 87 -117.12 43.68 89.17
C ALA W 87 -116.23 44.89 88.89
N VAL W 88 -115.57 45.39 89.93
CA VAL W 88 -114.64 46.50 89.81
C VAL W 88 -113.20 46.01 89.76
N GLY W 89 -112.84 45.04 90.61
CA GLY W 89 -111.51 44.49 90.62
C GLY W 89 -111.55 42.97 90.69
N ALA W 90 -110.42 42.36 90.39
CA ALA W 90 -110.33 40.91 90.36
C ALA W 90 -108.95 40.46 90.83
N LEU W 91 -108.90 39.25 91.37
CA LEU W 91 -107.65 38.61 91.79
C LEU W 91 -107.57 37.25 91.13
N MET W 92 -106.39 36.89 90.62
CA MET W 92 -106.25 35.65 89.88
C MET W 92 -104.86 35.07 90.09
N TYR W 93 -104.79 33.73 90.08
CA TYR W 93 -103.53 33.00 90.11
C TYR W 93 -103.10 32.68 88.68
N HIS W 94 -102.16 31.75 88.53
CA HIS W 94 -101.60 31.37 87.24
C HIS W 94 -102.39 30.28 86.53
N THR W 95 -103.49 29.81 87.11
CA THR W 95 -104.21 28.66 86.57
C THR W 95 -105.27 29.03 85.54
N ILE W 96 -105.47 30.32 85.26
CA ILE W 96 -106.49 30.77 84.32
C ILE W 96 -105.87 31.79 83.36
N THR W 97 -106.25 31.71 82.09
CA THR W 97 -105.73 32.58 81.05
C THR W 97 -106.83 33.47 80.49
N LEU W 98 -106.53 34.75 80.33
CA LEU W 98 -107.47 35.72 79.81
C LEU W 98 -106.97 36.27 78.48
N THR W 99 -107.83 36.29 77.47
CA THR W 99 -107.52 36.83 76.16
C THR W 99 -108.32 38.11 75.93
N ARG W 100 -108.16 38.68 74.73
CA ARG W 100 -108.86 39.92 74.42
C ARG W 100 -110.37 39.72 74.37
N GLU W 101 -110.82 38.59 73.82
CA GLU W 101 -112.25 38.30 73.77
C GLU W 101 -112.83 38.18 75.17
N ASP W 102 -112.09 37.55 76.08
CA ASP W 102 -112.56 37.42 77.46
C ASP W 102 -112.65 38.78 78.14
N LEU W 103 -111.70 39.67 77.88
CA LEU W 103 -111.69 40.98 78.52
C LEU W 103 -112.87 41.84 78.08
N GLU W 104 -113.28 41.70 76.81
CA GLU W 104 -114.39 42.51 76.31
C GLU W 104 -115.72 42.16 76.94
N LYS W 105 -115.83 40.98 77.57
CA LYS W 105 -117.08 40.58 78.21
C LYS W 105 -117.32 41.31 79.53
N PHE W 106 -116.28 41.87 80.14
CA PHE W 106 -116.45 42.65 81.36
C PHE W 106 -116.97 44.04 81.05
N LYS W 107 -117.88 44.54 81.88
CA LYS W 107 -118.52 45.83 81.65
C LYS W 107 -118.14 46.89 82.67
N ALA W 108 -117.55 46.51 83.80
CA ALA W 108 -117.19 47.49 84.83
C ALA W 108 -115.82 47.24 85.42
N LEU W 109 -115.03 46.33 84.86
CA LEU W 109 -113.70 46.04 85.40
C LEU W 109 -112.79 47.24 85.22
N ARG W 110 -111.96 47.51 86.23
CA ARG W 110 -111.07 48.67 86.18
C ARG W 110 -109.63 48.32 86.52
N ILE W 111 -109.43 47.26 87.31
CA ILE W 111 -108.09 46.89 87.74
C ILE W 111 -108.02 45.37 87.92
N ILE W 112 -106.87 44.80 87.55
CA ILE W 112 -106.58 43.39 87.75
C ILE W 112 -105.27 43.27 88.50
N VAL W 113 -105.27 42.50 89.59
CA VAL W 113 -104.08 42.29 90.41
C VAL W 113 -103.71 40.82 90.35
N ARG W 114 -102.46 40.55 89.96
CA ARG W 114 -101.95 39.20 89.83
C ARG W 114 -101.13 38.84 91.06
N ILE W 115 -101.53 37.77 91.75
CA ILE W 115 -100.82 37.34 92.96
C ILE W 115 -99.61 36.52 92.55
N GLY W 116 -98.48 37.20 92.37
CA GLY W 116 -97.27 36.54 91.92
C GLY W 116 -96.43 37.51 91.13
N SER W 117 -95.42 36.97 90.45
CA SER W 117 -94.48 37.78 89.69
C SER W 117 -94.64 37.67 88.18
N GLY W 118 -95.29 36.63 87.68
CA GLY W 118 -95.47 36.44 86.26
C GLY W 118 -96.85 36.90 85.80
N PHE W 119 -96.88 37.54 84.62
CA PHE W 119 -98.13 38.03 84.05
C PHE W 119 -98.24 37.69 82.57
N ASP W 120 -97.64 36.58 82.14
CA ASP W 120 -97.67 36.18 80.75
C ASP W 120 -99.01 35.58 80.33
N ASN W 121 -99.90 35.30 81.27
CA ASN W 121 -101.21 34.74 80.97
C ASN W 121 -102.28 35.81 80.80
N ILE W 122 -101.91 37.08 80.79
CA ILE W 122 -102.83 38.19 80.59
C ILE W 122 -102.34 39.02 79.41
N ASP W 123 -103.26 39.36 78.51
CA ASP W 123 -102.92 40.20 77.36
C ASP W 123 -102.74 41.63 77.84
N ILE W 124 -101.50 42.05 78.03
CA ILE W 124 -101.21 43.34 78.63
C ILE W 124 -101.62 44.47 77.69
N LYS W 125 -101.25 44.37 76.41
CA LYS W 125 -101.52 45.45 75.47
C LYS W 125 -103.02 45.66 75.26
N SER W 126 -103.78 44.57 75.14
CA SER W 126 -105.21 44.69 74.90
C SER W 126 -105.92 45.34 76.08
N ALA W 127 -105.52 44.98 77.29
CA ALA W 127 -106.15 45.55 78.49
C ALA W 127 -105.91 47.05 78.59
N GLY W 128 -104.77 47.53 78.09
CA GLY W 128 -104.50 48.96 78.13
C GLY W 128 -105.45 49.76 77.27
N ASP W 129 -105.79 49.25 76.08
CA ASP W 129 -106.70 49.95 75.20
C ASP W 129 -108.09 50.07 75.82
N LEU W 130 -108.56 49.00 76.46
CA LEU W 130 -109.87 49.02 77.10
C LEU W 130 -109.92 49.86 78.36
N GLY W 131 -108.76 50.25 78.91
CA GLY W 131 -108.73 51.07 80.10
C GLY W 131 -108.71 50.27 81.38
N ILE W 132 -107.91 49.21 81.41
CA ILE W 132 -107.78 48.33 82.58
C ILE W 132 -106.32 48.29 83.00
N ALA W 133 -106.07 48.47 84.29
CA ALA W 133 -104.72 48.46 84.85
C ALA W 133 -104.39 47.08 85.40
N VAL W 134 -103.14 46.67 85.22
CA VAL W 134 -102.66 45.36 85.65
C VAL W 134 -101.52 45.56 86.64
N CYS W 135 -101.58 44.86 87.77
CA CYS W 135 -100.58 44.96 88.82
C CYS W 135 -100.12 43.56 89.21
N ASN W 136 -99.00 43.51 89.94
CA ASN W 136 -98.47 42.24 90.41
C ASN W 136 -97.62 42.48 91.65
N VAL W 137 -97.16 41.38 92.25
CA VAL W 137 -96.27 41.42 93.40
C VAL W 137 -94.87 41.07 92.91
N PRO W 138 -93.95 42.03 92.81
CA PRO W 138 -92.68 41.76 92.12
C PRO W 138 -91.76 40.77 92.81
N ALA W 139 -91.53 40.96 94.11
CA ALA W 139 -90.53 40.17 94.84
C ALA W 139 -91.08 39.80 96.20
N ALA W 140 -91.56 38.57 96.33
CA ALA W 140 -91.98 38.04 97.62
C ALA W 140 -91.41 36.65 97.85
N SER W 141 -90.97 35.99 96.78
CA SER W 141 -90.42 34.65 96.84
C SER W 141 -89.14 34.55 96.04
N VAL W 142 -88.29 35.58 96.12
CA VAL W 142 -87.02 35.55 95.41
C VAL W 142 -86.11 34.49 96.01
N GLU W 143 -85.99 34.47 97.34
CA GLU W 143 -85.06 33.56 97.99
C GLU W 143 -85.58 32.13 98.02
N GLU W 144 -86.90 31.95 98.10
CA GLU W 144 -87.46 30.60 98.06
C GLU W 144 -87.18 29.92 96.73
N THR W 145 -87.32 30.65 95.62
CA THR W 145 -87.07 30.05 94.31
C THR W 145 -85.59 29.79 94.09
N ALA W 146 -84.73 30.66 94.61
CA ALA W 146 -83.29 30.46 94.47
C ALA W 146 -82.83 29.23 95.21
N ASP W 147 -83.36 28.98 96.40
CA ASP W 147 -82.98 27.79 97.17
C ASP W 147 -83.46 26.52 96.47
N SER W 148 -84.65 26.55 95.88
CA SER W 148 -85.17 25.38 95.18
C SER W 148 -84.34 25.06 93.95
N THR W 149 -83.83 26.08 93.26
CA THR W 149 -82.98 25.85 92.10
C THR W 149 -81.69 25.15 92.50
N LEU W 150 -81.08 25.57 93.61
CA LEU W 150 -79.85 24.92 94.07
C LEU W 150 -80.09 23.48 94.50
N CYS W 151 -81.26 23.20 95.06
CA CYS W 151 -81.58 21.83 95.47
C CYS W 151 -81.62 20.89 94.27
N HIS W 152 -82.19 21.34 93.16
CA HIS W 152 -82.27 20.50 91.97
C HIS W 152 -80.88 20.27 91.36
N ILE W 153 -80.02 21.28 91.40
CA ILE W 153 -78.67 21.13 90.85
C ILE W 153 -77.89 20.08 91.62
N LEU W 154 -77.98 20.10 92.95
CA LEU W 154 -77.22 19.14 93.76
C LEU W 154 -77.74 17.73 93.58
N ASN W 155 -79.04 17.55 93.35
CA ASN W 155 -79.59 16.22 93.15
C ASN W 155 -79.06 15.57 91.88
N LEU W 156 -78.75 16.36 90.85
CA LEU W 156 -78.23 15.79 89.62
C LEU W 156 -76.78 15.33 89.77
N TYR W 157 -75.97 16.12 90.46
CA TYR W 157 -74.57 15.76 90.66
C TYR W 157 -74.42 14.68 91.73
N ARG W 158 -74.84 14.99 92.96
CA ARG W 158 -74.83 14.02 94.04
C ARG W 158 -76.20 13.36 94.07
N ARG W 159 -76.32 12.23 93.36
CA ARG W 159 -77.60 11.55 93.20
C ARG W 159 -78.18 11.16 94.56
N ALA W 160 -79.26 11.82 94.96
CA ALA W 160 -79.88 11.57 96.26
C ALA W 160 -81.34 11.14 96.16
N THR W 161 -82.11 11.76 95.27
CA THR W 161 -83.50 11.34 95.08
C THR W 161 -83.56 9.95 94.47
N TRP W 162 -82.68 9.66 93.50
CA TRP W 162 -82.69 8.36 92.85
C TRP W 162 -82.24 7.25 93.80
N LEU W 163 -81.26 7.53 94.66
CA LEU W 163 -80.82 6.53 95.63
C LEU W 163 -81.91 6.23 96.65
N HIS W 164 -82.61 7.26 97.13
CA HIS W 164 -83.72 7.04 98.06
C HIS W 164 -84.85 6.25 97.41
N GLN W 165 -85.12 6.54 96.13
CA GLN W 165 -86.19 5.83 95.43
C GLN W 165 -85.85 4.35 95.27
N ALA W 166 -84.58 4.04 95.03
CA ALA W 166 -84.17 2.65 94.82
C ALA W 166 -84.39 1.81 96.07
N LEU W 167 -84.12 2.38 97.25
CA LEU W 167 -84.27 1.63 98.49
C LEU W 167 -85.73 1.25 98.74
N ARG W 168 -86.67 2.15 98.43
CA ARG W 168 -88.08 1.85 98.65
C ARG W 168 -88.58 0.76 97.71
N GLU W 169 -87.95 0.60 96.55
CA GLU W 169 -88.35 -0.46 95.63
C GLU W 169 -87.86 -1.84 96.08
N GLY W 170 -87.02 -1.91 97.10
CA GLY W 170 -86.53 -3.17 97.61
C GLY W 170 -85.11 -3.53 97.25
N THR W 171 -84.37 -2.63 96.61
CA THR W 171 -82.99 -2.92 96.23
C THR W 171 -82.12 -3.05 97.48
N ARG W 172 -81.25 -4.05 97.48
CA ARG W 172 -80.35 -4.33 98.60
C ARG W 172 -78.91 -4.25 98.11
N VAL W 173 -78.09 -3.45 98.78
CA VAL W 173 -76.69 -3.28 98.45
C VAL W 173 -75.86 -3.53 99.69
N GLN W 174 -74.90 -4.44 99.59
CA GLN W 174 -74.06 -4.82 100.72
C GLN W 174 -72.58 -4.58 100.47
N SER W 175 -72.05 -5.03 99.34
CA SER W 175 -70.63 -4.90 99.08
C SER W 175 -70.30 -3.54 98.49
N VAL W 176 -69.01 -3.21 98.45
CA VAL W 176 -68.57 -1.94 97.91
C VAL W 176 -68.79 -1.90 96.39
N GLU W 177 -68.61 -3.03 95.72
CA GLU W 177 -68.82 -3.07 94.28
C GLU W 177 -70.27 -2.74 93.92
N GLN W 178 -71.21 -3.20 94.75
CA GLN W 178 -72.61 -2.85 94.52
C GLN W 178 -72.86 -1.37 94.71
N ILE W 179 -72.16 -0.74 95.66
CA ILE W 179 -72.34 0.69 95.90
C ILE W 179 -71.87 1.50 94.69
N ARG W 180 -70.73 1.12 94.10
CA ARG W 180 -70.23 1.83 92.94
C ARG W 180 -71.15 1.71 91.73
N GLU W 181 -71.99 0.68 91.68
CA GLU W 181 -72.86 0.47 90.53
C GLU W 181 -74.19 1.19 90.65
N VAL W 182 -74.83 1.16 91.83
CA VAL W 182 -76.11 1.82 92.00
C VAL W 182 -75.95 3.33 91.92
N ALA W 183 -74.84 3.87 92.44
CA ALA W 183 -74.58 5.30 92.44
C ALA W 183 -73.62 5.70 91.32
N SER W 184 -73.63 4.99 90.21
CA SER W 184 -72.73 5.31 89.11
C SER W 184 -73.22 6.54 88.38
N GLY W 185 -72.32 7.50 88.16
CA GLY W 185 -72.64 8.74 87.47
C GLY W 185 -72.37 10.00 88.27
N ALA W 186 -72.10 9.90 89.57
CA ALA W 186 -71.81 11.07 90.38
C ALA W 186 -70.49 11.71 89.94
N ALA W 187 -70.44 13.04 90.03
CA ALA W 187 -69.31 13.81 89.55
C ALA W 187 -68.85 14.79 90.62
N ARG W 188 -67.72 15.45 90.34
CA ARG W 188 -67.13 16.43 91.23
C ARG W 188 -67.52 17.84 90.79
N ILE W 189 -68.07 18.61 91.72
CA ILE W 189 -68.65 19.91 91.38
C ILE W 189 -67.56 20.91 91.03
N ARG W 190 -66.48 20.94 91.80
CA ARG W 190 -65.45 21.97 91.60
C ARG W 190 -64.80 21.83 90.22
N GLY W 191 -64.69 22.96 89.53
CA GLY W 191 -64.11 23.01 88.20
C GLY W 191 -65.11 23.03 87.07
N GLU W 192 -66.40 22.83 87.36
CA GLU W 192 -67.42 22.81 86.32
C GLU W 192 -67.85 24.23 85.96
N THR W 193 -68.57 24.34 84.85
CA THR W 193 -69.06 25.62 84.35
C THR W 193 -70.58 25.64 84.40
N LEU W 194 -71.13 26.74 84.92
CA LEU W 194 -72.58 26.91 85.04
C LEU W 194 -73.03 28.05 84.14
N GLY W 195 -74.05 27.79 83.32
CA GLY W 195 -74.59 28.77 82.40
C GLY W 195 -75.98 29.20 82.84
N ILE W 196 -76.19 30.52 82.84
CA ILE W 196 -77.45 31.12 83.29
C ILE W 196 -78.01 31.96 82.15
N ILE W 197 -79.29 31.80 81.87
CA ILE W 197 -79.98 32.55 80.83
C ILE W 197 -80.95 33.51 81.52
N GLY W 198 -80.61 34.79 81.55
CA GLY W 198 -81.43 35.79 82.20
C GLY W 198 -80.97 36.11 83.60
N LEU W 199 -80.35 37.28 83.79
CA LEU W 199 -79.82 37.70 85.08
C LEU W 199 -80.76 38.72 85.69
N GLY W 200 -81.81 38.23 86.32
CA GLY W 200 -82.79 39.05 87.00
C GLY W 200 -82.65 38.99 88.51
N ARG W 201 -83.77 39.11 89.21
CA ARG W 201 -83.75 38.99 90.67
C ARG W 201 -83.34 37.58 91.09
N VAL W 202 -83.97 36.57 90.50
CA VAL W 202 -83.63 35.19 90.84
C VAL W 202 -82.27 34.81 90.28
N GLY W 203 -81.95 35.28 89.07
CA GLY W 203 -80.67 34.93 88.46
C GLY W 203 -79.48 35.40 89.27
N GLN W 204 -79.56 36.61 89.83
CA GLN W 204 -78.46 37.11 90.65
C GLN W 204 -78.31 36.33 91.94
N ALA W 205 -79.43 35.92 92.54
CA ALA W 205 -79.36 35.16 93.78
C ALA W 205 -78.71 33.80 93.58
N VAL W 206 -79.00 33.15 92.45
CA VAL W 206 -78.41 31.84 92.18
C VAL W 206 -76.90 31.96 91.95
N ALA W 207 -76.47 33.04 91.28
CA ALA W 207 -75.05 33.19 90.96
C ALA W 207 -74.20 33.31 92.21
N LEU W 208 -74.68 34.05 93.20
CA LEU W 208 -73.90 34.23 94.43
C LEU W 208 -73.74 32.92 95.19
N ARG W 209 -74.80 32.12 95.26
CA ARG W 209 -74.73 30.87 96.00
C ARG W 209 -73.90 29.82 95.26
N ALA W 210 -73.87 29.88 93.93
CA ALA W 210 -73.14 28.88 93.16
C ALA W 210 -71.62 29.04 93.27
N LYS W 211 -71.13 30.24 93.59
CA LYS W 211 -69.69 30.45 93.68
C LYS W 211 -69.08 29.82 94.92
N ALA W 212 -69.88 29.58 95.97
CA ALA W 212 -69.35 28.98 97.18
C ALA W 212 -69.00 27.51 96.99
N PHE W 213 -69.57 26.85 95.98
CA PHE W 213 -69.30 25.44 95.71
C PHE W 213 -68.17 25.22 94.72
N GLY W 214 -67.61 26.29 94.15
CA GLY W 214 -66.53 26.16 93.19
C GLY W 214 -66.94 26.22 91.73
N PHE W 215 -68.18 26.60 91.43
CA PHE W 215 -68.62 26.70 90.05
C PHE W 215 -67.95 27.87 89.33
N ASN W 216 -67.93 27.79 88.01
CA ASN W 216 -67.55 28.90 87.14
C ASN W 216 -68.79 29.37 86.41
N VAL W 217 -69.12 30.65 86.56
CA VAL W 217 -70.44 31.17 86.20
C VAL W 217 -70.32 32.04 84.96
N LEU W 218 -71.17 31.77 83.97
CA LEU W 218 -71.38 32.62 82.80
C LEU W 218 -72.86 32.97 82.72
N PHE W 219 -73.17 34.05 82.01
CA PHE W 219 -74.56 34.44 81.83
C PHE W 219 -74.75 35.12 80.49
N TYR W 220 -75.99 35.14 80.03
CA TYR W 220 -76.37 35.75 78.76
C TYR W 220 -77.64 36.55 78.97
N ASP W 221 -77.58 37.85 78.68
CA ASP W 221 -78.74 38.71 78.81
C ASP W 221 -78.59 39.90 77.86
N PRO W 222 -79.45 40.01 76.85
CA PRO W 222 -79.30 41.09 75.85
C PRO W 222 -79.99 42.40 76.20
N TYR W 223 -80.72 42.48 77.32
CA TYR W 223 -81.45 43.67 77.69
C TYR W 223 -80.82 44.43 78.85
N LEU W 224 -79.62 44.06 79.26
CA LEU W 224 -78.95 44.71 80.37
C LEU W 224 -77.96 45.75 79.86
N SER W 225 -77.55 46.64 80.77
CA SER W 225 -76.60 47.69 80.45
C SER W 225 -75.17 47.14 80.53
N ASP W 226 -74.18 48.02 80.46
CA ASP W 226 -72.78 47.63 80.46
C ASP W 226 -72.20 47.76 81.86
N GLY W 227 -71.38 46.78 82.24
CA GLY W 227 -70.69 46.81 83.52
C GLY W 227 -71.42 46.16 84.67
N VAL W 228 -72.55 45.50 84.42
CA VAL W 228 -73.24 44.80 85.49
C VAL W 228 -72.40 43.61 85.98
N GLU W 229 -71.70 42.95 85.07
CA GLU W 229 -70.85 41.83 85.47
C GLU W 229 -69.61 42.28 86.23
N ARG W 230 -69.17 43.52 86.03
CA ARG W 230 -68.01 44.01 86.77
C ARG W 230 -68.28 44.09 88.26
N ALA W 231 -69.49 44.53 88.63
CA ALA W 231 -69.83 44.66 90.04
C ALA W 231 -69.85 43.31 90.75
N LEU W 232 -70.42 42.29 90.10
CA LEU W 232 -70.56 40.97 90.70
C LEU W 232 -69.38 40.05 90.38
N GLY W 233 -68.45 40.48 89.54
CA GLY W 233 -67.31 39.64 89.20
C GLY W 233 -67.65 38.39 88.43
N LEU W 234 -68.52 38.49 87.44
CA LEU W 234 -68.92 37.38 86.60
C LEU W 234 -68.37 37.56 85.19
N GLN W 235 -68.73 36.62 84.31
CA GLN W 235 -68.31 36.65 82.91
C GLN W 235 -69.55 36.65 82.02
N ARG W 236 -69.50 37.45 80.96
CA ARG W 236 -70.65 37.68 80.10
C ARG W 236 -70.33 37.31 78.66
N VAL W 237 -71.29 36.65 78.01
CA VAL W 237 -71.18 36.32 76.60
C VAL W 237 -72.22 37.14 75.82
N SER W 238 -72.10 37.13 74.50
CA SER W 238 -72.93 37.97 73.65
C SER W 238 -73.95 37.22 72.82
N THR W 239 -73.80 35.91 72.63
CA THR W 239 -74.71 35.11 71.83
C THR W 239 -75.14 33.88 72.60
N LEU W 240 -76.35 33.40 72.28
CA LEU W 240 -76.86 32.20 72.93
C LEU W 240 -76.06 30.97 72.53
N GLN W 241 -75.61 30.91 71.27
CA GLN W 241 -74.85 29.75 70.81
C GLN W 241 -73.54 29.60 71.56
N ASP W 242 -72.87 30.73 71.86
CA ASP W 242 -71.61 30.68 72.58
C ASP W 242 -71.79 30.15 74.00
N LEU W 243 -72.92 30.48 74.63
CA LEU W 243 -73.17 29.99 75.98
C LEU W 243 -73.35 28.47 76.01
N LEU W 244 -74.04 27.91 75.02
CA LEU W 244 -74.29 26.48 75.00
C LEU W 244 -73.03 25.68 74.70
N PHE W 245 -72.08 26.26 73.99
CA PHE W 245 -70.87 25.53 73.62
C PHE W 245 -69.98 25.28 74.82
N HIS W 246 -69.97 26.17 75.81
CA HIS W 246 -69.01 26.13 76.91
C HIS W 246 -69.68 25.95 78.26
N SER W 247 -70.81 25.24 78.31
CA SER W 247 -71.56 25.05 79.54
C SER W 247 -71.75 23.57 79.82
N ASP W 248 -71.63 23.20 81.10
CA ASP W 248 -71.91 21.85 81.56
C ASP W 248 -73.26 21.72 82.26
N CYS W 249 -73.91 22.83 82.59
CA CYS W 249 -75.22 22.82 83.21
C CYS W 249 -75.91 24.12 82.85
N VAL W 250 -77.15 24.02 82.36
CA VAL W 250 -77.90 25.17 81.85
C VAL W 250 -79.14 25.35 82.71
N THR W 251 -79.37 26.57 83.17
CA THR W 251 -80.55 26.93 83.95
C THR W 251 -81.25 28.10 83.28
N LEU W 252 -82.58 28.06 83.27
CA LEU W 252 -83.40 29.08 82.64
C LEU W 252 -84.03 29.98 83.70
N HIS W 253 -83.83 31.29 83.55
CA HIS W 253 -84.41 32.25 84.49
C HIS W 253 -84.99 33.47 83.78
N CYS W 254 -85.34 33.36 82.51
CA CYS W 254 -85.85 34.50 81.76
C CYS W 254 -87.37 34.54 81.81
N GLY W 255 -87.95 35.56 81.17
CA GLY W 255 -89.38 35.71 81.09
C GLY W 255 -89.91 35.20 79.76
N LEU W 256 -91.22 34.95 79.74
CA LEU W 256 -91.88 34.38 78.55
C LEU W 256 -92.56 35.51 77.78
N ASN W 257 -91.80 36.18 76.93
CA ASN W 257 -92.34 37.15 76.00
C ASN W 257 -92.65 36.46 74.67
N GLU W 258 -92.94 37.24 73.64
CA GLU W 258 -93.33 36.69 72.35
C GLU W 258 -92.15 36.43 71.43
N HIS W 259 -90.92 36.72 71.86
CA HIS W 259 -89.74 36.51 71.04
C HIS W 259 -88.90 35.32 71.49
N ASN W 260 -89.35 34.57 72.49
CA ASN W 260 -88.55 33.46 73.00
C ASN W 260 -89.41 32.22 73.27
N HIS W 261 -90.50 32.04 72.52
CA HIS W 261 -91.30 30.84 72.64
C HIS W 261 -90.54 29.65 72.06
N HIS W 262 -90.50 28.55 72.81
CA HIS W 262 -89.72 27.36 72.44
C HIS W 262 -88.27 27.73 72.18
N LEU W 263 -87.65 28.34 73.20
CA LEU W 263 -86.25 28.75 73.09
C LEU W 263 -85.34 27.54 72.92
N ILE W 264 -85.58 26.48 73.69
CA ILE W 264 -84.83 25.24 73.57
C ILE W 264 -85.62 24.35 72.60
N ASN W 265 -85.38 24.55 71.31
CA ASN W 265 -86.07 23.79 70.28
C ASN W 265 -85.18 22.64 69.80
N ASP W 266 -85.60 21.99 68.71
CA ASP W 266 -84.86 20.86 68.19
C ASP W 266 -83.48 21.28 67.68
N PHE W 267 -83.40 22.41 66.99
CA PHE W 267 -82.13 22.84 66.40
C PHE W 267 -81.12 23.22 67.49
N THR W 268 -81.56 23.93 68.53
CA THR W 268 -80.63 24.39 69.55
C THR W 268 -80.20 23.29 70.50
N VAL W 269 -81.01 22.25 70.68
CA VAL W 269 -80.67 21.18 71.61
C VAL W 269 -79.49 20.36 71.11
N LYS W 270 -79.17 20.44 69.82
CA LYS W 270 -78.03 19.72 69.26
C LYS W 270 -76.73 20.51 69.38
N GLN W 271 -76.77 21.74 69.86
CA GLN W 271 -75.58 22.55 70.05
C GLN W 271 -74.99 22.44 71.44
N MET W 272 -75.64 21.72 72.35
CA MET W 272 -75.13 21.54 73.70
C MET W 272 -74.03 20.49 73.72
N ARG W 273 -73.30 20.43 74.83
CA ARG W 273 -72.20 19.49 74.97
C ARG W 273 -72.73 18.06 75.12
N GLN W 274 -71.80 17.11 75.05
CA GLN W 274 -72.12 15.70 75.20
C GLN W 274 -72.21 15.37 76.68
N GLY W 275 -73.43 15.11 77.15
CA GLY W 275 -73.63 14.75 78.55
C GLY W 275 -73.76 15.95 79.46
N ALA W 276 -74.71 16.83 79.16
CA ALA W 276 -74.97 18.03 79.96
C ALA W 276 -76.28 17.86 80.71
N PHE W 277 -76.51 18.77 81.66
CA PHE W 277 -77.73 18.80 82.44
C PHE W 277 -78.61 19.98 82.00
N LEU W 278 -79.84 19.99 82.52
CA LEU W 278 -80.78 21.04 82.19
C LEU W 278 -81.77 21.20 83.34
N VAL W 279 -81.91 22.44 83.82
CA VAL W 279 -82.83 22.77 84.91
C VAL W 279 -83.76 23.88 84.42
N ASN W 280 -85.05 23.70 84.62
CA ASN W 280 -86.06 24.68 84.20
C ASN W 280 -87.02 24.93 85.36
N THR W 281 -87.07 26.17 85.82
CA THR W 281 -88.00 26.55 86.88
C THR W 281 -88.72 27.87 86.59
N ALA W 282 -88.61 28.39 85.37
CA ALA W 282 -89.23 29.69 85.05
C ALA W 282 -90.61 29.52 84.44
N ARG W 283 -90.70 28.91 83.26
CA ARG W 283 -91.96 28.73 82.56
C ARG W 283 -91.88 27.48 81.70
N GLY W 284 -93.06 26.94 81.38
CA GLY W 284 -93.13 25.70 80.63
C GLY W 284 -93.03 25.86 79.13
N GLY W 285 -93.31 27.07 78.63
CA GLY W 285 -93.29 27.31 77.21
C GLY W 285 -91.93 27.56 76.61
N LEU W 286 -90.87 27.57 77.41
CA LEU W 286 -89.52 27.82 76.94
C LEU W 286 -88.82 26.56 76.43
N VAL W 287 -89.38 25.38 76.68
CA VAL W 287 -88.74 24.11 76.33
C VAL W 287 -89.70 23.28 75.50
N ASP W 288 -89.20 22.73 74.39
CA ASP W 288 -89.97 21.80 73.57
C ASP W 288 -89.79 20.39 74.14
N GLU W 289 -90.84 19.87 74.78
CA GLU W 289 -90.72 18.58 75.46
C GLU W 289 -90.56 17.43 74.48
N LYS W 290 -91.07 17.57 73.26
CA LYS W 290 -90.94 16.49 72.27
C LYS W 290 -89.48 16.26 71.90
N ALA W 291 -88.72 17.35 71.72
CA ALA W 291 -87.30 17.21 71.37
C ALA W 291 -86.47 16.79 72.58
N LEU W 292 -86.87 17.19 73.79
CA LEU W 292 -86.12 16.84 74.98
C LEU W 292 -86.17 15.33 75.24
N ALA W 293 -87.31 14.70 74.97
CA ALA W 293 -87.46 13.28 75.24
C ALA W 293 -86.50 12.44 74.39
N GLN W 294 -86.32 12.81 73.13
CA GLN W 294 -85.43 12.07 72.26
C GLN W 294 -83.98 12.19 72.72
N ALA W 295 -83.59 13.37 73.22
CA ALA W 295 -82.22 13.56 73.68
C ALA W 295 -81.90 12.69 74.89
N LEU W 296 -82.86 12.55 75.81
CA LEU W 296 -82.63 11.72 76.99
C LEU W 296 -82.44 10.26 76.62
N LYS W 297 -83.24 9.76 75.67
CA LYS W 297 -83.14 8.35 75.30
C LYS W 297 -81.82 8.04 74.62
N GLU W 298 -81.38 8.90 73.69
CA GLU W 298 -80.13 8.63 72.98
C GLU W 298 -78.90 8.83 73.85
N GLY W 299 -79.03 9.59 74.93
CA GLY W 299 -77.92 9.79 75.84
C GLY W 299 -77.14 11.08 75.67
N ARG W 300 -77.61 11.98 74.80
CA ARG W 300 -76.92 13.26 74.64
C ARG W 300 -77.07 14.17 75.86
N ILE W 301 -78.11 13.96 76.67
CA ILE W 301 -78.34 14.73 77.88
C ILE W 301 -78.37 13.74 79.05
N ARG W 302 -77.53 13.97 80.05
CA ARG W 302 -77.41 13.02 81.15
C ARG W 302 -78.64 13.04 82.05
N GLY W 303 -79.22 14.21 82.27
CA GLY W 303 -80.39 14.29 83.13
C GLY W 303 -81.06 15.64 82.99
N ALA W 304 -82.25 15.74 83.58
CA ALA W 304 -83.03 16.97 83.53
C ALA W 304 -83.96 17.04 84.72
N ALA W 305 -84.04 18.21 85.34
CA ALA W 305 -84.95 18.47 86.44
C ALA W 305 -85.90 19.57 86.03
N LEU W 306 -87.20 19.30 86.12
CA LEU W 306 -88.23 20.21 85.66
C LEU W 306 -89.22 20.52 86.78
N ASP W 307 -89.60 21.79 86.89
CA ASP W 307 -90.63 22.22 87.83
C ASP W 307 -91.88 22.76 87.16
N VAL W 308 -91.79 23.16 85.90
CA VAL W 308 -92.91 23.68 85.14
C VAL W 308 -92.97 22.97 83.80
N HIS W 309 -94.18 22.69 83.33
CA HIS W 309 -94.38 21.93 82.11
C HIS W 309 -95.37 22.65 81.20
N GLU W 310 -95.37 22.25 79.92
CA GLU W 310 -96.26 22.87 78.94
C GLU W 310 -97.72 22.62 79.29
N SER W 311 -98.06 21.40 79.66
CA SER W 311 -99.43 21.03 80.02
C SER W 311 -99.48 20.67 81.49
N GLU W 312 -100.38 21.31 82.23
CA GLU W 312 -100.54 21.07 83.65
C GLU W 312 -101.99 20.73 83.97
N PRO W 313 -102.24 19.87 84.97
CA PRO W 313 -101.27 19.21 85.84
C PRO W 313 -100.47 18.11 85.16
N PHE W 314 -99.31 17.79 85.73
CA PHE W 314 -98.38 16.82 85.14
C PHE W 314 -98.64 15.42 85.67
N SER W 315 -98.51 14.43 84.79
CA SER W 315 -98.65 13.03 85.14
C SER W 315 -97.57 12.23 84.43
N PHE W 316 -96.98 11.26 85.14
CA PHE W 316 -95.91 10.45 84.56
C PHE W 316 -96.43 9.49 83.50
N SER W 317 -97.72 9.20 83.48
CA SER W 317 -98.29 8.23 82.55
C SER W 317 -98.80 8.85 81.26
N GLN W 318 -98.71 10.17 81.10
CA GLN W 318 -99.22 10.84 79.91
C GLN W 318 -98.20 11.87 79.43
N GLY W 319 -98.25 12.15 78.13
CA GLY W 319 -97.40 13.16 77.55
C GLY W 319 -96.21 12.60 76.81
N PRO W 320 -95.44 13.47 76.14
CA PRO W 320 -94.25 13.01 75.43
C PRO W 320 -93.18 12.42 76.34
N LEU W 321 -93.19 12.75 77.64
CA LEU W 321 -92.22 12.26 78.58
C LEU W 321 -92.73 11.05 79.36
N LYS W 322 -93.55 10.21 78.72
CA LYS W 322 -94.14 9.07 79.40
C LYS W 322 -93.07 8.09 79.87
N ASP W 323 -92.08 7.81 79.02
CA ASP W 323 -91.01 6.87 79.33
C ASP W 323 -89.67 7.50 78.92
N ALA W 324 -89.08 8.26 79.84
CA ALA W 324 -87.79 8.90 79.61
C ALA W 324 -86.91 8.73 80.83
N PRO W 325 -85.71 8.18 80.68
CA PRO W 325 -84.85 7.95 81.85
C PRO W 325 -84.26 9.25 82.38
N ASN W 326 -83.86 9.20 83.66
CA ASN W 326 -83.16 10.30 84.32
C ASN W 326 -83.98 11.59 84.29
N LEU W 327 -85.13 11.53 84.97
CA LEU W 327 -86.05 12.67 85.00
C LEU W 327 -86.51 12.91 86.43
N ILE W 328 -86.52 14.19 86.82
CA ILE W 328 -87.03 14.62 88.12
C ILE W 328 -88.06 15.71 87.89
N CYS W 329 -89.24 15.56 88.50
CA CYS W 329 -90.33 16.50 88.31
C CYS W 329 -90.97 16.84 89.64
N THR W 330 -91.43 18.09 89.75
CA THR W 330 -92.13 18.62 90.90
C THR W 330 -93.40 19.33 90.45
N PRO W 331 -94.44 19.36 91.30
CA PRO W 331 -95.75 19.90 90.90
C PRO W 331 -95.89 21.42 91.01
N HIS W 332 -94.93 22.14 90.43
CA HIS W 332 -94.98 23.61 90.34
C HIS W 332 -95.14 24.23 91.72
N ALA W 333 -94.20 23.93 92.61
CA ALA W 333 -94.24 24.38 94.00
C ALA W 333 -92.88 24.89 94.44
N ALA W 334 -92.19 25.62 93.57
CA ALA W 334 -90.88 26.17 93.88
C ALA W 334 -90.97 27.53 94.58
N TRP W 335 -92.18 28.00 94.86
CA TRP W 335 -92.39 29.31 95.47
C TRP W 335 -92.99 29.23 96.87
N TYR W 336 -93.54 28.09 97.26
CA TYR W 336 -94.34 28.04 98.47
C TYR W 336 -93.48 28.13 99.72
N SER W 337 -93.96 28.87 100.71
CA SER W 337 -93.38 28.93 102.04
C SER W 337 -94.44 29.47 102.98
N GLU W 338 -94.28 29.15 104.27
CA GLU W 338 -95.25 29.61 105.26
C GLU W 338 -95.27 31.13 105.35
N GLN W 339 -94.09 31.76 105.35
CA GLN W 339 -94.02 33.21 105.43
C GLN W 339 -94.32 33.86 104.08
N ALA W 340 -93.87 33.25 102.98
CA ALA W 340 -94.06 33.84 101.67
C ALA W 340 -95.53 33.88 101.27
N SER W 341 -96.29 32.84 101.62
CA SER W 341 -97.69 32.78 101.23
C SER W 341 -98.49 33.91 101.86
N ILE W 342 -98.25 34.19 103.15
CA ILE W 342 -98.99 35.24 103.83
C ILE W 342 -98.61 36.61 103.30
N GLU W 343 -97.32 36.81 103.01
CA GLU W 343 -96.84 38.12 102.59
C GLU W 343 -97.43 38.55 101.25
N MET W 344 -97.51 37.63 100.30
CA MET W 344 -98.00 37.99 98.97
C MET W 344 -99.50 38.22 98.95
N ARG W 345 -100.25 37.53 99.82
CA ARG W 345 -101.70 37.70 99.84
C ARG W 345 -102.10 39.02 100.48
N GLU W 346 -101.38 39.46 101.51
CA GLU W 346 -101.69 40.74 102.14
C GLU W 346 -101.35 41.91 101.23
N GLU W 347 -100.23 41.82 100.50
CA GLU W 347 -99.84 42.91 99.62
C GLU W 347 -100.84 43.12 98.48
N ALA W 348 -101.34 42.02 97.92
CA ALA W 348 -102.30 42.13 96.82
C ALA W 348 -103.60 42.77 97.30
N ALA W 349 -104.04 42.42 98.51
CA ALA W 349 -105.28 42.98 99.03
C ALA W 349 -105.17 44.49 99.23
N ARG W 350 -104.02 44.96 99.74
CA ARG W 350 -103.84 46.39 99.97
C ARG W 350 -103.71 47.17 98.68
N GLU W 351 -103.30 46.53 97.58
CA GLU W 351 -103.24 47.21 96.29
C GLU W 351 -104.64 47.54 95.79
N ILE W 352 -105.60 46.65 96.03
CA ILE W 352 -106.98 46.90 95.63
C ILE W 352 -107.55 48.08 96.39
N ARG W 353 -107.28 48.16 97.69
CA ARG W 353 -107.88 49.19 98.53
C ARG W 353 -107.39 50.58 98.12
N ARG W 354 -106.11 50.70 97.75
CA ARG W 354 -105.60 52.00 97.31
C ARG W 354 -106.26 52.46 96.02
N ALA W 355 -106.52 51.53 95.10
CA ALA W 355 -107.15 51.89 93.84
C ALA W 355 -108.58 52.39 94.04
N ILE W 356 -109.33 51.74 94.94
CA ILE W 356 -110.71 52.15 95.18
C ILE W 356 -110.76 53.52 95.84
N THR W 357 -109.91 53.76 96.83
CA THR W 357 -109.90 55.00 97.59
C THR W 357 -108.81 55.97 97.11
N GLY W 358 -108.50 55.95 95.83
CA GLY W 358 -107.49 56.83 95.27
C GLY W 358 -107.77 57.10 93.81
N ARG W 359 -106.71 57.28 93.04
CA ARG W 359 -106.81 57.52 91.60
C ARG W 359 -105.86 56.60 90.86
N ILE W 360 -106.27 56.23 89.65
CA ILE W 360 -105.55 55.28 88.81
C ILE W 360 -104.90 56.06 87.67
N PRO W 361 -103.61 55.83 87.37
CA PRO W 361 -102.69 54.94 88.08
C PRO W 361 -101.71 55.65 88.99
N ASP W 362 -102.11 56.82 89.51
CA ASP W 362 -101.20 57.61 90.33
C ASP W 362 -100.93 56.94 91.67
N SER W 363 -101.93 56.28 92.25
CA SER W 363 -101.79 55.66 93.56
C SER W 363 -101.22 54.25 93.51
N LEU W 364 -101.03 53.68 92.32
CA LEU W 364 -100.52 52.32 92.20
C LEU W 364 -99.00 52.31 92.27
N LYS W 365 -98.46 51.29 92.93
CA LYS W 365 -97.01 51.17 93.09
C LYS W 365 -96.38 50.28 92.03
N ASN W 366 -97.01 49.15 91.70
CA ASN W 366 -96.49 48.20 90.73
C ASN W 366 -97.48 48.06 89.58
N CYS W 367 -97.34 48.91 88.57
CA CYS W 367 -98.18 48.86 87.37
C CYS W 367 -97.31 48.48 86.18
N VAL W 368 -97.78 47.53 85.37
CA VAL W 368 -96.99 46.97 84.29
C VAL W 368 -97.47 47.39 82.91
N ASN W 369 -98.64 48.02 82.81
CA ASN W 369 -99.17 48.46 81.52
C ASN W 369 -99.42 49.97 81.54
N LYS W 370 -98.55 50.71 82.24
CA LYS W 370 -98.73 52.15 82.33
C LYS W 370 -98.57 52.84 80.98
N ASP W 371 -97.62 52.37 80.17
CA ASP W 371 -97.42 52.96 78.85
C ASP W 371 -98.63 52.73 77.94
N HIS W 372 -99.18 51.52 77.96
CA HIS W 372 -100.32 51.20 77.10
C HIS W 372 -101.63 51.77 77.62
N LEU W 373 -101.69 52.17 78.89
CA LEU W 373 -102.92 52.68 79.46
C LEU W 373 -103.27 54.04 78.86
N THR W 374 -104.56 54.23 78.57
CA THR W 374 -105.02 55.47 77.98
C THR W 374 -105.99 56.20 78.90
N ARG X 44 -41.40 -13.33 95.91
CA ARG X 44 -41.99 -12.03 96.24
C ARG X 44 -43.08 -12.18 97.29
N PRO X 45 -43.19 -11.20 98.18
CA PRO X 45 -44.19 -11.27 99.27
C PRO X 45 -45.60 -11.28 98.72
N LEU X 46 -46.56 -11.53 99.62
CA LEU X 46 -47.97 -11.65 99.27
C LEU X 46 -48.75 -10.52 99.93
N VAL X 47 -49.60 -9.87 99.15
CA VAL X 47 -50.50 -8.81 99.62
C VAL X 47 -51.92 -9.23 99.30
N ALA X 48 -52.81 -9.16 100.28
CA ALA X 48 -54.16 -9.66 100.15
C ALA X 48 -55.18 -8.56 100.38
N LEU X 49 -56.22 -8.55 99.55
CA LEU X 49 -57.37 -7.66 99.72
C LEU X 49 -58.45 -8.44 100.47
N LEU X 50 -58.74 -8.03 101.70
CA LEU X 50 -59.59 -8.85 102.57
C LEU X 50 -61.02 -8.90 102.05
N ASP X 51 -61.60 -7.74 101.72
CA ASP X 51 -63.01 -7.67 101.28
C ASP X 51 -63.05 -6.93 99.95
N GLY X 52 -62.97 -7.68 98.86
CA GLY X 52 -63.03 -7.08 97.54
C GLY X 52 -62.78 -8.14 96.49
N ARG X 53 -63.08 -7.78 95.24
CA ARG X 53 -62.90 -8.68 94.11
C ARG X 53 -62.18 -7.99 92.97
N ASP X 54 -62.30 -6.68 92.88
CA ASP X 54 -61.73 -5.90 91.79
C ASP X 54 -60.38 -5.33 92.23
N CYS X 55 -59.35 -5.58 91.44
CA CYS X 55 -58.00 -5.11 91.73
C CYS X 55 -57.33 -4.58 90.47
N THR X 56 -58.11 -3.90 89.62
CA THR X 56 -57.58 -3.41 88.36
C THR X 56 -56.68 -2.19 88.52
N VAL X 57 -56.79 -1.48 89.64
CA VAL X 57 -55.98 -0.27 89.85
C VAL X 57 -54.71 -0.58 90.63
N GLU X 58 -54.81 -1.44 91.65
CA GLU X 58 -53.65 -1.75 92.48
C GLU X 58 -52.67 -2.68 91.78
N MET X 59 -53.15 -3.49 90.84
CA MET X 59 -52.29 -4.48 90.20
C MET X 59 -51.13 -3.87 89.43
N PRO X 60 -51.30 -2.86 88.57
CA PRO X 60 -50.15 -2.31 87.84
C PRO X 60 -49.09 -1.68 88.73
N ILE X 61 -49.44 -1.27 89.95
CA ILE X 61 -48.46 -0.68 90.84
C ILE X 61 -47.68 -1.75 91.58
N LEU X 62 -48.38 -2.67 92.24
CA LEU X 62 -47.75 -3.73 93.02
C LEU X 62 -47.59 -5.01 92.22
N LYS X 63 -46.96 -4.94 91.05
CA LYS X 63 -46.73 -6.12 90.23
C LYS X 63 -45.28 -6.56 90.18
N ASP X 64 -44.33 -5.64 90.36
CA ASP X 64 -42.91 -5.96 90.32
C ASP X 64 -42.28 -5.96 91.71
N VAL X 65 -43.08 -5.84 92.77
CA VAL X 65 -42.55 -5.84 94.12
C VAL X 65 -43.28 -6.81 95.05
N ALA X 66 -44.45 -7.33 94.69
CA ALA X 66 -45.21 -8.22 95.56
C ALA X 66 -46.18 -9.02 94.71
N THR X 67 -46.94 -9.90 95.37
CA THR X 67 -47.96 -10.72 94.73
C THR X 67 -49.32 -10.34 95.30
N VAL X 68 -50.26 -10.03 94.42
CA VAL X 68 -51.58 -9.52 94.81
C VAL X 68 -52.58 -10.67 94.81
N ALA X 69 -53.49 -10.65 95.78
CA ALA X 69 -54.55 -11.64 95.88
C ALA X 69 -55.74 -11.01 96.59
N PHE X 70 -56.91 -11.61 96.40
CA PHE X 70 -58.13 -11.14 97.03
C PHE X 70 -58.88 -12.31 97.65
N CYS X 71 -59.69 -12.00 98.66
CA CYS X 71 -60.44 -13.02 99.38
C CYS X 71 -61.95 -12.84 99.30
N ASP X 72 -62.44 -11.62 99.12
CA ASP X 72 -63.88 -11.35 99.03
C ASP X 72 -64.62 -11.90 100.25
N ALA X 73 -64.05 -11.68 101.43
CA ALA X 73 -64.60 -12.20 102.66
C ALA X 73 -65.62 -11.22 103.27
N GLN X 74 -66.58 -11.78 103.98
CA GLN X 74 -67.57 -11.00 104.70
C GLN X 74 -67.44 -11.11 106.21
N SER X 75 -66.56 -11.97 106.71
CA SER X 75 -66.34 -12.14 108.13
C SER X 75 -64.93 -12.67 108.35
N THR X 76 -64.47 -12.59 109.59
CA THR X 76 -63.13 -13.05 109.91
C THR X 76 -62.98 -14.57 109.78
N GLN X 77 -64.09 -15.30 109.71
CA GLN X 77 -64.06 -16.75 109.58
C GLN X 77 -63.98 -17.21 108.13
N GLU X 78 -63.98 -16.29 107.17
CA GLU X 78 -63.95 -16.65 105.76
C GLU X 78 -62.60 -16.32 105.12
N ILE X 79 -61.55 -16.18 105.92
CA ILE X 79 -60.22 -15.88 105.41
C ILE X 79 -59.46 -17.18 105.18
N HIS X 80 -58.87 -17.30 104.01
CA HIS X 80 -58.16 -18.53 103.64
C HIS X 80 -56.96 -18.76 104.56
N GLU X 81 -56.63 -20.04 104.75
CA GLU X 81 -55.54 -20.40 105.65
C GLU X 81 -54.20 -19.89 105.14
N LYS X 82 -54.01 -19.86 103.82
CA LYS X 82 -52.75 -19.37 103.28
C LYS X 82 -52.51 -17.90 103.63
N VAL X 83 -53.58 -17.10 103.63
CA VAL X 83 -53.44 -15.69 103.99
C VAL X 83 -52.97 -15.54 105.43
N LEU X 84 -53.54 -16.32 106.34
CA LEU X 84 -53.20 -16.20 107.75
C LEU X 84 -51.76 -16.56 108.07
N ASN X 85 -51.04 -17.20 107.14
CA ASN X 85 -49.67 -17.63 107.38
C ASN X 85 -48.64 -16.91 106.55
N GLU X 86 -49.00 -16.40 105.37
CA GLU X 86 -48.03 -15.85 104.42
C GLU X 86 -48.51 -14.52 103.87
N ALA X 87 -48.95 -13.61 104.75
CA ALA X 87 -49.39 -12.29 104.36
C ALA X 87 -48.52 -11.24 105.05
N VAL X 88 -48.04 -10.28 104.27
CA VAL X 88 -47.23 -9.19 104.80
C VAL X 88 -48.07 -7.93 104.99
N GLY X 89 -48.93 -7.61 104.02
CA GLY X 89 -49.79 -6.45 104.13
C GLY X 89 -51.21 -6.80 103.72
N ALA X 90 -52.14 -5.91 104.06
CA ALA X 90 -53.55 -6.14 103.79
C ALA X 90 -54.24 -4.82 103.49
N LEU X 91 -55.31 -4.91 102.70
CA LEU X 91 -56.16 -3.77 102.38
C LEU X 91 -57.60 -4.13 102.72
N MET X 92 -58.32 -3.20 103.34
CA MET X 92 -59.67 -3.49 103.79
C MET X 92 -60.54 -2.25 103.72
N TYR X 93 -61.82 -2.46 103.45
CA TYR X 93 -62.84 -1.42 103.48
C TYR X 93 -63.51 -1.39 104.85
N HIS X 94 -64.65 -0.73 104.93
CA HIS X 94 -65.37 -0.57 106.20
C HIS X 94 -66.33 -1.71 106.50
N THR X 95 -66.40 -2.72 105.65
CA THR X 95 -67.40 -3.78 105.77
C THR X 95 -66.97 -4.93 106.67
N ILE X 96 -65.75 -4.91 107.19
CA ILE X 96 -65.22 -5.99 108.01
C ILE X 96 -64.57 -5.41 109.26
N THR X 97 -64.77 -6.07 110.39
CA THR X 97 -64.26 -5.61 111.68
C THR X 97 -63.23 -6.61 112.21
N LEU X 98 -62.12 -6.08 112.71
CA LEU X 98 -61.03 -6.90 113.26
C LEU X 98 -60.88 -6.59 114.75
N THR X 99 -60.82 -7.63 115.56
CA THR X 99 -60.61 -7.52 117.00
C THR X 99 -59.24 -8.06 117.36
N ARG X 100 -58.94 -8.06 118.67
CA ARG X 100 -57.63 -8.53 119.12
C ARG X 100 -57.46 -10.02 118.86
N GLU X 101 -58.51 -10.80 119.06
CA GLU X 101 -58.42 -12.24 118.78
C GLU X 101 -58.15 -12.50 117.31
N ASP X 102 -58.78 -11.73 116.43
CA ASP X 102 -58.55 -11.89 114.99
C ASP X 102 -57.10 -11.54 114.62
N LEU X 103 -56.55 -10.51 115.25
CA LEU X 103 -55.19 -10.08 114.92
C LEU X 103 -54.17 -11.12 115.33
N GLU X 104 -54.40 -11.82 116.43
CA GLU X 104 -53.44 -12.81 116.91
C GLU X 104 -53.33 -14.01 115.98
N LYS X 105 -54.31 -14.23 115.10
CA LYS X 105 -54.26 -15.35 114.18
C LYS X 105 -53.28 -15.14 113.03
N PHE X 106 -52.90 -13.89 112.76
CA PHE X 106 -51.91 -13.61 111.72
C PHE X 106 -50.51 -13.88 112.25
N LYS X 107 -49.66 -14.46 111.40
CA LYS X 107 -48.32 -14.84 111.80
C LYS X 107 -47.22 -14.03 111.12
N ALA X 108 -47.53 -13.30 110.05
CA ALA X 108 -46.51 -12.52 109.36
C ALA X 108 -46.99 -11.13 108.97
N LEU X 109 -48.15 -10.70 109.44
CA LEU X 109 -48.66 -9.38 109.09
C LEU X 109 -47.79 -8.30 109.70
N ARG X 110 -47.56 -7.22 108.94
CA ARG X 110 -46.70 -6.15 109.39
C ARG X 110 -47.33 -4.77 109.24
N ILE X 111 -48.26 -4.62 108.29
CA ILE X 111 -48.89 -3.33 108.02
C ILE X 111 -50.30 -3.55 107.53
N ILE X 112 -51.21 -2.66 107.96
CA ILE X 112 -52.59 -2.64 107.50
C ILE X 112 -52.90 -1.24 106.98
N VAL X 113 -53.44 -1.16 105.78
CA VAL X 113 -53.80 0.10 105.15
C VAL X 113 -55.30 0.13 104.94
N ARG X 114 -55.94 1.17 105.47
CA ARG X 114 -57.39 1.34 105.39
C ARG X 114 -57.72 2.32 104.27
N ILE X 115 -58.51 1.88 103.30
CA ILE X 115 -58.90 2.72 102.18
C ILE X 115 -60.05 3.61 102.60
N GLY X 116 -59.74 4.78 103.12
CA GLY X 116 -60.74 5.69 103.62
C GLY X 116 -60.16 6.53 104.74
N SER X 117 -61.06 7.22 105.45
CA SER X 117 -60.66 8.12 106.53
C SER X 117 -60.97 7.60 107.93
N GLY X 118 -61.89 6.65 108.05
CA GLY X 118 -62.28 6.12 109.35
C GLY X 118 -61.57 4.81 109.65
N PHE X 119 -61.16 4.65 110.92
CA PHE X 119 -60.48 3.44 111.35
C PHE X 119 -61.03 2.93 112.67
N ASP X 120 -62.30 3.17 112.94
CA ASP X 120 -62.92 2.74 114.18
C ASP X 120 -63.23 1.25 114.21
N ASN X 121 -63.10 0.56 113.09
CA ASN X 121 -63.36 -0.88 113.03
C ASN X 121 -62.11 -1.71 113.25
N ILE X 122 -60.98 -1.09 113.60
CA ILE X 122 -59.73 -1.77 113.87
C ILE X 122 -59.27 -1.40 115.27
N ASP X 123 -58.88 -2.40 116.05
CA ASP X 123 -58.36 -2.16 117.40
C ASP X 123 -56.96 -1.58 117.29
N ILE X 124 -56.85 -0.26 117.42
CA ILE X 124 -55.58 0.42 117.19
C ILE X 124 -54.56 0.06 118.26
N LYS X 125 -54.98 0.10 119.53
CA LYS X 125 -54.03 -0.13 120.62
C LYS X 125 -53.50 -1.56 120.61
N SER X 126 -54.37 -2.54 120.36
CA SER X 126 -53.93 -3.93 120.36
C SER X 126 -52.94 -4.21 119.25
N ALA X 127 -53.16 -3.63 118.07
CA ALA X 127 -52.25 -3.85 116.95
C ALA X 127 -50.87 -3.27 117.22
N GLY X 128 -50.79 -2.20 118.01
CA GLY X 128 -49.49 -1.62 118.33
C GLY X 128 -48.64 -2.56 119.17
N ASP X 129 -49.25 -3.24 120.14
CA ASP X 129 -48.49 -4.17 120.98
C ASP X 129 -47.92 -5.32 120.16
N LEU X 130 -48.71 -5.86 119.23
CA LEU X 130 -48.25 -6.96 118.40
C LEU X 130 -47.22 -6.54 117.36
N GLY X 131 -47.05 -5.24 117.13
CA GLY X 131 -46.07 -4.76 116.17
C GLY X 131 -46.61 -4.63 114.76
N ILE X 132 -47.81 -4.08 114.63
CA ILE X 132 -48.48 -3.89 113.35
C ILE X 132 -48.82 -2.41 113.20
N ALA X 133 -48.48 -1.86 112.03
CA ALA X 133 -48.73 -0.45 111.74
C ALA X 133 -50.03 -0.30 110.97
N VAL X 134 -50.78 0.76 111.26
CA VAL X 134 -52.08 1.05 110.65
C VAL X 134 -51.99 2.39 109.94
N CYS X 135 -52.44 2.44 108.69
CA CYS X 135 -52.43 3.64 107.88
C CYS X 135 -53.80 3.87 107.27
N ASN X 136 -54.02 5.08 106.77
CA ASN X 136 -55.29 5.43 106.12
C ASN X 136 -55.05 6.56 105.14
N VAL X 137 -56.10 6.90 104.41
CA VAL X 137 -56.08 8.02 103.46
C VAL X 137 -56.87 9.16 104.10
N PRO X 138 -56.20 10.22 104.58
CA PRO X 138 -56.89 11.22 105.41
C PRO X 138 -57.95 12.03 104.67
N ALA X 139 -57.61 12.58 103.50
CA ALA X 139 -58.48 13.52 102.82
C ALA X 139 -58.45 13.24 101.32
N ALA X 140 -59.48 12.54 100.84
CA ALA X 140 -59.65 12.32 99.41
C ALA X 140 -61.08 12.62 98.98
N SER X 141 -62.01 12.65 99.94
CA SER X 141 -63.42 12.90 99.68
C SER X 141 -63.97 13.92 100.66
N VAL X 142 -63.19 14.96 100.96
CA VAL X 142 -63.67 16.02 101.85
C VAL X 142 -64.80 16.80 101.21
N GLU X 143 -64.62 17.20 99.95
CA GLU X 143 -65.61 18.04 99.29
C GLU X 143 -66.83 17.24 98.84
N GLU X 144 -66.65 15.96 98.49
CA GLU X 144 -67.80 15.14 98.13
C GLU X 144 -68.75 14.97 99.31
N THR X 145 -68.22 14.73 100.51
CA THR X 145 -69.07 14.55 101.68
C THR X 145 -69.74 15.86 102.09
N ALA X 146 -69.03 16.98 101.93
CA ALA X 146 -69.62 18.27 102.29
C ALA X 146 -70.78 18.62 101.38
N ASP X 147 -70.67 18.33 100.08
CA ASP X 147 -71.77 18.60 99.15
C ASP X 147 -72.97 17.73 99.45
N SER X 148 -72.75 16.47 99.82
CA SER X 148 -73.86 15.58 100.14
C SER X 148 -74.58 16.01 101.40
N THR X 149 -73.85 16.57 102.38
CA THR X 149 -74.50 17.07 103.59
C THR X 149 -75.42 18.23 103.28
N LEU X 150 -74.98 19.15 102.41
CA LEU X 150 -75.83 20.28 102.04
C LEU X 150 -77.06 19.85 101.26
N CYS X 151 -76.93 18.79 100.45
CA CYS X 151 -78.09 18.30 99.70
C CYS X 151 -79.19 17.79 100.63
N HIS X 152 -78.80 17.09 101.70
CA HIS X 152 -79.79 16.58 102.65
C HIS X 152 -80.46 17.71 103.41
N ILE X 153 -79.72 18.76 103.75
CA ILE X 153 -80.30 19.88 104.49
C ILE X 153 -81.36 20.58 103.67
N LEU X 154 -81.08 20.80 102.37
CA LEU X 154 -82.04 21.49 101.52
C LEU X 154 -83.30 20.65 101.28
N ASN X 155 -83.16 19.33 101.24
CA ASN X 155 -84.34 18.48 101.04
C ASN X 155 -85.31 18.56 102.20
N LEU X 156 -84.81 18.79 103.41
CA LEU X 156 -85.70 18.88 104.56
C LEU X 156 -86.47 20.21 104.57
N TYR X 157 -85.80 21.31 104.23
CA TYR X 157 -86.47 22.60 104.20
C TYR X 157 -87.35 22.75 102.96
N ARG X 158 -86.74 22.70 101.79
CA ARG X 158 -87.48 22.74 100.52
C ARG X 158 -87.75 21.30 100.11
N ARG X 159 -88.92 20.79 100.52
CA ARG X 159 -89.27 19.39 100.30
C ARG X 159 -89.26 19.06 98.81
N ALA X 160 -88.29 18.27 98.37
CA ALA X 160 -88.16 17.91 96.96
C ALA X 160 -88.20 16.41 96.71
N THR X 161 -87.56 15.61 97.56
CA THR X 161 -87.65 14.17 97.41
C THR X 161 -89.07 13.67 97.68
N TRP X 162 -89.73 14.23 98.69
CA TRP X 162 -91.08 13.80 99.03
C TRP X 162 -92.09 14.21 97.95
N LEU X 163 -91.91 15.39 97.35
CA LEU X 163 -92.81 15.81 96.29
C LEU X 163 -92.64 14.94 95.04
N HIS X 164 -91.41 14.59 94.70
CA HIS X 164 -91.18 13.71 93.56
C HIS X 164 -91.74 12.31 93.81
N GLN X 165 -91.63 11.82 95.05
CA GLN X 165 -92.15 10.51 95.38
C GLN X 165 -93.68 10.48 95.27
N ALA X 166 -94.34 11.57 95.65
CA ALA X 166 -95.79 11.61 95.60
C ALA X 166 -96.32 11.51 94.19
N LEU X 167 -95.65 12.15 93.22
CA LEU X 167 -96.10 12.12 91.84
C LEU X 167 -96.06 10.71 91.27
N ARG X 168 -95.01 9.94 91.60
CA ARG X 168 -94.90 8.59 91.08
C ARG X 168 -95.98 7.67 91.64
N GLU X 169 -96.49 7.97 92.83
CA GLU X 169 -97.56 7.17 93.41
C GLU X 169 -98.92 7.44 92.76
N GLY X 170 -99.02 8.45 91.91
CA GLY X 170 -100.25 8.76 91.22
C GLY X 170 -101.02 9.95 91.74
N THR X 171 -100.46 10.71 92.69
CA THR X 171 -101.15 11.87 93.21
C THR X 171 -101.28 12.95 92.15
N ARG X 172 -102.46 13.57 92.08
CA ARG X 172 -102.74 14.62 91.12
C ARG X 172 -103.12 15.89 91.85
N VAL X 173 -102.45 16.99 91.52
CA VAL X 173 -102.70 18.29 92.13
C VAL X 173 -102.93 19.31 91.02
N GLN X 174 -104.06 20.01 91.09
CA GLN X 174 -104.43 20.97 90.06
C GLN X 174 -104.62 22.37 90.62
N SER X 175 -105.38 22.53 91.69
CA SER X 175 -105.68 23.85 92.23
C SER X 175 -104.56 24.32 93.16
N VAL X 176 -104.58 25.61 93.48
CA VAL X 176 -103.58 26.18 94.38
C VAL X 176 -103.75 25.63 95.79
N GLU X 177 -104.99 25.42 96.23
CA GLU X 177 -105.22 24.88 97.57
C GLU X 177 -104.61 23.50 97.72
N GLN X 178 -104.65 22.69 96.67
CA GLN X 178 -104.02 21.37 96.71
C GLN X 178 -102.50 21.50 96.82
N ILE X 179 -101.92 22.50 96.16
CA ILE X 179 -100.47 22.70 96.22
C ILE X 179 -100.04 23.04 97.64
N ARG X 180 -100.78 23.91 98.32
CA ARG X 180 -100.43 24.28 99.69
C ARG X 180 -100.53 23.11 100.66
N GLU X 181 -101.29 22.08 100.32
CA GLU X 181 -101.48 20.95 101.22
C GLU X 181 -100.43 19.86 101.03
N VAL X 182 -100.10 19.52 99.79
CA VAL X 182 -99.13 18.48 99.55
C VAL X 182 -97.74 18.93 99.99
N ALA X 183 -97.42 20.22 99.80
CA ALA X 183 -96.13 20.77 100.18
C ALA X 183 -96.17 21.52 101.50
N SER X 184 -97.05 21.11 102.41
CA SER X 184 -97.17 21.79 103.69
C SER X 184 -95.98 21.42 104.59
N GLY X 185 -95.34 22.43 105.16
CA GLY X 185 -94.21 22.24 106.03
C GLY X 185 -92.94 22.95 105.59
N ALA X 186 -92.87 23.46 104.37
CA ALA X 186 -91.69 24.17 103.91
C ALA X 186 -91.49 25.45 104.71
N ALA X 187 -90.23 25.82 104.92
CA ALA X 187 -89.86 26.95 105.75
C ALA X 187 -88.86 27.84 105.03
N ARG X 188 -88.56 28.97 105.64
CA ARG X 188 -87.62 29.95 105.11
C ARG X 188 -86.27 29.78 105.78
N ILE X 189 -85.23 29.62 104.96
CA ILE X 189 -83.90 29.27 105.48
C ILE X 189 -83.28 30.45 106.23
N ARG X 190 -83.39 31.66 105.69
CA ARG X 190 -82.72 32.80 106.29
C ARG X 190 -83.24 33.08 107.68
N GLY X 191 -82.32 33.28 108.63
CA GLY X 191 -82.65 33.54 110.01
C GLY X 191 -82.58 32.33 110.92
N GLU X 192 -82.40 31.14 110.38
CA GLU X 192 -82.34 29.93 111.19
C GLU X 192 -80.94 29.74 111.77
N THR X 193 -80.83 28.83 112.74
CA THR X 193 -79.59 28.53 113.41
C THR X 193 -79.17 27.10 113.10
N LEU X 194 -77.90 26.91 112.76
CA LEU X 194 -77.35 25.61 112.41
C LEU X 194 -76.31 25.21 113.46
N GLY X 195 -76.44 24.01 114.00
CA GLY X 195 -75.53 23.50 115.01
C GLY X 195 -74.69 22.37 114.45
N ILE X 196 -73.38 22.44 114.69
CA ILE X 196 -72.42 21.48 114.18
C ILE X 196 -71.67 20.87 115.36
N ILE X 197 -71.54 19.55 115.36
CA ILE X 197 -70.83 18.83 116.41
C ILE X 197 -69.57 18.25 115.79
N GLY X 198 -68.42 18.86 116.10
CA GLY X 198 -67.16 18.43 115.55
C GLY X 198 -66.72 19.25 114.37
N LEU X 199 -65.73 20.13 114.56
CA LEU X 199 -65.25 21.01 113.50
C LEU X 199 -63.92 20.47 112.98
N GLY X 200 -64.01 19.50 112.08
CA GLY X 200 -62.87 18.89 111.43
C GLY X 200 -62.70 19.37 110.01
N ARG X 201 -62.18 18.48 109.16
CA ARG X 201 -62.05 18.80 107.75
C ARG X 201 -63.42 18.99 107.10
N VAL X 202 -64.33 18.04 107.32
CA VAL X 202 -65.67 18.14 106.75
C VAL X 202 -66.47 19.24 107.45
N GLY X 203 -66.30 19.37 108.76
CA GLY X 203 -67.07 20.37 109.49
C GLY X 203 -66.79 21.78 109.04
N GLN X 204 -65.53 22.09 108.76
CA GLN X 204 -65.18 23.43 108.28
C GLN X 204 -65.73 23.69 106.89
N ALA X 205 -65.73 22.67 106.02
CA ALA X 205 -66.26 22.86 104.67
C ALA X 205 -67.75 23.15 104.68
N VAL X 206 -68.50 22.48 105.57
CA VAL X 206 -69.94 22.70 105.65
C VAL X 206 -70.24 24.11 106.15
N ALA X 207 -69.45 24.60 107.11
CA ALA X 207 -69.73 25.90 107.71
C ALA X 207 -69.60 27.03 106.68
N LEU X 208 -68.60 26.95 105.81
CA LEU X 208 -68.40 28.00 104.81
C LEU X 208 -69.56 28.04 103.82
N ARG X 209 -70.05 26.87 103.38
CA ARG X 209 -71.13 26.84 102.41
C ARG X 209 -72.47 27.24 103.03
N ALA X 210 -72.65 27.00 104.33
CA ALA X 210 -73.92 27.31 104.97
C ALA X 210 -74.13 28.80 105.17
N LYS X 211 -73.06 29.59 105.20
CA LYS X 211 -73.21 31.03 105.43
C LYS X 211 -73.74 31.76 104.20
N ALA X 212 -73.58 31.19 103.01
CA ALA X 212 -74.09 31.82 101.80
C ALA X 212 -75.61 31.81 101.73
N PHE X 213 -76.26 30.90 102.44
CA PHE X 213 -77.71 30.80 102.43
C PHE X 213 -78.39 31.60 103.54
N GLY X 214 -77.62 32.23 104.42
CA GLY X 214 -78.17 33.02 105.50
C GLY X 214 -78.27 32.32 106.84
N PHE X 215 -77.64 31.16 107.00
CA PHE X 215 -77.68 30.45 108.27
C PHE X 215 -76.86 31.17 109.33
N ASN X 216 -77.17 30.88 110.59
CA ASN X 216 -76.37 31.28 111.74
C ASN X 216 -75.73 30.04 112.32
N VAL X 217 -74.39 30.03 112.40
CA VAL X 217 -73.63 28.81 112.63
C VAL X 217 -73.04 28.82 114.04
N LEU X 218 -73.27 27.73 114.77
CA LEU X 218 -72.61 27.46 116.03
C LEU X 218 -71.92 26.11 115.94
N PHE X 219 -70.93 25.88 116.81
CA PHE X 219 -70.25 24.60 116.82
C PHE X 219 -69.78 24.27 118.23
N TYR X 220 -69.53 22.98 118.45
CA TYR X 220 -69.07 22.48 119.74
C TYR X 220 -67.95 21.48 119.50
N ASP X 221 -66.78 21.74 120.07
CA ASP X 221 -65.63 20.85 119.92
C ASP X 221 -64.71 21.03 121.13
N PRO X 222 -64.57 20.02 121.98
CA PRO X 222 -63.76 20.16 123.20
C PRO X 222 -62.27 19.86 123.03
N TYR X 223 -61.82 19.44 121.85
CA TYR X 223 -60.43 19.07 121.64
C TYR X 223 -59.67 20.09 120.80
N LEU X 224 -60.25 21.25 120.53
CA LEU X 224 -59.61 22.28 119.73
C LEU X 224 -58.95 23.33 120.62
N SER X 225 -58.07 24.11 120.02
CA SER X 225 -57.36 25.16 120.74
C SER X 225 -58.22 26.42 120.78
N ASP X 226 -57.65 27.54 121.22
CA ASP X 226 -58.37 28.79 121.38
C ASP X 226 -58.16 29.68 120.17
N GLY X 227 -59.22 30.34 119.73
CA GLY X 227 -59.15 31.28 118.64
C GLY X 227 -59.39 30.71 117.26
N VAL X 228 -59.78 29.44 117.15
CA VAL X 228 -60.08 28.86 115.84
C VAL X 228 -61.34 29.52 115.25
N GLU X 229 -62.30 29.85 116.10
CA GLU X 229 -63.51 30.51 115.63
C GLU X 229 -63.27 31.95 115.22
N ARG X 230 -62.23 32.59 115.76
CA ARG X 230 -61.93 33.96 115.37
C ARG X 230 -61.52 34.05 113.91
N ALA X 231 -60.74 33.08 113.43
CA ALA X 231 -60.28 33.11 112.04
C ALA X 231 -61.44 32.96 111.07
N LEU X 232 -62.38 32.05 111.37
CA LEU X 232 -63.49 31.77 110.48
C LEU X 232 -64.72 32.63 110.78
N GLY X 233 -64.70 33.41 111.84
CA GLY X 233 -65.84 34.25 112.18
C GLY X 233 -67.09 33.49 112.58
N LEU X 234 -66.93 32.45 113.40
CA LEU X 234 -68.04 31.65 113.89
C LEU X 234 -68.26 31.90 115.38
N GLN X 235 -69.20 31.16 115.95
CA GLN X 235 -69.53 31.26 117.37
C GLN X 235 -69.37 29.88 118.02
N ARG X 236 -68.82 29.85 119.22
CA ARG X 236 -68.45 28.62 119.89
C ARG X 236 -69.13 28.53 121.24
N VAL X 237 -69.64 27.33 121.56
CA VAL X 237 -70.22 27.04 122.86
C VAL X 237 -69.31 26.05 123.59
N SER X 238 -69.58 25.87 124.88
CA SER X 238 -68.72 25.08 125.74
C SER X 238 -69.33 23.75 126.19
N THR X 239 -70.64 23.58 126.10
CA THR X 239 -71.30 22.36 126.54
C THR X 239 -72.23 21.86 125.44
N LEU X 240 -72.44 20.54 125.43
CA LEU X 240 -73.35 19.94 124.45
C LEU X 240 -74.79 20.35 124.70
N GLN X 241 -75.17 20.50 125.98
CA GLN X 241 -76.55 20.86 126.30
C GLN X 241 -76.89 22.26 125.77
N ASP X 242 -75.94 23.18 125.86
CA ASP X 242 -76.18 24.54 125.37
C ASP X 242 -76.38 24.57 123.87
N LEU X 243 -75.69 23.71 123.13
CA LEU X 243 -75.85 23.66 121.69
C LEU X 243 -77.24 23.19 121.29
N LEU X 244 -77.77 22.18 122.00
CA LEU X 244 -79.07 21.64 121.65
C LEU X 244 -80.21 22.60 121.97
N PHE X 245 -80.01 23.48 122.96
CA PHE X 245 -81.08 24.38 123.36
C PHE X 245 -81.34 25.45 122.31
N HIS X 246 -80.32 25.86 121.57
CA HIS X 246 -80.41 27.02 120.68
C HIS X 246 -80.19 26.64 119.21
N SER X 247 -80.56 25.43 118.82
CA SER X 247 -80.34 24.95 117.47
C SER X 247 -81.65 24.52 116.83
N ASP X 248 -81.80 24.84 115.54
CA ASP X 248 -82.94 24.39 114.76
C ASP X 248 -82.60 23.24 113.82
N CYS X 249 -81.32 22.93 113.63
CA CYS X 249 -80.90 21.81 112.80
C CYS X 249 -79.54 21.35 113.31
N VAL X 250 -79.41 20.04 113.55
CA VAL X 250 -78.22 19.46 114.15
C VAL X 250 -77.58 18.51 113.15
N THR X 251 -76.28 18.66 112.94
CA THR X 251 -75.51 17.78 112.07
C THR X 251 -74.32 17.22 112.84
N LEU X 252 -74.03 15.94 112.61
CA LEU X 252 -72.96 15.23 113.30
C LEU X 252 -71.77 15.06 112.38
N HIS X 253 -70.59 15.50 112.84
CA HIS X 253 -69.37 15.36 112.05
C HIS X 253 -68.18 14.91 112.89
N CYS X 254 -68.42 14.26 114.03
CA CYS X 254 -67.35 13.85 114.92
C CYS X 254 -66.90 12.43 114.60
N GLY X 255 -65.89 11.96 115.35
CA GLY X 255 -65.41 10.61 115.21
C GLY X 255 -65.99 9.69 116.27
N LEU X 256 -65.90 8.38 116.02
CA LEU X 256 -66.48 7.38 116.91
C LEU X 256 -65.37 6.80 117.77
N ASN X 257 -65.08 7.48 118.88
CA ASN X 257 -64.17 6.96 119.88
C ASN X 257 -64.98 6.21 120.95
N GLU X 258 -64.34 5.87 122.07
CA GLU X 258 -64.99 5.10 123.11
C GLU X 258 -65.70 5.96 124.14
N HIS X 259 -65.67 7.29 124.01
CA HIS X 259 -66.31 8.19 124.96
C HIS X 259 -67.57 8.84 124.41
N ASN X 260 -68.00 8.47 123.20
CA ASN X 260 -69.17 9.10 122.61
C ASN X 260 -70.08 8.09 121.93
N HIS X 261 -70.11 6.85 122.42
CA HIS X 261 -71.03 5.86 121.89
C HIS X 261 -72.45 6.20 122.31
N HIS X 262 -73.38 6.16 121.37
CA HIS X 262 -74.77 6.57 121.59
C HIS X 262 -74.83 7.98 122.18
N LEU X 263 -74.23 8.92 121.44
CA LEU X 263 -74.22 10.31 121.88
C LEU X 263 -75.62 10.88 121.94
N ILE X 264 -76.44 10.61 120.92
CA ILE X 264 -77.83 11.03 120.90
C ILE X 264 -78.64 9.87 121.48
N ASN X 265 -78.74 9.85 122.80
CA ASN X 265 -79.47 8.81 123.51
C ASN X 265 -80.87 9.30 123.88
N ASP X 266 -81.58 8.52 124.70
CA ASP X 266 -82.94 8.87 125.08
C ASP X 266 -82.97 10.16 125.90
N PHE X 267 -82.03 10.32 126.83
CA PHE X 267 -82.05 11.49 127.70
C PHE X 267 -81.75 12.77 126.93
N THR X 268 -80.79 12.73 126.01
CA THR X 268 -80.40 13.94 125.29
C THR X 268 -81.40 14.34 124.22
N VAL X 269 -82.15 13.37 123.67
CA VAL X 269 -83.09 13.69 122.60
C VAL X 269 -84.26 14.52 123.10
N LYS X 270 -84.49 14.56 124.42
CA LYS X 270 -85.56 15.37 125.00
C LYS X 270 -85.12 16.79 125.29
N GLN X 271 -83.85 17.13 125.09
CA GLN X 271 -83.34 18.47 125.30
C GLN X 271 -83.37 19.32 124.04
N MET X 272 -83.73 18.76 122.90
CA MET X 272 -83.79 19.50 121.66
C MET X 272 -85.07 20.33 121.59
N ARG X 273 -85.11 21.25 120.64
CA ARG X 273 -86.26 22.14 120.50
C ARG X 273 -87.46 21.36 119.94
N GLN X 274 -88.61 22.03 119.96
CA GLN X 274 -89.85 21.47 119.45
C GLN X 274 -89.88 21.64 117.93
N GLY X 275 -89.74 20.53 117.21
CA GLY X 275 -89.78 20.57 115.76
C GLY X 275 -88.45 20.91 115.12
N ALA X 276 -87.42 20.13 115.44
CA ALA X 276 -86.09 20.31 114.90
C ALA X 276 -85.77 19.20 113.91
N PHE X 277 -84.69 19.38 113.17
CA PHE X 277 -84.21 18.41 112.20
C PHE X 277 -82.95 17.73 112.72
N LEU X 278 -82.54 16.68 112.02
CA LEU X 278 -81.35 15.92 112.40
C LEU X 278 -80.75 15.27 111.16
N VAL X 279 -79.46 15.50 110.95
CA VAL X 279 -78.72 14.94 109.83
C VAL X 279 -77.52 14.19 110.38
N ASN X 280 -77.32 12.96 109.91
CA ASN X 280 -76.20 12.12 110.35
C ASN X 280 -75.53 11.52 109.14
N THR X 281 -74.25 11.83 108.95
CA THR X 281 -73.47 11.27 107.86
C THR X 281 -72.08 10.81 108.30
N ALA X 282 -71.82 10.74 109.60
CA ALA X 282 -70.49 10.36 110.09
C ALA X 282 -70.40 8.86 110.40
N ARG X 283 -71.17 8.40 111.38
CA ARG X 283 -71.14 7.00 111.79
C ARG X 283 -72.49 6.62 112.35
N GLY X 284 -72.77 5.31 112.34
CA GLY X 284 -74.06 4.81 112.77
C GLY X 284 -74.20 4.61 114.25
N GLY X 285 -73.07 4.48 114.95
CA GLY X 285 -73.09 4.25 116.38
C GLY X 285 -73.30 5.45 117.25
N LEU X 286 -73.42 6.64 116.66
CA LEU X 286 -73.61 7.87 117.41
C LEU X 286 -75.07 8.15 117.74
N VAL X 287 -76.01 7.43 117.15
CA VAL X 287 -77.43 7.70 117.31
C VAL X 287 -78.12 6.41 117.75
N ASP X 288 -78.98 6.52 118.76
CA ASP X 288 -79.81 5.41 119.22
C ASP X 288 -81.09 5.41 118.40
N GLU X 289 -81.22 4.44 117.49
CA GLU X 289 -82.35 4.44 116.57
C GLU X 289 -83.66 4.13 117.28
N LYS X 290 -83.61 3.39 118.39
CA LYS X 290 -84.83 3.08 119.11
C LYS X 290 -85.49 4.33 119.68
N ALA X 291 -84.68 5.25 120.22
CA ALA X 291 -85.24 6.49 120.78
C ALA X 291 -85.63 7.46 119.68
N LEU X 292 -84.93 7.43 118.54
CA LEU X 292 -85.26 8.34 117.45
C LEU X 292 -86.63 8.03 116.86
N ALA X 293 -86.99 6.74 116.78
CA ALA X 293 -88.26 6.36 116.17
C ALA X 293 -89.44 6.91 116.96
N GLN X 294 -89.35 6.87 118.29
CA GLN X 294 -90.45 7.38 119.12
C GLN X 294 -90.62 8.88 118.95
N ALA X 295 -89.51 9.61 118.81
CA ALA X 295 -89.58 11.07 118.66
C ALA X 295 -90.28 11.45 117.35
N LEU X 296 -90.01 10.72 116.27
CA LEU X 296 -90.66 11.02 115.00
C LEU X 296 -92.16 10.81 115.05
N LYS X 297 -92.60 9.73 115.72
CA LYS X 297 -94.03 9.44 115.78
C LYS X 297 -94.78 10.48 116.59
N GLU X 298 -94.24 10.87 117.76
CA GLU X 298 -94.93 11.84 118.60
C GLU X 298 -94.90 13.25 118.02
N GLY X 299 -93.97 13.54 117.13
CA GLY X 299 -93.89 14.84 116.49
C GLY X 299 -92.89 15.80 117.08
N ARG X 300 -92.06 15.37 118.03
CA ARG X 300 -91.05 16.25 118.59
C ARG X 300 -89.93 16.57 117.60
N ILE X 301 -89.73 15.72 116.60
CA ILE X 301 -88.73 15.94 115.55
C ILE X 301 -89.46 15.96 114.22
N ARG X 302 -89.28 17.03 113.46
CA ARG X 302 -90.03 17.19 112.21
C ARG X 302 -89.54 16.23 111.14
N GLY X 303 -88.24 15.97 111.08
CA GLY X 303 -87.71 15.06 110.08
C GLY X 303 -86.28 14.69 110.39
N ALA X 304 -85.78 13.71 109.64
CA ALA X 304 -84.43 13.22 109.83
C ALA X 304 -83.92 12.61 108.53
N ALA X 305 -82.68 12.92 108.19
CA ALA X 305 -82.01 12.36 107.01
C ALA X 305 -80.79 11.59 107.49
N LEU X 306 -80.70 10.32 107.12
CA LEU X 306 -79.65 9.43 107.59
C LEU X 306 -78.91 8.81 106.40
N ASP X 307 -77.59 8.73 106.52
CA ASP X 307 -76.76 8.07 105.53
C ASP X 307 -76.04 6.84 106.07
N VAL X 308 -75.90 6.72 107.39
CA VAL X 308 -75.25 5.60 108.03
C VAL X 308 -76.15 5.09 109.15
N HIS X 309 -76.20 3.78 109.32
CA HIS X 309 -77.09 3.15 110.29
C HIS X 309 -76.30 2.16 111.15
N GLU X 310 -76.90 1.80 112.28
CA GLU X 310 -76.25 0.86 113.20
C GLU X 310 -76.05 -0.51 112.55
N SER X 311 -77.08 -1.01 111.87
CA SER X 311 -77.01 -2.31 111.20
C SER X 311 -77.09 -2.10 109.70
N GLU X 312 -76.14 -2.66 108.98
CA GLU X 312 -76.08 -2.55 107.53
C GLU X 312 -75.96 -3.92 106.90
N PRO X 313 -76.55 -4.12 105.71
CA PRO X 313 -77.27 -3.14 104.89
C PRO X 313 -78.65 -2.76 105.44
N PHE X 314 -79.15 -1.61 105.03
CA PHE X 314 -80.40 -1.07 105.55
C PHE X 314 -81.58 -1.49 104.68
N SER X 315 -82.70 -1.77 105.33
CA SER X 315 -83.95 -2.11 104.65
C SER X 315 -85.11 -1.43 105.34
N PHE X 316 -86.04 -0.90 104.55
CA PHE X 316 -87.19 -0.19 105.12
C PHE X 316 -88.16 -1.12 105.83
N SER X 317 -88.10 -2.42 105.56
CA SER X 317 -89.05 -3.37 106.13
C SER X 317 -88.56 -4.02 107.42
N GLN X 318 -87.35 -3.69 107.88
CA GLN X 318 -86.79 -4.29 109.08
C GLN X 318 -86.16 -3.21 109.95
N GLY X 319 -86.09 -3.49 111.25
CA GLY X 319 -85.45 -2.60 112.18
C GLY X 319 -86.42 -1.76 112.97
N PRO X 320 -85.90 -0.99 113.94
CA PRO X 320 -86.77 -0.10 114.73
C PRO X 320 -87.43 0.99 113.92
N LEU X 321 -86.89 1.34 112.75
CA LEU X 321 -87.44 2.38 111.89
C LEU X 321 -88.33 1.79 110.80
N LYS X 322 -89.03 0.69 111.08
CA LYS X 322 -89.85 0.04 110.07
C LYS X 322 -90.98 0.96 109.59
N ASP X 323 -91.63 1.66 110.52
CA ASP X 323 -92.75 2.55 110.20
C ASP X 323 -92.55 3.85 110.96
N ALA X 324 -91.82 4.78 110.35
CA ALA X 324 -91.59 6.09 110.95
C ALA X 324 -91.75 7.18 109.90
N PRO X 325 -92.61 8.16 110.12
CA PRO X 325 -92.84 9.20 109.11
C PRO X 325 -91.67 10.15 108.99
N ASN X 326 -91.59 10.80 107.82
CA ASN X 326 -90.61 11.86 107.55
C ASN X 326 -89.18 11.34 107.72
N LEU X 327 -88.81 10.39 106.86
CA LEU X 327 -87.50 9.76 106.91
C LEU X 327 -86.90 9.69 105.52
N ILE X 328 -85.61 10.04 105.43
CA ILE X 328 -84.85 9.95 104.18
C ILE X 328 -83.59 9.13 104.48
N CYS X 329 -83.33 8.12 103.64
CA CYS X 329 -82.19 7.23 103.85
C CYS X 329 -81.47 7.00 102.53
N THR X 330 -80.15 6.85 102.63
CA THR X 330 -79.27 6.56 101.50
C THR X 330 -78.35 5.41 101.88
N PRO X 331 -77.90 4.61 100.89
CA PRO X 331 -77.13 3.38 101.17
C PRO X 331 -75.63 3.61 101.37
N HIS X 332 -75.29 4.54 102.26
CA HIS X 332 -73.89 4.78 102.66
C HIS X 332 -73.01 5.07 101.44
N ALA X 333 -73.40 6.09 100.69
CA ALA X 333 -72.71 6.46 99.46
C ALA X 333 -72.49 7.97 99.39
N ALA X 334 -72.14 8.58 100.51
CA ALA X 334 -71.88 10.01 100.55
C ALA X 334 -70.45 10.37 100.18
N TRP X 335 -69.64 9.38 99.80
CA TRP X 335 -68.24 9.60 99.46
C TRP X 335 -67.91 9.32 98.00
N TYR X 336 -68.79 8.64 97.28
CA TYR X 336 -68.43 8.14 95.96
C TYR X 336 -68.35 9.27 94.93
N SER X 337 -67.34 9.17 94.06
CA SER X 337 -67.20 10.05 92.91
C SER X 337 -66.26 9.37 91.94
N GLU X 338 -66.38 9.73 90.66
CA GLU X 338 -65.52 9.13 89.64
C GLU X 338 -64.06 9.46 89.89
N GLN X 339 -63.75 10.71 90.23
CA GLN X 339 -62.37 11.11 90.49
C GLN X 339 -61.91 10.65 91.88
N ALA X 340 -62.80 10.71 92.87
CA ALA X 340 -62.41 10.36 94.24
C ALA X 340 -62.08 8.88 94.37
N SER X 341 -62.82 8.01 93.67
CA SER X 341 -62.59 6.58 93.78
C SER X 341 -61.20 6.20 93.27
N ILE X 342 -60.77 6.78 92.15
CA ILE X 342 -59.46 6.45 91.60
C ILE X 342 -58.34 6.99 92.49
N GLU X 343 -58.53 8.20 93.03
CA GLU X 343 -57.48 8.83 93.82
C GLU X 343 -57.17 8.05 95.08
N MET X 344 -58.19 7.57 95.79
CA MET X 344 -57.95 6.89 97.06
C MET X 344 -57.35 5.50 96.86
N ARG X 345 -57.67 4.84 95.73
CA ARG X 345 -57.13 3.51 95.50
C ARG X 345 -55.66 3.54 95.11
N GLU X 346 -55.24 4.56 94.35
CA GLU X 346 -53.85 4.67 93.97
C GLU X 346 -52.98 5.03 95.17
N GLU X 347 -53.47 5.91 96.04
CA GLU X 347 -52.68 6.33 97.20
C GLU X 347 -52.43 5.17 98.15
N ALA X 348 -53.45 4.34 98.37
CA ALA X 348 -53.28 3.19 99.27
C ALA X 348 -52.27 2.20 98.74
N ALA X 349 -52.27 1.97 97.42
CA ALA X 349 -51.33 1.03 96.82
C ALA X 349 -49.89 1.50 96.98
N ARG X 350 -49.65 2.81 96.81
CA ARG X 350 -48.30 3.32 96.93
C ARG X 350 -47.81 3.33 98.37
N GLU X 351 -48.72 3.35 99.35
CA GLU X 351 -48.31 3.26 100.74
C GLU X 351 -47.73 1.89 101.06
N ILE X 352 -48.29 0.83 100.46
CA ILE X 352 -47.77 -0.51 100.66
C ILE X 352 -46.36 -0.63 100.09
N ARG X 353 -46.14 -0.07 98.90
CA ARG X 353 -44.86 -0.23 98.23
C ARG X 353 -43.73 0.43 99.02
N ARG X 354 -44.00 1.59 99.62
CA ARG X 354 -42.98 2.26 100.42
C ARG X 354 -42.59 1.43 101.65
N ALA X 355 -43.58 0.78 102.27
CA ALA X 355 -43.29 -0.02 103.45
C ALA X 355 -42.42 -1.22 103.11
N ILE X 356 -42.70 -1.88 101.98
CA ILE X 356 -41.91 -3.05 101.59
C ILE X 356 -40.48 -2.66 101.26
N THR X 357 -40.29 -1.58 100.51
CA THR X 357 -38.98 -1.14 100.06
C THR X 357 -38.42 -0.01 100.92
N GLY X 358 -38.73 0.00 102.21
CA GLY X 358 -38.26 1.02 103.12
C GLY X 358 -38.18 0.49 104.53
N ARG X 359 -38.42 1.37 105.50
CA ARG X 359 -38.41 1.00 106.91
C ARG X 359 -39.65 1.54 107.59
N ILE X 360 -40.12 0.80 108.58
CA ILE X 360 -41.36 1.11 109.31
C ILE X 360 -40.98 1.62 110.68
N PRO X 361 -41.57 2.74 111.16
CA PRO X 361 -42.53 3.58 110.44
C PRO X 361 -41.92 4.87 109.89
N ASP X 362 -40.63 4.85 109.59
CA ASP X 362 -39.97 6.08 109.13
C ASP X 362 -40.46 6.50 107.75
N SER X 363 -40.72 5.52 106.88
CA SER X 363 -41.11 5.82 105.50
C SER X 363 -42.61 6.06 105.34
N LEU X 364 -43.40 5.85 106.38
CA LEU X 364 -44.85 6.01 106.29
C LEU X 364 -45.23 7.47 106.49
N LYS X 365 -46.23 7.93 105.72
CA LYS X 365 -46.68 9.31 105.79
C LYS X 365 -47.88 9.48 106.72
N ASN X 366 -48.84 8.57 106.69
CA ASN X 366 -50.05 8.65 107.49
C ASN X 366 -50.12 7.42 108.38
N CYS X 367 -49.53 7.50 109.57
CA CYS X 367 -49.58 6.44 110.56
C CYS X 367 -50.37 6.92 111.77
N VAL X 368 -51.29 6.08 112.24
CA VAL X 368 -52.21 6.48 113.30
C VAL X 368 -51.92 5.80 114.63
N ASN X 369 -51.06 4.78 114.67
CA ASN X 369 -50.71 4.09 115.90
C ASN X 369 -49.22 4.18 116.18
N LYS X 370 -48.61 5.32 115.84
CA LYS X 370 -47.17 5.47 116.03
C LYS X 370 -46.80 5.47 117.50
N ASP X 371 -47.63 6.09 118.35
CA ASP X 371 -47.35 6.11 119.78
C ASP X 371 -47.42 4.71 120.38
N HIS X 372 -48.42 3.94 120.00
CA HIS X 372 -48.59 2.59 120.55
C HIS X 372 -47.63 1.58 119.95
N LEU X 373 -47.02 1.90 118.81
CA LEU X 373 -46.12 0.95 118.15
C LEU X 373 -44.84 0.78 118.97
N THR X 374 -44.38 -0.46 119.07
CA THR X 374 -43.18 -0.77 119.84
C THR X 374 -42.09 -1.34 118.94
N GLU Y 93 32.01 -1.25 -98.16
CA GLU Y 93 31.76 0.18 -98.23
C GLU Y 93 32.61 0.82 -99.32
N ALA Y 94 33.30 -0.02 -100.09
CA ALA Y 94 34.12 0.47 -101.19
C ALA Y 94 33.26 1.23 -102.19
N LEU Y 95 33.69 2.43 -102.55
CA LEU Y 95 32.94 3.26 -103.48
C LEU Y 95 32.93 2.63 -104.87
N ASP Y 96 31.74 2.56 -105.47
CA ASP Y 96 31.57 1.90 -106.77
C ASP Y 96 31.68 2.94 -107.87
N LEU Y 97 32.92 3.22 -108.29
CA LEU Y 97 33.16 4.06 -109.46
C LEU Y 97 33.31 3.21 -110.72
N SER Y 98 32.35 2.32 -110.96
CA SER Y 98 32.33 1.47 -112.14
C SER Y 98 31.54 2.17 -113.24
N MET Y 99 32.16 3.21 -113.80
CA MET Y 99 31.51 4.06 -114.79
C MET Y 99 30.93 3.23 -115.94
N LYS Y 100 31.80 2.50 -116.64
CA LYS Y 100 31.37 1.63 -117.74
C LYS Y 100 30.78 0.37 -117.13
N SER Y 101 29.55 0.50 -116.66
CA SER Y 101 28.86 -0.59 -115.96
C SER Y 101 28.38 -1.64 -116.97
N VAL Y 102 29.34 -2.42 -117.46
CA VAL Y 102 29.07 -3.50 -118.39
C VAL Y 102 28.93 -4.81 -117.61
N PRO Y 103 28.68 -5.89 -118.35
CA PRO Y 103 28.36 -7.18 -117.75
C PRO Y 103 29.17 -8.29 -118.41
N TRP Y 104 30.47 -8.07 -118.57
CA TRP Y 104 31.37 -9.07 -119.12
C TRP Y 104 31.94 -10.00 -118.07
N LEU Y 105 31.36 -10.02 -116.86
CA LEU Y 105 31.87 -10.85 -115.76
C LEU Y 105 30.68 -11.35 -114.93
N LYS Y 106 30.34 -12.62 -115.12
CA LYS Y 106 29.31 -13.31 -114.34
C LYS Y 106 30.01 -14.21 -113.34
N ALA Y 107 30.37 -13.63 -112.20
CA ALA Y 107 31.28 -14.26 -111.24
C ALA Y 107 30.65 -14.39 -109.86
N GLY Y 108 29.66 -15.28 -109.73
CA GLY Y 108 29.17 -15.65 -108.41
C GLY Y 108 27.69 -16.00 -108.40
N ALA Y 109 27.10 -15.94 -107.21
CA ALA Y 109 25.69 -16.23 -106.97
C ALA Y 109 24.78 -15.53 -107.98
N LEU Y 110 23.57 -16.04 -108.10
CA LEU Y 110 22.53 -15.39 -108.88
C LEU Y 110 21.82 -14.35 -108.02
N ASP Y 111 21.79 -13.11 -108.50
CA ASP Y 111 21.19 -12.00 -107.76
C ASP Y 111 19.68 -12.00 -108.01
N LEU Y 112 18.91 -12.33 -106.98
CA LEU Y 112 17.45 -12.33 -107.05
C LEU Y 112 16.84 -11.30 -106.11
N SER Y 113 17.52 -10.18 -105.90
CA SER Y 113 17.02 -9.14 -105.02
C SER Y 113 15.92 -8.33 -105.71
N VAL Y 114 14.88 -8.00 -104.95
CA VAL Y 114 13.79 -7.18 -105.46
C VAL Y 114 13.92 -5.76 -104.94
N GLU Z 93 71.44 -51.60 -53.91
CA GLU Z 93 71.18 -52.78 -53.09
C GLU Z 93 71.58 -54.04 -53.84
N ALA Z 94 72.20 -53.87 -55.00
CA ALA Z 94 72.66 -55.00 -55.79
C ALA Z 94 73.66 -55.82 -55.00
N LEU Z 95 73.43 -57.14 -54.95
CA LEU Z 95 74.29 -58.02 -54.18
C LEU Z 95 75.67 -58.09 -54.83
N ASP Z 96 76.71 -57.94 -54.00
CA ASP Z 96 78.09 -57.89 -54.49
C ASP Z 96 78.68 -59.30 -54.44
N LEU Z 97 78.45 -60.07 -55.49
CA LEU Z 97 79.10 -61.37 -55.65
C LEU Z 97 80.37 -61.24 -56.48
N SER Z 98 81.24 -60.30 -56.10
CA SER Z 98 82.51 -60.09 -56.78
C SER Z 98 83.59 -60.93 -56.08
N MET Z 99 83.49 -62.24 -56.31
CA MET Z 99 84.37 -63.20 -55.65
C MET Z 99 85.84 -62.84 -55.83
N LYS Z 100 86.30 -62.77 -57.08
CA LYS Z 100 87.67 -62.38 -57.38
C LYS Z 100 87.78 -60.86 -57.26
N SER Z 101 87.85 -60.40 -56.01
CA SER Z 101 87.86 -58.97 -55.70
C SER Z 101 89.24 -58.39 -56.02
N VAL Z 102 89.48 -58.21 -57.31
CA VAL Z 102 90.71 -57.61 -57.79
C VAL Z 102 90.49 -56.12 -58.04
N PRO Z 103 91.55 -55.45 -58.49
CA PRO Z 103 91.55 -53.99 -58.60
C PRO Z 103 92.10 -53.57 -59.96
N TRP Z 104 91.63 -54.21 -61.03
CA TRP Z 104 92.03 -53.86 -62.39
C TRP Z 104 91.16 -52.77 -62.99
N LEU Z 105 90.37 -52.07 -62.18
CA LEU Z 105 89.45 -51.03 -62.67
C LEU Z 105 89.38 -49.90 -61.65
N LYS Z 106 90.07 -48.80 -61.95
CA LYS Z 106 90.03 -47.57 -61.15
C LYS Z 106 89.14 -46.56 -61.88
N ALA Z 107 87.84 -46.68 -61.63
CA ALA Z 107 86.82 -46.00 -62.43
C ALA Z 107 85.94 -45.09 -61.57
N GLY Z 108 86.50 -43.99 -61.07
CA GLY Z 108 85.70 -42.95 -60.46
C GLY Z 108 86.39 -42.23 -59.32
N ALA Z 109 85.61 -41.58 -58.47
CA ALA Z 109 86.07 -40.83 -57.32
C ALA Z 109 87.11 -41.60 -56.51
N LEU Z 110 87.86 -40.86 -55.71
CA LEU Z 110 88.78 -41.45 -54.75
C LEU Z 110 88.03 -41.76 -53.46
N ASP Z 111 88.09 -43.01 -53.02
CA ASP Z 111 87.38 -43.45 -51.83
C ASP Z 111 88.22 -43.12 -50.60
N LEU Z 112 87.76 -42.16 -49.80
CA LEU Z 112 88.43 -41.76 -48.56
C LEU Z 112 87.58 -42.06 -47.33
N SER Z 113 86.78 -43.13 -47.38
CA SER Z 113 85.92 -43.49 -46.26
C SER Z 113 86.73 -44.15 -45.15
N VAL Z 114 86.42 -43.80 -43.92
CA VAL Z 114 87.08 -44.40 -42.75
C VAL Z 114 86.15 -45.42 -42.11
N GLU AA 93 28.70 -52.66 -32.61
CA GLU AA 93 29.58 -53.74 -32.19
C GLU AA 93 29.60 -53.85 -30.67
N ALA AA 94 28.73 -53.07 -30.02
CA ALA AA 94 28.63 -53.12 -28.57
C ALA AA 94 28.24 -54.52 -28.10
N LEU AA 95 29.00 -55.04 -27.14
CA LEU AA 95 28.75 -56.39 -26.65
C LEU AA 95 27.42 -56.45 -25.90
N ASP AA 96 26.62 -57.45 -26.22
CA ASP AA 96 25.27 -57.58 -25.66
C ASP AA 96 25.34 -58.47 -24.43
N LEU AA 97 25.65 -57.87 -23.29
CA LEU AA 97 25.57 -58.57 -22.01
C LEU AA 97 24.22 -58.33 -21.35
N SER AA 98 23.14 -58.57 -22.09
CA SER AA 98 21.79 -58.43 -21.57
C SER AA 98 21.32 -59.78 -21.02
N MET AA 99 21.89 -60.15 -19.87
CA MET AA 99 21.64 -61.44 -19.26
C MET AA 99 20.16 -61.71 -19.10
N LYS AA 100 19.47 -60.85 -18.34
CA LYS AA 100 18.02 -60.97 -18.15
C LYS AA 100 17.33 -60.45 -19.41
N SER AA 101 17.33 -61.28 -20.45
CA SER AA 101 16.80 -60.91 -21.76
C SER AA 101 15.27 -60.93 -21.72
N VAL AA 102 14.72 -59.91 -21.08
CA VAL AA 102 13.27 -59.73 -21.00
C VAL AA 102 12.80 -58.80 -22.11
N PRO AA 103 11.50 -58.55 -22.14
CA PRO AA 103 10.87 -57.81 -23.24
C PRO AA 103 9.92 -56.75 -22.69
N TRP AA 104 10.39 -55.99 -21.70
CA TRP AA 104 9.61 -54.90 -21.14
C TRP AA 104 9.81 -53.58 -21.88
N LEU AA 105 10.39 -53.62 -23.08
CA LEU AA 105 10.67 -52.41 -23.85
C LEU AA 105 10.48 -52.70 -25.34
N LYS AA 106 9.35 -52.25 -25.88
CA LYS AA 106 9.04 -52.34 -27.31
C LYS AA 106 9.27 -50.95 -27.92
N ALA AA 107 10.52 -50.69 -28.30
CA ALA AA 107 10.97 -49.35 -28.65
C ALA AA 107 11.57 -49.30 -30.05
N GLY AA 108 10.72 -49.44 -31.07
CA GLY AA 108 11.14 -49.17 -32.43
C GLY AA 108 10.44 -50.03 -33.47
N ALA AA 109 11.05 -50.12 -34.64
CA ALA AA 109 10.57 -50.91 -35.77
C ALA AA 109 10.14 -52.31 -35.35
N LEU AA 110 9.31 -52.93 -36.20
CA LEU AA 110 8.95 -54.32 -36.04
C LEU AA 110 10.00 -55.20 -36.69
N ASP AA 111 10.56 -56.13 -35.91
CA ASP AA 111 11.61 -57.01 -36.40
C ASP AA 111 10.98 -58.19 -37.13
N LEU AA 112 11.17 -58.23 -38.45
CA LEU AA 112 10.67 -59.32 -39.28
C LEU AA 112 11.81 -60.10 -39.94
N SER AA 113 12.94 -60.22 -39.25
CA SER AA 113 14.07 -60.95 -39.80
C SER AA 113 13.86 -62.46 -39.68
N VAL AA 114 14.25 -63.17 -40.73
CA VAL AA 114 14.15 -64.63 -40.73
C VAL AA 114 15.53 -65.24 -40.49
N GLU BA 93 31.69 21.76 -56.23
CA GLU BA 93 31.28 22.57 -57.36
C GLU BA 93 30.01 23.34 -57.03
N ALA BA 94 29.58 23.26 -55.77
CA ALA BA 94 28.40 23.96 -55.32
C ALA BA 94 28.59 25.47 -55.52
N LEU BA 95 27.60 26.11 -56.15
CA LEU BA 95 27.69 27.53 -56.42
C LEU BA 95 27.62 28.32 -55.11
N ASP BA 96 28.54 29.27 -54.96
CA ASP BA 96 28.67 30.05 -53.73
C ASP BA 96 27.85 31.33 -53.86
N LEU BA 97 26.56 31.25 -53.57
CA LEU BA 97 25.71 32.42 -53.48
C LEU BA 97 25.64 32.95 -52.05
N SER BA 98 26.80 33.14 -51.43
CA SER BA 98 26.89 33.68 -50.07
C SER BA 98 27.02 35.20 -50.15
N MET BA 99 25.90 35.84 -50.52
CA MET BA 99 25.88 37.28 -50.73
C MET BA 99 26.45 38.03 -49.53
N LYS BA 100 25.83 37.86 -48.36
CA LYS BA 100 26.31 38.51 -47.14
C LYS BA 100 27.52 37.72 -46.63
N SER BA 101 28.65 37.94 -47.29
CA SER BA 101 29.88 37.21 -47.00
C SER BA 101 30.51 37.73 -45.70
N VAL BA 102 29.89 37.32 -44.59
CA VAL BA 102 30.37 37.66 -43.26
C VAL BA 102 31.23 36.53 -42.72
N PRO BA 103 31.73 36.71 -41.51
CA PRO BA 103 32.71 35.79 -40.92
C PRO BA 103 32.32 35.44 -39.49
N TRP BA 104 31.05 35.10 -39.29
CA TRP BA 104 30.56 34.67 -37.98
C TRP BA 104 30.72 33.18 -37.75
N LEU BA 105 31.52 32.49 -38.57
CA LEU BA 105 31.69 31.04 -38.46
C LEU BA 105 33.14 30.69 -38.82
N LYS BA 106 33.94 30.41 -37.79
CA LYS BA 106 35.32 29.94 -37.94
C LYS BA 106 35.34 28.44 -37.67
N ALA BA 107 35.05 27.66 -38.72
CA ALA BA 107 34.75 26.24 -38.58
C ALA BA 107 35.69 25.39 -39.43
N GLY BA 108 36.96 25.31 -39.03
CA GLY BA 108 37.87 24.34 -39.61
C GLY BA 108 39.31 24.82 -39.68
N ALA BA 109 40.08 24.19 -40.56
CA ALA BA 109 41.49 24.49 -40.78
C ALA BA 109 41.73 25.98 -40.94
N LEU BA 110 42.99 26.37 -40.74
CA LEU BA 110 43.43 27.73 -41.02
C LEU BA 110 43.81 27.85 -42.49
N ASP BA 111 43.18 28.80 -43.18
CA ASP BA 111 43.42 29.01 -44.60
C ASP BA 111 44.67 29.85 -44.80
N LEU BA 112 45.73 29.24 -45.32
CA LEU BA 112 46.99 29.93 -45.59
C LEU BA 112 47.31 29.96 -47.08
N SER BA 113 46.28 30.01 -47.93
CA SER BA 113 46.48 30.02 -49.37
C SER BA 113 46.92 31.40 -49.83
N VAL BA 114 47.87 31.42 -50.77
CA VAL BA 114 48.37 32.67 -51.34
C VAL BA 114 47.76 32.86 -52.73
N GLU CA 93 -35.31 -8.61 -14.64
CA GLU CA 93 -36.55 -7.99 -15.08
C GLU CA 93 -36.51 -7.76 -16.58
N ALA CA 94 -35.47 -8.28 -17.23
CA ALA CA 94 -35.35 -8.16 -18.67
C ALA CA 94 -36.53 -8.83 -19.36
N LEU CA 95 -37.16 -8.10 -20.28
CA LEU CA 95 -38.33 -8.61 -20.97
C LEU CA 95 -37.94 -9.78 -21.89
N ASP CA 96 -38.70 -10.87 -21.80
CA ASP CA 96 -38.39 -12.09 -22.54
C ASP CA 96 -39.14 -12.08 -23.86
N LEU CA 97 -38.56 -11.43 -24.87
CA LEU CA 97 -39.09 -11.50 -26.22
C LEU CA 97 -38.42 -12.61 -27.02
N SER CA 98 -38.41 -13.82 -26.45
CA SER CA 98 -37.84 -14.99 -27.12
C SER CA 98 -38.95 -15.71 -27.89
N MET CA 99 -39.34 -15.07 -29.00
CA MET CA 99 -40.46 -15.56 -29.80
C MET CA 99 -40.28 -17.02 -30.18
N LYS CA 100 -39.20 -17.33 -30.89
CA LYS CA 100 -38.89 -18.70 -31.28
C LYS CA 100 -38.31 -19.43 -30.06
N SER CA 101 -39.19 -19.80 -29.15
CA SER CA 101 -38.81 -20.42 -27.88
C SER CA 101 -38.40 -21.87 -28.12
N VAL CA 102 -37.20 -22.03 -28.68
CA VAL CA 102 -36.62 -23.33 -28.92
C VAL CA 102 -35.69 -23.71 -27.76
N PRO CA 103 -35.09 -24.89 -27.86
CA PRO CA 103 -34.31 -25.46 -26.77
C PRO CA 103 -32.98 -25.99 -27.29
N TRP CA 104 -32.29 -25.19 -28.09
CA TRP CA 104 -30.98 -25.54 -28.61
C TRP CA 104 -29.85 -25.13 -27.68
N LEU CA 105 -30.16 -24.77 -26.44
CA LEU CA 105 -29.15 -24.30 -25.47
C LEU CA 105 -29.51 -24.80 -24.08
N LYS CA 106 -28.80 -25.84 -23.63
CA LYS CA 106 -28.94 -26.37 -22.27
C LYS CA 106 -27.74 -25.88 -21.46
N ALA CA 107 -27.88 -24.69 -20.90
CA ALA CA 107 -26.75 -23.95 -20.33
C ALA CA 107 -27.00 -23.60 -18.86
N GLY CA 108 -26.99 -24.60 -17.99
CA GLY CA 108 -26.97 -24.35 -16.56
C GLY CA 108 -27.70 -25.40 -15.75
N ALA CA 109 -28.07 -25.03 -14.52
CA ALA CA 109 -28.78 -25.88 -13.57
C ALA CA 109 -29.95 -26.60 -14.22
N LEU CA 110 -30.38 -27.67 -13.57
CA LEU CA 110 -31.60 -28.37 -13.96
C LEU CA 110 -32.80 -27.71 -13.31
N ASP CA 111 -33.77 -27.30 -14.12
CA ASP CA 111 -34.96 -26.62 -13.63
C ASP CA 111 -35.98 -27.64 -13.14
N LEU CA 112 -36.18 -27.68 -11.83
CA LEU CA 112 -37.16 -28.58 -11.21
C LEU CA 112 -38.29 -27.82 -10.53
N SER CA 113 -38.66 -26.66 -11.07
CA SER CA 113 -39.72 -25.86 -10.49
C SER CA 113 -41.08 -26.45 -10.84
N VAL CA 114 -41.99 -26.44 -9.86
CA VAL CA 114 -43.34 -26.93 -10.06
C VAL CA 114 -44.30 -25.73 -10.20
N GLU DA 93 29.62 12.02 22.99
CA GLU DA 93 30.42 11.61 24.14
C GLU DA 93 31.56 10.70 23.69
N ALA DA 94 31.70 10.56 22.38
CA ALA DA 94 32.78 9.74 21.83
C ALA DA 94 34.14 10.28 22.27
N LEU DA 95 34.97 9.40 22.79
CA LEU DA 95 36.28 9.80 23.29
C LEU DA 95 37.17 10.26 22.14
N ASP DA 96 37.81 11.41 22.30
CA ASP DA 96 38.62 12.01 21.24
C ASP DA 96 40.07 11.58 21.41
N LEU DA 97 40.40 10.40 20.88
CA LEU DA 97 41.78 9.95 20.80
C LEU DA 97 42.42 10.34 19.48
N SER DA 98 42.32 11.63 19.13
CA SER DA 98 42.93 12.16 17.91
C SER DA 98 44.33 12.68 18.24
N MET DA 99 45.23 11.73 18.47
CA MET DA 99 46.60 12.04 18.90
C MET DA 99 47.25 13.06 17.96
N LYS DA 100 47.37 12.69 16.67
CA LYS DA 100 47.94 13.59 15.67
C LYS DA 100 46.88 14.62 15.29
N SER DA 101 46.70 15.61 16.17
CA SER DA 101 45.66 16.62 16.01
C SER DA 101 46.08 17.63 14.94
N VAL DA 102 45.98 17.18 13.69
CA VAL DA 102 46.29 18.02 12.55
C VAL DA 102 44.99 18.64 12.01
N PRO DA 103 45.13 19.42 10.95
CA PRO DA 103 44.01 20.23 10.43
C PRO DA 103 43.91 20.09 8.92
N TRP DA 104 43.99 18.84 8.43
CA TRP DA 104 43.85 18.56 7.01
C TRP DA 104 42.40 18.35 6.59
N LEU DA 105 41.44 18.73 7.43
CA LEU DA 105 40.01 18.52 7.14
C LEU DA 105 39.22 19.70 7.69
N LYS DA 106 38.81 20.61 6.81
CA LYS DA 106 37.94 21.73 7.15
C LYS DA 106 36.53 21.39 6.66
N ALA DA 107 35.78 20.67 7.51
CA ALA DA 107 34.53 20.04 7.10
C ALA DA 107 33.36 20.49 7.98
N GLY DA 108 32.95 21.75 7.82
CA GLY DA 108 31.71 22.21 8.41
C GLY DA 108 31.73 23.67 8.82
N ALA DA 109 30.81 24.03 9.72
CA ALA DA 109 30.65 25.37 10.25
C ALA DA 109 31.98 25.98 10.67
N LEU DA 110 32.00 27.30 10.77
CA LEU DA 110 33.14 28.02 11.32
C LEU DA 110 33.01 28.08 12.84
N ASP DA 111 34.03 27.61 13.54
CA ASP DA 111 34.03 27.56 15.00
C ASP DA 111 34.45 28.93 15.55
N LEU DA 112 33.50 29.64 16.16
CA LEU DA 112 33.76 30.93 16.77
C LEU DA 112 33.54 30.91 18.28
N SER DA 113 33.84 29.77 18.91
CA SER DA 113 33.66 29.65 20.35
C SER DA 113 34.79 30.33 21.10
N VAL DA 114 34.44 31.02 22.18
CA VAL DA 114 35.43 31.69 23.01
C VAL DA 114 35.68 30.87 24.28
N GLU EA 93 -11.82 -11.26 66.37
CA GLU EA 93 -12.10 -12.47 67.15
C GLU EA 93 -11.75 -13.71 66.33
N ALA EA 94 -11.14 -13.49 65.16
CA ALA EA 94 -10.72 -14.60 64.32
C ALA EA 94 -9.73 -15.48 65.06
N LEU EA 95 -9.99 -16.79 65.05
CA LEU EA 95 -9.14 -17.74 65.76
C LEU EA 95 -7.77 -17.81 65.09
N ASP EA 96 -6.71 -17.72 65.91
CA ASP EA 96 -5.35 -17.69 65.40
C ASP EA 96 -4.79 -19.10 65.38
N LEU EA 97 -5.07 -19.83 64.31
CA LEU EA 97 -4.44 -21.14 64.08
C LEU EA 97 -3.18 -21.00 63.23
N SER EA 98 -2.28 -20.10 63.64
CA SER EA 98 -1.02 -19.90 62.94
C SER EA 98 0.05 -20.79 63.58
N MET EA 99 -0.09 -22.09 63.30
CA MET EA 99 0.78 -23.10 63.90
C MET EA 99 2.26 -22.76 63.72
N LYS EA 100 2.69 -22.65 62.46
CA LYS EA 100 4.07 -22.30 62.15
C LYS EA 100 4.22 -20.79 62.34
N SER EA 101 4.31 -20.38 63.61
CA SER EA 101 4.37 -18.96 63.98
C SER EA 101 5.76 -18.40 63.67
N VAL EA 102 5.99 -18.18 62.37
CA VAL EA 102 7.22 -17.59 61.90
C VAL EA 102 7.04 -16.08 61.73
N PRO EA 103 8.11 -15.41 61.29
CA PRO EA 103 8.15 -13.96 61.23
C PRO EA 103 8.69 -13.49 59.89
N TRP EA 104 8.18 -14.07 58.81
CA TRP EA 104 8.57 -13.67 57.47
C TRP EA 104 7.71 -12.53 56.92
N LEU EA 105 6.95 -11.85 57.77
CA LEU EA 105 6.07 -10.76 57.35
C LEU EA 105 6.04 -9.68 58.41
N LYS EA 106 6.76 -8.58 58.14
CA LYS EA 106 6.76 -7.39 59.00
C LYS EA 106 5.88 -6.33 58.33
N ALA EA 107 4.58 -6.42 58.60
CA ALA EA 107 3.58 -5.68 57.85
C ALA EA 107 2.72 -4.79 58.76
N GLY EA 108 3.32 -3.73 59.30
CA GLY EA 108 2.55 -2.70 59.97
C GLY EA 108 3.29 -2.04 61.12
N ALA EA 109 2.54 -1.42 62.02
CA ALA EA 109 3.03 -0.73 63.19
C ALA EA 109 4.07 -1.56 63.95
N LEU EA 110 4.85 -0.87 64.77
CA LEU EA 110 5.77 -1.53 65.69
C LEU EA 110 5.03 -1.87 66.98
N ASP EA 111 5.06 -3.15 67.36
CA ASP EA 111 4.37 -3.62 68.54
C ASP EA 111 5.23 -3.38 69.77
N LEU EA 112 4.81 -2.43 70.62
CA LEU EA 112 5.50 -2.11 71.85
C LEU EA 112 4.66 -2.44 73.08
N SER EA 113 3.84 -3.49 73.01
CA SER EA 113 2.99 -3.87 74.12
C SER EA 113 3.79 -4.61 75.18
N VAL EA 114 3.51 -4.29 76.44
CA VAL EA 114 4.17 -4.96 77.56
C VAL EA 114 3.23 -5.99 78.18
N GLU FA 93 -48.69 42.08 22.62
CA GLU FA 93 -48.89 43.52 22.55
C GLU FA 93 -47.98 44.14 21.50
N ALA FA 94 -47.29 43.27 20.76
CA ALA FA 94 -46.41 43.73 19.69
C ALA FA 94 -47.20 44.53 18.66
N LEU FA 95 -46.70 45.71 18.33
CA LEU FA 95 -47.39 46.58 17.38
C LEU FA 95 -47.36 45.97 15.99
N ASP FA 96 -48.52 45.93 15.34
CA ASP FA 96 -48.67 45.28 14.03
C ASP FA 96 -48.46 46.33 12.93
N LEU FA 97 -47.21 46.57 12.57
CA LEU FA 97 -46.89 47.40 11.41
C LEU FA 97 -46.72 46.56 10.16
N SER FA 98 -47.70 45.71 9.88
CA SER FA 98 -47.69 44.87 8.68
C SER FA 98 -48.42 45.61 7.56
N MET FA 99 -47.74 46.64 7.04
CA MET FA 99 -48.33 47.50 6.02
C MET FA 99 -48.88 46.70 4.85
N LYS FA 100 -48.01 45.95 4.18
CA LYS FA 100 -48.42 45.10 3.06
C LYS FA 100 -49.09 43.85 3.63
N SER FA 101 -50.34 44.02 4.05
CA SER FA 101 -51.10 42.96 4.71
C SER FA 101 -51.57 41.95 3.67
N VAL FA 102 -50.62 41.13 3.22
CA VAL FA 102 -50.89 40.06 2.28
C VAL FA 102 -51.11 38.76 3.03
N PRO FA 103 -51.37 37.69 2.28
CA PRO FA 103 -51.77 36.40 2.86
C PRO FA 103 -50.97 35.27 2.22
N TRP FA 104 -49.65 35.45 2.12
CA TRP FA 104 -48.77 34.41 1.60
C TRP FA 104 -48.28 33.45 2.67
N LEU FA 105 -48.91 33.45 3.85
CA LEU FA 105 -48.48 32.61 4.96
C LEU FA 105 -49.71 32.14 5.74
N LYS FA 106 -50.11 30.88 5.52
CA LYS FA 106 -51.19 30.23 6.25
C LYS FA 106 -50.56 29.29 7.29
N ALA FA 107 -50.23 29.86 8.45
CA ALA FA 107 -49.37 29.19 9.42
C ALA FA 107 -50.07 29.07 10.78
N GLY FA 108 -51.10 28.22 10.86
CA GLY FA 108 -51.65 27.85 12.15
C GLY FA 108 -53.14 27.57 12.10
N ALA FA 109 -53.77 27.64 13.27
CA ALA FA 109 -55.20 27.40 13.45
C ALA FA 109 -56.04 28.15 12.41
N LEU FA 110 -57.28 27.69 12.24
CA LEU FA 110 -58.26 28.38 11.42
C LEU FA 110 -58.96 29.44 12.26
N ASP FA 111 -58.92 30.69 11.79
CA ASP FA 111 -59.52 31.80 12.51
C ASP FA 111 -61.00 31.86 12.21
N LEU FA 112 -61.83 31.55 13.20
CA LEU FA 112 -63.29 31.61 13.07
C LEU FA 112 -63.90 32.66 13.99
N SER FA 113 -63.19 33.74 14.23
CA SER FA 113 -63.68 34.80 15.10
C SER FA 113 -64.72 35.66 14.38
N VAL FA 114 -65.78 36.02 15.09
CA VAL FA 114 -66.81 36.88 14.55
C VAL FA 114 -66.65 38.29 15.08
N GLU GA 93 -48.51 63.61 65.20
CA GLU GA 93 -48.88 64.45 64.08
C GLU GA 93 -50.13 65.26 64.42
N ALA GA 94 -50.56 65.16 65.67
CA ALA GA 94 -51.74 65.91 66.12
C ALA GA 94 -51.51 67.40 65.96
N LEU GA 95 -52.46 68.07 65.33
CA LEU GA 95 -52.33 69.51 65.08
C LEU GA 95 -52.38 70.27 66.40
N ASP GA 96 -51.43 71.20 66.58
CA ASP GA 96 -51.30 71.95 67.82
C ASP GA 96 -52.06 73.25 67.70
N LEU GA 97 -53.36 73.20 67.98
CA LEU GA 97 -54.18 74.42 68.09
C LEU GA 97 -54.24 74.91 69.53
N SER GA 98 -53.08 75.06 70.16
CA SER GA 98 -52.99 75.57 71.53
C SER GA 98 -52.81 77.09 71.47
N MET GA 99 -53.90 77.76 71.12
CA MET GA 99 -53.89 79.21 70.92
C MET GA 99 -53.30 79.93 72.13
N LYS GA 100 -53.92 79.75 73.30
CA LYS GA 100 -53.44 80.36 74.54
C LYS GA 100 -52.26 79.52 75.04
N SER GA 101 -51.11 79.73 74.39
CA SER GA 101 -49.90 78.95 74.68
C SER GA 101 -49.28 79.42 75.99
N VAL GA 102 -49.93 79.02 77.09
CA VAL GA 102 -49.44 79.32 78.42
C VAL GA 102 -48.62 78.15 78.96
N PRO GA 103 -48.12 78.30 80.18
CA PRO GA 103 -47.17 77.34 80.75
C PRO GA 103 -47.59 76.97 82.17
N TRP GA 104 -48.87 76.67 82.37
CA TRP GA 104 -49.39 76.25 83.66
C TRP GA 104 -49.28 74.74 83.87
N LEU GA 105 -48.49 74.04 83.03
CA LEU GA 105 -48.36 72.59 83.12
C LEU GA 105 -46.92 72.19 82.78
N LYS GA 106 -46.14 71.87 83.81
CA LYS GA 106 -44.78 71.36 83.66
C LYS GA 106 -44.81 69.85 83.90
N ALA GA 107 -45.12 69.11 82.84
CA ALA GA 107 -45.46 67.69 82.95
C ALA GA 107 -44.54 66.82 82.09
N GLY GA 108 -43.28 66.71 82.50
CA GLY GA 108 -42.40 65.71 81.91
C GLY GA 108 -40.93 66.15 81.85
N ALA GA 109 -40.18 65.50 80.97
CA ALA GA 109 -38.76 65.76 80.77
C ALA GA 109 -38.46 67.25 80.63
N LEU GA 110 -37.20 67.60 80.85
CA LEU GA 110 -36.72 68.95 80.60
C LEU GA 110 -36.33 69.09 79.14
N ASP GA 111 -36.91 70.06 78.45
CA ASP GA 111 -36.65 70.28 77.04
C ASP GA 111 -35.38 71.10 76.87
N LEU GA 112 -34.33 70.47 76.35
CA LEU GA 112 -33.05 71.12 76.09
C LEU GA 112 -32.72 71.16 74.61
N SER GA 113 -33.74 71.25 73.75
CA SER GA 113 -33.52 71.28 72.32
C SER GA 113 -33.03 72.65 71.87
N VAL GA 114 -32.07 72.66 70.95
CA VAL GA 114 -31.55 73.91 70.41
C VAL GA 114 -32.13 74.15 69.02
N GLU HA 93 -54.85 -10.72 86.92
CA GLU HA 93 -53.99 -11.83 87.28
C GLU HA 93 -53.99 -12.03 88.79
N ALA HA 94 -54.85 -11.30 89.47
CA ALA HA 94 -54.98 -11.43 90.92
C ALA HA 94 -55.38 -12.85 91.29
N LEU HA 95 -54.64 -13.45 92.23
CA LEU HA 95 -54.90 -14.81 92.63
C LEU HA 95 -56.25 -14.91 93.35
N ASP HA 96 -57.06 -15.88 92.96
CA ASP HA 96 -58.41 -16.03 93.49
C ASP HA 96 -58.38 -17.00 94.67
N LEU HA 97 -58.07 -16.48 95.85
CA LEU HA 97 -58.18 -17.26 97.09
C LEU HA 97 -59.53 -17.05 97.75
N SER HA 98 -60.61 -17.23 96.97
CA SER HA 98 -61.96 -17.10 97.49
C SER HA 98 -62.45 -18.48 97.94
N MET HA 99 -61.88 -18.92 99.07
CA MET HA 99 -62.15 -20.26 99.59
C MET HA 99 -63.65 -20.52 99.72
N LYS HA 100 -64.34 -19.70 100.51
CA LYS HA 100 -65.79 -19.82 100.68
C LYS HA 100 -66.46 -19.22 99.46
N SER HA 101 -66.45 -19.97 98.37
CA SER HA 101 -66.96 -19.51 97.08
C SER HA 101 -68.49 -19.53 97.10
N VAL HA 102 -69.05 -18.54 97.79
CA VAL HA 102 -70.49 -18.35 97.87
C VAL HA 102 -70.94 -17.35 96.82
N PRO HA 103 -72.24 -17.08 96.79
CA PRO HA 103 -72.84 -16.27 95.74
C PRO HA 103 -73.79 -15.23 96.33
N TRP HA 104 -73.32 -14.54 97.37
CA TRP HA 104 -74.10 -13.49 98.00
C TRP HA 104 -73.88 -12.12 97.34
N LEU HA 105 -73.29 -12.09 96.15
CA LEU HA 105 -72.98 -10.84 95.46
C LEU HA 105 -73.17 -11.03 93.96
N LYS HA 106 -74.28 -10.53 93.43
CA LYS HA 106 -74.56 -10.53 91.99
C LYS HA 106 -74.32 -9.12 91.47
N ALA HA 107 -73.05 -8.84 91.14
CA ALA HA 107 -72.59 -7.47 90.88
C ALA HA 107 -71.98 -7.35 89.49
N GLY HA 108 -72.81 -7.42 88.45
CA GLY HA 108 -72.38 -7.06 87.11
C GLY HA 108 -73.07 -7.84 86.02
N ALA HA 109 -72.45 -7.87 84.85
CA ALA HA 109 -72.92 -8.57 83.66
C ALA HA 109 -73.37 -9.99 83.98
N LEU HA 110 -74.19 -10.54 83.09
CA LEU HA 110 -74.59 -11.94 83.16
C LEU HA 110 -73.52 -12.79 82.46
N ASP HA 111 -72.98 -13.77 83.18
CA ASP HA 111 -71.93 -14.64 82.66
C ASP HA 111 -72.56 -15.76 81.85
N LEU HA 112 -72.36 -15.72 80.52
CA LEU HA 112 -72.86 -16.73 79.62
C LEU HA 112 -71.73 -17.49 78.93
N SER HA 113 -70.61 -17.67 79.62
CA SER HA 113 -69.47 -18.37 79.04
C SER HA 113 -69.70 -19.87 79.06
N VAL HA 114 -69.31 -20.54 77.97
CA VAL HA 114 -69.42 -21.99 77.88
C VAL HA 114 -68.05 -22.62 78.10
#